data_6J0B
#
_entry.id   6J0B
#
loop_
_entity.id
_entity.type
_entity.pdbx_description
1 polymer Pvc2
2 polymer Pvc1
#
loop_
_entity_poly.entity_id
_entity_poly.type
_entity_poly.pdbx_seq_one_letter_code
_entity_poly.pdbx_strand_id
1 'polypeptide(L)'
;MTTVTSYPGVYIEELNSLALSVSNSATAVPVFAVDEQNQYISEDNAIRINSWMDYLNLIGNFNNEDKLDVSVRAYFANGG
GYCYLVKTTSLEKIIPTLDDVTLLVAAGEDIKTTVDVLCQPGKGLFAVFDGPETELTINGAEEAKQAYTATPFAAVYYPW
LKADWANIDIPPSAVMAGVYASVDLSRGVWKAPANVALKGGLEPKFLVTDELQGEYNTGRAINMIRNFSNTGTTVWGART
LEDKDNWRYVPVRRLFNSVERDIKRAMSFAMFEPNNQPTWERVRAAISNYLYSLWQQGGLAGSKEEDAYFVQIGKGITMT
QEQIDAGQMIVKVGLAAVRPAEFIILQFTQDVEQR
;
A,B,C,D,E,F,G,H,I,J,K,L
2 'polypeptide(L)'
;MSTSTSQIAVEYPIPVYRFIVSVGDEKIPFNSVSGLDISYDTIEYRDGVGNWFKMPGQSQSTNITLRKGVFPGKTELFDW
INSIQLNQVEKKDITISLTNDAGTELLMTWNVSNAFPTSLTSPSFDATSNDIAVQEITLMADRVIMQAV
;
a,b,c,d,e,f,g,h,i,j,k,l
#
# COMPACT_ATOMS: atom_id res chain seq x y z
N THR A 2 61.01 -14.39 -30.96
CA THR A 2 59.63 -13.96 -30.77
C THR A 2 59.57 -12.65 -29.99
N THR A 3 59.69 -12.75 -28.67
CA THR A 3 59.67 -11.60 -27.78
C THR A 3 60.71 -11.82 -26.70
N VAL A 4 61.55 -10.82 -26.47
CA VAL A 4 62.60 -10.88 -25.45
C VAL A 4 62.25 -9.86 -24.37
N THR A 5 62.29 -10.31 -23.12
CA THR A 5 61.80 -9.53 -21.98
C THR A 5 62.97 -9.29 -21.02
N SER A 6 63.41 -8.03 -20.94
CA SER A 6 64.49 -7.66 -20.05
C SER A 6 64.01 -6.93 -18.81
N TYR A 7 63.28 -5.83 -18.98
CA TYR A 7 62.66 -5.14 -17.86
C TYR A 7 61.33 -5.78 -17.52
N PRO A 8 60.81 -5.61 -16.28
CA PRO A 8 59.50 -6.18 -15.96
C PRO A 8 58.35 -5.65 -16.79
N GLY A 9 58.00 -4.37 -16.63
CA GLY A 9 57.15 -3.60 -17.52
C GLY A 9 55.86 -4.20 -18.07
N VAL A 10 55.37 -3.63 -19.17
CA VAL A 10 54.46 -4.32 -20.08
C VAL A 10 55.02 -4.11 -21.48
N TYR A 11 54.50 -4.89 -22.43
CA TYR A 11 55.02 -4.89 -23.79
C TYR A 11 53.85 -4.78 -24.75
N ILE A 12 53.92 -3.81 -25.66
CA ILE A 12 52.81 -3.47 -26.54
C ILE A 12 53.20 -3.76 -27.98
N GLU A 13 53.88 -4.88 -28.17
CA GLU A 13 54.11 -5.50 -29.47
C GLU A 13 52.83 -5.54 -30.32
N GLU A 14 52.96 -5.26 -31.62
CA GLU A 14 51.84 -5.31 -32.55
C GLU A 14 52.11 -6.39 -33.59
N LEU A 15 51.33 -7.47 -33.55
CA LEU A 15 51.45 -8.51 -34.56
C LEU A 15 50.09 -9.15 -34.79
N ASN A 16 49.87 -9.56 -36.04
CA ASN A 16 48.65 -10.26 -36.43
C ASN A 16 48.89 -11.75 -36.30
N SER A 17 48.41 -12.34 -35.21
CA SER A 17 48.38 -13.79 -35.08
C SER A 17 47.00 -14.20 -34.60
N LEU A 18 46.47 -15.26 -35.20
CA LEU A 18 45.14 -15.73 -34.92
C LEU A 18 45.16 -16.73 -33.78
N ALA A 19 44.20 -16.60 -32.87
CA ALA A 19 44.11 -17.49 -31.71
C ALA A 19 42.72 -18.09 -31.65
N LEU A 20 42.66 -19.40 -31.45
CA LEU A 20 41.41 -20.13 -31.39
C LEU A 20 41.23 -20.70 -29.99
N SER A 21 39.99 -20.70 -29.52
CA SER A 21 39.69 -21.18 -28.17
C SER A 21 39.75 -22.70 -28.12
N VAL A 22 40.17 -23.23 -26.97
CA VAL A 22 40.40 -24.66 -26.81
C VAL A 22 39.11 -25.35 -26.40
N SER A 23 38.96 -26.60 -26.82
CA SER A 23 37.84 -27.44 -26.46
C SER A 23 38.37 -28.81 -26.08
N ASN A 24 37.69 -29.45 -25.12
CA ASN A 24 38.02 -30.80 -24.69
C ASN A 24 36.90 -31.73 -25.13
N SER A 25 37.24 -32.72 -25.95
CA SER A 25 36.27 -33.68 -26.49
C SER A 25 36.67 -35.07 -26.04
N ALA A 26 35.79 -35.74 -25.33
CA ALA A 26 36.09 -37.08 -24.83
C ALA A 26 35.89 -38.15 -25.90
N THR A 27 35.03 -37.89 -26.88
CA THR A 27 34.55 -38.94 -27.76
C THR A 27 35.21 -38.95 -29.15
N ALA A 28 35.82 -37.84 -29.58
CA ALA A 28 36.32 -37.72 -30.93
C ALA A 28 37.77 -37.25 -30.90
N VAL A 29 38.70 -38.16 -31.17
CA VAL A 29 40.12 -37.83 -31.27
C VAL A 29 40.58 -38.20 -32.67
N PRO A 30 40.67 -37.26 -33.60
CA PRO A 30 41.03 -37.61 -34.98
C PRO A 30 42.53 -37.82 -35.14
N VAL A 31 42.87 -38.48 -36.25
CA VAL A 31 44.24 -38.65 -36.69
C VAL A 31 44.31 -38.12 -38.11
N PHE A 32 45.06 -37.05 -38.31
CA PHE A 32 45.15 -36.42 -39.62
C PHE A 32 46.25 -37.09 -40.42
N ALA A 33 45.87 -37.68 -41.55
CA ALA A 33 46.86 -38.24 -42.46
C ALA A 33 47.64 -37.10 -43.11
N VAL A 34 48.96 -37.20 -43.08
CA VAL A 34 49.85 -36.17 -43.58
C VAL A 34 50.64 -36.75 -44.75
N ASP A 35 50.72 -36.01 -45.84
CA ASP A 35 51.44 -36.49 -47.01
C ASP A 35 52.94 -36.50 -46.75
N GLU A 36 53.64 -37.33 -47.51
CA GLU A 36 55.08 -37.16 -47.59
C GLU A 36 55.39 -35.94 -48.45
N GLN A 37 56.65 -35.50 -48.37
CA GLN A 37 57.11 -34.12 -48.62
C GLN A 37 56.50 -33.13 -47.62
N ASN A 38 56.37 -33.56 -46.37
CA ASN A 38 56.05 -32.67 -45.26
C ASN A 38 57.26 -32.68 -44.32
N GLN A 39 57.96 -31.56 -44.24
CA GLN A 39 59.24 -31.49 -43.55
C GLN A 39 59.10 -31.32 -42.05
N TYR A 40 57.89 -31.14 -41.53
CA TYR A 40 57.74 -30.78 -40.12
C TYR A 40 57.55 -31.98 -39.21
N ILE A 41 56.85 -33.02 -39.66
CA ILE A 41 56.65 -34.22 -38.85
C ILE A 41 57.48 -35.34 -39.43
N SER A 42 57.91 -36.24 -38.56
CA SER A 42 58.73 -37.37 -38.94
C SER A 42 57.88 -38.62 -39.15
N GLU A 43 58.46 -39.61 -39.79
CA GLU A 43 57.80 -40.91 -39.92
C GLU A 43 57.73 -41.60 -38.56
N ASP A 44 56.72 -42.46 -38.43
CA ASP A 44 56.62 -43.49 -37.40
C ASP A 44 56.53 -42.94 -35.98
N ASN A 45 56.04 -41.72 -35.82
CA ASN A 45 55.58 -41.28 -34.50
C ASN A 45 54.45 -40.28 -34.67
N ALA A 46 53.45 -40.41 -33.80
CA ALA A 46 52.32 -39.49 -33.76
C ALA A 46 52.69 -38.28 -32.91
N ILE A 47 52.36 -37.10 -33.40
CA ILE A 47 52.63 -35.86 -32.70
C ILE A 47 51.29 -35.36 -32.18
N ARG A 48 51.09 -35.43 -30.87
CA ARG A 48 49.85 -34.95 -30.29
C ARG A 48 49.82 -33.44 -30.29
N ILE A 49 48.79 -32.87 -30.89
CA ILE A 49 48.61 -31.43 -30.99
C ILE A 49 47.44 -31.06 -30.10
N ASN A 50 47.73 -30.44 -28.96
CA ASN A 50 46.69 -30.18 -27.97
C ASN A 50 45.79 -29.03 -28.37
N SER A 51 46.31 -28.07 -29.13
CA SER A 51 45.57 -26.86 -29.43
C SER A 51 46.12 -26.26 -30.71
N TRP A 52 45.44 -25.21 -31.19
CA TRP A 52 45.91 -24.51 -32.38
C TRP A 52 47.20 -23.77 -32.11
N MET A 53 47.37 -23.28 -30.88
CA MET A 53 48.63 -22.66 -30.49
C MET A 53 49.76 -23.68 -30.43
N ASP A 54 49.45 -24.90 -30.01
CA ASP A 54 50.42 -26.00 -30.03
C ASP A 54 50.85 -26.32 -31.45
N TYR A 55 49.91 -26.30 -32.40
CA TYR A 55 50.27 -26.52 -33.79
C TYR A 55 51.05 -25.35 -34.35
N LEU A 56 50.74 -24.13 -33.93
CA LEU A 56 51.40 -22.94 -34.42
C LEU A 56 52.80 -22.75 -33.81
N ASN A 57 53.19 -23.57 -32.85
CA ASN A 57 54.57 -23.61 -32.40
C ASN A 57 55.39 -24.58 -33.21
N LEU A 58 54.77 -25.65 -33.72
CA LEU A 58 55.49 -26.66 -34.48
C LEU A 58 55.92 -26.13 -35.85
N ILE A 59 55.01 -25.45 -36.54
CA ILE A 59 55.32 -24.75 -37.79
C ILE A 59 55.49 -23.28 -37.48
N GLY A 60 56.38 -22.62 -38.21
CA GLY A 60 56.67 -21.22 -37.92
C GLY A 60 55.55 -20.30 -38.34
N ASN A 61 55.18 -20.33 -39.61
CA ASN A 61 54.15 -19.48 -40.17
C ASN A 61 52.94 -20.30 -40.58
N PHE A 62 51.77 -19.70 -40.49
CA PHE A 62 50.60 -20.26 -41.17
C PHE A 62 50.79 -20.13 -42.67
N ASN A 63 50.65 -21.22 -43.39
CA ASN A 63 50.87 -21.25 -44.83
C ASN A 63 49.53 -21.46 -45.53
N ASN A 64 49.20 -20.56 -46.46
CA ASN A 64 47.96 -20.69 -47.21
C ASN A 64 48.03 -21.83 -48.21
N GLU A 65 49.22 -22.18 -48.68
CA GLU A 65 49.36 -23.16 -49.76
C GLU A 65 49.33 -24.58 -49.24
N ASP A 66 49.59 -24.81 -47.96
CA ASP A 66 49.64 -26.16 -47.43
C ASP A 66 48.24 -26.74 -47.30
N LYS A 67 48.09 -27.99 -47.72
CA LYS A 67 46.83 -28.70 -47.51
C LYS A 67 46.65 -29.06 -46.04
N LEU A 68 47.75 -29.30 -45.33
CA LEU A 68 47.66 -29.65 -43.91
C LEU A 68 47.32 -28.44 -43.05
N ASP A 69 47.87 -27.27 -43.39
CA ASP A 69 47.68 -26.07 -42.59
C ASP A 69 46.23 -25.60 -42.58
N VAL A 70 45.62 -25.48 -43.76
CA VAL A 70 44.27 -24.99 -43.87
C VAL A 70 43.26 -26.01 -43.36
N SER A 71 43.63 -27.29 -43.31
CA SER A 71 42.75 -28.32 -42.79
C SER A 71 42.76 -28.36 -41.27
N VAL A 72 43.90 -28.05 -40.65
CA VAL A 72 44.00 -28.05 -39.20
C VAL A 72 43.36 -26.81 -38.61
N ARG A 73 43.49 -25.65 -39.28
CA ARG A 73 42.86 -24.43 -38.80
C ARG A 73 41.35 -24.50 -38.92
N ALA A 74 40.84 -25.12 -39.98
CA ALA A 74 39.40 -25.34 -40.11
C ALA A 74 38.89 -26.35 -39.09
N TYR A 75 39.77 -27.25 -38.64
CA TYR A 75 39.37 -28.23 -37.63
C TYR A 75 39.23 -27.59 -36.25
N PHE A 76 40.16 -26.71 -35.89
CA PHE A 76 40.11 -26.08 -34.58
C PHE A 76 39.11 -24.93 -34.51
N ALA A 77 38.77 -24.34 -35.65
CA ALA A 77 37.77 -23.27 -35.65
C ALA A 77 36.37 -23.82 -35.43
N ASN A 78 36.13 -25.07 -35.81
CA ASN A 78 34.81 -25.68 -35.62
C ASN A 78 34.63 -26.30 -34.25
N GLY A 79 35.70 -26.46 -33.49
CA GLY A 79 35.56 -26.92 -32.12
C GLY A 79 36.20 -28.25 -31.84
N GLY A 80 37.28 -28.56 -32.54
CA GLY A 80 37.95 -29.83 -32.32
C GLY A 80 38.88 -29.80 -31.13
N GLY A 81 39.02 -30.96 -30.48
CA GLY A 81 39.92 -31.12 -29.37
C GLY A 81 41.32 -31.45 -29.85
N TYR A 82 42.06 -32.18 -29.01
CA TYR A 82 43.42 -32.55 -29.36
C TYR A 82 43.41 -33.67 -30.40
N CYS A 83 44.38 -33.62 -31.30
CA CYS A 83 44.47 -34.56 -32.40
C CYS A 83 45.91 -35.03 -32.56
N TYR A 84 46.09 -36.08 -33.34
CA TYR A 84 47.40 -36.62 -33.66
C TYR A 84 47.72 -36.37 -35.13
N LEU A 85 49.00 -36.29 -35.44
CA LEU A 85 49.48 -36.08 -36.80
C LEU A 85 50.41 -37.23 -37.16
N VAL A 86 49.92 -38.15 -37.97
CA VAL A 86 50.67 -39.33 -38.39
C VAL A 86 50.87 -39.24 -39.90
N LYS A 87 52.09 -39.49 -40.35
CA LYS A 87 52.37 -39.52 -41.78
C LYS A 87 51.70 -40.73 -42.41
N THR A 88 51.35 -40.60 -43.70
CA THR A 88 50.41 -41.51 -44.33
C THR A 88 51.02 -42.86 -44.69
N THR A 89 52.34 -42.96 -44.83
CA THR A 89 52.94 -44.24 -45.19
C THR A 89 53.25 -45.10 -43.98
N SER A 90 53.56 -44.48 -42.85
CA SER A 90 53.66 -45.18 -41.58
C SER A 90 52.38 -45.12 -40.78
N LEU A 91 51.24 -44.88 -41.45
CA LEU A 91 49.98 -44.65 -40.75
C LEU A 91 49.40 -45.94 -40.18
N GLU A 92 49.67 -47.07 -40.83
CA GLU A 92 49.11 -48.34 -40.39
C GLU A 92 49.83 -48.95 -39.19
N LYS A 93 50.93 -48.33 -38.74
CA LYS A 93 51.66 -48.83 -37.58
C LYS A 93 51.38 -48.06 -36.31
N ILE A 94 50.97 -46.80 -36.41
CA ILE A 94 50.89 -45.93 -35.23
C ILE A 94 49.47 -45.92 -34.66
N ILE A 95 48.45 -46.00 -35.53
CA ILE A 95 47.06 -46.03 -35.04
C ILE A 95 46.76 -47.25 -34.16
N PRO A 96 47.30 -48.46 -34.39
CA PRO A 96 47.14 -49.49 -33.35
C PRO A 96 47.88 -49.20 -32.05
N THR A 97 48.95 -48.39 -32.06
CA THR A 97 49.64 -48.08 -30.80
C THR A 97 48.81 -47.14 -29.94
N LEU A 98 48.24 -46.10 -30.55
CA LEU A 98 47.50 -45.10 -29.80
C LEU A 98 46.14 -45.66 -29.38
N ASP A 99 45.85 -45.57 -28.09
CA ASP A 99 44.66 -46.24 -27.55
C ASP A 99 43.38 -45.47 -27.89
N ASP A 100 43.31 -44.20 -27.53
CA ASP A 100 42.03 -43.49 -27.51
C ASP A 100 41.67 -42.84 -28.83
N VAL A 101 42.33 -43.23 -29.93
CA VAL A 101 41.99 -42.68 -31.23
C VAL A 101 40.67 -43.28 -31.72
N THR A 102 39.73 -42.40 -32.07
CA THR A 102 38.44 -42.82 -32.61
C THR A 102 38.24 -42.49 -34.06
N LEU A 103 38.53 -41.27 -34.49
CA LEU A 103 38.36 -40.87 -35.88
C LEU A 103 39.66 -41.10 -36.65
N LEU A 104 39.51 -41.32 -37.95
CA LEU A 104 40.62 -41.35 -38.89
C LEU A 104 40.27 -40.42 -40.03
N VAL A 105 41.01 -39.32 -40.15
CA VAL A 105 40.66 -38.23 -41.06
C VAL A 105 41.72 -38.14 -42.14
N ALA A 106 41.30 -38.24 -43.39
CA ALA A 106 42.15 -37.95 -44.53
C ALA A 106 42.00 -36.48 -44.88
N ALA A 107 43.06 -35.71 -44.67
CA ALA A 107 43.07 -34.30 -45.07
C ALA A 107 43.62 -34.23 -46.49
N GLY A 108 42.79 -34.66 -47.45
CA GLY A 108 43.19 -34.70 -48.84
C GLY A 108 44.24 -35.74 -49.15
N GLU A 109 44.06 -36.96 -48.62
CA GLU A 109 45.05 -38.01 -48.76
C GLU A 109 44.36 -39.30 -49.17
N ASP A 110 45.11 -40.18 -49.82
CA ASP A 110 44.61 -41.48 -50.24
C ASP A 110 44.85 -42.46 -49.11
N ILE A 111 43.83 -42.66 -48.26
CA ILE A 111 43.92 -43.61 -47.17
C ILE A 111 43.08 -44.86 -47.46
N LYS A 112 42.65 -45.04 -48.71
CA LYS A 112 41.79 -46.17 -49.08
C LYS A 112 42.50 -47.52 -48.93
N THR A 113 43.83 -47.53 -48.98
CA THR A 113 44.56 -48.76 -48.72
C THR A 113 44.56 -49.09 -47.23
N THR A 114 44.81 -48.10 -46.39
CA THR A 114 44.92 -48.33 -44.96
C THR A 114 43.56 -48.51 -44.28
N VAL A 115 42.50 -47.94 -44.84
CA VAL A 115 41.18 -48.08 -44.22
C VAL A 115 40.65 -49.50 -44.37
N ASP A 116 40.97 -50.19 -45.45
CA ASP A 116 40.53 -51.57 -45.62
C ASP A 116 41.21 -52.52 -44.65
N VAL A 117 42.45 -52.21 -44.25
CA VAL A 117 43.20 -53.15 -43.42
C VAL A 117 43.10 -52.86 -41.93
N LEU A 118 42.65 -51.67 -41.52
CA LEU A 118 42.53 -51.39 -40.09
C LEU A 118 41.11 -51.17 -39.60
N CYS A 119 40.16 -50.85 -40.48
CA CYS A 119 38.77 -50.71 -40.05
C CYS A 119 38.12 -52.08 -40.09
N GLN A 120 37.99 -52.68 -38.92
CA GLN A 120 37.43 -54.00 -38.70
C GLN A 120 36.20 -53.86 -37.80
N PRO A 121 35.33 -54.89 -37.74
CA PRO A 121 34.19 -54.81 -36.81
C PRO A 121 34.57 -54.75 -35.34
N GLY A 122 35.73 -55.27 -34.96
CA GLY A 122 36.15 -55.23 -33.58
C GLY A 122 36.73 -53.90 -33.15
N LYS A 123 37.57 -53.31 -33.99
CA LYS A 123 38.25 -52.08 -33.64
C LYS A 123 37.31 -50.89 -33.75
N GLY A 124 37.53 -49.89 -32.90
CA GLY A 124 36.62 -48.77 -32.77
C GLY A 124 36.87 -47.60 -33.70
N LEU A 125 37.54 -47.81 -34.83
CA LEU A 125 37.93 -46.72 -35.70
C LEU A 125 36.82 -46.40 -36.70
N PHE A 126 36.43 -45.13 -36.74
CA PHE A 126 35.56 -44.58 -37.77
C PHE A 126 36.41 -43.69 -38.66
N ALA A 127 36.14 -43.70 -39.97
CA ALA A 127 37.04 -43.07 -40.93
C ALA A 127 36.26 -42.17 -41.88
N VAL A 128 36.26 -40.87 -41.61
CA VAL A 128 35.65 -39.89 -42.50
C VAL A 128 36.72 -39.40 -43.48
N PHE A 129 36.42 -39.48 -44.77
CA PHE A 129 37.31 -38.88 -45.77
C PHE A 129 36.49 -38.14 -46.81
N ASP A 130 37.18 -37.66 -47.85
CA ASP A 130 36.68 -36.63 -48.74
C ASP A 130 35.88 -37.22 -49.90
N GLY A 131 35.11 -36.35 -50.54
CA GLY A 131 34.55 -36.65 -51.84
C GLY A 131 35.57 -36.30 -52.90
N PRO A 132 35.23 -36.53 -54.17
CA PRO A 132 36.15 -36.15 -55.25
C PRO A 132 36.22 -34.64 -55.40
N GLU A 133 37.42 -34.16 -55.69
CA GLU A 133 37.64 -32.72 -55.82
C GLU A 133 36.97 -32.12 -57.04
N THR A 134 36.75 -32.92 -58.08
CA THR A 134 36.13 -32.41 -59.29
C THR A 134 34.64 -32.22 -59.10
N GLU A 135 34.08 -31.27 -59.83
CA GLU A 135 32.65 -31.04 -59.84
C GLU A 135 31.99 -32.19 -60.60
N LEU A 136 31.22 -33.03 -59.90
CA LEU A 136 30.67 -34.23 -60.50
C LEU A 136 29.29 -33.97 -61.09
N THR A 137 28.63 -35.04 -61.52
CA THR A 137 27.40 -34.96 -62.29
C THR A 137 26.33 -35.83 -61.66
N ILE A 138 25.08 -35.52 -62.04
CA ILE A 138 23.97 -36.44 -61.84
C ILE A 138 23.99 -37.54 -62.89
N ASN A 139 24.76 -37.34 -63.96
CA ASN A 139 24.80 -38.19 -65.14
C ASN A 139 25.76 -39.36 -64.98
N GLY A 140 27.02 -39.07 -64.63
CA GLY A 140 27.99 -40.13 -64.38
C GLY A 140 28.11 -40.46 -62.91
N ALA A 141 26.97 -40.51 -62.22
CA ALA A 141 26.96 -40.49 -60.77
C ALA A 141 27.27 -41.84 -60.14
N GLU A 142 26.87 -42.95 -60.75
CA GLU A 142 27.13 -44.25 -60.14
C GLU A 142 28.55 -44.72 -60.35
N GLU A 143 29.35 -44.03 -61.16
CA GLU A 143 30.78 -44.33 -61.28
C GLU A 143 31.58 -43.69 -60.16
N ALA A 144 31.12 -42.55 -59.63
CA ALA A 144 31.81 -41.90 -58.53
C ALA A 144 31.62 -42.64 -57.22
N LYS A 145 30.47 -43.30 -57.04
CA LYS A 145 30.27 -44.14 -55.88
C LYS A 145 31.06 -45.44 -55.98
N GLN A 146 31.49 -45.81 -57.19
CA GLN A 146 32.28 -47.03 -57.37
C GLN A 146 33.70 -46.87 -56.86
N ALA A 147 34.19 -45.63 -56.75
CA ALA A 147 35.57 -45.42 -56.33
C ALA A 147 35.76 -45.69 -54.84
N TYR A 148 34.69 -45.61 -54.06
CA TYR A 148 34.80 -45.79 -52.62
C TYR A 148 34.35 -47.17 -52.19
N THR A 149 34.96 -47.66 -51.12
CA THR A 149 34.65 -48.98 -50.56
C THR A 149 33.28 -48.95 -49.88
N ALA A 150 32.70 -50.13 -49.69
CA ALA A 150 31.38 -50.27 -49.08
C ALA A 150 31.45 -50.62 -47.60
N THR A 151 32.43 -50.07 -46.88
CA THR A 151 32.55 -50.37 -45.46
C THR A 151 31.58 -49.52 -44.64
N PRO A 152 31.03 -50.06 -43.55
CA PRO A 152 30.09 -49.28 -42.74
C PRO A 152 30.74 -48.24 -41.85
N PHE A 153 32.06 -48.24 -41.73
CA PHE A 153 32.76 -47.35 -40.82
C PHE A 153 33.17 -46.05 -41.47
N ALA A 154 32.78 -45.82 -42.70
CA ALA A 154 33.25 -44.66 -43.43
C ALA A 154 32.10 -43.79 -43.91
N ALA A 155 32.34 -42.49 -43.90
CA ALA A 155 31.42 -41.50 -44.42
C ALA A 155 32.17 -40.59 -45.37
N VAL A 156 31.52 -40.20 -46.46
CA VAL A 156 32.13 -39.38 -47.49
C VAL A 156 31.34 -38.08 -47.60
N TYR A 157 32.02 -36.96 -47.45
CA TYR A 157 31.42 -35.64 -47.54
C TYR A 157 31.95 -34.98 -48.81
N TYR A 158 31.04 -34.59 -49.72
CA TYR A 158 31.49 -34.29 -51.07
C TYR A 158 32.25 -32.98 -51.23
N PRO A 159 31.67 -31.78 -51.05
CA PRO A 159 32.29 -30.60 -51.65
C PRO A 159 33.48 -30.10 -50.83
N TRP A 160 34.62 -29.94 -51.49
CA TRP A 160 35.79 -29.36 -50.85
C TRP A 160 35.52 -27.91 -50.52
N LEU A 161 35.53 -27.58 -49.24
CA LEU A 161 35.15 -26.24 -48.82
C LEU A 161 36.24 -25.24 -49.16
N LYS A 162 35.84 -23.98 -49.32
CA LYS A 162 36.76 -22.90 -49.59
C LYS A 162 36.56 -21.80 -48.58
N ALA A 163 37.63 -21.02 -48.36
CA ALA A 163 37.61 -19.96 -47.37
C ALA A 163 38.38 -18.77 -47.91
N ASP A 164 38.14 -17.60 -47.31
CA ASP A 164 38.84 -16.40 -47.74
C ASP A 164 40.27 -16.36 -47.24
N TRP A 165 40.55 -16.98 -46.09
CA TRP A 165 41.92 -17.01 -45.59
C TRP A 165 42.75 -18.08 -46.30
N ALA A 166 42.12 -19.19 -46.69
CA ALA A 166 42.82 -20.26 -47.36
C ALA A 166 42.93 -19.96 -48.85
N ASN A 167 44.13 -20.13 -49.40
CA ASN A 167 44.32 -19.94 -50.83
C ASN A 167 43.77 -21.12 -51.62
N ILE A 168 44.11 -22.33 -51.20
CA ILE A 168 43.62 -23.55 -51.80
C ILE A 168 42.31 -23.97 -51.16
N ASP A 169 41.64 -24.95 -51.76
CA ASP A 169 40.39 -25.47 -51.22
C ASP A 169 40.67 -26.45 -50.08
N ILE A 170 39.84 -26.39 -49.06
CA ILE A 170 40.00 -27.17 -47.84
C ILE A 170 39.33 -28.53 -48.03
N PRO A 171 39.98 -29.64 -47.65
CA PRO A 171 39.31 -30.93 -47.67
C PRO A 171 38.17 -30.96 -46.65
N PRO A 172 37.00 -31.47 -47.04
CA PRO A 172 35.83 -31.38 -46.17
C PRO A 172 35.84 -32.32 -44.99
N SER A 173 36.70 -33.35 -44.98
CA SER A 173 36.76 -34.26 -43.85
C SER A 173 37.42 -33.64 -42.64
N ALA A 174 38.27 -32.64 -42.82
CA ALA A 174 38.94 -32.04 -41.68
C ALA A 174 38.02 -31.11 -40.92
N VAL A 175 37.04 -30.50 -41.60
CA VAL A 175 36.06 -29.71 -40.88
C VAL A 175 35.02 -30.60 -40.23
N MET A 176 34.87 -31.85 -40.68
CA MET A 176 33.87 -32.75 -40.13
C MET A 176 34.37 -33.51 -38.92
N ALA A 177 35.68 -33.56 -38.71
CA ALA A 177 36.20 -34.06 -37.44
C ALA A 177 35.86 -33.10 -36.31
N GLY A 178 35.84 -31.80 -36.61
CA GLY A 178 35.43 -30.82 -35.62
C GLY A 178 33.95 -30.73 -35.43
N VAL A 179 33.17 -31.00 -36.49
CA VAL A 179 31.72 -31.01 -36.38
C VAL A 179 31.26 -32.23 -35.58
N TYR A 180 31.96 -33.35 -35.73
CA TYR A 180 31.69 -34.53 -34.91
C TYR A 180 31.95 -34.26 -33.44
N ALA A 181 33.03 -33.53 -33.13
CA ALA A 181 33.32 -33.21 -31.74
C ALA A 181 32.38 -32.15 -31.19
N SER A 182 31.88 -31.26 -32.05
CA SER A 182 30.99 -30.19 -31.61
C SER A 182 29.57 -30.70 -31.38
N VAL A 183 29.15 -31.68 -32.18
CA VAL A 183 27.80 -32.25 -32.04
C VAL A 183 27.72 -33.08 -30.76
N ASP A 184 28.71 -33.93 -30.54
CA ASP A 184 28.68 -34.86 -29.42
C ASP A 184 28.85 -34.18 -28.08
N LEU A 185 29.47 -33.00 -28.05
CA LEU A 185 29.58 -32.25 -26.82
C LEU A 185 28.30 -31.52 -26.48
N SER A 186 27.62 -30.96 -27.47
CA SER A 186 26.42 -30.18 -27.21
C SER A 186 25.16 -31.04 -27.10
N ARG A 187 25.07 -32.12 -27.86
CA ARG A 187 23.85 -32.92 -27.86
C ARG A 187 24.06 -34.42 -27.71
N GLY A 188 25.26 -34.94 -27.93
CA GLY A 188 25.50 -36.36 -27.72
C GLY A 188 25.94 -37.10 -28.97
N VAL A 189 26.54 -38.28 -28.80
CA VAL A 189 27.02 -39.07 -29.92
C VAL A 189 25.84 -39.64 -30.72
N TRP A 190 24.72 -39.88 -30.04
CA TRP A 190 23.54 -40.45 -30.69
C TRP A 190 22.85 -39.48 -31.63
N LYS A 191 23.08 -38.17 -31.47
CA LYS A 191 22.57 -37.19 -32.41
C LYS A 191 23.41 -37.19 -33.67
N ALA A 192 22.74 -37.15 -34.82
CA ALA A 192 23.43 -37.09 -36.10
C ALA A 192 24.14 -35.74 -36.26
N PRO A 193 25.28 -35.72 -36.95
CA PRO A 193 26.01 -34.46 -37.16
C PRO A 193 25.45 -33.57 -38.26
N ALA A 194 24.29 -33.88 -38.82
CA ALA A 194 23.77 -33.07 -39.90
C ALA A 194 22.99 -31.88 -39.35
N ASN A 195 22.58 -31.01 -40.30
CA ASN A 195 22.07 -29.63 -40.13
C ASN A 195 22.76 -28.87 -38.98
N VAL A 196 24.08 -28.90 -38.99
CA VAL A 196 24.92 -28.11 -38.10
C VAL A 196 25.74 -27.14 -38.94
N ALA A 197 25.69 -25.86 -38.59
CA ALA A 197 26.42 -24.84 -39.33
C ALA A 197 27.90 -24.90 -39.00
N LEU A 198 28.72 -24.52 -39.99
CA LEU A 198 30.17 -24.55 -39.84
C LEU A 198 30.63 -23.21 -39.27
N LYS A 199 31.34 -23.25 -38.15
CA LYS A 199 31.66 -22.03 -37.42
C LYS A 199 32.74 -21.22 -38.11
N GLY A 200 33.67 -21.88 -38.81
CA GLY A 200 34.67 -21.16 -39.55
C GLY A 200 34.10 -20.48 -40.78
N GLY A 201 34.91 -19.61 -41.38
CA GLY A 201 34.47 -18.91 -42.57
C GLY A 201 34.48 -19.78 -43.80
N LEU A 202 33.59 -20.75 -43.86
CA LEU A 202 33.56 -21.77 -44.90
C LEU A 202 32.32 -21.58 -45.77
N GLU A 203 32.42 -22.04 -47.02
CA GLU A 203 31.31 -22.16 -47.94
C GLU A 203 31.71 -23.14 -49.03
N PRO A 204 30.77 -23.91 -49.58
CA PRO A 204 31.14 -24.96 -50.53
C PRO A 204 31.66 -24.41 -51.84
N LYS A 205 32.58 -25.17 -52.46
CA LYS A 205 33.13 -24.76 -53.74
C LYS A 205 32.10 -24.90 -54.85
N PHE A 206 31.26 -25.93 -54.77
CA PHE A 206 30.26 -26.22 -55.77
C PHE A 206 28.89 -26.26 -55.11
N LEU A 207 27.98 -25.41 -55.58
CA LEU A 207 26.60 -25.47 -55.12
C LEU A 207 25.94 -26.72 -55.69
N VAL A 208 25.21 -27.44 -54.84
CA VAL A 208 24.71 -28.76 -55.17
C VAL A 208 23.19 -28.71 -55.26
N THR A 209 22.65 -29.11 -56.41
CA THR A 209 21.21 -29.20 -56.59
C THR A 209 20.64 -30.35 -55.77
N ASP A 210 19.35 -30.25 -55.46
CA ASP A 210 18.68 -31.31 -54.70
C ASP A 210 18.52 -32.58 -55.52
N GLU A 211 18.41 -32.46 -56.84
CA GLU A 211 18.27 -33.64 -57.68
C GLU A 211 19.57 -34.41 -57.79
N LEU A 212 20.72 -33.72 -57.67
CA LEU A 212 22.00 -34.41 -57.69
C LEU A 212 22.23 -35.18 -56.40
N GLN A 213 21.82 -34.60 -55.26
CA GLN A 213 21.98 -35.26 -53.97
C GLN A 213 21.11 -36.50 -53.84
N GLY A 214 20.02 -36.58 -54.60
CA GLY A 214 19.20 -37.79 -54.59
C GLY A 214 19.88 -38.97 -55.24
N GLU A 215 20.76 -38.72 -56.21
CA GLU A 215 21.53 -39.80 -56.83
C GLU A 215 22.51 -40.41 -55.84
N TYR A 216 23.27 -39.58 -55.14
CA TYR A 216 24.39 -40.05 -54.36
C TYR A 216 24.00 -40.56 -52.99
N ASN A 217 22.80 -40.22 -52.51
CA ASN A 217 22.41 -40.59 -51.16
C ASN A 217 22.01 -42.06 -51.04
N THR A 218 21.76 -42.76 -52.15
CA THR A 218 21.10 -44.05 -52.07
C THR A 218 22.08 -45.19 -51.78
N GLY A 219 23.00 -45.48 -52.70
CA GLY A 219 23.71 -46.74 -52.62
C GLY A 219 24.98 -46.79 -51.79
N ARG A 220 25.98 -46.01 -52.15
CA ARG A 220 27.21 -45.86 -51.37
C ARG A 220 27.26 -44.40 -51.04
N ALA A 221 26.62 -44.03 -49.94
CA ALA A 221 26.11 -42.69 -49.77
C ALA A 221 27.20 -41.66 -49.52
N ILE A 222 27.11 -40.57 -50.27
CA ILE A 222 28.02 -39.45 -50.13
C ILE A 222 27.21 -38.31 -49.51
N ASN A 223 27.49 -38.00 -48.25
CA ASN A 223 26.87 -36.87 -47.60
C ASN A 223 27.37 -35.58 -48.22
N MET A 224 26.57 -34.53 -48.13
CA MET A 224 26.90 -33.32 -48.88
C MET A 224 26.73 -32.09 -47.99
N ILE A 225 27.62 -31.13 -48.18
CA ILE A 225 27.63 -29.87 -47.45
C ILE A 225 27.13 -28.80 -48.40
N ARG A 226 25.93 -28.28 -48.16
CA ARG A 226 25.39 -27.30 -49.09
C ARG A 226 24.80 -26.11 -48.36
N ASN A 227 24.72 -25.00 -49.08
CA ASN A 227 24.40 -23.71 -48.50
C ASN A 227 22.90 -23.47 -48.48
N PHE A 228 22.40 -23.01 -47.34
CA PHE A 228 21.03 -22.59 -47.17
C PHE A 228 21.04 -21.11 -46.81
N SER A 229 20.05 -20.36 -47.31
CA SER A 229 20.12 -18.91 -47.16
C SER A 229 19.83 -18.46 -45.73
N ASN A 230 19.07 -19.24 -44.98
CA ASN A 230 18.80 -18.90 -43.59
C ASN A 230 19.82 -19.50 -42.62
N THR A 231 20.43 -20.63 -42.98
CA THR A 231 21.35 -21.34 -42.11
C THR A 231 22.82 -21.06 -42.45
N GLY A 232 23.11 -20.53 -43.64
CA GLY A 232 24.48 -20.46 -44.08
C GLY A 232 24.88 -21.79 -44.71
N THR A 233 26.16 -22.12 -44.58
CA THR A 233 26.60 -23.44 -44.99
C THR A 233 26.33 -24.44 -43.86
N THR A 234 26.01 -25.67 -44.25
CA THR A 234 25.57 -26.66 -43.27
C THR A 234 25.80 -28.05 -43.84
N VAL A 235 25.91 -29.02 -42.94
CA VAL A 235 26.08 -30.42 -43.30
C VAL A 235 24.70 -31.03 -43.50
N TRP A 236 24.56 -31.88 -44.52
CA TRP A 236 23.23 -32.34 -44.91
C TRP A 236 23.19 -33.83 -45.15
N GLY A 237 23.93 -34.60 -44.37
CA GLY A 237 23.93 -36.04 -44.53
C GLY A 237 24.42 -36.72 -43.26
N ALA A 238 23.88 -37.91 -43.02
CA ALA A 238 24.30 -38.70 -41.87
C ALA A 238 24.55 -40.16 -42.25
N ARG A 239 24.61 -40.48 -43.54
CA ARG A 239 24.66 -41.86 -43.99
C ARG A 239 26.10 -42.33 -44.18
N THR A 240 26.32 -43.61 -43.87
CA THR A 240 27.62 -44.23 -44.07
C THR A 240 27.74 -44.75 -45.51
N LEU A 241 28.78 -45.50 -45.80
CA LEU A 241 28.93 -46.13 -47.11
C LEU A 241 28.24 -47.48 -47.20
N GLU A 242 27.72 -47.99 -46.08
CA GLU A 242 26.94 -49.24 -46.11
C GLU A 242 25.47 -48.93 -46.35
N ASP A 243 24.89 -49.64 -47.31
CA ASP A 243 23.49 -49.46 -47.63
C ASP A 243 22.56 -50.35 -46.82
N LYS A 244 23.10 -51.31 -46.07
CA LYS A 244 22.28 -52.21 -45.27
C LYS A 244 21.57 -51.43 -44.17
N ASP A 245 20.39 -51.93 -43.79
CA ASP A 245 19.52 -51.21 -42.86
C ASP A 245 20.03 -51.23 -41.43
N ASN A 246 21.05 -52.04 -41.13
CA ASN A 246 21.62 -52.09 -39.79
C ASN A 246 22.51 -50.88 -39.53
N TRP A 247 23.44 -50.59 -40.44
CA TRP A 247 24.44 -49.58 -40.22
C TRP A 247 24.34 -48.47 -41.26
N ARG A 248 23.12 -47.99 -41.50
CA ARG A 248 22.93 -47.01 -42.56
C ARG A 248 23.42 -45.62 -42.17
N TYR A 249 23.26 -45.24 -40.90
CA TYR A 249 23.50 -43.88 -40.45
C TYR A 249 24.76 -43.79 -39.59
N VAL A 250 25.50 -42.69 -39.75
CA VAL A 250 26.66 -42.44 -38.88
C VAL A 250 26.33 -42.16 -37.41
N PRO A 251 25.14 -41.71 -36.96
CA PRO A 251 24.94 -41.70 -35.50
C PRO A 251 24.79 -43.08 -34.90
N VAL A 252 24.29 -44.07 -35.65
CA VAL A 252 24.14 -45.41 -35.10
C VAL A 252 25.48 -46.13 -35.07
N ARG A 253 26.31 -45.92 -36.10
CA ARG A 253 27.63 -46.57 -36.14
C ARG A 253 28.57 -45.95 -35.11
N ARG A 254 28.51 -44.62 -34.93
CA ARG A 254 29.37 -43.97 -33.95
C ARG A 254 28.88 -44.16 -32.52
N LEU A 255 27.60 -44.46 -32.31
CA LEU A 255 27.15 -44.81 -30.98
C LEU A 255 27.69 -46.17 -30.57
N PHE A 256 27.62 -47.15 -31.46
CA PHE A 256 28.12 -48.48 -31.15
C PHE A 256 29.64 -48.49 -31.00
N ASN A 257 30.35 -47.63 -31.73
CA ASN A 257 31.79 -47.50 -31.53
C ASN A 257 32.09 -46.89 -30.17
N SER A 258 31.26 -45.97 -29.71
CA SER A 258 31.51 -45.28 -28.46
C SER A 258 31.12 -46.13 -27.26
N VAL A 259 30.02 -46.88 -27.37
CA VAL A 259 29.54 -47.71 -26.27
C VAL A 259 30.53 -48.83 -25.99
N GLU A 260 31.04 -49.45 -27.04
CA GLU A 260 31.92 -50.61 -26.86
C GLU A 260 33.31 -50.18 -26.39
N ARG A 261 33.67 -48.92 -26.62
CA ARG A 261 34.91 -48.40 -26.05
C ARG A 261 34.75 -48.13 -24.55
N ASP A 262 33.57 -47.67 -24.13
CA ASP A 262 33.35 -47.46 -22.70
C ASP A 262 33.20 -48.79 -21.96
N ILE A 263 32.64 -49.79 -22.63
CA ILE A 263 32.53 -51.12 -22.03
C ILE A 263 33.90 -51.79 -21.98
N LYS A 264 34.77 -51.45 -22.93
CA LYS A 264 36.18 -51.87 -22.89
C LYS A 264 36.87 -51.43 -21.62
N ARG A 265 36.58 -50.22 -21.15
CA ARG A 265 37.24 -49.70 -19.96
C ARG A 265 36.69 -50.36 -18.70
N ALA A 266 35.41 -50.70 -18.68
CA ALA A 266 34.85 -51.40 -17.53
C ALA A 266 35.29 -52.86 -17.50
N MET A 267 35.60 -53.42 -18.65
CA MET A 267 36.10 -54.79 -18.60
C MET A 267 37.60 -54.82 -18.40
N SER A 268 38.25 -53.66 -18.30
CA SER A 268 39.67 -53.64 -18.04
C SER A 268 39.96 -54.06 -16.60
N PHE A 269 39.07 -53.75 -15.66
CA PHE A 269 39.35 -54.12 -14.28
C PHE A 269 39.13 -55.61 -14.04
N ALA A 270 38.32 -56.24 -14.88
CA ALA A 270 38.07 -57.67 -14.75
C ALA A 270 39.21 -58.51 -15.31
N MET A 271 40.18 -57.88 -15.97
CA MET A 271 41.33 -58.59 -16.51
C MET A 271 42.14 -59.23 -15.41
N PHE A 272 42.48 -60.50 -15.61
CA PHE A 272 43.35 -61.30 -14.76
C PHE A 272 42.80 -61.47 -13.35
N GLU A 273 41.51 -61.34 -13.19
CA GLU A 273 40.77 -61.72 -12.00
C GLU A 273 40.40 -63.20 -12.10
N PRO A 274 40.05 -63.85 -10.99
CA PRO A 274 39.64 -65.26 -11.08
C PRO A 274 38.36 -65.45 -11.89
N ASN A 275 38.36 -66.46 -12.75
CA ASN A 275 37.26 -66.72 -13.66
C ASN A 275 36.24 -67.60 -12.96
N ASN A 276 35.39 -66.97 -12.15
CA ASN A 276 34.32 -67.68 -11.46
C ASN A 276 33.08 -66.79 -11.50
N GLN A 277 32.05 -67.21 -10.78
CA GLN A 277 30.81 -66.44 -10.75
C GLN A 277 30.87 -65.08 -10.05
N PRO A 278 31.59 -64.87 -8.93
CA PRO A 278 31.64 -63.50 -8.38
C PRO A 278 32.31 -62.47 -9.26
N THR A 279 33.12 -62.88 -10.24
CA THR A 279 33.61 -61.93 -11.22
C THR A 279 32.53 -61.59 -12.25
N TRP A 280 31.79 -62.59 -12.72
CA TRP A 280 30.81 -62.39 -13.78
C TRP A 280 29.64 -61.53 -13.32
N GLU A 281 29.28 -61.59 -12.04
CA GLU A 281 28.23 -60.72 -11.55
C GLU A 281 28.73 -59.33 -11.24
N ARG A 282 30.03 -59.11 -11.29
CA ARG A 282 30.60 -57.77 -11.21
C ARG A 282 30.84 -57.20 -12.59
N VAL A 283 31.10 -58.06 -13.58
CA VAL A 283 31.19 -57.63 -14.97
C VAL A 283 29.82 -57.21 -15.48
N ARG A 284 28.78 -57.98 -15.14
CA ARG A 284 27.44 -57.66 -15.59
C ARG A 284 26.91 -56.41 -14.91
N ALA A 285 27.22 -56.23 -13.63
CA ALA A 285 26.75 -55.07 -12.91
C ALA A 285 27.43 -53.80 -13.39
N ALA A 286 28.67 -53.90 -13.84
CA ALA A 286 29.39 -52.71 -14.32
C ALA A 286 28.85 -52.26 -15.68
N ILE A 287 28.46 -53.21 -16.52
CA ILE A 287 27.89 -52.86 -17.82
C ILE A 287 26.46 -52.35 -17.65
N SER A 288 25.72 -52.96 -16.72
CA SER A 288 24.30 -52.60 -16.56
C SER A 288 24.14 -51.21 -15.98
N ASN A 289 25.12 -50.74 -15.19
CA ASN A 289 25.10 -49.36 -14.73
C ASN A 289 25.33 -48.41 -15.88
N TYR A 290 26.26 -48.76 -16.78
CA TYR A 290 26.64 -47.85 -17.85
C TYR A 290 25.54 -47.71 -18.88
N LEU A 291 24.91 -48.82 -19.26
CA LEU A 291 23.86 -48.75 -20.27
C LEU A 291 22.59 -48.15 -19.71
N TYR A 292 22.38 -48.22 -18.40
CA TYR A 292 21.22 -47.57 -17.81
C TYR A 292 21.36 -46.06 -17.82
N SER A 293 22.53 -45.56 -17.41
CA SER A 293 22.75 -44.12 -17.40
C SER A 293 22.86 -43.55 -18.80
N LEU A 294 23.22 -44.37 -19.79
CA LEU A 294 23.17 -43.94 -21.18
C LEU A 294 21.73 -43.91 -21.68
N TRP A 295 20.90 -44.86 -21.25
CA TRP A 295 19.48 -44.84 -21.60
C TRP A 295 18.76 -43.67 -20.96
N GLN A 296 19.17 -43.28 -19.75
CA GLN A 296 18.57 -42.14 -19.08
C GLN A 296 18.91 -40.83 -19.77
N GLN A 297 20.04 -40.76 -20.47
CA GLN A 297 20.37 -39.59 -21.26
C GLN A 297 19.60 -39.52 -22.57
N GLY A 298 18.85 -40.55 -22.91
CA GLY A 298 18.17 -40.60 -24.19
C GLY A 298 18.98 -41.19 -25.31
N GLY A 299 20.10 -41.85 -24.99
CA GLY A 299 20.95 -42.37 -26.05
C GLY A 299 20.37 -43.60 -26.72
N LEU A 300 19.72 -44.47 -25.95
CA LEU A 300 19.12 -45.68 -26.46
C LEU A 300 17.61 -45.49 -26.51
N ALA A 301 16.99 -46.02 -27.57
CA ALA A 301 15.58 -45.79 -27.83
C ALA A 301 14.76 -46.92 -27.20
N GLY A 302 13.97 -46.58 -26.19
CA GLY A 302 13.05 -47.51 -25.58
C GLY A 302 12.23 -46.84 -24.51
N SER A 303 10.91 -47.04 -24.52
CA SER A 303 10.07 -46.47 -23.48
C SER A 303 10.27 -47.20 -22.16
N LYS A 304 10.32 -48.51 -22.21
CA LYS A 304 10.68 -49.34 -21.06
C LYS A 304 12.19 -49.54 -21.05
N GLU A 305 12.78 -49.51 -19.86
CA GLU A 305 14.21 -49.70 -19.70
C GLU A 305 14.67 -51.09 -20.14
N GLU A 306 13.82 -52.10 -19.98
CA GLU A 306 14.14 -53.45 -20.41
C GLU A 306 14.03 -53.64 -21.92
N ASP A 307 13.52 -52.64 -22.65
CA ASP A 307 13.46 -52.69 -24.10
C ASP A 307 14.71 -52.11 -24.76
N ALA A 308 15.49 -51.32 -24.03
CA ALA A 308 16.61 -50.62 -24.66
C ALA A 308 17.87 -51.48 -24.71
N TYR A 309 18.07 -52.38 -23.75
CA TYR A 309 19.31 -53.13 -23.68
C TYR A 309 19.10 -54.41 -22.90
N PHE A 310 20.05 -55.34 -23.06
CA PHE A 310 20.09 -56.55 -22.27
C PHE A 310 21.54 -57.01 -22.19
N VAL A 311 21.90 -57.56 -21.03
CA VAL A 311 23.25 -58.09 -20.77
C VAL A 311 23.10 -59.51 -20.26
N GLN A 312 23.91 -60.44 -20.79
CA GLN A 312 23.80 -61.85 -20.43
C GLN A 312 25.18 -62.45 -20.24
N ILE A 313 25.50 -62.83 -19.00
CA ILE A 313 26.67 -63.63 -18.66
C ILE A 313 26.18 -64.88 -17.93
N GLY A 314 26.88 -65.99 -18.11
CA GLY A 314 26.54 -67.18 -17.38
C GLY A 314 27.28 -68.44 -17.81
N LYS A 315 27.31 -69.44 -16.94
CA LYS A 315 27.94 -70.71 -17.28
C LYS A 315 27.02 -71.58 -18.12
N GLY A 316 25.71 -71.47 -17.93
CA GLY A 316 24.80 -72.16 -18.82
C GLY A 316 24.51 -71.38 -20.08
N ILE A 317 24.67 -70.07 -20.03
CA ILE A 317 24.13 -69.17 -21.05
C ILE A 317 25.14 -68.92 -22.17
N THR A 318 26.29 -68.36 -21.82
CA THR A 318 27.19 -67.82 -22.84
C THR A 318 28.47 -68.64 -23.04
N MET A 319 29.08 -69.13 -21.97
CA MET A 319 30.37 -69.79 -22.07
C MET A 319 30.28 -71.25 -21.60
N THR A 320 30.99 -72.12 -22.29
CA THR A 320 31.06 -73.53 -21.92
C THR A 320 32.03 -73.70 -20.75
N GLN A 321 31.88 -74.83 -20.04
CA GLN A 321 32.89 -75.25 -19.07
C GLN A 321 34.24 -75.44 -19.74
N GLU A 322 34.24 -75.85 -21.01
CA GLU A 322 35.47 -75.93 -21.80
C GLU A 322 36.08 -74.55 -22.02
N GLN A 323 35.24 -73.55 -22.31
CA GLN A 323 35.76 -72.23 -22.62
C GLN A 323 36.21 -71.49 -21.37
N ILE A 324 35.65 -71.84 -20.20
CA ILE A 324 36.07 -71.23 -18.94
C ILE A 324 37.48 -71.68 -18.59
N ASP A 325 37.79 -72.97 -18.80
CA ASP A 325 39.13 -73.47 -18.55
C ASP A 325 40.16 -72.94 -19.53
N ALA A 326 39.73 -72.52 -20.73
CA ALA A 326 40.65 -71.87 -21.64
C ALA A 326 40.98 -70.44 -21.22
N GLY A 327 40.12 -69.85 -20.39
CA GLY A 327 40.32 -68.50 -19.91
C GLY A 327 39.38 -67.47 -20.49
N GLN A 328 38.41 -67.88 -21.29
CA GLN A 328 37.52 -66.93 -21.95
C GLN A 328 36.34 -66.56 -21.06
N MET A 329 35.81 -65.37 -21.28
CA MET A 329 34.63 -64.88 -20.61
C MET A 329 33.76 -64.16 -21.63
N ILE A 330 32.56 -64.66 -21.86
CA ILE A 330 31.72 -64.21 -22.96
C ILE A 330 30.50 -63.48 -22.40
N VAL A 331 30.28 -62.25 -22.88
CA VAL A 331 29.15 -61.41 -22.51
C VAL A 331 28.38 -61.07 -23.79
N LYS A 332 27.06 -61.00 -23.68
CA LYS A 332 26.21 -60.59 -24.80
C LYS A 332 25.52 -59.28 -24.44
N VAL A 333 25.72 -58.26 -25.27
CA VAL A 333 25.12 -56.94 -25.07
C VAL A 333 24.29 -56.62 -26.30
N GLY A 334 23.08 -56.11 -26.08
CA GLY A 334 22.28 -55.59 -27.17
C GLY A 334 21.87 -54.17 -26.87
N LEU A 335 21.72 -53.38 -27.94
CA LEU A 335 21.34 -51.99 -27.81
C LEU A 335 20.25 -51.66 -28.81
N ALA A 336 19.55 -50.57 -28.57
CA ALA A 336 18.49 -50.10 -29.49
C ALA A 336 18.71 -48.60 -29.71
N ALA A 337 19.39 -48.27 -30.80
CA ALA A 337 19.70 -46.88 -31.09
C ALA A 337 18.49 -46.18 -31.69
N VAL A 338 18.56 -44.85 -31.73
CA VAL A 338 17.51 -44.02 -32.30
C VAL A 338 17.90 -43.68 -33.73
N ARG A 339 16.94 -43.74 -34.63
CA ARG A 339 17.27 -43.37 -35.99
C ARG A 339 16.84 -41.93 -36.26
N PRO A 340 17.58 -41.19 -37.09
CA PRO A 340 17.18 -39.81 -37.39
C PRO A 340 16.11 -39.72 -38.46
N ALA A 341 15.21 -38.76 -38.28
CA ALA A 341 14.21 -38.46 -39.30
C ALA A 341 14.89 -37.75 -40.47
N GLU A 342 14.86 -38.37 -41.63
CA GLU A 342 15.62 -37.86 -42.76
C GLU A 342 14.78 -37.15 -43.81
N PHE A 343 13.56 -37.62 -44.05
CA PHE A 343 12.65 -36.98 -45.00
C PHE A 343 11.41 -36.49 -44.26
N ILE A 344 10.95 -35.30 -44.61
CA ILE A 344 9.70 -34.76 -44.08
C ILE A 344 8.82 -34.41 -45.26
N ILE A 345 7.62 -34.98 -45.31
CA ILE A 345 6.71 -34.83 -46.44
C ILE A 345 5.55 -33.97 -46.00
N LEU A 346 5.40 -32.80 -46.63
CA LEU A 346 4.30 -31.89 -46.39
C LEU A 346 3.23 -32.13 -47.42
N GLN A 347 1.98 -32.25 -46.97
CA GLN A 347 0.85 -32.27 -47.87
C GLN A 347 0.01 -31.02 -47.63
N PHE A 348 -0.11 -30.20 -48.66
CA PHE A 348 -0.85 -28.95 -48.58
C PHE A 348 -2.20 -29.12 -49.27
N THR A 349 -3.27 -28.94 -48.51
CA THR A 349 -4.62 -29.09 -49.00
C THR A 349 -5.24 -27.72 -49.19
N GLN A 350 -6.00 -27.55 -50.28
CA GLN A 350 -6.53 -26.24 -50.60
C GLN A 350 -7.79 -25.92 -49.80
N ASP A 351 -8.57 -26.95 -49.45
CA ASP A 351 -9.75 -26.73 -48.64
C ASP A 351 -9.50 -27.14 -47.19
N VAL A 352 -9.95 -26.29 -46.26
CA VAL A 352 -9.75 -26.50 -44.83
C VAL A 352 -10.97 -27.24 -44.30
N GLU A 353 -10.74 -28.43 -43.77
CA GLU A 353 -11.81 -29.21 -43.17
C GLU A 353 -11.26 -30.15 -42.10
N THR B 2 3.26 -43.77 -54.40
CA THR B 2 2.81 -42.68 -53.54
C THR B 2 3.80 -41.54 -53.55
N THR B 3 4.87 -41.67 -52.77
CA THR B 3 5.93 -40.68 -52.68
C THR B 3 7.26 -41.40 -52.63
N VAL B 4 8.20 -40.97 -53.47
CA VAL B 4 9.53 -41.56 -53.52
C VAL B 4 10.52 -40.52 -53.04
N THR B 5 11.39 -40.91 -52.11
CA THR B 5 12.27 -39.99 -51.40
C THR B 5 13.72 -40.37 -51.70
N SER B 6 14.42 -39.53 -52.46
CA SER B 6 15.80 -39.77 -52.80
C SER B 6 16.77 -38.88 -52.01
N TYR B 7 16.58 -37.56 -52.06
CA TYR B 7 17.37 -36.65 -51.23
C TYR B 7 16.72 -36.52 -49.87
N PRO B 8 17.49 -36.11 -48.82
CA PRO B 8 16.87 -35.92 -47.50
C PRO B 8 15.76 -34.88 -47.46
N GLY B 9 16.11 -33.60 -47.64
CA GLY B 9 15.20 -32.49 -47.93
C GLY B 9 13.91 -32.35 -47.15
N VAL B 10 12.96 -31.61 -47.73
CA VAL B 10 11.55 -31.75 -47.40
C VAL B 10 10.79 -31.84 -48.71
N TYR B 11 9.53 -32.26 -48.63
CA TYR B 11 8.72 -32.53 -49.82
C TYR B 11 7.39 -31.83 -49.66
N ILE B 12 7.00 -31.04 -50.66
CA ILE B 12 5.83 -30.18 -50.58
C ILE B 12 4.81 -30.63 -51.61
N GLU B 13 4.67 -31.95 -51.74
CA GLU B 13 3.57 -32.59 -52.45
C GLU B 13 2.22 -31.98 -52.09
N GLU B 14 1.35 -31.80 -53.08
CA GLU B 14 0.01 -31.27 -52.87
C GLU B 14 -1.00 -32.34 -53.25
N LEU B 15 -1.73 -32.87 -52.27
CA LEU B 15 -2.79 -33.83 -52.55
C LEU B 15 -3.90 -33.68 -51.51
N ASN B 16 -5.13 -33.91 -51.96
CA ASN B 16 -6.30 -33.89 -51.09
C ASN B 16 -6.53 -35.30 -50.56
N SER B 17 -6.11 -35.55 -49.33
CA SER B 17 -6.48 -36.76 -48.64
C SER B 17 -6.97 -36.41 -47.25
N LEU B 18 -8.04 -37.06 -46.83
CA LEU B 18 -8.69 -36.77 -45.57
C LEU B 18 -8.08 -37.63 -44.47
N ALA B 19 -7.83 -37.04 -43.32
CA ALA B 19 -7.24 -37.74 -42.19
C ALA B 19 -8.12 -37.54 -40.97
N LEU B 20 -8.40 -38.63 -40.27
CA LEU B 20 -9.24 -38.62 -39.08
C LEU B 20 -8.42 -39.02 -37.88
N SER B 21 -8.70 -38.38 -36.75
CA SER B 21 -7.94 -38.62 -35.53
C SER B 21 -8.34 -39.96 -34.92
N VAL B 22 -7.38 -40.62 -34.27
CA VAL B 22 -7.60 -41.97 -33.75
C VAL B 22 -8.17 -41.90 -32.34
N SER B 23 -8.97 -42.90 -31.99
CA SER B 23 -9.53 -43.05 -30.67
C SER B 23 -9.39 -44.50 -30.23
N ASN B 24 -9.19 -44.69 -28.93
CA ASN B 24 -9.10 -46.02 -28.34
C ASN B 24 -10.34 -46.23 -27.48
N SER B 25 -11.12 -47.27 -27.81
CA SER B 25 -12.35 -47.58 -27.10
C SER B 25 -12.23 -48.99 -26.53
N ALA B 26 -12.34 -49.11 -25.21
CA ALA B 26 -12.21 -50.41 -24.58
C ALA B 26 -13.49 -51.22 -24.65
N THR B 27 -14.65 -50.56 -24.78
CA THR B 27 -15.92 -51.22 -24.58
C THR B 27 -16.66 -51.57 -25.86
N ALA B 28 -16.33 -50.94 -26.99
CA ALA B 28 -17.11 -51.09 -28.22
C ALA B 28 -16.16 -51.43 -29.36
N VAL B 29 -16.17 -52.70 -29.79
CA VAL B 29 -15.40 -53.14 -30.95
C VAL B 29 -16.37 -53.71 -31.97
N PRO B 30 -16.76 -52.94 -32.98
CA PRO B 30 -17.76 -53.43 -33.93
C PRO B 30 -17.18 -54.38 -34.96
N VAL B 31 -18.08 -55.12 -35.60
CA VAL B 31 -17.75 -55.98 -36.73
C VAL B 31 -18.67 -55.56 -37.86
N PHE B 32 -18.09 -55.03 -38.93
CA PHE B 32 -18.88 -54.53 -40.05
C PHE B 32 -19.15 -55.68 -41.01
N ALA B 33 -20.42 -55.99 -41.22
CA ALA B 33 -20.79 -56.98 -42.22
C ALA B 33 -20.54 -56.40 -43.61
N VAL B 34 -19.84 -57.17 -44.43
CA VAL B 34 -19.45 -56.74 -45.77
C VAL B 34 -20.13 -57.66 -46.78
N ASP B 35 -20.72 -57.06 -47.81
CA ASP B 35 -21.42 -57.84 -48.82
C ASP B 35 -20.43 -58.62 -49.67
N GLU B 36 -20.91 -59.71 -50.27
CA GLU B 36 -20.16 -60.30 -51.36
C GLU B 36 -20.29 -59.40 -52.59
N GLN B 37 -19.43 -59.67 -53.58
CA GLN B 37 -18.95 -58.72 -54.60
C GLN B 37 -18.17 -57.57 -53.98
N ASN B 38 -17.39 -57.85 -52.94
CA ASN B 38 -16.40 -56.93 -52.41
C ASN B 38 -15.03 -57.56 -52.64
N GLN B 39 -14.24 -56.96 -53.53
CA GLN B 39 -13.00 -57.56 -53.99
C GLN B 39 -11.83 -57.33 -53.04
N TYR B 40 -12.00 -56.55 -51.98
CA TYR B 40 -10.86 -56.17 -51.16
C TYR B 40 -10.63 -57.10 -49.98
N ILE B 41 -11.67 -57.63 -49.37
CA ILE B 41 -11.52 -58.55 -48.24
C ILE B 41 -11.88 -59.96 -48.71
N SER B 42 -11.26 -60.94 -48.09
CA SER B 42 -11.48 -62.34 -48.42
C SER B 42 -12.48 -62.96 -47.47
N GLU B 43 -13.00 -64.12 -47.86
CA GLU B 43 -13.85 -64.89 -46.96
C GLU B 43 -13.04 -65.44 -45.80
N ASP B 44 -13.74 -65.66 -44.69
CA ASP B 44 -13.30 -66.50 -43.56
C ASP B 44 -12.06 -65.96 -42.86
N ASN B 45 -11.79 -64.66 -42.92
CA ASN B 45 -10.87 -64.05 -41.99
C ASN B 45 -11.29 -62.62 -41.73
N ALA B 46 -11.17 -62.21 -40.46
CA ALA B 46 -11.44 -60.85 -40.05
C ALA B 46 -10.20 -60.00 -40.27
N ILE B 47 -10.39 -58.81 -40.83
CA ILE B 47 -9.30 -57.88 -41.08
C ILE B 47 -9.44 -56.76 -40.06
N ARG B 48 -8.53 -56.72 -39.09
CA ARG B 48 -8.58 -55.66 -38.09
C ARG B 48 -8.12 -54.35 -38.69
N ILE B 49 -8.96 -53.34 -38.59
CA ILE B 49 -8.69 -52.01 -39.12
C ILE B 49 -8.48 -51.09 -37.93
N ASN B 50 -7.23 -50.71 -37.68
CA ASN B 50 -6.92 -49.95 -36.46
C ASN B 50 -7.34 -48.50 -36.57
N SER B 51 -7.37 -47.94 -37.78
CA SER B 51 -7.62 -46.53 -37.96
C SER B 51 -8.16 -46.29 -39.37
N TRP B 52 -8.56 -45.05 -39.63
CA TRP B 52 -9.04 -44.69 -40.96
C TRP B 52 -7.90 -44.72 -41.97
N MET B 53 -6.68 -44.39 -41.53
CA MET B 53 -5.52 -44.50 -42.39
C MET B 53 -5.20 -45.96 -42.70
N ASP B 54 -5.42 -46.85 -41.73
CA ASP B 54 -5.26 -48.28 -41.95
C ASP B 54 -6.26 -48.78 -42.99
N TYR B 55 -7.50 -48.29 -42.94
CA TYR B 55 -8.48 -48.66 -43.96
C TYR B 55 -8.14 -48.06 -45.31
N LEU B 56 -7.57 -46.86 -45.32
CA LEU B 56 -7.24 -46.18 -46.56
C LEU B 56 -5.98 -46.72 -47.21
N ASN B 57 -5.26 -47.63 -46.55
CA ASN B 57 -4.18 -48.37 -47.19
C ASN B 57 -4.69 -49.64 -47.86
N LEU B 58 -5.76 -50.22 -47.31
CA LEU B 58 -6.31 -51.46 -47.85
C LEU B 58 -6.99 -51.23 -49.19
N ILE B 59 -7.79 -50.18 -49.29
CA ILE B 59 -8.40 -49.76 -50.54
C ILE B 59 -7.60 -48.57 -51.08
N GLY B 60 -7.51 -48.47 -52.40
CA GLY B 60 -6.69 -47.41 -52.97
C GLY B 60 -7.31 -46.04 -52.85
N ASN B 61 -8.52 -45.89 -53.37
CA ASN B 61 -9.24 -44.63 -53.35
C ASN B 61 -10.46 -44.73 -52.46
N PHE B 62 -10.83 -43.60 -51.86
CA PHE B 62 -12.15 -43.49 -51.26
C PHE B 62 -13.19 -43.46 -52.36
N ASN B 63 -14.17 -44.34 -52.26
CA ASN B 63 -15.21 -44.47 -53.28
C ASN B 63 -16.53 -43.97 -52.73
N ASN B 64 -17.15 -43.02 -53.44
CA ASN B 64 -18.44 -42.50 -53.01
C ASN B 64 -19.56 -43.52 -53.21
N GLU B 65 -19.41 -44.43 -54.17
CA GLU B 65 -20.49 -45.35 -54.52
C GLU B 65 -20.56 -46.56 -53.60
N ASP B 66 -19.47 -46.87 -52.90
CA ASP B 66 -19.45 -48.06 -52.05
C ASP B 66 -20.27 -47.84 -50.79
N LYS B 67 -21.08 -48.84 -50.45
CA LYS B 67 -21.79 -48.80 -49.17
C LYS B 67 -20.84 -49.01 -48.01
N LEU B 68 -19.77 -49.77 -48.22
CA LEU B 68 -18.82 -50.03 -47.13
C LEU B 68 -17.94 -48.81 -46.87
N ASP B 69 -17.55 -48.09 -47.92
CA ASP B 69 -16.64 -46.96 -47.79
C ASP B 69 -17.25 -45.81 -46.99
N VAL B 70 -18.47 -45.42 -47.37
CA VAL B 70 -19.11 -44.29 -46.70
C VAL B 70 -19.57 -44.64 -45.30
N SER B 71 -19.72 -45.94 -45.01
CA SER B 71 -20.11 -46.36 -43.67
C SER B 71 -18.91 -46.40 -42.73
N VAL B 72 -17.73 -46.71 -43.24
CA VAL B 72 -16.52 -46.77 -42.41
C VAL B 72 -16.01 -45.36 -42.12
N ARG B 73 -16.11 -44.45 -43.10
CA ARG B 73 -15.68 -43.07 -42.88
C ARG B 73 -16.59 -42.35 -41.89
N ALA B 74 -17.89 -42.63 -41.95
CA ALA B 74 -18.82 -42.07 -40.96
C ALA B 74 -18.61 -42.68 -39.59
N TYR B 75 -18.07 -43.90 -39.53
CA TYR B 75 -17.79 -44.53 -38.25
C TYR B 75 -16.58 -43.91 -37.58
N PHE B 76 -15.52 -43.64 -38.33
CA PHE B 76 -14.31 -43.06 -37.74
C PHE B 76 -14.43 -41.57 -37.50
N ALA B 77 -15.33 -40.88 -38.21
CA ALA B 77 -15.52 -39.45 -37.96
C ALA B 77 -16.25 -39.21 -36.66
N ASN B 78 -17.08 -40.16 -36.22
CA ASN B 78 -17.81 -40.00 -34.98
C ASN B 78 -17.02 -40.43 -33.76
N GLY B 79 -15.90 -41.12 -33.95
CA GLY B 79 -15.05 -41.44 -32.82
C GLY B 79 -14.91 -42.91 -32.54
N GLY B 80 -14.98 -43.74 -33.57
CA GLY B 80 -14.86 -45.16 -33.37
C GLY B 80 -13.41 -45.61 -33.29
N GLY B 81 -13.20 -46.67 -32.51
CA GLY B 81 -11.89 -47.28 -32.39
C GLY B 81 -11.63 -48.28 -33.48
N TYR B 82 -10.82 -49.28 -33.16
CA TYR B 82 -10.50 -50.29 -34.15
C TYR B 82 -11.66 -51.26 -34.34
N CYS B 83 -11.85 -51.72 -35.56
CA CYS B 83 -12.96 -52.58 -35.90
C CYS B 83 -12.48 -53.71 -36.79
N TYR B 84 -13.34 -54.71 -36.96
CA TYR B 84 -13.06 -55.85 -37.83
C TYR B 84 -13.97 -55.80 -39.05
N LEU B 85 -13.51 -56.39 -40.14
CA LEU B 85 -14.25 -56.46 -41.39
C LEU B 85 -14.43 -57.93 -41.76
N VAL B 86 -15.62 -58.47 -41.55
CA VAL B 86 -15.92 -59.86 -41.85
C VAL B 86 -16.97 -59.89 -42.94
N LYS B 87 -16.76 -60.74 -43.95
CA LYS B 87 -17.76 -60.91 -45.00
C LYS B 87 -18.99 -61.61 -44.45
N THR B 88 -20.14 -61.32 -45.06
CA THR B 88 -21.42 -61.62 -44.43
C THR B 88 -21.81 -63.09 -44.52
N THR B 89 -21.26 -63.85 -45.46
CA THR B 89 -21.63 -65.26 -45.56
C THR B 89 -20.78 -66.15 -44.68
N SER B 90 -19.53 -65.77 -44.43
CA SER B 90 -18.69 -66.42 -43.45
C SER B 90 -18.72 -65.71 -42.10
N LEU B 91 -19.77 -64.93 -41.85
CA LEU B 91 -19.81 -64.09 -40.67
C LEU B 91 -20.08 -64.89 -39.40
N GLU B 92 -20.79 -66.01 -39.51
CA GLU B 92 -21.14 -66.80 -38.35
C GLU B 92 -20.01 -67.69 -37.86
N LYS B 93 -18.88 -67.73 -38.57
CA LYS B 93 -17.74 -68.53 -38.17
C LYS B 93 -16.63 -67.72 -37.49
N ILE B 94 -16.54 -66.42 -37.79
CA ILE B 94 -15.39 -65.63 -37.36
C ILE B 94 -15.67 -64.89 -36.06
N ILE B 95 -16.92 -64.44 -35.87
CA ILE B 95 -17.29 -63.76 -34.62
C ILE B 95 -17.12 -64.63 -33.38
N PRO B 96 -17.42 -65.95 -33.39
CA PRO B 96 -17.00 -66.75 -32.23
C PRO B 96 -15.49 -66.89 -32.04
N THR B 97 -14.67 -66.75 -33.10
CA THR B 97 -13.23 -66.83 -32.93
C THR B 97 -12.68 -65.60 -32.22
N LEU B 98 -13.13 -64.41 -32.62
CA LEU B 98 -12.63 -63.16 -32.07
C LEU B 98 -13.19 -62.96 -30.67
N ASP B 99 -12.31 -62.73 -29.71
CA ASP B 99 -12.72 -62.68 -28.31
C ASP B 99 -13.41 -61.37 -27.96
N ASP B 100 -12.75 -60.23 -28.22
CA ASP B 100 -13.19 -58.98 -27.62
C ASP B 100 -14.24 -58.23 -28.45
N VAL B 101 -14.87 -58.90 -29.42
CA VAL B 101 -15.91 -58.27 -30.21
C VAL B 101 -17.16 -58.09 -29.38
N THR B 102 -17.68 -56.86 -29.31
CA THR B 102 -18.90 -56.56 -28.60
C THR B 102 -20.06 -56.18 -29.51
N LEU B 103 -19.85 -55.27 -30.44
CA LEU B 103 -20.91 -54.85 -31.36
C LEU B 103 -20.91 -55.71 -32.61
N LEU B 104 -22.09 -55.83 -33.22
CA LEU B 104 -22.26 -56.43 -34.54
C LEU B 104 -23.05 -55.46 -35.38
N VAL B 105 -22.40 -54.89 -36.40
CA VAL B 105 -22.95 -53.79 -37.16
C VAL B 105 -23.22 -54.25 -38.58
N ALA B 106 -24.47 -54.12 -39.02
CA ALA B 106 -24.82 -54.32 -40.42
C ALA B 106 -24.72 -52.98 -41.13
N ALA B 107 -23.75 -52.86 -42.03
CA ALA B 107 -23.62 -51.66 -42.85
C ALA B 107 -24.43 -51.88 -44.12
N GLY B 108 -25.75 -51.83 -43.98
CA GLY B 108 -26.65 -52.07 -45.09
C GLY B 108 -26.66 -53.50 -45.56
N GLU B 109 -26.73 -54.45 -44.63
CA GLU B 109 -26.65 -55.87 -44.96
C GLU B 109 -27.74 -56.62 -44.21
N ASP B 110 -28.13 -57.76 -44.76
CA ASP B 110 -29.14 -58.62 -44.16
C ASP B 110 -28.42 -59.59 -43.21
N ILE B 111 -28.36 -59.22 -41.93
CA ILE B 111 -27.75 -60.10 -40.93
C ILE B 111 -28.82 -60.73 -40.04
N LYS B 112 -30.09 -60.66 -40.44
CA LYS B 112 -31.17 -61.20 -39.62
C LYS B 112 -31.11 -62.71 -39.46
N THR B 113 -30.46 -63.41 -40.39
CA THR B 113 -30.26 -64.84 -40.22
C THR B 113 -29.18 -65.12 -39.18
N THR B 114 -28.07 -64.39 -39.24
CA THR B 114 -26.96 -64.65 -38.33
C THR B 114 -27.21 -64.11 -36.93
N VAL B 115 -28.03 -63.06 -36.78
CA VAL B 115 -28.28 -62.51 -35.45
C VAL B 115 -29.12 -63.46 -34.59
N ASP B 116 -30.02 -64.21 -35.21
CA ASP B 116 -30.83 -65.16 -34.45
C ASP B 116 -29.99 -66.33 -33.93
N VAL B 117 -28.93 -66.71 -34.64
CA VAL B 117 -28.17 -67.89 -34.26
C VAL B 117 -26.96 -67.59 -33.39
N LEU B 118 -26.50 -66.34 -33.33
CA LEU B 118 -25.36 -66.03 -32.48
C LEU B 118 -25.65 -65.11 -31.31
N CYS B 119 -26.74 -64.35 -31.35
CA CYS B 119 -27.09 -63.51 -30.19
C CYS B 119 -27.89 -64.36 -29.21
N GLN B 120 -27.23 -64.81 -28.16
CA GLN B 120 -27.77 -65.65 -27.11
C GLN B 120 -27.66 -64.90 -25.78
N PRO B 121 -28.39 -65.32 -24.74
CA PRO B 121 -28.24 -64.67 -23.43
C PRO B 121 -26.86 -64.81 -22.82
N GLY B 122 -26.11 -65.86 -23.16
CA GLY B 122 -24.79 -66.04 -22.61
C GLY B 122 -23.72 -65.18 -23.27
N LYS B 123 -23.75 -65.11 -24.60
CA LYS B 123 -22.73 -64.40 -25.36
C LYS B 123 -22.95 -62.90 -25.26
N GLY B 124 -21.84 -62.16 -25.30
CA GLY B 124 -21.86 -60.73 -25.06
C GLY B 124 -22.10 -59.86 -26.27
N LEU B 125 -22.71 -60.38 -27.33
CA LEU B 125 -22.85 -59.65 -28.57
C LEU B 125 -24.12 -58.80 -28.56
N PHE B 126 -23.95 -57.51 -28.84
CA PHE B 126 -25.06 -56.60 -29.12
C PHE B 126 -25.03 -56.27 -30.60
N ALA B 127 -26.21 -56.14 -31.21
CA ALA B 127 -26.30 -56.07 -32.67
C ALA B 127 -27.17 -54.90 -33.10
N VAL B 128 -26.55 -53.78 -33.46
CA VAL B 128 -27.27 -52.64 -33.98
C VAL B 128 -27.32 -52.77 -35.50
N PHE B 129 -28.52 -52.68 -36.08
CA PHE B 129 -28.64 -52.63 -37.53
C PHE B 129 -29.68 -51.57 -37.91
N ASP B 130 -29.97 -51.52 -39.21
CA ASP B 130 -30.61 -50.38 -39.84
C ASP B 130 -32.13 -50.47 -39.77
N GLY B 131 -32.78 -49.34 -40.00
CA GLY B 131 -34.19 -49.31 -40.30
C GLY B 131 -34.38 -49.53 -41.78
N PRO B 132 -35.64 -49.56 -42.24
CA PRO B 132 -35.88 -49.71 -43.67
C PRO B 132 -35.50 -48.45 -44.43
N GLU B 133 -34.93 -48.65 -45.62
CA GLU B 133 -34.46 -47.53 -46.43
C GLU B 133 -35.60 -46.68 -46.98
N THR B 134 -36.78 -47.26 -47.14
CA THR B 134 -37.91 -46.51 -47.68
C THR B 134 -38.47 -45.58 -46.62
N GLU B 135 -39.05 -44.47 -47.08
CA GLU B 135 -39.75 -43.54 -46.21
C GLU B 135 -41.05 -44.19 -45.76
N LEU B 136 -41.17 -44.51 -44.48
CA LEU B 136 -42.31 -45.26 -43.98
C LEU B 136 -43.43 -44.33 -43.53
N THR B 137 -44.45 -44.92 -42.91
CA THR B 137 -45.68 -44.21 -42.58
C THR B 137 -46.03 -44.40 -41.11
N ILE B 138 -46.89 -43.51 -40.62
CA ILE B 138 -47.61 -43.72 -39.38
C ILE B 138 -48.77 -44.67 -39.59
N ASN B 139 -49.14 -44.90 -40.86
CA ASN B 139 -50.32 -45.64 -41.26
C ASN B 139 -50.05 -47.15 -41.33
N GLY B 140 -49.02 -47.55 -42.08
CA GLY B 140 -48.65 -48.94 -42.16
C GLY B 140 -47.53 -49.29 -41.20
N ALA B 141 -47.60 -48.75 -39.98
CA ALA B 141 -46.45 -48.73 -39.09
C ALA B 141 -46.22 -50.04 -38.37
N GLU B 142 -47.26 -50.79 -38.02
CA GLU B 142 -47.05 -52.03 -37.29
C GLU B 142 -46.61 -53.17 -38.19
N GLU B 143 -46.61 -52.99 -39.51
CA GLU B 143 -46.05 -53.98 -40.42
C GLU B 143 -44.53 -53.84 -40.55
N ALA B 144 -44.01 -52.62 -40.37
CA ALA B 144 -42.57 -52.42 -40.42
C ALA B 144 -41.87 -52.96 -39.19
N LYS B 145 -42.54 -52.92 -38.04
CA LYS B 145 -41.98 -53.55 -36.84
C LYS B 145 -42.06 -55.07 -36.91
N GLN B 146 -42.90 -55.61 -37.79
CA GLN B 146 -43.02 -57.05 -37.94
C GLN B 146 -41.81 -57.65 -38.66
N ALA B 147 -41.08 -56.84 -39.43
CA ALA B 147 -39.95 -57.37 -40.18
C ALA B 147 -38.77 -57.70 -39.28
N TYR B 148 -38.69 -57.09 -38.11
CA TYR B 148 -37.55 -57.27 -37.23
C TYR B 148 -37.89 -58.24 -36.10
N THR B 149 -36.87 -58.97 -35.64
CA THR B 149 -37.00 -59.93 -34.57
C THR B 149 -37.18 -59.20 -33.23
N ALA B 150 -37.71 -59.92 -32.25
CA ALA B 150 -37.97 -59.36 -30.92
C ALA B 150 -36.87 -59.69 -29.92
N THR B 151 -35.62 -59.72 -30.35
CA THR B 151 -34.53 -60.04 -29.46
C THR B 151 -34.13 -58.80 -28.64
N PRO B 152 -33.73 -58.98 -27.38
CA PRO B 152 -33.34 -57.83 -26.55
C PRO B 152 -31.97 -57.27 -26.87
N PHE B 153 -31.18 -57.95 -27.69
CA PHE B 153 -29.81 -57.55 -27.97
C PHE B 153 -29.69 -56.65 -29.17
N ALA B 154 -30.81 -56.24 -29.76
CA ALA B 154 -30.77 -55.50 -31.00
C ALA B 154 -31.47 -54.15 -30.87
N ALA B 155 -30.93 -53.16 -31.56
CA ALA B 155 -31.53 -51.85 -31.65
C ALA B 155 -31.59 -51.45 -33.11
N VAL B 156 -32.67 -50.79 -33.50
CA VAL B 156 -32.90 -50.39 -34.88
C VAL B 156 -33.00 -48.88 -34.94
N TYR B 157 -32.16 -48.26 -35.76
CA TYR B 157 -32.14 -46.82 -35.95
C TYR B 157 -32.65 -46.54 -37.35
N TYR B 158 -33.72 -45.73 -37.47
CA TYR B 158 -34.46 -45.73 -38.72
C TYR B 158 -33.77 -44.98 -39.87
N PRO B 159 -33.56 -43.66 -39.85
CA PRO B 159 -33.33 -42.96 -41.12
C PRO B 159 -31.90 -43.14 -41.62
N TRP B 160 -31.78 -43.59 -42.86
CA TRP B 160 -30.46 -43.70 -43.49
C TRP B 160 -29.89 -42.31 -43.70
N LEU B 161 -28.78 -42.03 -43.05
CA LEU B 161 -28.22 -40.69 -43.09
C LEU B 161 -27.60 -40.38 -44.45
N LYS B 162 -27.55 -39.10 -44.78
CA LYS B 162 -26.94 -38.65 -46.01
C LYS B 162 -25.89 -37.60 -45.70
N ALA B 163 -24.91 -37.47 -46.59
CA ALA B 163 -23.79 -36.56 -46.41
C ALA B 163 -23.44 -35.93 -47.75
N ASP B 164 -22.73 -34.81 -47.68
CA ASP B 164 -22.33 -34.13 -48.92
C ASP B 164 -21.17 -34.83 -49.60
N TRP B 165 -20.31 -35.50 -48.83
CA TRP B 165 -19.20 -36.24 -49.43
C TRP B 165 -19.66 -37.58 -50.00
N ALA B 166 -20.63 -38.21 -49.35
CA ALA B 166 -21.14 -39.50 -49.81
C ALA B 166 -22.17 -39.31 -50.91
N ASN B 167 -22.02 -40.05 -52.00
CA ASN B 167 -22.99 -39.99 -53.08
C ASN B 167 -24.27 -40.72 -52.71
N ILE B 168 -24.13 -41.94 -52.20
CA ILE B 168 -25.26 -42.75 -51.73
C ILE B 168 -25.58 -42.42 -50.28
N ASP B 169 -26.71 -42.91 -49.80
CA ASP B 169 -27.10 -42.72 -48.41
C ASP B 169 -26.36 -43.71 -47.51
N ILE B 170 -25.98 -43.22 -46.34
CA ILE B 170 -25.18 -43.98 -45.38
C ILE B 170 -26.11 -44.80 -44.50
N PRO B 171 -25.82 -46.08 -44.25
CA PRO B 171 -26.59 -46.84 -43.28
C PRO B 171 -26.40 -46.29 -41.87
N PRO B 172 -27.49 -46.13 -41.12
CA PRO B 172 -27.39 -45.43 -39.83
C PRO B 172 -26.75 -46.25 -38.72
N SER B 173 -26.61 -47.57 -38.89
CA SER B 173 -25.98 -48.38 -37.86
C SER B 173 -24.47 -48.18 -37.81
N ALA B 174 -23.86 -47.76 -38.90
CA ALA B 174 -22.41 -47.59 -38.91
C ALA B 174 -22.01 -46.31 -38.19
N VAL B 175 -22.86 -45.29 -38.20
CA VAL B 175 -22.57 -44.11 -37.40
C VAL B 175 -22.89 -44.33 -35.94
N MET B 176 -23.71 -45.33 -35.61
CA MET B 176 -24.08 -45.59 -34.23
C MET B 176 -23.11 -46.50 -33.51
N ALA B 177 -22.26 -47.21 -34.24
CA ALA B 177 -21.15 -47.90 -33.62
C ALA B 177 -20.13 -46.90 -33.09
N GLY B 178 -19.97 -45.77 -33.79
CA GLY B 178 -19.10 -44.73 -33.31
C GLY B 178 -19.71 -43.89 -32.21
N VAL B 179 -21.03 -43.71 -32.23
CA VAL B 179 -21.72 -42.99 -31.18
C VAL B 179 -21.71 -43.79 -29.88
N TYR B 180 -21.81 -45.12 -29.99
CA TYR B 180 -21.68 -45.99 -28.83
C TYR B 180 -20.29 -45.88 -28.21
N ALA B 181 -19.25 -45.81 -29.04
CA ALA B 181 -17.90 -45.68 -28.51
C ALA B 181 -17.64 -44.28 -27.97
N SER B 182 -18.31 -43.27 -28.53
CA SER B 182 -18.08 -41.90 -28.08
C SER B 182 -18.82 -41.60 -26.79
N VAL B 183 -19.98 -42.22 -26.58
CA VAL B 183 -20.75 -42.03 -25.36
C VAL B 183 -20.05 -42.69 -24.19
N ASP B 184 -19.62 -43.93 -24.37
CA ASP B 184 -19.04 -44.71 -23.28
C ASP B 184 -17.68 -44.20 -22.85
N LEU B 185 -16.96 -43.52 -23.73
CA LEU B 185 -15.69 -42.93 -23.35
C LEU B 185 -15.88 -41.64 -22.58
N SER B 186 -16.85 -40.81 -22.96
CA SER B 186 -17.03 -39.53 -22.31
C SER B 186 -17.87 -39.62 -21.03
N ARG B 187 -18.87 -40.51 -21.00
CA ARG B 187 -19.75 -40.55 -19.85
C ARG B 187 -19.99 -41.95 -19.28
N GLY B 188 -19.70 -43.02 -20.02
CA GLY B 188 -19.86 -44.36 -19.48
C GLY B 188 -20.84 -45.22 -20.25
N VAL B 189 -20.75 -46.54 -20.06
CA VAL B 189 -21.64 -47.47 -20.75
C VAL B 189 -23.06 -47.36 -20.22
N TRP B 190 -23.20 -46.98 -18.94
CA TRP B 190 -24.51 -46.88 -18.31
C TRP B 190 -25.31 -45.69 -18.82
N LYS B 191 -24.67 -44.69 -19.41
CA LYS B 191 -25.36 -43.57 -20.04
C LYS B 191 -25.91 -44.01 -21.39
N ALA B 192 -27.16 -43.64 -21.65
CA ALA B 192 -27.79 -43.94 -22.93
C ALA B 192 -27.11 -43.15 -24.06
N PRO B 193 -27.05 -43.72 -25.26
CA PRO B 193 -26.44 -43.01 -26.40
C PRO B 193 -27.32 -41.97 -27.06
N ALA B 194 -28.47 -41.63 -26.49
CA ALA B 194 -29.34 -40.68 -27.13
C ALA B 194 -28.95 -39.25 -26.76
N ASN B 195 -29.64 -38.30 -27.40
CA ASN B 195 -29.33 -36.86 -27.53
C ASN B 195 -27.83 -36.54 -27.58
N VAL B 196 -27.15 -37.25 -28.49
CA VAL B 196 -25.75 -37.00 -28.82
C VAL B 196 -25.69 -36.59 -30.28
N ALA B 197 -25.02 -35.47 -30.55
CA ALA B 197 -24.91 -34.97 -31.92
C ALA B 197 -23.89 -35.79 -32.70
N LEU B 198 -24.11 -35.88 -34.00
CA LEU B 198 -23.24 -36.64 -34.89
C LEU B 198 -22.13 -35.73 -35.39
N LYS B 199 -20.87 -36.14 -35.17
CA LYS B 199 -19.75 -35.25 -35.43
C LYS B 199 -19.47 -35.11 -36.92
N GLY B 200 -19.73 -36.15 -37.70
CA GLY B 200 -19.56 -36.06 -39.13
C GLY B 200 -20.62 -35.18 -39.78
N GLY B 201 -20.40 -34.85 -41.05
CA GLY B 201 -21.35 -34.03 -41.77
C GLY B 201 -22.59 -34.78 -42.18
N LEU B 202 -23.41 -35.17 -41.21
CA LEU B 202 -24.57 -36.02 -41.42
C LEU B 202 -25.86 -35.23 -41.19
N GLU B 203 -26.92 -35.68 -41.84
CA GLU B 203 -28.28 -35.20 -41.60
C GLU B 203 -29.23 -36.26 -42.14
N PRO B 204 -30.40 -36.43 -41.53
CA PRO B 204 -31.29 -37.54 -41.94
C PRO B 204 -31.87 -37.32 -43.33
N LYS B 205 -32.11 -38.44 -44.02
CA LYS B 205 -32.71 -38.38 -45.35
C LYS B 205 -34.17 -37.97 -45.26
N PHE B 206 -34.88 -38.44 -44.23
CA PHE B 206 -36.29 -38.16 -44.05
C PHE B 206 -36.50 -37.50 -42.71
N LEU B 207 -37.08 -36.30 -42.73
CA LEU B 207 -37.47 -35.64 -41.49
C LEU B 207 -38.66 -36.37 -40.88
N VAL B 208 -38.60 -36.61 -39.57
CA VAL B 208 -39.54 -37.49 -38.90
C VAL B 208 -40.39 -36.66 -37.95
N THR B 209 -41.71 -36.73 -38.13
CA THR B 209 -42.64 -36.07 -37.23
C THR B 209 -42.66 -36.76 -35.87
N ASP B 210 -43.07 -36.01 -34.85
CA ASP B 210 -43.15 -36.57 -33.50
C ASP B 210 -44.28 -37.59 -33.39
N GLU B 211 -45.34 -37.43 -34.17
CA GLU B 211 -46.45 -38.38 -34.10
C GLU B 211 -46.09 -39.70 -34.74
N LEU B 212 -45.18 -39.71 -35.72
CA LEU B 212 -44.73 -40.95 -36.32
C LEU B 212 -43.83 -41.72 -35.37
N GLN B 213 -42.97 -41.01 -34.63
CA GLN B 213 -42.08 -41.66 -33.68
C GLN B 213 -42.82 -42.28 -32.51
N GLY B 214 -44.03 -41.79 -32.20
CA GLY B 214 -44.82 -42.41 -31.16
C GLY B 214 -45.35 -43.77 -31.53
N GLU B 215 -45.57 -44.01 -32.83
CA GLU B 215 -45.99 -45.33 -33.28
C GLU B 215 -44.89 -46.36 -33.10
N TYR B 216 -43.68 -46.03 -33.50
CA TYR B 216 -42.62 -47.01 -33.60
C TYR B 216 -41.90 -47.24 -32.29
N ASN B 217 -42.05 -46.34 -31.31
CA ASN B 217 -41.31 -46.45 -30.07
C ASN B 217 -41.88 -47.51 -29.13
N THR B 218 -43.11 -47.97 -29.37
CA THR B 218 -43.80 -48.75 -28.34
C THR B 218 -43.42 -50.23 -28.35
N GLY B 219 -43.75 -50.95 -29.43
CA GLY B 219 -43.70 -52.40 -29.35
C GLY B 219 -42.40 -53.09 -29.67
N ARG B 220 -41.91 -52.95 -30.89
CA ARG B 220 -40.60 -53.45 -31.30
C ARG B 220 -39.85 -52.21 -31.73
N ALA B 221 -39.20 -51.56 -30.77
CA ALA B 221 -38.92 -50.14 -30.87
C ALA B 221 -37.83 -49.84 -31.87
N ILE B 222 -38.11 -48.85 -32.72
CA ILE B 222 -37.17 -48.35 -33.69
C ILE B 222 -36.76 -46.96 -33.24
N ASN B 223 -35.52 -46.84 -32.78
CA ASN B 223 -34.98 -45.55 -32.41
C ASN B 223 -34.80 -44.70 -33.66
N MET B 224 -34.81 -43.38 -33.49
CA MET B 224 -34.85 -42.51 -34.66
C MET B 224 -33.86 -41.37 -34.51
N ILE B 225 -33.23 -41.01 -35.62
CA ILE B 225 -32.25 -39.93 -35.68
C ILE B 225 -32.93 -38.75 -36.36
N ARG B 226 -33.21 -37.69 -35.62
CA ARG B 226 -33.93 -36.58 -36.22
C ARG B 226 -33.29 -35.25 -35.86
N ASN B 227 -33.55 -34.26 -36.69
CA ASN B 227 -32.85 -32.98 -36.65
C ASN B 227 -33.55 -32.00 -35.72
N PHE B 228 -32.76 -31.36 -34.87
CA PHE B 228 -33.23 -30.29 -34.00
C PHE B 228 -32.47 -29.03 -34.40
N SER B 229 -33.15 -27.87 -34.34
CA SER B 229 -32.54 -26.66 -34.89
C SER B 229 -31.43 -26.13 -34.00
N ASN B 230 -31.48 -26.42 -32.69
CA ASN B 230 -30.41 -25.98 -31.80
C ASN B 230 -29.31 -27.02 -31.65
N THR B 231 -29.63 -28.30 -31.81
CA THR B 231 -28.67 -29.38 -31.63
C THR B 231 -28.08 -29.88 -32.94
N GLY B 232 -28.69 -29.58 -34.08
CA GLY B 232 -28.31 -30.23 -35.31
C GLY B 232 -29.00 -31.57 -35.43
N THR B 233 -28.33 -32.52 -36.06
CA THR B 233 -28.84 -33.88 -36.08
C THR B 233 -28.41 -34.59 -34.81
N THR B 234 -29.26 -35.48 -34.33
CA THR B 234 -29.04 -36.10 -33.03
C THR B 234 -29.80 -37.42 -32.96
N VAL B 235 -29.33 -38.30 -32.10
CA VAL B 235 -29.98 -39.59 -31.86
C VAL B 235 -31.05 -39.40 -30.80
N TRP B 236 -32.19 -40.06 -30.99
CA TRP B 236 -33.34 -39.78 -30.15
C TRP B 236 -34.03 -41.05 -29.67
N GLY B 237 -33.26 -42.08 -29.37
CA GLY B 237 -33.84 -43.32 -28.86
C GLY B 237 -32.80 -44.15 -28.15
N ALA B 238 -33.26 -44.89 -27.15
CA ALA B 238 -32.39 -45.79 -26.41
C ALA B 238 -33.01 -47.16 -26.22
N ARG B 239 -34.09 -47.47 -26.93
CA ARG B 239 -34.86 -48.67 -26.67
C ARG B 239 -34.41 -49.82 -27.57
N THR B 240 -34.43 -51.04 -27.01
CA THR B 240 -34.11 -52.24 -27.76
C THR B 240 -35.35 -52.73 -28.51
N LEU B 241 -35.26 -53.93 -29.09
CA LEU B 241 -36.41 -54.54 -29.74
C LEU B 241 -37.27 -55.36 -28.77
N GLU B 242 -36.83 -55.52 -27.52
CA GLU B 242 -37.65 -56.19 -26.52
C GLU B 242 -38.52 -55.18 -25.79
N ASP B 243 -39.81 -55.49 -25.70
CA ASP B 243 -40.75 -54.60 -25.03
C ASP B 243 -40.87 -54.88 -23.53
N LYS B 244 -40.29 -55.99 -23.06
CA LYS B 244 -40.38 -56.33 -21.65
C LYS B 244 -39.65 -55.30 -20.80
N ASP B 245 -40.13 -55.12 -19.56
CA ASP B 245 -39.62 -54.06 -18.70
C ASP B 245 -38.23 -54.34 -18.17
N ASN B 246 -37.72 -55.55 -18.33
CA ASN B 246 -36.37 -55.88 -17.88
C ASN B 246 -35.31 -55.31 -18.81
N TRP B 247 -35.45 -55.53 -20.11
CA TRP B 247 -34.43 -55.18 -21.08
C TRP B 247 -34.96 -54.19 -22.09
N ARG B 248 -35.63 -53.14 -21.62
CA ARG B 248 -36.27 -52.20 -22.53
C ARG B 248 -35.26 -51.27 -23.18
N TYR B 249 -34.22 -50.86 -22.45
CA TYR B 249 -33.32 -49.81 -22.89
C TYR B 249 -31.96 -50.38 -23.25
N VAL B 250 -31.33 -49.82 -24.29
CA VAL B 250 -29.96 -50.19 -24.65
C VAL B 250 -28.88 -49.79 -23.63
N PRO B 251 -29.01 -48.78 -22.74
CA PRO B 251 -27.97 -48.67 -21.71
C PRO B 251 -28.01 -49.78 -20.67
N VAL B 252 -29.17 -50.37 -20.41
CA VAL B 252 -29.23 -51.43 -19.42
C VAL B 252 -28.73 -52.75 -20.01
N ARG B 253 -29.04 -53.00 -21.28
CA ARG B 253 -28.58 -54.22 -21.93
C ARG B 253 -27.08 -54.18 -22.20
N ARG B 254 -26.55 -53.01 -22.58
CA ARG B 254 -25.12 -52.89 -22.82
C ARG B 254 -24.31 -52.80 -21.55
N LEU B 255 -24.92 -52.40 -20.43
CA LEU B 255 -24.21 -52.46 -19.15
C LEU B 255 -24.02 -53.90 -18.72
N PHE B 256 -25.08 -54.71 -18.82
CA PHE B 256 -24.99 -56.11 -18.43
C PHE B 256 -24.08 -56.91 -19.36
N ASN B 257 -24.00 -56.53 -20.64
CA ASN B 257 -23.04 -57.16 -21.54
C ASN B 257 -21.62 -56.79 -21.16
N SER B 258 -21.41 -55.56 -20.69
CA SER B 258 -20.05 -55.10 -20.37
C SER B 258 -19.59 -55.63 -19.03
N VAL B 259 -20.49 -55.70 -18.04
CA VAL B 259 -20.14 -56.17 -16.71
C VAL B 259 -19.75 -57.64 -16.75
N GLU B 260 -20.51 -58.44 -17.49
CA GLU B 260 -20.26 -59.87 -17.49
C GLU B 260 -19.03 -60.22 -18.32
N ARG B 261 -18.62 -59.33 -19.22
CA ARG B 261 -17.35 -59.52 -19.91
C ARG B 261 -16.17 -59.20 -18.99
N ASP B 262 -16.31 -58.21 -18.13
CA ASP B 262 -15.24 -57.91 -17.19
C ASP B 262 -15.16 -58.95 -16.09
N ILE B 263 -16.30 -59.54 -15.72
CA ILE B 263 -16.30 -60.62 -14.73
C ILE B 263 -15.75 -61.90 -15.36
N LYS B 264 -15.92 -62.06 -16.68
CA LYS B 264 -15.29 -63.14 -17.43
C LYS B 264 -13.77 -63.11 -17.29
N ARG B 265 -13.18 -61.92 -17.30
CA ARG B 265 -11.72 -61.82 -17.22
C ARG B 265 -11.23 -62.10 -15.81
N ALA B 266 -11.99 -61.72 -14.79
CA ALA B 266 -11.60 -62.04 -13.43
C ALA B 266 -11.81 -63.51 -13.12
N MET B 267 -12.74 -64.17 -13.80
CA MET B 267 -12.85 -65.60 -13.55
C MET B 267 -11.92 -66.40 -14.43
N SER B 268 -11.14 -65.73 -15.28
CA SER B 268 -10.17 -66.43 -16.08
C SER B 268 -9.01 -66.94 -15.23
N PHE B 269 -8.65 -66.22 -14.17
CA PHE B 269 -7.51 -66.68 -13.36
C PHE B 269 -7.92 -67.84 -12.46
N ALA B 270 -9.22 -67.97 -12.17
CA ALA B 270 -9.68 -69.08 -11.33
C ALA B 270 -9.78 -70.37 -12.11
N MET B 271 -9.60 -70.33 -13.43
CA MET B 271 -9.65 -71.53 -14.25
C MET B 271 -8.54 -72.50 -13.87
N PHE B 272 -8.93 -73.76 -13.70
CA PHE B 272 -8.05 -74.90 -13.44
C PHE B 272 -7.27 -74.77 -12.13
N GLU B 273 -7.79 -73.99 -11.21
CA GLU B 273 -7.36 -73.93 -9.83
C GLU B 273 -8.10 -75.00 -9.05
N PRO B 274 -7.62 -75.39 -7.85
CA PRO B 274 -8.35 -76.38 -7.05
C PRO B 274 -9.72 -75.88 -6.62
N ASN B 275 -10.71 -76.76 -6.73
CA ASN B 275 -12.10 -76.41 -6.45
C ASN B 275 -12.35 -76.65 -4.96
N ASN B 276 -11.98 -75.67 -4.15
CA ASN B 276 -12.21 -75.72 -2.72
C ASN B 276 -12.63 -74.32 -2.26
N GLN B 277 -12.73 -74.15 -0.96
CA GLN B 277 -13.12 -72.86 -0.41
C GLN B 277 -12.10 -71.72 -0.57
N PRO B 278 -10.78 -71.91 -0.45
CA PRO B 278 -9.88 -70.76 -0.70
C PRO B 278 -9.90 -70.21 -2.13
N THR B 279 -10.38 -70.99 -3.09
CA THR B 279 -10.60 -70.42 -4.43
C THR B 279 -11.86 -69.57 -4.47
N TRP B 280 -12.94 -70.06 -3.85
CA TRP B 280 -14.24 -69.39 -3.90
C TRP B 280 -14.23 -68.05 -3.19
N GLU B 281 -13.42 -67.90 -2.14
CA GLU B 281 -13.32 -66.62 -1.48
C GLU B 281 -12.36 -65.68 -2.19
N ARG B 282 -11.65 -66.17 -3.19
CA ARG B 282 -10.87 -65.32 -4.07
C ARG B 282 -11.66 -64.94 -5.32
N VAL B 283 -12.57 -65.81 -5.75
CA VAL B 283 -13.48 -65.50 -6.83
C VAL B 283 -14.48 -64.44 -6.39
N ARG B 284 -14.99 -64.56 -5.18
CA ARG B 284 -15.96 -63.59 -4.67
C ARG B 284 -15.31 -62.24 -4.39
N ALA B 285 -14.08 -62.26 -3.90
CA ALA B 285 -13.38 -61.00 -3.61
C ALA B 285 -13.01 -60.27 -4.88
N ALA B 286 -12.74 -61.00 -5.97
CA ALA B 286 -12.38 -60.35 -7.22
C ALA B 286 -13.58 -59.70 -7.88
N ILE B 287 -14.76 -60.31 -7.74
CA ILE B 287 -15.97 -59.72 -8.30
C ILE B 287 -16.43 -58.55 -7.44
N SER B 288 -16.29 -58.68 -6.12
CA SER B 288 -16.79 -57.65 -5.21
C SER B 288 -15.97 -56.36 -5.31
N ASN B 289 -14.69 -56.47 -5.67
CA ASN B 289 -13.91 -55.27 -5.94
C ASN B 289 -14.39 -54.58 -7.20
N TYR B 290 -14.73 -55.36 -8.22
CA TYR B 290 -15.07 -54.78 -9.51
C TYR B 290 -16.43 -54.10 -9.46
N LEU B 291 -17.40 -54.72 -8.82
CA LEU B 291 -18.74 -54.13 -8.75
C LEU B 291 -18.78 -52.95 -7.80
N TYR B 292 -17.88 -52.91 -6.82
CA TYR B 292 -17.83 -51.75 -5.93
C TYR B 292 -17.28 -50.53 -6.65
N SER B 293 -16.18 -50.70 -7.38
CA SER B 293 -15.60 -49.58 -8.12
C SER B 293 -16.47 -49.15 -9.28
N LEU B 294 -17.32 -50.04 -9.79
CA LEU B 294 -18.31 -49.65 -10.79
C LEU B 294 -19.45 -48.87 -10.14
N TRP B 295 -19.85 -49.27 -8.93
CA TRP B 295 -20.87 -48.52 -8.20
C TRP B 295 -20.37 -47.15 -7.79
N GLN B 296 -19.08 -47.02 -7.49
CA GLN B 296 -18.51 -45.73 -7.13
C GLN B 296 -18.47 -44.78 -8.33
N GLN B 297 -18.40 -45.32 -9.54
CA GLN B 297 -18.48 -44.48 -10.74
C GLN B 297 -19.89 -44.03 -11.04
N GLY B 298 -20.89 -44.53 -10.33
CA GLY B 298 -22.27 -44.22 -10.63
C GLY B 298 -22.91 -45.14 -11.63
N GLY B 299 -22.28 -46.28 -11.92
CA GLY B 299 -22.82 -47.18 -12.93
C GLY B 299 -24.04 -47.93 -12.45
N LEU B 300 -24.05 -48.35 -11.19
CA LEU B 300 -25.16 -49.07 -10.60
C LEU B 300 -25.94 -48.14 -9.68
N ALA B 301 -27.26 -48.26 -9.71
CA ALA B 301 -28.14 -47.35 -9.00
C ALA B 301 -28.44 -47.89 -7.61
N GLY B 302 -27.95 -47.19 -6.59
CA GLY B 302 -28.25 -47.51 -5.21
C GLY B 302 -27.62 -46.52 -4.27
N SER B 303 -28.40 -46.02 -3.31
CA SER B 303 -27.84 -45.09 -2.32
C SER B 303 -26.91 -45.81 -1.36
N LYS B 304 -27.34 -46.97 -0.88
CA LYS B 304 -26.50 -47.85 -0.09
C LYS B 304 -25.77 -48.80 -1.02
N GLU B 305 -24.50 -49.09 -0.69
CA GLU B 305 -23.69 -49.99 -1.50
C GLU B 305 -24.22 -51.42 -1.50
N GLU B 306 -24.87 -51.84 -0.42
CA GLU B 306 -25.46 -53.17 -0.35
C GLU B 306 -26.77 -53.27 -1.13
N ASP B 307 -27.30 -52.15 -1.64
CA ASP B 307 -28.48 -52.18 -2.48
C ASP B 307 -28.17 -52.32 -3.95
N ALA B 308 -26.94 -52.03 -4.37
CA ALA B 308 -26.61 -52.02 -5.78
C ALA B 308 -26.27 -53.40 -6.32
N TYR B 309 -25.68 -54.27 -5.51
CA TYR B 309 -25.21 -55.55 -6.00
C TYR B 309 -25.12 -56.54 -4.85
N PHE B 310 -25.03 -57.82 -5.22
CA PHE B 310 -24.77 -58.89 -4.26
C PHE B 310 -24.08 -60.03 -4.99
N VAL B 311 -23.13 -60.69 -4.32
CA VAL B 311 -22.40 -61.82 -4.85
C VAL B 311 -22.52 -62.97 -3.85
N GLN B 312 -22.80 -64.17 -4.36
CA GLN B 312 -23.02 -65.33 -3.49
C GLN B 312 -22.33 -66.57 -4.05
N ILE B 313 -21.30 -67.04 -3.35
CA ILE B 313 -20.67 -68.33 -3.61
C ILE B 313 -20.74 -69.14 -2.32
N GLY B 314 -20.87 -70.46 -2.46
CA GLY B 314 -20.84 -71.32 -1.30
C GLY B 314 -21.19 -72.77 -1.55
N LYS B 315 -20.80 -73.64 -0.62
CA LYS B 315 -21.13 -75.06 -0.75
C LYS B 315 -22.55 -75.33 -0.29
N GLY B 316 -23.05 -74.57 0.68
CA GLY B 316 -24.46 -74.70 1.02
C GLY B 316 -25.36 -73.88 0.12
N ILE B 317 -24.83 -72.82 -0.49
CA ILE B 317 -25.64 -71.79 -1.10
C ILE B 317 -25.90 -72.09 -2.58
N THR B 318 -24.85 -72.20 -3.38
CA THR B 318 -25.00 -72.21 -4.84
C THR B 318 -24.74 -73.56 -5.48
N MET B 319 -23.73 -74.30 -5.04
CA MET B 319 -23.33 -75.53 -5.70
C MET B 319 -23.48 -76.72 -4.76
N THR B 320 -23.91 -77.85 -5.32
CA THR B 320 -24.03 -79.09 -4.56
C THR B 320 -22.65 -79.73 -4.42
N GLN B 321 -22.52 -80.62 -3.43
CA GLN B 321 -21.36 -81.51 -3.34
C GLN B 321 -21.22 -82.37 -4.59
N GLU B 322 -22.36 -82.72 -5.20
CA GLU B 322 -22.36 -83.41 -6.48
C GLU B 322 -21.78 -82.54 -7.60
N GLN B 323 -22.13 -81.26 -7.61
CA GLN B 323 -21.69 -80.38 -8.69
C GLN B 323 -20.23 -79.99 -8.53
N ILE B 324 -19.72 -79.99 -7.30
CA ILE B 324 -18.31 -79.69 -7.06
C ILE B 324 -17.42 -80.79 -7.61
N ASP B 325 -17.84 -82.05 -7.42
CA ASP B 325 -17.08 -83.18 -7.96
C ASP B 325 -17.15 -83.25 -9.49
N ALA B 326 -18.19 -82.67 -10.10
CA ALA B 326 -18.23 -82.59 -11.55
C ALA B 326 -17.27 -81.54 -12.08
N GLY B 327 -16.88 -80.58 -11.24
CA GLY B 327 -15.97 -79.52 -11.63
C GLY B 327 -16.60 -78.16 -11.77
N GLN B 328 -17.88 -78.01 -11.43
CA GLN B 328 -18.57 -76.75 -11.63
C GLN B 328 -18.37 -75.83 -10.44
N MET B 329 -18.46 -74.53 -10.71
CA MET B 329 -18.39 -73.50 -9.68
C MET B 329 -19.43 -72.45 -10.02
N ILE B 330 -20.40 -72.24 -9.13
CA ILE B 330 -21.57 -71.43 -9.43
C ILE B 330 -21.54 -70.17 -8.57
N VAL B 331 -21.65 -69.02 -9.21
CA VAL B 331 -21.70 -67.71 -8.56
C VAL B 331 -23.00 -67.03 -8.96
N LYS B 332 -23.59 -66.29 -8.04
CA LYS B 332 -24.79 -65.50 -8.32
C LYS B 332 -24.46 -64.03 -8.15
N VAL B 333 -24.69 -63.25 -9.21
CA VAL B 333 -24.43 -61.82 -9.22
C VAL B 333 -25.74 -61.11 -9.55
N GLY B 334 -26.05 -60.06 -8.80
CA GLY B 334 -27.17 -59.20 -9.13
C GLY B 334 -26.71 -57.77 -9.25
N LEU B 335 -27.37 -57.02 -10.13
CA LEU B 335 -27.03 -55.62 -10.38
C LEU B 335 -28.30 -54.79 -10.38
N ALA B 336 -28.14 -53.48 -10.20
CA ALA B 336 -29.26 -52.54 -10.24
C ALA B 336 -28.86 -51.38 -11.13
N ALA B 337 -29.25 -51.44 -12.40
CA ALA B 337 -28.89 -50.41 -13.35
C ALA B 337 -29.78 -49.18 -13.18
N VAL B 338 -29.35 -48.09 -13.80
CA VAL B 338 -30.10 -46.83 -13.78
C VAL B 338 -30.91 -46.74 -15.06
N ARG B 339 -32.14 -46.30 -14.94
CA ARG B 339 -32.93 -46.16 -16.14
C ARG B 339 -32.91 -44.71 -16.61
N PRO B 340 -32.96 -44.45 -17.92
CA PRO B 340 -32.95 -43.07 -18.38
C PRO B 340 -34.34 -42.43 -18.36
N ALA B 341 -34.37 -41.15 -18.04
CA ALA B 341 -35.61 -40.38 -18.12
C ALA B 341 -35.95 -40.12 -19.58
N GLU B 342 -37.08 -40.64 -20.03
CA GLU B 342 -37.41 -40.60 -21.44
C GLU B 342 -38.46 -39.55 -21.79
N PHE B 343 -39.44 -39.33 -20.93
CA PHE B 343 -40.47 -38.33 -21.15
C PHE B 343 -40.38 -37.27 -20.06
N ILE B 344 -40.53 -36.01 -20.45
CA ILE B 344 -40.60 -34.90 -19.51
C ILE B 344 -41.89 -34.15 -19.77
N ILE B 345 -42.74 -34.03 -18.76
CA ILE B 345 -44.06 -33.43 -18.90
C ILE B 345 -44.06 -32.08 -18.19
N LEU B 346 -44.27 -31.02 -18.96
CA LEU B 346 -44.38 -29.66 -18.44
C LEU B 346 -45.83 -29.33 -18.25
N GLN B 347 -46.17 -28.79 -17.08
CA GLN B 347 -47.49 -28.22 -16.85
C GLN B 347 -47.34 -26.72 -16.65
N PHE B 348 -47.96 -25.95 -17.54
CA PHE B 348 -47.89 -24.50 -17.49
C PHE B 348 -49.20 -23.97 -16.94
N THR B 349 -49.12 -23.25 -15.83
CA THR B 349 -50.27 -22.69 -15.15
C THR B 349 -50.31 -21.19 -15.41
N GLN B 350 -51.52 -20.66 -15.63
CA GLN B 350 -51.63 -19.26 -16.00
C GLN B 350 -51.57 -18.35 -14.78
N ASP B 351 -52.02 -18.82 -13.63
CA ASP B 351 -51.94 -18.02 -12.42
C ASP B 351 -50.80 -18.50 -11.53
N VAL B 352 -50.03 -17.54 -11.01
CA VAL B 352 -48.88 -17.82 -10.18
C VAL B 352 -49.33 -17.82 -8.73
N GLU B 353 -49.16 -18.96 -8.06
CA GLU B 353 -49.48 -19.09 -6.66
C GLU B 353 -48.66 -20.17 -6.00
N THR C 2 -54.99 -39.35 -17.80
CA THR C 2 -54.21 -38.20 -17.40
C THR C 2 -53.33 -37.72 -18.56
N THR C 3 -52.19 -38.39 -18.74
CA THR C 3 -51.26 -38.08 -19.80
C THR C 3 -50.73 -39.39 -20.39
N VAL C 4 -50.78 -39.51 -21.71
CA VAL C 4 -50.30 -40.70 -22.40
C VAL C 4 -49.06 -40.30 -23.20
N THR C 5 -48.00 -41.09 -23.05
CA THR C 5 -46.68 -40.75 -23.59
C THR C 5 -46.28 -41.82 -24.60
N SER C 6 -46.24 -41.46 -25.87
CA SER C 6 -45.85 -42.38 -26.93
C SER C 6 -44.44 -42.11 -27.45
N TYR C 7 -44.16 -40.89 -27.90
CA TYR C 7 -42.82 -40.50 -28.29
C TYR C 7 -42.04 -40.05 -27.07
N PRO C 8 -40.67 -40.09 -27.12
CA PRO C 8 -39.89 -39.62 -25.96
C PRO C 8 -40.12 -38.15 -25.61
N GLY C 9 -39.69 -37.23 -26.48
CA GLY C 9 -40.04 -35.82 -26.49
C GLY C 9 -40.07 -35.03 -25.20
N VAL C 10 -40.79 -33.91 -25.21
CA VAL C 10 -41.32 -33.29 -24.00
C VAL C 10 -42.79 -32.99 -24.25
N TYR C 11 -43.51 -32.70 -23.18
CA TYR C 11 -44.96 -32.52 -23.26
C TYR C 11 -45.32 -31.23 -22.54
N ILE C 12 -46.05 -30.36 -23.22
CA ILE C 12 -46.34 -29.02 -22.72
C ILE C 12 -47.85 -28.88 -22.49
N GLU C 13 -48.44 -29.94 -21.94
CA GLU C 13 -49.78 -29.93 -21.36
C GLU C 13 -50.02 -28.70 -20.47
N GLU C 14 -51.20 -28.11 -20.57
CA GLU C 14 -51.57 -26.97 -19.75
C GLU C 14 -52.75 -27.37 -18.86
N LEU C 15 -52.51 -27.44 -17.56
CA LEU C 15 -53.60 -27.71 -16.62
C LEU C 15 -53.32 -27.03 -15.30
N ASN C 16 -54.40 -26.59 -14.64
CA ASN C 16 -54.32 -25.97 -13.32
C ASN C 16 -54.47 -27.05 -12.27
N SER C 17 -53.35 -27.48 -11.70
CA SER C 17 -53.39 -28.33 -10.52
C SER C 17 -52.43 -27.77 -9.49
N LEU C 18 -52.87 -27.78 -8.24
CA LEU C 18 -52.12 -27.19 -7.15
C LEU C 18 -51.22 -28.25 -6.53
N ALA C 19 -49.98 -27.85 -6.24
CA ALA C 19 -49.01 -28.77 -5.66
C ALA C 19 -48.43 -28.14 -4.40
N LEU C 20 -48.38 -28.93 -3.32
CA LEU C 20 -47.89 -28.48 -2.04
C LEU C 20 -46.62 -29.24 -1.69
N SER C 21 -45.66 -28.55 -1.07
CA SER C 21 -44.38 -29.14 -0.73
C SER C 21 -44.54 -30.09 0.46
N VAL C 22 -43.74 -31.14 0.48
CA VAL C 22 -43.85 -32.19 1.49
C VAL C 22 -43.02 -31.84 2.71
N SER C 23 -43.50 -32.28 3.87
CA SER C 23 -42.78 -32.11 5.13
C SER C 23 -42.82 -33.42 5.89
N ASN C 24 -41.75 -33.68 6.63
CA ASN C 24 -41.65 -34.87 7.48
C ASN C 24 -41.70 -34.42 8.94
N SER C 25 -42.69 -34.91 9.67
CA SER C 25 -42.87 -34.54 11.08
C SER C 25 -42.80 -35.82 11.91
N ALA C 26 -41.86 -35.85 12.85
CA ALA C 26 -41.70 -37.04 13.68
C ALA C 26 -42.70 -37.08 14.83
N THR C 27 -43.19 -35.92 15.26
CA THR C 27 -43.92 -35.83 16.52
C THR C 27 -45.42 -35.74 16.37
N ALA C 28 -45.95 -35.37 15.20
CA ALA C 28 -47.37 -35.12 15.03
C ALA C 28 -47.88 -35.89 13.83
N VAL C 29 -48.62 -36.97 14.08
CA VAL C 29 -49.27 -37.75 13.04
C VAL C 29 -50.76 -37.73 13.29
N PRO C 30 -51.53 -36.88 12.62
CA PRO C 30 -52.96 -36.79 12.91
C PRO C 30 -53.76 -37.91 12.28
N VAL C 31 -54.97 -38.09 12.79
CA VAL C 31 -55.96 -38.99 12.23
C VAL C 31 -57.21 -38.17 11.99
N PHE C 32 -57.59 -38.01 10.72
CA PHE C 32 -58.72 -37.18 10.36
C PHE C 32 -59.98 -38.02 10.42
N ALA C 33 -60.91 -37.63 11.28
CA ALA C 33 -62.22 -38.30 11.32
C ALA C 33 -63.00 -37.94 10.07
N VAL C 34 -63.52 -38.96 9.40
CA VAL C 34 -64.24 -38.79 8.14
C VAL C 34 -65.67 -39.23 8.35
N ASP C 35 -66.62 -38.41 7.87
CA ASP C 35 -68.03 -38.73 8.04
C ASP C 35 -68.42 -39.92 7.17
N GLU C 36 -69.49 -40.59 7.57
CA GLU C 36 -70.14 -41.49 6.64
C GLU C 36 -70.90 -40.66 5.61
N GLN C 37 -71.31 -41.34 4.52
CA GLN C 37 -71.57 -40.77 3.18
C GLN C 37 -70.30 -40.18 2.57
N ASN C 38 -69.16 -40.82 2.79
CA ASN C 38 -67.92 -40.54 2.07
C ASN C 38 -67.59 -41.79 1.26
N GLN C 39 -67.68 -41.67 -0.06
CA GLN C 39 -67.57 -42.83 -0.94
C GLN C 39 -66.15 -43.23 -1.24
N TYR C 40 -65.15 -42.47 -0.79
CA TYR C 40 -63.77 -42.74 -1.22
C TYR C 40 -63.01 -43.64 -0.27
N ILE C 41 -63.25 -43.56 1.03
CA ILE C 41 -62.57 -44.43 1.99
C ILE C 41 -63.57 -45.44 2.53
N SER C 42 -63.06 -46.61 2.88
CA SER C 42 -63.88 -47.70 3.40
C SER C 42 -63.86 -47.71 4.91
N GLU C 43 -64.79 -48.44 5.50
CA GLU C 43 -64.78 -48.66 6.93
C GLU C 43 -63.61 -49.55 7.32
N ASP C 44 -63.18 -49.37 8.57
CA ASP C 44 -62.32 -50.32 9.31
C ASP C 44 -60.93 -50.50 8.68
N ASN C 45 -60.44 -49.52 7.93
CA ASN C 45 -59.02 -49.47 7.63
C ASN C 45 -58.57 -48.01 7.50
N ALA C 46 -57.39 -47.73 8.03
CA ALA C 46 -56.79 -46.42 7.90
C ALA C 46 -56.03 -46.33 6.59
N ILE C 47 -56.20 -45.21 5.89
CA ILE C 47 -55.54 -44.97 4.62
C ILE C 47 -54.46 -43.94 4.88
N ARG C 48 -53.20 -44.37 4.84
CA ARG C 48 -52.10 -43.44 5.07
C ARG C 48 -51.92 -42.56 3.84
N ILE C 49 -51.97 -41.25 4.06
CA ILE C 49 -51.83 -40.26 3.01
C ILE C 49 -50.49 -39.57 3.23
N ASN C 50 -49.51 -39.88 2.39
CA ASN C 50 -48.15 -39.39 2.62
C ASN C 50 -48.00 -37.93 2.23
N SER C 51 -48.79 -37.44 1.30
CA SER C 51 -48.62 -36.10 0.78
C SER C 51 -49.94 -35.62 0.18
N TRP C 52 -49.96 -34.35 -0.22
CA TRP C 52 -51.16 -33.81 -0.86
C TRP C 52 -51.36 -34.42 -2.23
N MET C 53 -50.27 -34.75 -2.92
CA MET C 53 -50.37 -35.45 -4.20
C MET C 53 -50.91 -36.87 -4.01
N ASP C 54 -50.54 -37.51 -2.90
CA ASP C 54 -51.08 -38.82 -2.56
C ASP C 54 -52.58 -38.74 -2.32
N TYR C 55 -53.04 -37.68 -1.65
CA TYR C 55 -54.47 -37.50 -1.46
C TYR C 55 -55.18 -37.16 -2.76
N LEU C 56 -54.52 -36.41 -3.64
CA LEU C 56 -55.10 -36.01 -4.90
C LEU C 56 -55.11 -37.13 -5.94
N ASN C 57 -54.50 -38.27 -5.64
CA ASN C 57 -54.68 -39.46 -6.47
C ASN C 57 -55.87 -40.29 -6.01
N LEU C 58 -56.18 -40.24 -4.72
CA LEU C 58 -57.28 -41.03 -4.18
C LEU C 58 -58.63 -40.47 -4.63
N ILE C 59 -58.80 -39.16 -4.57
CA ILE C 59 -59.98 -38.50 -5.11
C ILE C 59 -59.60 -37.89 -6.46
N GLY C 60 -60.57 -37.85 -7.37
CA GLY C 60 -60.26 -37.38 -8.72
C GLY C 60 -60.06 -35.87 -8.77
N ASN C 61 -61.06 -35.13 -8.34
CA ASN C 61 -61.03 -33.66 -8.36
C ASN C 61 -61.00 -33.12 -6.94
N PHE C 62 -60.36 -31.97 -6.78
CA PHE C 62 -60.55 -31.20 -5.57
C PHE C 62 -61.96 -30.63 -5.55
N ASN C 63 -62.68 -30.88 -4.46
CA ASN C 63 -64.07 -30.46 -4.34
C ASN C 63 -64.17 -29.36 -3.31
N ASN C 64 -64.77 -28.23 -3.72
CA ASN C 64 -64.95 -27.12 -2.79
C ASN C 64 -66.01 -27.41 -1.75
N GLU C 65 -66.97 -28.27 -2.06
CA GLU C 65 -68.11 -28.50 -1.17
C GLU C 65 -67.80 -29.50 -0.06
N ASP C 66 -66.77 -30.34 -0.25
CA ASP C 66 -66.47 -31.36 0.75
C ASP C 66 -65.84 -30.74 1.98
N LYS C 67 -66.31 -31.18 3.16
CA LYS C 67 -65.66 -30.78 4.40
C LYS C 67 -64.31 -31.45 4.56
N LEU C 68 -64.15 -32.66 4.02
CA LEU C 68 -62.87 -33.36 4.14
C LEU C 68 -61.82 -32.77 3.21
N ASP C 69 -62.21 -32.35 2.01
CA ASP C 69 -61.27 -31.85 1.01
C ASP C 69 -60.61 -30.55 1.45
N VAL C 70 -61.42 -29.59 1.88
CA VAL C 70 -60.88 -28.28 2.26
C VAL C 70 -60.13 -28.35 3.58
N SER C 71 -60.38 -29.37 4.39
CA SER C 71 -59.66 -29.55 5.64
C SER C 71 -58.31 -30.19 5.43
N VAL C 72 -58.19 -31.07 4.44
CA VAL C 72 -56.91 -31.74 4.16
C VAL C 72 -55.98 -30.79 3.42
N ARG C 73 -56.51 -29.96 2.52
CA ARG C 73 -55.67 -29.00 1.80
C ARG C 73 -55.15 -27.91 2.73
N ALA C 74 -55.97 -27.48 3.69
CA ALA C 74 -55.50 -26.53 4.69
C ALA C 74 -54.50 -27.15 5.64
N TYR C 75 -54.55 -28.48 5.81
CA TYR C 75 -53.60 -29.16 6.66
C TYR C 75 -52.22 -29.24 6.00
N PHE C 76 -52.17 -29.55 4.71
CA PHE C 76 -50.90 -29.68 4.02
C PHE C 76 -50.29 -28.34 3.64
N ALA C 77 -51.11 -27.29 3.53
CA ALA C 77 -50.56 -25.97 3.23
C ALA C 77 -49.85 -25.37 4.43
N ASN C 78 -50.24 -25.76 5.64
CA ASN C 78 -49.60 -25.25 6.84
C ASN C 78 -48.35 -26.02 7.24
N GLY C 79 -48.12 -27.18 6.64
CA GLY C 79 -46.88 -27.90 6.88
C GLY C 79 -47.05 -29.24 7.56
N GLY C 80 -48.17 -29.91 7.31
CA GLY C 80 -48.39 -31.19 7.93
C GLY C 80 -47.71 -32.33 7.19
N GLY C 81 -47.31 -33.34 7.96
CA GLY C 81 -46.71 -34.53 7.40
C GLY C 81 -47.76 -35.52 6.95
N TYR C 82 -47.38 -36.80 7.00
CA TYR C 82 -48.32 -37.84 6.59
C TYR C 82 -49.38 -38.07 7.66
N CYS C 83 -50.59 -38.38 7.22
CA CYS C 83 -51.72 -38.54 8.11
C CYS C 83 -52.53 -39.76 7.70
N TYR C 84 -53.42 -40.18 8.58
CA TYR C 84 -54.32 -41.30 8.33
C TYR C 84 -55.74 -40.79 8.17
N LEU C 85 -56.54 -41.53 7.44
CA LEU C 85 -57.96 -41.21 7.20
C LEU C 85 -58.79 -42.39 7.68
N VAL C 86 -59.43 -42.24 8.84
CA VAL C 86 -60.26 -43.28 9.43
C VAL C 86 -61.69 -42.77 9.47
N LYS C 87 -62.63 -43.61 9.06
CA LYS C 87 -64.04 -43.23 9.15
C LYS C 87 -64.48 -43.20 10.62
N THR C 88 -65.47 -42.36 10.91
CA THR C 88 -65.75 -41.96 12.28
C THR C 88 -66.48 -43.02 13.09
N THR C 89 -67.17 -43.96 12.45
CA THR C 89 -67.90 -44.98 13.21
C THR C 89 -67.03 -46.18 13.54
N SER C 90 -66.06 -46.50 12.68
CA SER C 90 -65.04 -47.48 12.98
C SER C 90 -63.78 -46.86 13.55
N LEU C 91 -63.89 -45.64 14.09
CA LEU C 91 -62.71 -44.90 14.50
C LEU C 91 -62.10 -45.44 15.78
N GLU C 92 -62.91 -46.03 16.66
CA GLU C 92 -62.43 -46.53 17.94
C GLU C 92 -61.72 -47.87 17.83
N LYS C 93 -61.70 -48.49 16.65
CA LYS C 93 -61.03 -49.76 16.45
C LYS C 93 -59.67 -49.64 15.79
N ILE C 94 -59.44 -48.57 15.01
CA ILE C 94 -58.24 -48.48 14.17
C ILE C 94 -57.14 -47.70 14.87
N ILE C 95 -57.51 -46.67 15.64
CA ILE C 95 -56.50 -45.90 16.38
C ILE C 95 -55.71 -46.73 17.38
N PRO C 96 -56.28 -47.71 18.11
CA PRO C 96 -55.40 -48.61 18.87
C PRO C 96 -54.50 -49.50 18.02
N THR C 97 -54.86 -49.79 16.76
CA THR C 97 -53.99 -50.61 15.91
C THR C 97 -52.75 -49.83 15.49
N LEU C 98 -52.94 -48.58 15.06
CA LEU C 98 -51.85 -47.77 14.55
C LEU C 98 -50.96 -47.31 15.71
N ASP C 99 -49.66 -47.56 15.59
CA ASP C 99 -48.77 -47.31 16.71
C ASP C 99 -48.45 -45.82 16.86
N ASP C 100 -47.94 -45.19 15.81
CA ASP C 100 -47.32 -43.89 15.96
C ASP C 100 -48.29 -42.71 15.85
N VAL C 101 -49.59 -42.97 15.96
CA VAL C 101 -50.57 -41.88 15.91
C VAL C 101 -50.52 -41.09 17.21
N THR C 102 -50.35 -39.77 17.09
CA THR C 102 -50.34 -38.88 18.24
C THR C 102 -51.55 -37.96 18.31
N LEU C 103 -51.89 -37.29 17.22
CA LEU C 103 -53.04 -36.39 17.21
C LEU C 103 -54.30 -37.13 16.79
N LEU C 104 -55.43 -36.63 17.26
CA LEU C 104 -56.75 -37.07 16.80
C LEU C 104 -57.53 -35.81 16.43
N VAL C 105 -57.82 -35.67 15.13
CA VAL C 105 -58.36 -34.44 14.59
C VAL C 105 -59.77 -34.70 14.09
N ALA C 106 -60.74 -33.94 14.61
CA ALA C 106 -62.09 -33.94 14.07
C ALA C 106 -62.17 -32.84 13.02
N ALA C 107 -62.34 -33.25 11.76
CA ALA C 107 -62.54 -32.28 10.68
C ALA C 107 -64.04 -32.06 10.54
N GLY C 108 -64.60 -31.33 11.50
CA GLY C 108 -66.03 -31.08 11.52
C GLY C 108 -66.85 -32.31 11.83
N GLU C 109 -66.46 -33.09 12.82
CA GLU C 109 -67.12 -34.33 13.16
C GLU C 109 -67.34 -34.42 14.65
N ASP C 110 -68.34 -35.20 15.04
CA ASP C 110 -68.66 -35.42 16.45
C ASP C 110 -67.85 -36.61 16.93
N ILE C 111 -66.69 -36.33 17.52
CA ILE C 111 -65.85 -37.39 18.09
C ILE C 111 -65.90 -37.38 19.61
N LYS C 112 -66.88 -36.68 20.21
CA LYS C 112 -66.97 -36.57 21.66
C LYS C 112 -67.29 -37.90 22.33
N THR C 113 -67.89 -38.83 21.60
CA THR C 113 -68.10 -40.17 22.16
C THR C 113 -66.79 -40.96 22.18
N THR C 114 -66.03 -40.91 21.09
CA THR C 114 -64.81 -41.70 21.01
C THR C 114 -63.66 -41.10 21.81
N VAL C 115 -63.65 -39.78 22.03
CA VAL C 115 -62.56 -39.18 22.79
C VAL C 115 -62.62 -39.55 24.27
N ASP C 116 -63.83 -39.74 24.81
CA ASP C 116 -63.96 -40.14 26.21
C ASP C 116 -63.46 -41.56 26.44
N VAL C 117 -63.59 -42.44 25.44
CA VAL C 117 -63.26 -43.84 25.64
C VAL C 117 -61.84 -44.20 25.23
N LEU C 118 -61.15 -43.37 24.45
CA LEU C 118 -59.79 -43.70 24.07
C LEU C 118 -58.72 -42.75 24.61
N CYS C 119 -59.08 -41.53 25.02
CA CYS C 119 -58.10 -40.64 25.62
C CYS C 119 -58.01 -40.94 27.11
N GLN C 120 -56.96 -41.68 27.49
CA GLN C 120 -56.69 -42.11 28.84
C GLN C 120 -55.35 -41.52 29.28
N PRO C 121 -55.06 -41.51 30.59
CA PRO C 121 -53.73 -41.02 31.02
C PRO C 121 -52.56 -41.85 30.52
N GLY C 122 -52.76 -43.13 30.23
CA GLY C 122 -51.68 -43.97 29.75
C GLY C 122 -51.38 -43.78 28.28
N LYS C 123 -52.43 -43.71 27.46
CA LYS C 123 -52.26 -43.63 26.01
C LYS C 123 -51.82 -42.23 25.60
N GLY C 124 -51.04 -42.16 24.53
CA GLY C 124 -50.41 -40.93 24.11
C GLY C 124 -51.22 -40.07 23.17
N LEU C 125 -52.55 -40.20 23.14
CA LEU C 125 -53.37 -39.50 22.18
C LEU C 125 -53.76 -38.12 22.70
N PHE C 126 -53.49 -37.10 21.89
CA PHE C 126 -54.00 -35.75 22.10
C PHE C 126 -55.06 -35.49 21.04
N ALA C 127 -56.13 -34.78 21.40
CA ALA C 127 -57.29 -34.67 20.54
C ALA C 127 -57.73 -33.22 20.38
N VAL C 128 -57.33 -32.58 19.29
CA VAL C 128 -57.76 -31.23 18.98
C VAL C 128 -59.04 -31.31 18.14
N PHE C 129 -60.09 -30.62 18.57
CA PHE C 129 -61.29 -30.52 17.74
C PHE C 129 -61.81 -29.09 17.77
N ASP C 130 -62.97 -28.89 17.16
CA ASP C 130 -63.45 -27.58 16.74
C ASP C 130 -64.23 -26.89 17.85
N GLY C 131 -64.39 -25.58 17.68
CA GLY C 131 -65.36 -24.84 18.45
C GLY C 131 -66.70 -24.92 17.75
N PRO C 132 -67.73 -24.30 18.33
CA PRO C 132 -69.04 -24.31 17.67
C PRO C 132 -69.05 -23.43 16.44
N GLU C 133 -69.75 -23.89 15.41
CA GLU C 133 -69.79 -23.18 14.13
C GLU C 133 -70.54 -21.87 14.23
N THR C 134 -71.48 -21.76 15.16
CA THR C 134 -72.25 -20.54 15.28
C THR C 134 -71.44 -19.44 15.94
N GLU C 135 -71.76 -18.19 15.58
CA GLU C 135 -71.15 -17.04 16.22
C GLU C 135 -71.69 -16.92 17.64
N LEU C 136 -70.83 -17.13 18.64
CA LEU C 136 -71.28 -17.19 20.02
C LEU C 136 -71.22 -15.81 20.68
N THR C 137 -71.45 -15.79 21.99
CA THR C 137 -71.62 -14.55 22.73
C THR C 137 -70.71 -14.54 23.95
N ILE C 138 -70.49 -13.33 24.46
CA ILE C 138 -69.96 -13.13 25.80
C ILE C 138 -71.04 -13.35 26.85
N ASN C 139 -72.30 -13.36 26.41
CA ASN C 139 -73.48 -13.39 27.28
C ASN C 139 -73.87 -14.82 27.65
N GLY C 140 -74.03 -15.70 26.66
CA GLY C 140 -74.34 -17.09 26.92
C GLY C 140 -73.10 -17.96 26.89
N ALA C 141 -72.01 -17.45 27.48
CA ALA C 141 -70.69 -18.02 27.24
C ALA C 141 -70.41 -19.26 28.05
N GLU C 142 -70.93 -19.37 29.28
CA GLU C 142 -70.63 -20.54 30.08
C GLU C 142 -71.46 -21.76 29.70
N GLU C 143 -72.45 -21.59 28.81
CA GLU C 143 -73.18 -22.73 28.29
C GLU C 143 -72.44 -23.40 27.13
N ALA C 144 -71.64 -22.63 26.39
CA ALA C 144 -70.86 -23.19 25.29
C ALA C 144 -69.68 -24.00 25.80
N LYS C 145 -69.11 -23.63 26.95
CA LYS C 145 -68.08 -24.45 27.56
C LYS C 145 -68.65 -25.71 28.19
N GLN C 146 -69.96 -25.75 28.44
CA GLN C 146 -70.60 -26.93 29.00
C GLN C 146 -70.70 -28.05 28.00
N ALA C 147 -70.66 -27.75 26.70
CA ALA C 147 -70.84 -28.78 25.68
C ALA C 147 -69.61 -29.67 25.57
N TYR C 148 -68.45 -29.18 25.98
CA TYR C 148 -67.22 -29.93 25.83
C TYR C 148 -66.80 -30.58 27.15
N THR C 149 -66.14 -31.72 27.04
CA THR C 149 -65.67 -32.48 28.19
C THR C 149 -64.48 -31.76 28.82
N ALA C 150 -64.19 -32.10 30.08
CA ALA C 150 -63.11 -31.48 30.84
C ALA C 150 -61.85 -32.33 30.86
N THR C 151 -61.54 -33.00 29.75
CA THR C 151 -60.35 -33.83 29.69
C THR C 151 -59.10 -32.97 29.42
N PRO C 152 -57.95 -33.33 30.00
CA PRO C 152 -56.74 -32.54 29.77
C PRO C 152 -56.10 -32.77 28.43
N PHE C 153 -56.53 -33.76 27.66
CA PHE C 153 -55.89 -34.11 26.41
C PHE C 153 -56.51 -33.40 25.21
N ALA C 154 -57.43 -32.49 25.44
CA ALA C 154 -58.16 -31.88 24.35
C ALA C 154 -58.00 -30.36 24.36
N ALA C 155 -57.95 -29.79 23.17
CA ALA C 155 -57.92 -28.35 22.98
C ALA C 155 -58.99 -27.98 21.96
N VAL C 156 -59.65 -26.86 22.19
CA VAL C 156 -60.75 -26.41 21.33
C VAL C 156 -60.36 -25.06 20.75
N TYR C 157 -60.38 -24.96 19.42
CA TYR C 157 -60.07 -23.74 18.71
C TYR C 157 -61.35 -23.23 18.07
N TYR C 158 -61.75 -22.01 18.41
CA TYR C 158 -63.13 -21.61 18.14
C TYR C 158 -63.44 -21.33 16.66
N PRO C 159 -62.90 -20.30 15.99
CA PRO C 159 -63.56 -19.83 14.77
C PRO C 159 -63.25 -20.72 13.57
N TRP C 160 -64.31 -21.17 12.91
CA TRP C 160 -64.15 -21.94 11.68
C TRP C 160 -63.58 -21.04 10.60
N LEU C 161 -62.39 -21.37 10.12
CA LEU C 161 -61.70 -20.50 9.18
C LEU C 161 -62.35 -20.57 7.80
N LYS C 162 -62.18 -19.49 7.04
CA LYS C 162 -62.69 -19.43 5.68
C LYS C 162 -61.56 -19.07 4.73
N ALA C 163 -61.71 -19.46 3.49
CA ALA C 163 -60.70 -19.25 2.47
C ALA C 163 -61.37 -18.90 1.15
N ASP C 164 -60.59 -18.30 0.26
CA ASP C 164 -61.13 -17.92 -1.04
C ASP C 164 -61.28 -19.12 -1.97
N TRP C 165 -60.43 -20.15 -1.81
CA TRP C 165 -60.56 -21.34 -2.63
C TRP C 165 -61.66 -22.26 -2.11
N ALA C 166 -61.87 -22.30 -0.80
CA ALA C 166 -62.89 -23.14 -0.22
C ALA C 166 -64.25 -22.45 -0.28
N ASN C 167 -65.26 -23.18 -0.75
CA ASN C 167 -66.62 -22.63 -0.79
C ASN C 167 -67.22 -22.59 0.61
N ILE C 168 -67.13 -23.70 1.34
CA ILE C 168 -67.61 -23.82 2.70
C ILE C 168 -66.53 -23.37 3.68
N ASP C 169 -66.91 -23.21 4.95
CA ASP C 169 -65.96 -22.84 5.98
C ASP C 169 -65.17 -24.06 6.44
N ILE C 170 -63.88 -23.84 6.70
CA ILE C 170 -62.94 -24.90 7.05
C ILE C 170 -63.00 -25.12 8.56
N PRO C 171 -63.05 -26.37 9.04
CA PRO C 171 -62.93 -26.62 10.47
C PRO C 171 -61.54 -26.25 10.97
N PRO C 172 -61.46 -25.54 12.11
CA PRO C 172 -60.18 -25.00 12.55
C PRO C 172 -59.23 -26.03 13.13
N SER C 173 -59.70 -27.23 13.47
CA SER C 173 -58.82 -28.25 14.00
C SER C 173 -57.92 -28.85 12.94
N ALA C 174 -58.32 -28.81 11.68
CA ALA C 174 -57.51 -29.40 10.63
C ALA C 174 -56.32 -28.51 10.28
N VAL C 175 -56.46 -27.20 10.44
CA VAL C 175 -55.32 -26.33 10.24
C VAL C 175 -54.39 -26.36 11.44
N MET C 176 -54.88 -26.79 12.61
CA MET C 176 -54.07 -26.82 13.82
C MET C 176 -53.27 -28.09 13.97
N ALA C 177 -53.63 -29.15 13.24
CA ALA C 177 -52.76 -30.31 13.15
C ALA C 177 -51.49 -29.97 12.38
N GLY C 178 -51.61 -29.09 11.39
CA GLY C 178 -50.44 -28.64 10.66
C GLY C 178 -49.63 -27.61 11.41
N VAL C 179 -50.29 -26.78 12.22
CA VAL C 179 -49.60 -25.79 13.03
C VAL C 179 -48.82 -26.49 14.16
N TYR C 180 -49.38 -27.58 14.69
CA TYR C 180 -48.66 -28.39 15.67
C TYR C 180 -47.41 -29.00 15.07
N ALA C 181 -47.50 -29.48 13.83
CA ALA C 181 -46.33 -30.07 13.18
C ALA C 181 -45.32 -29.00 12.77
N SER C 182 -45.78 -27.79 12.47
CA SER C 182 -44.89 -26.72 12.03
C SER C 182 -44.16 -26.09 13.21
N VAL C 183 -44.81 -26.02 14.37
CA VAL C 183 -44.19 -25.45 15.56
C VAL C 183 -43.10 -26.38 16.08
N ASP C 184 -43.41 -27.67 16.18
CA ASP C 184 -42.49 -28.63 16.77
C ASP C 184 -41.28 -28.90 15.91
N LEU C 185 -41.38 -28.67 14.60
CA LEU C 185 -40.22 -28.83 13.74
C LEU C 185 -39.30 -27.63 13.82
N SER C 186 -39.85 -26.42 13.90
CA SER C 186 -39.03 -25.22 13.90
C SER C 186 -38.50 -24.86 15.28
N ARG C 187 -39.28 -25.11 16.34
CA ARG C 187 -38.86 -24.70 17.67
C ARG C 187 -38.98 -25.76 18.75
N GLY C 188 -39.74 -26.83 18.53
CA GLY C 188 -39.82 -27.90 19.51
C GLY C 188 -41.20 -28.13 20.07
N VAL C 189 -41.43 -29.31 20.65
CA VAL C 189 -42.73 -29.65 21.21
C VAL C 189 -43.02 -28.82 22.45
N TRP C 190 -41.98 -28.42 23.17
CA TRP C 190 -42.14 -27.66 24.40
C TRP C 190 -42.59 -26.23 24.15
N LYS C 191 -42.39 -25.71 22.93
CA LYS C 191 -42.91 -24.40 22.57
C LYS C 191 -44.40 -24.49 22.29
N ALA C 192 -45.15 -23.53 22.82
CA ALA C 192 -46.59 -23.47 22.59
C ALA C 192 -46.88 -23.14 21.12
N PRO C 193 -47.97 -23.67 20.56
CA PRO C 193 -48.31 -23.38 19.17
C PRO C 193 -48.97 -22.03 18.93
N ALA C 194 -49.03 -21.15 19.93
CA ALA C 194 -49.70 -19.89 19.74
C ALA C 194 -48.75 -18.86 19.12
N ASN C 195 -49.33 -17.69 18.79
CA ASN C 195 -48.80 -16.62 17.93
C ASN C 195 -47.96 -17.12 16.75
N VAL C 196 -48.53 -18.08 16.02
CA VAL C 196 -47.98 -18.58 14.78
C VAL C 196 -48.97 -18.27 13.66
N ALA C 197 -48.49 -17.64 12.59
CA ALA C 197 -49.34 -17.29 11.47
C ALA C 197 -49.68 -18.51 10.64
N LEU C 198 -50.86 -18.48 10.02
CA LEU C 198 -51.34 -19.59 9.20
C LEU C 198 -50.85 -19.37 7.77
N LYS C 199 -50.15 -20.36 7.23
CA LYS C 199 -49.48 -20.18 5.93
C LYS C 199 -50.47 -20.21 4.78
N GLY C 200 -51.56 -20.97 4.91
CA GLY C 200 -52.55 -20.98 3.87
C GLY C 200 -53.35 -19.68 3.83
N GLY C 201 -54.13 -19.52 2.77
CA GLY C 201 -54.95 -18.33 2.63
C GLY C 201 -56.17 -18.34 3.53
N LEU C 202 -55.95 -18.25 4.84
CA LEU C 202 -56.99 -18.38 5.83
C LEU C 202 -57.24 -17.04 6.53
N GLU C 203 -58.46 -16.87 7.02
CA GLU C 203 -58.83 -15.77 7.90
C GLU C 203 -60.11 -16.18 8.64
N PRO C 204 -60.29 -15.73 9.88
CA PRO C 204 -61.43 -16.22 10.68
C PRO C 204 -62.76 -15.75 10.14
N LYS C 205 -63.79 -16.59 10.32
CA LYS C 205 -65.13 -16.22 9.89
C LYS C 205 -65.71 -15.13 10.77
N PHE C 206 -65.41 -15.16 12.06
CA PHE C 206 -65.93 -14.20 13.02
C PHE C 206 -64.76 -13.51 13.71
N LEU C 207 -64.71 -12.19 13.61
CA LEU C 207 -63.73 -11.42 14.36
C LEU C 207 -64.12 -11.44 15.84
N VAL C 208 -63.13 -11.67 16.70
CA VAL C 208 -63.36 -11.94 18.11
C VAL C 208 -62.81 -10.79 18.93
N THR C 209 -63.67 -10.17 19.74
CA THR C 209 -63.24 -9.12 20.65
C THR C 209 -62.40 -9.70 21.77
N ASP C 210 -61.56 -8.85 22.37
CA ASP C 210 -60.72 -9.28 23.49
C ASP C 210 -61.55 -9.58 24.73
N GLU C 211 -62.67 -8.89 24.91
CA GLU C 211 -63.50 -9.13 26.08
C GLU C 211 -64.23 -10.47 25.99
N LEU C 212 -64.53 -10.93 24.77
CA LEU C 212 -65.16 -12.23 24.61
C LEU C 212 -64.17 -13.35 24.89
N GLN C 213 -62.91 -13.18 24.48
CA GLN C 213 -61.89 -14.20 24.72
C GLN C 213 -61.56 -14.34 26.20
N GLY C 214 -61.79 -13.31 27.00
CA GLY C 214 -61.58 -13.42 28.43
C GLY C 214 -62.59 -14.32 29.11
N GLU C 215 -63.80 -14.42 28.57
CA GLU C 215 -64.80 -15.33 29.11
C GLU C 215 -64.39 -16.78 28.90
N TYR C 216 -63.97 -17.12 27.69
CA TYR C 216 -63.79 -18.51 27.31
C TYR C 216 -62.45 -19.07 27.73
N ASN C 217 -61.49 -18.22 28.05
CA ASN C 217 -60.15 -18.69 28.37
C ASN C 217 -60.03 -19.29 29.76
N THR C 218 -61.01 -19.07 30.64
CA THR C 218 -60.82 -19.37 32.06
C THR C 218 -61.09 -20.85 32.38
N GLY C 219 -62.34 -21.30 32.25
CA GLY C 219 -62.71 -22.56 32.86
C GLY C 219 -62.49 -23.82 32.06
N ARG C 220 -63.14 -23.95 30.92
CA ARG C 220 -62.94 -25.06 29.98
C ARG C 220 -62.49 -24.38 28.70
N ALA C 221 -61.19 -24.16 28.60
CA ALA C 221 -60.67 -23.09 27.77
C ALA C 221 -60.79 -23.39 26.28
N ILE C 222 -61.30 -22.41 25.57
CA ILE C 222 -61.43 -22.46 24.12
C ILE C 222 -60.40 -21.48 23.56
N ASN C 223 -59.35 -22.00 22.95
CA ASN C 223 -58.36 -21.18 22.28
C ASN C 223 -58.99 -20.55 21.05
N MET C 224 -58.45 -19.41 20.62
CA MET C 224 -59.12 -18.65 19.58
C MET C 224 -58.12 -18.18 18.54
N ILE C 225 -58.55 -18.19 17.29
CA ILE C 225 -57.75 -17.77 16.14
C ILE C 225 -58.27 -16.41 15.71
N ARG C 226 -57.50 -15.36 15.92
CA ARG C 226 -58.00 -14.03 15.59
C ARG C 226 -56.96 -13.22 14.84
N ASN C 227 -57.46 -12.24 14.09
CA ASN C 227 -56.65 -11.50 13.13
C ASN C 227 -55.98 -10.31 13.77
N PHE C 228 -54.68 -10.15 13.51
CA PHE C 228 -53.90 -8.99 13.91
C PHE C 228 -53.42 -8.30 12.65
N SER C 229 -53.37 -6.96 12.67
CA SER C 229 -53.10 -6.24 11.43
C SER C 229 -51.64 -6.34 11.01
N ASN C 230 -50.74 -6.56 11.95
CA ASN C 230 -49.33 -6.73 11.60
C ASN C 230 -48.95 -8.19 11.38
N THR C 231 -49.66 -9.13 12.01
CA THR C 231 -49.35 -10.55 11.91
C THR C 231 -50.23 -11.29 10.92
N GLY C 232 -51.36 -10.72 10.52
CA GLY C 232 -52.32 -11.48 9.75
C GLY C 232 -53.20 -12.27 10.70
N THR C 233 -53.65 -13.43 10.24
CA THR C 233 -54.36 -14.34 11.14
C THR C 233 -53.35 -15.16 11.91
N THR C 234 -53.71 -15.49 13.15
CA THR C 234 -52.76 -16.14 14.04
C THR C 234 -53.52 -16.87 15.14
N VAL C 235 -52.87 -17.87 15.71
CA VAL C 235 -53.43 -18.64 16.82
C VAL C 235 -53.10 -17.92 18.12
N TRP C 236 -54.05 -17.90 19.04
CA TRP C 236 -53.91 -17.06 20.23
C TRP C 236 -54.28 -17.80 21.50
N GLY C 237 -53.97 -19.08 21.58
CA GLY C 237 -54.27 -19.84 22.78
C GLY C 237 -53.42 -21.08 22.86
N ALA C 238 -53.10 -21.48 24.08
CA ALA C 238 -52.35 -22.69 24.32
C ALA C 238 -52.95 -23.55 25.42
N ARG C 239 -54.17 -23.27 25.84
CA ARG C 239 -54.76 -23.91 27.00
C ARG C 239 -55.58 -25.13 26.61
N THR C 240 -55.55 -26.16 27.47
CA THR C 240 -56.35 -27.35 27.28
C THR C 240 -57.74 -27.14 27.85
N LEU C 241 -58.53 -28.21 27.92
CA LEU C 241 -59.83 -28.15 28.55
C LEU C 241 -59.79 -28.40 30.05
N GLU C 242 -58.62 -28.77 30.59
CA GLU C 242 -58.47 -28.92 32.03
C GLU C 242 -58.04 -27.60 32.66
N ASP C 243 -58.75 -27.21 33.72
CA ASP C 243 -58.43 -25.96 34.41
C ASP C 243 -57.40 -26.13 35.52
N LYS C 244 -57.07 -27.38 35.87
CA LYS C 244 -56.11 -27.63 36.94
C LYS C 244 -54.73 -27.11 36.55
N ASP C 245 -53.95 -26.71 37.55
CA ASP C 245 -52.67 -26.06 37.31
C ASP C 245 -51.60 -27.01 36.80
N ASN C 246 -51.85 -28.32 36.86
CA ASN C 246 -50.88 -29.29 36.36
C ASN C 246 -50.88 -29.34 34.83
N TRP C 247 -52.05 -29.47 34.22
CA TRP C 247 -52.15 -29.70 32.79
C TRP C 247 -52.93 -28.56 32.12
N ARG C 248 -52.58 -27.33 32.44
CA ARG C 248 -53.34 -26.20 31.93
C ARG C 248 -53.03 -25.91 30.47
N TYR C 249 -51.78 -26.10 30.05
CA TYR C 249 -51.32 -25.66 28.75
C TYR C 249 -51.06 -26.85 27.83
N VAL C 250 -51.38 -26.70 26.55
CA VAL C 250 -51.05 -27.73 25.55
C VAL C 250 -49.56 -27.93 25.29
N PRO C 251 -48.60 -26.99 25.51
CA PRO C 251 -47.20 -27.44 25.39
C PRO C 251 -46.75 -28.36 26.49
N VAL C 252 -47.34 -28.27 27.69
CA VAL C 252 -46.94 -29.15 28.77
C VAL C 252 -47.55 -30.53 28.60
N ARG C 253 -48.80 -30.59 28.13
CA ARG C 253 -49.44 -31.88 27.92
C ARG C 253 -48.85 -32.61 26.73
N ARG C 254 -48.52 -31.90 25.66
CA ARG C 254 -47.91 -32.52 24.48
C ARG C 254 -46.44 -32.86 24.69
N LEU C 255 -45.76 -32.20 25.62
CA LEU C 255 -44.40 -32.61 25.96
C LEU C 255 -44.40 -33.94 26.68
N PHE C 256 -45.29 -34.09 27.67
CA PHE C 256 -45.38 -35.34 28.41
C PHE C 256 -45.88 -36.49 27.55
N ASN C 257 -46.73 -36.22 26.56
CA ASN C 257 -47.13 -37.24 25.62
C ASN C 257 -45.96 -37.67 24.73
N SER C 258 -45.10 -36.71 24.38
CA SER C 258 -44.00 -37.01 23.48
C SER C 258 -42.85 -37.70 24.20
N VAL C 259 -42.58 -37.30 25.45
CA VAL C 259 -41.48 -37.88 26.22
C VAL C 259 -41.77 -39.33 26.53
N GLU C 260 -43.00 -39.64 26.91
CA GLU C 260 -43.33 -41.00 27.32
C GLU C 260 -43.44 -41.93 26.13
N ARG C 261 -43.65 -41.38 24.93
CA ARG C 261 -43.59 -42.20 23.72
C ARG C 261 -42.14 -42.53 23.36
N ASP C 262 -41.22 -41.59 23.58
CA ASP C 262 -39.82 -41.88 23.31
C ASP C 262 -39.24 -42.83 24.36
N ILE C 263 -39.73 -42.75 25.59
CA ILE C 263 -39.29 -43.67 26.63
C ILE C 263 -39.89 -45.05 26.41
N LYS C 264 -41.08 -45.10 25.78
CA LYS C 264 -41.68 -46.36 25.33
C LYS C 264 -40.76 -47.11 24.38
N ARG C 265 -40.08 -46.40 23.49
CA ARG C 265 -39.22 -47.06 22.51
C ARG C 265 -37.93 -47.55 23.14
N ALA C 266 -37.42 -46.83 24.15
CA ALA C 266 -36.23 -47.30 24.84
C ALA C 266 -36.57 -48.46 25.78
N MET C 267 -37.79 -48.55 26.25
CA MET C 267 -38.11 -49.70 27.06
C MET C 267 -38.56 -50.88 26.21
N SER C 268 -38.61 -50.71 24.90
CA SER C 268 -38.95 -51.82 24.03
C SER C 268 -37.83 -52.85 23.98
N PHE C 269 -36.56 -52.40 24.10
CA PHE C 269 -35.48 -53.38 24.01
C PHE C 269 -35.35 -54.17 25.31
N ALA C 270 -35.84 -53.61 26.42
CA ALA C 270 -35.78 -54.32 27.69
C ALA C 270 -36.85 -55.38 27.82
N MET C 271 -37.78 -55.44 26.87
CA MET C 271 -38.83 -56.45 26.88
C MET C 271 -38.24 -57.84 26.76
N PHE C 272 -38.72 -58.73 27.64
CA PHE C 272 -38.40 -60.16 27.66
C PHE C 272 -36.92 -60.43 27.89
N GLU C 273 -36.22 -59.49 28.49
CA GLU C 273 -34.89 -59.67 29.02
C GLU C 273 -35.00 -60.21 30.44
N PRO C 274 -33.93 -60.78 31.00
CA PRO C 274 -33.99 -61.26 32.39
C PRO C 274 -34.21 -60.12 33.38
N ASN C 275 -35.10 -60.37 34.34
CA ASN C 275 -35.49 -59.35 35.32
C ASN C 275 -34.53 -59.42 36.49
N ASN C 276 -33.39 -58.77 36.34
CA ASN C 276 -32.40 -58.69 37.40
C ASN C 276 -31.81 -57.28 37.39
N GLN C 277 -30.78 -57.08 38.19
CA GLN C 277 -30.15 -55.76 38.26
C GLN C 277 -29.39 -55.30 37.02
N PRO C 278 -28.65 -56.16 36.26
CA PRO C 278 -28.02 -55.63 35.04
C PRO C 278 -28.98 -55.16 33.96
N THR C 279 -30.24 -55.57 34.00
CA THR C 279 -31.23 -54.98 33.10
C THR C 279 -31.66 -53.61 33.59
N TRP C 280 -31.90 -53.47 34.90
CA TRP C 280 -32.42 -52.22 35.47
C TRP C 280 -31.42 -51.07 35.34
N GLU C 281 -30.13 -51.37 35.39
CA GLU C 281 -29.14 -50.31 35.21
C GLU C 281 -28.90 -50.01 33.75
N ARG C 282 -29.48 -50.79 32.84
CA ARG C 282 -29.49 -50.46 31.42
C ARG C 282 -30.77 -49.74 31.04
N VAL C 283 -31.86 -50.03 31.75
CA VAL C 283 -33.10 -49.28 31.56
C VAL C 283 -32.95 -47.86 32.08
N ARG C 284 -32.30 -47.70 33.23
CA ARG C 284 -32.11 -46.37 33.80
C ARG C 284 -31.13 -45.55 32.97
N ALA C 285 -30.09 -46.19 32.46
CA ALA C 285 -29.10 -45.48 31.66
C ALA C 285 -29.67 -45.04 30.32
N ALA C 286 -30.61 -45.80 29.77
CA ALA C 286 -31.21 -45.43 28.48
C ALA C 286 -32.16 -44.26 28.64
N ILE C 287 -32.87 -44.18 29.76
CA ILE C 287 -33.76 -43.05 30.01
C ILE C 287 -32.96 -41.81 30.37
N SER C 288 -31.87 -41.99 31.14
CA SER C 288 -31.10 -40.85 31.61
C SER C 288 -30.35 -40.17 30.48
N ASN C 289 -29.99 -40.91 29.43
CA ASN C 289 -29.41 -40.29 28.25
C ASN C 289 -30.44 -39.44 27.52
N TYR C 290 -31.67 -39.95 27.43
CA TYR C 290 -32.69 -39.28 26.64
C TYR C 290 -33.15 -37.99 27.32
N LEU C 291 -33.36 -38.02 28.62
CA LEU C 291 -33.81 -36.83 29.32
C LEU C 291 -32.72 -35.80 29.45
N TYR C 292 -31.46 -36.22 29.43
CA TYR C 292 -30.37 -35.25 29.47
C TYR C 292 -30.27 -34.49 28.15
N SER C 293 -30.32 -35.20 27.03
CA SER C 293 -30.24 -34.54 25.74
C SER C 293 -31.49 -33.72 25.44
N LEU C 294 -32.61 -34.06 26.05
CA LEU C 294 -33.79 -33.21 25.95
C LEU C 294 -33.65 -31.97 26.81
N TRP C 295 -33.03 -32.09 27.98
CA TRP C 295 -32.75 -30.93 28.82
C TRP C 295 -31.74 -30.00 28.17
N GLN C 296 -30.77 -30.56 27.44
CA GLN C 296 -29.79 -29.74 26.75
C GLN C 296 -30.40 -28.95 25.60
N GLN C 297 -31.50 -29.45 25.02
CA GLN C 297 -32.21 -28.69 24.00
C GLN C 297 -33.07 -27.58 24.58
N GLY C 298 -33.19 -27.49 25.90
CA GLY C 298 -34.06 -26.52 26.52
C GLY C 298 -35.47 -26.99 26.72
N GLY C 299 -35.73 -28.29 26.58
CA GLY C 299 -37.09 -28.78 26.69
C GLY C 299 -37.59 -28.79 28.12
N LEU C 300 -36.73 -29.14 29.05
CA LEU C 300 -37.08 -29.20 30.48
C LEU C 300 -36.47 -27.99 31.18
N ALA C 301 -37.23 -27.42 32.11
CA ALA C 301 -36.85 -26.18 32.77
C ALA C 301 -36.08 -26.50 34.04
N GLY C 302 -34.79 -26.13 34.05
CA GLY C 302 -33.97 -26.26 35.24
C GLY C 302 -32.58 -25.73 34.98
N SER C 303 -32.07 -24.90 35.89
CA SER C 303 -30.72 -24.38 35.74
C SER C 303 -29.69 -25.47 36.00
N LYS C 304 -29.90 -26.25 37.06
CA LYS C 304 -29.11 -27.44 37.34
C LYS C 304 -29.75 -28.63 36.66
N GLU C 305 -28.91 -29.52 36.12
CA GLU C 305 -29.41 -30.72 35.43
C GLU C 305 -30.14 -31.67 36.37
N GLU C 306 -29.76 -31.71 37.65
CA GLU C 306 -30.44 -32.53 38.63
C GLU C 306 -31.77 -31.95 39.09
N ASP C 307 -32.10 -30.72 38.68
CA ASP C 307 -33.39 -30.13 38.96
C ASP C 307 -34.44 -30.42 37.90
N ALA C 308 -34.02 -30.82 36.70
CA ALA C 308 -34.98 -30.97 35.61
C ALA C 308 -35.64 -32.33 35.61
N TYR C 309 -34.96 -33.38 36.07
CA TYR C 309 -35.51 -34.72 35.96
C TYR C 309 -34.86 -35.61 37.01
N PHE C 310 -35.51 -36.76 37.25
CA PHE C 310 -34.95 -37.81 38.09
C PHE C 310 -35.53 -39.14 37.64
N VAL C 311 -34.70 -40.18 37.68
CA VAL C 311 -35.08 -41.54 37.32
C VAL C 311 -34.73 -42.46 38.48
N GLN C 312 -35.64 -43.35 38.86
CA GLN C 312 -35.44 -44.22 40.01
C GLN C 312 -35.91 -45.64 39.69
N ILE C 313 -34.96 -46.58 39.62
CA ILE C 313 -35.25 -48.01 39.56
C ILE C 313 -34.53 -48.67 40.73
N GLY C 314 -35.11 -49.74 41.27
CA GLY C 314 -34.44 -50.48 42.31
C GLY C 314 -35.28 -51.55 42.98
N LYS C 315 -34.62 -52.49 43.64
CA LYS C 315 -35.34 -53.54 44.38
C LYS C 315 -35.81 -53.04 45.72
N GLY C 316 -35.08 -52.11 46.35
CA GLY C 316 -35.58 -51.51 47.56
C GLY C 316 -36.51 -50.35 47.29
N ILE C 317 -36.38 -49.72 46.13
CA ILE C 317 -36.98 -48.41 45.86
C ILE C 317 -38.36 -48.54 45.27
N THR C 318 -38.48 -49.18 44.10
CA THR C 318 -39.71 -49.10 43.32
C THR C 318 -40.50 -50.40 43.30
N MET C 319 -39.85 -51.55 43.18
CA MET C 319 -40.55 -52.82 43.01
C MET C 319 -40.27 -53.76 44.17
N THR C 320 -41.29 -54.51 44.58
CA THR C 320 -41.14 -55.52 45.63
C THR C 320 -40.51 -56.77 45.04
N GLN C 321 -39.94 -57.60 45.92
CA GLN C 321 -39.53 -58.95 45.55
C GLN C 321 -40.72 -59.76 45.04
N GLU C 322 -41.91 -59.49 45.58
CA GLU C 322 -43.14 -60.08 45.08
C GLU C 322 -43.43 -59.63 43.66
N GLN C 323 -43.24 -58.35 43.37
CA GLN C 323 -43.58 -57.83 42.04
C GLN C 323 -42.56 -58.24 40.99
N ILE C 324 -41.31 -58.51 41.40
CA ILE C 324 -40.29 -58.97 40.48
C ILE C 324 -40.60 -60.37 39.99
N ASP C 325 -41.06 -61.25 40.89
CA ASP C 325 -41.45 -62.60 40.51
C ASP C 325 -42.71 -62.63 39.65
N ALA C 326 -43.55 -61.60 39.74
CA ALA C 326 -44.70 -61.52 38.83
C ALA C 326 -44.28 -61.10 37.44
N GLY C 327 -43.11 -60.48 37.30
CA GLY C 327 -42.61 -60.04 36.02
C GLY C 327 -42.62 -58.55 35.81
N GLN C 328 -42.99 -57.77 36.81
CA GLN C 328 -43.11 -56.33 36.65
C GLN C 328 -41.78 -55.63 36.87
N MET C 329 -41.62 -54.48 36.24
CA MET C 329 -40.45 -53.63 36.41
C MET C 329 -40.94 -52.20 36.47
N ILE C 330 -40.70 -51.52 37.59
CA ILE C 330 -41.28 -50.22 37.86
C ILE C 330 -40.19 -49.15 37.86
N VAL C 331 -40.39 -48.10 37.06
CA VAL C 331 -39.50 -46.96 36.96
C VAL C 331 -40.29 -45.71 37.32
N LYS C 332 -39.64 -44.76 38.00
CA LYS C 332 -40.23 -43.48 38.31
C LYS C 332 -39.48 -42.38 37.58
N VAL C 333 -40.19 -41.60 36.78
CA VAL C 333 -39.61 -40.50 36.01
C VAL C 333 -40.34 -39.22 36.41
N GLY C 334 -39.59 -38.16 36.65
CA GLY C 334 -40.17 -36.85 36.85
C GLY C 334 -39.57 -35.86 35.88
N LEU C 335 -40.37 -34.87 35.49
CA LEU C 335 -39.95 -33.85 34.55
C LEU C 335 -40.35 -32.48 35.06
N ALA C 336 -39.72 -31.44 34.52
CA ALA C 336 -40.05 -30.07 34.88
C ALA C 336 -40.17 -29.27 33.58
N ALA C 337 -41.40 -29.13 33.10
CA ALA C 337 -41.63 -28.44 31.85
C ALA C 337 -41.59 -26.92 32.05
N VAL C 338 -41.50 -26.20 30.94
CA VAL C 338 -41.49 -24.74 30.94
C VAL C 338 -42.90 -24.26 30.67
N ARG C 339 -43.32 -23.25 31.41
CA ARG C 339 -44.64 -22.72 31.13
C ARG C 339 -44.55 -21.48 30.24
N PRO C 340 -45.52 -21.24 29.37
CA PRO C 340 -45.45 -20.05 28.51
C PRO C 340 -45.96 -18.80 29.22
N ALA C 341 -45.33 -17.69 28.92
CA ALA C 341 -45.79 -16.39 29.39
C ALA C 341 -47.04 -15.99 28.61
N GLU C 342 -48.16 -15.86 29.32
CA GLU C 342 -49.44 -15.66 28.65
C GLU C 342 -49.94 -14.23 28.72
N PHE C 343 -49.71 -13.52 29.82
CA PHE C 343 -50.11 -12.14 29.97
C PHE C 343 -48.87 -11.26 30.15
N ILE C 344 -48.86 -10.11 29.50
CA ILE C 344 -47.80 -9.13 29.68
C ILE C 344 -48.46 -7.82 30.08
N ILE C 345 -48.06 -7.27 31.22
CA ILE C 345 -48.69 -6.09 31.79
C ILE C 345 -47.71 -4.93 31.67
N LEU C 346 -48.09 -3.91 30.91
CA LEU C 346 -47.31 -2.69 30.75
C LEU C 346 -47.82 -1.65 31.72
N GLN C 347 -46.91 -1.01 32.44
CA GLN C 347 -47.25 0.15 33.25
C GLN C 347 -46.54 1.36 32.66
N PHE C 348 -47.32 2.34 32.22
CA PHE C 348 -46.80 3.55 31.61
C PHE C 348 -46.88 4.68 32.61
N THR C 349 -45.73 5.25 32.95
CA THR C 349 -45.63 6.33 33.92
C THR C 349 -45.39 7.63 33.18
N GLN C 350 -46.03 8.71 33.64
CA GLN C 350 -45.94 9.97 32.92
C GLN C 350 -44.67 10.73 33.26
N ASP C 351 -44.14 10.55 34.47
CA ASP C 351 -42.89 11.20 34.83
C ASP C 351 -41.74 10.21 34.79
N VAL C 352 -40.62 10.64 34.22
CA VAL C 352 -39.44 9.80 34.05
C VAL C 352 -38.53 10.03 35.25
N GLU C 353 -38.29 8.98 36.00
CA GLU C 353 -37.39 9.04 37.14
C GLU C 353 -36.76 7.68 37.43
N THR D 2 -55.47 -5.52 42.23
CA THR D 2 -54.37 -4.92 41.47
C THR D 2 -54.67 -4.97 39.98
N THR D 3 -54.43 -6.13 39.38
CA THR D 3 -54.68 -6.35 37.96
C THR D 3 -55.27 -7.73 37.78
N VAL D 4 -56.37 -7.83 37.04
CA VAL D 4 -57.04 -9.09 36.77
C VAL D 4 -56.89 -9.40 35.28
N THR D 5 -56.47 -10.61 34.97
CA THR D 5 -56.09 -11.00 33.61
C THR D 5 -57.01 -12.13 33.16
N SER D 6 -57.88 -11.84 32.20
CA SER D 6 -58.79 -12.84 31.66
C SER D 6 -58.38 -13.32 30.28
N TYR D 7 -58.20 -12.42 29.33
CA TYR D 7 -57.68 -12.79 28.02
C TYR D 7 -56.16 -12.80 28.06
N PRO D 8 -55.48 -13.53 27.12
CA PRO D 8 -54.01 -13.52 27.11
C PRO D 8 -53.40 -12.15 26.89
N GLY D 9 -53.56 -11.58 25.69
CA GLY D 9 -53.32 -10.19 25.34
C GLY D 9 -52.06 -9.49 25.84
N VAL D 10 -52.09 -8.16 25.86
CA VAL D 10 -51.23 -7.36 26.71
C VAL D 10 -52.11 -6.34 27.42
N TYR D 11 -51.56 -5.73 28.45
CA TYR D 11 -52.32 -4.82 29.32
C TYR D 11 -51.54 -3.53 29.48
N ILE D 12 -52.20 -2.40 29.21
CA ILE D 12 -51.54 -1.10 29.15
C ILE D 12 -52.10 -0.22 30.26
N GLU D 13 -52.31 -0.83 31.43
CA GLU D 13 -52.55 -0.12 32.68
C GLU D 13 -51.60 1.05 32.89
N GLU D 14 -52.12 2.17 33.38
CA GLU D 14 -51.31 3.35 33.69
C GLU D 14 -51.36 3.61 35.18
N LEU D 15 -50.22 3.43 35.87
CA LEU D 15 -50.14 3.75 37.28
C LEU D 15 -48.73 4.21 37.62
N ASN D 16 -48.65 5.13 38.58
CA ASN D 16 -47.37 5.63 39.08
C ASN D 16 -46.96 4.78 40.27
N SER D 17 -46.05 3.84 40.04
CA SER D 17 -45.41 3.13 41.14
C SER D 17 -43.91 3.11 40.90
N LEU D 18 -43.17 3.35 41.96
CA LEU D 18 -41.72 3.46 41.89
C LEU D 18 -41.09 2.09 42.08
N ALA D 19 -40.08 1.79 41.28
CA ALA D 19 -39.39 0.51 41.34
C ALA D 19 -37.90 0.76 41.48
N LEU D 20 -37.28 0.06 42.42
CA LEU D 20 -35.86 0.19 42.70
C LEU D 20 -35.16 -1.11 42.36
N SER D 21 -33.95 -1.01 41.81
CA SER D 21 -33.19 -2.18 41.40
C SER D 21 -32.63 -2.90 42.62
N VAL D 22 -32.52 -4.22 42.51
CA VAL D 22 -32.12 -5.06 43.64
C VAL D 22 -30.61 -5.18 43.68
N SER D 23 -30.08 -5.32 44.89
CA SER D 23 -28.66 -5.53 45.12
C SER D 23 -28.49 -6.65 46.15
N ASN D 24 -27.42 -7.41 45.99
CA ASN D 24 -27.07 -8.47 46.93
C ASN D 24 -25.81 -8.07 47.66
N SER D 25 -25.90 -7.97 48.99
CA SER D 25 -24.78 -7.56 49.83
C SER D 25 -24.49 -8.68 50.81
N ALA D 26 -23.26 -9.21 50.77
CA ALA D 26 -22.89 -10.30 51.64
C ALA D 26 -22.51 -9.82 53.04
N THR D 27 -22.08 -8.57 53.17
CA THR D 27 -21.43 -8.11 54.39
C THR D 27 -22.33 -7.26 55.30
N ALA D 28 -23.41 -6.69 54.77
CA ALA D 28 -24.22 -5.73 55.53
C ALA D 28 -25.68 -6.13 55.45
N VAL D 29 -26.20 -6.69 56.55
CA VAL D 29 -27.62 -7.02 56.66
C VAL D 29 -28.20 -6.24 57.83
N PRO D 30 -28.86 -5.11 57.58
CA PRO D 30 -29.35 -4.30 58.69
C PRO D 30 -30.63 -4.85 59.29
N VAL D 31 -30.92 -4.37 60.51
CA VAL D 31 -32.18 -4.64 61.19
C VAL D 31 -32.77 -3.29 61.55
N PHE D 32 -33.91 -2.96 60.96
CA PHE D 32 -34.54 -1.67 61.18
C PHE D 32 -35.42 -1.74 62.41
N ALA D 33 -35.12 -0.93 63.42
CA ALA D 33 -35.97 -0.83 64.58
C ALA D 33 -37.27 -0.13 64.19
N VAL D 34 -38.39 -0.73 64.55
CA VAL D 34 -39.71 -0.23 64.19
C VAL D 34 -40.44 0.14 65.47
N ASP D 35 -41.05 1.32 65.48
CA ASP D 35 -41.76 1.77 66.66
C ASP D 35 -43.04 0.96 66.88
N GLU D 36 -43.51 0.92 68.12
CA GLU D 36 -44.86 0.49 68.35
C GLU D 36 -45.82 1.59 67.89
N GLN D 37 -47.11 1.22 67.79
CA GLN D 37 -48.11 1.83 66.90
C GLN D 37 -47.74 1.69 65.42
N ASN D 38 -47.17 0.54 65.06
CA ASN D 38 -47.00 0.16 63.66
C ASN D 38 -47.85 -1.09 63.45
N GLN D 39 -48.90 -0.95 62.65
CA GLN D 39 -49.91 -1.99 62.51
C GLN D 39 -49.52 -3.08 61.52
N TYR D 40 -48.40 -2.94 60.82
CA TYR D 40 -48.09 -3.86 59.73
C TYR D 40 -47.23 -5.04 60.17
N ILE D 41 -46.30 -4.85 61.09
CA ILE D 41 -45.46 -5.94 61.57
C ILE D 41 -45.88 -6.29 63.00
N SER D 42 -45.70 -7.56 63.35
CA SER D 42 -46.08 -8.06 64.65
C SER D 42 -44.86 -8.08 65.57
N GLU D 43 -45.13 -8.22 66.87
CA GLU D 43 -44.05 -8.41 67.83
C GLU D 43 -43.41 -9.78 67.65
N ASP D 44 -42.13 -9.85 68.04
CA ASP D 44 -41.40 -11.10 68.29
C ASP D 44 -41.22 -11.96 67.06
N ASN D 45 -41.23 -11.38 65.86
CA ASN D 45 -40.71 -12.07 64.69
C ASN D 45 -40.13 -11.05 63.72
N ALA D 46 -39.00 -11.41 63.13
CA ALA D 46 -38.36 -10.60 62.11
C ALA D 46 -38.97 -10.91 60.76
N ILE D 47 -39.26 -9.87 59.99
CA ILE D 47 -39.84 -10.01 58.66
C ILE D 47 -38.73 -9.68 57.68
N ARG D 48 -38.23 -10.70 56.97
CA ARG D 48 -37.19 -10.46 56.00
C ARG D 48 -37.78 -9.80 54.76
N ILE D 49 -37.22 -8.66 54.39
CA ILE D 49 -37.66 -7.88 53.24
C ILE D 49 -36.56 -7.97 52.20
N ASN D 50 -36.81 -8.75 51.14
CA ASN D 50 -35.76 -9.02 50.16
C ASN D 50 -35.52 -7.84 49.24
N SER D 51 -36.53 -7.02 49.00
CA SER D 51 -36.42 -5.95 48.01
C SER D 51 -37.44 -4.88 48.34
N TRP D 52 -37.37 -3.77 47.60
CA TRP D 52 -38.33 -2.69 47.79
C TRP D 52 -39.72 -3.12 47.33
N MET D 53 -39.79 -3.97 46.31
CA MET D 53 -41.06 -4.52 45.88
C MET D 53 -41.64 -5.45 46.93
N ASP D 54 -40.78 -6.19 47.62
CA ASP D 54 -41.21 -7.04 48.74
C ASP D 54 -41.79 -6.20 49.87
N TYR D 55 -41.18 -5.05 50.15
CA TYR D 55 -41.72 -4.16 51.16
C TYR D 55 -43.02 -3.52 50.70
N LEU D 56 -43.13 -3.21 49.41
CA LEU D 56 -44.30 -2.57 48.87
C LEU D 56 -45.48 -3.52 48.69
N ASN D 57 -45.28 -4.82 48.93
CA ASN D 57 -46.39 -5.75 49.02
C ASN D 57 -46.92 -5.84 50.44
N LEU D 58 -46.05 -5.64 51.44
CA LEU D 58 -46.46 -5.74 52.83
C LEU D 58 -47.36 -4.58 53.24
N ILE D 59 -46.99 -3.36 52.86
CA ILE D 59 -47.82 -2.18 53.05
C ILE D 59 -48.49 -1.87 51.72
N GLY D 60 -49.71 -1.34 51.79
CA GLY D 60 -50.46 -1.10 50.57
C GLY D 60 -49.93 0.09 49.79
N ASN D 61 -49.88 1.25 50.42
CA ASN D 61 -49.43 2.48 49.80
C ASN D 61 -48.11 2.94 50.43
N PHE D 62 -47.29 3.61 49.62
CA PHE D 62 -46.19 4.37 50.18
C PHE D 62 -46.74 5.57 50.92
N ASN D 63 -46.34 5.74 52.18
CA ASN D 63 -46.85 6.80 53.03
C ASN D 63 -45.74 7.81 53.28
N ASN D 64 -46.02 9.08 52.97
CA ASN D 64 -45.03 10.13 53.21
C ASN D 64 -44.86 10.42 54.69
N GLU D 65 -45.89 10.18 55.49
CA GLU D 65 -45.86 10.56 56.90
C GLU D 65 -45.14 9.55 57.78
N ASP D 66 -45.01 8.31 57.32
CA ASP D 66 -44.39 7.28 58.13
C ASP D 66 -42.88 7.48 58.22
N LYS D 67 -42.34 7.35 59.43
CA LYS D 67 -40.89 7.37 59.60
C LYS D 67 -40.26 6.10 59.06
N LEU D 68 -40.98 4.98 59.10
CA LEU D 68 -40.44 3.72 58.60
C LEU D 68 -40.43 3.68 57.07
N ASP D 69 -41.46 4.24 56.44
CA ASP D 69 -41.59 4.19 54.98
C ASP D 69 -40.48 4.96 54.28
N VAL D 70 -40.26 6.21 54.70
CA VAL D 70 -39.27 7.05 54.04
C VAL D 70 -37.86 6.60 54.36
N SER D 71 -37.67 5.86 55.45
CA SER D 71 -36.36 5.34 55.81
C SER D 71 -36.01 4.09 55.01
N VAL D 72 -37.00 3.28 54.68
CA VAL D 72 -36.76 2.05 53.93
C VAL D 72 -36.55 2.37 52.44
N ARG D 73 -37.28 3.36 51.92
CA ARG D 73 -37.11 3.76 50.53
C ARG D 73 -35.76 4.42 50.30
N ALA D 74 -35.29 5.21 51.27
CA ALA D 74 -33.96 5.80 51.18
C ALA D 74 -32.88 4.75 51.34
N TYR D 75 -33.19 3.63 52.02
CA TYR D 75 -32.23 2.56 52.17
C TYR D 75 -32.04 1.79 50.88
N PHE D 76 -33.14 1.50 50.17
CA PHE D 76 -33.05 0.72 48.94
C PHE D 76 -32.61 1.56 47.75
N ALA D 77 -32.80 2.88 47.81
CA ALA D 77 -32.33 3.73 46.72
C ALA D 77 -30.82 3.88 46.73
N ASN D 78 -30.19 3.74 47.90
CA ASN D 78 -28.74 3.86 47.98
C ASN D 78 -28.02 2.56 47.70
N GLY D 79 -28.73 1.44 47.66
CA GLY D 79 -28.11 0.20 47.26
C GLY D 79 -28.08 -0.86 48.33
N GLY D 80 -29.08 -0.88 49.20
CA GLY D 80 -29.12 -1.86 50.26
C GLY D 80 -29.70 -3.18 49.81
N GLY D 81 -29.20 -4.25 50.42
CA GLY D 81 -29.70 -5.58 50.15
C GLY D 81 -30.91 -5.91 51.00
N TYR D 82 -31.09 -7.19 51.30
CA TYR D 82 -32.22 -7.60 52.09
C TYR D 82 -32.01 -7.25 53.56
N CYS D 83 -33.10 -6.88 54.24
CA CYS D 83 -33.04 -6.44 55.61
C CYS D 83 -34.17 -7.08 56.40
N TYR D 84 -34.08 -6.98 57.71
CA TYR D 84 -35.11 -7.47 58.62
C TYR D 84 -35.82 -6.31 59.28
N LEU D 85 -37.07 -6.54 59.68
CA LEU D 85 -37.89 -5.53 60.35
C LEU D 85 -38.33 -6.11 61.69
N VAL D 86 -37.70 -5.66 62.77
CA VAL D 86 -38.01 -6.12 64.11
C VAL D 86 -38.56 -4.94 64.90
N LYS D 87 -39.65 -5.17 65.64
CA LYS D 87 -40.20 -4.14 66.49
C LYS D 87 -39.27 -3.88 67.68
N THR D 88 -39.30 -2.65 68.18
CA THR D 88 -38.24 -2.16 69.04
C THR D 88 -38.32 -2.68 70.47
N THR D 89 -39.49 -3.15 70.92
CA THR D 89 -39.59 -3.64 72.30
C THR D 89 -39.25 -5.12 72.40
N SER D 90 -39.51 -5.89 71.35
CA SER D 90 -39.05 -7.26 71.25
C SER D 90 -37.74 -7.37 70.48
N LEU D 91 -36.98 -6.27 70.40
CA LEU D 91 -35.80 -6.24 69.55
C LEU D 91 -34.65 -7.02 70.15
N GLU D 92 -34.57 -7.10 71.48
CA GLU D 92 -33.46 -7.77 72.14
C GLU D 92 -33.60 -9.29 72.14
N LYS D 93 -34.71 -9.83 71.65
CA LYS D 93 -34.91 -11.27 71.59
C LYS D 93 -34.68 -11.86 70.22
N ILE D 94 -34.84 -11.07 69.15
CA ILE D 94 -34.83 -11.61 67.80
C ILE D 94 -33.46 -11.50 67.16
N ILE D 95 -32.72 -10.43 67.45
CA ILE D 95 -31.36 -10.29 66.91
C ILE D 95 -30.41 -11.40 67.34
N PRO D 96 -30.45 -11.94 68.57
CA PRO D 96 -29.67 -13.17 68.80
C PRO D 96 -30.15 -14.40 68.03
N THR D 97 -31.43 -14.47 67.63
CA THR D 97 -31.88 -15.62 66.85
C THR D 97 -31.33 -15.58 65.43
N LEU D 98 -31.36 -14.42 64.79
CA LEU D 98 -30.94 -14.29 63.40
C LEU D 98 -29.42 -14.34 63.34
N ASP D 99 -28.89 -15.23 62.49
CA ASP D 99 -27.45 -15.47 62.47
C ASP D 99 -26.70 -14.36 61.73
N ASP D 100 -27.06 -14.07 60.50
CA ASP D 100 -26.20 -13.28 59.63
C ASP D 100 -26.44 -11.77 59.74
N VAL D 101 -27.12 -11.32 60.80
CA VAL D 101 -27.33 -9.90 60.99
C VAL D 101 -26.04 -9.23 61.43
N THR D 102 -25.63 -8.19 60.70
CA THR D 102 -24.43 -7.42 61.04
C THR D 102 -24.72 -6.01 61.53
N LEU D 103 -25.56 -5.26 60.82
CA LEU D 103 -25.88 -3.90 61.22
C LEU D 103 -27.12 -3.89 62.11
N LEU D 104 -27.19 -2.88 62.96
CA LEU D 104 -28.38 -2.57 63.75
C LEU D 104 -28.70 -1.10 63.54
N VAL D 105 -29.82 -0.83 62.88
CA VAL D 105 -30.15 0.50 62.41
C VAL D 105 -31.37 1.00 63.17
N ALA D 106 -31.23 2.15 63.83
CA ALA D 106 -32.37 2.85 64.41
C ALA D 106 -32.91 3.82 63.37
N ALA D 107 -34.11 3.56 62.87
CA ALA D 107 -34.76 4.49 61.96
C ALA D 107 -35.60 5.45 62.79
N GLY D 108 -34.91 6.37 63.47
CA GLY D 108 -35.56 7.32 64.35
C GLY D 108 -36.15 6.69 65.59
N GLU D 109 -35.39 5.82 66.25
CA GLU D 109 -35.88 5.08 67.40
C GLU D 109 -34.84 5.14 68.51
N ASP D 110 -35.31 4.98 69.75
CA ASP D 110 -34.43 4.96 70.92
C ASP D 110 -34.00 3.52 71.15
N ILE D 111 -32.83 3.16 70.62
CA ILE D 111 -32.27 1.83 70.83
C ILE D 111 -31.10 1.86 71.79
N LYS D 112 -30.92 2.97 72.53
CA LYS D 112 -29.79 3.12 73.44
C LYS D 112 -29.85 2.14 74.61
N THR D 113 -31.03 1.63 74.95
CA THR D 113 -31.13 0.60 75.97
C THR D 113 -30.67 -0.74 75.43
N THR D 114 -31.10 -1.09 74.22
CA THR D 114 -30.78 -2.40 73.67
C THR D 114 -29.35 -2.48 73.14
N VAL D 115 -28.76 -1.35 72.73
CA VAL D 115 -27.39 -1.39 72.22
C VAL D 115 -26.38 -1.68 73.32
N ASP D 116 -26.64 -1.21 74.54
CA ASP D 116 -25.73 -1.49 75.65
C ASP D 116 -25.74 -2.96 76.04
N VAL D 117 -26.87 -3.65 75.86
CA VAL D 117 -26.98 -5.02 76.34
C VAL D 117 -26.66 -6.07 75.27
N LEU D 118 -26.66 -5.70 73.99
CA LEU D 118 -26.34 -6.69 72.96
C LEU D 118 -25.05 -6.42 72.19
N CYS D 119 -24.53 -5.19 72.19
CA CYS D 119 -23.25 -4.93 71.54
C CYS D 119 -22.13 -5.24 72.52
N GLN D 120 -21.51 -6.39 72.34
CA GLN D 120 -20.44 -6.91 73.16
C GLN D 120 -19.20 -7.09 72.29
N PRO D 121 -18.01 -7.23 72.89
CA PRO D 121 -16.82 -7.49 72.06
C PRO D 121 -16.84 -8.81 71.30
N GLY D 122 -17.59 -9.80 71.78
CA GLY D 122 -17.66 -11.07 71.09
C GLY D 122 -18.61 -11.07 69.90
N LYS D 123 -19.78 -10.48 70.08
CA LYS D 123 -20.81 -10.50 69.04
C LYS D 123 -20.46 -9.52 67.93
N GLY D 124 -20.87 -9.87 66.72
CA GLY D 124 -20.48 -9.12 65.54
C GLY D 124 -21.39 -7.98 65.15
N LEU D 125 -22.14 -7.42 66.08
CA LEU D 125 -23.12 -6.39 65.75
C LEU D 125 -22.49 -5.00 65.78
N PHE D 126 -22.66 -4.26 64.69
CA PHE D 126 -22.34 -2.85 64.62
C PHE D 126 -23.65 -2.08 64.57
N ALA D 127 -23.70 -0.92 65.22
CA ALA D 127 -24.97 -0.22 65.45
C ALA D 127 -24.86 1.23 65.05
N VAL D 128 -25.31 1.57 63.86
CA VAL D 128 -25.36 2.96 63.41
C VAL D 128 -26.72 3.54 63.79
N PHE D 129 -26.72 4.68 64.48
CA PHE D 129 -27.97 5.37 64.74
C PHE D 129 -27.78 6.87 64.52
N ASP D 130 -28.81 7.63 64.85
CA ASP D 130 -28.99 9.00 64.38
C ASP D 130 -28.30 10.00 65.31
N GLY D 131 -28.11 11.21 64.79
CA GLY D 131 -27.79 12.34 65.61
C GLY D 131 -29.06 12.96 66.12
N PRO D 132 -28.96 14.02 66.92
CA PRO D 132 -30.17 14.69 67.42
C PRO D 132 -30.87 15.44 66.29
N GLU D 133 -32.20 15.40 66.32
CA GLU D 133 -33.01 16.03 65.28
C GLU D 133 -32.92 17.54 65.31
N THR D 134 -32.63 18.13 66.48
CA THR D 134 -32.57 19.57 66.57
C THR D 134 -31.28 20.09 65.98
N GLU D 135 -31.32 21.32 65.48
CA GLU D 135 -30.14 22.00 64.99
C GLU D 135 -29.26 22.38 66.17
N LEU D 136 -28.09 21.77 66.29
CA LEU D 136 -27.26 21.95 67.47
C LEU D 136 -26.27 23.10 67.27
N THR D 137 -25.36 23.24 68.21
CA THR D 137 -24.47 24.39 68.29
C THR D 137 -23.03 23.94 68.42
N ILE D 138 -22.13 24.87 68.09
CA ILE D 138 -20.73 24.76 68.48
C ILE D 138 -20.55 25.13 69.95
N ASN D 139 -21.55 25.78 70.52
CA ASN D 139 -21.51 26.35 71.87
C ASN D 139 -21.86 25.33 72.94
N GLY D 140 -23.01 24.66 72.80
CA GLY D 140 -23.40 23.62 73.74
C GLY D 140 -23.05 22.24 73.23
N ALA D 141 -21.85 22.11 72.66
CA ALA D 141 -21.52 20.95 71.84
C ALA D 141 -21.12 19.73 72.66
N GLU D 142 -20.47 19.92 73.80
CA GLU D 142 -20.03 18.75 74.58
C GLU D 142 -21.15 18.15 75.40
N GLU D 143 -22.32 18.79 75.46
CA GLU D 143 -23.49 18.18 76.10
C GLU D 143 -24.22 17.24 75.14
N ALA D 144 -24.14 17.48 73.83
CA ALA D 144 -24.77 16.59 72.87
C ALA D 144 -24.00 15.29 72.70
N LYS D 145 -22.68 15.33 72.88
CA LYS D 145 -21.91 14.09 72.89
C LYS D 145 -22.11 13.31 74.17
N GLN D 146 -22.62 13.95 75.23
CA GLN D 146 -22.87 13.27 76.49
C GLN D 146 -24.08 12.34 76.40
N ALA D 147 -24.99 12.59 75.45
CA ALA D 147 -26.20 11.80 75.36
C ALA D 147 -25.93 10.40 74.82
N TYR D 148 -24.83 10.22 74.09
CA TYR D 148 -24.53 8.95 73.47
C TYR D 148 -23.48 8.18 74.27
N THR D 149 -23.58 6.86 74.22
CA THR D 149 -22.67 5.96 74.90
C THR D 149 -21.30 5.97 74.20
N ALA D 150 -20.27 5.54 74.93
CA ALA D 150 -18.91 5.52 74.41
C ALA D 150 -18.50 4.14 73.90
N THR D 151 -19.42 3.41 73.29
CA THR D 151 -19.09 2.08 72.79
C THR D 151 -18.38 2.17 71.43
N PRO D 152 -17.43 1.27 71.16
CA PRO D 152 -16.72 1.33 69.87
C PRO D 152 -17.52 0.80 68.70
N PHE D 153 -18.66 0.17 68.93
CA PHE D 153 -19.43 -0.46 67.87
C PHE D 153 -20.46 0.46 67.27
N ALA D 154 -20.49 1.72 67.66
CA ALA D 154 -21.54 2.62 67.24
C ALA D 154 -20.97 3.83 66.53
N ALA D 155 -21.70 4.30 65.52
CA ALA D 155 -21.39 5.51 64.79
C ALA D 155 -22.64 6.37 64.74
N VAL D 156 -22.46 7.68 64.87
CA VAL D 156 -23.56 8.62 64.91
C VAL D 156 -23.40 9.58 63.74
N TYR D 157 -24.42 9.67 62.90
CA TYR D 157 -24.44 10.56 61.74
C TYR D 157 -25.45 11.66 62.03
N TYR D 158 -25.01 12.92 61.99
CA TYR D 158 -25.83 13.96 62.59
C TYR D 158 -27.08 14.35 61.79
N PRO D 159 -26.99 14.96 60.59
CA PRO D 159 -28.16 15.71 60.09
C PRO D 159 -29.22 14.79 59.51
N TRP D 160 -30.44 14.93 60.00
CA TRP D 160 -31.57 14.19 59.46
C TRP D 160 -31.84 14.66 58.04
N LEU D 161 -31.69 13.77 57.07
CA LEU D 161 -31.80 14.16 55.68
C LEU D 161 -33.24 14.44 55.30
N LYS D 162 -33.42 15.26 54.28
CA LYS D 162 -34.74 15.59 53.76
C LYS D 162 -34.77 15.31 52.27
N ALA D 163 -35.97 15.05 51.77
CA ALA D 163 -36.16 14.70 50.37
C ALA D 163 -37.44 15.35 49.87
N ASP D 164 -37.56 15.46 48.55
CA ASP D 164 -38.76 16.06 47.97
C ASP D 164 -39.94 15.10 47.98
N TRP D 165 -39.68 13.79 47.92
CA TRP D 165 -40.77 12.83 47.99
C TRP D 165 -41.24 12.61 49.43
N ALA D 166 -40.32 12.68 50.38
CA ALA D 166 -40.67 12.49 51.78
C ALA D 166 -41.22 13.78 52.37
N ASN D 167 -42.35 13.67 53.07
CA ASN D 167 -42.92 14.84 53.74
C ASN D 167 -42.13 15.19 54.99
N ILE D 168 -41.86 14.19 55.82
CA ILE D 168 -41.07 14.34 57.04
C ILE D 168 -39.59 14.17 56.73
N ASP D 169 -38.74 14.51 57.70
CA ASP D 169 -37.31 14.33 57.54
C ASP D 169 -36.91 12.88 57.78
N ILE D 170 -35.96 12.41 56.99
CA ILE D 170 -35.51 11.02 57.00
C ILE D 170 -34.42 10.86 58.04
N PRO D 171 -34.47 9.82 58.88
CA PRO D 171 -33.36 9.54 59.79
C PRO D 171 -32.11 9.16 59.01
N PRO D 172 -30.95 9.72 59.37
CA PRO D 172 -29.75 9.53 58.55
C PRO D 172 -29.11 8.15 58.68
N SER D 173 -29.47 7.37 59.69
CA SER D 173 -28.91 6.04 59.84
C SER D 173 -29.46 5.05 58.83
N ALA D 174 -30.66 5.30 58.31
CA ALA D 174 -31.24 4.37 57.35
C ALA D 174 -30.61 4.53 55.98
N VAL D 175 -30.15 5.72 55.63
CA VAL D 175 -29.42 5.87 54.38
C VAL D 175 -28.00 5.37 54.51
N MET D 176 -27.47 5.27 55.74
CA MET D 176 -26.10 4.83 55.94
C MET D 176 -25.96 3.32 56.01
N ALA D 177 -27.06 2.60 56.23
CA ALA D 177 -27.03 1.16 56.06
C ALA D 177 -26.86 0.79 54.59
N GLY D 178 -27.43 1.61 53.70
CA GLY D 178 -27.24 1.39 52.28
C GLY D 178 -25.90 1.87 51.78
N VAL D 179 -25.36 2.92 52.39
CA VAL D 179 -24.03 3.40 52.02
C VAL D 179 -22.96 2.42 52.46
N TYR D 180 -23.17 1.77 53.61
CA TYR D 180 -22.27 0.71 54.05
C TYR D 180 -22.28 -0.47 53.09
N ALA D 181 -23.45 -0.83 52.59
CA ALA D 181 -23.53 -1.94 51.63
C ALA D 181 -22.99 -1.54 50.27
N SER D 182 -23.09 -0.26 49.90
CA SER D 182 -22.63 0.18 48.60
C SER D 182 -21.12 0.36 48.57
N VAL D 183 -20.53 0.75 49.70
CA VAL D 183 -19.08 0.92 49.78
C VAL D 183 -18.38 -0.42 49.73
N ASP D 184 -18.88 -1.38 50.53
CA ASP D 184 -18.22 -2.67 50.67
C ASP D 184 -18.35 -3.52 49.42
N LEU D 185 -19.36 -3.29 48.60
CA LEU D 185 -19.48 -4.02 47.35
C LEU D 185 -18.56 -3.46 46.28
N SER D 186 -18.40 -2.14 46.21
CA SER D 186 -17.58 -1.53 45.17
C SER D 186 -16.11 -1.50 45.53
N ARG D 187 -15.75 -1.31 46.79
CA ARG D 187 -14.36 -1.16 47.16
C ARG D 187 -13.91 -2.02 48.33
N GLY D 188 -14.81 -2.54 49.16
CA GLY D 188 -14.42 -3.42 50.24
C GLY D 188 -14.79 -2.90 51.61
N VAL D 189 -14.82 -3.80 52.61
CA VAL D 189 -15.17 -3.41 53.97
C VAL D 189 -14.08 -2.55 54.60
N TRP D 190 -12.83 -2.75 54.18
CA TRP D 190 -11.71 -2.01 54.72
C TRP D 190 -11.70 -0.55 54.29
N LYS D 191 -12.39 -0.20 53.21
CA LYS D 191 -12.54 1.19 52.79
C LYS D 191 -13.58 1.87 53.66
N ALA D 192 -13.25 3.08 54.11
CA ALA D 192 -14.18 3.87 54.90
C ALA D 192 -15.39 4.29 54.07
N PRO D 193 -16.56 4.40 54.68
CA PRO D 193 -17.76 4.83 53.94
C PRO D 193 -17.86 6.33 53.70
N ALA D 194 -16.83 7.11 53.98
CA ALA D 194 -16.94 8.54 53.80
C ALA D 194 -16.61 8.92 52.36
N ASN D 195 -16.79 10.22 52.07
CA ASN D 195 -16.86 10.88 50.75
C ASN D 195 -17.51 10.01 49.66
N VAL D 196 -18.69 9.48 49.99
CA VAL D 196 -19.54 8.77 49.06
C VAL D 196 -20.84 9.54 48.92
N ALA D 197 -21.23 9.82 47.69
CA ALA D 197 -22.45 10.56 47.43
C ALA D 197 -23.67 9.69 47.64
N LEU D 198 -24.77 10.33 48.05
CA LEU D 198 -26.02 9.62 48.31
C LEU D 198 -26.83 9.55 47.02
N LYS D 199 -27.20 8.33 46.61
CA LYS D 199 -27.80 8.14 45.30
C LYS D 199 -29.24 8.63 45.26
N GLY D 200 -29.96 8.53 46.38
CA GLY D 200 -31.31 9.04 46.42
C GLY D 200 -31.35 10.56 46.41
N GLY D 201 -32.55 11.09 46.22
CA GLY D 201 -32.72 12.54 46.20
C GLY D 201 -32.66 13.16 47.59
N LEU D 202 -31.48 13.13 48.20
CA LEU D 202 -31.28 13.56 49.57
C LEU D 202 -30.45 14.83 49.62
N GLU D 203 -30.65 15.59 50.69
CA GLU D 203 -29.81 16.74 51.03
C GLU D 203 -30.03 17.03 52.51
N PRO D 204 -29.01 17.53 53.21
CA PRO D 204 -29.13 17.69 54.67
C PRO D 204 -30.10 18.79 55.05
N LYS D 205 -30.77 18.59 56.20
CA LYS D 205 -31.70 19.59 56.70
C LYS D 205 -30.98 20.84 57.18
N PHE D 206 -29.81 20.66 57.78
CA PHE D 206 -29.02 21.75 58.33
C PHE D 206 -27.64 21.74 57.70
N LEU D 207 -27.28 22.85 57.06
CA LEU D 207 -25.92 23.01 56.54
C LEU D 207 -24.97 23.19 57.71
N VAL D 208 -23.85 22.49 57.66
CA VAL D 208 -22.94 22.37 58.81
C VAL D 208 -21.63 23.08 58.47
N THR D 209 -21.26 24.06 59.29
CA THR D 209 -19.98 24.73 59.14
C THR D 209 -18.83 23.80 59.49
N ASP D 210 -17.65 24.11 58.95
CA ASP D 210 -16.46 23.31 59.25
C ASP D 210 -16.01 23.48 60.69
N GLU D 211 -16.25 24.65 61.28
CA GLU D 211 -15.84 24.88 62.66
C GLU D 211 -16.72 24.11 63.64
N LEU D 212 -17.98 23.86 63.28
CA LEU D 212 -18.85 23.06 64.13
C LEU D 212 -18.46 21.59 64.10
N GLN D 213 -18.07 21.09 62.92
CA GLN D 213 -17.65 19.69 62.79
C GLN D 213 -16.36 19.41 63.53
N GLY D 214 -15.52 20.43 63.77
CA GLY D 214 -14.32 20.22 64.55
C GLY D 214 -14.60 19.96 66.02
N GLU D 215 -15.71 20.50 66.54
CA GLU D 215 -16.09 20.23 67.92
C GLU D 215 -16.49 18.78 68.11
N TYR D 216 -17.34 18.27 67.21
CA TYR D 216 -17.98 16.99 67.42
C TYR D 216 -17.11 15.82 67.01
N ASN D 217 -16.08 16.04 66.20
CA ASN D 217 -15.27 14.95 65.68
C ASN D 217 -14.30 14.38 66.71
N THR D 218 -14.06 15.08 67.83
CA THR D 218 -12.94 14.72 68.68
C THR D 218 -13.28 13.61 69.67
N GLY D 219 -14.19 13.86 70.60
CA GLY D 219 -14.30 12.96 71.75
C GLY D 219 -15.21 11.76 71.62
N ARG D 220 -16.50 11.99 71.42
CA ARG D 220 -17.47 10.93 71.15
C ARG D 220 -18.03 11.28 69.78
N ALA D 221 -17.36 10.79 68.75
CA ALA D 221 -17.40 11.45 67.46
C ALA D 221 -18.73 11.25 66.76
N ILE D 222 -19.26 12.36 66.25
CA ILE D 222 -20.48 12.38 65.47
C ILE D 222 -20.07 12.68 64.03
N ASN D 223 -20.16 11.69 63.17
CA ASN D 223 -19.91 11.90 61.75
C ASN D 223 -21.03 12.76 61.16
N MET D 224 -20.71 13.45 60.07
CA MET D 224 -21.65 14.45 59.57
C MET D 224 -21.79 14.33 58.06
N ILE D 225 -23.01 14.55 57.59
CA ILE D 225 -23.35 14.48 56.18
C ILE D 225 -23.55 15.92 55.71
N ARG D 226 -22.65 16.43 54.88
CA ARG D 226 -22.75 17.82 54.49
C ARG D 226 -22.54 17.98 52.99
N ASN D 227 -23.08 19.08 52.47
CA ASN D 227 -23.19 19.29 51.03
C ASN D 227 -21.94 19.97 50.48
N PHE D 228 -21.43 19.44 49.38
CA PHE D 228 -20.33 20.03 48.64
C PHE D 228 -20.86 20.38 47.25
N SER D 229 -20.39 21.49 46.69
CA SER D 229 -20.99 21.98 45.45
C SER D 229 -20.60 21.13 44.25
N ASN D 230 -19.44 20.48 44.31
CA ASN D 230 -19.02 19.61 43.21
C ASN D 230 -19.46 18.17 43.41
N THR D 231 -19.63 17.73 44.66
CA THR D 231 -19.98 16.35 44.95
C THR D 231 -21.47 16.17 45.25
N GLY D 232 -22.21 17.23 45.53
CA GLY D 232 -23.55 17.08 46.02
C GLY D 232 -23.53 16.86 47.52
N THR D 233 -24.49 16.09 48.02
CA THR D 233 -24.44 15.68 49.41
C THR D 233 -23.56 14.45 49.54
N THR D 234 -22.87 14.36 50.68
CA THR D 234 -21.86 13.31 50.85
C THR D 234 -21.64 13.08 52.33
N VAL D 235 -21.15 11.89 52.65
CA VAL D 235 -20.82 11.52 54.02
C VAL D 235 -19.39 11.97 54.30
N TRP D 236 -19.16 12.48 55.51
CA TRP D 236 -17.89 13.13 55.80
C TRP D 236 -17.31 12.69 57.13
N GLY D 237 -17.48 11.43 57.50
CA GLY D 237 -16.94 10.94 58.75
C GLY D 237 -16.82 9.43 58.73
N ALA D 238 -15.81 8.93 59.42
CA ALA D 238 -15.60 7.50 59.55
C ALA D 238 -15.33 7.08 60.99
N ARG D 239 -15.55 7.96 61.95
CA ARG D 239 -15.14 7.71 63.32
C ARG D 239 -16.27 7.08 64.14
N THR D 240 -15.90 6.19 65.05
CA THR D 240 -16.85 5.56 65.97
C THR D 240 -17.06 6.48 67.18
N LEU D 241 -17.76 5.95 68.19
CA LEU D 241 -17.93 6.68 69.44
C LEU D 241 -16.80 6.44 70.42
N GLU D 242 -15.88 5.53 70.12
CA GLU D 242 -14.71 5.33 70.96
C GLU D 242 -13.57 6.24 70.52
N ASP D 243 -12.99 6.95 71.48
CA ASP D 243 -11.89 7.85 71.18
C ASP D 243 -10.52 7.17 71.25
N LYS D 244 -10.46 5.94 71.75
CA LYS D 244 -9.19 5.24 71.85
C LYS D 244 -8.61 4.97 70.47
N ASP D 245 -7.28 4.90 70.40
CA ASP D 245 -6.59 4.81 69.12
C ASP D 245 -6.72 3.44 68.48
N ASN D 246 -7.22 2.44 69.20
CA ASN D 246 -7.41 1.12 68.64
C ASN D 246 -8.62 1.06 67.72
N TRP D 247 -9.77 1.55 68.19
CA TRP D 247 -11.02 1.42 67.47
C TRP D 247 -11.61 2.77 67.12
N ARG D 248 -10.77 3.66 66.59
CA ARG D 248 -11.23 5.02 66.33
C ARG D 248 -12.13 5.11 65.10
N TYR D 249 -11.85 4.30 64.07
CA TYR D 249 -12.51 4.43 62.78
C TYR D 249 -13.46 3.29 62.52
N VAL D 250 -14.60 3.58 61.89
CA VAL D 250 -15.53 2.53 61.48
C VAL D 250 -15.02 1.58 60.39
N PRO D 251 -14.04 1.89 59.50
CA PRO D 251 -13.54 0.79 58.65
C PRO D 251 -12.71 -0.23 59.41
N VAL D 252 -12.06 0.16 60.51
CA VAL D 252 -11.26 -0.81 61.26
C VAL D 252 -12.16 -1.68 62.13
N ARG D 253 -13.21 -1.09 62.70
CA ARG D 253 -14.13 -1.86 63.54
C ARG D 253 -14.98 -2.80 62.70
N ARG D 254 -15.42 -2.36 61.52
CA ARG D 254 -16.22 -3.21 60.65
C ARG D 254 -15.39 -4.25 59.92
N LEU D 255 -14.08 -4.03 59.77
CA LEU D 255 -13.24 -5.09 59.21
C LEU D 255 -13.08 -6.23 60.21
N PHE D 256 -12.83 -5.89 61.47
CA PHE D 256 -12.68 -6.92 62.50
C PHE D 256 -13.98 -7.66 62.77
N ASN D 257 -15.12 -6.97 62.64
CA ASN D 257 -16.41 -7.66 62.74
C ASN D 257 -16.62 -8.61 61.58
N SER D 258 -16.14 -8.25 60.39
CA SER D 258 -16.36 -9.08 59.21
C SER D 258 -15.40 -10.25 59.17
N VAL D 259 -14.15 -10.04 59.58
CA VAL D 259 -13.15 -11.10 59.55
C VAL D 259 -13.51 -12.21 60.52
N GLU D 260 -13.96 -11.83 61.72
CA GLU D 260 -14.23 -12.82 62.75
C GLU D 260 -15.53 -13.57 62.46
N ARG D 261 -16.40 -12.99 61.65
CA ARG D 261 -17.59 -13.73 61.19
C ARG D 261 -17.21 -14.76 60.13
N ASP D 262 -16.26 -14.43 59.27
CA ASP D 262 -15.82 -15.41 58.27
C ASP D 262 -14.99 -16.51 58.90
N ILE D 263 -14.25 -16.18 59.96
CA ILE D 263 -13.48 -17.20 60.68
C ILE D 263 -14.42 -18.07 61.51
N LYS D 264 -15.55 -17.50 61.94
CA LYS D 264 -16.62 -18.28 62.58
C LYS D 264 -17.12 -19.39 61.69
N ARG D 265 -17.24 -19.14 60.38
CA ARG D 265 -17.76 -20.15 59.48
C ARG D 265 -16.73 -21.22 59.20
N ALA D 266 -15.45 -20.87 59.17
CA ALA D 266 -14.42 -21.88 58.98
C ALA D 266 -14.22 -22.70 60.26
N MET D 267 -14.53 -22.15 61.41
CA MET D 267 -14.42 -22.98 62.60
C MET D 267 -15.69 -23.76 62.86
N SER D 268 -16.71 -23.59 62.01
CA SER D 268 -17.92 -24.36 62.16
C SER D 268 -17.69 -25.82 61.79
N PHE D 269 -16.79 -26.09 60.83
CA PHE D 269 -16.59 -27.49 60.45
C PHE D 269 -15.75 -28.23 61.47
N ALA D 270 -14.96 -27.50 62.25
CA ALA D 270 -14.14 -28.14 63.28
C ALA D 270 -14.94 -28.49 64.52
N MET D 271 -16.20 -28.07 64.59
CA MET D 271 -17.06 -28.39 65.72
C MET D 271 -17.28 -29.89 65.81
N PHE D 272 -17.12 -30.40 67.04
CA PHE D 272 -17.39 -31.79 67.42
C PHE D 272 -16.52 -32.79 66.67
N GLU D 273 -15.38 -32.35 66.19
CA GLU D 273 -14.30 -33.17 65.68
C GLU D 273 -13.41 -33.58 66.84
N PRO D 274 -12.58 -34.62 66.70
CA PRO D 274 -11.67 -34.99 67.79
C PRO D 274 -10.66 -33.91 68.08
N ASN D 275 -10.44 -33.66 69.37
CA ASN D 275 -9.56 -32.58 69.83
C ASN D 275 -8.15 -33.13 69.93
N ASN D 276 -7.46 -33.17 68.79
CA ASN D 276 -6.07 -33.60 68.75
C ASN D 276 -5.33 -32.70 67.78
N GLN D 277 -4.09 -33.04 67.48
CA GLN D 277 -3.28 -32.24 66.57
C GLN D 277 -3.72 -32.25 65.10
N PRO D 278 -4.20 -33.35 64.49
CA PRO D 278 -4.66 -33.23 63.09
C PRO D 278 -5.87 -32.33 62.89
N THR D 279 -6.64 -32.04 63.93
CA THR D 279 -7.68 -31.03 63.80
C THR D 279 -7.09 -29.63 63.83
N TRP D 280 -6.13 -29.39 64.75
CA TRP D 280 -5.57 -28.05 64.94
C TRP D 280 -4.78 -27.58 63.73
N GLU D 281 -4.16 -28.49 63.00
CA GLU D 281 -3.45 -28.10 61.79
C GLU D 281 -4.39 -27.96 60.60
N ARG D 282 -5.64 -28.34 60.76
CA ARG D 282 -6.66 -28.05 59.77
C ARG D 282 -7.42 -26.77 60.10
N VAL D 283 -7.53 -26.45 61.38
CA VAL D 283 -8.09 -25.18 61.81
C VAL D 283 -7.16 -24.04 61.45
N ARG D 284 -5.85 -24.23 61.64
CA ARG D 284 -4.89 -23.18 61.32
C ARG D 284 -4.76 -22.99 59.83
N ALA D 285 -4.82 -24.08 59.06
CA ALA D 285 -4.70 -23.96 57.61
C ALA D 285 -5.93 -23.30 57.00
N ALA D 286 -7.10 -23.48 57.60
CA ALA D 286 -8.31 -22.86 57.07
C ALA D 286 -8.32 -21.36 57.33
N ILE D 287 -7.78 -20.93 58.46
CA ILE D 287 -7.71 -19.50 58.75
C ILE D 287 -6.60 -18.85 57.93
N SER D 288 -5.49 -19.56 57.75
CA SER D 288 -4.34 -18.98 57.06
C SER D 288 -4.62 -18.78 55.57
N ASN D 289 -5.50 -19.61 54.99
CA ASN D 289 -5.93 -19.37 53.61
C ASN D 289 -6.78 -18.12 53.52
N TYR D 290 -7.66 -17.93 54.51
CA TYR D 290 -8.61 -16.82 54.44
C TYR D 290 -7.92 -15.48 54.64
N LEU D 291 -7.01 -15.40 55.60
CA LEU D 291 -6.32 -14.15 55.85
C LEU D 291 -5.31 -13.81 54.77
N TYR D 292 -4.79 -14.83 54.08
CA TYR D 292 -3.89 -14.56 52.97
C TYR D 292 -4.62 -13.96 51.78
N SER D 293 -5.77 -14.55 51.42
CA SER D 293 -6.54 -14.02 50.30
C SER D 293 -7.17 -12.68 50.62
N LEU D 294 -7.39 -12.38 51.90
CA LEU D 294 -7.83 -11.06 52.29
C LEU D 294 -6.68 -10.05 52.21
N TRP D 295 -5.47 -10.48 52.56
CA TRP D 295 -4.29 -9.62 52.42
C TRP D 295 -3.98 -9.35 50.96
N GLN D 296 -4.23 -10.33 50.09
CA GLN D 296 -4.00 -10.13 48.65
C GLN D 296 -4.98 -9.15 48.05
N GLN D 297 -6.17 -9.01 48.64
CA GLN D 297 -7.11 -7.99 48.18
C GLN D 297 -6.75 -6.60 48.67
N GLY D 298 -5.75 -6.47 49.52
CA GLY D 298 -5.41 -5.18 50.09
C GLY D 298 -6.14 -4.86 51.37
N GLY D 299 -6.80 -5.83 51.98
CA GLY D 299 -7.59 -5.55 53.17
C GLY D 299 -6.74 -5.31 54.39
N LEU D 300 -5.65 -6.05 54.54
CA LEU D 300 -4.74 -5.92 55.65
C LEU D 300 -3.47 -5.18 55.20
N ALA D 301 -2.96 -4.30 56.04
CA ALA D 301 -1.85 -3.44 55.69
C ALA D 301 -0.54 -4.11 56.07
N GLY D 302 0.26 -4.45 55.07
CA GLY D 302 1.59 -4.98 55.29
C GLY D 302 2.29 -5.24 53.97
N SER D 303 3.54 -4.79 53.85
CA SER D 303 4.30 -5.04 52.64
C SER D 303 4.70 -6.51 52.55
N LYS D 304 5.18 -7.06 53.65
CA LYS D 304 5.45 -8.48 53.78
C LYS D 304 4.19 -9.18 54.28
N GLU D 305 3.92 -10.37 53.74
CA GLU D 305 2.76 -11.15 54.13
C GLU D 305 2.81 -11.59 55.60
N GLU D 306 4.01 -11.81 56.14
CA GLU D 306 4.16 -12.17 57.54
C GLU D 306 4.00 -10.98 58.48
N ASP D 307 3.88 -9.76 57.96
CA ASP D 307 3.62 -8.58 58.77
C ASP D 307 2.14 -8.30 58.94
N ALA D 308 1.28 -8.86 58.08
CA ALA D 308 -0.13 -8.50 58.11
C ALA D 308 -0.92 -9.32 59.12
N TYR D 309 -0.52 -10.56 59.36
CA TYR D 309 -1.31 -11.45 60.22
C TYR D 309 -0.42 -12.55 60.78
N PHE D 310 -0.93 -13.19 61.83
CA PHE D 310 -0.31 -14.38 62.40
C PHE D 310 -1.39 -15.22 63.05
N VAL D 311 -1.25 -16.54 62.95
CA VAL D 311 -2.16 -17.51 63.53
C VAL D 311 -1.35 -18.48 64.38
N GLN D 312 -1.81 -18.76 65.60
CA GLN D 312 -1.07 -19.63 66.52
C GLN D 312 -2.01 -20.60 67.21
N ILE D 313 -1.86 -21.89 66.93
CA ILE D 313 -2.51 -22.97 67.65
C ILE D 313 -1.41 -23.91 68.15
N GLY D 314 -1.64 -24.51 69.31
CA GLY D 314 -0.69 -25.49 69.81
C GLY D 314 -0.95 -25.97 71.22
N LYS D 315 -0.37 -27.12 71.57
CA LYS D 315 -0.51 -27.65 72.92
C LYS D 315 0.47 -26.97 73.87
N GLY D 316 1.64 -26.56 73.38
CA GLY D 316 2.51 -25.78 74.22
C GLY D 316 2.17 -24.30 74.21
N ILE D 317 1.53 -23.84 73.15
CA ILE D 317 1.42 -22.42 72.86
C ILE D 317 0.17 -21.81 73.49
N THR D 318 -1.01 -22.30 73.11
CA THR D 318 -2.25 -21.61 73.43
C THR D 318 -3.11 -22.31 74.47
N MET D 319 -3.21 -23.63 74.44
CA MET D 319 -4.11 -24.36 75.32
C MET D 319 -3.34 -25.31 76.22
N THR D 320 -3.79 -25.43 77.47
CA THR D 320 -3.21 -26.36 78.42
C THR D 320 -3.72 -27.77 78.15
N GLN D 321 -2.99 -28.77 78.63
CA GLN D 321 -3.49 -30.14 78.69
C GLN D 321 -4.78 -30.23 79.51
N GLU D 322 -4.89 -29.37 80.53
CA GLU D 322 -6.12 -29.26 81.29
C GLU D 322 -7.26 -28.72 80.43
N GLN D 323 -6.99 -27.72 79.59
CA GLN D 323 -8.04 -27.11 78.81
C GLN D 323 -8.46 -27.98 77.64
N ILE D 324 -7.56 -28.85 77.16
CA ILE D 324 -7.90 -29.77 76.08
C ILE D 324 -8.89 -30.81 76.57
N ASP D 325 -8.70 -31.33 77.78
CA ASP D 325 -9.63 -32.28 78.37
C ASP D 325 -10.98 -31.67 78.70
N ALA D 326 -11.03 -30.36 78.91
CA ALA D 326 -12.32 -29.69 79.10
C ALA D 326 -13.08 -29.56 77.78
N GLY D 327 -12.37 -29.62 76.65
CA GLY D 327 -12.98 -29.52 75.34
C GLY D 327 -12.69 -28.23 74.62
N GLN D 328 -11.84 -27.37 75.17
CA GLN D 328 -11.58 -26.07 74.56
C GLN D 328 -10.48 -26.16 73.52
N MET D 329 -10.54 -25.25 72.55
CA MET D 329 -9.52 -25.12 71.52
C MET D 329 -9.28 -23.63 71.30
N ILE D 330 -8.06 -23.18 71.55
CA ILE D 330 -7.73 -21.76 71.59
C ILE D 330 -6.82 -21.41 70.42
N VAL D 331 -7.23 -20.41 69.64
CA VAL D 331 -6.48 -19.89 68.51
C VAL D 331 -6.22 -18.41 68.76
N LYS D 332 -5.05 -17.93 68.34
CA LYS D 332 -4.71 -16.51 68.41
C LYS D 332 -4.53 -15.97 67.01
N VAL D 333 -5.30 -14.94 66.68
CA VAL D 333 -5.26 -14.29 65.37
C VAL D 333 -4.92 -12.83 65.59
N GLY D 334 -4.00 -12.30 64.79
CA GLY D 334 -3.74 -10.87 64.77
C GLY D 334 -3.89 -10.34 63.37
N LEU D 335 -4.30 -9.08 63.27
CA LEU D 335 -4.51 -8.41 62.00
C LEU D 335 -3.89 -7.03 62.03
N ALA D 336 -3.64 -6.47 60.85
CA ALA D 336 -3.10 -5.12 60.73
C ALA D 336 -3.94 -4.38 59.69
N ALA D 337 -4.93 -3.62 60.17
CA ALA D 337 -5.82 -2.91 59.27
C ALA D 337 -5.16 -1.64 58.75
N VAL D 338 -5.76 -1.07 57.71
CA VAL D 338 -5.29 0.18 57.11
C VAL D 338 -6.10 1.32 57.71
N ARG D 339 -5.42 2.41 58.02
CA ARG D 339 -6.17 3.53 58.54
C ARG D 339 -6.43 4.54 57.43
N PRO D 340 -7.56 5.25 57.45
CA PRO D 340 -7.82 6.23 56.40
C PRO D 340 -7.14 7.57 56.67
N ALA D 341 -6.70 8.20 55.59
CA ALA D 341 -6.17 9.56 55.68
C ALA D 341 -7.31 10.53 55.88
N GLU D 342 -7.30 11.23 57.01
CA GLU D 342 -8.43 12.06 57.39
C GLU D 342 -8.20 13.54 57.19
N PHE D 343 -6.99 14.02 57.42
CA PHE D 343 -6.64 15.42 57.22
C PHE D 343 -5.58 15.53 56.14
N ILE D 344 -5.72 16.51 55.27
CA ILE D 344 -4.72 16.81 54.26
C ILE D 344 -4.33 18.29 54.41
N ILE D 345 -3.05 18.54 54.63
CA ILE D 345 -2.56 19.88 54.91
C ILE D 345 -1.77 20.36 53.71
N LEU D 346 -2.25 21.44 53.08
CA LEU D 346 -1.58 22.08 51.96
C LEU D 346 -0.76 23.24 52.48
N GLN D 347 0.49 23.32 52.05
CA GLN D 347 1.32 24.49 52.30
C GLN D 347 1.61 25.17 50.97
N PHE D 348 1.14 26.41 50.83
CA PHE D 348 1.33 27.18 49.61
C PHE D 348 2.43 28.19 49.82
N THR D 349 3.49 28.10 49.02
CA THR D 349 4.64 28.96 49.11
C THR D 349 4.60 29.96 47.96
N GLN D 350 4.96 31.21 48.24
CA GLN D 350 4.83 32.24 47.22
C GLN D 350 6.01 32.23 46.26
N ASP D 351 7.19 31.82 46.71
CA ASP D 351 8.33 31.74 45.83
C ASP D 351 8.60 30.29 45.43
N VAL D 352 8.87 30.09 44.15
CA VAL D 352 9.11 28.76 43.59
C VAL D 352 10.60 28.50 43.62
N GLU D 353 11.00 27.46 44.35
CA GLU D 353 12.39 27.06 44.40
C GLU D 353 12.52 25.57 44.72
N THR E 2 2.27 23.72 65.50
CA THR E 2 2.44 23.66 64.05
C THR E 2 1.09 23.78 63.35
N THR E 3 0.39 22.65 63.28
CA THR E 3 -0.93 22.58 62.65
C THR E 3 -1.82 21.70 63.51
N VAL E 4 -3.01 22.18 63.83
CA VAL E 4 -3.98 21.44 64.63
C VAL E 4 -5.16 21.10 63.73
N THR E 5 -5.57 19.84 63.75
CA THR E 5 -6.55 19.30 62.81
C THR E 5 -7.75 18.80 63.60
N SER E 6 -8.88 19.50 63.48
CA SER E 6 -10.10 19.11 64.17
C SER E 6 -11.12 18.47 63.24
N TYR E 7 -11.50 19.15 62.16
CA TYR E 7 -12.36 18.56 61.14
C TYR E 7 -11.53 17.77 60.15
N PRO E 8 -12.13 16.80 59.42
CA PRO E 8 -11.35 16.06 58.42
C PRO E 8 -10.78 16.92 57.31
N GLY E 9 -11.63 17.48 56.44
CA GLY E 9 -11.33 18.54 55.50
C GLY E 9 -10.05 18.51 54.68
N VAL E 10 -9.63 19.67 54.18
CA VAL E 10 -8.25 19.91 53.79
C VAL E 10 -7.85 21.23 54.42
N TYR E 11 -6.54 21.49 54.44
CA TYR E 11 -5.99 22.65 55.12
C TYR E 11 -5.04 23.37 54.17
N ILE E 12 -5.26 24.67 53.99
CA ILE E 12 -4.53 25.45 52.98
C ILE E 12 -3.68 26.50 53.69
N GLU E 13 -3.06 26.09 54.79
CA GLU E 13 -1.99 26.83 55.45
C GLU E 13 -0.95 27.34 54.46
N GLU E 14 -0.48 28.57 54.66
CA GLU E 14 0.56 29.17 53.83
C GLU E 14 1.79 29.42 54.67
N LEU E 15 2.87 28.69 54.40
CA LEU E 15 4.13 28.93 55.09
C LEU E 15 5.29 28.60 54.17
N ASN E 16 6.38 29.35 54.32
CA ASN E 16 7.61 29.12 53.57
C ASN E 16 8.49 28.18 54.38
N SER E 17 8.51 26.92 54.01
CA SER E 17 9.48 25.99 54.54
C SER E 17 10.08 25.21 53.39
N LEU E 18 11.39 25.01 53.45
CA LEU E 18 12.13 24.38 52.38
C LEU E 18 12.19 22.88 52.63
N ALA E 19 11.99 22.10 51.57
CA ALA E 19 12.02 20.65 51.67
C ALA E 19 13.00 20.10 50.65
N LEU E 20 13.84 19.17 51.09
CA LEU E 20 14.86 18.57 50.25
C LEU E 20 14.56 17.08 50.09
N SER E 21 14.81 16.56 48.90
CA SER E 21 14.52 15.16 48.61
C SER E 21 15.55 14.26 49.28
N VAL E 22 15.10 13.06 49.67
CA VAL E 22 15.94 12.15 50.43
C VAL E 22 16.75 11.27 49.49
N SER E 23 17.94 10.88 49.95
CA SER E 23 18.80 9.97 49.21
C SER E 23 19.34 8.93 50.18
N ASN E 24 19.55 7.72 49.67
CA ASN E 24 20.14 6.63 50.45
C ASN E 24 21.52 6.34 49.89
N SER E 25 22.55 6.47 50.73
CA SER E 25 23.92 6.25 50.33
C SER E 25 24.51 5.14 51.19
N ALA E 26 24.95 4.07 50.54
CA ALA E 26 25.50 2.94 51.29
C ALA E 26 26.95 3.17 51.70
N THR E 27 27.68 4.02 50.98
CA THR E 27 29.12 4.08 51.12
C THR E 27 29.62 5.27 51.93
N ALA E 28 28.82 6.32 52.09
CA ALA E 28 29.28 7.55 52.72
C ALA E 28 28.32 7.96 53.83
N VAL E 29 28.73 7.76 55.07
CA VAL E 29 27.96 8.19 56.24
C VAL E 29 28.81 9.17 57.03
N PRO E 30 28.62 10.47 56.88
CA PRO E 30 29.48 11.43 57.56
C PRO E 30 29.11 11.62 59.02
N VAL E 31 30.06 12.17 59.77
CA VAL E 31 29.84 12.59 61.15
C VAL E 31 30.24 14.06 61.22
N PHE E 32 29.27 14.92 61.50
CA PHE E 32 29.52 16.35 61.53
C PHE E 32 29.99 16.74 62.92
N ALA E 33 31.20 17.29 63.00
CA ALA E 33 31.69 17.82 64.26
C ALA E 33 30.92 19.09 64.61
N VAL E 34 30.42 19.15 65.83
CA VAL E 34 29.58 20.25 66.29
C VAL E 34 30.32 20.95 67.43
N ASP E 35 30.37 22.28 67.37
CA ASP E 35 31.08 23.03 68.40
C ASP E 35 30.31 22.99 69.72
N GLU E 36 31.03 23.20 70.80
CA GLU E 36 30.35 23.53 72.04
C GLU E 36 29.82 24.95 71.96
N GLN E 37 28.94 25.30 72.91
CA GLN E 37 27.90 26.34 72.80
C GLN E 37 26.90 26.02 71.70
N ASN E 38 26.55 24.75 71.54
CA ASN E 38 25.42 24.31 70.72
C ASN E 38 24.41 23.69 71.67
N GLN E 39 23.26 24.34 71.83
CA GLN E 39 22.29 23.96 72.85
C GLN E 39 21.38 22.82 72.41
N TYR E 40 21.47 22.37 71.16
CA TYR E 40 20.49 21.41 70.66
C TYR E 40 20.91 19.96 70.82
N ILE E 41 22.20 19.66 70.70
CA ILE E 41 22.68 18.30 70.86
C ILE E 41 23.46 18.21 72.17
N SER E 42 23.44 17.03 72.78
CA SER E 42 24.11 16.79 74.04
C SER E 42 25.47 16.16 73.80
N GLU E 43 26.30 16.17 74.83
CA GLU E 43 27.56 15.46 74.78
C GLU E 43 27.34 13.96 74.78
N ASP E 44 28.31 13.24 74.21
CA ASP E 44 28.50 11.80 74.37
C ASP E 44 27.35 10.96 73.84
N ASN E 45 26.58 11.46 72.87
CA ASN E 45 25.73 10.59 72.07
C ASN E 45 25.59 11.17 70.68
N ALA E 46 25.61 10.28 69.69
CA ALA E 46 25.41 10.65 68.29
C ALA E 46 23.92 10.70 68.00
N ILE E 47 23.49 11.73 67.30
CA ILE E 47 22.10 11.90 66.93
C ILE E 47 22.01 11.61 65.44
N ARG E 48 21.40 10.49 65.07
CA ARG E 48 21.26 10.15 63.68
C ARG E 48 20.19 11.02 63.05
N ILE E 49 20.56 11.71 61.98
CA ILE E 49 19.66 12.59 61.25
C ILE E 49 19.39 11.95 59.90
N ASN E 50 18.19 11.41 59.73
CA ASN E 50 17.89 10.63 58.53
C ASN E 50 17.66 11.51 57.31
N SER E 51 17.20 12.74 57.52
CA SER E 51 16.81 13.60 56.41
C SER E 51 16.87 15.04 56.86
N TRP E 52 16.67 15.95 55.91
CA TRP E 52 16.65 17.37 56.23
C TRP E 52 15.42 17.72 57.06
N MET E 53 14.31 17.03 56.81
CA MET E 53 13.12 17.21 57.63
C MET E 53 13.34 16.71 59.05
N ASP E 54 14.11 15.62 59.20
CA ASP E 54 14.50 15.12 60.51
C ASP E 54 15.34 16.15 61.26
N TYR E 55 16.25 16.81 60.57
CA TYR E 55 17.04 17.87 61.19
C TYR E 55 16.19 19.08 61.52
N LEU E 56 15.21 19.38 60.67
CA LEU E 56 14.36 20.55 60.87
C LEU E 56 13.30 20.33 61.95
N ASN E 57 13.18 19.12 62.48
CA ASN E 57 12.36 18.89 63.67
C ASN E 57 13.17 19.09 64.94
N LEU E 58 14.48 18.82 64.88
CA LEU E 58 15.33 18.94 66.06
C LEU E 58 15.53 20.40 66.45
N ILE E 59 15.82 21.25 65.47
CA ILE E 59 15.90 22.69 65.68
C ILE E 59 14.60 23.31 65.18
N GLY E 60 14.17 24.39 65.83
CA GLY E 60 12.89 24.98 65.48
C GLY E 60 12.92 25.72 64.16
N ASN E 61 13.82 26.69 64.04
CA ASN E 61 13.96 27.51 62.85
C ASN E 61 15.29 27.23 62.18
N PHE E 62 15.31 27.38 60.86
CA PHE E 62 16.57 27.47 60.15
C PHE E 62 17.24 28.80 60.49
N ASN E 63 18.49 28.73 60.93
CA ASN E 63 19.23 29.91 61.36
C ASN E 63 20.33 30.21 60.36
N ASN E 64 20.34 31.44 59.84
CA ASN E 64 21.38 31.84 58.91
C ASN E 64 22.73 32.01 59.59
N GLU E 65 22.73 32.32 60.88
CA GLU E 65 23.98 32.66 61.57
C GLU E 65 24.73 31.42 62.03
N ASP E 66 24.05 30.27 62.16
CA ASP E 66 24.70 29.07 62.67
C ASP E 66 25.64 28.48 61.62
N LYS E 67 26.83 28.09 62.06
CA LYS E 67 27.74 27.37 61.18
C LYS E 67 27.25 25.95 60.93
N LEU E 68 26.54 25.36 61.90
CA LEU E 68 26.05 24.00 61.72
C LEU E 68 24.85 23.95 60.80
N ASP E 69 23.98 24.96 60.87
CA ASP E 69 22.74 24.97 60.08
C ASP E 69 23.01 25.07 58.59
N VAL E 70 23.86 26.02 58.19
CA VAL E 70 24.13 26.25 56.78
C VAL E 70 24.99 25.13 56.21
N SER E 71 25.72 24.40 57.06
CA SER E 71 26.53 23.29 56.60
C SER E 71 25.70 22.04 56.38
N VAL E 72 24.66 21.83 57.18
CA VAL E 72 23.80 20.66 57.04
C VAL E 72 22.85 20.83 55.85
N ARG E 73 22.36 22.05 55.63
CA ARG E 73 21.48 22.29 54.48
C ARG E 73 22.23 22.17 53.16
N ALA E 74 23.48 22.62 53.13
CA ALA E 74 24.30 22.44 51.94
C ALA E 74 24.68 20.97 51.73
N TYR E 75 24.69 20.19 52.81
CA TYR E 75 24.99 18.77 52.70
C TYR E 75 23.83 18.01 52.08
N PHE E 76 22.60 18.31 52.50
CA PHE E 76 21.44 17.60 52.00
C PHE E 76 21.00 18.09 50.63
N ALA E 77 21.35 19.32 50.25
CA ALA E 77 21.01 19.81 48.93
C ALA E 77 21.87 19.16 47.85
N ASN E 78 23.08 18.73 48.20
CA ASN E 78 23.96 18.08 47.23
C ASN E 78 23.71 16.59 47.10
N GLY E 79 22.94 16.00 48.01
CA GLY E 79 22.57 14.61 47.85
C GLY E 79 23.10 13.69 48.92
N GLY E 80 23.24 14.20 50.14
CA GLY E 80 23.75 13.38 51.21
C GLY E 80 22.67 12.53 51.85
N GLY E 81 23.07 11.37 52.33
CA GLY E 81 22.18 10.47 53.04
C GLY E 81 22.10 10.83 54.52
N TYR E 82 21.85 9.81 55.33
CA TYR E 82 21.73 10.04 56.76
C TYR E 82 23.11 10.25 57.38
N CYS E 83 23.18 11.12 58.38
CA CYS E 83 24.43 11.47 59.02
C CYS E 83 24.24 11.50 60.52
N TYR E 84 25.37 11.55 61.23
CA TYR E 84 25.38 11.66 62.69
C TYR E 84 25.88 13.03 63.10
N LEU E 85 25.46 13.47 64.28
CA LEU E 85 25.87 14.75 64.84
C LEU E 85 26.50 14.49 66.20
N VAL E 86 27.84 14.56 66.26
CA VAL E 86 28.59 14.32 67.49
C VAL E 86 29.28 15.61 67.86
N LYS E 87 29.20 15.98 69.15
CA LYS E 87 29.91 17.15 69.63
C LYS E 87 31.41 16.90 69.63
N THR E 88 32.17 17.98 69.46
CA THR E 88 33.58 17.86 69.09
C THR E 88 34.49 17.45 70.23
N THR E 89 34.09 17.66 71.48
CA THR E 89 34.95 17.29 72.60
C THR E 89 34.75 15.85 73.03
N SER E 90 33.55 15.31 72.88
CA SER E 90 33.28 13.90 73.06
C SER E 90 33.34 13.14 71.74
N LEU E 91 34.02 13.69 70.74
CA LEU E 91 33.99 13.10 69.40
C LEU E 91 34.83 11.85 69.31
N GLU E 92 35.89 11.74 70.11
CA GLU E 92 36.79 10.60 70.05
C GLU E 92 36.24 9.37 70.75
N LYS E 93 35.09 9.47 71.42
CA LYS E 93 34.49 8.34 72.10
C LYS E 93 33.34 7.70 71.33
N ILE E 94 32.67 8.47 70.47
CA ILE E 94 31.43 8.00 69.85
C ILE E 94 31.69 7.38 68.47
N ILE E 95 32.66 7.93 67.73
CA ILE E 95 33.01 7.35 66.42
C ILE E 95 33.49 5.91 66.49
N PRO E 96 34.27 5.47 67.50
CA PRO E 96 34.49 4.01 67.62
C PRO E 96 33.24 3.20 67.96
N THR E 97 32.22 3.79 68.60
CA THR E 97 31.00 3.03 68.89
C THR E 97 30.19 2.77 67.63
N LEU E 98 30.04 3.79 66.79
CA LEU E 98 29.21 3.68 65.59
C LEU E 98 29.95 2.86 64.54
N ASP E 99 29.29 1.82 64.02
CA ASP E 99 29.96 0.87 63.14
C ASP E 99 30.13 1.44 61.73
N ASP E 100 29.05 1.87 61.09
CA ASP E 100 29.08 2.11 59.66
C ASP E 100 29.51 3.52 59.28
N VAL E 101 30.12 4.27 60.20
CA VAL E 101 30.61 5.60 59.88
C VAL E 101 31.85 5.50 59.01
N THR E 102 31.83 6.18 57.87
CA THR E 102 32.97 6.23 56.96
C THR E 102 33.64 7.59 56.88
N LEU E 103 32.88 8.66 56.71
CA LEU E 103 33.44 10.00 56.62
C LEU E 103 33.50 10.64 58.00
N LEU E 104 34.45 11.55 58.16
CA LEU E 104 34.53 12.43 59.34
C LEU E 104 34.65 13.85 58.82
N VAL E 105 33.63 14.66 59.06
CA VAL E 105 33.50 15.98 58.45
C VAL E 105 33.61 17.02 59.54
N ALA E 106 34.56 17.94 59.40
CA ALA E 106 34.63 19.12 60.24
C ALA E 106 33.84 20.23 59.56
N ALA E 107 32.72 20.63 60.17
CA ALA E 107 31.94 21.76 59.67
C ALA E 107 32.46 23.02 60.36
N GLY E 108 33.65 23.44 59.94
CA GLY E 108 34.29 24.61 60.54
C GLY E 108 34.76 24.37 61.96
N GLU E 109 35.40 23.24 62.21
CA GLU E 109 35.83 22.86 63.54
C GLU E 109 37.27 22.38 63.50
N ASP E 110 37.93 22.48 64.65
CA ASP E 110 39.32 22.02 64.79
C ASP E 110 39.27 20.56 65.22
N ILE E 111 39.37 19.65 64.25
CA ILE E 111 39.40 18.23 64.54
C ILE E 111 40.80 17.66 64.33
N LYS E 112 41.82 18.52 64.22
CA LYS E 112 43.20 18.07 63.97
C LYS E 112 43.77 17.26 65.12
N THR E 113 43.26 17.45 66.33
CA THR E 113 43.68 16.61 67.45
C THR E 113 43.08 15.22 67.35
N THR E 114 41.78 15.13 67.04
CA THR E 114 41.10 13.84 67.00
C THR E 114 41.43 13.04 65.75
N VAL E 115 41.77 13.70 64.63
CA VAL E 115 42.09 12.96 63.41
C VAL E 115 43.40 12.20 63.53
N ASP E 116 44.37 12.74 64.27
CA ASP E 116 45.64 12.04 64.46
C ASP E 116 45.47 10.78 65.30
N VAL E 117 44.52 10.77 66.23
CA VAL E 117 44.40 9.65 67.16
C VAL E 117 43.41 8.58 66.71
N LEU E 118 42.52 8.89 65.76
CA LEU E 118 41.56 7.88 65.32
C LEU E 118 41.73 7.45 63.87
N CYS E 119 42.39 8.24 63.02
CA CYS E 119 42.63 7.81 61.65
C CYS E 119 43.90 6.97 61.62
N GLN E 120 43.73 5.66 61.55
CA GLN E 120 44.79 4.67 61.54
C GLN E 120 44.70 3.87 60.24
N PRO E 121 45.76 3.14 59.87
CA PRO E 121 45.66 2.30 58.66
C PRO E 121 44.64 1.19 58.74
N GLY E 122 44.31 0.72 59.94
CA GLY E 122 43.33 -0.34 60.08
C GLY E 122 41.89 0.13 59.99
N LYS E 123 41.59 1.26 60.65
CA LYS E 123 40.23 1.76 60.70
C LYS E 123 39.84 2.42 59.39
N GLY E 124 38.55 2.33 59.06
CA GLY E 124 38.07 2.76 57.77
C GLY E 124 37.64 4.21 57.67
N LEU E 125 38.16 5.07 58.53
CA LEU E 125 37.70 6.46 58.58
C LEU E 125 38.49 7.33 57.61
N PHE E 126 37.77 8.05 56.74
CA PHE E 126 38.33 9.10 55.90
C PHE E 126 37.84 10.43 56.45
N ALA E 127 38.70 11.46 56.42
CA ALA E 127 38.41 12.70 57.13
C ALA E 127 38.63 13.90 56.22
N VAL E 128 37.55 14.41 55.65
CA VAL E 128 37.61 15.62 54.84
C VAL E 128 37.36 16.82 55.75
N PHE E 129 38.26 17.80 55.73
CA PHE E 129 38.02 19.05 56.45
C PHE E 129 38.42 20.23 55.58
N ASP E 130 38.38 21.42 56.17
CA ASP E 130 38.35 22.67 55.44
C ASP E 130 39.75 23.19 55.16
N GLY E 131 39.82 24.12 54.20
CA GLY E 131 40.99 24.93 54.03
C GLY E 131 40.91 26.13 54.97
N PRO E 132 41.94 26.99 54.96
CA PRO E 132 41.88 28.17 55.81
C PRO E 132 40.87 29.18 55.29
N GLU E 133 40.17 29.83 56.22
CA GLU E 133 39.12 30.77 55.85
C GLU E 133 39.67 32.03 55.20
N THR E 134 40.92 32.39 55.50
CA THR E 134 41.49 33.60 54.94
C THR E 134 41.87 33.38 53.48
N GLU E 135 41.83 34.46 52.71
CA GLU E 135 42.29 34.43 51.33
C GLU E 135 43.81 34.32 51.32
N LEU E 136 44.33 33.19 50.85
CA LEU E 136 45.76 32.92 50.94
C LEU E 136 46.49 33.40 49.69
N THR E 137 47.76 33.05 49.60
CA THR E 137 48.65 33.59 48.58
C THR E 137 49.38 32.46 47.87
N ILE E 138 49.90 32.79 46.69
CA ILE E 138 50.90 31.98 46.03
C ILE E 138 52.28 32.21 46.66
N ASN E 139 52.41 33.29 47.44
CA ASN E 139 53.66 33.76 48.00
C ASN E 139 53.99 33.07 49.31
N GLY E 140 53.07 33.08 50.27
CA GLY E 140 53.27 32.40 51.54
C GLY E 140 52.62 31.03 51.54
N ALA E 141 52.77 30.30 50.43
CA ALA E 141 51.94 29.13 50.18
C ALA E 141 52.41 27.88 50.91
N GLU E 142 53.72 27.71 51.09
CA GLU E 142 54.19 26.50 51.75
C GLU E 142 54.05 26.55 53.27
N GLU E 143 53.67 27.71 53.83
CA GLU E 143 53.36 27.79 55.25
C GLU E 143 51.93 27.34 55.54
N ALA E 144 51.02 27.51 54.57
CA ALA E 144 49.64 27.07 54.77
C ALA E 144 49.52 25.55 54.68
N LYS E 145 50.37 24.90 53.88
CA LYS E 145 50.40 23.44 53.86
C LYS E 145 51.05 22.88 55.12
N GLN E 146 51.81 23.69 55.84
CA GLN E 146 52.45 23.24 57.07
C GLN E 146 51.46 23.07 58.20
N ALA E 147 50.31 23.75 58.13
CA ALA E 147 49.33 23.68 59.22
C ALA E 147 48.61 22.35 59.26
N TYR E 148 48.57 21.63 58.14
CA TYR E 148 47.84 20.37 58.07
C TYR E 148 48.79 19.19 58.17
N THR E 149 48.27 18.10 58.74
CA THR E 149 49.02 16.86 58.92
C THR E 149 49.20 16.17 57.57
N ALA E 150 50.18 15.27 57.48
CA ALA E 150 50.49 14.55 56.26
C ALA E 150 49.88 13.15 56.22
N THR E 151 48.68 12.99 56.77
CA THR E 151 48.04 11.69 56.77
C THR E 151 47.38 11.40 55.42
N PRO E 152 47.39 10.14 54.97
CA PRO E 152 46.77 9.82 53.68
C PRO E 152 45.26 9.76 53.70
N PHE E 153 44.63 9.81 54.87
CA PHE E 153 43.20 9.67 54.99
C PHE E 153 42.46 10.99 54.95
N ALA E 154 43.15 12.08 54.69
CA ALA E 154 42.54 13.39 54.77
C ALA E 154 42.66 14.14 53.46
N ALA E 155 41.63 14.90 53.14
CA ALA E 155 41.61 15.78 51.99
C ALA E 155 41.17 17.16 52.46
N VAL E 156 41.78 18.19 51.88
CA VAL E 156 41.52 19.58 52.26
C VAL E 156 40.99 20.31 51.04
N TYR E 157 39.81 20.91 51.18
CA TYR E 157 39.18 21.68 50.11
C TYR E 157 39.20 23.14 50.53
N TYR E 158 39.80 23.99 49.70
CA TYR E 158 40.17 25.32 50.20
C TYR E 158 39.00 26.29 50.38
N PRO E 159 38.30 26.75 49.34
CA PRO E 159 37.52 28.00 49.52
C PRO E 159 36.21 27.75 50.25
N TRP E 160 35.98 28.50 51.32
CA TRP E 160 34.73 28.45 52.04
C TRP E 160 33.61 28.98 51.16
N LEU E 161 32.66 28.13 50.82
CA LEU E 161 31.63 28.52 49.88
C LEU E 161 30.64 29.50 50.51
N LYS E 162 30.01 30.29 49.66
CA LYS E 162 29.00 31.24 50.10
C LYS E 162 27.72 31.02 49.31
N ALA E 163 26.60 31.41 49.91
CA ALA E 163 25.29 31.21 49.32
C ALA E 163 24.43 32.42 49.61
N ASP E 164 23.36 32.56 48.83
CA ASP E 164 22.46 33.69 49.04
C ASP E 164 21.54 33.47 50.23
N TRP E 165 21.22 32.22 50.55
CA TRP E 165 20.39 31.95 51.72
C TRP E 165 21.20 32.01 53.00
N ALA E 166 22.47 31.61 52.95
CA ALA E 166 23.32 31.62 54.13
C ALA E 166 23.90 33.01 54.35
N ASN E 167 23.82 33.51 55.58
CA ASN E 167 24.40 34.80 55.90
C ASN E 167 25.92 34.70 56.00
N ILE E 168 26.40 33.70 56.74
CA ILE E 168 27.82 33.43 56.89
C ILE E 168 28.32 32.52 55.77
N ASP E 169 29.63 32.38 55.65
CA ASP E 169 30.21 31.49 54.67
C ASP E 169 30.16 30.05 55.13
N ILE E 170 29.89 29.15 54.20
CA ILE E 170 29.70 27.73 54.46
C ILE E 170 31.06 27.04 54.44
N PRO E 171 31.36 26.18 55.41
CA PRO E 171 32.58 25.36 55.33
C PRO E 171 32.51 24.40 54.16
N PRO E 172 33.58 24.29 53.38
CA PRO E 172 33.52 23.50 52.14
C PRO E 172 33.53 22.00 52.35
N SER E 173 33.89 21.51 53.54
CA SER E 173 33.88 20.08 53.79
C SER E 173 32.48 19.52 53.93
N ALA E 174 31.52 20.33 54.32
CA ALA E 174 30.16 19.84 54.49
C ALA E 174 29.47 19.64 53.16
N VAL E 175 29.81 20.43 52.15
CA VAL E 175 29.26 20.19 50.83
C VAL E 175 29.97 19.03 50.14
N MET E 176 31.18 18.66 50.59
CA MET E 176 31.93 17.59 49.97
C MET E 176 31.58 16.22 50.53
N ALA E 177 30.95 16.17 51.70
CA ALA E 177 30.38 14.92 52.16
C ALA E 177 29.20 14.51 51.29
N GLY E 178 28.45 15.50 50.79
CA GLY E 178 27.37 15.21 49.87
C GLY E 178 27.82 14.93 48.47
N VAL E 179 28.93 15.56 48.05
CA VAL E 179 29.49 15.29 46.73
C VAL E 179 30.10 13.89 46.68
N TYR E 180 30.69 13.45 47.80
CA TYR E 180 31.18 12.08 47.90
C TYR E 180 30.05 11.07 47.78
N ALA E 181 28.91 11.36 48.41
CA ALA E 181 27.78 10.45 48.32
C ALA E 181 27.11 10.50 46.95
N SER E 182 27.18 11.66 46.28
CA SER E 182 26.53 11.79 44.98
C SER E 182 27.37 11.18 43.87
N VAL E 183 28.70 11.21 44.01
CA VAL E 183 29.59 10.61 43.02
C VAL E 183 29.50 9.10 43.07
N ASP E 184 29.56 8.54 44.28
CA ASP E 184 29.61 7.09 44.45
C ASP E 184 28.30 6.42 44.10
N LEU E 185 27.19 7.14 44.18
CA LEU E 185 25.91 6.57 43.78
C LEU E 185 25.74 6.57 42.27
N SER E 186 26.18 7.63 41.59
CA SER E 186 25.98 7.72 40.16
C SER E 186 27.05 7.00 39.36
N ARG E 187 28.30 6.99 39.83
CA ARG E 187 29.38 6.39 39.06
C ARG E 187 30.27 5.44 39.83
N GLY E 188 30.27 5.45 41.16
CA GLY E 188 31.06 4.49 41.92
C GLY E 188 32.11 5.13 42.81
N VAL E 189 32.58 4.39 43.80
CA VAL E 189 33.60 4.90 44.73
C VAL E 189 34.93 5.09 44.03
N TRP E 190 35.20 4.27 43.01
CA TRP E 190 36.47 4.33 42.29
C TRP E 190 36.59 5.58 41.42
N LYS E 191 35.48 6.22 41.07
CA LYS E 191 35.51 7.49 40.37
C LYS E 191 35.87 8.62 41.33
N ALA E 192 36.77 9.49 40.89
CA ALA E 192 37.15 10.65 41.68
C ALA E 192 35.98 11.63 41.81
N PRO E 193 35.87 12.33 42.93
CA PRO E 193 34.78 13.30 43.11
C PRO E 193 35.00 14.64 42.43
N ALA E 194 36.03 14.78 41.59
CA ALA E 194 36.28 16.07 40.98
C ALA E 194 35.45 16.23 39.70
N ASN E 195 35.53 17.43 39.13
CA ASN E 195 34.66 18.03 38.09
C ASN E 195 33.19 17.61 38.21
N VAL E 196 32.66 17.76 39.42
CA VAL E 196 31.24 17.58 39.71
C VAL E 196 30.68 18.91 40.19
N ALA E 197 29.60 19.35 39.57
CA ALA E 197 28.98 20.62 39.93
C ALA E 197 28.21 20.49 41.24
N LEU E 198 28.15 21.59 41.98
CA LEU E 198 27.47 21.63 43.27
C LEU E 198 26.01 21.99 43.05
N LYS E 199 25.10 21.13 43.53
CA LYS E 199 23.69 21.26 43.21
C LYS E 199 23.05 22.42 43.97
N GLY E 200 23.52 22.71 45.17
CA GLY E 200 23.00 23.85 45.90
C GLY E 200 23.45 25.16 45.31
N GLY E 201 22.83 26.25 45.78
CA GLY E 201 23.18 27.56 45.30
C GLY E 201 24.49 28.08 45.85
N LEU E 202 25.59 27.45 45.45
CA LEU E 202 26.91 27.71 46.00
C LEU E 202 27.79 28.38 44.94
N GLU E 203 28.76 29.15 45.43
CA GLU E 203 29.84 29.70 44.61
C GLU E 203 30.98 30.07 45.56
N PRO E 204 32.23 29.97 45.10
CA PRO E 204 33.36 30.18 46.02
C PRO E 204 33.49 31.63 46.47
N LYS E 205 33.97 31.79 47.70
CA LYS E 205 34.18 33.14 48.24
C LYS E 205 35.34 33.84 47.54
N PHE E 206 36.38 33.08 47.19
CA PHE E 206 37.58 33.63 46.57
C PHE E 206 37.80 32.91 45.25
N LEU E 207 37.84 33.66 44.16
CA LEU E 207 38.21 33.11 42.87
C LEU E 207 39.69 32.78 42.87
N VAL E 208 40.04 31.60 42.37
CA VAL E 208 41.38 31.05 42.51
C VAL E 208 42.02 30.98 41.13
N THR E 209 43.18 31.62 40.99
CA THR E 209 43.96 31.55 39.76
C THR E 209 44.55 30.16 39.59
N ASP E 210 44.86 29.82 38.33
CA ASP E 210 45.46 28.52 38.04
C ASP E 210 46.89 28.45 38.56
N GLU E 211 47.59 29.57 38.61
CA GLU E 211 48.97 29.57 39.09
C GLU E 211 49.03 29.36 40.60
N LEU E 212 48.00 29.79 41.32
CA LEU E 212 47.95 29.55 42.76
C LEU E 212 47.68 28.09 43.07
N GLN E 213 46.81 27.45 42.28
CA GLN E 213 46.49 26.04 42.49
C GLN E 213 47.66 25.13 42.19
N GLY E 214 48.60 25.58 41.36
CA GLY E 214 49.79 24.78 41.12
C GLY E 214 50.73 24.71 42.31
N GLU E 215 50.72 25.75 43.16
CA GLU E 215 51.51 25.71 44.39
C GLU E 215 50.99 24.68 45.36
N TYR E 216 49.68 24.67 45.58
CA TYR E 216 49.11 23.90 46.67
C TYR E 216 48.86 22.45 46.30
N ASN E 217 48.86 22.11 45.01
CA ASN E 217 48.53 20.76 44.60
C ASN E 217 49.67 19.77 44.80
N THR E 218 50.90 20.25 45.05
CA THR E 218 52.05 19.37 44.95
C THR E 218 52.29 18.59 46.25
N GLY E 219 52.63 19.28 47.33
CA GLY E 219 53.19 18.57 48.49
C GLY E 219 52.22 18.01 49.51
N ARG E 220 51.45 18.87 50.16
CA ARG E 220 50.39 18.45 51.08
C ARG E 220 49.13 19.04 50.48
N ALA E 221 48.53 18.28 49.58
CA ALA E 221 47.69 18.85 48.54
C ALA E 221 46.37 19.35 49.08
N ILE E 222 46.03 20.57 48.68
CA ILE E 222 44.78 21.21 49.01
C ILE E 222 43.97 21.28 47.73
N ASN E 223 42.92 20.46 47.66
CA ASN E 223 42.00 20.50 46.53
C ASN E 223 41.22 21.81 46.57
N MET E 224 40.75 22.24 45.40
CA MET E 224 40.17 23.57 45.32
C MET E 224 38.87 23.55 44.53
N ILE E 225 37.92 24.34 44.97
CA ILE E 225 36.60 24.47 44.36
C ILE E 225 36.59 25.80 43.62
N ARG E 226 36.57 25.77 42.29
CA ARG E 226 36.65 27.02 41.56
C ARG E 226 35.63 27.05 40.43
N ASN E 227 35.28 28.26 40.02
CA ASN E 227 34.16 28.48 39.12
C ASN E 227 34.61 28.44 37.67
N PHE E 228 33.85 27.71 36.86
CA PHE E 228 34.03 27.65 35.41
C PHE E 228 32.77 28.21 34.77
N SER E 229 32.92 28.95 33.67
CA SER E 229 31.78 29.66 33.11
C SER E 229 30.78 28.73 32.44
N ASN E 230 31.24 27.57 31.95
CA ASN E 230 30.32 26.61 31.35
C ASN E 230 29.80 25.59 32.35
N THR E 231 30.54 25.31 33.41
CA THR E 231 30.16 24.31 34.39
C THR E 231 29.55 24.91 35.66
N GLY E 232 29.71 26.20 35.88
CA GLY E 232 29.33 26.76 37.16
C GLY E 232 30.46 26.56 38.17
N THR E 233 30.09 26.40 39.43
CA THR E 233 31.09 26.04 40.43
C THR E 233 31.27 24.52 40.41
N THR E 234 32.50 24.09 40.68
CA THR E 234 32.84 22.68 40.53
C THR E 234 34.05 22.37 41.39
N VAL E 235 34.20 21.10 41.75
CA VAL E 235 35.33 20.61 42.52
C VAL E 235 36.45 20.28 41.56
N TRP E 236 37.68 20.60 41.93
CA TRP E 236 38.79 20.50 40.98
C TRP E 236 40.01 19.83 41.61
N GLY E 237 39.81 18.85 42.45
CA GLY E 237 40.93 18.14 43.06
C GLY E 237 40.50 16.79 43.58
N ALA E 238 41.43 15.84 43.53
CA ALA E 238 41.19 14.50 44.04
C ALA E 238 42.32 14.02 44.92
N ARG E 239 43.24 14.88 45.31
CA ARG E 239 44.46 14.47 45.98
C ARG E 239 44.30 14.51 47.50
N THR E 240 44.95 13.55 48.18
CA THR E 240 44.96 13.51 49.63
C THR E 240 46.08 14.40 50.16
N LEU E 241 46.35 14.32 51.46
CA LEU E 241 47.46 15.04 52.05
C LEU E 241 48.76 14.25 52.00
N GLU E 242 48.73 13.00 51.55
CA GLU E 242 49.95 12.23 51.37
C GLU E 242 50.49 12.42 49.96
N ASP E 243 51.78 12.73 49.88
CA ASP E 243 52.42 12.95 48.58
C ASP E 243 52.99 11.67 47.98
N LYS E 244 53.02 10.57 48.74
CA LYS E 244 53.56 9.31 48.23
C LYS E 244 52.69 8.78 47.10
N ASP E 245 53.33 8.05 46.19
CA ASP E 245 52.66 7.61 44.97
C ASP E 245 51.65 6.50 45.21
N ASN E 246 51.64 5.91 46.40
CA ASN E 246 50.68 4.86 46.72
C ASN E 246 49.30 5.44 47.00
N TRP E 247 49.22 6.44 47.86
CA TRP E 247 47.94 6.97 48.32
C TRP E 247 47.78 8.43 47.94
N ARG E 248 48.08 8.77 46.69
CA ARG E 248 48.06 10.16 46.29
C ARG E 248 46.64 10.69 46.10
N TYR E 249 45.74 9.86 45.61
CA TYR E 249 44.41 10.30 45.20
C TYR E 249 43.34 9.80 46.15
N VAL E 250 42.33 10.64 46.40
CA VAL E 250 41.17 10.21 47.20
C VAL E 250 40.29 9.13 46.57
N PRO E 251 40.20 8.90 45.24
CA PRO E 251 39.47 7.69 44.82
C PRO E 251 40.19 6.39 45.14
N VAL E 252 41.51 6.39 45.21
CA VAL E 252 42.22 5.15 45.54
C VAL E 252 42.16 4.87 47.03
N ARG E 253 42.23 5.91 47.86
CA ARG E 253 42.17 5.73 49.30
C ARG E 253 40.75 5.36 49.75
N ARG E 254 39.73 5.97 49.13
CA ARG E 254 38.36 5.64 49.48
C ARG E 254 37.89 4.32 48.89
N LEU E 255 38.54 3.83 47.83
CA LEU E 255 38.22 2.49 47.34
C LEU E 255 38.73 1.44 48.31
N PHE E 256 39.96 1.59 48.79
CA PHE E 256 40.53 0.64 49.73
C PHE E 256 39.81 0.68 51.08
N ASN E 257 39.32 1.85 51.49
CA ASN E 257 38.50 1.92 52.70
C ASN E 257 37.17 1.20 52.51
N SER E 258 36.61 1.27 51.31
CA SER E 258 35.30 0.67 51.06
C SER E 258 35.40 -0.83 50.86
N VAL E 259 36.46 -1.30 50.19
CA VAL E 259 36.64 -2.72 49.92
C VAL E 259 36.87 -3.47 51.22
N GLU E 260 37.69 -2.92 52.11
CA GLU E 260 38.03 -3.63 53.32
C GLU E 260 36.89 -3.61 54.33
N ARG E 261 35.97 -2.66 54.19
CA ARG E 261 34.75 -2.69 55.00
C ARG E 261 33.79 -3.77 54.50
N ASP E 262 33.71 -3.99 53.19
CA ASP E 262 32.86 -5.05 52.68
C ASP E 262 33.45 -6.41 52.96
N ILE E 263 34.78 -6.52 52.97
CA ILE E 263 35.44 -7.77 53.31
C ILE E 263 35.31 -8.04 54.81
N LYS E 264 35.23 -6.97 55.62
CA LYS E 264 34.93 -7.08 57.04
C LYS E 264 33.60 -7.80 57.27
N ARG E 265 32.60 -7.52 56.45
CA ARG E 265 31.28 -8.11 56.65
C ARG E 265 31.27 -9.57 56.22
N ALA E 266 32.04 -9.93 55.20
CA ALA E 266 32.14 -11.33 54.80
C ALA E 266 32.97 -12.13 55.78
N MET E 267 33.90 -11.49 56.48
CA MET E 267 34.62 -12.26 57.47
C MET E 267 33.91 -12.27 58.81
N SER E 268 32.76 -11.61 58.90
CA SER E 268 31.99 -11.65 60.13
C SER E 268 31.35 -13.02 60.33
N PHE E 269 30.99 -13.71 59.25
CA PHE E 269 30.36 -15.01 59.43
C PHE E 269 31.38 -16.08 59.80
N ALA E 270 32.65 -15.86 59.46
CA ALA E 270 33.69 -16.82 59.79
C ALA E 270 34.13 -16.71 61.24
N MET E 271 33.64 -15.70 61.97
CA MET E 271 33.97 -15.54 63.37
C MET E 271 33.46 -16.70 64.19
N PHE E 272 34.34 -17.23 65.05
CA PHE E 272 34.07 -18.28 66.02
C PHE E 272 33.63 -19.59 65.37
N GLU E 273 33.99 -19.79 64.13
CA GLU E 273 33.90 -21.06 63.43
C GLU E 273 35.16 -21.86 63.71
N PRO E 274 35.16 -23.18 63.48
CA PRO E 274 36.39 -23.96 63.69
C PRO E 274 37.51 -23.54 62.75
N ASN E 275 38.72 -23.44 63.30
CA ASN E 275 39.88 -22.96 62.55
C ASN E 275 40.53 -24.16 61.88
N ASN E 276 40.00 -24.54 60.73
CA ASN E 276 40.56 -25.63 59.95
C ASN E 276 40.48 -25.24 58.48
N GLN E 277 40.79 -26.17 57.60
CA GLN E 277 40.76 -25.90 56.17
C GLN E 277 39.36 -25.69 55.56
N PRO E 278 38.28 -26.39 55.95
CA PRO E 278 36.98 -26.06 55.34
C PRO E 278 36.46 -24.67 55.68
N THR E 279 36.97 -24.02 56.72
CA THR E 279 36.63 -22.62 56.94
C THR E 279 37.41 -21.72 55.99
N TRP E 280 38.70 -21.99 55.81
CA TRP E 280 39.57 -21.13 55.01
C TRP E 280 39.20 -21.14 53.54
N GLU E 281 38.67 -22.25 53.03
CA GLU E 281 38.22 -22.28 51.66
C GLU E 281 36.83 -21.68 51.49
N ARG E 282 36.16 -21.37 52.59
CA ARG E 282 34.93 -20.59 52.54
C ARG E 282 35.19 -19.11 52.75
N VAL E 283 36.25 -18.77 53.49
CA VAL E 283 36.68 -17.39 53.61
C VAL E 283 37.25 -16.89 52.30
N ARG E 284 38.04 -17.73 51.61
CA ARG E 284 38.63 -17.32 50.35
C ARG E 284 37.58 -17.23 49.25
N ALA E 285 36.60 -18.13 49.27
CA ALA E 285 35.57 -18.10 48.25
C ALA E 285 34.64 -16.91 48.43
N ALA E 286 34.44 -16.45 49.66
CA ALA E 286 33.58 -15.30 49.89
C ALA E 286 34.23 -14.00 49.46
N ILE E 287 35.55 -13.91 49.62
CA ILE E 287 36.27 -12.72 49.17
C ILE E 287 36.42 -12.74 47.65
N SER E 288 36.64 -13.91 47.07
CA SER E 288 36.88 -14.00 45.64
C SER E 288 35.62 -13.69 44.83
N ASN E 289 34.45 -13.96 45.40
CA ASN E 289 33.21 -13.54 44.74
C ASN E 289 33.08 -12.03 44.76
N TYR E 290 33.44 -11.41 45.87
CA TYR E 290 33.24 -9.97 46.02
C TYR E 290 34.18 -9.18 45.14
N LEU E 291 35.45 -9.57 45.09
CA LEU E 291 36.40 -8.83 44.27
C LEU E 291 36.19 -9.08 42.79
N TYR E 292 35.60 -10.22 42.42
CA TYR E 292 35.31 -10.46 41.02
C TYR E 292 34.16 -9.57 40.54
N SER E 293 33.08 -9.48 41.32
CA SER E 293 31.96 -8.64 40.93
C SER E 293 32.30 -7.17 41.03
N LEU E 294 33.28 -6.80 41.84
CA LEU E 294 33.78 -5.43 41.84
C LEU E 294 34.64 -5.15 40.61
N TRP E 295 35.43 -6.14 40.18
CA TRP E 295 36.20 -6.02 38.96
C TRP E 295 35.31 -5.95 37.73
N GLN E 296 34.18 -6.66 37.75
CA GLN E 296 33.24 -6.61 36.63
C GLN E 296 32.55 -5.27 36.52
N GLN E 297 32.42 -4.54 37.63
CA GLN E 297 31.89 -3.18 37.58
C GLN E 297 32.89 -2.17 37.07
N GLY E 298 34.14 -2.56 36.87
CA GLY E 298 35.18 -1.63 36.47
C GLY E 298 35.89 -0.97 37.62
N GLY E 299 35.71 -1.47 38.84
CA GLY E 299 36.32 -0.83 39.99
C GLY E 299 37.81 -1.05 40.07
N LEU E 300 38.27 -2.24 39.72
CA LEU E 300 39.68 -2.59 39.75
C LEU E 300 40.21 -2.61 38.32
N ALA E 301 41.44 -2.12 38.14
CA ALA E 301 42.02 -1.94 36.81
C ALA E 301 42.81 -3.19 36.43
N GLY E 302 42.33 -3.90 35.43
CA GLY E 302 43.04 -5.03 34.88
C GLY E 302 42.31 -5.62 33.70
N SER E 303 43.02 -5.87 32.60
CA SER E 303 42.38 -6.49 31.44
C SER E 303 42.06 -7.95 31.71
N LYS E 304 43.01 -8.66 32.30
CA LYS E 304 42.81 -10.02 32.76
C LYS E 304 42.31 -9.97 34.20
N GLU E 305 41.38 -10.87 34.53
CA GLU E 305 40.82 -10.93 35.89
C GLU E 305 41.87 -11.33 36.92
N GLU E 306 42.85 -12.13 36.53
CA GLU E 306 43.92 -12.51 37.44
C GLU E 306 44.95 -11.41 37.65
N ASP E 307 44.86 -10.30 36.91
CA ASP E 307 45.73 -9.16 37.12
C ASP E 307 45.17 -8.14 38.11
N ALA E 308 43.86 -8.19 38.38
CA ALA E 308 43.25 -7.17 39.21
C ALA E 308 43.37 -7.46 40.69
N TYR E 309 43.38 -8.74 41.08
CA TYR E 309 43.35 -9.08 42.50
C TYR E 309 43.92 -10.47 42.70
N PHE E 310 44.27 -10.76 43.95
CA PHE E 310 44.68 -12.10 44.35
C PHE E 310 44.35 -12.27 45.84
N VAL E 311 43.93 -13.48 46.20
CA VAL E 311 43.60 -13.84 47.57
C VAL E 311 44.39 -15.08 47.94
N GLN E 312 45.01 -15.10 49.12
CA GLN E 312 45.87 -16.20 49.54
C GLN E 312 45.60 -16.55 51.00
N ILE E 313 45.04 -17.73 51.24
CA ILE E 313 44.93 -18.34 52.56
C ILE E 313 45.62 -19.70 52.51
N GLY E 314 46.22 -20.10 53.63
CA GLY E 314 46.80 -21.42 53.69
C GLY E 314 47.62 -21.70 54.93
N LYS E 315 47.84 -22.99 55.22
CA LYS E 315 48.67 -23.37 56.36
C LYS E 315 50.15 -23.29 56.02
N GLY E 316 50.52 -23.53 54.76
CA GLY E 316 51.90 -23.30 54.37
C GLY E 316 52.17 -21.87 54.00
N ILE E 317 51.13 -21.13 53.59
CA ILE E 317 51.29 -19.86 52.91
C ILE E 317 51.32 -18.69 53.89
N THR E 318 50.24 -18.52 54.65
CA THR E 318 50.04 -17.28 55.40
C THR E 318 50.20 -17.45 56.91
N MET E 319 49.69 -18.52 57.49
CA MET E 319 49.68 -18.68 58.94
C MET E 319 50.50 -19.89 59.36
N THR E 320 51.21 -19.76 60.48
CA THR E 320 51.97 -20.85 61.05
C THR E 320 51.03 -21.80 61.81
N GLN E 321 51.50 -23.03 62.02
CA GLN E 321 50.83 -23.96 62.95
C GLN E 321 50.77 -23.37 64.35
N GLU E 322 51.78 -22.57 64.71
CA GLU E 322 51.76 -21.83 65.97
C GLU E 322 50.65 -20.79 65.99
N GLN E 323 50.46 -20.08 64.88
CA GLN E 323 49.46 -19.01 64.86
C GLN E 323 48.04 -19.55 64.78
N ILE E 324 47.87 -20.76 64.22
CA ILE E 324 46.56 -21.39 64.16
C ILE E 324 46.09 -21.77 65.56
N ASP E 325 46.99 -22.31 66.38
CA ASP E 325 46.64 -22.65 67.75
C ASP E 325 46.39 -21.42 68.62
N ALA E 326 46.93 -20.27 68.26
CA ALA E 326 46.61 -19.05 68.97
C ALA E 326 45.22 -18.54 68.61
N GLY E 327 44.69 -18.97 67.47
CA GLY E 327 43.36 -18.57 67.02
C GLY E 327 43.35 -17.61 65.86
N GLN E 328 44.50 -17.30 65.28
CA GLN E 328 44.57 -16.32 64.20
C GLN E 328 44.31 -16.97 62.84
N MET E 329 43.81 -16.16 61.92
CA MET E 329 43.57 -16.58 60.55
C MET E 329 44.00 -15.43 59.65
N ILE E 330 44.99 -15.66 58.79
CA ILE E 330 45.63 -14.60 58.03
C ILE E 330 45.31 -14.77 56.55
N VAL E 331 44.80 -13.71 55.94
CA VAL E 331 44.47 -13.65 54.51
C VAL E 331 45.26 -12.52 53.90
N LYS E 332 45.71 -12.70 52.66
CA LYS E 332 46.40 -11.66 51.90
C LYS E 332 45.56 -11.29 50.69
N VAL E 333 45.21 -10.01 50.59
CA VAL E 333 44.41 -9.49 49.49
C VAL E 333 45.22 -8.39 48.81
N GLY E 334 45.25 -8.41 47.48
CA GLY E 334 45.83 -7.32 46.72
C GLY E 334 44.81 -6.80 45.73
N LEU E 335 44.91 -5.50 45.44
CA LEU E 335 44.00 -4.85 44.52
C LEU E 335 44.80 -3.97 43.56
N ALA E 336 44.18 -3.61 42.44
CA ALA E 336 44.79 -2.73 41.46
C ALA E 336 43.76 -1.67 41.08
N ALA E 337 43.84 -0.52 41.73
CA ALA E 337 42.89 0.55 41.49
C ALA E 337 43.23 1.31 40.21
N VAL E 338 42.28 2.10 39.74
CA VAL E 338 42.44 2.93 38.55
C VAL E 338 42.84 4.32 39.00
N ARG E 339 43.80 4.91 38.31
CA ARG E 339 44.16 6.27 38.67
C ARG E 339 43.46 7.26 37.74
N PRO E 340 43.10 8.45 38.24
CA PRO E 340 42.44 9.42 37.36
C PRO E 340 43.43 10.23 36.54
N ALA E 341 43.03 10.53 35.31
CA ALA E 341 43.80 11.42 34.46
C ALA E 341 43.67 12.85 34.96
N GLU E 342 44.77 13.44 35.38
CA GLU E 342 44.72 14.74 36.04
C GLU E 342 45.16 15.89 35.15
N PHE E 343 46.15 15.69 34.28
CA PHE E 343 46.60 16.72 33.36
C PHE E 343 46.36 16.25 31.94
N ILE E 344 45.89 17.17 31.09
CA ILE E 344 45.74 16.91 29.66
C ILE E 344 46.53 17.97 28.90
N ILE E 345 47.46 17.53 28.07
CA ILE E 345 48.37 18.43 27.37
C ILE E 345 47.99 18.45 25.90
N LEU E 346 47.58 19.60 25.40
CA LEU E 346 47.26 19.81 24.00
C LEU E 346 48.46 20.39 23.30
N GLN E 347 48.82 19.82 22.15
CA GLN E 347 49.81 20.40 21.28
C GLN E 347 49.14 20.83 20.00
N PHE E 348 49.18 22.13 19.70
CA PHE E 348 48.55 22.69 18.52
C PHE E 348 49.63 22.99 17.50
N THR E 349 49.53 22.36 16.33
CA THR E 349 50.49 22.52 15.25
C THR E 349 49.87 23.39 14.17
N GLN E 350 50.67 24.28 13.60
CA GLN E 350 50.14 25.23 12.64
C GLN E 350 50.00 24.62 11.25
N ASP E 351 50.86 23.66 10.90
CA ASP E 351 50.74 22.99 9.62
C ASP E 351 50.12 21.62 9.77
N VAL E 352 49.18 21.30 8.89
CA VAL E 352 48.45 20.03 8.92
C VAL E 352 49.19 19.04 8.04
N GLU E 353 49.65 17.96 8.65
CA GLU E 353 50.30 16.90 7.90
C GLU E 353 50.16 15.56 8.61
N THR F 2 60.54 19.27 29.13
CA THR F 2 59.48 19.14 28.15
C THR F 2 58.25 19.93 28.59
N THR F 3 57.46 19.33 29.49
CA THR F 3 56.26 19.95 30.01
C THR F 3 56.18 19.65 31.50
N VAL F 4 55.97 20.69 32.31
CA VAL F 4 55.85 20.54 33.76
C VAL F 4 54.42 20.86 34.16
N THR F 5 53.82 19.98 34.95
CA THR F 5 52.39 20.04 35.26
C THR F 5 52.23 20.22 36.76
N SER F 6 51.76 21.41 37.17
CA SER F 6 51.54 21.70 38.57
C SER F 6 50.06 21.68 38.95
N TYR F 7 49.23 22.46 38.26
CA TYR F 7 47.79 22.41 38.47
C TYR F 7 47.20 21.30 37.62
N PRO F 8 45.99 20.78 37.98
CA PRO F 8 45.37 19.74 37.14
C PRO F 8 45.07 20.17 35.72
N GLY F 9 44.12 21.10 35.54
CA GLY F 9 43.87 21.87 34.32
C GLY F 9 43.88 21.17 32.97
N VAL F 10 44.08 21.95 31.91
CA VAL F 10 44.56 21.45 30.64
C VAL F 10 45.70 22.37 30.20
N TYR F 11 46.47 21.92 29.23
CA TYR F 11 47.67 22.64 28.80
C TYR F 11 47.65 22.76 27.29
N ILE F 12 47.80 23.97 26.79
CA ILE F 12 47.63 24.27 25.37
C ILE F 12 48.97 24.74 24.79
N GLU F 13 50.03 24.07 25.22
CA GLU F 13 51.35 24.15 24.59
C GLU F 13 51.28 24.05 23.06
N GLU F 14 52.07 24.86 22.38
CA GLU F 14 52.14 24.83 20.92
C GLU F 14 53.55 24.41 20.50
N LEU F 15 53.66 23.23 19.90
CA LEU F 15 54.95 22.79 19.37
C LEU F 15 54.72 21.90 18.16
N ASN F 16 55.65 21.99 17.21
CA ASN F 16 55.64 21.17 16.01
C ASN F 16 56.44 19.90 16.28
N SER F 17 55.74 18.81 16.57
CA SER F 17 56.39 17.51 16.61
C SER F 17 55.55 16.53 15.82
N LEU F 18 56.22 15.69 15.05
CA LEU F 18 55.57 14.77 14.13
C LEU F 18 55.32 13.45 14.86
N ALA F 19 54.14 12.88 14.66
CA ALA F 19 53.76 11.63 15.30
C ALA F 19 53.28 10.65 14.23
N LEU F 20 53.79 9.43 14.31
CA LEU F 20 53.47 8.38 13.35
C LEU F 20 52.72 7.27 14.07
N SER F 21 51.74 6.69 13.39
CA SER F 21 50.92 5.64 13.97
C SER F 21 51.70 4.34 14.05
N VAL F 22 51.40 3.54 15.07
CA VAL F 22 52.15 2.33 15.36
C VAL F 22 51.55 1.15 14.58
N SER F 23 52.40 0.21 14.21
CA SER F 23 52.00 -1.02 13.55
C SER F 23 52.72 -2.18 14.19
N ASN F 24 52.04 -3.33 14.25
CA ASN F 24 52.62 -4.56 14.76
C ASN F 24 52.81 -5.53 13.60
N SER F 25 54.05 -5.94 13.37
CA SER F 25 54.39 -6.84 12.28
C SER F 25 55.02 -8.09 12.86
N ALA F 26 54.41 -9.24 12.60
CA ALA F 26 54.93 -10.49 13.14
C ALA F 26 56.09 -11.04 12.32
N THR F 27 56.16 -10.69 11.05
CA THR F 27 57.05 -11.38 10.12
C THR F 27 58.33 -10.62 9.81
N ALA F 28 58.38 -9.31 10.01
CA ALA F 28 59.51 -8.49 9.59
C ALA F 28 60.00 -7.65 10.75
N VAL F 29 61.14 -8.04 11.32
CA VAL F 29 61.79 -7.27 12.38
C VAL F 29 63.18 -6.87 11.88
N PRO F 30 63.37 -5.65 11.40
CA PRO F 30 64.66 -5.28 10.84
C PRO F 30 65.68 -4.92 11.91
N VAL F 31 66.95 -4.94 11.51
CA VAL F 31 68.05 -4.47 12.32
C VAL F 31 68.79 -3.42 11.50
N PHE F 32 68.76 -2.18 11.97
CA PHE F 32 69.37 -1.09 11.24
C PHE F 32 70.84 -0.99 11.61
N ALA F 33 71.71 -1.15 10.63
CA ALA F 33 73.13 -0.95 10.85
C ALA F 33 73.40 0.53 11.07
N VAL F 34 74.13 0.85 12.14
CA VAL F 34 74.40 2.22 12.53
C VAL F 34 75.91 2.43 12.44
N ASP F 35 76.32 3.55 11.83
CA ASP F 35 77.73 3.83 11.68
C ASP F 35 78.35 4.19 13.02
N GLU F 36 79.66 4.01 13.12
CA GLU F 36 80.39 4.62 14.21
C GLU F 36 80.51 6.12 13.93
N GLN F 37 80.90 6.87 14.97
CA GLN F 37 80.59 8.30 15.18
C GLN F 37 79.09 8.55 15.33
N ASN F 38 78.39 7.63 15.98
CA ASN F 38 77.01 7.84 16.41
C ASN F 38 77.03 7.83 17.94
N GLN F 39 76.75 8.98 18.54
CA GLN F 39 76.93 9.15 19.97
C GLN F 39 75.74 8.64 20.80
N TYR F 40 74.66 8.20 20.15
CA TYR F 40 73.45 7.90 20.90
C TYR F 40 73.35 6.44 21.30
N ILE F 41 73.82 5.51 20.47
CA ILE F 41 73.78 4.10 20.80
C ILE F 41 75.20 3.62 21.11
N SER F 42 75.28 2.62 21.98
CA SER F 42 76.56 2.07 22.39
C SER F 42 76.88 0.83 21.59
N GLU F 43 78.14 0.41 21.65
CA GLU F 43 78.54 -0.85 21.05
C GLU F 43 77.94 -2.02 21.82
N ASP F 44 77.76 -3.13 21.11
CA ASP F 44 77.54 -4.47 21.66
C ASP F 44 76.25 -4.59 22.45
N ASN F 45 75.24 -3.77 22.17
CA ASN F 45 73.89 -4.07 22.62
C ASN F 45 72.89 -3.51 21.62
N ALA F 46 71.85 -4.28 21.36
CA ALA F 46 70.76 -3.85 20.49
C ALA F 46 69.76 -3.05 21.31
N ILE F 47 69.31 -1.94 20.75
CA ILE F 47 68.34 -1.07 21.39
C ILE F 47 67.02 -1.27 20.65
N ARG F 48 66.06 -1.92 21.31
CA ARG F 48 64.77 -2.15 20.67
C ARG F 48 63.98 -0.85 20.66
N ILE F 49 63.55 -0.44 19.47
CA ILE F 49 62.80 0.78 19.28
C ILE F 49 61.38 0.36 18.89
N ASN F 50 60.44 0.52 19.82
CA ASN F 50 59.09 0.01 19.61
C ASN F 50 58.29 0.89 18.66
N SER F 51 58.59 2.18 18.60
CA SER F 51 57.78 3.11 17.83
C SER F 51 58.63 4.32 17.48
N TRP F 52 58.06 5.20 16.66
CA TRP F 52 58.76 6.43 16.30
C TRP F 52 58.88 7.37 17.50
N MET F 53 57.88 7.34 18.38
CA MET F 53 57.96 8.11 19.62
C MET F 53 59.04 7.56 20.53
N ASP F 54 59.21 6.23 20.55
CA ASP F 54 60.30 5.61 21.30
C ASP F 54 61.66 6.05 20.78
N TYR F 55 61.80 6.15 19.45
CA TYR F 55 63.03 6.65 18.87
C TYR F 55 63.24 8.13 19.16
N LEU F 56 62.15 8.90 19.17
CA LEU F 56 62.23 10.33 19.41
C LEU F 56 62.45 10.68 20.86
N ASN F 57 62.43 9.71 21.77
CA ASN F 57 62.86 9.93 23.14
C ASN F 57 64.36 9.68 23.29
N LEU F 58 64.92 8.78 22.48
CA LEU F 58 66.33 8.44 22.58
C LEU F 58 67.21 9.59 22.08
N ILE F 59 66.85 10.17 20.94
CA ILE F 59 67.51 11.36 20.43
C ILE F 59 66.63 12.57 20.75
N GLY F 60 67.25 13.71 21.01
CA GLY F 60 66.49 14.88 21.42
C GLY F 60 65.70 15.49 20.28
N ASN F 61 66.40 15.86 19.21
CA ASN F 61 65.79 16.50 18.05
C ASN F 61 65.86 15.58 16.85
N PHE F 62 64.87 15.70 15.97
CA PHE F 62 65.01 15.12 14.64
C PHE F 62 66.05 15.91 13.86
N ASN F 63 67.04 15.21 13.31
CA ASN F 63 68.13 15.84 12.59
C ASN F 63 68.02 15.53 11.11
N ASN F 64 68.01 16.59 10.29
CA ASN F 64 67.93 16.39 8.85
C ASN F 64 69.23 15.84 8.28
N GLU F 65 70.36 16.10 8.94
CA GLU F 65 71.65 15.74 8.39
C GLU F 65 72.03 14.29 8.67
N ASP F 66 71.41 13.66 9.67
CA ASP F 66 71.76 12.30 10.03
C ASP F 66 71.25 11.31 9.00
N LYS F 67 72.10 10.36 8.61
CA LYS F 67 71.64 9.28 7.76
C LYS F 67 70.74 8.32 8.51
N LEU F 68 70.96 8.16 9.82
CA LEU F 68 70.14 7.25 10.61
C LEU F 68 68.75 7.84 10.87
N ASP F 69 68.67 9.15 11.10
CA ASP F 69 67.40 9.80 11.45
C ASP F 69 66.40 9.74 10.30
N VAL F 70 66.83 10.14 9.10
CA VAL F 70 65.92 10.18 7.97
C VAL F 70 65.58 8.78 7.47
N SER F 71 66.40 7.78 7.80
CA SER F 71 66.11 6.41 7.43
C SER F 71 65.11 5.76 8.36
N VAL F 72 65.13 6.13 9.64
CA VAL F 72 64.20 5.57 10.61
C VAL F 72 62.81 6.20 10.46
N ARG F 73 62.75 7.50 10.15
CA ARG F 73 61.46 8.16 9.95
C ARG F 73 60.78 7.67 8.69
N ALA F 74 61.55 7.41 7.64
CA ALA F 74 60.99 6.83 6.42
C ALA F 74 60.56 5.38 6.64
N TYR F 75 61.17 4.70 7.61
CA TYR F 75 60.78 3.33 7.91
C TYR F 75 59.45 3.27 8.64
N PHE F 76 59.23 4.18 9.61
CA PHE F 76 58.00 4.16 10.36
C PHE F 76 56.84 4.81 9.62
N ALA F 77 57.12 5.68 8.65
CA ALA F 77 56.05 6.28 7.87
C ALA F 77 55.44 5.28 6.89
N ASN F 78 56.21 4.28 6.47
CA ASN F 78 55.71 3.28 5.54
C ASN F 78 55.00 2.13 6.24
N GLY F 79 55.13 2.02 7.55
CA GLY F 79 54.36 1.02 8.28
C GLY F 79 55.20 -0.04 8.94
N GLY F 80 56.39 0.31 9.38
CA GLY F 80 57.25 -0.64 10.04
C GLY F 80 56.93 -0.81 11.50
N GLY F 81 57.15 -2.03 12.00
CA GLY F 81 56.95 -2.33 13.40
C GLY F 81 58.19 -1.99 14.21
N TYR F 82 58.37 -2.73 15.31
CA TYR F 82 59.52 -2.48 16.16
C TYR F 82 60.80 -3.01 15.53
N CYS F 83 61.90 -2.30 15.74
CA CYS F 83 63.17 -2.64 15.14
C CYS F 83 64.28 -2.51 16.17
N TYR F 84 65.44 -3.06 15.83
CA TYR F 84 66.62 -2.98 16.67
C TYR F 84 67.65 -2.06 16.02
N LEU F 85 68.50 -1.47 16.85
CA LEU F 85 69.57 -0.58 16.40
C LEU F 85 70.89 -1.13 16.91
N VAL F 86 71.66 -1.76 16.02
CA VAL F 86 72.94 -2.35 16.35
C VAL F 86 74.02 -1.60 15.59
N LYS F 87 75.10 -1.25 16.28
CA LYS F 87 76.23 -0.60 15.62
C LYS F 87 76.94 -1.60 14.70
N THR F 88 77.55 -1.07 13.64
CA THR F 88 77.95 -1.89 12.51
C THR F 88 79.21 -2.72 12.77
N THR F 89 80.05 -2.33 13.72
CA THR F 89 81.27 -3.09 13.97
C THR F 89 81.05 -4.23 14.96
N SER F 90 80.12 -4.05 15.89
CA SER F 90 79.67 -5.14 16.76
C SER F 90 78.43 -5.82 16.22
N LEU F 91 78.17 -5.69 14.92
CA LEU F 91 76.91 -6.17 14.36
C LEU F 91 76.88 -7.69 14.24
N GLU F 92 78.04 -8.32 14.06
CA GLU F 92 78.09 -9.77 13.88
C GLU F 92 77.98 -10.54 15.19
N LYS F 93 77.93 -9.86 16.33
CA LYS F 93 77.79 -10.52 17.62
C LYS F 93 76.38 -10.47 18.18
N ILE F 94 75.59 -9.48 17.80
CA ILE F 94 74.30 -9.24 18.44
C ILE F 94 73.16 -9.90 17.68
N ILE F 95 73.26 -9.93 16.35
CA ILE F 95 72.21 -10.60 15.54
C ILE F 95 72.07 -12.09 15.84
N PRO F 96 73.13 -12.86 16.12
CA PRO F 96 72.88 -14.23 16.63
C PRO F 96 72.24 -14.28 18.01
N THR F 97 72.39 -13.25 18.86
CA THR F 97 71.75 -13.27 20.17
C THR F 97 70.24 -13.07 20.05
N LEU F 98 69.82 -12.12 19.22
CA LEU F 98 68.41 -11.79 19.08
C LEU F 98 67.71 -12.87 18.28
N ASP F 99 66.62 -13.42 18.83
CA ASP F 99 65.98 -14.57 18.23
C ASP F 99 65.14 -14.18 17.01
N ASP F 100 64.19 -13.25 17.19
CA ASP F 100 63.15 -13.06 16.19
C ASP F 100 63.53 -12.07 15.09
N VAL F 101 64.81 -11.75 14.94
CA VAL F 101 65.24 -10.85 13.87
C VAL F 101 65.17 -11.58 12.53
N THR F 102 64.47 -10.99 11.57
CA THR F 102 64.37 -11.53 10.22
C THR F 102 65.10 -10.71 9.17
N LEU F 103 64.89 -9.40 9.14
CA LEU F 103 65.54 -8.55 8.16
C LEU F 103 66.87 -8.02 8.71
N LEU F 104 67.79 -7.74 7.79
CA LEU F 104 69.03 -7.03 8.11
C LEU F 104 69.14 -5.87 7.12
N VAL F 105 69.04 -4.65 7.64
CA VAL F 105 68.92 -3.46 6.82
C VAL F 105 70.16 -2.61 6.99
N ALA F 106 70.84 -2.32 5.88
CA ALA F 106 71.91 -1.34 5.86
C ALA F 106 71.32 0.02 5.53
N ALA F 107 71.33 0.92 6.49
CA ALA F 107 70.90 2.30 6.26
C ALA F 107 72.10 3.11 5.82
N GLY F 108 72.53 2.88 4.59
CA GLY F 108 73.70 3.54 4.05
C GLY F 108 75.00 3.08 4.70
N GLU F 109 75.18 1.78 4.87
CA GLU F 109 76.33 1.24 5.56
C GLU F 109 76.91 0.08 4.75
N ASP F 110 78.20 -0.17 4.96
CA ASP F 110 78.89 -1.28 4.31
C ASP F 110 78.74 -2.51 5.19
N ILE F 111 77.74 -3.33 4.90
CA ILE F 111 77.54 -4.57 5.63
C ILE F 111 77.93 -5.78 4.78
N LYS F 112 78.64 -5.57 3.68
CA LYS F 112 79.01 -6.66 2.78
C LYS F 112 79.98 -7.65 3.43
N THR F 113 80.73 -7.24 4.44
CA THR F 113 81.56 -8.17 5.18
C THR F 113 80.73 -9.06 6.10
N THR F 114 79.78 -8.46 6.81
CA THR F 114 78.98 -9.21 7.76
C THR F 114 77.91 -10.06 7.11
N VAL F 115 77.42 -9.68 5.93
CA VAL F 115 76.38 -10.47 5.26
C VAL F 115 76.93 -11.80 4.75
N ASP F 116 78.19 -11.84 4.34
CA ASP F 116 78.78 -13.09 3.88
C ASP F 116 78.96 -14.09 5.02
N VAL F 117 79.19 -13.60 6.24
CA VAL F 117 79.51 -14.51 7.34
C VAL F 117 78.29 -14.90 8.17
N LEU F 118 77.17 -14.18 8.07
CA LEU F 118 75.99 -14.56 8.85
C LEU F 118 74.80 -15.01 8.03
N CYS F 119 74.74 -14.67 6.74
CA CYS F 119 73.64 -15.17 5.91
C CYS F 119 74.02 -16.54 5.37
N GLN F 120 73.47 -17.58 5.98
CA GLN F 120 73.70 -18.97 5.67
C GLN F 120 72.38 -19.60 5.25
N PRO F 121 72.40 -20.78 4.60
CA PRO F 121 71.13 -21.44 4.26
C PRO F 121 70.31 -21.87 5.47
N GLY F 122 70.93 -22.10 6.62
CA GLY F 122 70.20 -22.50 7.80
C GLY F 122 69.52 -21.35 8.52
N LYS F 123 70.23 -20.24 8.67
CA LYS F 123 69.72 -19.11 9.42
C LYS F 123 68.69 -18.34 8.61
N GLY F 124 67.73 -17.76 9.31
CA GLY F 124 66.59 -17.13 8.67
C GLY F 124 66.74 -15.68 8.31
N LEU F 125 67.97 -15.20 8.14
CA LEU F 125 68.20 -13.77 7.91
C LEU F 125 68.12 -13.44 6.43
N PHE F 126 67.30 -12.45 6.10
CA PHE F 126 67.26 -11.84 4.78
C PHE F 126 67.85 -10.44 4.90
N ALA F 127 68.60 -10.01 3.89
CA ALA F 127 69.41 -8.80 4.01
C ALA F 127 69.18 -7.88 2.83
N VAL F 128 68.32 -6.88 2.99
CA VAL F 128 68.11 -5.86 1.96
C VAL F 128 69.08 -4.72 2.20
N PHE F 129 69.84 -4.34 1.18
CA PHE F 129 70.68 -3.15 1.28
C PHE F 129 70.57 -2.34 -0.02
N ASP F 130 71.39 -1.30 -0.10
CA ASP F 130 71.21 -0.21 -1.04
C ASP F 130 71.87 -0.49 -2.38
N GLY F 131 71.46 0.27 -3.38
CA GLY F 131 72.20 0.37 -4.62
C GLY F 131 73.27 1.42 -4.47
N PRO F 132 74.07 1.63 -5.51
CA PRO F 132 75.09 2.68 -5.45
C PRO F 132 74.46 4.06 -5.49
N GLU F 133 75.04 4.98 -4.70
CA GLU F 133 74.50 6.33 -4.61
C GLU F 133 74.67 7.13 -5.89
N THR F 134 75.67 6.79 -6.70
CA THR F 134 75.92 7.53 -7.92
C THR F 134 74.89 7.15 -8.99
N GLU F 135 74.60 8.09 -9.87
CA GLU F 135 73.74 7.83 -11.02
C GLU F 135 74.50 6.95 -12.01
N LEU F 136 74.04 5.72 -12.19
CA LEU F 136 74.78 4.75 -12.98
C LEU F 136 74.32 4.79 -14.44
N THR F 137 74.81 3.84 -15.23
CA THR F 137 74.65 3.83 -16.67
C THR F 137 74.11 2.49 -17.14
N ILE F 138 73.54 2.51 -18.35
CA ILE F 138 73.30 1.30 -19.11
C ILE F 138 74.59 0.80 -19.74
N ASN F 139 75.61 1.65 -19.78
CA ASN F 139 76.87 1.40 -20.49
C ASN F 139 77.87 0.63 -19.62
N GLY F 140 78.14 1.13 -18.41
CA GLY F 140 79.03 0.43 -17.50
C GLY F 140 78.25 -0.40 -16.50
N ALA F 141 77.23 -1.11 -16.99
CA ALA F 141 76.22 -1.68 -16.10
C ALA F 141 76.65 -2.99 -15.46
N GLU F 142 77.43 -3.81 -16.17
CA GLU F 142 77.81 -5.11 -15.59
C GLU F 142 78.95 -4.98 -14.59
N GLU F 143 79.56 -3.80 -14.46
CA GLU F 143 80.54 -3.57 -13.41
C GLU F 143 79.88 -3.22 -12.08
N ALA F 144 78.70 -2.60 -12.12
CA ALA F 144 77.99 -2.27 -10.89
C ALA F 144 77.38 -3.50 -10.24
N LYS F 145 76.98 -4.50 -11.04
CA LYS F 145 76.52 -5.76 -10.48
C LYS F 145 77.67 -6.58 -9.92
N GLN F 146 78.91 -6.28 -10.33
CA GLN F 146 80.08 -7.00 -9.83
C GLN F 146 80.38 -6.63 -8.39
N ALA F 147 79.94 -5.45 -7.93
CA ALA F 147 80.27 -5.01 -6.57
C ALA F 147 79.51 -5.79 -5.52
N TYR F 148 78.37 -6.38 -5.88
CA TYR F 148 77.54 -7.08 -4.92
C TYR F 148 77.73 -8.59 -5.02
N THR F 149 77.57 -9.25 -3.87
CA THR F 149 77.71 -10.69 -3.78
C THR F 149 76.51 -11.38 -4.45
N ALA F 150 76.68 -12.65 -4.78
CA ALA F 150 75.64 -13.43 -5.46
C ALA F 150 74.86 -14.31 -4.50
N THR F 151 74.60 -13.84 -3.28
CA THR F 151 73.85 -14.62 -2.32
C THR F 151 72.35 -14.53 -2.58
N PRO F 152 71.60 -15.61 -2.35
CA PRO F 152 70.15 -15.57 -2.60
C PRO F 152 69.37 -14.83 -1.54
N PHE F 153 69.97 -14.47 -0.42
CA PHE F 153 69.27 -13.86 0.69
C PHE F 153 69.26 -12.35 0.63
N ALA F 154 69.77 -11.76 -0.45
CA ALA F 154 69.93 -10.32 -0.51
C ALA F 154 69.20 -9.75 -1.71
N ALA F 155 68.65 -8.56 -1.51
CA ALA F 155 68.01 -7.79 -2.57
C ALA F 155 68.58 -6.39 -2.55
N VAL F 156 68.77 -5.82 -3.73
CA VAL F 156 69.37 -4.50 -3.88
C VAL F 156 68.36 -3.60 -4.57
N TYR F 157 68.04 -2.47 -3.92
CA TYR F 157 67.11 -1.49 -4.46
C TYR F 157 67.91 -0.24 -4.82
N TYR F 158 67.84 0.18 -6.08
CA TYR F 158 68.86 1.12 -6.55
C TYR F 158 68.70 2.55 -6.05
N PRO F 159 67.65 3.32 -6.41
CA PRO F 159 67.78 4.78 -6.27
C PRO F 159 67.58 5.25 -4.83
N TRP F 160 68.55 6.01 -4.34
CA TRP F 160 68.44 6.61 -3.02
C TRP F 160 67.32 7.63 -3.03
N LEU F 161 66.30 7.40 -2.24
CA LEU F 161 65.13 8.27 -2.27
C LEU F 161 65.42 9.61 -1.63
N LYS F 162 64.67 10.62 -2.04
CA LYS F 162 64.79 11.96 -1.47
C LYS F 162 63.42 12.42 -1.00
N ALA F 163 63.43 13.33 -0.03
CA ALA F 163 62.21 13.84 0.57
C ALA F 163 62.37 15.32 0.85
N ASP F 164 61.24 16.00 1.03
CA ASP F 164 61.29 17.43 1.31
C ASP F 164 61.68 17.71 2.75
N TRP F 165 61.37 16.80 3.68
CA TRP F 165 61.77 17.00 5.06
C TRP F 165 63.23 16.63 5.28
N ALA F 166 63.73 15.64 4.55
CA ALA F 166 65.11 15.20 4.70
C ALA F 166 66.02 16.10 3.87
N ASN F 167 67.11 16.56 4.48
CA ASN F 167 68.08 17.37 3.75
C ASN F 167 68.92 16.50 2.83
N ILE F 168 69.44 15.40 3.36
CA ILE F 168 70.24 14.43 2.60
C ILE F 168 69.31 13.40 1.96
N ASP F 169 69.87 12.61 1.05
CA ASP F 169 69.12 11.54 0.40
C ASP F 169 69.00 10.33 1.32
N ILE F 170 67.83 9.70 1.29
CA ILE F 170 67.49 8.58 2.16
C ILE F 170 67.97 7.29 1.51
N PRO F 171 68.62 6.39 2.25
CA PRO F 171 68.93 5.06 1.71
C PRO F 171 67.67 4.27 1.43
N PRO F 172 67.58 3.63 0.27
CA PRO F 172 66.31 2.99 -0.13
C PRO F 172 66.01 1.70 0.61
N SER F 173 66.99 1.09 1.29
CA SER F 173 66.73 -0.13 2.03
C SER F 173 65.92 0.10 3.29
N ALA F 174 65.99 1.31 3.85
CA ALA F 174 65.26 1.57 5.08
C ALA F 174 63.78 1.77 4.82
N VAL F 175 63.42 2.26 3.64
CA VAL F 175 62.00 2.34 3.29
C VAL F 175 61.46 0.99 2.87
N MET F 176 62.33 0.05 2.48
CA MET F 176 61.89 -1.25 2.02
C MET F 176 61.72 -2.25 3.16
N ALA F 177 62.30 -1.96 4.32
CA ALA F 177 61.96 -2.75 5.51
C ALA F 177 60.54 -2.48 5.93
N GLY F 178 60.06 -1.25 5.73
CA GLY F 178 58.67 -0.95 6.03
C GLY F 178 57.71 -1.42 4.96
N VAL F 179 58.17 -1.45 3.70
CA VAL F 179 57.33 -1.96 2.62
C VAL F 179 57.17 -3.48 2.75
N TYR F 180 58.22 -4.16 3.22
CA TYR F 180 58.13 -5.59 3.50
C TYR F 180 57.13 -5.87 4.61
N ALA F 181 57.12 -5.04 5.65
CA ALA F 181 56.15 -5.23 6.73
C ALA F 181 54.74 -4.84 6.31
N SER F 182 54.60 -3.88 5.40
CA SER F 182 53.29 -3.43 4.97
C SER F 182 52.66 -4.40 3.98
N VAL F 183 53.47 -5.06 3.15
CA VAL F 183 52.97 -6.01 2.19
C VAL F 183 52.48 -7.26 2.89
N ASP F 184 53.29 -7.78 3.82
CA ASP F 184 52.99 -9.05 4.48
C ASP F 184 51.82 -8.95 5.43
N LEU F 185 51.53 -7.76 5.94
CA LEU F 185 50.36 -7.59 6.79
C LEU F 185 49.08 -7.49 5.98
N SER F 186 49.11 -6.82 4.84
CA SER F 186 47.90 -6.63 4.05
C SER F 186 47.61 -7.81 3.12
N ARG F 187 48.63 -8.46 2.58
CA ARG F 187 48.39 -9.52 1.61
C ARG F 187 49.17 -10.81 1.88
N GLY F 188 50.22 -10.79 2.68
CA GLY F 188 50.94 -12.01 3.00
C GLY F 188 52.39 -12.01 2.57
N VAL F 189 53.18 -12.90 3.17
CA VAL F 189 54.62 -12.98 2.85
C VAL F 189 54.82 -13.51 1.43
N TRP F 190 53.90 -14.34 0.96
CA TRP F 190 54.01 -14.95 -0.37
C TRP F 190 53.79 -13.94 -1.49
N LYS F 191 53.13 -12.82 -1.21
CA LYS F 191 52.99 -11.74 -2.19
C LYS F 191 54.29 -10.96 -2.29
N ALA F 192 54.70 -10.67 -3.53
CA ALA F 192 55.89 -9.89 -3.76
C ALA F 192 55.69 -8.44 -3.30
N PRO F 193 56.74 -7.79 -2.82
CA PRO F 193 56.63 -6.39 -2.38
C PRO F 193 56.62 -5.37 -3.49
N ALA F 194 56.53 -5.76 -4.75
CA ALA F 194 56.60 -4.79 -5.82
C ALA F 194 55.20 -4.23 -6.10
N ASN F 195 55.18 -3.23 -6.99
CA ASN F 195 54.08 -2.27 -7.29
C ASN F 195 53.27 -1.87 -6.05
N VAL F 196 53.99 -1.47 -5.01
CA VAL F 196 53.43 -0.90 -3.80
C VAL F 196 53.93 0.53 -3.67
N ALA F 197 53.01 1.48 -3.49
CA ALA F 197 53.38 2.87 -3.36
C ALA F 197 53.97 3.16 -1.99
N LEU F 198 54.87 4.13 -1.94
CA LEU F 198 55.54 4.51 -0.71
C LEU F 198 54.71 5.58 -0.01
N LYS F 199 54.35 5.30 1.26
CA LYS F 199 53.40 6.16 1.96
C LYS F 199 54.02 7.47 2.39
N GLY F 200 55.32 7.48 2.68
CA GLY F 200 55.98 8.71 3.04
C GLY F 200 56.16 9.62 1.83
N GLY F 201 56.55 10.86 2.09
CA GLY F 201 56.77 11.81 1.03
C GLY F 201 58.07 11.57 0.28
N LEU F 202 58.12 10.46 -0.46
CA LEU F 202 59.33 10.01 -1.13
C LEU F 202 59.17 10.13 -2.64
N GLU F 203 60.31 10.28 -3.32
CA GLU F 203 60.41 10.21 -4.77
C GLU F 203 61.86 9.93 -5.12
N PRO F 204 62.13 9.20 -6.20
CA PRO F 204 63.52 8.80 -6.49
C PRO F 204 64.39 9.97 -6.88
N LYS F 205 65.68 9.86 -6.53
CA LYS F 205 66.64 10.90 -6.89
C LYS F 205 66.91 10.90 -8.38
N PHE F 206 66.95 9.73 -8.99
CA PHE F 206 67.25 9.58 -10.41
C PHE F 206 66.10 8.84 -11.08
N LEU F 207 65.50 9.48 -12.08
CA LEU F 207 64.50 8.81 -12.90
C LEU F 207 65.17 7.76 -13.77
N VAL F 208 64.58 6.57 -13.83
CA VAL F 208 65.23 5.41 -14.42
C VAL F 208 64.46 5.02 -15.67
N THR F 209 65.16 4.97 -16.81
CA THR F 209 64.56 4.52 -18.06
C THR F 209 64.30 3.02 -18.01
N ASP F 210 63.36 2.58 -18.84
CA ASP F 210 63.04 1.15 -18.91
C ASP F 210 64.17 0.34 -19.53
N GLU F 211 64.93 0.94 -20.44
CA GLU F 211 66.04 0.23 -21.06
C GLU F 211 67.20 0.02 -20.10
N LEU F 212 67.36 0.92 -19.13
CA LEU F 212 68.40 0.74 -18.12
C LEU F 212 68.04 -0.37 -17.15
N GLN F 213 66.76 -0.47 -16.78
CA GLN F 213 66.30 -1.51 -15.86
C GLN F 213 66.40 -2.89 -16.47
N GLY F 214 66.38 -3.00 -17.80
CA GLY F 214 66.56 -4.29 -18.44
C GLY F 214 67.97 -4.83 -18.30
N GLU F 215 68.96 -3.95 -18.19
CA GLU F 215 70.34 -4.38 -17.97
C GLU F 215 70.50 -5.00 -16.60
N TYR F 216 69.99 -4.34 -15.57
CA TYR F 216 70.30 -4.70 -14.20
C TYR F 216 69.42 -5.82 -13.67
N ASN F 217 68.30 -6.10 -14.32
CA ASN F 217 67.36 -7.09 -13.80
C ASN F 217 67.82 -8.53 -14.05
N THR F 218 68.80 -8.74 -14.93
CA THR F 218 69.06 -10.10 -15.41
C THR F 218 69.96 -10.89 -14.46
N GLY F 219 71.22 -10.48 -14.29
CA GLY F 219 72.20 -11.37 -13.69
C GLY F 219 72.31 -11.36 -12.18
N ARG F 220 72.70 -10.23 -11.60
CA ARG F 220 72.74 -10.04 -10.15
C ARG F 220 71.79 -8.88 -9.90
N ALA F 221 70.51 -9.23 -9.74
CA ALA F 221 69.44 -8.30 -10.04
C ALA F 221 69.33 -7.18 -9.02
N ILE F 222 69.23 -5.97 -9.54
CA ILE F 222 69.03 -4.77 -8.75
C ILE F 222 67.61 -4.30 -9.00
N ASN F 223 66.74 -4.47 -8.01
CA ASN F 223 65.39 -3.95 -8.10
C ASN F 223 65.42 -2.43 -8.08
N MET F 224 64.39 -1.81 -8.65
CA MET F 224 64.44 -0.37 -8.85
C MET F 224 63.13 0.27 -8.44
N ILE F 225 63.24 1.46 -7.85
CA ILE F 225 62.10 2.24 -7.39
C ILE F 225 61.93 3.39 -8.36
N ARG F 226 60.86 3.37 -9.17
CA ARG F 226 60.72 4.40 -10.17
C ARG F 226 59.29 4.94 -10.18
N ASN F 227 59.17 6.17 -10.68
CA ASN F 227 57.94 6.94 -10.57
C ASN F 227 57.02 6.68 -11.75
N PHE F 228 55.75 6.45 -11.44
CA PHE F 228 54.69 6.31 -12.42
C PHE F 228 53.69 7.44 -12.19
N SER F 229 53.13 7.98 -13.27
CA SER F 229 52.32 9.18 -13.13
C SER F 229 50.97 8.90 -12.48
N ASN F 230 50.46 7.68 -12.61
CA ASN F 230 49.20 7.32 -11.98
C ASN F 230 49.39 6.73 -10.58
N THR F 231 50.54 6.09 -10.33
CA THR F 231 50.80 5.43 -9.06
C THR F 231 51.66 6.26 -8.12
N GLY F 232 52.34 7.29 -8.62
CA GLY F 232 53.33 7.96 -7.80
C GLY F 232 54.65 7.20 -7.86
N THR F 233 55.40 7.26 -6.78
CA THR F 233 56.59 6.42 -6.69
C THR F 233 56.20 5.03 -6.22
N THR F 234 56.92 4.04 -6.70
CA THR F 234 56.53 2.65 -6.45
C THR F 234 57.76 1.75 -6.62
N VAL F 235 57.70 0.60 -5.98
CA VAL F 235 58.75 -0.41 -6.08
C VAL F 235 58.48 -1.27 -7.29
N TRP F 236 59.52 -1.64 -8.03
CA TRP F 236 59.32 -2.29 -9.31
C TRP F 236 60.24 -3.49 -9.49
N GLY F 237 60.49 -4.23 -8.43
CA GLY F 237 61.33 -5.41 -8.54
C GLY F 237 61.09 -6.35 -7.38
N ALA F 238 61.25 -7.64 -7.65
CA ALA F 238 61.10 -8.65 -6.63
C ALA F 238 62.23 -9.67 -6.66
N ARG F 239 63.30 -9.40 -7.39
CA ARG F 239 64.34 -10.38 -7.64
C ARG F 239 65.47 -10.27 -6.62
N THR F 240 66.03 -11.41 -6.25
CA THR F 240 67.18 -11.46 -5.35
C THR F 240 68.47 -11.29 -6.16
N LEU F 241 69.61 -11.49 -5.50
CA LEU F 241 70.89 -11.45 -6.18
C LEU F 241 71.28 -12.79 -6.78
N GLU F 242 70.51 -13.85 -6.52
CA GLU F 242 70.76 -15.14 -7.15
C GLU F 242 70.00 -15.25 -8.45
N ASP F 243 70.70 -15.65 -9.51
CA ASP F 243 70.09 -15.80 -10.82
C ASP F 243 69.50 -17.18 -11.05
N LYS F 244 69.77 -18.14 -10.17
CA LYS F 244 69.26 -19.49 -10.32
C LYS F 244 67.74 -19.51 -10.21
N ASP F 245 67.12 -20.46 -10.91
CA ASP F 245 65.66 -20.48 -11.02
C ASP F 245 64.97 -20.92 -9.74
N ASN F 246 65.72 -21.42 -8.76
CA ASN F 246 65.14 -21.82 -7.49
C ASN F 246 64.81 -20.62 -6.62
N TRP F 247 65.77 -19.71 -6.45
CA TRP F 247 65.63 -18.61 -5.51
C TRP F 247 65.72 -17.27 -6.23
N ARG F 248 64.99 -17.14 -7.34
CA ARG F 248 65.10 -15.92 -8.14
C ARG F 248 64.38 -14.75 -7.51
N TYR F 249 63.25 -14.99 -6.85
CA TYR F 249 62.37 -13.93 -6.39
C TYR F 249 62.41 -13.80 -4.88
N VAL F 250 62.33 -12.57 -4.37
CA VAL F 250 62.22 -12.34 -2.93
C VAL F 250 60.91 -12.80 -2.29
N PRO F 251 59.75 -12.97 -2.95
CA PRO F 251 58.65 -13.62 -2.22
C PRO F 251 58.87 -15.10 -1.97
N VAL F 252 59.63 -15.78 -2.82
CA VAL F 252 59.87 -17.21 -2.61
C VAL F 252 60.92 -17.42 -1.53
N ARG F 253 61.94 -16.57 -1.51
CA ARG F 253 62.99 -16.70 -0.49
C ARG F 253 62.48 -16.29 0.88
N ARG F 254 61.65 -15.24 0.94
CA ARG F 254 61.10 -14.81 2.23
C ARG F 254 59.97 -15.70 2.71
N LEU F 255 59.31 -16.44 1.83
CA LEU F 255 58.35 -17.43 2.30
C LEU F 255 59.04 -18.59 2.98
N PHE F 256 60.12 -19.09 2.37
CA PHE F 256 60.86 -20.21 2.96
C PHE F 256 61.56 -19.81 4.24
N ASN F 257 61.99 -18.55 4.35
CA ASN F 257 62.54 -18.07 5.62
C ASN F 257 61.47 -18.00 6.70
N SER F 258 60.24 -17.65 6.32
CA SER F 258 59.17 -17.50 7.29
C SER F 258 58.59 -18.83 7.71
N VAL F 259 58.47 -19.77 6.77
CA VAL F 259 57.90 -21.09 7.07
C VAL F 259 58.81 -21.85 8.01
N GLU F 260 60.11 -21.80 7.78
CA GLU F 260 61.04 -22.59 8.58
C GLU F 260 61.24 -21.98 9.96
N ARG F 261 60.93 -20.70 10.11
CA ARG F 261 60.92 -20.09 11.44
C ARG F 261 59.69 -20.52 12.23
N ASP F 262 58.55 -20.66 11.56
CA ASP F 262 57.35 -21.13 12.26
C ASP F 262 57.46 -22.62 12.59
N ILE F 263 58.13 -23.39 11.74
CA ILE F 263 58.34 -24.80 12.01
C ILE F 263 59.38 -24.97 13.13
N LYS F 264 60.31 -24.01 13.24
CA LYS F 264 61.24 -23.95 14.37
C LYS F 264 60.52 -23.88 15.70
N ARG F 265 59.42 -23.12 15.75
CA ARG F 265 58.70 -22.95 17.01
C ARG F 265 57.89 -24.20 17.35
N ALA F 266 57.38 -24.90 16.34
CA ALA F 266 56.66 -26.14 16.61
C ALA F 266 57.63 -27.26 16.97
N MET F 267 58.87 -27.18 16.51
CA MET F 267 59.79 -28.22 16.94
C MET F 267 60.47 -27.87 18.24
N SER F 268 60.14 -26.71 18.81
CA SER F 268 60.69 -26.35 20.10
C SER F 268 60.09 -27.20 21.21
N PHE F 269 58.82 -27.61 21.07
CA PHE F 269 58.23 -28.40 22.15
C PHE F 269 58.72 -29.84 22.11
N ALA F 270 59.18 -30.29 20.96
CA ALA F 270 59.69 -31.65 20.85
C ALA F 270 61.09 -31.79 21.40
N MET F 271 61.74 -30.67 21.76
CA MET F 271 63.07 -30.70 22.33
C MET F 271 63.08 -31.44 23.65
N PHE F 272 64.05 -32.34 23.79
CA PHE F 272 64.35 -33.11 25.00
C PHE F 272 63.19 -34.00 25.45
N GLU F 273 62.33 -34.35 24.51
CA GLU F 273 61.33 -35.40 24.65
C GLU F 273 61.96 -36.74 24.30
N PRO F 274 61.36 -37.86 24.70
CA PRO F 274 61.92 -39.17 24.31
C PRO F 274 61.90 -39.38 22.81
N ASN F 275 63.00 -39.92 22.29
CA ASN F 275 63.17 -40.11 20.85
C ASN F 275 62.61 -41.47 20.48
N ASN F 276 61.30 -41.53 20.30
CA ASN F 276 60.62 -42.75 19.87
C ASN F 276 59.55 -42.36 18.87
N GLN F 277 58.72 -43.33 18.50
CA GLN F 277 57.65 -43.08 17.54
C GLN F 277 56.52 -42.18 18.02
N PRO F 278 56.03 -42.23 19.28
CA PRO F 278 54.97 -41.26 19.66
C PRO F 278 55.40 -39.80 19.64
N THR F 279 56.70 -39.51 19.68
CA THR F 279 57.14 -38.14 19.47
C THR F 279 57.09 -37.76 18.00
N TRP F 280 57.53 -38.67 17.12
CA TRP F 280 57.63 -38.37 15.69
C TRP F 280 56.26 -38.19 15.04
N GLU F 281 55.24 -38.86 15.54
CA GLU F 281 53.91 -38.65 15.01
C GLU F 281 53.24 -37.43 15.61
N ARG F 282 53.85 -36.81 16.62
CA ARG F 282 53.41 -35.51 17.10
C ARG F 282 54.18 -34.38 16.45
N VAL F 283 55.43 -34.65 16.05
CA VAL F 283 56.19 -33.68 15.27
C VAL F 283 55.61 -33.54 13.87
N ARG F 284 55.23 -34.66 13.26
CA ARG F 284 54.65 -34.62 11.91
C ARG F 284 53.27 -34.00 11.92
N ALA F 285 52.48 -34.27 12.96
CA ALA F 285 51.14 -33.71 13.03
C ALA F 285 51.17 -32.20 13.27
N ALA F 286 52.18 -31.72 13.98
CA ALA F 286 52.29 -30.29 14.25
C ALA F 286 52.69 -29.52 13.00
N ILE F 287 53.54 -30.11 12.17
CA ILE F 287 53.94 -29.46 10.92
C ILE F 287 52.82 -29.54 9.90
N SER F 288 52.10 -30.67 9.87
CA SER F 288 51.07 -30.87 8.86
C SER F 288 49.88 -29.96 9.10
N ASN F 289 49.61 -29.57 10.35
CA ASN F 289 48.58 -28.58 10.62
C ASN F 289 49.00 -27.22 10.09
N TYR F 290 50.27 -26.88 10.28
CA TYR F 290 50.73 -25.54 9.93
C TYR F 290 50.79 -25.34 8.43
N LEU F 291 51.28 -26.34 7.70
CA LEU F 291 51.37 -26.20 6.25
C LEU F 291 50.01 -26.29 5.59
N TYR F 292 49.05 -26.97 6.22
CA TYR F 292 47.71 -27.01 5.66
C TYR F 292 47.02 -25.67 5.78
N SER F 293 47.10 -25.04 6.94
CA SER F 293 46.48 -23.74 7.14
C SER F 293 47.18 -22.65 6.36
N LEU F 294 48.46 -22.84 6.04
CA LEU F 294 49.15 -21.92 5.15
C LEU F 294 48.72 -22.14 3.71
N TRP F 295 48.47 -23.38 3.31
CA TRP F 295 47.97 -23.68 1.98
C TRP F 295 46.55 -23.15 1.80
N GLN F 296 45.75 -23.18 2.87
CA GLN F 296 44.39 -22.66 2.81
C GLN F 296 44.37 -21.14 2.65
N GLN F 297 45.40 -20.46 3.12
CA GLN F 297 45.51 -19.02 2.90
C GLN F 297 45.96 -18.67 1.49
N GLY F 298 46.32 -19.65 0.69
CA GLY F 298 46.85 -19.39 -0.63
C GLY F 298 48.34 -19.19 -0.68
N GLY F 299 49.06 -19.53 0.39
CA GLY F 299 50.49 -19.29 0.42
C GLY F 299 51.27 -20.25 -0.45
N LEU F 300 50.85 -21.51 -0.49
CA LEU F 300 51.50 -22.53 -1.29
C LEU F 300 50.64 -22.82 -2.52
N ALA F 301 51.30 -23.03 -3.65
CA ALA F 301 50.61 -23.18 -4.93
C ALA F 301 50.34 -24.65 -5.19
N GLY F 302 49.06 -25.02 -5.20
CA GLY F 302 48.65 -26.35 -5.55
C GLY F 302 47.13 -26.47 -5.54
N SER F 303 46.56 -27.06 -6.59
CA SER F 303 45.12 -27.25 -6.62
C SER F 303 44.71 -28.34 -5.65
N LYS F 304 45.43 -29.45 -5.64
CA LYS F 304 45.27 -30.50 -4.66
C LYS F 304 46.16 -30.21 -3.46
N GLU F 305 45.65 -30.49 -2.26
CA GLU F 305 46.40 -30.26 -1.04
C GLU F 305 47.64 -31.14 -0.94
N GLU F 306 47.61 -32.34 -1.52
CA GLU F 306 48.77 -33.22 -1.53
C GLU F 306 49.82 -32.80 -2.55
N ASP F 307 49.53 -31.81 -3.39
CA ASP F 307 50.52 -31.28 -4.32
C ASP F 307 51.32 -30.12 -3.74
N ALA F 308 50.84 -29.49 -2.68
CA ALA F 308 51.49 -28.29 -2.17
C ALA F 308 52.63 -28.61 -1.22
N TYR F 309 52.54 -29.71 -0.47
CA TYR F 309 53.54 -29.99 0.55
C TYR F 309 53.56 -31.47 0.86
N PHE F 310 54.63 -31.91 1.51
CA PHE F 310 54.75 -33.26 2.02
C PHE F 310 55.69 -33.24 3.22
N VAL F 311 55.38 -34.06 4.23
CA VAL F 311 56.18 -34.19 5.44
C VAL F 311 56.49 -35.68 5.63
N GLN F 312 57.75 -36.00 5.94
CA GLN F 312 58.17 -37.39 6.07
C GLN F 312 59.08 -37.56 7.28
N ILE F 313 58.60 -38.29 8.29
CA ILE F 313 59.40 -38.74 9.41
C ILE F 313 59.29 -40.26 9.48
N GLY F 314 60.35 -40.92 9.92
CA GLY F 314 60.29 -42.35 10.10
C GLY F 314 61.61 -43.02 10.42
N LYS F 315 61.55 -44.23 10.97
CA LYS F 315 62.77 -44.98 11.26
C LYS F 315 63.30 -45.68 10.01
N GLY F 316 62.42 -46.07 9.09
CA GLY F 316 62.90 -46.59 7.84
C GLY F 316 63.21 -45.50 6.83
N ILE F 317 62.57 -44.34 6.99
CA ILE F 317 62.53 -43.33 5.95
C ILE F 317 63.67 -42.34 6.06
N THR F 318 63.77 -41.64 7.18
CA THR F 318 64.65 -40.47 7.28
C THR F 318 65.88 -40.69 8.16
N MET F 319 65.72 -41.37 9.30
CA MET F 319 66.82 -41.49 10.26
C MET F 319 67.19 -42.95 10.46
N THR F 320 68.50 -43.20 10.61
CA THR F 320 69.00 -44.54 10.88
C THR F 320 68.81 -44.86 12.36
N GLN F 321 68.82 -46.16 12.68
CA GLN F 321 68.91 -46.61 14.07
C GLN F 321 70.17 -46.07 14.73
N GLU F 322 71.25 -45.92 13.96
CA GLU F 322 72.46 -45.27 14.43
C GLU F 322 72.23 -43.81 14.78
N GLN F 323 71.47 -43.09 13.95
CA GLN F 323 71.28 -41.67 14.17
C GLN F 323 70.29 -41.41 15.30
N ILE F 324 69.39 -42.35 15.57
CA ILE F 324 68.45 -42.20 16.67
C ILE F 324 69.17 -42.29 18.00
N ASP F 325 70.14 -43.21 18.11
CA ASP F 325 70.92 -43.34 19.32
C ASP F 325 71.86 -42.15 19.54
N ALA F 326 72.23 -41.45 18.47
CA ALA F 326 73.01 -40.22 18.64
C ALA F 326 72.15 -39.08 19.15
N GLY F 327 70.83 -39.16 18.98
CA GLY F 327 69.93 -38.14 19.44
C GLY F 327 69.29 -37.32 18.34
N GLN F 328 69.53 -37.64 17.08
CA GLN F 328 69.04 -36.84 15.98
C GLN F 328 67.63 -37.26 15.59
N MET F 329 66.88 -36.31 15.04
CA MET F 329 65.55 -36.54 14.52
C MET F 329 65.43 -35.77 13.21
N ILE F 330 65.20 -36.48 12.11
CA ILE F 330 65.26 -35.91 10.77
C ILE F 330 63.87 -35.89 10.16
N VAL F 331 63.45 -34.71 9.69
CA VAL F 331 62.17 -34.50 9.03
C VAL F 331 62.47 -33.92 7.65
N LYS F 332 61.66 -34.32 6.66
CA LYS F 332 61.75 -33.78 5.31
C LYS F 332 60.48 -33.02 4.99
N VAL F 333 60.62 -31.75 4.64
CA VAL F 333 59.50 -30.88 4.30
C VAL F 333 59.73 -30.37 2.88
N GLY F 334 58.69 -30.39 2.05
CA GLY F 334 58.73 -29.77 0.76
C GLY F 334 57.59 -28.79 0.62
N LEU F 335 57.82 -27.74 -0.16
CA LEU F 335 56.83 -26.69 -0.37
C LEU F 335 56.76 -26.36 -1.85
N ALA F 336 55.66 -25.74 -2.26
CA ALA F 336 55.49 -25.29 -3.64
C ALA F 336 54.98 -23.85 -3.61
N ALA F 337 55.92 -22.90 -3.73
CA ALA F 337 55.56 -21.50 -3.67
C ALA F 337 54.97 -21.03 -4.99
N VAL F 338 54.35 -19.85 -4.96
CA VAL F 338 53.75 -19.22 -6.13
C VAL F 338 54.76 -18.24 -6.70
N ARG F 339 54.89 -18.23 -8.01
CA ARG F 339 55.80 -17.25 -8.58
C ARG F 339 55.02 -16.04 -9.07
N PRO F 340 55.59 -14.84 -9.01
CA PRO F 340 54.87 -13.66 -9.50
C PRO F 340 54.99 -13.49 -11.01
N ALA F 341 53.90 -13.01 -11.61
CA ALA F 341 53.92 -12.64 -13.02
C ALA F 341 54.70 -11.36 -13.20
N GLU F 342 55.80 -11.41 -13.93
CA GLU F 342 56.70 -10.28 -14.03
C GLU F 342 56.59 -9.52 -15.33
N PHE F 343 56.36 -10.20 -16.45
CA PHE F 343 56.20 -9.56 -17.75
C PHE F 343 54.80 -9.82 -18.26
N ILE F 344 54.17 -8.80 -18.85
CA ILE F 344 52.88 -8.94 -19.51
C ILE F 344 53.04 -8.44 -20.93
N ILE F 345 52.73 -9.28 -21.90
CA ILE F 345 52.94 -8.98 -23.31
C ILE F 345 51.58 -8.77 -23.96
N LEU F 346 51.34 -7.57 -24.46
CA LEU F 346 50.13 -7.23 -25.18
C LEU F 346 50.39 -7.36 -26.67
N GLN F 347 49.50 -8.03 -27.37
CA GLN F 347 49.51 -8.03 -28.83
C GLN F 347 48.27 -7.33 -29.33
N PHE F 348 48.48 -6.23 -30.06
CA PHE F 348 47.39 -5.43 -30.59
C PHE F 348 47.25 -5.73 -32.07
N THR F 349 46.07 -6.20 -32.46
CA THR F 349 45.77 -6.56 -33.83
C THR F 349 44.87 -5.50 -34.44
N GLN F 350 45.12 -5.15 -35.69
CA GLN F 350 44.39 -4.05 -36.31
C GLN F 350 43.01 -4.52 -36.81
N ASP F 351 42.88 -5.77 -37.21
CA ASP F 351 41.60 -6.28 -37.67
C ASP F 351 40.96 -7.14 -36.57
N VAL F 352 39.68 -6.93 -36.36
CA VAL F 352 38.91 -7.64 -35.33
C VAL F 352 38.29 -8.86 -35.96
N GLU F 353 38.67 -10.04 -35.46
CA GLU F 353 38.09 -11.28 -35.93
C GLU F 353 38.14 -12.36 -34.85
N THR G 2 36.96 6.75 -64.01
CA THR G 2 35.78 7.43 -63.50
C THR G 2 36.15 8.77 -62.87
N THR G 3 36.63 8.72 -61.63
CA THR G 3 37.06 9.90 -60.90
C THR G 3 38.32 9.56 -60.14
N VAL G 4 39.34 10.41 -60.27
CA VAL G 4 40.61 10.22 -59.58
C VAL G 4 40.76 11.35 -58.56
N THR G 5 41.10 10.97 -57.32
CA THR G 5 41.09 11.89 -56.19
C THR G 5 42.51 11.98 -55.63
N SER G 6 43.13 13.13 -55.80
CA SER G 6 44.49 13.36 -55.30
C SER G 6 44.50 14.24 -54.06
N TYR G 7 43.93 15.44 -54.12
CA TYR G 7 43.78 16.29 -52.96
C TYR G 7 42.52 15.91 -52.20
N PRO G 8 42.43 16.24 -50.88
CA PRO G 8 41.20 15.92 -50.13
C PRO G 8 39.95 16.60 -50.68
N GLY G 9 39.86 17.92 -50.56
CA GLY G 9 38.91 18.78 -51.25
C GLY G 9 37.45 18.39 -51.34
N VAL G 10 36.74 18.97 -52.31
CA VAL G 10 35.52 18.40 -52.86
C VAL G 10 35.65 18.43 -54.37
N TYR G 11 34.78 17.70 -55.04
CA TYR G 11 34.85 17.53 -56.49
C TYR G 11 33.49 17.80 -57.09
N ILE G 12 33.43 18.68 -58.08
CA ILE G 12 32.17 19.16 -58.63
C ILE G 12 32.07 18.73 -60.09
N GLU G 13 32.50 17.50 -60.35
CA GLU G 13 32.23 16.78 -61.60
C GLU G 13 30.77 16.91 -62.04
N GLU G 14 30.55 17.10 -63.34
CA GLU G 14 29.21 17.18 -63.90
C GLU G 14 29.01 16.01 -64.85
N LEU G 15 28.11 15.09 -64.48
CA LEU G 15 27.77 14.00 -65.38
C LEU G 15 26.32 13.58 -65.15
N ASN G 16 25.68 13.15 -66.23
CA ASN G 16 24.30 12.65 -66.19
C ASN G 16 24.35 11.16 -65.97
N SER G 17 24.13 10.72 -64.74
CA SER G 17 23.91 9.32 -64.45
C SER G 17 22.69 9.18 -63.57
N LEU G 18 21.87 8.20 -63.88
CA LEU G 18 20.60 7.98 -63.19
C LEU G 18 20.82 7.06 -62.00
N ALA G 19 20.20 7.40 -60.88
CA ALA G 19 20.33 6.62 -59.66
C ALA G 19 18.95 6.28 -59.14
N LEU G 20 18.75 5.01 -58.79
CA LEU G 20 17.47 4.51 -58.31
C LEU G 20 17.63 4.06 -56.87
N SER G 21 16.60 4.30 -56.06
CA SER G 21 16.64 3.96 -54.65
C SER G 21 16.49 2.46 -54.45
N VAL G 22 17.14 1.94 -53.42
CA VAL G 22 17.18 0.50 -53.18
C VAL G 22 15.99 0.07 -52.35
N SER G 23 15.54 -1.16 -52.59
CA SER G 23 14.47 -1.78 -51.83
C SER G 23 14.85 -3.19 -51.47
N ASN G 24 14.41 -3.65 -50.30
CA ASN G 24 14.64 -5.01 -49.85
C ASN G 24 13.31 -5.75 -49.86
N SER G 25 13.24 -6.83 -50.63
CA SER G 25 12.03 -7.63 -50.77
C SER G 25 12.33 -9.05 -50.32
N ALA G 26 11.60 -9.51 -49.31
CA ALA G 26 11.83 -10.85 -48.78
C ALA G 26 11.16 -11.93 -49.62
N THR G 27 10.10 -11.58 -50.34
CA THR G 27 9.23 -12.58 -50.95
C THR G 27 9.45 -12.77 -52.45
N ALA G 28 10.06 -11.81 -53.14
CA ALA G 28 10.16 -11.87 -54.60
C ALA G 28 11.60 -11.65 -55.02
N VAL G 29 12.26 -12.72 -55.44
CA VAL G 29 13.62 -12.66 -55.97
C VAL G 29 13.59 -13.18 -57.41
N PRO G 30 13.54 -12.32 -58.42
CA PRO G 30 13.43 -12.80 -59.79
C PRO G 30 14.75 -13.29 -60.35
N VAL G 31 14.64 -14.06 -61.42
CA VAL G 31 15.79 -14.49 -62.22
C VAL G 31 15.51 -14.07 -63.64
N PHE G 32 16.32 -13.15 -64.17
CA PHE G 32 16.11 -12.62 -65.50
C PHE G 32 16.81 -13.51 -66.51
N ALA G 33 16.04 -14.09 -67.42
CA ALA G 33 16.61 -14.86 -68.51
C ALA G 33 17.33 -13.92 -69.47
N VAL G 34 18.57 -14.25 -69.80
CA VAL G 34 19.42 -13.42 -70.64
C VAL G 34 19.73 -14.20 -71.90
N ASP G 35 19.59 -13.54 -73.05
CA ASP G 35 19.85 -14.21 -74.32
C ASP G 35 21.34 -14.46 -74.50
N GLU G 36 21.65 -15.45 -75.33
CA GLU G 36 23.02 -15.55 -75.83
C GLU G 36 23.24 -14.44 -76.86
N GLN G 37 24.52 -14.22 -77.19
CA GLN G 37 25.08 -12.96 -77.71
C GLN G 37 24.96 -11.83 -76.68
N ASN G 38 25.13 -12.15 -75.40
CA ASN G 38 25.30 -11.15 -74.35
C ASN G 38 26.71 -11.33 -73.80
N GLN G 39 27.56 -10.34 -74.03
CA GLN G 39 28.98 -10.46 -73.73
C GLN G 39 29.32 -10.18 -72.28
N TYR G 40 28.36 -9.77 -71.46
CA TYR G 40 28.69 -9.31 -70.12
C TYR G 40 28.60 -10.40 -69.06
N ILE G 41 27.66 -11.33 -69.19
CA ILE G 41 27.52 -12.42 -68.24
C ILE G 41 27.96 -13.72 -68.91
N SER G 42 28.49 -14.63 -68.10
CA SER G 42 28.99 -15.90 -68.58
C SER G 42 27.93 -16.98 -68.41
N GLU G 43 28.13 -18.10 -69.08
CA GLU G 43 27.28 -19.26 -68.88
C GLU G 43 27.50 -19.86 -67.50
N ASP G 44 26.46 -20.52 -67.01
CA ASP G 44 26.52 -21.46 -65.89
C ASP G 44 26.93 -20.82 -64.57
N ASN G 45 26.70 -19.52 -64.39
CA ASN G 45 26.73 -18.93 -63.05
C ASN G 45 25.75 -17.77 -63.00
N ALA G 46 25.06 -17.67 -61.88
CA ALA G 46 24.14 -16.56 -61.62
C ALA G 46 24.92 -15.40 -61.04
N ILE G 47 24.64 -14.21 -61.55
CA ILE G 47 25.29 -12.99 -61.08
C ILE G 47 24.26 -12.23 -60.25
N ARG G 48 24.45 -12.19 -58.93
CA ARG G 48 23.52 -11.47 -58.08
C ARG G 48 23.73 -9.98 -58.24
N ILE G 49 22.66 -9.28 -58.58
CA ILE G 49 22.68 -7.84 -58.78
C ILE G 49 21.89 -7.22 -57.63
N ASN G 50 22.60 -6.59 -56.69
CA ASN G 50 21.95 -6.11 -55.48
C ASN G 50 21.16 -4.83 -55.73
N SER G 51 21.56 -4.03 -56.70
CA SER G 51 20.96 -2.73 -56.91
C SER G 51 21.19 -2.29 -58.34
N TRP G 52 20.57 -1.18 -58.72
CA TRP G 52 20.77 -0.64 -60.06
C TRP G 52 22.19 -0.13 -60.25
N MET G 53 22.78 0.40 -59.18
CA MET G 53 24.18 0.81 -59.22
C MET G 53 25.10 -0.39 -59.38
N ASP G 54 24.73 -1.51 -58.75
CA ASP G 54 25.49 -2.76 -58.93
C ASP G 54 25.43 -3.23 -60.38
N TYR G 55 24.26 -3.10 -61.01
CA TYR G 55 24.15 -3.46 -62.43
C TYR G 55 24.91 -2.48 -63.31
N LEU G 56 24.92 -1.20 -62.93
CA LEU G 56 25.59 -0.18 -63.71
C LEU G 56 27.10 -0.20 -63.56
N ASN G 57 27.63 -1.02 -62.66
CA ASN G 57 29.07 -1.27 -62.61
C ASN G 57 29.46 -2.42 -63.52
N LEU G 58 28.55 -3.38 -63.72
CA LEU G 58 28.85 -4.55 -64.54
C LEU G 58 28.94 -4.17 -66.02
N ILE G 59 27.98 -3.39 -66.50
CA ILE G 59 28.01 -2.84 -67.84
C ILE G 59 28.48 -1.39 -67.75
N GLY G 60 29.21 -0.94 -68.77
CA GLY G 60 29.78 0.39 -68.72
C GLY G 60 28.74 1.48 -68.90
N ASN G 61 28.02 1.43 -70.01
CA ASN G 61 26.99 2.43 -70.33
C ASN G 61 25.62 1.80 -70.31
N PHE G 62 24.62 2.61 -69.95
CA PHE G 62 23.24 2.21 -70.21
C PHE G 62 22.99 2.24 -71.70
N ASN G 63 22.49 1.13 -72.24
CA ASN G 63 22.26 0.99 -73.67
C ASN G 63 20.76 0.99 -73.95
N ASN G 64 20.31 1.88 -74.83
CA ASN G 64 18.90 1.92 -75.19
C ASN G 64 18.50 0.73 -76.04
N GLU G 65 19.43 0.16 -76.79
CA GLU G 65 19.10 -0.89 -77.74
C GLU G 65 18.99 -2.27 -77.10
N ASP G 66 19.60 -2.45 -75.92
CA ASP G 66 19.59 -3.76 -75.29
C ASP G 66 18.22 -4.08 -74.72
N LYS G 67 17.77 -5.31 -74.95
CA LYS G 67 16.53 -5.78 -74.31
C LYS G 67 16.75 -6.01 -72.82
N LEU G 68 17.96 -6.40 -72.43
CA LEU G 68 18.23 -6.65 -71.02
C LEU G 68 18.35 -5.35 -70.23
N ASP G 69 18.94 -4.32 -70.83
CA ASP G 69 19.18 -3.05 -70.13
C ASP G 69 17.89 -2.34 -69.76
N VAL G 70 16.99 -2.20 -70.74
CA VAL G 70 15.74 -1.47 -70.51
C VAL G 70 14.79 -2.27 -69.63
N SER G 71 14.97 -3.58 -69.55
CA SER G 71 14.13 -4.42 -68.70
C SER G 71 14.59 -4.37 -67.25
N VAL G 72 15.89 -4.24 -67.02
CA VAL G 72 16.41 -4.18 -65.65
C VAL G 72 16.16 -2.80 -65.04
N ARG G 73 16.27 -1.74 -65.85
CA ARG G 73 16.01 -0.39 -65.34
C ARG G 73 14.54 -0.20 -65.01
N ALA G 74 13.64 -0.78 -65.82
CA ALA G 74 12.22 -0.74 -65.51
C ALA G 74 11.88 -1.60 -64.30
N TYR G 75 12.71 -2.62 -64.01
CA TYR G 75 12.49 -3.45 -62.84
C TYR G 75 12.85 -2.72 -61.56
N PHE G 76 13.97 -1.99 -61.56
CA PHE G 76 14.40 -1.29 -60.36
C PHE G 76 13.66 0.01 -60.14
N ALA G 77 13.09 0.60 -61.18
CA ALA G 77 12.31 1.81 -61.01
C ALA G 77 10.97 1.54 -60.35
N ASN G 78 10.45 0.32 -60.51
CA ASN G 78 9.16 -0.03 -59.91
C ASN G 78 9.30 -0.53 -58.49
N GLY G 79 10.51 -0.82 -58.04
CA GLY G 79 10.71 -1.18 -56.65
C GLY G 79 11.19 -2.59 -56.42
N GLY G 80 11.97 -3.12 -57.35
CA GLY G 80 12.46 -4.47 -57.21
C GLY G 80 13.71 -4.54 -56.34
N GLY G 81 13.85 -5.66 -55.64
CA GLY G 81 15.01 -5.91 -54.81
C GLY G 81 16.14 -6.51 -55.63
N TYR G 82 16.96 -7.31 -54.96
CA TYR G 82 18.08 -7.94 -55.64
C TYR G 82 17.61 -9.09 -56.51
N CYS G 83 18.27 -9.27 -57.65
CA CYS G 83 17.88 -10.27 -58.62
C CYS G 83 19.12 -10.99 -59.13
N TYR G 84 18.90 -12.10 -59.82
CA TYR G 84 19.96 -12.87 -60.43
C TYR G 84 19.87 -12.76 -61.95
N LEU G 85 21.00 -12.93 -62.61
CA LEU G 85 21.08 -12.88 -64.07
C LEU G 85 21.68 -14.20 -64.55
N VAL G 86 20.83 -15.08 -65.09
CA VAL G 86 21.24 -16.38 -65.59
C VAL G 86 21.00 -16.41 -67.09
N LYS G 87 21.99 -16.90 -67.84
CA LYS G 87 21.81 -17.05 -69.28
C LYS G 87 20.82 -18.17 -69.57
N THR G 88 20.13 -18.04 -70.70
CA THR G 88 18.92 -18.81 -70.94
C THR G 88 19.18 -20.26 -71.32
N THR G 89 20.37 -20.60 -71.82
CA THR G 89 20.63 -21.99 -72.19
C THR G 89 21.15 -22.82 -71.03
N SER G 90 21.87 -22.20 -70.10
CA SER G 90 22.25 -22.83 -68.85
C SER G 90 21.27 -22.50 -67.74
N LEU G 91 20.05 -22.10 -68.08
CA LEU G 91 19.10 -21.63 -67.08
C LEU G 91 18.52 -22.76 -66.24
N GLU G 92 18.41 -23.95 -66.81
CA GLU G 92 17.82 -25.08 -66.10
C GLU G 92 18.77 -25.73 -65.10
N LYS G 93 20.02 -25.30 -65.04
CA LYS G 93 20.98 -25.85 -64.10
C LYS G 93 21.22 -24.96 -62.89
N ILE G 94 20.99 -23.66 -62.99
CA ILE G 94 21.37 -22.73 -61.94
C ILE G 94 20.22 -22.43 -60.99
N ILE G 95 18.99 -22.38 -61.53
CA ILE G 95 17.81 -22.15 -60.68
C ILE G 95 17.61 -23.24 -59.62
N PRO G 96 17.86 -24.53 -59.86
CA PRO G 96 17.86 -25.46 -58.72
C PRO G 96 18.99 -25.24 -57.71
N THR G 97 20.12 -24.64 -58.11
CA THR G 97 21.19 -24.37 -57.14
C THR G 97 20.80 -23.26 -56.19
N LEU G 98 20.24 -22.17 -56.70
CA LEU G 98 19.90 -21.01 -55.89
C LEU G 98 18.68 -21.31 -55.05
N ASP G 99 18.79 -21.09 -53.75
CA ASP G 99 17.72 -21.51 -52.83
C ASP G 99 16.54 -20.55 -52.87
N ASP G 100 16.78 -19.26 -52.64
CA ASP G 100 15.68 -18.35 -52.33
C ASP G 100 15.04 -17.72 -53.57
N VAL G 101 15.28 -18.28 -54.75
CA VAL G 101 14.66 -17.75 -55.96
C VAL G 101 13.19 -18.13 -55.99
N THR G 102 12.32 -17.13 -56.15
CA THR G 102 10.88 -17.35 -56.25
C THR G 102 10.31 -17.07 -57.63
N LEU G 103 10.65 -15.93 -58.23
CA LEU G 103 10.14 -15.59 -59.55
C LEU G 103 11.10 -16.09 -60.64
N LEU G 104 10.55 -16.35 -61.81
CA LEU G 104 11.31 -16.63 -63.02
C LEU G 104 10.78 -15.72 -64.10
N VAL G 105 11.60 -14.77 -64.54
CA VAL G 105 11.18 -13.69 -65.42
C VAL G 105 11.87 -13.86 -66.77
N ALA G 106 11.08 -13.95 -67.83
CA ALA G 106 11.60 -13.88 -69.19
C ALA G 106 11.57 -12.43 -69.63
N ALA G 107 12.76 -11.84 -69.81
CA ALA G 107 12.85 -10.48 -70.34
C ALA G 107 12.96 -10.59 -71.85
N GLY G 108 11.84 -10.92 -72.49
CA GLY G 108 11.80 -11.10 -73.92
C GLY G 108 12.54 -12.33 -74.40
N GLU G 109 12.35 -13.46 -73.73
CA GLU G 109 13.08 -14.68 -74.03
C GLU G 109 12.11 -15.85 -74.09
N ASP G 110 12.50 -16.88 -74.83
CA ASP G 110 11.71 -18.09 -74.96
C ASP G 110 12.12 -19.04 -73.83
N ILE G 111 11.38 -19.01 -72.73
CA ILE G 111 11.63 -19.90 -71.61
C ILE G 111 10.57 -21.00 -71.52
N LYS G 112 9.76 -21.17 -72.57
CA LYS G 112 8.68 -22.15 -72.56
C LYS G 112 9.18 -23.59 -72.47
N THR G 113 10.42 -23.84 -72.90
CA THR G 113 11.00 -25.17 -72.73
C THR G 113 11.40 -25.40 -71.27
N THR G 114 12.04 -24.42 -70.65
CA THR G 114 12.52 -24.59 -69.28
C THR G 114 11.41 -24.50 -68.24
N VAL G 115 10.33 -23.77 -68.52
CA VAL G 115 9.24 -23.65 -67.55
C VAL G 115 8.49 -24.96 -67.38
N ASP G 116 8.37 -25.75 -68.45
CA ASP G 116 7.69 -27.04 -68.34
C ASP G 116 8.48 -28.03 -67.50
N VAL G 117 9.81 -27.93 -67.51
CA VAL G 117 10.62 -28.93 -66.82
C VAL G 117 11.00 -28.55 -65.40
N LEU G 118 10.88 -27.28 -65.02
CA LEU G 118 11.23 -26.91 -63.65
C LEU G 118 10.07 -26.41 -62.81
N CYS G 119 8.97 -25.98 -63.41
CA CYS G 119 7.81 -25.57 -62.63
C CYS G 119 6.98 -26.81 -62.32
N GLN G 120 7.10 -27.31 -61.12
CA GLN G 120 6.44 -28.50 -60.60
C GLN G 120 5.57 -28.11 -59.42
N PRO G 121 4.61 -28.95 -59.01
CA PRO G 121 3.82 -28.62 -57.80
C PRO G 121 4.62 -28.54 -56.52
N GLY G 122 5.75 -29.24 -56.43
CA GLY G 122 6.57 -29.20 -55.24
C GLY G 122 7.44 -27.96 -55.13
N LYS G 123 8.07 -27.58 -56.24
CA LYS G 123 9.00 -26.47 -56.23
C LYS G 123 8.26 -25.14 -56.19
N GLY G 124 8.87 -24.15 -55.54
CA GLY G 124 8.23 -22.88 -55.28
C GLY G 124 8.37 -21.83 -56.36
N LEU G 125 8.62 -22.22 -57.60
CA LEU G 125 8.90 -21.26 -58.66
C LEU G 125 7.61 -20.81 -59.33
N PHE G 126 7.41 -19.48 -59.38
CA PHE G 126 6.38 -18.86 -60.19
C PHE G 126 7.05 -18.18 -61.37
N ALA G 127 6.41 -18.22 -62.54
CA ALA G 127 7.06 -17.81 -63.78
C ALA G 127 6.20 -16.84 -64.56
N VAL G 128 6.47 -15.55 -64.44
CA VAL G 128 5.77 -14.53 -65.22
C VAL G 128 6.56 -14.29 -66.50
N PHE G 129 5.89 -14.39 -67.65
CA PHE G 129 6.53 -14.02 -68.91
C PHE G 129 5.55 -13.20 -69.75
N ASP G 130 5.97 -12.90 -70.97
CA ASP G 130 5.39 -11.86 -71.79
C ASP G 130 4.21 -12.36 -72.61
N GLY G 131 3.42 -11.42 -73.10
CA GLY G 131 2.48 -11.68 -74.15
C GLY G 131 3.16 -11.57 -75.49
N PRO G 132 2.44 -11.81 -76.57
CA PRO G 132 3.05 -11.66 -77.90
C PRO G 132 3.30 -10.20 -78.23
N GLU G 133 4.41 -9.95 -78.90
CA GLU G 133 4.81 -8.58 -79.22
C GLU G 133 3.91 -7.94 -80.27
N THR G 134 3.27 -8.75 -81.11
CA THR G 134 2.41 -8.21 -82.14
C THR G 134 1.08 -7.76 -81.56
N GLU G 135 0.49 -6.75 -82.21
CA GLU G 135 -0.84 -6.29 -81.84
C GLU G 135 -1.86 -7.34 -82.25
N LEU G 136 -2.51 -7.99 -81.28
CA LEU G 136 -3.38 -9.10 -81.57
C LEU G 136 -4.81 -8.64 -81.78
N THR G 137 -5.73 -9.61 -81.89
CA THR G 137 -7.10 -9.35 -82.28
C THR G 137 -8.07 -10.00 -81.29
N ILE G 138 -9.29 -9.50 -81.33
CA ILE G 138 -10.43 -10.20 -80.73
C ILE G 138 -10.89 -11.33 -81.63
N ASN G 139 -10.44 -11.33 -82.89
CA ASN G 139 -10.89 -12.24 -83.94
C ASN G 139 -10.11 -13.55 -83.93
N GLY G 140 -8.78 -13.46 -83.97
CA GLY G 140 -7.95 -14.65 -83.90
C GLY G 140 -7.45 -14.91 -82.49
N ALA G 141 -8.34 -14.74 -81.52
CA ALA G 141 -7.91 -14.63 -80.12
C ALA G 141 -7.63 -15.97 -79.46
N GLU G 142 -8.36 -17.03 -79.83
CA GLU G 142 -8.13 -18.31 -79.18
C GLU G 142 -6.91 -19.05 -79.73
N GLU G 143 -6.30 -18.54 -80.80
CA GLU G 143 -5.04 -19.10 -81.28
C GLU G 143 -3.85 -18.55 -80.52
N ALA G 144 -3.97 -17.32 -80.00
CA ALA G 144 -2.88 -16.74 -79.21
C ALA G 144 -2.78 -17.36 -77.83
N LYS G 145 -3.91 -17.79 -77.26
CA LYS G 145 -3.88 -18.53 -76.01
C LYS G 145 -3.37 -19.94 -76.19
N GLN G 146 -3.38 -20.45 -77.43
CA GLN G 146 -2.87 -21.79 -77.71
C GLN G 146 -1.36 -21.86 -77.63
N ALA G 147 -0.67 -20.72 -77.80
CA ALA G 147 0.79 -20.73 -77.80
C ALA G 147 1.36 -20.95 -76.41
N TYR G 148 0.60 -20.64 -75.36
CA TYR G 148 1.10 -20.74 -74.00
C TYR G 148 0.59 -22.02 -73.33
N THR G 149 1.40 -22.54 -72.42
CA THR G 149 1.08 -23.74 -71.67
C THR G 149 0.00 -23.44 -70.64
N ALA G 150 -0.68 -24.48 -70.17
CA ALA G 150 -1.77 -24.36 -69.20
C ALA G 150 -1.31 -24.63 -67.77
N THR G 151 -0.10 -24.22 -67.42
CA THR G 151 0.40 -24.45 -66.07
C THR G 151 -0.16 -23.40 -65.10
N PRO G 152 -0.43 -23.78 -63.86
CA PRO G 152 -0.96 -22.80 -62.89
C PRO G 152 0.07 -21.84 -62.34
N PHE G 153 1.35 -22.07 -62.59
CA PHE G 153 2.42 -21.27 -62.01
C PHE G 153 2.81 -20.09 -62.89
N ALA G 154 2.11 -19.86 -63.98
CA ALA G 154 2.52 -18.85 -64.93
C ALA G 154 1.42 -17.82 -65.15
N ALA G 155 1.85 -16.58 -65.35
CA ALA G 155 0.97 -15.48 -65.68
C ALA G 155 1.54 -14.77 -66.89
N VAL G 156 0.66 -14.34 -67.79
CA VAL G 156 1.05 -13.69 -69.04
C VAL G 156 0.47 -12.29 -69.05
N TYR G 157 1.34 -11.29 -69.22
CA TYR G 157 0.93 -9.90 -69.27
C TYR G 157 1.16 -9.41 -70.70
N TYR G 158 0.10 -8.92 -71.35
CA TYR G 158 0.17 -8.79 -72.80
C TYR G 158 1.04 -7.64 -73.32
N PRO G 159 0.73 -6.35 -73.10
CA PRO G 159 1.32 -5.33 -73.97
C PRO G 159 2.74 -5.00 -73.57
N TRP G 160 3.65 -5.08 -74.53
CA TRP G 160 5.03 -4.69 -74.32
C TRP G 160 5.09 -3.19 -74.08
N LEU G 161 5.53 -2.79 -72.89
CA LEU G 161 5.51 -1.38 -72.53
C LEU G 161 6.59 -0.60 -73.27
N LYS G 162 6.35 0.69 -73.44
CA LYS G 162 7.29 1.57 -74.08
C LYS G 162 7.58 2.75 -73.16
N ALA G 163 8.75 3.34 -73.33
CA ALA G 163 9.20 4.45 -72.49
C ALA G 163 9.94 5.44 -73.35
N ASP G 164 10.08 6.66 -72.83
CA ASP G 164 10.78 7.71 -73.57
C ASP G 164 12.29 7.53 -73.51
N TRP G 165 12.81 6.93 -72.42
CA TRP G 165 14.23 6.69 -72.33
C TRP G 165 14.65 5.46 -73.13
N ALA G 166 13.78 4.45 -73.20
CA ALA G 166 14.08 3.23 -73.93
C ALA G 166 13.78 3.42 -75.40
N ASN G 167 14.73 3.02 -76.26
CA ASN G 167 14.51 3.10 -77.69
C ASN G 167 13.57 1.99 -78.16
N ILE G 168 13.84 0.76 -77.73
CA ILE G 168 13.02 -0.39 -78.05
C ILE G 168 11.91 -0.53 -77.01
N ASP G 169 10.95 -1.41 -77.30
CA ASP G 169 9.86 -1.68 -76.37
C ASP G 169 10.31 -2.63 -75.27
N ILE G 170 9.83 -2.37 -74.06
CA ILE G 170 10.23 -3.09 -72.86
C ILE G 170 9.33 -4.32 -72.72
N PRO G 171 9.89 -5.50 -72.42
CA PRO G 171 9.05 -6.66 -72.11
C PRO G 171 8.28 -6.43 -70.82
N PRO G 172 6.98 -6.75 -70.81
CA PRO G 172 6.15 -6.40 -69.66
C PRO G 172 6.37 -7.27 -68.43
N SER G 173 7.02 -8.42 -68.57
CA SER G 173 7.28 -9.27 -67.41
C SER G 173 8.35 -8.71 -66.50
N ALA G 174 9.25 -7.89 -67.02
CA ALA G 174 10.31 -7.34 -66.18
C ALA G 174 9.80 -6.22 -65.29
N VAL G 175 8.77 -5.49 -65.73
CA VAL G 175 8.17 -4.50 -64.85
C VAL G 175 7.25 -5.16 -63.84
N MET G 176 6.80 -6.39 -64.10
CA MET G 176 5.88 -7.06 -63.19
C MET G 176 6.59 -7.83 -62.10
N ALA G 177 7.88 -8.10 -62.27
CA ALA G 177 8.66 -8.61 -61.15
C ALA G 177 8.83 -7.54 -60.08
N GLY G 178 8.91 -6.27 -60.49
CA GLY G 178 8.97 -5.19 -59.54
C GLY G 178 7.63 -4.84 -58.95
N VAL G 179 6.56 -5.01 -59.71
CA VAL G 179 5.22 -4.77 -59.20
C VAL G 179 4.84 -5.84 -58.18
N TYR G 180 5.29 -7.09 -58.40
CA TYR G 180 5.09 -8.15 -57.42
C TYR G 180 5.81 -7.83 -56.11
N ALA G 181 7.03 -7.29 -56.20
CA ALA G 181 7.77 -6.95 -54.99
C ALA G 181 7.19 -5.71 -54.31
N SER G 182 6.61 -4.80 -55.09
CA SER G 182 6.05 -3.57 -54.53
C SER G 182 4.71 -3.81 -53.86
N VAL G 183 3.92 -4.74 -54.40
CA VAL G 183 2.61 -5.06 -53.82
C VAL G 183 2.78 -5.78 -52.50
N ASP G 184 3.66 -6.79 -52.47
CA ASP G 184 3.82 -7.64 -51.31
C ASP G 184 4.48 -6.91 -50.15
N LEU G 185 5.25 -5.86 -50.42
CA LEU G 185 5.84 -5.08 -49.34
C LEU G 185 4.83 -4.11 -48.74
N SER G 186 3.99 -3.50 -49.56
CA SER G 186 3.04 -2.51 -49.05
C SER G 186 1.77 -3.13 -48.51
N ARG G 187 1.28 -4.22 -49.09
CA ARG G 187 0.02 -4.79 -48.66
C ARG G 187 0.04 -6.29 -48.41
N GLY G 188 1.02 -7.03 -48.91
CA GLY G 188 1.09 -8.46 -48.63
C GLY G 188 1.03 -9.33 -49.87
N VAL G 189 1.48 -10.57 -49.74
CA VAL G 189 1.47 -11.51 -50.87
C VAL G 189 0.04 -11.90 -51.23
N TRP G 190 -0.86 -11.91 -50.26
CA TRP G 190 -2.25 -12.31 -50.47
C TRP G 190 -3.02 -11.28 -51.28
N LYS G 191 -2.57 -10.04 -51.33
CA LYS G 191 -3.18 -9.02 -52.19
C LYS G 191 -2.75 -9.23 -53.63
N ALA G 192 -3.72 -9.15 -54.55
CA ALA G 192 -3.44 -9.28 -55.96
C ALA G 192 -2.61 -8.09 -56.46
N PRO G 193 -1.73 -8.30 -57.44
CA PRO G 193 -0.92 -7.21 -57.97
C PRO G 193 -1.64 -6.30 -58.96
N ALA G 194 -2.95 -6.43 -59.12
CA ALA G 194 -3.63 -5.61 -60.11
C ALA G 194 -4.03 -4.26 -59.49
N ASN G 195 -4.56 -3.39 -60.36
CA ASN G 195 -4.78 -1.94 -60.19
C ASN G 195 -3.68 -1.24 -59.37
N VAL G 196 -2.44 -1.50 -59.76
CA VAL G 196 -1.27 -0.83 -59.23
C VAL G 196 -0.60 -0.06 -60.36
N ALA G 197 -0.35 1.23 -60.15
CA ALA G 197 0.28 2.06 -61.17
C ALA G 197 1.76 1.75 -61.26
N LEU G 198 2.30 1.93 -62.47
CA LEU G 198 3.71 1.66 -62.74
C LEU G 198 4.51 2.93 -62.46
N LYS G 199 5.51 2.83 -61.60
CA LYS G 199 6.22 4.01 -61.11
C LYS G 199 7.15 4.58 -62.17
N GLY G 200 7.71 3.74 -63.02
CA GLY G 200 8.56 4.22 -64.09
C GLY G 200 7.76 4.92 -65.16
N GLY G 201 8.47 5.60 -66.06
CA GLY G 201 7.82 6.30 -67.15
C GLY G 201 7.33 5.37 -68.24
N LEU G 202 6.32 4.55 -67.93
CA LEU G 202 5.83 3.52 -68.81
C LEU G 202 4.43 3.86 -69.32
N GLU G 203 4.10 3.33 -70.48
CA GLU G 203 2.75 3.35 -71.03
C GLU G 203 2.67 2.26 -72.09
N PRO G 204 1.49 1.63 -72.26
CA PRO G 204 1.41 0.47 -73.16
C PRO G 204 1.60 0.86 -74.62
N LYS G 205 2.16 -0.08 -75.38
CA LYS G 205 2.36 0.15 -76.81
C LYS G 205 1.04 0.13 -77.56
N PHE G 206 0.12 -0.74 -77.14
CA PHE G 206 -1.18 -0.90 -77.79
C PHE G 206 -2.27 -0.66 -76.77
N LEU G 207 -3.14 0.31 -77.04
CA LEU G 207 -4.31 0.52 -76.22
C LEU G 207 -5.29 -0.63 -76.44
N VAL G 208 -5.83 -1.16 -75.35
CA VAL G 208 -6.60 -2.39 -75.38
C VAL G 208 -8.06 -2.07 -75.04
N THR G 209 -8.96 -2.44 -75.95
CA THR G 209 -10.39 -2.29 -75.71
C THR G 209 -10.86 -3.27 -74.64
N ASP G 210 -11.97 -2.93 -73.99
CA ASP G 210 -12.54 -3.81 -72.97
C ASP G 210 -13.12 -5.08 -73.58
N GLU G 211 -13.60 -5.02 -74.82
CA GLU G 211 -14.16 -6.20 -75.44
C GLU G 211 -13.07 -7.20 -75.84
N LEU G 212 -11.87 -6.71 -76.13
CA LEU G 212 -10.76 -7.61 -76.43
C LEU G 212 -10.28 -8.33 -75.18
N GLN G 213 -10.24 -7.63 -74.04
CA GLN G 213 -9.81 -8.23 -72.79
C GLN G 213 -10.78 -9.29 -72.29
N GLY G 214 -12.05 -9.23 -72.69
CA GLY G 214 -12.99 -10.27 -72.34
C GLY G 214 -12.72 -11.59 -73.02
N GLU G 215 -12.13 -11.54 -74.22
CA GLU G 215 -11.76 -12.78 -74.91
C GLU G 215 -10.63 -13.49 -74.19
N TYR G 216 -9.59 -12.77 -73.81
CA TYR G 216 -8.37 -13.39 -73.34
C TYR G 216 -8.41 -13.74 -71.87
N ASN G 217 -9.35 -13.17 -71.11
CA ASN G 217 -9.38 -13.39 -69.67
C ASN G 217 -9.94 -14.75 -69.29
N THR G 218 -10.61 -15.46 -70.21
CA THR G 218 -11.40 -16.61 -69.81
C THR G 218 -10.57 -17.89 -69.68
N GLY G 219 -10.02 -18.39 -70.79
CA GLY G 219 -9.51 -19.74 -70.78
C GLY G 219 -8.08 -19.97 -70.34
N ARG G 220 -7.12 -19.41 -71.05
CA ARG G 220 -5.71 -19.44 -70.67
C ARG G 220 -5.34 -17.97 -70.52
N ALA G 221 -5.56 -17.44 -69.33
CA ALA G 221 -5.80 -16.02 -69.16
C ALA G 221 -4.54 -15.20 -69.35
N ILE G 222 -4.67 -14.16 -70.15
CA ILE G 222 -3.61 -13.19 -70.39
C ILE G 222 -4.02 -11.90 -69.69
N ASN G 223 -3.34 -11.58 -68.61
CA ASN G 223 -3.56 -10.32 -67.92
C ASN G 223 -3.07 -9.17 -68.79
N MET G 224 -3.64 -7.98 -68.59
CA MET G 224 -3.37 -6.90 -69.51
C MET G 224 -3.08 -5.61 -68.76
N ILE G 225 -2.15 -4.83 -69.29
CA ILE G 225 -1.73 -3.56 -68.73
C ILE G 225 -2.33 -2.47 -69.60
N ARG G 226 -3.30 -1.73 -69.09
CA ARG G 226 -3.96 -0.74 -69.94
C ARG G 226 -4.11 0.58 -69.20
N ASN G 227 -4.23 1.65 -69.97
CA ASN G 227 -4.16 3.01 -69.47
C ASN G 227 -5.54 3.51 -69.05
N PHE G 228 -5.60 4.10 -67.86
CA PHE G 228 -6.78 4.77 -67.35
C PHE G 228 -6.44 6.24 -67.17
N SER G 229 -7.40 7.13 -67.46
CA SER G 229 -7.08 8.55 -67.48
C SER G 229 -6.86 9.13 -66.09
N ASN G 230 -7.48 8.52 -65.07
CA ASN G 230 -7.26 8.99 -63.70
C ASN G 230 -6.12 8.26 -63.00
N THR G 231 -5.82 7.04 -63.40
CA THR G 231 -4.79 6.23 -62.76
C THR G 231 -3.47 6.22 -63.53
N GLY G 232 -3.47 6.63 -64.80
CA GLY G 232 -2.30 6.44 -65.61
C GLY G 232 -2.30 5.03 -66.18
N THR G 233 -1.11 4.48 -66.38
CA THR G 233 -1.02 3.07 -66.76
C THR G 233 -1.09 2.21 -65.51
N THR G 234 -1.69 1.04 -65.65
CA THR G 234 -1.96 0.19 -64.50
C THR G 234 -2.13 -1.25 -64.95
N VAL G 235 -1.90 -2.16 -64.02
CA VAL G 235 -2.07 -3.59 -64.27
C VAL G 235 -3.51 -3.96 -64.01
N TRP G 236 -4.07 -4.83 -64.86
CA TRP G 236 -5.51 -5.07 -64.80
C TRP G 236 -5.84 -6.55 -64.88
N GLY G 237 -5.03 -7.39 -64.25
CA GLY G 237 -5.30 -8.82 -64.24
C GLY G 237 -4.57 -9.49 -63.12
N ALA G 238 -5.18 -10.56 -62.59
CA ALA G 238 -4.57 -11.35 -61.55
C ALA G 238 -4.67 -12.84 -61.82
N ARG G 239 -5.03 -13.24 -63.03
CA ARG G 239 -5.33 -14.63 -63.33
C ARG G 239 -4.10 -15.35 -63.87
N THR G 240 -3.98 -16.64 -63.50
CA THR G 240 -2.92 -17.49 -64.00
C THR G 240 -3.32 -18.09 -65.35
N LEU G 241 -2.53 -19.03 -65.84
CA LEU G 241 -2.87 -19.74 -67.06
C LEU G 241 -3.75 -20.96 -66.81
N GLU G 242 -3.99 -21.32 -65.55
CA GLU G 242 -4.91 -22.40 -65.22
C GLU G 242 -6.33 -21.86 -65.08
N ASP G 243 -7.27 -22.51 -65.75
CA ASP G 243 -8.67 -22.10 -65.68
C ASP G 243 -9.43 -22.76 -64.55
N LYS G 244 -8.85 -23.76 -63.89
CA LYS G 244 -9.52 -24.45 -62.80
C LYS G 244 -9.75 -23.50 -61.62
N ASP G 245 -10.83 -23.77 -60.88
CA ASP G 245 -11.26 -22.86 -59.82
C ASP G 245 -10.35 -22.88 -58.60
N ASN G 246 -9.43 -23.85 -58.52
CA ASN G 246 -8.50 -23.91 -57.41
C ASN G 246 -7.40 -22.88 -57.52
N TRP G 247 -6.75 -22.80 -58.69
CA TRP G 247 -5.58 -21.96 -58.87
C TRP G 247 -5.82 -20.91 -59.95
N ARG G 248 -6.97 -20.24 -59.89
CA ARG G 248 -7.32 -19.31 -60.95
C ARG G 248 -6.53 -18.00 -60.85
N TYR G 249 -6.24 -17.54 -59.63
CA TYR G 249 -5.68 -16.21 -59.42
C TYR G 249 -4.23 -16.30 -58.97
N VAL G 250 -3.41 -15.36 -59.43
CA VAL G 250 -2.02 -15.26 -58.96
C VAL G 250 -1.86 -14.85 -57.50
N PRO G 251 -2.78 -14.17 -56.78
CA PRO G 251 -2.53 -14.05 -55.33
C PRO G 251 -2.71 -15.35 -54.57
N VAL G 252 -3.55 -16.26 -55.05
CA VAL G 252 -3.74 -17.52 -54.34
C VAL G 252 -2.56 -18.46 -54.61
N ARG G 253 -2.06 -18.46 -55.84
CA ARG G 253 -0.93 -19.33 -56.18
C ARG G 253 0.36 -18.83 -55.54
N ARG G 254 0.56 -17.51 -55.49
CA ARG G 254 1.76 -16.96 -54.87
C ARG G 254 1.70 -16.98 -53.34
N LEU G 255 0.50 -17.04 -52.76
CA LEU G 255 0.41 -17.23 -51.32
C LEU G 255 0.84 -18.63 -50.92
N PHE G 256 0.36 -19.64 -51.66
CA PHE G 256 0.73 -21.02 -51.37
C PHE G 256 2.20 -21.30 -51.65
N ASN G 257 2.79 -20.61 -52.63
CA ASN G 257 4.22 -20.72 -52.87
C ASN G 257 5.00 -20.10 -51.72
N SER G 258 4.48 -19.02 -51.15
CA SER G 258 5.20 -18.31 -50.09
C SER G 258 5.06 -19.01 -48.75
N VAL G 259 3.87 -19.56 -48.47
CA VAL G 259 3.63 -20.24 -47.20
C VAL G 259 4.46 -21.49 -47.09
N GLU G 260 4.55 -22.26 -48.17
CA GLU G 260 5.26 -23.53 -48.12
C GLU G 260 6.76 -23.33 -48.11
N ARG G 261 7.23 -22.17 -48.56
CA ARG G 261 8.65 -21.84 -48.42
C ARG G 261 8.98 -21.47 -46.97
N ASP G 262 8.07 -20.78 -46.29
CA ASP G 262 8.31 -20.46 -44.89
C ASP G 262 8.18 -21.69 -44.00
N ILE G 263 7.30 -22.62 -44.38
CA ILE G 263 7.17 -23.87 -43.63
C ILE G 263 8.38 -24.77 -43.90
N LYS G 264 8.98 -24.63 -45.09
CA LYS G 264 10.25 -25.29 -45.40
C LYS G 264 11.34 -24.91 -44.43
N ARG G 265 11.39 -23.64 -44.03
CA ARG G 265 12.44 -23.19 -43.13
C ARG G 265 12.21 -23.66 -41.71
N ALA G 266 10.94 -23.77 -41.30
CA ALA G 266 10.66 -24.29 -39.97
C ALA G 266 10.85 -25.81 -39.91
N MET G 267 10.73 -26.49 -41.04
CA MET G 267 11.01 -27.90 -40.98
C MET G 267 12.48 -28.19 -41.22
N SER G 268 13.28 -27.17 -41.43
CA SER G 268 14.71 -27.37 -41.58
C SER G 268 15.35 -27.75 -40.25
N PHE G 269 14.82 -27.24 -39.12
CA PHE G 269 15.45 -27.57 -37.84
C PHE G 269 15.08 -28.99 -37.41
N ALA G 270 13.97 -29.52 -37.90
CA ALA G 270 13.58 -30.88 -37.55
C ALA G 270 14.35 -31.92 -38.32
N MET G 271 15.16 -31.52 -39.30
CA MET G 271 15.97 -32.44 -40.07
C MET G 271 16.98 -33.15 -39.17
N PHE G 272 17.04 -34.47 -39.33
CA PHE G 272 18.00 -35.36 -38.69
C PHE G 272 17.87 -35.36 -37.17
N GLU G 273 16.71 -34.99 -36.66
CA GLU G 273 16.31 -35.17 -35.27
C GLU G 273 15.71 -36.56 -35.12
N PRO G 274 15.60 -37.08 -33.89
CA PRO G 274 14.98 -38.40 -33.71
C PRO G 274 13.51 -38.40 -34.10
N ASN G 275 13.11 -39.45 -34.82
CA ASN G 275 11.75 -39.56 -35.35
C ASN G 275 10.88 -40.20 -34.30
N ASN G 276 10.39 -39.40 -33.36
CA ASN G 276 9.48 -39.87 -32.33
C ASN G 276 8.44 -38.78 -32.11
N GLN G 277 7.62 -38.97 -31.09
CA GLN G 277 6.57 -38.00 -30.78
C GLN G 277 7.04 -36.63 -30.27
N PRO G 278 8.08 -36.48 -29.44
CA PRO G 278 8.50 -35.12 -29.06
C PRO G 278 9.02 -34.27 -30.20
N THR G 279 9.43 -34.87 -31.32
CA THR G 279 9.75 -34.07 -32.50
C THR G 279 8.49 -33.61 -33.20
N TRP G 280 7.49 -34.50 -33.34
CA TRP G 280 6.28 -34.19 -34.09
C TRP G 280 5.45 -33.11 -33.43
N GLU G 281 5.48 -33.03 -32.10
CA GLU G 281 4.76 -31.96 -31.42
C GLU G 281 5.53 -30.67 -31.40
N ARG G 282 6.79 -30.69 -31.84
CA ARG G 282 7.54 -29.47 -32.08
C ARG G 282 7.45 -29.02 -33.53
N VAL G 283 7.27 -29.97 -34.44
CA VAL G 283 7.01 -29.63 -35.84
C VAL G 283 5.63 -29.02 -35.99
N ARG G 284 4.64 -29.57 -35.29
CA ARG G 284 3.28 -29.04 -35.37
C ARG G 284 3.17 -27.69 -34.70
N ALA G 285 3.88 -27.50 -33.59
CA ALA G 285 3.82 -26.22 -32.88
C ALA G 285 4.51 -25.12 -33.67
N ALA G 286 5.54 -25.46 -34.44
CA ALA G 286 6.24 -24.45 -35.23
C ALA G 286 5.41 -23.99 -36.42
N ILE G 287 4.64 -24.91 -37.02
CA ILE G 287 3.78 -24.54 -38.13
C ILE G 287 2.56 -23.79 -37.62
N SER G 288 2.03 -24.19 -36.46
CA SER G 288 0.81 -23.58 -35.94
C SER G 288 1.03 -22.15 -35.49
N ASN G 289 2.26 -21.82 -35.06
CA ASN G 289 2.59 -20.43 -34.76
C ASN G 289 2.61 -19.60 -36.03
N TYR G 290 3.16 -20.15 -37.10
CA TYR G 290 3.35 -19.39 -38.33
C TYR G 290 2.03 -19.12 -39.02
N LEU G 291 1.15 -20.13 -39.09
CA LEU G 291 -0.12 -19.93 -39.76
C LEU G 291 -1.06 -19.07 -38.93
N TYR G 292 -0.89 -19.04 -37.62
CA TYR G 292 -1.72 -18.17 -36.80
C TYR G 292 -1.35 -16.71 -37.00
N SER G 293 -0.06 -16.40 -37.00
CA SER G 293 0.37 -15.02 -37.20
C SER G 293 0.15 -14.55 -38.63
N LEU G 294 0.07 -15.49 -39.58
CA LEU G 294 -0.32 -15.12 -40.93
C LEU G 294 -1.82 -14.87 -41.01
N TRP G 295 -2.62 -15.64 -40.26
CA TRP G 295 -4.06 -15.39 -40.21
C TRP G 295 -4.37 -14.07 -39.52
N GLN G 296 -3.56 -13.70 -38.52
CA GLN G 296 -3.77 -12.43 -37.83
C GLN G 296 -3.45 -11.24 -38.71
N GLN G 297 -2.58 -11.41 -39.71
CA GLN G 297 -2.32 -10.36 -40.68
C GLN G 297 -3.42 -10.23 -41.72
N GLY G 298 -4.39 -11.14 -41.74
CA GLY G 298 -5.42 -11.13 -42.75
C GLY G 298 -5.07 -11.92 -43.98
N GLY G 299 -4.02 -12.75 -43.94
CA GLY G 299 -3.61 -13.48 -45.11
C GLY G 299 -4.54 -14.61 -45.47
N LEU G 300 -5.05 -15.31 -44.46
CA LEU G 300 -5.96 -16.43 -44.65
C LEU G 300 -7.38 -15.99 -44.29
N ALA G 301 -8.35 -16.45 -45.07
CA ALA G 301 -9.73 -15.99 -44.95
C ALA G 301 -10.48 -16.92 -44.00
N GLY G 302 -10.87 -16.39 -42.85
CA GLY G 302 -11.71 -17.11 -41.92
C GLY G 302 -12.06 -16.24 -40.72
N SER G 303 -13.33 -16.22 -40.35
CA SER G 303 -13.75 -15.45 -39.18
C SER G 303 -13.26 -16.13 -37.90
N LYS G 304 -13.43 -17.43 -37.83
CA LYS G 304 -12.89 -18.24 -36.74
C LYS G 304 -11.50 -18.70 -37.14
N GLU G 305 -10.57 -18.71 -36.17
CA GLU G 305 -9.20 -19.15 -36.40
C GLU G 305 -9.11 -20.61 -36.80
N GLU G 306 -10.02 -21.45 -36.30
CA GLU G 306 -10.05 -22.86 -36.67
C GLU G 306 -10.63 -23.10 -38.05
N ASP G 307 -11.17 -22.08 -38.71
CA ASP G 307 -11.66 -22.19 -40.07
C ASP G 307 -10.60 -21.88 -41.11
N ALA G 308 -9.52 -21.20 -40.73
CA ALA G 308 -8.54 -20.76 -41.71
C ALA G 308 -7.51 -21.81 -42.03
N TYR G 309 -7.16 -22.67 -41.07
CA TYR G 309 -6.08 -23.62 -41.28
C TYR G 309 -6.26 -24.81 -40.34
N PHE G 310 -5.55 -25.89 -40.66
CA PHE G 310 -5.46 -27.05 -39.79
C PHE G 310 -4.13 -27.75 -40.08
N VAL G 311 -3.52 -28.28 -39.01
CA VAL G 311 -2.26 -29.02 -39.09
C VAL G 311 -2.47 -30.37 -38.41
N GLN G 312 -2.00 -31.45 -39.05
CA GLN G 312 -2.21 -32.80 -38.53
C GLN G 312 -0.94 -33.63 -38.67
N ILE G 313 -0.33 -33.98 -37.53
CA ILE G 313 0.75 -34.96 -37.46
C ILE G 313 0.32 -36.05 -36.50
N GLY G 314 0.75 -37.28 -36.76
CA GLY G 314 0.47 -38.36 -35.84
C GLY G 314 0.85 -39.74 -36.32
N LYS G 315 0.98 -40.68 -35.40
CA LYS G 315 1.29 -42.06 -35.76
C LYS G 315 0.04 -42.80 -36.22
N GLY G 316 -1.12 -42.45 -35.67
CA GLY G 316 -2.34 -43.03 -36.19
C GLY G 316 -2.87 -42.28 -37.39
N ILE G 317 -2.52 -41.01 -37.53
CA ILE G 317 -3.19 -40.09 -38.44
C ILE G 317 -2.53 -40.08 -39.81
N THR G 318 -1.26 -39.71 -39.88
CA THR G 318 -0.61 -39.39 -41.16
C THR G 318 0.40 -40.43 -41.61
N MET G 319 1.22 -40.97 -40.71
CA MET G 319 2.31 -41.85 -41.10
C MET G 319 2.13 -43.23 -40.48
N THR G 320 2.48 -44.26 -41.24
CA THR G 320 2.45 -45.63 -40.77
C THR G 320 3.68 -45.91 -39.91
N GLN G 321 3.57 -46.95 -39.07
CA GLN G 321 4.74 -47.50 -38.38
C GLN G 321 5.80 -47.96 -39.38
N GLU G 322 5.37 -48.43 -40.55
CA GLU G 322 6.27 -48.76 -41.64
C GLU G 322 6.99 -47.52 -42.17
N GLN G 323 6.26 -46.41 -42.31
CA GLN G 323 6.86 -45.21 -42.89
C GLN G 323 7.77 -44.51 -41.90
N ILE G 324 7.53 -44.68 -40.60
CA ILE G 324 8.40 -44.09 -39.59
C ILE G 324 9.76 -44.75 -39.59
N ASP G 325 9.80 -46.08 -39.75
CA ASP G 325 11.06 -46.80 -39.83
C ASP G 325 11.82 -46.51 -41.11
N ALA G 326 11.12 -46.09 -42.17
CA ALA G 326 11.82 -45.67 -43.38
C ALA G 326 12.46 -44.30 -43.21
N GLY G 327 11.99 -43.51 -42.25
CA GLY G 327 12.53 -42.19 -41.98
C GLY G 327 11.62 -41.05 -42.38
N GLN G 328 10.41 -41.33 -42.82
CA GLN G 328 9.52 -40.28 -43.31
C GLN G 328 8.73 -39.67 -42.17
N MET G 329 8.34 -38.41 -42.36
CA MET G 329 7.49 -37.69 -41.42
C MET G 329 6.49 -36.90 -42.24
N ILE G 330 5.21 -37.18 -42.05
CA ILE G 330 4.16 -36.64 -42.91
C ILE G 330 3.28 -35.69 -42.13
N VAL G 331 3.12 -34.46 -42.65
CA VAL G 331 2.29 -33.42 -42.06
C VAL G 331 1.25 -33.02 -43.11
N LYS G 332 0.04 -32.72 -42.64
CA LYS G 332 -1.03 -32.23 -43.50
C LYS G 332 -1.38 -30.80 -43.10
N VAL G 333 -1.29 -29.88 -44.05
CA VAL G 333 -1.59 -28.47 -43.84
C VAL G 333 -2.69 -28.07 -44.81
N GLY G 334 -3.68 -27.36 -44.32
CA GLY G 334 -4.69 -26.77 -45.18
C GLY G 334 -4.77 -25.28 -44.94
N LEU G 335 -5.12 -24.54 -45.99
CA LEU G 335 -5.22 -23.09 -45.91
C LEU G 335 -6.50 -22.64 -46.59
N ALA G 336 -6.93 -21.42 -46.27
CA ALA G 336 -8.11 -20.83 -46.89
C ALA G 336 -7.74 -19.41 -47.33
N ALA G 337 -7.37 -19.27 -48.60
CA ALA G 337 -6.96 -17.97 -49.11
C ALA G 337 -8.18 -17.10 -49.41
N VAL G 338 -7.92 -15.80 -49.61
CA VAL G 338 -8.95 -14.84 -49.94
C VAL G 338 -8.95 -14.65 -51.46
N ARG G 339 -10.13 -14.60 -52.03
CA ARG G 339 -10.17 -14.37 -53.47
C ARG G 339 -10.43 -12.89 -53.75
N PRO G 340 -9.88 -12.34 -54.83
CA PRO G 340 -10.13 -10.93 -55.14
C PRO G 340 -11.44 -10.72 -55.87
N ALA G 341 -12.10 -9.61 -55.55
CA ALA G 341 -13.29 -9.20 -56.28
C ALA G 341 -12.89 -8.67 -57.65
N GLU G 342 -13.35 -9.35 -58.70
CA GLU G 342 -12.89 -9.04 -60.04
C GLU G 342 -13.89 -8.26 -60.87
N PHE G 343 -15.19 -8.52 -60.71
CA PHE G 343 -16.22 -7.79 -61.42
C PHE G 343 -17.09 -7.06 -60.42
N ILE G 344 -17.46 -5.82 -60.75
CA ILE G 344 -18.40 -5.04 -59.95
C ILE G 344 -19.53 -4.61 -60.87
N ILE G 345 -20.76 -4.96 -60.50
CA ILE G 345 -21.92 -4.72 -61.34
C ILE G 345 -22.76 -3.63 -60.69
N LEU G 346 -22.91 -2.50 -61.37
CA LEU G 346 -23.74 -1.40 -60.93
C LEU G 346 -25.10 -1.51 -61.59
N GLN G 347 -26.15 -1.38 -60.80
CA GLN G 347 -27.50 -1.26 -61.34
C GLN G 347 -28.02 0.14 -61.00
N PHE G 348 -28.32 0.91 -62.03
CA PHE G 348 -28.81 2.27 -61.88
C PHE G 348 -30.29 2.29 -62.14
N THR G 349 -31.06 2.71 -61.14
CA THR G 349 -32.51 2.76 -61.21
C THR G 349 -32.94 4.21 -61.35
N GLN G 350 -33.94 4.45 -62.20
CA GLN G 350 -34.34 5.82 -62.49
C GLN G 350 -35.24 6.38 -61.40
N ASP G 351 -36.03 5.54 -60.74
CA ASP G 351 -36.89 6.01 -59.66
C ASP G 351 -36.28 5.64 -58.31
N VAL G 352 -36.29 6.60 -57.39
CA VAL G 352 -35.72 6.44 -56.06
C VAL G 352 -36.83 5.96 -55.13
N GLU G 353 -36.63 4.78 -54.56
CA GLU G 353 -37.58 4.24 -53.60
C GLU G 353 -36.88 3.27 -52.65
N THR H 2 -28.89 -13.34 -67.04
CA THR H 2 -28.89 -12.15 -66.19
C THR H 2 -27.78 -11.19 -66.61
N THR H 3 -26.57 -11.47 -66.15
CA THR H 3 -25.39 -10.68 -66.47
C THR H 3 -24.22 -11.62 -66.72
N VAL H 4 -23.52 -11.42 -67.83
CA VAL H 4 -22.37 -12.22 -68.19
C VAL H 4 -21.13 -11.34 -68.12
N THR H 5 -20.10 -11.83 -67.44
CA THR H 5 -18.92 -11.04 -67.11
C THR H 5 -17.70 -11.69 -67.76
N SER H 6 -17.14 -11.02 -68.77
CA SER H 6 -15.96 -11.52 -69.46
C SER H 6 -14.69 -10.77 -69.07
N TYR H 7 -14.69 -9.45 -69.21
CA TYR H 7 -13.56 -8.64 -68.73
C TYR H 7 -13.75 -8.32 -67.26
N PRO H 8 -12.65 -7.99 -66.52
CA PRO H 8 -12.82 -7.63 -65.11
C PRO H 8 -13.69 -6.40 -64.86
N GLY H 9 -13.22 -5.22 -65.27
CA GLY H 9 -14.00 -4.00 -65.40
C GLY H 9 -14.97 -3.58 -64.32
N VAL H 10 -15.93 -2.73 -64.68
CA VAL H 10 -17.19 -2.58 -63.95
C VAL H 10 -18.30 -2.62 -64.98
N TYR H 11 -19.53 -2.81 -64.51
CA TYR H 11 -20.68 -3.00 -65.38
C TYR H 11 -21.79 -2.07 -64.93
N ILE H 12 -22.32 -1.28 -65.85
CA ILE H 12 -23.27 -0.22 -65.54
C ILE H 12 -24.61 -0.55 -66.19
N GLU H 13 -24.97 -1.82 -66.14
CA GLU H 13 -26.33 -2.30 -66.44
C GLU H 13 -27.40 -1.44 -65.77
N GLU H 14 -28.48 -1.18 -66.50
CA GLU H 14 -29.61 -0.41 -65.98
C GLU H 14 -30.84 -1.30 -65.94
N LEU H 15 -31.31 -1.63 -64.73
CA LEU H 15 -32.54 -2.41 -64.61
C LEU H 15 -33.25 -2.01 -63.32
N ASN H 16 -34.59 -2.05 -63.38
CA ASN H 16 -35.43 -1.77 -62.22
C ASN H 16 -35.71 -3.09 -61.50
N SER H 17 -34.99 -3.34 -60.42
CA SER H 17 -35.32 -4.43 -59.53
C SER H 17 -35.31 -3.91 -58.10
N LEU H 18 -36.30 -4.35 -57.33
CA LEU H 18 -36.48 -3.87 -55.98
C LEU H 18 -35.72 -4.77 -55.02
N ALA H 19 -35.05 -4.16 -54.05
CA ALA H 19 -34.27 -4.90 -53.06
C ALA H 19 -34.71 -4.48 -51.68
N LEU H 20 -34.94 -5.46 -50.81
CA LEU H 20 -35.38 -5.23 -49.45
C LEU H 20 -34.30 -5.70 -48.48
N SER H 21 -34.13 -4.95 -47.39
CA SER H 21 -33.10 -5.26 -46.42
C SER H 21 -33.50 -6.47 -45.58
N VAL H 22 -32.51 -7.25 -45.17
CA VAL H 22 -32.75 -8.51 -44.48
C VAL H 22 -32.86 -8.26 -42.98
N SER H 23 -33.67 -9.09 -42.31
CA SER H 23 -33.83 -9.06 -40.88
C SER H 23 -33.79 -10.49 -40.35
N ASN H 24 -33.25 -10.63 -39.14
CA ASN H 24 -33.20 -11.93 -38.46
C ASN H 24 -34.14 -11.88 -37.27
N SER H 25 -35.13 -12.76 -37.26
CA SER H 25 -36.12 -12.83 -36.20
C SER H 25 -36.05 -14.20 -35.55
N ALA H 26 -35.78 -14.22 -34.24
CA ALA H 26 -35.68 -15.50 -33.54
C ALA H 26 -37.04 -16.06 -33.16
N THR H 27 -38.06 -15.22 -33.03
CA THR H 27 -39.30 -15.63 -32.40
C THR H 27 -40.43 -15.92 -33.40
N ALA H 28 -40.36 -15.42 -34.62
CA ALA H 28 -41.46 -15.51 -35.56
C ALA H 28 -40.97 -16.07 -36.89
N VAL H 29 -41.29 -17.34 -37.16
CA VAL H 29 -40.98 -17.97 -38.43
C VAL H 29 -42.28 -18.41 -39.07
N PRO H 30 -42.84 -17.65 -40.01
CA PRO H 30 -44.14 -18.01 -40.58
C PRO H 30 -44.03 -19.10 -41.62
N VAL H 31 -45.18 -19.71 -41.90
CA VAL H 31 -45.33 -20.67 -42.98
C VAL H 31 -46.47 -20.17 -43.85
N PHE H 32 -46.17 -19.80 -45.09
CA PHE H 32 -47.16 -19.24 -45.98
C PHE H 32 -47.87 -20.37 -46.70
N ALA H 33 -49.18 -20.47 -46.52
CA ALA H 33 -49.98 -21.43 -47.26
C ALA H 33 -50.05 -21.00 -48.71
N VAL H 34 -49.77 -21.91 -49.62
CA VAL H 34 -49.72 -21.64 -51.05
C VAL H 34 -50.79 -22.47 -51.72
N ASP H 35 -51.57 -21.83 -52.60
CA ASP H 35 -52.64 -22.55 -53.29
C ASP H 35 -52.08 -23.54 -54.29
N GLU H 36 -52.87 -24.54 -54.62
CA GLU H 36 -52.58 -25.32 -55.81
C GLU H 36 -52.93 -24.49 -57.05
N GLN H 37 -52.45 -24.96 -58.20
CA GLN H 37 -52.16 -24.17 -59.41
C GLN H 37 -51.06 -23.14 -59.15
N ASN H 38 -50.06 -23.50 -58.36
CA ASN H 38 -48.83 -22.73 -58.22
C ASN H 38 -47.70 -23.60 -58.77
N GLN H 39 -47.13 -23.20 -59.90
CA GLN H 39 -46.19 -24.04 -60.62
C GLN H 39 -44.76 -23.96 -60.08
N TYR H 40 -44.50 -23.10 -59.09
CA TYR H 40 -43.12 -22.89 -58.68
C TYR H 40 -42.68 -23.77 -57.51
N ILE H 41 -43.58 -24.08 -56.58
CA ILE H 41 -43.24 -24.94 -55.46
C ILE H 41 -43.93 -26.28 -55.64
N SER H 42 -43.30 -27.33 -55.13
CA SER H 42 -43.83 -28.69 -55.24
C SER H 42 -44.59 -29.06 -53.98
N GLU H 43 -45.36 -30.14 -54.08
CA GLU H 43 -46.02 -30.68 -52.91
C GLU H 43 -45.00 -31.31 -51.97
N ASP H 44 -45.36 -31.35 -50.69
CA ASP H 44 -44.74 -32.18 -49.66
C ASP H 44 -43.28 -31.83 -49.39
N ASN H 45 -42.86 -30.60 -49.66
CA ASN H 45 -41.60 -30.12 -49.08
C ASN H 45 -41.71 -28.62 -48.87
N ALA H 46 -41.17 -28.16 -47.75
CA ALA H 46 -41.10 -26.75 -47.42
C ALA H 46 -39.86 -26.15 -48.07
N ILE H 47 -40.02 -24.97 -48.68
CA ILE H 47 -38.93 -24.27 -49.32
C ILE H 47 -38.60 -23.09 -48.42
N ARG H 48 -37.44 -23.14 -47.76
CA ARG H 48 -37.04 -22.05 -46.90
C ARG H 48 -36.58 -20.88 -47.75
N ILE H 49 -37.19 -19.72 -47.52
CA ILE H 49 -36.88 -18.50 -48.24
C ILE H 49 -36.21 -17.56 -47.26
N ASN H 50 -34.89 -17.40 -47.41
CA ASN H 50 -34.13 -16.63 -46.41
C ASN H 50 -34.33 -15.14 -46.55
N SER H 51 -34.64 -14.66 -47.75
CA SER H 51 -34.71 -13.22 -48.00
C SER H 51 -35.59 -12.99 -49.21
N TRP H 52 -35.86 -11.71 -49.48
CA TRP H 52 -36.64 -11.34 -50.65
C TRP H 52 -35.88 -11.64 -51.93
N MET H 53 -34.56 -11.48 -51.90
CA MET H 53 -33.73 -11.85 -53.03
C MET H 53 -33.74 -13.36 -53.27
N ASP H 54 -33.79 -14.14 -52.18
CA ASP H 54 -33.93 -15.59 -52.29
C ASP H 54 -35.25 -15.97 -52.95
N TYR H 55 -36.33 -15.26 -52.61
CA TYR H 55 -37.61 -15.51 -53.26
C TYR H 55 -37.59 -15.06 -54.70
N LEU H 56 -36.89 -13.97 -55.00
CA LEU H 56 -36.84 -13.43 -56.35
C LEU H 56 -35.92 -14.22 -57.26
N ASN H 57 -35.18 -15.21 -56.73
CA ASN H 57 -34.47 -16.16 -57.59
C ASN H 57 -35.34 -17.35 -57.93
N LEU H 58 -36.28 -17.71 -57.05
CA LEU H 58 -37.13 -18.87 -57.29
C LEU H 58 -38.14 -18.59 -58.39
N ILE H 59 -38.77 -17.42 -58.38
CA ILE H 59 -39.65 -16.97 -59.45
C ILE H 59 -38.87 -15.98 -60.30
N GLY H 60 -39.16 -15.96 -61.60
CA GLY H 60 -38.39 -15.11 -62.49
C GLY H 60 -38.74 -13.64 -62.34
N ASN H 61 -40.01 -13.31 -62.52
CA ASN H 61 -40.49 -11.95 -62.43
C ASN H 61 -41.40 -11.77 -61.22
N PHE H 62 -41.39 -10.57 -60.66
CA PHE H 62 -42.45 -10.20 -59.73
C PHE H 62 -43.75 -10.05 -60.49
N ASN H 63 -44.79 -10.73 -60.03
CA ASN H 63 -46.08 -10.74 -60.70
C ASN H 63 -47.09 -9.99 -59.85
N ASN H 64 -47.74 -8.99 -60.46
CA ASN H 64 -48.76 -8.22 -59.73
C ASN H 64 -50.02 -9.04 -59.50
N GLU H 65 -50.30 -10.02 -60.37
CA GLU H 65 -51.56 -10.74 -60.30
C GLU H 65 -51.53 -11.87 -59.27
N ASP H 66 -50.35 -12.33 -58.88
CA ASP H 66 -50.26 -13.46 -57.96
C ASP H 66 -50.63 -13.02 -56.55
N LYS H 67 -51.45 -13.84 -55.88
CA LYS H 67 -51.73 -13.61 -54.47
C LYS H 67 -50.53 -13.92 -53.60
N LEU H 68 -49.69 -14.86 -54.02
CA LEU H 68 -48.52 -15.23 -53.23
C LEU H 68 -47.42 -14.17 -53.35
N ASP H 69 -47.25 -13.58 -54.54
CA ASP H 69 -46.19 -12.62 -54.79
C ASP H 69 -46.36 -11.36 -53.98
N VAL H 70 -47.55 -10.76 -54.03
CA VAL H 70 -47.80 -9.51 -53.35
C VAL H 70 -47.86 -9.69 -51.84
N SER H 71 -48.12 -10.92 -51.38
CA SER H 71 -48.15 -11.20 -49.96
C SER H 71 -46.75 -11.39 -49.39
N VAL H 72 -45.83 -11.95 -50.18
CA VAL H 72 -44.46 -12.16 -49.72
C VAL H 72 -43.69 -10.85 -49.73
N ARG H 73 -43.93 -9.99 -50.73
CA ARG H 73 -43.25 -8.70 -50.78
C ARG H 73 -43.70 -7.78 -49.66
N ALA H 74 -44.99 -7.82 -49.32
CA ALA H 74 -45.49 -7.06 -48.18
C ALA H 74 -44.98 -7.62 -46.87
N TYR H 75 -44.64 -8.91 -46.83
CA TYR H 75 -44.09 -9.51 -45.63
C TYR H 75 -42.65 -9.06 -45.38
N PHE H 76 -41.84 -9.02 -46.44
CA PHE H 76 -40.44 -8.64 -46.28
C PHE H 76 -40.25 -7.14 -46.16
N ALA H 77 -41.20 -6.33 -46.66
CA ALA H 77 -41.09 -4.89 -46.52
C ALA H 77 -41.36 -4.45 -45.10
N ASN H 78 -42.15 -5.21 -44.34
CA ASN H 78 -42.46 -4.85 -42.97
C ASN H 78 -41.42 -5.35 -41.99
N GLY H 79 -40.52 -6.23 -42.41
CA GLY H 79 -39.43 -6.63 -41.54
C GLY H 79 -39.44 -8.10 -41.15
N GLY H 80 -39.93 -8.95 -42.04
CA GLY H 80 -39.98 -10.36 -41.73
C GLY H 80 -38.66 -11.06 -42.01
N GLY H 81 -38.39 -12.09 -41.22
CA GLY H 81 -37.21 -12.91 -41.39
C GLY H 81 -37.44 -14.00 -42.42
N TYR H 82 -36.72 -15.10 -42.24
CA TYR H 82 -36.87 -16.21 -43.17
C TYR H 82 -38.16 -16.96 -42.91
N CYS H 83 -38.78 -17.46 -43.98
CA CYS H 83 -40.06 -18.13 -43.91
C CYS H 83 -40.03 -19.37 -44.76
N TYR H 84 -41.05 -20.22 -44.58
CA TYR H 84 -41.21 -21.43 -45.37
C TYR H 84 -42.42 -21.28 -46.28
N LEU H 85 -42.40 -22.02 -47.39
CA LEU H 85 -43.48 -22.03 -48.36
C LEU H 85 -43.97 -23.46 -48.52
N VAL H 86 -45.11 -23.77 -47.92
CA VAL H 86 -45.70 -25.10 -47.98
C VAL H 86 -47.02 -25.01 -48.73
N LYS H 87 -47.24 -25.93 -49.65
CA LYS H 87 -48.52 -25.98 -50.36
C LYS H 87 -49.63 -26.43 -49.41
N THR H 88 -50.85 -25.97 -49.69
CA THR H 88 -51.91 -26.01 -48.71
C THR H 88 -52.54 -27.39 -48.52
N THR H 89 -52.40 -28.29 -49.49
CA THR H 89 -53.00 -29.62 -49.35
C THR H 89 -52.07 -30.59 -48.64
N SER H 90 -50.76 -30.43 -48.81
CA SER H 90 -49.78 -31.16 -48.04
C SER H 90 -49.30 -30.38 -46.82
N LEU H 91 -50.10 -29.41 -46.37
CA LEU H 91 -49.66 -28.51 -45.31
C LEU H 91 -49.67 -29.18 -43.95
N GLU H 92 -50.54 -30.15 -43.73
CA GLU H 92 -50.65 -30.81 -42.44
C GLU H 92 -49.56 -31.85 -42.20
N LYS H 93 -48.71 -32.12 -43.19
CA LYS H 93 -47.64 -33.09 -43.03
C LYS H 93 -46.28 -32.46 -42.80
N ILE H 94 -46.08 -31.22 -43.24
CA ILE H 94 -44.76 -30.61 -43.24
C ILE H 94 -44.52 -29.76 -42.00
N ILE H 95 -45.57 -29.08 -41.52
CA ILE H 95 -45.45 -28.28 -40.29
C ILE H 95 -45.07 -29.10 -39.06
N PRO H 96 -45.53 -30.35 -38.86
CA PRO H 96 -44.92 -31.15 -37.77
C PRO H 96 -43.46 -31.53 -38.01
N THR H 97 -42.99 -31.59 -39.26
CA THR H 97 -41.58 -31.91 -39.50
C THR H 97 -40.67 -30.76 -39.10
N LEU H 98 -41.04 -29.54 -39.49
CA LEU H 98 -40.22 -28.37 -39.24
C LEU H 98 -40.30 -28.00 -37.76
N ASP H 99 -39.13 -27.86 -37.12
CA ASP H 99 -39.11 -27.67 -35.68
C ASP H 99 -39.46 -26.24 -35.28
N ASP H 100 -38.75 -25.25 -35.82
CA ASP H 100 -38.80 -23.91 -35.27
C ASP H 100 -39.91 -23.04 -35.84
N VAL H 101 -40.89 -23.64 -36.52
CA VAL H 101 -42.01 -22.88 -37.05
C VAL H 101 -42.93 -22.45 -35.91
N THR H 102 -43.21 -21.14 -35.84
CA THR H 102 -44.10 -20.59 -34.84
C THR H 102 -45.41 -20.06 -35.42
N LEU H 103 -45.36 -19.26 -36.48
CA LEU H 103 -46.56 -18.72 -37.08
C LEU H 103 -47.06 -19.63 -38.19
N LEU H 104 -48.37 -19.57 -38.43
CA LEU H 104 -48.99 -20.22 -39.57
C LEU H 104 -49.85 -19.16 -40.26
N VAL H 105 -49.46 -18.78 -41.48
CA VAL H 105 -50.04 -17.63 -42.16
C VAL H 105 -50.78 -18.12 -43.39
N ALA H 106 -52.07 -17.79 -43.47
CA ALA H 106 -52.84 -18.01 -44.69
C ALA H 106 -52.75 -16.76 -45.53
N ALA H 107 -52.08 -16.86 -46.68
CA ALA H 107 -52.02 -15.74 -47.62
C ALA H 107 -53.19 -15.89 -48.59
N GLY H 108 -54.39 -15.60 -48.08
CA GLY H 108 -55.60 -15.74 -48.87
C GLY H 108 -55.97 -17.18 -49.16
N GLU H 109 -55.90 -18.05 -48.16
CA GLU H 109 -56.14 -19.47 -48.33
C GLU H 109 -57.07 -19.97 -47.24
N ASP H 110 -57.77 -21.06 -47.54
CA ASP H 110 -58.67 -21.70 -46.59
C ASP H 110 -57.86 -22.72 -45.79
N ILE H 111 -57.37 -22.30 -44.63
CA ILE H 111 -56.63 -23.21 -43.75
C ILE H 111 -57.46 -23.59 -42.52
N LYS H 112 -58.78 -23.33 -42.56
CA LYS H 112 -59.64 -23.62 -41.42
C LYS H 112 -59.77 -25.11 -41.12
N THR H 113 -59.52 -25.97 -42.12
CA THR H 113 -59.50 -27.40 -41.86
C THR H 113 -58.22 -27.79 -41.14
N THR H 114 -57.08 -27.28 -41.59
CA THR H 114 -55.81 -27.68 -41.00
C THR H 114 -55.54 -27.02 -39.66
N VAL H 115 -56.11 -25.84 -39.40
CA VAL H 115 -55.87 -25.18 -38.12
C VAL H 115 -56.55 -25.91 -36.97
N ASP H 116 -57.70 -26.53 -37.22
CA ASP H 116 -58.38 -27.29 -36.17
C ASP H 116 -57.62 -28.54 -35.78
N VAL H 117 -56.88 -29.14 -36.73
CA VAL H 117 -56.24 -30.42 -36.45
C VAL H 117 -54.79 -30.28 -35.99
N LEU H 118 -54.15 -29.13 -36.19
CA LEU H 118 -52.77 -28.98 -35.74
C LEU H 118 -52.57 -27.96 -34.64
N CYS H 119 -53.48 -27.02 -34.44
CA CYS H 119 -53.36 -26.08 -33.33
C CYS H 119 -53.95 -26.71 -32.08
N GLN H 120 -53.07 -27.21 -31.22
CA GLN H 120 -53.40 -27.88 -29.97
C GLN H 120 -52.80 -27.09 -28.82
N PRO H 121 -53.25 -27.33 -27.58
CA PRO H 121 -52.61 -26.63 -26.44
C PRO H 121 -51.14 -26.98 -26.22
N GLY H 122 -50.71 -28.16 -26.65
CA GLY H 122 -49.32 -28.54 -26.48
C GLY H 122 -48.38 -27.92 -27.50
N LYS H 123 -48.80 -27.92 -28.77
CA LYS H 123 -47.94 -27.44 -29.85
C LYS H 123 -47.90 -25.92 -29.86
N GLY H 124 -46.75 -25.39 -30.28
CA GLY H 124 -46.49 -23.97 -30.19
C GLY H 124 -46.94 -23.14 -31.38
N LEU H 125 -47.90 -23.62 -32.16
CA LEU H 125 -48.29 -22.93 -33.38
C LEU H 125 -49.35 -21.88 -33.12
N PHE H 126 -49.09 -20.65 -33.55
CA PHE H 126 -50.07 -19.57 -33.60
C PHE H 126 -50.44 -19.34 -35.06
N ALA H 127 -51.71 -19.05 -35.32
CA ALA H 127 -52.21 -19.04 -36.70
C ALA H 127 -52.99 -17.76 -36.98
N VAL H 128 -52.33 -16.80 -37.61
CA VAL H 128 -52.99 -15.57 -38.04
C VAL H 128 -53.52 -15.78 -39.46
N PHE H 129 -54.80 -15.51 -39.67
CA PHE H 129 -55.35 -15.52 -41.03
C PHE H 129 -56.27 -14.32 -41.22
N ASP H 130 -56.92 -14.29 -42.37
CA ASP H 130 -57.55 -13.09 -42.91
C ASP H 130 -58.98 -12.92 -42.41
N GLY H 131 -59.48 -11.70 -42.57
CA GLY H 131 -60.89 -11.45 -42.47
C GLY H 131 -61.54 -11.71 -43.79
N PRO H 132 -62.86 -11.54 -43.88
CA PRO H 132 -63.54 -11.74 -45.16
C PRO H 132 -63.21 -10.60 -46.12
N GLU H 133 -63.06 -10.96 -47.40
CA GLU H 133 -62.68 -9.99 -48.42
C GLU H 133 -63.79 -8.99 -48.71
N THR H 134 -65.04 -9.36 -48.47
CA THR H 134 -66.14 -8.46 -48.74
C THR H 134 -66.24 -7.39 -47.68
N GLU H 135 -66.74 -6.21 -48.07
CA GLU H 135 -67.01 -5.14 -47.13
C GLU H 135 -68.20 -5.51 -46.27
N LEU H 136 -67.98 -5.74 -44.98
CA LEU H 136 -69.02 -6.25 -44.11
C LEU H 136 -69.80 -5.11 -43.46
N THR H 137 -70.67 -5.47 -42.52
CA THR H 137 -71.62 -4.54 -41.93
C THR H 137 -71.55 -4.60 -40.41
N ILE H 138 -72.08 -3.54 -39.80
CA ILE H 138 -72.42 -3.56 -38.39
C ILE H 138 -73.73 -4.29 -38.17
N ASN H 139 -74.49 -4.52 -39.24
CA ASN H 139 -75.84 -5.07 -39.21
C ASN H 139 -75.83 -6.60 -39.21
N GLY H 140 -75.14 -7.21 -40.16
CA GLY H 140 -75.02 -8.66 -40.20
C GLY H 140 -73.73 -9.14 -39.57
N ALA H 141 -73.37 -8.53 -38.45
CA ALA H 141 -72.01 -8.66 -37.91
C ALA H 141 -71.77 -9.95 -37.15
N GLU H 142 -72.78 -10.48 -36.46
CA GLU H 142 -72.54 -11.70 -35.69
C GLU H 142 -72.57 -12.96 -36.54
N GLU H 143 -72.93 -12.84 -37.82
CA GLU H 143 -72.82 -13.96 -38.74
C GLU H 143 -71.41 -14.10 -39.30
N ALA H 144 -70.68 -12.99 -39.41
CA ALA H 144 -69.30 -13.04 -39.90
C ALA H 144 -68.35 -13.62 -38.85
N LYS H 145 -68.64 -13.41 -37.57
CA LYS H 145 -67.86 -14.06 -36.53
C LYS H 145 -68.18 -15.53 -36.41
N GLN H 146 -69.33 -15.97 -36.95
CA GLN H 146 -69.70 -17.38 -36.92
C GLN H 146 -68.85 -18.21 -37.87
N ALA H 147 -68.27 -17.59 -38.90
CA ALA H 147 -67.51 -18.35 -39.88
C ALA H 147 -66.17 -18.83 -39.33
N TYR H 148 -65.66 -18.18 -38.30
CA TYR H 148 -64.36 -18.51 -37.75
C TYR H 148 -64.48 -19.34 -36.48
N THR H 149 -63.50 -20.21 -36.26
CA THR H 149 -63.46 -21.07 -35.09
C THR H 149 -63.13 -20.25 -33.85
N ALA H 150 -63.43 -20.80 -32.68
CA ALA H 150 -63.21 -20.13 -31.40
C ALA H 150 -61.93 -20.59 -30.71
N THR H 151 -60.88 -20.87 -31.49
CA THR H 151 -59.62 -21.32 -30.90
C THR H 151 -58.82 -20.13 -30.36
N PRO H 152 -58.10 -20.31 -29.25
CA PRO H 152 -57.32 -19.20 -28.70
C PRO H 152 -56.03 -18.90 -29.45
N PHE H 153 -55.63 -19.75 -30.38
CA PHE H 153 -54.35 -19.61 -31.06
C PHE H 153 -54.47 -18.82 -32.34
N ALA H 154 -55.63 -18.25 -32.63
CA ALA H 154 -55.85 -17.60 -33.91
C ALA H 154 -56.28 -16.15 -33.72
N ALA H 155 -55.81 -15.31 -34.64
CA ALA H 155 -56.20 -13.91 -34.69
C ALA H 155 -56.63 -13.60 -36.12
N VAL H 156 -57.66 -12.78 -36.25
CA VAL H 156 -58.24 -12.43 -37.54
C VAL H 156 -58.11 -10.93 -37.72
N TYR H 157 -57.48 -10.52 -38.81
CA TYR H 157 -57.30 -9.11 -39.15
C TYR H 157 -58.14 -8.82 -40.37
N TYR H 158 -59.06 -7.86 -40.26
CA TYR H 158 -60.13 -7.78 -41.25
C TYR H 158 -59.71 -7.24 -42.63
N PRO H 159 -59.31 -5.97 -42.80
CA PRO H 159 -59.36 -5.40 -44.15
C PRO H 159 -58.18 -5.85 -45.01
N TRP H 160 -58.50 -6.39 -46.18
CA TRP H 160 -57.47 -6.76 -47.14
C TRP H 160 -56.78 -5.51 -47.65
N LEU H 161 -55.49 -5.39 -47.37
CA LEU H 161 -54.78 -4.17 -47.70
C LEU H 161 -54.55 -4.06 -49.21
N LYS H 162 -54.40 -2.82 -49.67
CA LYS H 162 -54.12 -2.56 -51.07
C LYS H 162 -52.87 -1.69 -51.18
N ALA H 163 -52.20 -1.79 -52.31
CA ALA H 163 -50.96 -1.07 -52.55
C ALA H 163 -50.93 -0.59 -53.99
N ASP H 164 -50.07 0.39 -54.25
CA ASP H 164 -49.95 0.91 -55.61
C ASP H 164 -49.15 -0.01 -56.51
N TRP H 165 -48.22 -0.78 -55.95
CA TRP H 165 -47.46 -1.74 -56.76
C TRP H 165 -48.27 -3.00 -57.03
N ALA H 166 -49.10 -3.41 -56.07
CA ALA H 166 -49.90 -4.62 -56.23
C ALA H 166 -51.17 -4.31 -57.02
N ASN H 167 -51.46 -5.13 -58.02
CA ASN H 167 -52.68 -4.97 -58.79
C ASN H 167 -53.89 -5.43 -57.99
N ILE H 168 -53.79 -6.63 -57.41
CA ILE H 168 -54.84 -7.20 -56.57
C ILE H 168 -54.66 -6.74 -55.13
N ASP H 169 -55.67 -7.00 -54.30
CA ASP H 169 -55.59 -6.67 -52.88
C ASP H 169 -54.79 -7.71 -52.13
N ILE H 170 -54.01 -7.24 -51.17
CA ILE H 170 -53.08 -8.07 -50.40
C ILE H 170 -53.82 -8.66 -49.20
N PRO H 171 -53.67 -9.95 -48.92
CA PRO H 171 -54.23 -10.51 -47.70
C PRO H 171 -53.55 -9.93 -46.47
N PRO H 172 -54.32 -9.53 -45.46
CA PRO H 172 -53.74 -8.79 -44.33
C PRO H 172 -52.93 -9.66 -43.37
N SER H 173 -53.06 -10.98 -43.43
CA SER H 173 -52.28 -11.83 -42.55
C SER H 173 -50.82 -11.90 -42.93
N ALA H 174 -50.49 -11.66 -44.20
CA ALA H 174 -49.11 -11.73 -44.63
C ALA H 174 -48.31 -10.52 -44.19
N VAL H 175 -48.97 -9.36 -44.06
CA VAL H 175 -48.28 -8.20 -43.52
C VAL H 175 -48.18 -8.29 -42.00
N MET H 176 -49.01 -9.11 -41.35
CA MET H 176 -49.01 -9.21 -39.91
C MET H 176 -48.01 -10.23 -39.40
N ALA H 177 -47.54 -11.13 -40.26
CA ALA H 177 -46.39 -11.97 -39.91
C ALA H 177 -45.13 -11.13 -39.79
N GLY H 178 -45.02 -10.09 -40.63
CA GLY H 178 -43.89 -9.19 -40.51
C GLY H 178 -44.02 -8.19 -39.39
N VAL H 179 -45.25 -7.80 -39.07
CA VAL H 179 -45.48 -6.90 -37.93
C VAL H 179 -45.21 -7.62 -36.62
N TYR H 180 -45.53 -8.91 -36.56
CA TYR H 180 -45.19 -9.72 -35.39
C TYR H 180 -43.69 -9.82 -35.21
N ALA H 181 -42.94 -9.98 -36.30
CA ALA H 181 -41.49 -10.06 -36.19
C ALA H 181 -40.87 -8.70 -35.89
N SER H 182 -41.51 -7.62 -36.34
CA SER H 182 -40.97 -6.29 -36.12
C SER H 182 -41.23 -5.79 -34.71
N VAL H 183 -42.37 -6.19 -34.12
CA VAL H 183 -42.70 -5.80 -32.76
C VAL H 183 -41.80 -6.50 -31.76
N ASP H 184 -41.63 -7.81 -31.93
CA ASP H 184 -40.88 -8.62 -30.98
C ASP H 184 -39.40 -8.33 -31.00
N LEU H 185 -38.87 -7.83 -32.11
CA LEU H 185 -37.47 -7.46 -32.18
C LEU H 185 -37.22 -6.12 -31.51
N SER H 186 -38.12 -5.15 -31.69
CA SER H 186 -37.91 -3.81 -31.15
C SER H 186 -38.34 -3.69 -29.70
N ARG H 187 -39.40 -4.38 -29.29
CA ARG H 187 -39.92 -4.21 -27.94
C ARG H 187 -40.18 -5.51 -27.18
N GLY H 188 -40.29 -6.66 -27.86
CA GLY H 188 -40.47 -7.91 -27.16
C GLY H 188 -41.76 -8.63 -27.52
N VAL H 189 -41.81 -9.93 -27.23
CA VAL H 189 -43.00 -10.73 -27.54
C VAL H 189 -44.16 -10.34 -26.64
N TRP H 190 -43.87 -9.88 -25.43
CA TRP H 190 -44.90 -9.51 -24.47
C TRP H 190 -45.62 -8.22 -24.86
N LYS H 191 -45.03 -7.39 -25.71
CA LYS H 191 -45.71 -6.21 -26.23
C LYS H 191 -46.69 -6.61 -27.31
N ALA H 192 -47.89 -6.05 -27.25
CA ALA H 192 -48.91 -6.30 -28.26
C ALA H 192 -48.48 -5.72 -29.61
N PRO H 193 -48.87 -6.35 -30.72
CA PRO H 193 -48.51 -5.82 -32.04
C PRO H 193 -49.39 -4.68 -32.52
N ALA H 194 -50.25 -4.12 -31.70
CA ALA H 194 -51.12 -3.07 -32.17
C ALA H 194 -50.43 -1.72 -32.07
N ASN H 195 -51.12 -0.69 -32.60
CA ASN H 195 -50.64 0.67 -32.95
C ASN H 195 -49.20 0.71 -33.46
N VAL H 196 -48.94 -0.16 -34.44
CA VAL H 196 -47.68 -0.17 -35.18
C VAL H 196 -47.98 0.13 -36.64
N ALA H 197 -47.28 1.10 -37.19
CA ALA H 197 -47.49 1.49 -38.58
C ALA H 197 -46.88 0.47 -39.53
N LEU H 198 -47.49 0.34 -40.70
CA LEU H 198 -47.05 -0.61 -41.71
C LEU H 198 -46.01 0.07 -42.60
N LYS H 199 -44.82 -0.54 -42.70
CA LYS H 199 -43.70 0.12 -43.36
C LYS H 199 -43.86 0.13 -44.87
N GLY H 200 -44.49 -0.90 -45.43
CA GLY H 200 -44.74 -0.91 -46.86
C GLY H 200 -45.80 0.10 -47.26
N GLY H 201 -45.92 0.31 -48.57
CA GLY H 201 -46.90 1.25 -49.08
C GLY H 201 -48.31 0.70 -49.04
N LEU H 202 -48.85 0.52 -47.84
CA LEU H 202 -50.13 -0.12 -47.63
C LEU H 202 -51.16 0.89 -47.13
N GLU H 203 -52.42 0.59 -47.41
CA GLU H 203 -53.56 1.32 -46.84
C GLU H 203 -54.78 0.41 -46.98
N PRO H 204 -55.73 0.48 -46.05
CA PRO H 204 -56.85 -0.47 -46.08
C PRO H 204 -57.79 -0.24 -47.25
N LYS H 205 -58.38 -1.33 -47.73
CA LYS H 205 -59.33 -1.24 -48.83
C LYS H 205 -60.62 -0.58 -48.39
N PHE H 206 -61.05 -0.86 -47.16
CA PHE H 206 -62.29 -0.33 -46.61
C PHE H 206 -61.99 0.44 -45.34
N LEU H 207 -62.36 1.72 -45.32
CA LEU H 207 -62.26 2.50 -44.10
C LEU H 207 -63.32 2.02 -43.12
N VAL H 208 -62.91 1.85 -41.87
CA VAL H 208 -63.73 1.19 -40.85
C VAL H 208 -64.13 2.20 -39.80
N THR H 209 -65.44 2.35 -39.60
CA THR H 209 -65.96 3.22 -38.54
C THR H 209 -65.68 2.62 -37.17
N ASP H 210 -65.64 3.48 -36.15
CA ASP H 210 -65.41 3.03 -34.79
C ASP H 210 -66.60 2.22 -34.25
N GLU H 211 -67.81 2.53 -34.71
CA GLU H 211 -68.98 1.80 -34.24
C GLU H 211 -69.02 0.39 -34.81
N LEU H 212 -68.46 0.18 -36.00
CA LEU H 212 -68.40 -1.15 -36.57
C LEU H 212 -67.38 -2.01 -35.83
N GLN H 213 -66.24 -1.43 -35.44
CA GLN H 213 -65.22 -2.17 -34.73
C GLN H 213 -65.67 -2.58 -33.33
N GLY H 214 -66.64 -1.87 -32.75
CA GLY H 214 -67.18 -2.28 -31.46
C GLY H 214 -67.99 -3.55 -31.54
N GLU H 215 -68.62 -3.83 -32.68
CA GLU H 215 -69.35 -5.07 -32.87
C GLU H 215 -68.41 -6.27 -32.87
N TYR H 216 -67.34 -6.18 -33.66
CA TYR H 216 -66.50 -7.33 -33.94
C TYR H 216 -65.48 -7.61 -32.87
N ASN H 217 -65.20 -6.65 -31.99
CA ASN H 217 -64.16 -6.81 -31.00
C ASN H 217 -64.57 -7.69 -29.82
N THR H 218 -65.87 -7.95 -29.66
CA THR H 218 -66.34 -8.53 -28.41
C THR H 218 -66.20 -10.06 -28.37
N GLY H 219 -66.94 -10.77 -29.22
CA GLY H 219 -67.10 -12.20 -29.01
C GLY H 219 -66.06 -13.12 -29.61
N ARG H 220 -65.94 -13.14 -30.93
CA ARG H 220 -64.90 -13.88 -31.64
C ARG H 220 -64.13 -12.82 -32.39
N ALA H 221 -63.14 -12.24 -31.72
CA ALA H 221 -62.69 -10.90 -32.04
C ALA H 221 -61.91 -10.85 -33.34
N ILE H 222 -62.28 -9.89 -34.17
CA ILE H 222 -61.61 -9.60 -35.42
C ILE H 222 -60.87 -8.29 -35.24
N ASN H 223 -59.55 -8.36 -35.16
CA ASN H 223 -58.73 -7.16 -35.11
C ASN H 223 -58.81 -6.43 -36.44
N MET H 224 -58.57 -5.12 -36.42
CA MET H 224 -58.81 -4.33 -37.61
C MET H 224 -57.66 -3.37 -37.86
N ILE H 225 -57.34 -3.18 -39.13
CA ILE H 225 -56.28 -2.30 -39.58
C ILE H 225 -56.95 -1.06 -40.16
N ARG H 226 -56.82 0.07 -39.49
CA ARG H 226 -57.52 1.26 -39.98
C ARG H 226 -56.60 2.46 -39.94
N ASN H 227 -56.95 3.44 -40.78
CA ASN H 227 -56.08 4.58 -41.07
C ASN H 227 -56.32 5.71 -40.09
N PHE H 228 -55.23 6.26 -39.56
CA PHE H 228 -55.24 7.44 -38.71
C PHE H 228 -54.46 8.53 -39.44
N SER H 229 -54.91 9.78 -39.32
CA SER H 229 -54.32 10.84 -40.13
C SER H 229 -52.92 11.21 -39.66
N ASN H 230 -52.62 11.02 -38.37
CA ASN H 230 -51.29 11.31 -37.86
C ASN H 230 -50.36 10.11 -37.91
N THR H 231 -50.90 8.89 -37.85
CA THR H 231 -50.11 7.67 -37.83
C THR H 231 -50.02 7.00 -39.20
N GLY H 232 -50.89 7.34 -40.13
CA GLY H 232 -50.98 6.56 -41.36
C GLY H 232 -51.87 5.36 -41.13
N THR H 233 -51.57 4.27 -41.83
CA THR H 233 -52.26 3.02 -41.56
C THR H 233 -51.58 2.32 -40.40
N THR H 234 -52.39 1.62 -39.59
CA THR H 234 -51.89 1.04 -38.36
C THR H 234 -52.78 -0.11 -37.95
N VAL H 235 -52.22 -1.02 -37.16
CA VAL H 235 -52.95 -2.15 -36.62
C VAL H 235 -53.63 -1.72 -35.33
N TRP H 236 -54.86 -2.18 -35.11
CA TRP H 236 -55.65 -1.65 -34.01
C TRP H 236 -56.35 -2.75 -33.22
N GLY H 237 -55.70 -3.89 -33.06
CA GLY H 237 -56.28 -4.97 -32.28
C GLY H 237 -55.22 -5.93 -31.81
N ALA H 238 -55.46 -6.52 -30.64
CA ALA H 238 -54.56 -7.51 -30.08
C ALA H 238 -55.30 -8.74 -29.59
N ARG H 239 -56.57 -8.90 -29.93
CA ARG H 239 -57.41 -9.93 -29.34
C ARG H 239 -57.41 -11.19 -30.20
N THR H 240 -57.46 -12.35 -29.54
CA THR H 240 -57.56 -13.63 -30.23
C THR H 240 -59.02 -13.94 -30.53
N LEU H 241 -59.28 -15.17 -30.98
CA LEU H 241 -60.66 -15.60 -31.21
C LEU H 241 -61.30 -16.20 -29.96
N GLU H 242 -60.54 -16.37 -28.89
CA GLU H 242 -61.12 -16.82 -27.62
C GLU H 242 -61.57 -15.64 -26.79
N ASP H 243 -62.81 -15.71 -26.31
CA ASP H 243 -63.37 -14.64 -25.49
C ASP H 243 -63.09 -14.81 -24.01
N LYS H 244 -62.57 -15.97 -23.59
CA LYS H 244 -62.28 -16.21 -22.19
C LYS H 244 -61.19 -15.27 -21.69
N ASP H 245 -61.24 -14.95 -20.40
CA ASP H 245 -60.35 -13.94 -19.83
C ASP H 245 -58.93 -14.43 -19.68
N ASN H 246 -58.68 -15.73 -19.87
CA ASN H 246 -57.32 -16.25 -19.77
C ASN H 246 -56.51 -15.93 -21.01
N TRP H 247 -57.06 -16.20 -22.20
CA TRP H 247 -56.32 -16.09 -23.45
C TRP H 247 -56.97 -15.08 -24.37
N ARG H 248 -57.31 -13.90 -23.84
CA ARG H 248 -58.04 -12.92 -24.63
C ARG H 248 -57.14 -12.21 -25.62
N TYR H 249 -55.89 -11.96 -25.26
CA TYR H 249 -55.01 -11.11 -26.05
C TYR H 249 -53.90 -11.92 -26.72
N VAL H 250 -53.54 -11.54 -27.94
CA VAL H 250 -52.41 -12.17 -28.63
C VAL H 250 -51.04 -11.91 -28.01
N PRO H 251 -50.74 -10.84 -27.23
CA PRO H 251 -49.43 -10.86 -26.55
C PRO H 251 -49.33 -11.88 -25.43
N VAL H 252 -50.43 -12.24 -24.79
CA VAL H 252 -50.37 -13.23 -23.71
C VAL H 252 -50.27 -14.64 -24.29
N ARG H 253 -50.97 -14.90 -25.39
CA ARG H 253 -50.91 -16.21 -26.01
C ARG H 253 -49.58 -16.45 -26.69
N ARG H 254 -49.01 -15.43 -27.33
CA ARG H 254 -47.72 -15.57 -27.98
C ARG H 254 -46.56 -15.55 -27.00
N LEU H 255 -46.74 -14.99 -25.80
CA LEU H 255 -45.71 -15.10 -24.78
C LEU H 255 -45.62 -16.52 -24.26
N PHE H 256 -46.77 -17.14 -23.98
CA PHE H 256 -46.78 -18.51 -23.48
C PHE H 256 -46.31 -19.50 -24.53
N ASN H 257 -46.57 -19.22 -25.82
CA ASN H 257 -46.01 -20.06 -26.88
C ASN H 257 -44.50 -19.92 -26.96
N SER H 258 -43.98 -18.72 -26.69
CA SER H 258 -42.55 -18.49 -26.82
C SER H 258 -41.79 -19.01 -25.61
N VAL H 259 -42.37 -18.87 -24.42
CA VAL H 259 -41.71 -19.31 -23.19
C VAL H 259 -41.58 -20.83 -23.19
N GLU H 260 -42.63 -21.53 -23.60
CA GLU H 260 -42.61 -22.98 -23.52
C GLU H 260 -41.74 -23.58 -24.62
N ARG H 261 -41.48 -22.83 -25.69
CA ARG H 261 -40.53 -23.27 -26.68
C ARG H 261 -39.09 -23.12 -26.18
N ASP H 262 -38.82 -22.07 -25.42
CA ASP H 262 -37.48 -21.91 -24.85
C ASP H 262 -37.25 -22.89 -23.72
N ILE H 263 -38.30 -23.24 -22.98
CA ILE H 263 -38.17 -24.25 -21.93
C ILE H 263 -38.03 -25.64 -22.55
N LYS H 264 -38.60 -25.84 -23.74
CA LYS H 264 -38.39 -27.06 -24.52
C LYS H 264 -36.92 -27.30 -24.81
N ARG H 265 -36.18 -26.22 -25.11
CA ARG H 265 -34.77 -26.38 -25.46
C ARG H 265 -33.92 -26.66 -24.23
N ALA H 266 -34.30 -26.09 -23.08
CA ALA H 266 -33.57 -26.40 -21.85
C ALA H 266 -33.90 -27.79 -21.34
N MET H 267 -35.07 -28.32 -21.68
CA MET H 267 -35.32 -29.68 -21.25
C MET H 267 -34.82 -30.68 -22.26
N SER H 268 -34.24 -30.21 -23.36
CA SER H 268 -33.66 -31.12 -24.34
C SER H 268 -32.40 -31.77 -23.79
N PHE H 269 -31.63 -31.07 -22.95
CA PHE H 269 -30.39 -31.67 -22.45
C PHE H 269 -30.69 -32.69 -21.37
N ALA H 270 -31.83 -32.57 -20.71
CA ALA H 270 -32.20 -33.53 -19.66
C ALA H 270 -32.73 -34.83 -20.24
N MET H 271 -32.94 -34.90 -21.55
CA MET H 271 -33.41 -36.12 -22.20
C MET H 271 -32.39 -37.23 -22.04
N PHE H 272 -32.90 -38.40 -21.64
CA PHE H 272 -32.16 -39.67 -21.53
C PHE H 272 -31.03 -39.59 -20.51
N GLU H 273 -31.12 -38.68 -19.57
CA GLU H 273 -30.30 -38.62 -18.37
C GLU H 273 -30.94 -39.51 -17.31
N PRO H 274 -30.18 -39.90 -16.26
CA PRO H 274 -30.78 -40.71 -15.20
C PRO H 274 -31.87 -39.95 -14.45
N ASN H 275 -32.97 -40.65 -14.18
CA ASN H 275 -34.15 -40.04 -13.55
C ASN H 275 -33.99 -40.15 -12.04
N ASN H 276 -33.24 -39.20 -11.47
CA ASN H 276 -33.05 -39.13 -10.04
C ASN H 276 -33.09 -37.67 -9.64
N GLN H 277 -32.78 -37.40 -8.38
CA GLN H 277 -32.80 -36.03 -7.88
C GLN H 277 -31.71 -35.09 -8.43
N PRO H 278 -30.45 -35.51 -8.69
CA PRO H 278 -29.51 -34.55 -9.29
C PRO H 278 -29.87 -34.09 -10.70
N THR H 279 -30.72 -34.82 -11.41
CA THR H 279 -31.23 -34.31 -12.68
C THR H 279 -32.31 -33.25 -12.45
N TRP H 280 -33.22 -33.51 -11.49
CA TRP H 280 -34.36 -32.62 -11.26
C TRP H 280 -33.93 -31.27 -10.73
N GLU H 281 -32.85 -31.21 -9.96
CA GLU H 281 -32.35 -29.93 -9.50
C GLU H 281 -31.52 -29.21 -10.54
N ARG H 282 -31.21 -29.87 -11.65
CA ARG H 282 -30.62 -29.22 -12.80
C ARG H 282 -31.66 -28.78 -13.81
N VAL H 283 -32.78 -29.51 -13.87
CA VAL H 283 -33.92 -29.10 -14.67
C VAL H 283 -34.57 -27.86 -14.09
N ARG H 284 -34.71 -27.81 -12.76
CA ARG H 284 -35.33 -26.66 -12.12
C ARG H 284 -34.44 -25.44 -12.18
N ALA H 285 -33.13 -25.64 -12.05
CA ALA H 285 -32.21 -24.52 -12.10
C ALA H 285 -32.11 -23.93 -13.50
N ALA H 286 -32.28 -24.75 -14.53
CA ALA H 286 -32.21 -24.25 -15.90
C ALA H 286 -33.44 -23.43 -16.25
N ILE H 287 -34.61 -23.82 -15.73
CA ILE H 287 -35.82 -23.06 -15.98
C ILE H 287 -35.83 -21.79 -15.14
N SER H 288 -35.33 -21.86 -13.91
CA SER H 288 -35.36 -20.71 -13.01
C SER H 288 -34.44 -19.60 -13.47
N ASN H 289 -33.35 -19.94 -14.17
CA ASN H 289 -32.51 -18.91 -14.78
C ASN H 289 -33.24 -18.22 -15.90
N TYR H 290 -33.96 -18.99 -16.71
CA TYR H 290 -34.59 -18.44 -17.91
C TYR H 290 -35.75 -17.52 -17.55
N LEU H 291 -36.58 -17.93 -16.59
CA LEU H 291 -37.72 -17.11 -16.21
C LEU H 291 -37.31 -15.89 -15.42
N TYR H 292 -36.16 -15.95 -14.74
CA TYR H 292 -35.68 -14.78 -14.03
C TYR H 292 -35.18 -13.71 -15.00
N SER H 293 -34.40 -14.11 -15.99
CA SER H 293 -33.90 -13.15 -16.97
C SER H 293 -34.99 -12.64 -17.88
N LEU H 294 -36.08 -13.40 -18.05
CA LEU H 294 -37.24 -12.90 -18.75
C LEU H 294 -38.01 -11.89 -17.90
N TRP H 295 -38.10 -12.14 -16.58
CA TRP H 295 -38.73 -11.20 -15.67
C TRP H 295 -37.93 -9.91 -15.58
N GLN H 296 -36.60 -9.99 -15.65
CA GLN H 296 -35.77 -8.79 -15.61
C GLN H 296 -35.93 -7.95 -16.86
N GLN H 297 -36.30 -8.55 -17.99
CA GLN H 297 -36.60 -7.77 -19.19
C GLN H 297 -37.97 -7.11 -19.14
N GLY H 298 -38.77 -7.38 -18.12
CA GLY H 298 -40.11 -6.86 -18.05
C GLY H 298 -41.15 -7.71 -18.72
N GLY H 299 -40.82 -8.95 -19.06
CA GLY H 299 -41.77 -9.80 -19.78
C GLY H 299 -42.89 -10.30 -18.90
N LEU H 300 -42.58 -10.63 -17.65
CA LEU H 300 -43.56 -11.11 -16.70
C LEU H 300 -43.89 -10.01 -15.71
N ALA H 301 -45.16 -9.90 -15.34
CA ALA H 301 -45.65 -8.81 -14.51
C ALA H 301 -45.59 -9.21 -13.05
N GLY H 302 -44.73 -8.55 -12.29
CA GLY H 302 -44.66 -8.74 -10.85
C GLY H 302 -43.63 -7.82 -10.24
N SER H 303 -44.00 -7.14 -9.15
CA SER H 303 -43.05 -6.27 -8.48
C SER H 303 -42.00 -7.09 -7.74
N LYS H 304 -42.44 -8.12 -7.04
CA LYS H 304 -41.55 -9.09 -6.42
C LYS H 304 -41.27 -10.20 -7.42
N GLU H 305 -40.02 -10.69 -7.43
CA GLU H 305 -39.63 -11.76 -8.34
C GLU H 305 -40.35 -13.08 -8.05
N GLU H 306 -40.70 -13.31 -6.79
CA GLU H 306 -41.44 -14.52 -6.41
C GLU H 306 -42.92 -14.42 -6.77
N ASP H 307 -43.40 -13.27 -7.23
CA ASP H 307 -44.77 -13.13 -7.69
C ASP H 307 -44.94 -13.41 -9.17
N ALA H 308 -43.85 -13.37 -9.94
CA ALA H 308 -43.96 -13.49 -11.39
C ALA H 308 -44.00 -14.94 -11.85
N TYR H 309 -43.34 -15.84 -11.15
CA TYR H 309 -43.24 -17.21 -11.62
C TYR H 309 -42.96 -18.14 -10.45
N PHE H 310 -43.17 -19.43 -10.69
CA PHE H 310 -42.81 -20.48 -9.74
C PHE H 310 -42.54 -21.76 -10.51
N VAL H 311 -41.55 -22.53 -10.06
CA VAL H 311 -41.19 -23.81 -10.66
C VAL H 311 -41.18 -24.86 -9.56
N GLN H 312 -41.78 -26.02 -9.82
CA GLN H 312 -41.90 -27.08 -8.81
C GLN H 312 -41.60 -28.44 -9.43
N ILE H 313 -40.50 -29.05 -9.00
CA ILE H 313 -40.18 -30.44 -9.28
C ILE H 313 -39.99 -31.16 -7.95
N GLY H 314 -40.35 -32.44 -7.91
CA GLY H 314 -40.11 -33.22 -6.71
C GLY H 314 -40.73 -34.59 -6.71
N LYS H 315 -40.22 -35.47 -5.84
CA LYS H 315 -40.78 -36.81 -5.71
C LYS H 315 -42.04 -36.80 -4.85
N GLY H 316 -42.10 -35.91 -3.87
CA GLY H 316 -43.34 -35.77 -3.13
C GLY H 316 -44.33 -34.86 -3.81
N ILE H 317 -43.85 -33.95 -4.66
CA ILE H 317 -44.65 -32.83 -5.13
C ILE H 317 -45.38 -33.15 -6.43
N THR H 318 -44.63 -33.50 -7.48
CA THR H 318 -45.21 -33.56 -8.82
C THR H 318 -45.35 -34.97 -9.37
N MET H 319 -44.38 -35.85 -9.15
CA MET H 319 -44.39 -37.17 -9.77
C MET H 319 -44.44 -38.26 -8.71
N THR H 320 -45.17 -39.32 -9.00
CA THR H 320 -45.25 -40.48 -8.12
C THR H 320 -44.01 -41.35 -8.30
N GLN H 321 -43.72 -42.19 -7.31
CA GLN H 321 -42.73 -43.26 -7.45
C GLN H 321 -43.10 -44.19 -8.59
N GLU H 322 -44.41 -44.38 -8.82
CA GLU H 322 -44.89 -45.13 -9.97
C GLU H 322 -44.54 -44.44 -11.28
N GLN H 323 -44.69 -43.11 -11.33
CA GLN H 323 -44.46 -42.39 -12.58
C GLN H 323 -42.97 -42.25 -12.88
N ILE H 324 -42.13 -42.27 -11.84
CA ILE H 324 -40.69 -42.21 -12.05
C ILE H 324 -40.18 -43.48 -12.71
N ASP H 325 -40.70 -44.64 -12.28
CA ASP H 325 -40.32 -45.91 -12.89
C ASP H 325 -40.85 -46.05 -14.31
N ALA H 326 -41.92 -45.33 -14.66
CA ALA H 326 -42.36 -45.33 -16.05
C ALA H 326 -41.47 -44.49 -16.93
N GLY H 327 -40.71 -43.57 -16.34
CA GLY H 327 -39.80 -42.71 -17.08
C GLY H 327 -40.23 -41.27 -17.18
N GLN H 328 -41.31 -40.88 -16.52
CA GLN H 328 -41.83 -39.53 -16.64
C GLN H 328 -41.16 -38.60 -15.65
N MET H 329 -41.11 -37.32 -16.02
CA MET H 329 -40.60 -36.26 -15.16
C MET H 329 -41.52 -35.07 -15.31
N ILE H 330 -42.15 -34.65 -14.22
CA ILE H 330 -43.21 -33.65 -14.25
C ILE H 330 -42.75 -32.38 -13.57
N VAL H 331 -42.86 -31.26 -14.27
CA VAL H 331 -42.52 -29.93 -13.78
C VAL H 331 -43.76 -29.06 -13.87
N LYS H 332 -43.94 -28.17 -12.90
CA LYS H 332 -45.02 -27.20 -12.90
C LYS H 332 -44.44 -25.80 -13.00
N VAL H 333 -44.85 -25.06 -14.03
CA VAL H 333 -44.40 -23.70 -14.25
C VAL H 333 -45.62 -22.79 -14.28
N GLY H 334 -45.54 -21.67 -13.59
CA GLY H 334 -46.56 -20.64 -13.68
C GLY H 334 -45.94 -19.32 -14.07
N LEU H 335 -46.72 -18.52 -14.80
CA LEU H 335 -46.26 -17.22 -15.28
C LEU H 335 -47.33 -16.17 -15.00
N ALA H 336 -46.93 -14.91 -15.02
CA ALA H 336 -47.85 -13.80 -14.83
C ALA H 336 -47.57 -12.77 -15.92
N ALA H 337 -48.32 -12.83 -17.02
CA ALA H 337 -48.09 -11.93 -18.13
C ALA H 337 -48.70 -10.56 -17.85
N VAL H 338 -48.31 -9.59 -18.67
CA VAL H 338 -48.82 -8.23 -18.59
C VAL H 338 -49.96 -8.07 -19.58
N ARG H 339 -51.02 -7.42 -19.16
CA ARG H 339 -52.10 -7.21 -20.11
C ARG H 339 -51.99 -5.81 -20.71
N PRO H 340 -52.38 -5.62 -21.97
CA PRO H 340 -52.31 -4.29 -22.56
C PRO H 340 -53.52 -3.43 -22.21
N ALA H 341 -53.26 -2.14 -22.03
CA ALA H 341 -54.33 -1.17 -21.83
C ALA H 341 -55.04 -0.93 -23.16
N GLU H 342 -56.32 -1.27 -23.21
CA GLU H 342 -57.04 -1.26 -24.48
C GLU H 342 -57.98 -0.07 -24.63
N PHE H 343 -58.62 0.38 -23.55
CA PHE H 343 -59.50 1.53 -23.59
C PHE H 343 -58.94 2.61 -22.68
N ILE H 344 -59.00 3.86 -23.14
CA ILE H 344 -58.62 5.01 -22.33
C ILE H 344 -59.80 5.97 -22.30
N ILE H 345 -60.28 6.28 -21.11
CA ILE H 345 -61.48 7.10 -20.94
C ILE H 345 -61.06 8.46 -20.40
N LEU H 346 -61.33 9.49 -21.18
CA LEU H 346 -61.08 10.88 -20.80
C LEU H 346 -62.34 11.48 -20.23
N GLN H 347 -62.24 12.14 -19.09
CA GLN H 347 -63.32 12.94 -18.57
C GLN H 347 -62.90 14.39 -18.57
N PHE H 348 -63.63 15.21 -19.32
CA PHE H 348 -63.34 16.63 -19.45
C PHE H 348 -64.33 17.41 -18.61
N THR H 349 -63.81 18.16 -17.65
CA THR H 349 -64.61 18.95 -16.74
C THR H 349 -64.50 20.42 -17.13
N GLN H 350 -65.62 21.13 -17.06
CA GLN H 350 -65.63 22.52 -17.52
C GLN H 350 -65.07 23.47 -16.47
N ASP H 351 -65.23 23.15 -15.19
CA ASP H 351 -64.68 24.00 -14.14
C ASP H 351 -63.41 23.37 -13.58
N VAL H 352 -62.39 24.20 -13.40
CA VAL H 352 -61.09 23.78 -12.89
C VAL H 352 -61.09 23.93 -11.37
N GLU H 353 -60.92 22.82 -10.68
CA GLU H 353 -60.82 22.84 -9.23
C GLU H 353 -60.01 21.66 -8.72
N THR I 2 -72.35 3.26 -16.20
CA THR I 2 -71.32 4.30 -16.16
C THR I 2 -70.76 4.54 -17.56
N THR I 3 -69.85 3.67 -17.98
CA THR I 3 -69.22 3.76 -19.30
C THR I 3 -69.10 2.35 -19.85
N VAL I 4 -69.54 2.16 -21.10
CA VAL I 4 -69.48 0.87 -21.76
C VAL I 4 -68.49 1.00 -22.93
N THR I 5 -67.56 0.05 -23.00
CA THR I 5 -66.42 0.12 -23.92
C THR I 5 -66.50 -1.06 -24.88
N SER I 6 -66.79 -0.77 -26.14
CA SER I 6 -66.86 -1.81 -27.17
C SER I 6 -65.65 -1.82 -28.10
N TYR I 7 -65.34 -0.68 -28.71
CA TYR I 7 -64.13 -0.57 -29.51
C TYR I 7 -62.96 -0.20 -28.62
N PRO I 8 -61.70 -0.47 -29.03
CA PRO I 8 -60.55 -0.07 -28.20
C PRO I 8 -60.44 1.42 -27.95
N GLY I 9 -60.14 2.20 -29.01
CA GLY I 9 -60.27 3.66 -29.06
C GLY I 9 -59.80 4.50 -27.90
N VAL I 10 -60.31 5.73 -27.81
CA VAL I 10 -60.35 6.50 -26.58
C VAL I 10 -61.78 7.03 -26.45
N TYR I 11 -62.10 7.50 -25.24
CA TYR I 11 -63.46 7.94 -24.93
C TYR I 11 -63.40 9.30 -24.28
N ILE I 12 -64.17 10.24 -24.81
CA ILE I 12 -64.09 11.64 -24.40
C ILE I 12 -65.41 12.06 -23.77
N GLU I 13 -65.96 11.14 -22.96
CA GLU I 13 -67.06 11.43 -22.04
C GLU I 13 -66.83 12.72 -21.25
N GLU I 14 -67.90 13.50 -21.08
CA GLU I 14 -67.83 14.74 -20.30
C GLU I 14 -68.74 14.61 -19.08
N LEU I 15 -68.15 14.56 -17.90
CA LEU I 15 -68.93 14.53 -16.67
C LEU I 15 -68.18 15.24 -15.56
N ASN I 16 -68.93 15.88 -14.68
CA ASN I 16 -68.38 16.56 -13.50
C ASN I 16 -68.37 15.58 -12.35
N SER I 17 -67.22 14.99 -12.07
CA SER I 17 -67.03 14.23 -10.85
C SER I 17 -65.74 14.67 -10.19
N LEU I 18 -65.79 14.80 -8.88
CA LEU I 18 -64.67 15.32 -8.10
C LEU I 18 -63.79 14.16 -7.66
N ALA I 19 -62.48 14.34 -7.76
CA ALA I 19 -61.53 13.31 -7.39
C ALA I 19 -60.52 13.90 -6.41
N LEU I 20 -60.27 13.17 -5.33
CA LEU I 20 -59.36 13.60 -4.28
C LEU I 20 -58.17 12.64 -4.23
N SER I 21 -57.00 13.20 -3.98
CA SER I 21 -55.77 12.40 -3.95
C SER I 21 -55.71 11.57 -2.68
N VAL I 22 -55.10 10.40 -2.78
CA VAL I 22 -55.08 9.44 -1.68
C VAL I 22 -53.88 9.72 -0.78
N SER I 23 -54.04 9.42 0.51
CA SER I 23 -52.98 9.54 1.49
C SER I 23 -52.99 8.29 2.36
N ASN I 24 -51.80 7.89 2.80
CA ASN I 24 -51.64 6.75 3.70
C ASN I 24 -51.18 7.28 5.06
N SER I 25 -51.97 7.03 6.09
CA SER I 25 -51.68 7.48 7.44
C SER I 25 -51.56 6.28 8.35
N ALA I 26 -50.40 6.12 8.98
CA ALA I 26 -50.18 4.98 9.85
C ALA I 26 -50.79 5.18 11.23
N THR I 27 -50.95 6.43 11.66
CA THR I 27 -51.25 6.72 13.07
C THR I 27 -52.71 7.05 13.33
N ALA I 28 -53.49 7.44 12.32
CA ALA I 28 -54.84 7.93 12.53
C ALA I 28 -55.80 7.19 11.61
N VAL I 29 -56.58 6.27 12.18
CA VAL I 29 -57.62 5.56 11.45
C VAL I 29 -58.96 5.85 12.11
N PRO I 30 -59.75 6.79 11.60
CA PRO I 30 -61.00 7.15 12.27
C PRO I 30 -62.11 6.15 12.00
N VAL I 31 -63.12 6.21 12.85
CA VAL I 31 -64.37 5.47 12.68
C VAL I 31 -65.49 6.48 12.72
N PHE I 32 -66.18 6.64 11.60
CA PHE I 32 -67.25 7.63 11.50
C PHE I 32 -68.55 7.01 11.99
N ALA I 33 -69.11 7.61 13.04
CA ALA I 33 -70.42 7.19 13.51
C ALA I 33 -71.48 7.61 12.49
N VAL I 34 -72.33 6.66 12.11
CA VAL I 34 -73.34 6.88 11.09
C VAL I 34 -74.70 6.71 11.74
N ASP I 35 -75.61 7.65 11.47
CA ASP I 35 -76.94 7.59 12.06
C ASP I 35 -77.75 6.45 11.46
N GLU I 36 -78.74 5.99 12.21
CA GLU I 36 -79.76 5.17 11.59
C GLU I 36 -80.66 6.06 10.73
N GLN I 37 -81.47 5.41 9.89
CA GLN I 37 -82.03 5.94 8.63
C GLN I 37 -80.92 6.26 7.63
N ASN I 38 -79.88 5.44 7.59
CA ASN I 38 -78.88 5.47 6.52
C ASN I 38 -78.98 4.13 5.78
N GLN I 39 -79.44 4.19 4.54
CA GLN I 39 -79.78 2.99 3.79
C GLN I 39 -78.58 2.31 3.13
N TYR I 40 -77.39 2.92 3.22
CA TYR I 40 -76.26 2.41 2.45
C TYR I 40 -75.40 1.42 3.23
N ILE I 41 -75.23 1.61 4.53
CA ILE I 41 -74.44 0.71 5.34
C ILE I 41 -75.38 -0.08 6.24
N SER I 42 -74.96 -1.31 6.55
CA SER I 42 -75.75 -2.20 7.39
C SER I 42 -75.27 -2.14 8.83
N GLU I 43 -76.11 -2.66 9.73
CA GLU I 43 -75.70 -2.80 11.12
C GLU I 43 -74.61 -3.86 11.26
N ASP I 44 -73.81 -3.69 12.31
CA ASP I 44 -72.92 -4.72 12.86
C ASP I 44 -71.84 -5.18 11.90
N ASN I 45 -71.43 -4.34 10.94
CA ASN I 45 -70.18 -4.56 10.25
C ASN I 45 -69.58 -3.21 9.84
N ALA I 46 -68.27 -3.11 9.98
CA ALA I 46 -67.54 -1.93 9.56
C ALA I 46 -67.20 -2.05 8.08
N ILE I 47 -67.40 -0.96 7.36
CA ILE I 47 -67.11 -0.92 5.93
C ILE I 47 -65.85 -0.07 5.77
N ARG I 48 -64.74 -0.71 5.42
CA ARG I 48 -63.50 0.03 5.24
C ARG I 48 -63.56 0.79 3.92
N ILE I 49 -63.35 2.09 4.00
CA ILE I 49 -63.37 2.99 2.85
C ILE I 49 -61.93 3.44 2.62
N ASN I 50 -61.31 2.92 1.57
CA ASN I 50 -59.88 3.17 1.36
C ASN I 50 -59.63 4.57 0.81
N SER I 51 -60.59 5.13 0.08
CA SER I 51 -60.37 6.40 -0.60
C SER I 51 -61.72 7.05 -0.86
N TRP I 52 -61.68 8.29 -1.36
CA TRP I 52 -62.90 9.00 -1.69
C TRP I 52 -63.60 8.36 -2.88
N MET I 53 -62.82 7.80 -3.81
CA MET I 53 -63.39 7.06 -4.93
C MET I 53 -64.06 5.77 -4.45
N ASP I 54 -63.47 5.14 -3.43
CA ASP I 54 -64.08 3.96 -2.81
C ASP I 54 -65.43 4.31 -2.17
N TYR I 55 -65.50 5.46 -1.52
CA TYR I 55 -66.76 5.92 -0.95
C TYR I 55 -67.76 6.29 -2.03
N LEU I 56 -67.28 6.85 -3.13
CA LEU I 56 -68.14 7.29 -4.22
C LEU I 56 -68.63 6.13 -5.08
N ASN I 57 -68.14 4.92 -4.86
CA ASN I 57 -68.72 3.74 -5.47
C ASN I 57 -69.84 3.15 -4.61
N LEU I 58 -69.75 3.34 -3.28
CA LEU I 58 -70.75 2.78 -2.39
C LEU I 58 -72.08 3.52 -2.50
N ILE I 59 -72.02 4.86 -2.52
CA ILE I 59 -73.19 5.69 -2.78
C ILE I 59 -73.14 6.15 -4.23
N GLY I 60 -74.31 6.30 -4.84
CA GLY I 60 -74.34 6.64 -6.25
C GLY I 60 -73.95 8.08 -6.52
N ASN I 61 -74.65 9.01 -5.90
CA ASN I 61 -74.41 10.43 -6.08
C ASN I 61 -73.88 11.05 -4.79
N PHE I 62 -73.06 12.08 -4.94
CA PHE I 62 -72.76 12.94 -3.81
C PHE I 62 -74.00 13.74 -3.46
N ASN I 63 -74.40 13.68 -2.20
CA ASN I 63 -75.62 14.33 -1.72
C ASN I 63 -75.24 15.51 -0.83
N ASN I 64 -75.75 16.69 -1.16
CA ASN I 64 -75.47 17.87 -0.35
C ASN I 64 -76.22 17.82 0.99
N GLU I 65 -77.35 17.12 1.03
CA GLU I 65 -78.19 17.14 2.22
C GLU I 65 -77.72 16.17 3.30
N ASP I 66 -76.94 15.16 2.92
CA ASP I 66 -76.51 14.16 3.89
C ASP I 66 -75.46 14.72 4.83
N LYS I 67 -75.62 14.44 6.12
CA LYS I 67 -74.58 14.79 7.09
C LYS I 67 -73.36 13.91 6.93
N LEU I 68 -73.54 12.66 6.49
CA LEU I 68 -72.42 11.76 6.32
C LEU I 68 -71.61 12.10 5.08
N ASP I 69 -72.28 12.51 4.01
CA ASP I 69 -71.60 12.78 2.73
C ASP I 69 -70.66 13.97 2.84
N VAL I 70 -71.14 15.09 3.37
CA VAL I 70 -70.33 16.30 3.45
C VAL I 70 -69.23 16.17 4.50
N SER I 71 -69.39 15.25 5.45
CA SER I 71 -68.37 15.03 6.46
C SER I 71 -67.25 14.15 5.94
N VAL I 72 -67.56 13.20 5.05
CA VAL I 72 -66.54 12.32 4.50
C VAL I 72 -65.73 13.05 3.43
N ARG I 73 -66.38 13.90 2.64
CA ARG I 73 -65.66 14.66 1.61
C ARG I 73 -64.72 15.68 2.25
N ALA I 74 -65.15 16.31 3.34
CA ALA I 74 -64.27 17.23 4.07
C ALA I 74 -63.14 16.48 4.76
N TYR I 75 -63.34 15.20 5.07
CA TYR I 75 -62.29 14.41 5.69
C TYR I 75 -61.19 14.05 4.69
N PHE I 76 -61.58 13.67 3.47
CA PHE I 76 -60.60 13.28 2.46
C PHE I 76 -59.93 14.47 1.79
N ALA I 77 -60.58 15.64 1.80
CA ALA I 77 -59.96 16.83 1.23
C ALA I 77 -58.84 17.35 2.11
N ASN I 78 -58.91 17.10 3.41
CA ASN I 78 -57.87 17.56 4.32
C ASN I 78 -56.70 16.62 4.43
N GLY I 79 -56.83 15.39 3.92
CA GLY I 79 -55.70 14.49 3.88
C GLY I 79 -55.86 13.24 4.72
N GLY I 80 -57.09 12.76 4.85
CA GLY I 80 -57.31 11.57 5.64
C GLY I 80 -57.05 10.29 4.86
N GLY I 81 -56.60 9.28 5.59
CA GLY I 81 -56.38 7.96 5.01
C GLY I 81 -57.65 7.15 4.98
N TYR I 82 -57.48 5.83 5.06
CA TYR I 82 -58.63 4.95 5.04
C TYR I 82 -59.36 4.98 6.38
N CYS I 83 -60.67 4.86 6.33
CA CYS I 83 -61.51 4.95 7.52
C CYS I 83 -62.56 3.85 7.48
N TYR I 84 -63.22 3.65 8.61
CA TYR I 84 -64.31 2.70 8.74
C TYR I 84 -65.62 3.45 8.94
N LEU I 85 -66.71 2.80 8.54
CA LEU I 85 -68.05 3.35 8.69
C LEU I 85 -68.89 2.37 9.49
N VAL I 86 -69.11 2.68 10.76
CA VAL I 86 -69.89 1.84 11.67
C VAL I 86 -71.15 2.60 12.06
N LYS I 87 -72.29 1.92 12.02
CA LYS I 87 -73.53 2.53 12.47
C LYS I 87 -73.51 2.72 13.98
N THR I 88 -74.24 3.74 14.44
CA THR I 88 -74.03 4.26 15.79
C THR I 88 -74.65 3.40 16.89
N THR I 89 -75.63 2.55 16.56
CA THR I 89 -76.24 1.72 17.60
C THR I 89 -75.51 0.41 17.80
N SER I 90 -74.89 -0.13 16.74
CA SER I 90 -73.99 -1.26 16.84
C SER I 90 -72.54 -0.83 16.96
N LEU I 91 -72.29 0.41 17.39
CA LEU I 91 -70.94 0.97 17.37
C LEU I 91 -70.08 0.39 18.47
N GLU I 92 -70.68 0.01 19.60
CA GLU I 92 -69.92 -0.50 20.74
C GLU I 92 -69.49 -1.95 20.57
N LYS I 93 -69.91 -2.63 19.50
CA LYS I 93 -69.53 -4.00 19.25
C LYS I 93 -68.41 -4.16 18.22
N ILE I 94 -68.28 -3.19 17.31
CA ILE I 94 -67.38 -3.36 16.17
C ILE I 94 -66.01 -2.74 16.44
N ILE I 95 -65.97 -1.62 17.17
CA ILE I 95 -64.69 -1.00 17.52
C ILE I 95 -63.78 -1.90 18.34
N PRO I 96 -64.25 -2.72 19.29
CA PRO I 96 -63.32 -3.71 19.86
C PRO I 96 -62.86 -4.80 18.88
N THR I 97 -63.62 -5.09 17.82
CA THR I 97 -63.17 -6.10 16.86
C THR I 97 -62.01 -5.57 16.01
N LEU I 98 -62.12 -4.33 15.53
CA LEU I 98 -61.12 -3.75 14.65
C LEU I 98 -59.88 -3.39 15.46
N ASP I 99 -58.72 -3.86 15.02
CA ASP I 99 -57.50 -3.72 15.81
C ASP I 99 -56.94 -2.31 15.70
N ASP I 100 -56.67 -1.83 14.50
CA ASP I 100 -55.84 -0.64 14.32
C ASP I 100 -56.61 0.67 14.36
N VAL I 101 -57.85 0.65 14.86
CA VAL I 101 -58.62 1.89 14.99
C VAL I 101 -58.07 2.73 16.12
N THR I 102 -57.76 3.99 15.82
CA THR I 102 -57.26 4.93 16.83
C THR I 102 -58.24 6.05 17.14
N LEU I 103 -58.79 6.71 16.13
CA LEU I 103 -59.74 7.79 16.34
C LEU I 103 -61.16 7.26 16.38
N LEU I 104 -62.03 7.98 17.09
CA LEU I 104 -63.46 7.75 17.07
C LEU I 104 -64.13 9.10 16.80
N VAL I 105 -64.76 9.22 15.63
CA VAL I 105 -65.24 10.49 15.14
C VAL I 105 -66.76 10.45 15.09
N ALA I 106 -67.40 11.39 15.78
CA ALA I 106 -68.84 11.61 15.64
C ALA I 106 -69.07 12.63 14.55
N ALA I 107 -69.65 12.20 13.44
CA ALA I 107 -70.01 13.13 12.36
C ALA I 107 -71.45 13.59 12.62
N GLY I 108 -71.58 14.46 13.62
CA GLY I 108 -72.89 14.96 14.02
C GLY I 108 -73.76 13.92 14.67
N GLU I 109 -73.20 13.14 15.59
CA GLU I 109 -73.92 12.04 16.22
C GLU I 109 -73.70 12.09 17.72
N ASP I 110 -74.65 11.51 18.46
CA ASP I 110 -74.57 11.43 19.91
C ASP I 110 -73.84 10.14 20.26
N ILE I 111 -72.52 10.24 20.48
CA ILE I 111 -71.73 9.10 20.89
C ILE I 111 -71.32 9.20 22.35
N LYS I 112 -71.97 10.09 23.12
CA LYS I 112 -71.61 10.30 24.52
C LYS I 112 -71.91 9.08 25.39
N THR I 113 -72.84 8.22 24.96
CA THR I 113 -73.08 6.98 25.69
C THR I 113 -71.95 5.98 25.43
N THR I 114 -71.54 5.83 24.17
CA THR I 114 -70.53 4.84 23.83
C THR I 114 -69.12 5.27 24.21
N VAL I 115 -68.85 6.57 24.27
CA VAL I 115 -67.50 7.03 24.63
C VAL I 115 -67.19 6.75 26.10
N ASP I 116 -68.19 6.80 26.98
CA ASP I 116 -67.96 6.51 28.39
C ASP I 116 -67.64 5.03 28.61
N VAL I 117 -68.18 4.15 27.78
CA VAL I 117 -68.03 2.72 28.04
C VAL I 117 -66.85 2.09 27.29
N LEU I 118 -66.31 2.75 26.26
CA LEU I 118 -65.19 2.16 25.54
C LEU I 118 -63.88 2.94 25.67
N CYS I 119 -63.92 4.23 26.03
CA CYS I 119 -62.68 4.97 26.24
C CYS I 119 -62.21 4.73 27.66
N GLN I 120 -61.22 3.86 27.81
CA GLN I 120 -60.62 3.45 29.06
C GLN I 120 -59.14 3.83 29.04
N PRO I 121 -58.47 3.85 30.20
CA PRO I 121 -57.03 4.12 30.20
C PRO I 121 -56.19 3.08 29.48
N GLY I 122 -56.66 1.84 29.39
CA GLY I 122 -55.92 0.81 28.72
C GLY I 122 -56.04 0.85 27.20
N LYS I 123 -57.25 1.06 26.71
CA LYS I 123 -57.50 1.03 25.28
C LYS I 123 -57.00 2.31 24.61
N GLY I 124 -56.57 2.17 23.37
CA GLY I 124 -55.92 3.26 22.66
C GLY I 124 -56.83 4.20 21.90
N LEU I 125 -58.09 4.28 22.26
CA LEU I 125 -59.06 5.07 21.50
C LEU I 125 -59.07 6.52 21.96
N PHE I 126 -58.90 7.44 21.01
CA PHE I 126 -59.12 8.87 21.21
C PHE I 126 -60.39 9.25 20.47
N ALA I 127 -61.17 10.15 21.05
CA ALA I 127 -62.52 10.42 20.54
C ALA I 127 -62.75 11.91 20.36
N VAL I 128 -62.60 12.40 19.14
CA VAL I 128 -62.90 13.79 18.83
C VAL I 128 -64.37 13.88 18.40
N PHE I 129 -65.13 14.77 19.03
CA PHE I 129 -66.49 15.03 18.56
C PHE I 129 -66.75 16.53 18.59
N ASP I 130 -68.00 16.89 18.30
CA ASP I 130 -68.38 18.25 17.91
C ASP I 130 -68.68 19.12 19.11
N GLY I 131 -68.68 20.42 18.86
CA GLY I 131 -69.27 21.37 19.79
C GLY I 131 -70.75 21.48 19.51
N PRO I 132 -71.46 22.30 20.28
CA PRO I 132 -72.88 22.49 20.03
C PRO I 132 -73.12 23.28 18.77
N GLU I 133 -74.16 22.89 18.03
CA GLU I 133 -74.46 23.52 16.74
C GLU I 133 -74.96 24.96 16.91
N THR I 134 -75.54 25.28 18.05
CA THR I 134 -76.06 26.63 18.26
C THR I 134 -74.93 27.59 18.54
N GLU I 135 -75.14 28.86 18.17
CA GLU I 135 -74.21 29.92 18.48
C GLU I 135 -74.27 30.22 19.98
N LEU I 136 -73.21 29.91 20.71
CA LEU I 136 -73.23 30.00 22.16
C LEU I 136 -72.78 31.39 22.63
N THR I 137 -72.60 31.53 23.94
CA THR I 137 -72.36 32.81 24.57
C THR I 137 -71.14 32.73 25.47
N ILE I 138 -70.60 33.91 25.77
CA ILE I 138 -69.66 34.08 26.88
C ILE I 138 -70.43 34.11 28.20
N ASN I 139 -71.74 34.31 28.14
CA ASN I 139 -72.60 34.52 29.30
C ASN I 139 -73.08 33.21 29.92
N GLY I 140 -73.65 32.32 29.11
CA GLY I 140 -74.08 31.03 29.60
C GLY I 140 -73.05 29.95 29.30
N ALA I 141 -71.77 30.28 29.51
CA ALA I 141 -70.68 29.49 28.96
C ALA I 141 -70.35 28.25 29.80
N GLU I 142 -70.51 28.32 31.11
CA GLU I 142 -70.16 27.15 31.93
C GLU I 142 -71.24 26.09 31.92
N GLU I 143 -72.41 26.37 31.34
CA GLU I 143 -73.43 25.34 31.16
C GLU I 143 -73.17 24.51 29.91
N ALA I 144 -72.52 25.08 28.90
CA ALA I 144 -72.19 24.32 27.70
C ALA I 144 -71.05 23.35 27.92
N LYS I 145 -70.12 23.68 28.83
CA LYS I 145 -69.08 22.73 29.21
C LYS I 145 -69.63 21.63 30.10
N GLN I 146 -70.80 21.84 30.71
CA GLN I 146 -71.41 20.82 31.55
C GLN I 146 -71.97 19.66 30.74
N ALA I 147 -72.28 19.89 29.46
CA ALA I 147 -72.89 18.86 28.65
C ALA I 147 -71.91 17.76 28.28
N TYR I 148 -70.61 18.06 28.30
CA TYR I 148 -69.60 17.10 27.89
C TYR I 148 -68.93 16.46 29.10
N THR I 149 -68.51 15.21 28.92
CA THR I 149 -67.84 14.45 29.96
C THR I 149 -66.42 14.98 30.16
N ALA I 150 -65.83 14.67 31.32
CA ALA I 150 -64.49 15.14 31.67
C ALA I 150 -63.42 14.08 31.41
N THR I 151 -63.56 13.31 30.34
CA THR I 151 -62.57 12.28 30.05
C THR I 151 -61.35 12.89 29.35
N PRO I 152 -60.16 12.37 29.61
CA PRO I 152 -58.95 12.92 28.97
C PRO I 152 -58.77 12.51 27.53
N PHE I 153 -59.56 11.57 27.03
CA PHE I 153 -59.39 11.04 25.68
C PHE I 153 -60.21 11.78 24.64
N ALA I 154 -60.88 12.86 25.02
CA ALA I 154 -61.79 13.53 24.13
C ALA I 154 -61.41 14.98 23.94
N ALA I 155 -61.62 15.47 22.73
CA ALA I 155 -61.44 16.87 22.38
C ALA I 155 -62.69 17.35 21.67
N VAL I 156 -63.08 18.59 21.95
CA VAL I 156 -64.29 19.18 21.41
C VAL I 156 -63.90 20.40 20.61
N TYR I 157 -64.30 20.42 19.33
CA TYR I 157 -64.02 21.54 18.44
C TYR I 157 -65.35 22.23 18.14
N TYR I 158 -65.44 23.53 18.44
CA TYR I 158 -66.76 24.14 18.52
C TYR I 158 -67.45 24.38 17.18
N PRO I 159 -66.98 25.26 16.28
CA PRO I 159 -67.90 25.78 15.26
C PRO I 159 -68.09 24.78 14.12
N TRP I 160 -69.35 24.48 13.82
CA TRP I 160 -69.69 23.63 12.69
C TRP I 160 -69.32 24.35 11.41
N LEU I 161 -68.39 23.79 10.65
CA LEU I 161 -67.89 24.47 9.47
C LEU I 161 -68.92 24.45 8.35
N LYS I 162 -68.82 25.43 7.45
CA LYS I 162 -69.70 25.51 6.30
C LYS I 162 -68.85 25.62 5.04
N ALA I 163 -69.42 25.18 3.93
CA ALA I 163 -68.72 25.15 2.66
C ALA I 163 -69.70 25.55 1.55
N ASP I 164 -69.14 25.94 0.41
CA ASP I 164 -69.98 26.34 -0.71
C ASP I 164 -70.57 25.13 -1.43
N TRP I 165 -69.87 23.99 -1.40
CA TRP I 165 -70.42 22.79 -2.03
C TRP I 165 -71.44 22.11 -1.13
N ALA I 166 -71.26 22.18 0.18
CA ALA I 166 -72.19 21.56 1.11
C ALA I 166 -73.38 22.48 1.35
N ASN I 167 -74.59 21.91 1.28
CA ASN I 167 -75.78 22.68 1.56
C ASN I 167 -75.94 22.91 3.07
N ILE I 168 -75.80 21.84 3.84
CA ILE I 168 -75.87 21.89 5.30
C ILE I 168 -74.50 22.18 5.88
N ASP I 169 -74.46 22.48 7.17
CA ASP I 169 -73.20 22.73 7.86
C ASP I 169 -72.50 21.43 8.20
N ILE I 170 -71.18 21.43 8.06
CA ILE I 170 -70.35 20.25 8.25
C ILE I 170 -69.98 20.12 9.72
N PRO I 171 -70.08 18.94 10.32
CA PRO I 171 -69.59 18.74 11.68
C PRO I 171 -68.08 18.90 11.73
N PRO I 172 -67.57 19.64 12.72
CA PRO I 172 -66.14 19.98 12.72
C PRO I 172 -65.23 18.83 13.11
N SER I 173 -65.75 17.76 13.70
CA SER I 173 -64.91 16.62 14.06
C SER I 173 -64.46 15.81 12.86
N ALA I 174 -65.22 15.85 11.77
CA ALA I 174 -64.85 15.07 10.59
C ALA I 174 -63.70 15.72 9.84
N VAL I 175 -63.58 17.05 9.89
CA VAL I 175 -62.43 17.68 9.29
C VAL I 175 -61.21 17.57 10.19
N MET I 176 -61.39 17.29 11.48
CA MET I 176 -60.27 17.19 12.40
C MET I 176 -59.67 15.81 12.46
N ALA I 177 -60.39 14.79 11.97
CA ALA I 177 -59.76 13.50 11.76
C ALA I 177 -58.74 13.56 10.64
N GLY I 178 -59.01 14.39 9.63
CA GLY I 178 -58.05 14.59 8.56
C GLY I 178 -56.92 15.52 8.93
N VAL I 179 -57.18 16.49 9.81
CA VAL I 179 -56.13 17.38 10.29
C VAL I 179 -55.18 16.62 11.21
N TYR I 180 -55.71 15.68 12.00
CA TYR I 180 -54.86 14.81 12.81
C TYR I 180 -53.95 13.95 11.95
N ALA I 181 -54.47 13.43 10.84
CA ALA I 181 -53.64 12.61 9.95
C ALA I 181 -52.65 13.46 9.17
N SER I 182 -53.00 14.72 8.89
CA SER I 182 -52.13 15.58 8.11
C SER I 182 -50.99 16.15 8.95
N VAL I 183 -51.26 16.40 10.24
CA VAL I 183 -50.23 16.91 11.14
C VAL I 183 -49.19 15.84 11.43
N ASP I 184 -49.65 14.62 11.74
CA ASP I 184 -48.75 13.55 12.15
C ASP I 184 -47.90 13.04 11.02
N LEU I 185 -48.35 13.20 9.78
CA LEU I 185 -47.53 12.79 8.64
C LEU I 185 -46.46 13.82 8.33
N SER I 186 -46.77 15.11 8.44
CA SER I 186 -45.81 16.14 8.09
C SER I 186 -44.86 16.48 9.22
N ARG I 187 -45.31 16.44 10.47
CA ARG I 187 -44.45 16.84 11.58
C ARG I 187 -44.42 15.87 12.75
N GLY I 188 -45.37 14.94 12.87
CA GLY I 188 -45.30 13.96 13.93
C GLY I 188 -46.49 14.00 14.88
N VAL I 189 -46.71 12.92 15.62
CA VAL I 189 -47.83 12.84 16.56
C VAL I 189 -47.61 13.78 17.74
N TRP I 190 -46.35 14.02 18.10
CA TRP I 190 -46.02 14.87 19.23
C TRP I 190 -46.31 16.34 18.96
N LYS I 191 -46.40 16.75 17.71
CA LYS I 191 -46.79 18.11 17.37
C LYS I 191 -48.31 18.26 17.52
N ALA I 192 -48.72 19.37 18.15
CA ALA I 192 -50.12 19.67 18.31
C ALA I 192 -50.78 19.95 16.97
N PRO I 193 -52.06 19.60 16.79
CA PRO I 193 -52.75 19.87 15.53
C PRO I 193 -53.24 21.30 15.35
N ALA I 194 -52.86 22.23 16.23
CA ALA I 194 -53.36 23.57 16.09
C ALA I 194 -52.49 24.38 15.13
N ASN I 195 -52.95 25.61 14.87
CA ASN I 195 -52.55 26.54 13.78
C ASN I 195 -52.18 25.83 12.47
N VAL I 196 -53.09 24.94 12.04
CA VAL I 196 -53.00 24.28 10.74
C VAL I 196 -54.22 24.70 9.93
N ALA I 197 -53.99 25.17 8.71
CA ALA I 197 -55.07 25.61 7.85
C ALA I 197 -55.81 24.41 7.27
N LEU I 198 -57.11 24.62 7.01
CA LEU I 198 -57.96 23.57 6.48
C LEU I 198 -57.91 23.62 4.95
N LYS I 199 -57.55 22.48 4.34
CA LYS I 199 -57.27 22.47 2.90
C LYS I 199 -58.54 22.56 2.08
N GLY I 200 -59.64 22.01 2.59
CA GLY I 200 -60.90 22.12 1.88
C GLY I 200 -61.46 23.52 1.93
N GLY I 201 -62.48 23.77 1.12
CA GLY I 201 -63.11 25.07 1.09
C GLY I 201 -64.00 25.32 2.30
N LEU I 202 -63.39 25.46 3.47
CA LEU I 202 -64.11 25.56 4.73
C LEU I 202 -63.94 26.95 5.32
N GLU I 203 -64.92 27.35 6.13
CA GLU I 203 -64.85 28.55 6.95
C GLU I 203 -65.89 28.40 8.05
N PRO I 204 -65.63 28.96 9.24
CA PRO I 204 -66.54 28.72 10.37
C PRO I 204 -67.89 29.38 10.18
N LYS I 205 -68.92 28.76 10.74
CA LYS I 205 -70.27 29.31 10.67
C LYS I 205 -70.40 30.54 11.55
N PHE I 206 -69.74 30.54 12.71
CA PHE I 206 -69.80 31.62 13.67
C PHE I 206 -68.39 32.14 13.93
N LEU I 207 -68.17 33.41 13.67
CA LEU I 207 -66.92 34.04 14.04
C LEU I 207 -66.84 34.18 15.56
N VAL I 208 -65.69 33.83 16.12
CA VAL I 208 -65.54 33.68 17.56
C VAL I 208 -64.60 34.76 18.07
N THR I 209 -65.08 35.56 19.02
CA THR I 209 -64.24 36.57 19.66
C THR I 209 -63.20 35.92 20.55
N ASP I 210 -62.11 36.64 20.81
CA ASP I 210 -61.06 36.13 21.68
C ASP I 210 -61.51 36.05 23.13
N GLU I 211 -62.42 36.94 23.54
CA GLU I 211 -62.90 36.91 24.92
C GLU I 211 -63.81 35.72 25.17
N LEU I 212 -64.52 35.25 24.15
CA LEU I 212 -65.35 34.06 24.30
C LEU I 212 -64.51 32.81 24.41
N GLN I 213 -63.42 32.73 23.64
CA GLN I 213 -62.54 31.57 23.69
C GLN I 213 -61.80 31.46 25.03
N GLY I 214 -61.64 32.56 25.75
CA GLY I 214 -61.04 32.49 27.06
C GLY I 214 -61.93 31.82 28.09
N GLU I 215 -63.25 31.90 27.92
CA GLU I 215 -64.16 31.21 28.81
C GLU I 215 -64.05 29.70 28.65
N TYR I 216 -64.07 29.23 27.41
CA TYR I 216 -64.22 27.81 27.15
C TYR I 216 -62.91 27.05 27.23
N ASN I 217 -61.78 27.73 27.18
CA ASN I 217 -60.50 27.05 27.15
C ASN I 217 -60.06 26.51 28.51
N THR I 218 -60.70 26.96 29.59
CA THR I 218 -60.15 26.71 30.92
C THR I 218 -60.53 25.33 31.47
N GLY I 219 -61.81 25.09 31.73
CA GLY I 219 -62.18 23.95 32.55
C GLY I 219 -62.39 22.61 31.86
N ARG I 220 -63.37 22.54 30.97
CA ARG I 220 -63.61 21.37 30.14
C ARG I 220 -63.46 21.88 28.72
N ALA I 221 -62.23 21.87 28.23
CA ALA I 221 -61.83 22.79 27.18
C ALA I 221 -62.42 22.43 25.83
N ILE I 222 -62.97 23.45 25.18
CA ILE I 222 -63.52 23.34 23.84
C ILE I 222 -62.57 24.09 22.92
N ASN I 223 -61.84 23.35 22.10
CA ASN I 223 -60.98 23.96 21.10
C ASN I 223 -61.85 24.63 20.03
N MET I 224 -61.29 25.62 19.36
CA MET I 224 -62.11 26.42 18.47
C MET I 224 -61.40 26.66 17.15
N ILE I 225 -62.18 26.66 16.07
CA ILE I 225 -61.69 26.85 14.72
C ILE I 225 -62.11 28.25 14.31
N ARG I 226 -61.16 29.18 14.17
CA ARG I 226 -61.54 30.54 13.87
C ARG I 226 -60.65 31.12 12.77
N ASN I 227 -61.18 32.13 12.10
CA ASN I 227 -60.60 32.65 10.88
C ASN I 227 -59.60 33.76 11.18
N PHE I 228 -58.44 33.67 10.55
CA PHE I 228 -57.40 34.69 10.59
C PHE I 228 -57.21 35.22 9.18
N SER I 229 -56.96 36.52 9.05
CA SER I 229 -56.96 37.12 7.71
C SER I 229 -55.73 36.73 6.91
N ASN I 230 -54.63 36.41 7.58
CA ASN I 230 -53.43 35.98 6.88
C ASN I 230 -53.36 34.47 6.70
N THR I 231 -53.98 33.72 7.60
CA THR I 231 -53.92 32.26 7.56
C THR I 231 -55.16 31.62 6.94
N GLY I 232 -56.26 32.37 6.82
CA GLY I 232 -57.51 31.74 6.44
C GLY I 232 -58.18 31.17 7.67
N THR I 233 -58.92 30.07 7.48
CA THR I 233 -59.46 29.36 8.62
C THR I 233 -58.40 28.42 9.17
N THR I 234 -58.42 28.24 10.48
CA THR I 234 -57.36 27.47 11.14
C THR I 234 -57.86 26.95 12.47
N VAL I 235 -57.23 25.89 12.94
CA VAL I 235 -57.55 25.29 14.23
C VAL I 235 -56.75 26.01 15.30
N TRP I 236 -57.38 26.25 16.46
CA TRP I 236 -56.77 27.11 17.45
C TRP I 236 -56.85 26.52 18.85
N GLY I 237 -56.72 25.21 18.98
CA GLY I 237 -56.77 24.59 20.28
C GLY I 237 -56.14 23.22 20.24
N ALA I 238 -55.53 22.84 21.37
CA ALA I 238 -54.93 21.53 21.51
C ALA I 238 -55.31 20.86 22.82
N ARG I 239 -56.30 21.37 23.52
CA ARG I 239 -56.60 20.92 24.87
C ARG I 239 -57.68 19.83 24.86
N THR I 240 -57.55 18.86 25.76
CA THR I 240 -58.54 17.81 25.94
C THR I 240 -59.65 18.29 26.86
N LEU I 241 -60.54 17.39 27.26
CA LEU I 241 -61.57 17.71 28.22
C LEU I 241 -61.12 17.53 29.67
N GLU I 242 -59.92 17.00 29.89
CA GLU I 242 -59.38 16.91 31.24
C GLU I 242 -58.58 18.16 31.58
N ASP I 243 -58.88 18.74 32.74
CA ASP I 243 -58.19 19.95 33.18
C ASP I 243 -56.93 19.66 33.97
N LYS I 244 -56.69 18.40 34.35
CA LYS I 244 -55.50 18.04 35.11
C LYS I 244 -54.24 18.29 34.30
N ASP I 245 -53.15 18.60 35.00
CA ASP I 245 -51.92 19.01 34.34
C ASP I 245 -51.19 17.85 33.66
N ASN I 246 -51.62 16.61 33.91
CA ASN I 246 -51.00 15.46 33.26
C ASN I 246 -51.44 15.31 31.81
N TRP I 247 -52.75 15.37 31.58
CA TRP I 247 -53.32 15.08 30.26
C TRP I 247 -54.06 16.29 29.72
N ARG I 248 -53.45 17.47 29.80
CA ARG I 248 -54.16 18.68 29.42
C ARG I 248 -54.25 18.83 27.90
N TYR I 249 -53.22 18.40 27.17
CA TYR I 249 -53.10 18.68 25.75
C TYR I 249 -53.31 17.41 24.92
N VAL I 250 -53.97 17.55 23.77
CA VAL I 250 -54.11 16.43 22.84
C VAL I 250 -52.80 15.95 22.18
N PRO I 251 -51.70 16.72 22.03
CA PRO I 251 -50.48 16.03 21.57
C PRO I 251 -49.86 15.11 22.60
N VAL I 252 -50.06 15.37 23.89
CA VAL I 252 -49.48 14.48 24.91
C VAL I 252 -50.32 13.23 25.06
N ARG I 253 -51.65 13.35 24.96
CA ARG I 253 -52.52 12.19 25.08
C ARG I 253 -52.41 11.30 23.85
N ARG I 254 -52.31 11.89 22.66
CA ARG I 254 -52.17 11.10 21.45
C ARG I 254 -50.78 10.53 21.26
N LEU I 255 -49.76 11.11 21.88
CA LEU I 255 -48.44 10.49 21.87
C LEU I 255 -48.44 9.22 22.70
N PHE I 256 -49.01 9.28 23.89
CA PHE I 256 -49.06 8.11 24.77
C PHE I 256 -49.96 7.01 24.20
N ASN I 257 -51.01 7.38 23.47
CA ASN I 257 -51.82 6.38 22.79
C ASN I 257 -51.05 5.73 21.67
N SER I 258 -50.19 6.49 20.98
CA SER I 258 -49.45 5.96 19.85
C SER I 258 -48.26 5.11 20.29
N VAL I 259 -47.58 5.53 21.35
CA VAL I 259 -46.41 4.81 21.84
C VAL I 259 -46.81 3.45 22.36
N GLU I 260 -47.91 3.39 23.12
CA GLU I 260 -48.30 2.13 23.74
C GLU I 260 -48.90 1.17 22.73
N ARG I 261 -49.36 1.68 21.59
CA ARG I 261 -49.79 0.80 20.50
C ARG I 261 -48.58 0.19 19.78
N ASP I 262 -47.50 0.97 19.64
CA ASP I 262 -46.30 0.42 19.02
C ASP I 262 -45.59 -0.55 19.95
N ILE I 263 -45.67 -0.31 21.26
CA ILE I 263 -45.09 -1.24 22.22
C ILE I 263 -45.94 -2.50 22.32
N LYS I 264 -47.24 -2.38 22.05
CA LYS I 264 -48.13 -3.54 21.93
C LYS I 264 -47.66 -4.49 20.84
N ARG I 265 -47.18 -3.96 19.73
CA ARG I 265 -46.75 -4.81 18.63
C ARG I 265 -45.42 -5.49 18.92
N ALA I 266 -44.54 -4.80 19.66
CA ALA I 266 -43.27 -5.44 20.04
C ALA I 266 -43.49 -6.47 21.14
N MET I 267 -44.53 -6.31 21.94
CA MET I 267 -44.76 -7.36 22.92
C MET I 267 -45.61 -8.47 22.37
N SER I 268 -46.02 -8.37 21.10
CA SER I 268 -46.77 -9.45 20.50
C SER I 268 -45.87 -10.66 20.23
N PHE I 269 -44.58 -10.44 19.95
CA PHE I 269 -43.73 -11.60 19.66
C PHE I 269 -43.35 -12.33 20.94
N ALA I 270 -43.40 -11.62 22.08
CA ALA I 270 -43.07 -12.26 23.35
C ALA I 270 -44.21 -13.11 23.88
N MET I 271 -45.37 -13.06 23.25
CA MET I 271 -46.51 -13.86 23.66
C MET I 271 -46.20 -15.35 23.53
N PHE I 272 -46.53 -16.09 24.58
CA PHE I 272 -46.44 -17.55 24.67
C PHE I 272 -45.02 -18.06 24.50
N GLU I 273 -44.04 -17.23 24.78
CA GLU I 273 -42.64 -17.60 24.94
C GLU I 273 -42.41 -18.04 26.37
N PRO I 274 -41.31 -18.75 26.66
CA PRO I 274 -41.05 -19.13 28.06
C PRO I 274 -40.79 -17.92 28.94
N ASN I 275 -41.38 -17.95 30.13
CA ASN I 275 -41.32 -16.84 31.07
C ASN I 275 -40.07 -17.00 31.92
N ASN I 276 -38.94 -16.57 31.40
CA ASN I 276 -37.68 -16.61 32.13
C ASN I 276 -36.92 -15.33 31.80
N GLN I 277 -35.67 -15.26 32.25
CA GLN I 277 -34.86 -14.07 32.02
C GLN I 277 -34.44 -13.83 30.55
N PRO I 278 -34.11 -14.83 29.72
CA PRO I 278 -33.78 -14.49 28.32
C PRO I 278 -34.93 -13.92 27.51
N THR I 279 -36.18 -14.11 27.94
CA THR I 279 -37.28 -13.41 27.30
C THR I 279 -37.34 -11.95 27.75
N TRP I 280 -37.16 -11.70 29.05
CA TRP I 280 -37.29 -10.35 29.60
C TRP I 280 -36.22 -9.40 29.09
N GLU I 281 -35.02 -9.92 28.80
CA GLU I 281 -33.99 -9.06 28.24
C GLU I 281 -34.15 -8.88 26.75
N ARG I 282 -35.07 -9.61 26.12
CA ARG I 282 -35.46 -9.35 24.75
C ARG I 282 -36.66 -8.45 24.67
N VAL I 283 -37.53 -8.50 25.68
CA VAL I 283 -38.65 -7.56 25.77
C VAL I 283 -38.14 -6.16 26.07
N ARG I 284 -37.15 -6.05 26.97
CA ARG I 284 -36.61 -4.75 27.32
C ARG I 284 -35.80 -4.16 26.18
N ALA I 285 -35.07 -5.00 25.45
CA ALA I 285 -34.26 -4.51 24.34
C ALA I 285 -35.14 -4.05 23.18
N ALA I 286 -36.31 -4.67 22.99
CA ALA I 286 -37.18 -4.28 21.90
C ALA I 286 -37.86 -2.95 22.19
N ILE I 287 -38.19 -2.69 23.46
CA ILE I 287 -38.78 -1.41 23.81
C ILE I 287 -37.73 -0.30 23.81
N SER I 288 -36.51 -0.63 24.26
CA SER I 288 -35.46 0.39 24.37
C SER I 288 -34.99 0.86 23.01
N ASN I 289 -35.07 0.01 21.99
CA ASN I 289 -34.78 0.45 20.64
C ASN I 289 -35.84 1.42 20.14
N TYR I 290 -37.10 1.13 20.45
CA TYR I 290 -38.20 1.93 19.92
C TYR I 290 -38.25 3.32 20.56
N LEU I 291 -38.06 3.39 21.87
CA LEU I 291 -38.11 4.68 22.54
C LEU I 291 -36.87 5.51 22.25
N TYR I 292 -35.75 4.88 21.91
CA TYR I 292 -34.57 5.63 21.54
C TYR I 292 -34.74 6.29 20.18
N SER I 293 -35.23 5.55 19.21
CA SER I 293 -35.44 6.11 17.88
C SER I 293 -36.58 7.11 17.85
N LEU I 294 -37.51 7.02 18.79
CA LEU I 294 -38.53 8.04 18.94
C LEU I 294 -37.95 9.30 19.59
N TRP I 295 -37.04 9.13 20.55
CA TRP I 295 -36.35 10.27 21.15
C TRP I 295 -35.45 10.97 20.15
N GLN I 296 -34.84 10.21 19.23
CA GLN I 296 -33.99 10.81 18.21
C GLN I 296 -34.79 11.62 17.21
N GLN I 297 -36.07 11.30 17.01
CA GLN I 297 -36.93 12.10 16.16
C GLN I 297 -37.40 13.38 16.84
N GLY I 298 -37.11 13.56 18.13
CA GLY I 298 -37.60 14.70 18.86
C GLY I 298 -38.95 14.50 19.50
N GLY I 299 -39.43 13.26 19.57
CA GLY I 299 -40.75 13.02 20.11
C GLY I 299 -40.81 13.18 21.62
N LEU I 300 -39.77 12.73 22.31
CA LEU I 300 -39.69 12.82 23.75
C LEU I 300 -38.72 13.93 24.14
N ALA I 301 -39.08 14.68 25.18
CA ALA I 301 -38.34 15.87 25.58
C ALA I 301 -37.28 15.50 26.60
N GLY I 302 -36.02 15.62 26.21
CA GLY I 302 -34.91 15.43 27.12
C GLY I 302 -33.60 15.69 26.43
N SER I 303 -32.72 16.47 27.08
CA SER I 303 -31.41 16.73 26.50
C SER I 303 -30.53 15.49 26.58
N LYS I 304 -30.54 14.82 27.72
CA LYS I 304 -29.88 13.54 27.89
C LYS I 304 -30.88 12.44 27.54
N GLU I 305 -30.38 11.39 26.89
CA GLU I 305 -31.21 10.26 26.50
C GLU I 305 -31.77 9.50 27.69
N GLU I 306 -31.05 9.48 28.81
CA GLU I 306 -31.53 8.84 30.02
C GLU I 306 -32.56 9.67 30.77
N ASP I 307 -32.81 10.91 30.34
CA ASP I 307 -33.85 11.73 30.92
C ASP I 307 -35.20 11.57 30.24
N ALA I 308 -35.21 11.05 29.01
CA ALA I 308 -36.46 10.99 28.25
C ALA I 308 -37.30 9.77 28.58
N TYR I 309 -36.68 8.66 28.94
CA TYR I 309 -37.42 7.43 29.13
C TYR I 309 -36.64 6.49 30.04
N PHE I 310 -37.35 5.49 30.57
CA PHE I 310 -36.74 4.41 31.32
C PHE I 310 -37.62 3.17 31.19
N VAL I 311 -36.97 2.00 31.11
CA VAL I 311 -37.65 0.72 31.02
C VAL I 311 -37.11 -0.18 32.12
N GLN I 312 -38.00 -0.88 32.82
CA GLN I 312 -37.60 -1.71 33.96
C GLN I 312 -38.35 -3.04 33.94
N ILE I 313 -37.62 -4.13 33.70
CA ILE I 313 -38.11 -5.49 33.87
C ILE I 313 -37.19 -6.20 34.85
N GLY I 314 -37.74 -7.11 35.64
CA GLY I 314 -36.92 -7.90 36.53
C GLY I 314 -37.68 -8.77 37.51
N LYS I 315 -37.00 -9.78 38.06
CA LYS I 315 -37.62 -10.64 39.06
C LYS I 315 -37.60 -9.99 40.43
N GLY I 316 -36.59 -9.18 40.73
CA GLY I 316 -36.61 -8.42 41.96
C GLY I 316 -37.39 -7.13 41.84
N ILE I 317 -37.51 -6.61 40.63
CA ILE I 317 -37.95 -5.24 40.41
C ILE I 317 -39.46 -5.15 40.25
N THR I 318 -40.01 -5.83 39.23
CA THR I 318 -41.39 -5.58 38.82
C THR I 318 -42.35 -6.72 39.16
N MET I 319 -41.93 -7.97 38.99
CA MET I 319 -42.84 -9.10 39.16
C MET I 319 -42.37 -10.01 40.28
N THR I 320 -43.32 -10.55 41.03
CA THR I 320 -43.03 -11.50 42.10
C THR I 320 -42.80 -12.88 41.49
N GLN I 321 -42.11 -13.75 42.26
CA GLN I 321 -42.05 -15.17 41.94
C GLN I 321 -43.43 -15.78 41.86
N GLU I 322 -44.36 -15.27 42.68
CA GLU I 322 -45.76 -15.68 42.61
C GLU I 322 -46.39 -15.27 41.29
N GLN I 323 -46.10 -14.04 40.82
CA GLN I 323 -46.73 -13.56 39.60
C GLN I 323 -46.14 -14.20 38.35
N ILE I 324 -44.89 -14.65 38.43
CA ILE I 324 -44.26 -15.33 37.30
C ILE I 324 -44.92 -16.69 37.07
N ASP I 325 -45.21 -17.41 38.16
CA ASP I 325 -45.89 -18.69 38.03
C ASP I 325 -47.34 -18.55 37.57
N ALA I 326 -47.96 -17.40 37.80
CA ALA I 326 -49.29 -17.16 37.25
C ALA I 326 -49.25 -16.90 35.75
N GLY I 327 -48.09 -16.50 35.23
CA GLY I 327 -47.92 -16.24 33.81
C GLY I 327 -47.77 -14.78 33.45
N GLN I 328 -47.70 -13.88 34.44
CA GLN I 328 -47.65 -12.46 34.16
C GLN I 328 -46.21 -12.00 33.94
N MET I 329 -46.09 -10.92 33.16
CA MET I 329 -44.81 -10.28 32.91
C MET I 329 -45.03 -8.78 32.95
N ILE I 330 -44.37 -8.10 33.88
CA ILE I 330 -44.65 -6.70 34.18
C ILE I 330 -43.46 -5.85 33.77
N VAL I 331 -43.72 -4.83 32.94
CA VAL I 331 -42.74 -3.86 32.48
C VAL I 331 -43.20 -2.47 32.92
N LYS I 332 -42.24 -1.62 33.27
CA LYS I 332 -42.51 -0.22 33.61
C LYS I 332 -41.84 0.68 32.59
N VAL I 333 -42.63 1.52 31.94
CA VAL I 333 -42.15 2.45 30.93
C VAL I 333 -42.53 3.85 31.38
N GLY I 334 -41.59 4.79 31.29
CA GLY I 334 -41.88 6.19 31.51
C GLY I 334 -41.45 7.00 30.31
N LEU I 335 -42.18 8.09 30.07
CA LEU I 335 -41.90 8.97 28.93
C LEU I 335 -41.93 10.42 29.40
N ALA I 336 -41.33 11.30 28.60
CA ALA I 336 -41.33 12.72 28.89
C ALA I 336 -41.71 13.45 27.61
N ALA I 337 -42.99 13.79 27.47
CA ALA I 337 -43.47 14.44 26.27
C ALA I 337 -43.14 15.93 26.30
N VAL I 338 -43.28 16.56 25.14
CA VAL I 338 -43.05 17.99 24.98
C VAL I 338 -44.38 18.71 25.07
N ARG I 339 -44.40 19.81 25.78
CA ARG I 339 -45.66 20.54 25.84
C ARG I 339 -45.64 21.69 24.84
N PRO I 340 -46.78 22.05 24.25
CA PRO I 340 -46.79 23.16 23.30
C PRO I 340 -46.88 24.51 23.99
N ALA I 341 -46.19 25.49 23.39
CA ALA I 341 -46.30 26.87 23.85
C ALA I 341 -47.66 27.43 23.42
N GLU I 342 -48.48 27.80 24.38
CA GLU I 342 -49.85 28.19 24.09
C GLU I 342 -50.09 29.68 24.15
N PHE I 343 -49.44 30.39 25.06
CA PHE I 343 -49.57 31.83 25.17
C PHE I 343 -48.21 32.48 24.91
N ILE I 344 -48.22 33.58 24.16
CA ILE I 344 -47.02 34.38 23.93
C ILE I 344 -47.32 35.80 24.36
N ILE I 345 -46.53 36.33 25.29
CA ILE I 345 -46.77 37.64 25.88
C ILE I 345 -45.70 38.59 25.37
N LEU I 346 -46.14 39.62 24.64
CA LEU I 346 -45.27 40.67 24.15
C LEU I 346 -45.31 41.84 25.11
N GLN I 347 -44.14 42.35 25.48
CA GLN I 347 -44.05 43.60 26.21
C GLN I 347 -43.37 44.64 25.33
N PHE I 348 -44.09 45.71 25.03
CA PHE I 348 -43.59 46.77 24.17
C PHE I 348 -43.20 47.95 25.05
N THR I 349 -41.94 48.34 24.98
CA THR I 349 -41.39 49.43 25.75
C THR I 349 -41.18 50.63 24.85
N GLN I 350 -41.49 51.81 25.36
CA GLN I 350 -41.43 53.00 24.51
C GLN I 350 -40.02 53.54 24.40
N ASP I 351 -39.19 53.35 25.42
CA ASP I 351 -37.80 53.79 25.35
C ASP I 351 -36.88 52.61 25.10
N VAL I 352 -35.93 52.80 24.18
CA VAL I 352 -34.99 51.77 23.78
C VAL I 352 -33.75 51.90 24.64
N GLU I 353 -33.45 50.86 25.41
CA GLU I 353 -32.25 50.84 26.23
C GLU I 353 -31.78 49.40 26.47
N THR J 2 -49.99 39.97 37.66
CA THR J 2 -49.09 40.31 36.57
C THR J 2 -49.82 40.24 35.23
N THR J 3 -49.95 39.02 34.71
CA THR J 3 -50.63 38.77 33.45
C THR J 3 -51.44 37.50 33.59
N VAL J 4 -52.72 37.56 33.20
CA VAL J 4 -53.62 36.43 33.27
C VAL J 4 -53.97 36.02 31.84
N THR J 5 -53.84 34.74 31.56
CA THR J 5 -53.95 34.21 30.19
C THR J 5 -55.12 33.23 30.13
N SER J 6 -56.17 33.62 29.44
CA SER J 6 -57.34 32.77 29.29
C SER J 6 -57.44 32.14 27.91
N TYR J 7 -57.41 32.94 26.85
CA TYR J 7 -57.37 32.41 25.49
C TYR J 7 -55.92 32.14 25.10
N PRO J 8 -55.67 31.25 24.10
CA PRO J 8 -54.29 31.01 23.67
C PRO J 8 -53.56 32.23 23.13
N GLY J 9 -53.99 32.74 21.98
CA GLY J 9 -53.65 34.06 21.44
C GLY J 9 -52.22 34.54 21.48
N VAL J 10 -52.03 35.86 21.38
CA VAL J 10 -50.84 36.54 21.85
C VAL J 10 -51.31 37.73 22.68
N TYR J 11 -50.40 38.31 23.45
CA TYR J 11 -50.73 39.38 24.38
C TYR J 11 -49.75 40.52 24.19
N ILE J 12 -50.28 41.73 23.99
CA ILE J 12 -49.47 42.89 23.62
C ILE J 12 -49.54 43.92 24.74
N GLU J 13 -49.48 43.43 25.97
CA GLU J 13 -49.24 44.23 27.17
C GLU J 13 -48.10 45.22 26.97
N GLU J 14 -48.28 46.45 27.48
CA GLU J 14 -47.25 47.47 27.41
C GLU J 14 -46.81 47.83 28.82
N LEU J 15 -45.56 47.49 29.18
CA LEU J 15 -45.02 47.87 30.46
C LEU J 15 -43.52 48.09 30.35
N ASN J 16 -43.03 49.04 31.14
CA ASN J 16 -41.59 49.33 31.20
C ASN J 16 -40.98 48.49 32.31
N SER J 17 -40.34 47.40 31.94
CA SER J 17 -39.52 46.65 32.88
C SER J 17 -38.18 46.36 32.23
N LEU J 18 -37.13 46.52 33.01
CA LEU J 18 -35.77 46.37 32.52
C LEU J 18 -35.32 44.93 32.68
N ALA J 19 -34.65 44.40 31.65
CA ALA J 19 -34.18 43.04 31.66
C ALA J 19 -32.69 43.03 31.34
N LEU J 20 -31.93 42.27 32.12
CA LEU J 20 -30.48 42.17 31.98
C LEU J 20 -30.13 40.75 31.60
N SER J 21 -29.12 40.62 30.73
CA SER J 21 -28.71 39.31 30.25
C SER J 21 -27.93 38.56 31.33
N VAL J 22 -28.06 37.24 31.33
CA VAL J 22 -27.48 36.42 32.38
C VAL J 22 -26.05 36.04 32.01
N SER J 23 -25.22 35.88 33.03
CA SER J 23 -23.84 35.42 32.87
C SER J 23 -23.54 34.36 33.92
N ASN J 24 -22.70 33.41 33.55
CA ASN J 24 -22.25 32.37 34.45
C ASN J 24 -20.78 32.58 34.76
N SER J 25 -20.47 32.77 36.04
CA SER J 25 -19.10 33.02 36.48
C SER J 25 -18.70 31.92 37.45
N ALA J 26 -17.64 31.19 37.12
CA ALA J 26 -17.20 30.10 37.97
C ALA J 26 -16.35 30.59 39.14
N THR J 27 -15.71 31.74 39.01
CA THR J 27 -14.68 32.15 39.95
C THR J 27 -15.13 33.19 40.97
N ALA J 28 -16.21 33.92 40.72
CA ALA J 28 -16.61 35.04 41.56
C ALA J 28 -18.08 34.90 41.95
N VAL J 29 -18.33 34.50 43.20
CA VAL J 29 -19.68 34.43 43.74
C VAL J 29 -19.77 35.37 44.93
N PRO J 30 -20.29 36.58 44.77
CA PRO J 30 -20.31 37.53 45.88
C PRO J 30 -21.42 37.24 46.87
N VAL J 31 -21.26 37.83 48.05
CA VAL J 31 -22.29 37.82 49.09
C VAL J 31 -22.53 39.28 49.47
N PHE J 32 -23.73 39.77 49.19
CA PHE J 32 -24.06 41.16 49.43
C PHE J 32 -24.55 41.31 50.86
N ALA J 33 -23.84 42.11 51.65
CA ALA J 33 -24.30 42.42 53.00
C ALA J 33 -25.52 43.32 52.91
N VAL J 34 -26.57 42.95 53.64
CA VAL J 34 -27.84 43.65 53.61
C VAL J 34 -28.09 44.21 55.00
N ASP J 35 -28.49 45.48 55.06
CA ASP J 35 -28.74 46.11 56.35
C ASP J 35 -30.01 45.56 56.99
N GLU J 36 -30.08 45.67 58.31
CA GLU J 36 -31.36 45.49 58.96
C GLU J 36 -32.24 46.71 58.68
N GLN J 37 -33.54 46.57 58.97
CA GLN J 37 -34.65 47.30 58.35
C GLN J 37 -34.77 47.01 56.86
N ASN J 38 -34.50 45.77 56.46
CA ASN J 38 -34.81 45.28 55.12
C ASN J 38 -35.87 44.19 55.29
N GLN J 39 -37.07 44.46 54.80
CA GLN J 39 -38.22 43.61 55.07
C GLN J 39 -38.31 42.41 54.13
N TYR J 40 -37.43 42.32 53.13
CA TYR J 40 -37.61 41.30 52.10
C TYR J 40 -36.85 40.01 52.39
N ILE J 41 -35.67 40.09 53.00
CA ILE J 41 -34.90 38.90 53.34
C ILE J 41 -34.92 38.70 54.85
N SER J 42 -34.84 37.45 55.26
CA SER J 42 -34.89 37.09 56.67
C SER J 42 -33.48 36.91 57.21
N GLU J 43 -33.37 36.89 58.53
CA GLU J 43 -32.10 36.57 59.16
C GLU J 43 -31.75 35.10 58.94
N ASP J 44 -30.45 34.83 58.98
CA ASP J 44 -29.87 33.50 59.13
C ASP J 44 -30.20 32.54 58.00
N ASN J 45 -30.47 33.05 56.81
CA ASN J 45 -30.43 32.21 55.61
C ASN J 45 -30.01 33.06 54.42
N ALA J 46 -29.17 32.47 53.57
CA ALA J 46 -28.74 33.10 52.34
C ALA J 46 -29.77 32.83 51.25
N ILE J 47 -30.11 33.86 50.49
CA ILE J 47 -31.07 33.75 49.40
C ILE J 47 -30.27 33.82 48.11
N ARG J 48 -30.16 32.70 47.41
CA ARG J 48 -29.43 32.69 46.16
C ARG J 48 -30.25 33.38 45.08
N ILE J 49 -29.66 34.38 44.45
CA ILE J 49 -30.29 35.16 43.40
C ILE J 49 -29.58 34.81 42.10
N ASN J 50 -30.24 34.03 41.24
CA ASN J 50 -29.58 33.52 40.05
C ASN J 50 -29.44 34.59 38.97
N SER J 51 -30.35 35.56 38.94
CA SER J 51 -30.38 36.54 37.86
C SER J 51 -31.08 37.79 38.35
N TRP J 52 -31.06 38.82 37.51
CA TRP J 52 -31.75 40.06 37.84
C TRP J 52 -33.26 39.86 37.84
N MET J 53 -33.75 38.99 36.97
CA MET J 53 -35.17 38.64 36.98
C MET J 53 -35.55 37.88 38.25
N ASP J 54 -34.64 37.04 38.74
CA ASP J 54 -34.85 36.34 40.01
C ASP J 54 -34.93 37.34 41.16
N TYR J 55 -34.10 38.37 41.14
CA TYR J 55 -34.17 39.41 42.17
C TYR J 55 -35.43 40.24 42.02
N LEU J 56 -35.87 40.48 40.79
CA LEU J 56 -37.05 41.29 40.53
C LEU J 56 -38.36 40.55 40.81
N ASN J 57 -38.29 39.25 41.10
CA ASN J 57 -39.46 38.53 41.60
C ASN J 57 -39.55 38.62 43.12
N LEU J 58 -38.40 38.72 43.80
CA LEU J 58 -38.39 38.77 45.26
C LEU J 58 -38.94 40.09 45.77
N ILE J 59 -38.53 41.20 45.19
CA ILE J 59 -39.08 42.51 45.48
C ILE J 59 -40.05 42.88 44.37
N GLY J 60 -41.11 43.61 44.72
CA GLY J 60 -42.14 43.91 43.74
C GLY J 60 -41.69 44.94 42.72
N ASN J 61 -41.27 46.11 43.19
CA ASN J 61 -40.84 47.21 42.34
C ASN J 61 -39.35 47.46 42.52
N PHE J 62 -38.71 47.93 41.46
CA PHE J 62 -37.39 48.51 41.60
C PHE J 62 -37.52 49.83 42.33
N ASN J 63 -36.75 50.00 43.39
CA ASN J 63 -36.81 51.18 44.24
C ASN J 63 -35.53 51.99 44.06
N ASN J 64 -35.70 53.27 43.72
CA ASN J 64 -34.54 54.14 43.55
C ASN J 64 -33.89 54.49 44.89
N GLU J 65 -34.67 54.47 45.98
CA GLU J 65 -34.17 54.93 47.27
C GLU J 65 -33.38 53.85 48.01
N ASP J 66 -33.58 52.58 47.65
CA ASP J 66 -32.90 51.51 48.37
C ASP J 66 -31.43 51.45 48.00
N LYS J 67 -30.58 51.29 49.02
CA LYS J 67 -29.17 51.07 48.77
C LYS J 67 -28.92 49.68 48.20
N LEU J 68 -29.75 48.71 48.57
CA LEU J 68 -29.58 47.35 48.07
C LEU J 68 -30.02 47.22 46.62
N ASP J 69 -31.10 47.91 46.25
CA ASP J 69 -31.66 47.80 44.90
C ASP J 69 -30.71 48.33 43.84
N VAL J 70 -30.19 49.54 44.04
CA VAL J 70 -29.32 50.16 43.05
C VAL J 70 -27.96 49.49 43.00
N SER J 71 -27.58 48.78 44.07
CA SER J 71 -26.31 48.07 44.09
C SER J 71 -26.40 46.73 43.37
N VAL J 72 -27.56 46.09 43.42
CA VAL J 72 -27.74 44.80 42.76
C VAL J 72 -27.93 44.99 41.25
N ARG J 73 -28.62 46.06 40.85
CA ARG J 73 -28.82 46.34 39.43
C ARG J 73 -27.50 46.75 38.77
N ALA J 74 -26.67 47.50 39.47
CA ALA J 74 -25.34 47.84 38.96
C ALA J 74 -24.43 46.62 38.91
N TYR J 75 -24.70 45.62 39.76
CA TYR J 75 -23.91 44.40 39.75
C TYR J 75 -24.23 43.54 38.54
N PHE J 76 -25.51 43.40 38.22
CA PHE J 76 -25.91 42.56 37.09
C PHE J 76 -25.71 43.24 35.74
N ALA J 77 -25.68 44.57 35.71
CA ALA J 77 -25.44 45.27 34.46
C ALA J 77 -23.98 45.14 34.02
N ASN J 78 -23.06 44.97 34.97
CA ASN J 78 -21.66 44.84 34.64
C ASN J 78 -21.26 43.42 34.31
N GLY J 79 -22.12 42.43 34.58
CA GLY J 79 -21.84 41.09 34.15
C GLY J 79 -21.65 40.10 35.28
N GLY J 80 -22.34 40.31 36.39
CA GLY J 80 -22.21 39.41 37.52
C GLY J 80 -23.08 38.19 37.38
N GLY J 81 -22.60 37.08 37.94
CA GLY J 81 -23.35 35.84 37.96
C GLY J 81 -24.29 35.79 39.15
N TYR J 82 -24.56 34.58 39.61
CA TYR J 82 -25.46 34.41 40.74
C TYR J 82 -24.77 34.81 42.04
N CYS J 83 -25.55 35.39 42.95
CA CYS J 83 -25.01 35.89 44.21
C CYS J 83 -25.95 35.51 45.34
N TYR J 84 -25.47 35.67 46.56
CA TYR J 84 -26.24 35.41 47.76
C TYR J 84 -26.54 36.72 48.47
N LEU J 85 -27.63 36.73 49.22
CA LEU J 85 -28.06 37.90 49.99
C LEU J 85 -28.16 37.49 51.45
N VAL J 86 -27.18 37.88 52.26
CA VAL J 86 -27.14 37.56 53.68
C VAL J 86 -27.26 38.86 54.47
N LYS J 87 -28.10 38.86 55.49
CA LYS J 87 -28.21 40.03 56.36
C LYS J 87 -26.95 40.18 57.19
N THR J 88 -26.65 41.42 57.55
CA THR J 88 -25.32 41.77 58.03
C THR J 88 -25.05 41.34 59.47
N THR J 89 -26.09 41.12 60.28
CA THR J 89 -25.85 40.73 61.67
C THR J 89 -25.72 39.23 61.82
N SER J 90 -26.40 38.45 60.98
CA SER J 90 -26.19 37.02 60.90
C SER J 90 -25.20 36.64 59.80
N LEU J 91 -24.35 37.58 59.40
CA LEU J 91 -23.48 37.36 58.26
C LEU J 91 -22.32 36.43 58.58
N GLU J 92 -21.87 36.41 59.84
CA GLU J 92 -20.74 35.59 60.23
C GLU J 92 -21.09 34.12 60.42
N LYS J 93 -22.37 33.76 60.32
CA LYS J 93 -22.79 32.38 60.48
C LYS J 93 -23.07 31.67 59.16
N ILE J 94 -23.42 32.42 58.11
CA ILE J 94 -23.90 31.81 56.87
C ILE J 94 -22.77 31.64 55.86
N ILE J 95 -21.82 32.59 55.83
CA ILE J 95 -20.68 32.46 54.92
C ILE J 95 -19.82 31.22 55.17
N PRO J 96 -19.59 30.76 56.41
CA PRO J 96 -18.96 29.44 56.54
C PRO J 96 -19.82 28.27 56.07
N THR J 97 -21.16 28.39 56.05
CA THR J 97 -21.99 27.30 55.55
C THR J 97 -21.88 27.16 54.05
N LEU J 98 -21.93 28.27 53.32
CA LEU J 98 -21.91 28.25 51.87
C LEU J 98 -20.52 27.93 51.38
N ASP J 99 -20.40 26.92 50.52
CA ASP J 99 -19.08 26.43 50.12
C ASP J 99 -18.42 27.34 49.10
N ASP J 100 -19.10 27.62 47.98
CA ASP J 100 -18.42 28.20 46.83
C ASP J 100 -18.38 29.73 46.84
N VAL J 101 -18.64 30.36 47.99
CA VAL J 101 -18.57 31.81 48.08
C VAL J 101 -17.12 32.24 48.07
N THR J 102 -16.78 33.17 47.16
CA THR J 102 -15.44 33.72 47.06
C THR J 102 -15.36 35.19 47.45
N LEU J 103 -16.24 36.04 46.94
CA LEU J 103 -16.22 37.45 47.28
C LEU J 103 -17.13 37.73 48.47
N LEU J 104 -16.79 38.79 49.19
CA LEU J 104 -17.63 39.33 50.26
C LEU J 104 -17.78 40.82 49.98
N VAL J 105 -18.98 41.25 49.64
CA VAL J 105 -19.24 42.60 49.15
C VAL J 105 -20.09 43.34 50.16
N ALA J 106 -19.59 44.48 50.63
CA ALA J 106 -20.39 45.40 51.44
C ALA J 106 -21.04 46.40 50.49
N ALA J 107 -22.37 46.32 50.38
CA ALA J 107 -23.12 47.29 49.59
C ALA J 107 -23.52 48.43 50.53
N GLY J 108 -22.53 49.25 50.88
CA GLY J 108 -22.75 50.35 51.80
C GLY J 108 -23.02 49.90 53.22
N GLU J 109 -22.24 48.96 53.73
CA GLU J 109 -22.47 48.38 55.05
C GLU J 109 -21.15 48.31 55.80
N ASP J 110 -21.26 48.31 57.12
CA ASP J 110 -20.09 48.20 58.00
C ASP J 110 -19.83 46.72 58.25
N ILE J 111 -18.94 46.15 57.46
CA ILE J 111 -18.55 44.75 57.64
C ILE J 111 -17.15 44.63 58.22
N LYS J 112 -16.60 45.72 58.76
CA LYS J 112 -15.25 45.72 59.30
C LYS J 112 -15.10 44.84 60.53
N THR J 113 -16.19 44.57 61.24
CA THR J 113 -16.14 43.63 62.36
C THR J 113 -16.07 42.20 61.84
N THR J 114 -16.89 41.86 60.85
CA THR J 114 -16.94 40.49 60.37
C THR J 114 -15.76 40.13 59.47
N VAL J 115 -15.16 41.11 58.79
CA VAL J 115 -14.02 40.81 57.92
C VAL J 115 -12.78 40.41 58.72
N ASP J 116 -12.60 40.98 59.91
CA ASP J 116 -11.46 40.61 60.74
C ASP J 116 -11.58 39.18 61.27
N VAL J 117 -12.80 38.70 61.49
CA VAL J 117 -12.96 37.39 62.11
C VAL J 117 -13.14 36.25 61.12
N LEU J 118 -13.46 36.53 59.85
CA LEU J 118 -13.61 35.45 58.89
C LEU J 118 -12.58 35.45 57.77
N CYS J 119 -11.91 36.57 57.49
CA CYS J 119 -10.86 36.56 56.48
C CYS J 119 -9.56 36.12 57.13
N GLN J 120 -9.20 34.87 56.91
CA GLN J 120 -8.02 34.22 57.44
C GLN J 120 -7.14 33.77 56.28
N PRO J 121 -5.85 33.46 56.53
CA PRO J 121 -5.01 32.95 55.43
C PRO J 121 -5.46 31.61 54.85
N GLY J 122 -6.18 30.80 55.63
CA GLY J 122 -6.64 29.52 55.13
C GLY J 122 -7.89 29.62 54.26
N LYS J 123 -8.86 30.42 54.69
CA LYS J 123 -10.12 30.53 54.00
C LYS J 123 -9.98 31.37 52.74
N GLY J 124 -10.77 31.02 51.73
CA GLY J 124 -10.65 31.61 50.41
C GLY J 124 -11.44 32.88 50.18
N LEU J 125 -11.79 33.61 51.23
CA LEU J 125 -12.66 34.78 51.08
C LEU J 125 -11.84 36.03 50.78
N PHE J 126 -12.22 36.73 49.71
CA PHE J 126 -11.72 38.06 49.40
C PHE J 126 -12.86 39.04 49.64
N ALA J 127 -12.54 40.22 50.17
CA ALA J 127 -13.56 41.14 50.65
C ALA J 127 -13.36 42.54 50.10
N VAL J 128 -14.08 42.88 49.05
CA VAL J 128 -14.05 44.23 48.49
C VAL J 128 -15.14 45.05 49.17
N PHE J 129 -14.76 46.21 49.72
CA PHE J 129 -15.76 47.13 50.25
C PHE J 129 -15.41 48.56 49.82
N ASP J 130 -16.18 49.51 50.35
CA ASP J 130 -16.27 50.85 49.81
C ASP J 130 -15.20 51.77 50.40
N GLY J 131 -14.99 52.90 49.72
CA GLY J 131 -14.27 54.00 50.29
C GLY J 131 -15.24 54.86 51.08
N PRO J 132 -14.74 55.93 51.70
CA PRO J 132 -15.63 56.82 52.43
C PRO J 132 -16.51 57.62 51.49
N GLU J 133 -17.77 57.82 51.90
CA GLU J 133 -18.74 58.52 51.05
C GLU J 133 -18.42 59.99 50.91
N THR J 134 -17.72 60.58 51.88
CA THR J 134 -17.41 62.00 51.81
C THR J 134 -16.28 62.25 50.82
N GLU J 135 -16.29 63.43 50.22
CA GLU J 135 -15.22 63.87 49.35
C GLU J 135 -13.99 64.17 50.19
N LEU J 136 -12.94 63.36 50.05
CA LEU J 136 -11.78 63.46 50.92
C LEU J 136 -10.73 64.41 50.32
N THR J 137 -9.57 64.44 50.96
CA THR J 137 -8.54 65.41 50.66
C THR J 137 -7.20 64.72 50.42
N ILE J 138 -6.30 65.46 49.75
CA ILE J 138 -4.89 65.13 49.74
C ILE J 138 -4.24 65.54 51.05
N ASN J 139 -4.91 66.39 51.82
CA ASN J 139 -4.38 67.02 53.02
C ASN J 139 -4.56 66.14 54.26
N GLY J 140 -5.78 65.68 54.52
CA GLY J 140 -6.03 64.78 55.63
C GLY J 140 -6.06 63.33 55.19
N ALA J 141 -5.11 62.96 54.32
CA ALA J 141 -5.23 61.71 53.57
C ALA J 141 -4.78 60.49 54.37
N GLU J 142 -3.80 60.63 55.25
CA GLU J 142 -3.34 59.45 55.99
C GLU J 142 -4.26 59.10 57.16
N GLU J 143 -5.24 59.94 57.48
CA GLU J 143 -6.24 59.58 58.46
C GLU J 143 -7.35 58.72 57.86
N ALA J 144 -7.62 58.88 56.57
CA ALA J 144 -8.65 58.06 55.92
C ALA J 144 -8.16 56.64 55.68
N LYS J 145 -6.86 56.44 55.47
CA LYS J 145 -6.32 55.10 55.40
C LYS J 145 -6.25 54.43 56.76
N GLN J 146 -6.32 55.22 57.84
CA GLN J 146 -6.28 54.66 59.18
C GLN J 146 -7.59 53.96 59.55
N ALA J 147 -8.68 54.31 58.87
CA ALA J 147 -9.99 53.73 59.21
C ALA J 147 -10.09 52.29 58.76
N TYR J 148 -9.30 51.88 57.78
CA TYR J 148 -9.40 50.53 57.23
C TYR J 148 -8.28 49.64 57.78
N THR J 149 -8.59 48.36 57.89
CA THR J 149 -7.66 47.36 58.39
C THR J 149 -6.58 47.08 57.34
N ALA J 150 -5.46 46.52 57.78
CA ALA J 150 -4.33 46.23 56.90
C ALA J 150 -4.30 44.78 56.45
N THR J 151 -5.46 44.19 56.20
CA THR J 151 -5.51 42.79 55.77
C THR J 151 -5.21 42.69 54.27
N PRO J 152 -4.53 41.62 53.84
CA PRO J 152 -4.24 41.48 52.40
C PRO J 152 -5.41 41.03 51.56
N PHE J 153 -6.52 40.63 52.17
CA PHE J 153 -7.65 40.08 51.44
C PHE J 153 -8.67 41.13 51.06
N ALA J 154 -8.39 42.40 51.30
CA ALA J 154 -9.37 43.44 51.10
C ALA J 154 -8.85 44.49 50.14
N ALA J 155 -9.78 45.02 49.34
CA ALA J 155 -9.51 46.12 48.43
C ALA J 155 -10.58 47.18 48.64
N VAL J 156 -10.17 48.45 48.58
CA VAL J 156 -11.06 49.57 48.83
C VAL J 156 -11.10 50.41 47.56
N TYR J 157 -12.30 50.63 47.04
CA TYR J 157 -12.52 51.45 45.85
C TYR J 157 -13.24 52.71 46.29
N TYR J 158 -12.64 53.87 45.99
CA TYR J 158 -13.08 55.08 46.70
C TYR J 158 -14.42 55.64 46.24
N PRO J 159 -14.61 56.14 45.00
CA PRO J 159 -15.74 57.06 44.79
C PRO J 159 -17.06 56.31 44.63
N TRP J 160 -18.04 56.70 45.42
CA TRP J 160 -19.38 56.13 45.30
C TRP J 160 -19.98 56.57 43.97
N LEU J 161 -20.26 55.61 43.11
CA LEU J 161 -20.72 55.92 41.76
C LEU J 161 -22.15 56.44 41.78
N LYS J 162 -22.49 57.22 40.76
CA LYS J 162 -23.84 57.74 40.61
C LYS J 162 -24.35 57.39 39.22
N ALA J 163 -25.67 57.31 39.11
CA ALA J 163 -26.32 56.92 37.86
C ALA J 163 -27.58 57.76 37.69
N ASP J 164 -28.06 57.81 36.44
CA ASP J 164 -29.27 58.58 36.16
C ASP J 164 -30.53 57.84 36.62
N TRP J 165 -30.50 56.51 36.62
CA TRP J 165 -31.65 55.76 37.10
C TRP J 165 -31.70 55.71 38.62
N ALA J 166 -30.54 55.68 39.27
CA ALA J 166 -30.50 55.62 40.72
C ALA J 166 -30.64 57.01 41.31
N ASN J 167 -31.51 57.15 42.30
CA ASN J 167 -31.68 58.43 42.97
C ASN J 167 -30.51 58.71 43.91
N ILE J 168 -30.16 57.73 44.73
CA ILE J 168 -29.02 57.80 45.65
C ILE J 168 -27.75 57.37 44.96
N ASP J 169 -26.61 57.59 45.60
CA ASP J 169 -25.34 57.17 45.07
C ASP J 169 -25.11 55.68 45.34
N ILE J 170 -24.51 55.01 44.36
CA ILE J 170 -24.30 53.56 44.39
C ILE J 170 -22.99 53.28 45.11
N PRO J 171 -22.94 52.31 46.02
CA PRO J 171 -21.67 51.89 46.60
C PRO J 171 -20.78 51.25 45.55
N PRO J 172 -19.49 51.62 45.51
CA PRO J 172 -18.64 51.18 44.41
C PRO J 172 -18.20 49.72 44.50
N SER J 173 -18.36 49.08 45.65
CA SER J 173 -17.99 47.67 45.76
C SER J 173 -18.95 46.75 45.06
N ALA J 174 -20.20 47.17 44.88
CA ALA J 174 -21.17 46.30 44.22
C ALA J 174 -20.96 46.26 42.71
N VAL J 175 -20.44 47.34 42.14
CA VAL J 175 -20.11 47.29 40.73
C VAL J 175 -18.79 46.56 40.50
N MET J 176 -17.96 46.43 41.53
CA MET J 176 -16.66 45.78 41.38
C MET J 176 -16.75 44.27 41.57
N ALA J 177 -17.82 43.77 42.17
CA ALA J 177 -18.07 42.34 42.14
C ALA J 177 -18.39 41.87 40.74
N GLY J 178 -19.07 42.72 39.96
CA GLY J 178 -19.35 42.39 38.58
C GLY J 178 -18.16 42.60 37.67
N VAL J 179 -17.30 43.57 37.99
CA VAL J 179 -16.09 43.79 37.20
C VAL J 179 -15.10 42.66 37.44
N TYR J 180 -15.06 42.12 38.66
CA TYR J 180 -14.23 40.95 38.94
C TYR J 180 -14.70 39.74 38.15
N ALA J 181 -16.02 39.56 38.03
CA ALA J 181 -16.54 38.43 37.26
C ALA J 181 -16.37 38.65 35.77
N SER J 182 -16.39 39.90 35.31
CA SER J 182 -16.26 40.19 33.89
C SER J 182 -14.82 40.10 33.41
N VAL J 183 -13.87 40.44 34.28
CA VAL J 183 -12.46 40.36 33.93
C VAL J 183 -12.01 38.91 33.84
N ASP J 184 -12.39 38.11 34.84
CA ASP J 184 -11.93 36.73 34.93
C ASP J 184 -12.54 35.84 33.85
N LEU J 185 -13.70 36.20 33.34
CA LEU J 185 -14.30 35.43 32.25
C LEU J 185 -13.64 35.77 30.91
N SER J 186 -13.33 37.03 30.66
CA SER J 186 -12.78 37.43 29.38
C SER J 186 -11.26 37.22 29.29
N ARG J 187 -10.54 37.42 30.39
CA ARG J 187 -9.09 37.34 30.33
C ARG J 187 -8.45 36.48 31.41
N GLY J 188 -9.14 36.17 32.51
CA GLY J 188 -8.57 35.31 33.52
C GLY J 188 -8.45 35.96 34.89
N VAL J 189 -8.32 35.13 35.93
CA VAL J 189 -8.19 35.65 37.29
C VAL J 189 -6.85 36.34 37.49
N TRP J 190 -5.83 35.90 36.76
CA TRP J 190 -4.48 36.47 36.88
C TRP J 190 -4.39 37.88 36.31
N LYS J 191 -5.30 38.27 35.44
CA LYS J 191 -5.35 39.64 34.95
C LYS J 191 -5.97 40.54 36.00
N ALA J 192 -5.35 41.71 36.21
CA ALA J 192 -5.87 42.69 37.14
C ALA J 192 -7.20 43.27 36.63
N PRO J 193 -8.11 43.62 37.53
CA PRO J 193 -9.39 44.20 37.12
C PRO J 193 -9.34 45.67 36.76
N ALA J 194 -8.16 46.28 36.66
CA ALA J 194 -8.11 47.70 36.38
C ALA J 194 -8.15 47.94 34.87
N ASN J 195 -8.22 49.23 34.51
CA ASN J 195 -8.57 49.82 33.20
C ASN J 195 -9.63 49.01 32.44
N VAL J 196 -10.73 48.72 33.14
CA VAL J 196 -11.91 48.11 32.56
C VAL J 196 -13.07 49.09 32.72
N ALA J 197 -13.76 49.36 31.61
CA ALA J 197 -14.87 50.30 31.64
C ALA J 197 -16.10 49.66 32.27
N LEU J 198 -16.92 50.49 32.90
CA LEU J 198 -18.13 50.04 33.58
C LEU J 198 -19.28 50.04 32.58
N LYS J 199 -19.93 48.88 32.42
CA LYS J 199 -20.92 48.73 31.36
C LYS J 199 -22.22 49.45 31.68
N GLY J 200 -22.57 49.55 32.97
CA GLY J 200 -23.75 50.29 33.34
C GLY J 200 -23.57 51.79 33.18
N GLY J 201 -24.68 52.51 33.27
CA GLY J 201 -24.62 53.96 33.14
C GLY J 201 -24.05 54.64 34.38
N LEU J 202 -22.77 54.44 34.64
CA LEU J 202 -22.12 54.90 35.85
C LEU J 202 -21.13 56.01 35.53
N GLU J 203 -20.89 56.86 36.53
CA GLU J 203 -19.82 57.85 36.49
C GLU J 203 -19.54 58.27 37.94
N PRO J 204 -18.30 58.62 38.27
CA PRO J 204 -17.96 58.88 39.68
C PRO J 204 -18.61 60.15 40.19
N LYS J 205 -18.92 60.13 41.50
CA LYS J 205 -19.50 61.31 42.13
C LYS J 205 -18.48 62.43 42.26
N PHE J 206 -17.23 62.08 42.52
CA PHE J 206 -16.16 63.06 42.72
C PHE J 206 -15.05 62.77 41.72
N LEU J 207 -14.74 63.76 40.89
CA LEU J 207 -13.59 63.65 40.01
C LEU J 207 -12.31 63.73 40.83
N VAL J 208 -11.37 62.84 40.54
CA VAL J 208 -10.19 62.62 41.39
C VAL J 208 -8.96 63.07 40.62
N THR J 209 -8.21 64.02 41.20
CA THR J 209 -6.95 64.45 40.62
C THR J 209 -5.90 63.35 40.74
N ASP J 210 -4.90 63.41 39.86
CA ASP J 210 -3.81 62.44 39.89
C ASP J 210 -2.93 62.61 41.12
N GLU J 211 -2.80 63.83 41.63
CA GLU J 211 -1.97 64.07 42.81
C GLU J 211 -2.63 63.52 44.06
N LEU J 212 -3.96 63.47 44.10
CA LEU J 212 -4.66 62.89 45.25
C LEU J 212 -4.51 61.37 45.25
N GLN J 213 -4.57 60.75 44.08
CA GLN J 213 -4.43 59.30 43.99
C GLN J 213 -3.03 58.83 44.35
N GLY J 214 -2.03 59.69 44.23
CA GLY J 214 -0.69 59.33 44.66
C GLY J 214 -0.56 59.20 46.17
N GLU J 215 -1.37 59.95 46.91
CA GLU J 215 -1.36 59.83 48.38
C GLU J 215 -1.91 58.49 48.81
N TYR J 216 -3.05 58.09 48.26
CA TYR J 216 -3.77 56.95 48.77
C TYR J 216 -3.26 55.62 48.25
N ASN J 217 -2.49 55.62 47.18
CA ASN J 217 -2.05 54.37 46.57
C ASN J 217 -0.91 53.71 47.34
N THR J 218 -0.26 54.42 48.25
CA THR J 218 1.00 53.91 48.79
C THR J 218 0.80 52.93 49.94
N GLY J 219 0.27 53.39 51.06
CA GLY J 219 0.36 52.59 52.28
C GLY J 219 -0.72 51.56 52.54
N ARG J 220 -1.97 52.01 52.69
CA ARG J 220 -3.12 51.12 52.82
C ARG J 220 -4.00 51.48 51.64
N ALA J 221 -3.75 50.83 50.52
CA ALA J 221 -4.06 51.40 49.22
C ALA J 221 -5.55 51.41 48.95
N ILE J 222 -6.03 52.56 48.50
CA ILE J 222 -7.42 52.75 48.09
C ILE J 222 -7.41 52.90 46.58
N ASN J 223 -7.90 51.88 45.88
CA ASN J 223 -8.06 51.97 44.44
C ASN J 223 -9.14 52.97 44.10
N MET J 224 -9.07 53.54 42.90
CA MET J 224 -9.95 54.65 42.58
C MET J 224 -10.54 54.47 41.19
N ILE J 225 -11.80 54.88 41.07
CA ILE J 225 -12.56 54.79 39.83
C ILE J 225 -12.65 56.22 39.28
N ARG J 226 -11.97 56.51 38.18
CA ARG J 226 -11.98 57.88 37.69
C ARG J 226 -12.20 57.91 36.19
N ASN J 227 -12.69 59.06 35.72
CA ASN J 227 -13.18 59.20 34.36
C ASN J 227 -12.07 59.63 33.42
N PHE J 228 -11.99 58.95 32.28
CA PHE J 228 -11.09 59.30 31.20
C PHE J 228 -11.94 59.65 29.99
N SER J 229 -11.50 60.64 29.21
CA SER J 229 -12.36 61.15 28.15
C SER J 229 -12.47 60.18 26.97
N ASN J 230 -11.45 59.34 26.76
CA ASN J 230 -11.51 58.35 25.70
C ASN J 230 -12.10 57.02 26.16
N THR J 231 -11.94 56.69 27.44
CA THR J 231 -12.40 55.41 27.98
C THR J 231 -13.75 55.51 28.69
N GLY J 232 -14.19 56.70 29.05
CA GLY J 232 -15.35 56.81 29.92
C GLY J 232 -14.91 56.67 31.37
N THR J 233 -15.79 56.11 32.19
CA THR J 233 -15.40 55.78 33.55
C THR J 233 -14.71 54.43 33.55
N THR J 234 -13.73 54.28 34.46
CA THR J 234 -12.89 53.09 34.44
C THR J 234 -12.28 52.90 35.82
N VAL J 235 -11.91 51.67 36.11
CA VAL J 235 -11.25 51.32 37.36
C VAL J 235 -9.75 51.53 37.19
N TRP J 236 -9.09 52.06 38.21
CA TRP J 236 -7.71 52.49 38.07
C TRP J 236 -6.84 52.03 39.23
N GLY J 237 -7.09 50.84 39.75
CA GLY J 237 -6.28 50.33 40.84
C GLY J 237 -6.40 48.83 40.95
N ALA J 238 -5.32 48.20 41.38
CA ALA J 238 -5.30 46.76 41.58
C ALA J 238 -4.68 46.39 42.93
N ARG J 239 -4.47 47.34 43.81
CA ARG J 239 -3.72 47.11 45.04
C ARG J 239 -4.64 46.73 46.20
N THR J 240 -4.15 45.84 47.06
CA THR J 240 -4.87 45.44 48.26
C THR J 240 -4.58 46.44 49.39
N LEU J 241 -5.02 46.11 50.60
CA LEU J 241 -4.70 46.92 51.76
C LEU J 241 -3.38 46.55 52.41
N GLU J 242 -2.73 45.48 51.95
CA GLU J 242 -1.42 45.12 52.45
C GLU J 242 -0.34 45.79 51.62
N ASP J 243 0.61 46.43 52.29
CA ASP J 243 1.69 47.12 51.60
C ASP J 243 2.90 46.22 51.36
N LYS J 244 2.93 45.02 51.94
CA LYS J 244 4.05 44.11 51.75
C LYS J 244 4.14 43.66 50.30
N ASP J 245 5.37 43.37 49.87
CA ASP J 245 5.63 43.09 48.46
C ASP J 245 5.11 41.72 48.02
N ASN J 246 4.69 40.87 48.97
CA ASN J 246 4.15 39.57 48.62
C ASN J 246 2.73 39.68 48.09
N TRP J 247 1.86 40.38 48.81
CA TRP J 247 0.44 40.43 48.49
C TRP J 247 -0.01 41.85 48.18
N ARG J 248 0.75 42.55 47.35
CA ARG J 248 0.45 43.95 47.08
C ARG J 248 -0.74 44.12 46.16
N TYR J 249 -0.91 43.22 45.18
CA TYR J 249 -1.89 43.39 44.12
C TYR J 249 -3.05 42.42 44.27
N VAL J 250 -4.26 42.87 43.95
CA VAL J 250 -5.41 41.98 43.93
C VAL J 250 -5.40 40.89 42.84
N PRO J 251 -4.69 40.97 41.69
CA PRO J 251 -4.63 39.76 40.86
C PRO J 251 -3.78 38.66 41.46
N VAL J 252 -2.78 38.98 42.27
CA VAL J 252 -1.95 37.94 42.87
C VAL J 252 -2.68 37.28 44.04
N ARG J 253 -3.41 38.08 44.82
CA ARG J 253 -4.14 37.53 45.96
C ARG J 253 -5.34 36.71 45.50
N ARG J 254 -6.03 37.16 44.45
CA ARG J 254 -7.17 36.41 43.94
C ARG J 254 -6.77 35.20 43.11
N LEU J 255 -5.54 35.17 42.58
CA LEU J 255 -5.07 33.97 41.93
C LEU J 255 -4.80 32.87 42.94
N PHE J 256 -4.14 33.23 44.04
CA PHE J 256 -3.85 32.24 45.09
C PHE J 256 -5.11 31.77 45.80
N ASN J 257 -6.13 32.63 45.91
CA ASN J 257 -7.41 32.18 46.45
C ASN J 257 -8.09 31.22 45.50
N SER J 258 -7.93 31.43 44.20
CA SER J 258 -8.61 30.59 43.22
C SER J 258 -7.91 29.26 43.03
N VAL J 259 -6.57 29.27 43.05
CA VAL J 259 -5.80 28.05 42.85
C VAL J 259 -6.01 27.08 44.00
N GLU J 260 -6.02 27.60 45.22
CA GLU J 260 -6.13 26.73 46.38
C GLU J 260 -7.55 26.21 46.55
N ARG J 261 -8.53 26.88 45.97
CA ARG J 261 -9.90 26.34 45.94
C ARG J 261 -10.00 25.21 44.93
N ASP J 262 -9.32 25.31 43.80
CA ASP J 262 -9.34 24.22 42.83
C ASP J 262 -8.54 23.02 43.32
N ILE J 263 -7.47 23.28 44.07
CA ILE J 263 -6.69 22.18 44.66
C ILE J 263 -7.46 21.54 45.80
N LYS J 264 -8.33 22.32 46.48
CA LYS J 264 -9.26 21.78 47.47
C LYS J 264 -10.16 20.72 46.87
N ARG J 265 -10.62 20.92 45.64
CA ARG J 265 -11.53 19.96 45.02
C ARG J 265 -10.81 18.71 44.58
N ALA J 266 -9.55 18.83 44.15
CA ALA J 266 -8.79 17.65 43.79
C ALA J 266 -8.35 16.88 45.04
N MET J 267 -8.22 17.54 46.17
CA MET J 267 -7.89 16.76 47.35
C MET J 267 -9.13 16.24 48.05
N SER J 268 -10.30 16.54 47.50
CA SER J 268 -11.53 16.00 48.07
C SER J 268 -11.64 14.50 47.80
N PHE J 269 -11.12 14.03 46.66
CA PHE J 269 -11.25 12.60 46.38
C PHE J 269 -10.27 11.79 47.21
N ALA J 270 -9.18 12.40 47.65
CA ALA J 270 -8.20 11.69 48.47
C ALA J 270 -8.64 11.55 49.91
N MET J 271 -9.75 12.19 50.29
CA MET J 271 -10.28 12.09 51.64
C MET J 271 -10.68 10.66 51.95
N PHE J 272 -10.25 10.20 53.13
CA PHE J 272 -10.60 8.91 53.72
C PHE J 272 -10.14 7.72 52.86
N GLU J 273 -9.14 7.93 52.03
CA GLU J 273 -8.41 6.90 51.33
C GLU J 273 -7.28 6.42 52.23
N PRO J 274 -6.70 5.23 51.96
CA PRO J 274 -5.57 4.77 52.79
C PRO J 274 -4.36 5.68 52.68
N ASN J 275 -3.75 5.96 53.81
CA ASN J 275 -2.62 6.89 53.89
C ASN J 275 -1.34 6.11 53.64
N ASN J 276 -1.03 5.89 52.38
CA ASN J 276 0.19 5.22 51.98
C ASN J 276 0.75 5.92 50.75
N GLN J 277 1.78 5.35 50.16
CA GLN J 277 2.39 5.94 48.98
C GLN J 277 1.54 5.93 47.70
N PRO J 278 0.75 4.89 47.37
CA PRO J 278 -0.08 5.01 46.15
C PRO J 278 -1.14 6.10 46.20
N THR J 279 -1.52 6.58 47.39
CA THR J 279 -2.39 7.74 47.45
C THR J 279 -1.61 9.03 47.17
N TRP J 280 -0.41 9.15 47.75
CA TRP J 280 0.38 10.38 47.63
C TRP J 280 0.84 10.63 46.20
N GLU J 281 1.08 9.59 45.43
CA GLU J 281 1.45 9.78 44.03
C GLU J 281 0.24 10.01 43.14
N ARG J 282 -0.96 9.86 43.68
CA ARG J 282 -2.17 10.28 43.00
C ARG J 282 -2.60 11.68 43.40
N VAL J 283 -2.26 12.09 44.62
CA VAL J 283 -2.48 13.45 45.05
C VAL J 283 -1.53 14.39 44.33
N ARG J 284 -0.27 13.99 44.17
CA ARG J 284 0.70 14.83 43.48
C ARG J 284 0.41 14.92 41.99
N ALA J 285 -0.05 13.81 41.39
CA ALA J 285 -0.34 13.81 39.97
C ALA J 285 -1.57 14.65 39.66
N ALA J 286 -2.52 14.72 40.59
CA ALA J 286 -3.73 15.51 40.36
C ALA J 286 -3.45 17.00 40.45
N ILE J 287 -2.53 17.40 41.33
CA ILE J 287 -2.16 18.80 41.44
C ILE J 287 -1.26 19.20 40.28
N SER J 288 -0.37 18.30 39.86
CA SER J 288 0.59 18.63 38.81
C SER J 288 -0.08 18.79 37.46
N ASN J 289 -1.21 18.10 37.23
CA ASN J 289 -1.99 18.33 36.02
C ASN J 289 -2.63 19.70 36.04
N TYR J 290 -3.13 20.10 37.20
CA TYR J 290 -3.89 21.35 37.29
C TYR J 290 -2.97 22.56 37.15
N LEU J 291 -1.81 22.53 37.80
CA LEU J 291 -0.91 23.66 37.72
C LEU J 291 -0.23 23.74 36.36
N TYR J 292 -0.09 22.62 35.66
CA TYR J 292 0.48 22.66 34.33
C TYR J 292 -0.47 23.31 33.34
N SER J 293 -1.75 22.92 33.38
CA SER J 293 -2.73 23.51 32.47
C SER J 293 -3.04 24.95 32.82
N LEU J 294 -2.81 25.35 34.07
CA LEU J 294 -2.90 26.76 34.43
C LEU J 294 -1.70 27.54 33.92
N TRP J 295 -0.52 26.92 33.95
CA TRP J 295 0.68 27.55 33.41
C TRP J 295 0.58 27.68 31.89
N GLN J 296 -0.06 26.71 31.23
CA GLN J 296 -0.23 26.79 29.78
C GLN J 296 -1.18 27.90 29.37
N GLN J 297 -2.12 28.27 30.25
CA GLN J 297 -2.99 29.41 29.98
C GLN J 297 -2.30 30.74 30.19
N GLY J 298 -1.07 30.75 30.71
CA GLY J 298 -0.39 31.98 31.03
C GLY J 298 -0.66 32.50 32.41
N GLY J 299 -1.25 31.70 33.29
CA GLY J 299 -1.60 32.17 34.61
C GLY J 299 -0.39 32.33 35.52
N LEU J 300 0.57 31.42 35.41
CA LEU J 300 1.78 31.47 36.21
C LEU J 300 2.94 31.93 35.35
N ALA J 301 3.81 32.76 35.92
CA ALA J 301 4.89 33.39 35.18
C ALA J 301 6.14 32.53 35.25
N GLY J 302 6.54 31.99 34.10
CA GLY J 302 7.78 31.25 33.99
C GLY J 302 8.01 30.80 32.56
N SER J 303 9.22 31.01 32.05
CA SER J 303 9.54 30.57 30.70
C SER J 303 9.67 29.05 30.66
N LYS J 304 10.37 28.49 31.64
CA LYS J 304 10.44 27.04 31.83
C LYS J 304 9.30 26.61 32.73
N GLU J 305 8.71 25.45 32.43
CA GLU J 305 7.61 24.92 33.21
C GLU J 305 8.03 24.56 34.63
N GLU J 306 9.27 24.16 34.84
CA GLU J 306 9.78 23.87 36.17
C GLU J 306 10.08 25.11 36.99
N ASP J 307 10.01 26.30 36.39
CA ASP J 307 10.18 27.55 37.12
C ASP J 307 8.87 28.10 37.66
N ALA J 308 7.73 27.65 37.15
CA ALA J 308 6.46 28.25 37.54
C ALA J 308 5.89 27.64 38.80
N TYR J 309 6.15 26.36 39.05
CA TYR J 309 5.52 25.68 40.19
C TYR J 309 6.37 24.48 40.60
N PHE J 310 6.09 24.00 41.80
CA PHE J 310 6.67 22.75 42.30
C PHE J 310 5.71 22.14 43.32
N VAL J 311 5.61 20.81 43.31
CA VAL J 311 4.78 20.05 44.23
C VAL J 311 5.65 19.01 44.91
N GLN J 312 5.53 18.87 46.23
CA GLN J 312 6.37 17.95 46.99
C GLN J 312 5.54 17.20 48.02
N ILE J 313 5.40 15.89 47.83
CA ILE J 313 4.84 14.98 48.82
C ILE J 313 5.88 13.90 49.09
N GLY J 314 5.93 13.41 50.32
CA GLY J 314 6.81 12.31 50.63
C GLY J 314 6.92 11.96 52.10
N LYS J 315 7.39 10.74 52.39
CA LYS J 315 7.58 10.32 53.77
C LYS J 315 8.89 10.87 54.33
N GLY J 316 9.90 11.04 53.49
CA GLY J 316 11.10 11.71 53.96
C GLY J 316 11.00 13.22 53.89
N ILE J 317 10.14 13.72 53.02
CA ILE J 317 10.17 15.13 52.63
C ILE J 317 9.27 15.98 53.51
N THR J 318 7.97 15.68 53.54
CA THR J 318 6.99 16.60 54.11
C THR J 318 6.40 16.12 55.44
N MET J 319 6.09 14.83 55.56
CA MET J 319 5.39 14.33 56.73
C MET J 319 6.23 13.31 57.48
N THR J 320 6.16 13.34 58.80
CA THR J 320 6.85 12.38 59.64
C THR J 320 6.07 11.07 59.68
N GLN J 321 6.76 9.99 60.04
CA GLN J 321 6.09 8.73 60.38
C GLN J 321 5.11 8.91 61.53
N GLU J 322 5.43 9.83 62.44
CA GLU J 322 4.51 10.20 63.51
C GLU J 322 3.26 10.88 62.95
N GLN J 323 3.43 11.77 61.97
CA GLN J 323 2.29 12.50 61.45
C GLN J 323 1.41 11.65 60.54
N ILE J 324 1.99 10.63 59.93
CA ILE J 324 1.21 9.71 59.09
C ILE J 324 0.26 8.89 59.94
N ASP J 325 0.73 8.42 61.11
CA ASP J 325 -0.12 7.67 62.02
C ASP J 325 -1.20 8.53 62.65
N ALA J 326 -1.00 9.84 62.74
CA ALA J 326 -2.06 10.73 63.21
C ALA J 326 -3.13 10.93 62.15
N GLY J 327 -2.81 10.67 60.88
CA GLY J 327 -3.75 10.81 59.79
C GLY J 327 -3.50 11.99 58.89
N GLN J 328 -2.40 12.72 59.07
CA GLN J 328 -2.14 13.91 58.29
C GLN J 328 -1.43 13.57 57.00
N MET J 329 -1.63 14.42 55.99
CA MET J 329 -0.95 14.31 54.71
C MET J 329 -0.56 15.72 54.28
N ILE J 330 0.73 15.96 54.12
CA ILE J 330 1.25 17.31 53.92
C ILE J 330 1.83 17.42 52.52
N VAL J 331 1.37 18.43 51.77
CA VAL J 331 1.82 18.75 50.42
C VAL J 331 2.36 20.18 50.44
N LYS J 332 3.41 20.42 49.66
CA LYS J 332 3.97 21.75 49.49
C LYS J 332 3.80 22.18 48.04
N VAL J 333 3.13 23.31 47.84
CA VAL J 333 2.89 23.86 46.51
C VAL J 333 3.49 25.26 46.47
N GLY J 334 4.20 25.57 45.40
CA GLY J 334 4.66 26.93 45.17
C GLY J 334 4.19 27.40 43.81
N LEU J 335 3.97 28.71 43.70
CA LEU J 335 3.50 29.32 42.46
C LEU J 335 4.30 30.57 42.17
N ALA J 336 4.26 31.02 40.93
CA ALA J 336 4.94 32.24 40.51
C ALA J 336 3.95 33.06 39.69
N ALA J 337 3.28 34.00 40.33
CA ALA J 337 2.27 34.80 39.66
C ALA J 337 2.94 35.92 38.85
N VAL J 338 2.15 36.52 37.96
CA VAL J 338 2.60 37.63 37.13
C VAL J 338 2.20 38.92 37.80
N ARG J 339 3.09 39.88 37.80
CA ARG J 339 2.71 41.16 38.39
C ARG J 339 2.28 42.13 37.29
N PRO J 340 1.33 43.02 37.55
CA PRO J 340 0.91 43.98 36.52
C PRO J 340 1.83 45.19 36.45
N ALA J 341 2.04 45.68 35.23
CA ALA J 341 2.78 46.92 35.02
C ALA J 341 1.90 48.09 35.44
N GLU J 342 2.35 48.83 36.44
CA GLU J 342 1.51 49.87 37.03
C GLU J 342 1.90 51.27 36.62
N PHE J 343 3.19 51.55 36.45
CA PHE J 343 3.67 52.85 36.02
C PHE J 343 4.36 52.72 34.68
N ILE J 344 4.12 53.65 33.77
CA ILE J 344 4.82 53.72 32.50
C ILE J 344 5.45 55.10 32.38
N ILE J 345 6.76 55.15 32.21
CA ILE J 345 7.51 56.39 32.20
C ILE J 345 7.98 56.67 30.78
N LEU J 346 7.50 57.77 30.21
CA LEU J 346 7.89 58.22 28.88
C LEU J 346 8.99 59.24 29.02
N GLN J 347 10.06 59.08 28.25
CA GLN J 347 11.09 60.10 28.13
C GLN J 347 11.07 60.64 26.71
N PHE J 348 10.79 61.93 26.57
CA PHE J 348 10.72 62.58 25.27
C PHE J 348 11.97 63.40 25.06
N THR J 349 12.71 63.08 24.01
CA THR J 349 13.96 63.73 23.68
C THR J 349 13.74 64.65 22.49
N GLN J 350 14.35 65.84 22.53
CA GLN J 350 14.08 66.82 21.49
C GLN J 350 14.91 66.54 20.24
N ASP J 351 16.09 65.96 20.38
CA ASP J 351 16.90 65.63 19.22
C ASP J 351 16.82 64.13 18.92
N VAL J 352 16.65 63.81 17.64
CA VAL J 352 16.51 62.44 17.19
C VAL J 352 17.89 61.92 16.82
N GLU J 353 18.32 60.87 17.52
CA GLU J 353 19.59 60.24 17.22
C GLU J 353 19.59 58.78 17.64
N THR K 2 15.86 60.06 40.69
CA THR K 2 15.57 59.90 39.27
C THR K 2 14.11 60.20 38.97
N THR K 3 13.25 59.22 39.22
CA THR K 3 11.82 59.35 39.01
C THR K 3 11.10 58.69 40.18
N VAL K 4 10.15 59.40 40.77
CA VAL K 4 9.36 58.87 41.89
C VAL K 4 7.92 58.70 41.41
N THR K 5 7.35 57.53 41.67
CA THR K 5 6.06 57.13 41.12
C THR K 5 5.09 56.89 42.27
N SER K 6 4.10 57.77 42.40
CA SER K 6 3.10 57.64 43.45
C SER K 6 1.76 57.15 42.91
N TYR K 7 1.19 57.82 41.92
CA TYR K 7 -0.02 57.34 41.27
C TYR K 7 0.35 56.36 40.16
N PRO K 8 -0.58 55.46 39.74
CA PRO K 8 -0.27 54.54 38.64
C PRO K 8 0.08 55.22 37.33
N GLY K 9 -0.90 55.88 36.69
CA GLY K 9 -0.74 56.82 35.60
C GLY K 9 0.21 56.51 34.45
N VAL K 10 0.64 57.55 33.73
CA VAL K 10 1.85 57.52 32.95
C VAL K 10 2.63 58.79 33.29
N TYR K 11 3.90 58.81 32.90
CA TYR K 11 4.81 59.90 33.27
C TYR K 11 5.53 60.37 32.03
N ILE K 12 5.47 61.68 31.77
CA ILE K 12 5.97 62.26 30.53
C ILE K 12 7.14 63.18 30.84
N GLU K 13 7.99 62.73 31.76
CA GLU K 13 9.31 63.31 32.00
C GLU K 13 10.07 63.57 30.71
N GLU K 14 10.77 64.71 30.64
CA GLU K 14 11.58 65.06 29.49
C GLU K 14 13.03 65.14 29.91
N LEU K 15 13.85 64.22 29.42
CA LEU K 15 15.28 64.27 29.70
C LEU K 15 16.05 63.68 28.52
N ASN K 16 17.23 64.25 28.28
CA ASN K 16 18.13 63.77 27.24
C ASN K 16 19.07 62.73 27.85
N SER K 17 18.78 61.46 27.63
CA SER K 17 19.71 60.39 27.96
C SER K 17 19.81 59.46 26.77
N LEU K 18 21.04 59.05 26.47
CA LEU K 18 21.32 58.23 25.31
C LEU K 18 21.23 56.76 25.68
N ALA K 19 20.61 55.97 24.82
CA ALA K 19 20.43 54.54 25.06
C ALA K 19 20.96 53.78 23.86
N LEU K 20 21.75 52.75 24.14
CA LEU K 20 22.37 51.92 23.11
C LEU K 20 21.81 50.50 23.21
N SER K 21 21.60 49.88 22.06
CA SER K 21 21.03 48.54 22.02
C SER K 21 22.06 47.51 22.45
N VAL K 22 21.58 46.44 23.08
CA VAL K 22 22.47 45.42 23.67
C VAL K 22 22.80 44.36 22.63
N SER K 23 23.99 43.80 22.76
CA SER K 23 24.46 42.72 21.91
C SER K 23 25.10 41.66 22.79
N ASN K 24 24.95 40.40 22.38
CA ASN K 24 25.58 39.27 23.07
C ASN K 24 26.66 38.70 22.17
N SER K 25 27.90 38.70 22.66
CA SER K 25 29.05 38.22 21.91
C SER K 25 29.68 37.08 22.68
N ALA K 26 29.75 35.90 22.05
CA ALA K 26 30.31 34.74 22.72
C ALA K 26 31.84 34.73 22.67
N THR K 27 32.44 35.40 21.69
CA THR K 27 33.85 35.21 21.41
C THR K 27 34.75 36.34 21.91
N ALA K 28 34.20 37.52 22.19
CA ALA K 28 35.01 38.68 22.52
C ALA K 28 34.50 39.31 23.81
N VAL K 29 35.23 39.11 24.90
CA VAL K 29 34.91 39.74 26.19
C VAL K 29 36.10 40.60 26.59
N PRO K 30 36.07 41.90 26.36
CA PRO K 30 37.25 42.74 26.67
C PRO K 30 37.36 43.06 28.15
N VAL K 31 38.56 43.48 28.53
CA VAL K 31 38.83 44.01 29.86
C VAL K 31 39.45 45.39 29.67
N PHE K 32 38.74 46.41 30.11
CA PHE K 32 39.20 47.78 29.92
C PHE K 32 40.12 48.16 31.06
N ALA K 33 41.37 48.49 30.75
CA ALA K 33 42.29 48.99 31.74
C ALA K 33 41.86 50.39 32.16
N VAL K 34 41.77 50.62 33.46
CA VAL K 34 41.29 51.87 34.01
C VAL K 34 42.42 52.49 34.82
N ASP K 35 42.66 53.78 34.61
CA ASP K 35 43.74 54.46 35.31
C ASP K 35 43.41 54.62 36.79
N GLU K 36 44.44 54.77 37.60
CA GLU K 36 44.23 55.28 38.94
C GLU K 36 43.93 56.77 38.86
N GLN K 37 43.43 57.31 39.98
CA GLN K 37 42.58 58.51 40.06
C GLN K 37 41.25 58.32 39.33
N ASN K 38 40.69 57.11 39.42
CA ASN K 38 39.31 56.84 39.00
C ASN K 38 38.54 56.46 40.26
N GLN K 39 37.61 57.31 40.67
CA GLN K 39 36.94 57.16 41.95
C GLN K 39 35.77 56.18 41.92
N TYR K 40 35.42 55.65 40.75
CA TYR K 40 34.20 54.86 40.65
C TYR K 40 34.43 53.37 40.85
N ILE K 41 35.56 52.84 40.39
CA ILE K 41 35.85 51.43 40.55
C ILE K 41 36.97 51.28 41.58
N SER K 42 36.94 50.16 42.29
CA SER K 42 37.92 49.87 43.33
C SER K 42 39.04 48.99 42.78
N GLU K 43 40.13 48.92 43.53
CA GLU K 43 41.20 48.00 43.19
C GLU K 43 40.76 46.56 43.42
N ASP K 44 41.39 45.66 42.67
CA ASP K 44 41.39 44.22 42.92
C ASP K 44 40.02 43.55 42.83
N ASN K 45 39.09 44.13 42.07
CA ASN K 45 37.91 43.39 41.65
C ASN K 45 37.45 43.90 40.29
N ALA K 46 37.05 42.96 39.44
CA ALA K 46 36.49 43.29 38.14
C ALA K 46 35.01 43.58 38.28
N ILE K 47 34.55 44.63 37.63
CA ILE K 47 33.15 45.02 37.65
C ILE K 47 32.58 44.67 36.29
N ARG K 48 31.73 43.66 36.23
CA ARG K 48 31.13 43.26 34.97
C ARG K 48 30.05 44.27 34.58
N ILE K 49 30.20 44.84 33.38
CA ILE K 49 29.27 45.82 32.86
C ILE K 49 28.51 45.15 31.72
N ASN K 50 27.24 44.82 31.96
CA ASN K 50 26.49 44.05 30.98
C ASN K 50 26.04 44.89 29.80
N SER K 51 25.85 46.18 29.99
CA SER K 51 25.29 47.03 28.95
C SER K 51 25.70 48.47 29.21
N TRP K 52 25.37 49.34 28.27
CA TRP K 52 25.65 50.76 28.44
C TRP K 52 24.80 51.37 29.54
N MET K 53 23.57 50.87 29.70
CA MET K 53 22.73 51.30 30.80
C MET K 53 23.28 50.85 32.13
N ASP K 54 23.89 49.66 32.17
CA ASP K 54 24.56 49.17 33.36
C ASP K 54 25.74 50.07 33.73
N TYR K 55 26.50 50.53 32.74
CA TYR K 55 27.59 51.46 33.00
C TYR K 55 27.06 52.82 33.43
N LEU K 56 25.94 53.25 32.86
CA LEU K 56 25.37 54.55 33.17
C LEU K 56 24.66 54.58 34.51
N ASN K 57 24.52 53.43 35.19
CA ASN K 57 24.08 53.43 36.58
C ASN K 57 25.25 53.55 37.54
N LEU K 58 26.42 53.06 37.14
CA LEU K 58 27.60 53.08 38.00
C LEU K 58 28.13 54.50 38.16
N ILE K 59 28.23 55.24 37.06
CA ILE K 59 28.58 56.66 37.08
C ILE K 59 27.31 57.46 36.92
N GLY K 60 27.26 58.63 37.55
CA GLY K 60 26.03 59.41 37.51
C GLY K 60 25.79 60.06 36.16
N ASN K 61 26.76 60.86 35.70
CA ASN K 61 26.65 61.57 34.44
C ASN K 61 27.66 61.03 33.44
N PHE K 62 27.30 61.09 32.16
CA PHE K 62 28.30 60.92 31.12
C PHE K 62 29.23 62.12 31.11
N ASN K 63 30.52 61.87 31.19
CA ASN K 63 31.54 62.91 31.26
C ASN K 63 32.32 62.96 29.96
N ASN K 64 32.36 64.14 29.34
CA ASN K 64 33.11 64.30 28.10
C ASN K 64 34.61 64.26 28.34
N GLU K 65 35.06 64.64 29.55
CA GLU K 65 36.49 64.79 29.81
C GLU K 65 37.14 63.46 30.17
N ASP K 66 36.37 62.46 30.60
CA ASP K 66 36.95 61.20 31.03
C ASP K 66 37.42 60.39 29.83
N LYS K 67 38.62 59.82 29.95
CA LYS K 67 39.11 58.91 28.93
C LYS K 67 38.35 57.59 28.98
N LEU K 68 37.89 57.18 30.17
CA LEU K 68 37.17 55.92 30.29
C LEU K 68 35.74 56.04 29.75
N ASP K 69 35.09 57.19 29.96
CA ASP K 69 33.71 57.37 29.56
C ASP K 69 33.53 57.33 28.05
N VAL K 70 34.35 58.11 27.33
CA VAL K 70 34.22 58.19 25.89
C VAL K 70 34.69 56.91 25.21
N SER K 71 35.52 56.12 25.89
CA SER K 71 35.98 54.85 25.33
C SER K 71 34.94 53.75 25.50
N VAL K 72 34.17 53.79 26.58
CA VAL K 72 33.14 52.78 26.81
C VAL K 72 31.92 53.05 25.94
N ARG K 73 31.57 54.32 25.74
CA ARG K 73 30.43 54.65 24.87
C ARG K 73 30.73 54.31 23.41
N ALA K 74 31.96 54.54 22.97
CA ALA K 74 32.36 54.15 21.63
C ALA K 74 32.43 52.63 21.48
N TYR K 75 32.64 51.92 22.58
CA TYR K 75 32.67 50.46 22.54
C TYR K 75 31.27 49.88 22.37
N PHE K 76 30.28 50.42 23.09
CA PHE K 76 28.94 49.91 23.01
C PHE K 76 28.19 50.39 21.78
N ALA K 77 28.60 51.50 21.19
CA ALA K 77 27.95 51.98 19.97
C ALA K 77 28.34 51.13 18.77
N ASN K 78 29.52 50.51 18.80
CA ASN K 78 29.96 49.67 17.70
C ASN K 78 29.46 48.24 17.81
N GLY K 79 28.92 47.84 18.94
CA GLY K 79 28.31 46.53 19.04
C GLY K 79 28.98 45.59 20.02
N GLY K 80 29.56 46.14 21.08
CA GLY K 80 30.24 45.31 22.05
C GLY K 80 29.29 44.70 23.06
N GLY K 81 29.63 43.51 23.52
CA GLY K 81 28.87 42.83 24.55
C GLY K 81 29.28 43.28 25.93
N TYR K 82 29.13 42.37 26.89
CA TYR K 82 29.48 42.69 28.26
C TYR K 82 31.01 42.68 28.43
N CYS K 83 31.50 43.59 29.28
CA CYS K 83 32.92 43.74 29.48
C CYS K 83 33.20 43.89 30.97
N TYR K 84 34.48 43.78 31.33
CA TYR K 84 34.93 43.96 32.70
C TYR K 84 35.74 45.25 32.80
N LEU K 85 35.78 45.82 34.00
CA LEU K 85 36.52 47.04 34.28
C LEU K 85 37.49 46.74 35.42
N VAL K 86 38.76 46.58 35.09
CA VAL K 86 39.80 46.28 36.07
C VAL K 86 40.76 47.46 36.10
N LYS K 87 41.13 47.89 37.31
CA LYS K 87 42.12 48.95 37.44
C LYS K 87 43.50 48.44 37.03
N THR K 88 44.33 49.36 36.54
CA THR K 88 45.52 48.96 35.80
C THR K 88 46.67 48.47 36.67
N THR K 89 46.69 48.81 37.96
CA THR K 89 47.78 48.37 38.82
C THR K 89 47.51 47.00 39.43
N SER K 90 46.24 46.69 39.69
CA SER K 90 45.83 45.35 40.08
C SER K 90 45.37 44.52 38.90
N LEU K 91 45.79 44.89 37.69
CA LEU K 91 45.28 44.25 36.48
C LEU K 91 45.86 42.85 36.29
N GLU K 92 47.08 42.61 36.75
CA GLU K 92 47.73 41.32 36.56
C GLU K 92 47.23 40.25 37.52
N LYS K 93 46.36 40.59 38.47
CA LYS K 93 45.82 39.62 39.42
C LYS K 93 44.41 39.16 39.07
N ILE K 94 43.64 39.97 38.36
CA ILE K 94 42.22 39.69 38.17
C ILE K 94 41.97 38.97 36.86
N ILE K 95 42.74 39.29 35.82
CA ILE K 95 42.58 38.60 34.53
C ILE K 95 42.85 37.10 34.61
N PRO K 96 43.81 36.57 35.40
CA PRO K 96 43.83 35.11 35.60
C PRO K 96 42.63 34.55 36.37
N THR K 97 41.95 35.36 37.20
CA THR K 97 40.78 34.85 37.91
C THR K 97 39.60 34.66 36.96
N LEU K 98 39.35 35.64 36.10
CA LEU K 98 38.20 35.61 35.20
C LEU K 98 38.46 34.62 34.09
N ASP K 99 37.52 33.69 33.89
CA ASP K 99 37.74 32.59 32.96
C ASP K 99 37.58 33.03 31.51
N ASP K 100 36.43 33.61 31.17
CA ASP K 100 36.06 33.76 29.76
C ASP K 100 36.58 35.05 29.12
N VAL K 101 37.53 35.73 29.75
CA VAL K 101 38.11 36.93 29.18
C VAL K 101 39.00 36.56 28.00
N THR K 102 38.74 37.18 26.84
CA THR K 102 39.55 36.97 25.64
C THR K 102 40.37 38.18 25.25
N LEU K 103 39.76 39.36 25.18
CA LEU K 103 40.47 40.57 24.79
C LEU K 103 41.03 41.26 26.02
N LEU K 104 42.12 42.00 25.81
CA LEU K 104 42.67 42.91 26.81
C LEU K 104 42.85 44.26 26.14
N VAL K 105 42.08 45.25 26.57
CA VAL K 105 41.98 46.54 25.89
C VAL K 105 42.56 47.61 26.79
N ALA K 106 43.56 48.33 26.28
CA ALA K 106 44.06 49.53 26.94
C ALA K 106 43.28 50.72 26.40
N ALA K 107 42.48 51.34 27.25
CA ALA K 107 41.77 52.55 26.87
C ALA K 107 42.65 53.75 27.25
N GLY K 108 43.70 53.93 26.47
CA GLY K 108 44.66 54.99 26.74
C GLY K 108 45.49 54.76 27.98
N GLU K 109 46.00 53.54 28.16
CA GLU K 109 46.74 53.17 29.35
C GLU K 109 48.02 52.43 28.95
N ASP K 110 49.00 52.49 29.84
CA ASP K 110 50.28 51.81 29.63
C ASP K 110 50.14 50.40 30.20
N ILE K 111 49.81 49.44 29.35
CA ILE K 111 49.71 48.05 29.77
C ILE K 111 50.87 47.23 29.22
N LYS K 112 51.93 47.89 28.74
CA LYS K 112 53.07 47.19 28.16
C LYS K 112 53.85 46.36 29.17
N THR K 113 53.75 46.70 30.46
CA THR K 113 54.36 45.86 31.49
C THR K 113 53.55 44.59 31.71
N THR K 114 52.22 44.72 31.80
CA THR K 114 51.38 43.57 32.08
C THR K 114 51.19 42.66 30.89
N VAL K 115 51.28 43.18 29.66
CA VAL K 115 51.09 42.34 28.48
C VAL K 115 52.25 41.37 28.30
N ASP K 116 53.47 41.76 28.68
CA ASP K 116 54.61 40.86 28.56
C ASP K 116 54.52 39.69 29.55
N VAL K 117 53.89 39.91 30.71
CA VAL K 117 53.89 38.88 31.74
C VAL K 117 52.65 37.98 31.70
N LEU K 118 51.58 38.39 31.03
CA LEU K 118 50.40 37.53 30.98
C LEU K 118 50.06 37.00 29.60
N CYS K 119 50.54 37.61 28.52
CA CYS K 119 50.30 37.07 27.19
C CYS K 119 51.36 36.03 26.88
N GLN K 120 50.98 34.77 27.01
CA GLN K 120 51.82 33.60 26.81
C GLN K 120 51.23 32.77 25.68
N PRO K 121 52.00 31.84 25.10
CA PRO K 121 51.42 30.96 24.06
C PRO K 121 50.30 30.05 24.55
N GLY K 122 50.29 29.71 25.84
CA GLY K 122 49.24 28.86 26.36
C GLY K 122 47.94 29.58 26.64
N LYS K 123 48.01 30.77 27.22
CA LYS K 123 46.82 31.50 27.62
C LYS K 123 46.17 32.15 26.41
N GLY K 124 44.84 32.27 26.46
CA GLY K 124 44.06 32.70 25.33
C GLY K 124 43.86 34.20 25.20
N LEU K 125 44.73 35.01 25.79
CA LEU K 125 44.53 36.45 25.81
C LEU K 125 45.11 37.10 24.57
N PHE K 126 44.29 37.89 23.88
CA PHE K 126 44.72 38.78 22.81
C PHE K 126 44.63 40.20 23.33
N ALA K 127 45.58 41.06 22.95
CA ALA K 127 45.72 42.37 23.57
C ALA K 127 45.83 43.46 22.52
N VAL K 128 44.71 44.13 22.22
CA VAL K 128 44.72 45.27 21.32
C VAL K 128 44.94 46.54 22.13
N PHE K 129 45.93 47.34 21.74
CA PHE K 129 46.11 48.65 22.37
C PHE K 129 46.41 49.68 21.30
N ASP K 130 46.72 50.90 21.75
CA ASP K 130 46.67 52.10 20.93
C ASP K 130 47.98 52.34 20.20
N GLY K 131 47.91 53.18 19.18
CA GLY K 131 49.09 53.77 18.60
C GLY K 131 49.47 55.00 19.39
N PRO K 132 50.56 55.67 19.00
CA PRO K 132 50.95 56.90 19.69
C PRO K 132 49.99 58.02 19.38
N GLU K 133 49.71 58.84 20.40
CA GLU K 133 48.76 59.94 20.25
C GLU K 133 49.27 61.05 19.35
N THR K 134 50.58 61.19 19.23
CA THR K 134 51.14 62.25 18.40
C THR K 134 51.04 61.89 16.92
N GLU K 135 50.93 62.90 16.08
CA GLU K 135 50.94 62.72 14.64
C GLU K 135 52.36 62.34 14.21
N LEU K 136 52.54 61.11 13.74
CA LEU K 136 53.87 60.60 13.44
C LEU K 136 54.25 60.87 12.00
N THR K 137 55.38 60.30 11.58
CA THR K 137 55.99 60.61 10.30
C THR K 137 56.30 59.33 9.54
N ILE K 138 56.47 59.51 8.23
CA ILE K 138 57.10 58.49 7.39
C ILE K 138 58.61 58.52 7.58
N ASN K 139 59.13 59.59 8.18
CA ASN K 139 60.55 59.87 8.30
C ASN K 139 61.16 59.20 9.54
N GLY K 140 60.58 59.44 10.71
CA GLY K 140 61.04 58.79 11.93
C GLY K 140 60.22 57.57 12.26
N ALA K 141 59.92 56.76 11.24
CA ALA K 141 58.88 55.75 11.36
C ALA K 141 59.35 54.47 12.05
N GLU K 142 60.62 54.08 11.88
CA GLU K 142 61.07 52.84 12.49
C GLU K 142 61.40 53.00 13.97
N GLU K 143 61.39 54.24 14.49
CA GLU K 143 61.53 54.45 15.92
C GLU K 143 60.21 54.28 16.65
N ALA K 144 59.09 54.55 15.98
CA ALA K 144 57.77 54.37 16.60
C ALA K 144 57.40 52.90 16.71
N LYS K 145 57.87 52.07 15.78
CA LYS K 145 57.67 50.64 15.90
C LYS K 145 58.56 50.03 16.98
N GLN K 146 59.63 50.74 17.36
CA GLN K 146 60.53 50.25 18.40
C GLN K 146 59.90 50.32 19.79
N ALA K 147 58.90 51.19 19.97
CA ALA K 147 58.31 51.36 21.29
C ALA K 147 57.44 50.17 21.68
N TYR K 148 56.95 49.42 20.70
CA TYR K 148 56.05 48.30 20.98
C TYR K 148 56.78 46.98 20.92
N THR K 149 56.30 46.02 21.73
CA THR K 149 56.88 44.69 21.81
C THR K 149 56.54 43.90 20.55
N ALA K 150 57.29 42.85 20.29
CA ALA K 150 57.12 42.00 19.10
C ALA K 150 56.31 40.74 19.39
N THR K 151 55.32 40.83 20.27
CA THR K 151 54.52 39.66 20.60
C THR K 151 53.45 39.41 19.52
N PRO K 152 53.14 38.15 19.23
CA PRO K 152 52.12 37.87 18.21
C PRO K 152 50.69 38.09 18.67
N PHE K 153 50.47 38.31 19.95
CA PHE K 153 49.11 38.43 20.49
C PHE K 153 48.61 39.85 20.52
N ALA K 154 49.36 40.79 19.97
CA ALA K 154 48.99 42.19 20.07
C ALA K 154 48.84 42.83 18.71
N ALA K 155 47.89 43.75 18.63
CA ALA K 155 47.66 44.55 17.44
C ALA K 155 47.60 46.01 17.86
N VAL K 156 48.16 46.89 17.03
CA VAL K 156 48.24 48.31 17.33
C VAL K 156 47.48 49.06 16.24
N TYR K 157 46.51 49.87 16.64
CA TYR K 157 45.71 50.66 15.72
C TYR K 157 46.07 52.12 15.96
N TYR K 158 46.53 52.81 14.90
CA TYR K 158 47.22 54.08 15.15
C TYR K 158 46.33 55.25 15.55
N PRO K 159 45.42 55.77 14.70
CA PRO K 159 44.93 57.13 14.97
C PRO K 159 43.88 57.16 16.06
N TRP K 160 44.11 58.00 17.06
CA TRP K 160 43.12 58.22 18.12
C TRP K 160 41.90 58.89 17.53
N LEU K 161 40.76 58.20 17.58
CA LEU K 161 39.56 58.72 16.93
C LEU K 161 38.98 59.88 17.71
N LYS K 162 38.25 60.73 17.00
CA LYS K 162 37.58 61.87 17.61
C LYS K 162 36.10 61.83 17.24
N ALA K 163 35.28 62.44 18.09
CA ALA K 163 33.84 62.44 17.91
C ALA K 163 33.30 63.79 18.32
N ASP K 164 32.08 64.10 17.86
CA ASP K 164 31.47 65.37 18.20
C ASP K 164 30.93 65.38 19.62
N TRP K 165 30.52 64.22 20.15
CA TRP K 165 30.05 64.17 21.52
C TRP K 165 31.22 64.16 22.51
N ALA K 166 32.33 63.54 22.15
CA ALA K 166 33.48 63.47 23.03
C ALA K 166 34.31 64.75 22.92
N ASN K 167 34.67 65.31 24.06
CA ASN K 167 35.52 66.50 24.06
C ASN K 167 36.96 66.13 23.74
N ILE K 168 37.48 65.12 24.40
CA ILE K 168 38.83 64.61 24.18
C ILE K 168 38.82 63.56 23.07
N ASP K 169 40.00 63.19 22.60
CA ASP K 169 40.12 62.15 21.58
C ASP K 169 39.99 60.78 22.20
N ILE K 170 39.33 59.88 21.47
CA ILE K 170 39.00 58.54 21.93
C ILE K 170 40.16 57.61 21.60
N PRO K 171 40.61 56.76 22.53
CA PRO K 171 41.61 55.75 22.19
C PRO K 171 41.05 54.75 21.20
N PRO K 172 41.81 54.41 20.15
CA PRO K 172 41.26 53.57 19.08
C PRO K 172 41.10 52.11 19.43
N SER K 173 41.72 51.64 20.51
CA SER K 173 41.57 50.24 20.90
C SER K 173 40.21 49.94 21.50
N ALA K 174 39.54 50.94 22.06
CA ALA K 174 38.24 50.70 22.66
C ALA K 174 37.16 50.55 21.61
N VAL K 175 37.30 51.21 20.47
CA VAL K 175 36.36 51.00 19.39
C VAL K 175 36.64 49.69 18.66
N MET K 176 37.85 49.15 18.79
CA MET K 176 38.21 47.93 18.08
C MET K 176 37.85 46.67 18.87
N ALA K 177 37.59 46.80 20.16
CA ALA K 177 36.99 45.69 20.90
C ALA K 177 35.56 45.46 20.45
N GLY K 178 34.87 46.53 20.09
CA GLY K 178 33.51 46.38 19.55
C GLY K 178 33.49 45.96 18.11
N VAL K 179 34.51 46.35 17.33
CA VAL K 179 34.60 45.92 15.94
C VAL K 179 34.95 44.43 15.87
N TYR K 180 35.77 43.96 16.81
CA TYR K 180 36.06 42.52 16.91
C TYR K 180 34.80 41.73 17.23
N ALA K 181 33.95 42.24 18.12
CA ALA K 181 32.72 41.55 18.45
C ALA K 181 31.70 41.64 17.33
N SER K 182 31.73 42.72 16.56
CA SER K 182 30.76 42.91 15.48
C SER K 182 31.12 42.08 14.26
N VAL K 183 32.41 41.89 14.01
CA VAL K 183 32.86 41.10 12.87
C VAL K 183 32.56 39.62 13.10
N ASP K 184 32.90 39.13 14.29
CA ASP K 184 32.77 37.71 14.60
C ASP K 184 31.34 37.26 14.72
N LEU K 185 30.41 38.17 15.03
CA LEU K 185 29.02 37.82 15.07
C LEU K 185 28.39 37.76 13.69
N SER K 186 28.77 38.68 12.80
CA SER K 186 28.17 38.73 11.48
C SER K 186 28.84 37.79 10.48
N ARG K 187 30.15 37.58 10.58
CA ARG K 187 30.84 36.76 9.61
C ARG K 187 31.76 35.70 10.18
N GLY K 188 32.17 35.80 11.45
CA GLY K 188 33.00 34.77 12.04
C GLY K 188 34.34 35.25 12.53
N VAL K 189 34.97 34.49 13.42
CA VAL K 189 36.28 34.87 13.96
C VAL K 189 37.36 34.77 12.89
N TRP K 190 37.19 33.87 11.92
CA TRP K 190 38.17 33.67 10.87
C TRP K 190 38.22 34.83 9.88
N LYS K 191 37.17 35.63 9.80
CA LYS K 191 37.18 36.83 8.98
C LYS K 191 37.97 37.93 9.67
N ALA K 192 38.82 38.61 8.91
CA ALA K 192 39.60 39.72 9.44
C ALA K 192 38.68 40.89 9.78
N PRO K 193 39.02 41.67 10.82
CA PRO K 193 38.20 42.82 11.19
C PRO K 193 38.41 44.06 10.34
N ALA K 194 39.14 43.97 9.23
CA ALA K 194 39.38 45.17 8.44
C ALA K 194 38.25 45.39 7.45
N ASN K 195 38.34 46.53 6.75
CA ASN K 195 37.30 47.21 5.94
C ASN K 195 35.88 47.07 6.52
N VAL K 196 35.77 47.37 7.81
CA VAL K 196 34.50 47.46 8.51
C VAL K 196 34.31 48.89 8.98
N ALA K 197 33.16 49.49 8.66
CA ALA K 197 32.89 50.86 9.05
C ALA K 197 32.55 50.94 10.53
N LEU K 198 32.87 52.08 11.13
CA LEU K 198 32.63 52.31 12.55
C LEU K 198 31.23 52.91 12.72
N LYS K 199 30.40 52.25 13.52
CA LYS K 199 28.99 52.62 13.60
C LYS K 199 28.79 53.91 14.39
N GLY K 200 29.64 54.18 15.37
CA GLY K 200 29.54 55.42 16.10
C GLY K 200 29.98 56.60 15.27
N GLY K 201 29.70 57.81 15.78
CA GLY K 201 30.09 59.01 15.08
C GLY K 201 31.57 59.31 15.18
N LEU K 202 32.39 58.48 14.55
CA LEU K 202 33.84 58.53 14.67
C LEU K 202 34.46 58.98 13.35
N GLU K 203 35.64 59.59 13.44
CA GLU K 203 36.49 59.90 12.31
C GLU K 203 37.90 60.11 12.83
N PRO K 204 38.94 59.76 12.06
CA PRO K 204 40.30 59.82 12.58
C PRO K 204 40.77 61.24 12.83
N LYS K 205 41.62 61.39 13.84
CA LYS K 205 42.18 62.70 14.15
C LYS K 205 43.18 63.15 13.09
N PHE K 206 43.94 62.21 12.53
CA PHE K 206 44.95 62.49 11.54
C PHE K 206 44.67 61.68 10.29
N LEU K 207 44.49 62.35 9.17
CA LEU K 207 44.37 61.67 7.89
C LEU K 207 45.72 61.08 7.50
N VAL K 208 45.71 59.83 7.05
CA VAL K 208 46.93 59.06 6.86
C VAL K 208 47.12 58.80 5.37
N THR K 209 48.27 59.22 4.85
CA THR K 209 48.61 58.95 3.46
C THR K 209 48.91 57.47 3.27
N ASP K 210 48.77 57.01 2.02
CA ASP K 210 49.06 55.61 1.71
C ASP K 210 50.55 55.31 1.79
N GLU K 211 51.40 56.29 1.52
CA GLU K 211 52.84 56.06 1.60
C GLU K 211 53.31 55.93 3.04
N LEU K 212 52.62 56.59 3.97
CA LEU K 212 52.97 56.44 5.38
C LEU K 212 52.58 55.07 5.91
N GLN K 213 51.43 54.56 5.48
CA GLN K 213 50.97 53.24 5.92
C GLN K 213 51.86 52.12 5.39
N GLY K 214 52.56 52.34 4.28
CA GLY K 214 53.49 51.34 3.79
C GLY K 214 54.72 51.17 4.67
N GLU K 215 55.12 52.24 5.38
CA GLU K 215 56.22 52.14 6.33
C GLU K 215 55.87 51.26 7.50
N TYR K 216 54.70 51.50 8.10
CA TYR K 216 54.36 50.89 9.37
C TYR K 216 53.81 49.50 9.25
N ASN K 217 53.36 49.10 8.06
CA ASN K 217 52.73 47.80 7.89
C ASN K 217 53.72 46.65 7.88
N THR K 218 55.01 46.91 7.70
CA THR K 218 55.94 45.84 7.38
C THR K 218 56.44 45.09 8.63
N GLY K 219 57.18 45.77 9.50
CA GLY K 219 57.95 45.05 10.50
C GLY K 219 57.25 44.72 11.81
N ARG K 220 56.85 45.74 12.56
CA ARG K 220 56.08 45.57 13.79
C ARG K 220 54.79 46.33 13.51
N ALA K 221 53.83 45.64 12.90
CA ALA K 221 52.83 46.30 12.10
C ALA K 221 51.81 47.06 12.93
N ILE K 222 51.57 48.30 12.52
CA ILE K 222 50.58 49.16 13.13
C ILE K 222 49.43 49.29 12.13
N ASN K 223 48.31 48.67 12.44
CA ASN K 223 47.12 48.81 11.63
C ASN K 223 46.59 50.23 11.75
N MET K 224 45.86 50.68 10.73
CA MET K 224 45.49 52.09 10.68
C MET K 224 44.03 52.24 10.29
N ILE K 225 43.39 53.22 10.90
CA ILE K 225 41.99 53.55 10.68
C ILE K 225 41.95 54.81 9.84
N ARG K 226 41.54 54.71 8.58
CA ARG K 226 41.58 55.89 7.74
C ARG K 226 40.29 56.03 6.94
N ASN K 227 40.02 57.26 6.53
CA ASN K 227 38.73 57.63 5.96
C ASN K 227 38.71 57.42 4.46
N PHE K 228 37.65 56.81 3.98
CA PHE K 228 37.37 56.64 2.56
C PHE K 228 36.08 57.37 2.25
N SER K 229 36.01 57.99 1.07
CA SER K 229 34.87 58.86 0.79
C SER K 229 33.59 58.09 0.54
N ASN K 230 33.69 56.85 0.06
CA ASN K 230 32.51 56.03 -0.14
C ASN K 230 32.15 55.19 1.07
N THR K 231 33.13 54.83 1.89
CA THR K 231 32.92 53.97 3.05
C THR K 231 32.80 54.73 4.36
N GLY K 232 33.22 56.00 4.40
CA GLY K 232 33.33 56.69 5.67
C GLY K 232 34.66 56.34 6.32
N THR K 233 34.67 56.32 7.64
CA THR K 233 35.85 55.84 8.34
C THR K 233 35.79 54.32 8.44
N THR K 234 36.97 53.69 8.38
CA THR K 234 37.02 52.25 8.30
C THR K 234 38.38 51.77 8.80
N VAL K 235 38.42 50.52 9.24
CA VAL K 235 39.64 49.88 9.70
C VAL K 235 40.36 49.29 8.50
N TRP K 236 41.68 49.41 8.47
CA TRP K 236 42.44 49.07 7.27
C TRP K 236 43.67 48.24 7.57
N GLY K 237 43.57 47.35 8.55
CA GLY K 237 44.70 46.49 8.87
C GLY K 237 44.25 45.27 9.63
N ALA K 238 44.97 44.17 9.42
CA ALA K 238 44.69 42.93 10.12
C ALA K 238 45.95 42.29 10.69
N ARG K 239 47.06 43.00 10.71
CA ARG K 239 48.35 42.42 11.04
C ARG K 239 48.67 42.57 12.52
N THR K 240 49.32 41.56 13.09
CA THR K 240 49.76 41.60 14.48
C THR K 240 51.12 42.30 14.57
N LEU K 241 51.74 42.25 15.74
CA LEU K 241 53.08 42.79 15.91
C LEU K 241 54.17 41.79 15.57
N GLU K 242 53.81 40.54 15.29
CA GLU K 242 54.79 39.54 14.85
C GLU K 242 54.91 39.57 13.33
N ASP K 243 56.14 39.64 12.85
CA ASP K 243 56.40 39.66 11.41
C ASP K 243 56.55 38.27 10.81
N LYS K 244 56.65 37.23 11.64
CA LYS K 244 56.81 35.87 11.14
C LYS K 244 55.57 35.44 10.36
N ASP K 245 55.78 34.56 9.38
CA ASP K 245 54.72 34.17 8.46
C ASP K 245 53.68 33.28 9.10
N ASN K 246 53.94 32.76 10.30
CA ASN K 246 52.96 31.92 10.98
C ASN K 246 51.83 32.75 11.58
N TRP K 247 52.17 33.80 12.31
CA TRP K 247 51.18 34.56 13.07
C TRP K 247 51.14 36.01 12.60
N ARG K 248 51.09 36.22 11.29
CA ARG K 248 51.18 37.57 10.75
C ARG K 248 49.87 38.33 10.93
N TYR K 249 48.73 37.64 10.81
CA TYR K 249 47.43 38.29 10.75
C TYR K 249 46.62 38.04 12.02
N VAL K 250 45.87 39.06 12.46
CA VAL K 250 44.97 38.88 13.59
C VAL K 250 43.78 37.95 13.35
N PRO K 251 43.26 37.65 12.14
CA PRO K 251 42.26 36.57 12.08
C PRO K 251 42.84 35.20 12.31
N VAL K 252 44.11 34.96 12.01
CA VAL K 252 44.69 33.64 12.24
C VAL K 252 45.03 33.46 13.72
N ARG K 253 45.51 34.52 14.37
CA ARG K 253 45.84 34.42 15.79
C ARG K 253 44.60 34.33 16.64
N ARG K 254 43.54 35.08 16.29
CA ARG K 254 42.30 35.02 17.05
C ARG K 254 41.48 33.77 16.76
N LEU K 255 41.70 33.12 15.61
CA LEU K 255 41.06 31.83 15.39
C LEU K 255 41.66 30.76 16.28
N PHE K 256 42.99 30.72 16.37
CA PHE K 256 43.65 29.74 17.20
C PHE K 256 43.40 29.98 18.67
N ASN K 257 43.23 31.23 19.09
CA ASN K 257 42.83 31.52 20.46
C ASN K 257 41.41 31.03 20.75
N SER K 258 40.53 31.13 19.75
CA SER K 258 39.14 30.76 19.95
C SER K 258 38.94 29.26 19.89
N VAL K 259 39.67 28.58 19.00
CA VAL K 259 39.54 27.13 18.84
C VAL K 259 40.03 26.42 20.09
N GLU K 260 41.15 26.87 20.65
CA GLU K 260 41.73 26.18 21.78
C GLU K 260 40.96 26.46 23.07
N ARG K 261 40.18 27.55 23.09
CA ARG K 261 39.28 27.79 24.21
C ARG K 261 38.06 26.86 24.13
N ASP K 262 37.57 26.59 22.93
CA ASP K 262 36.45 25.67 22.79
C ASP K 262 36.89 24.23 23.03
N ILE K 263 38.12 23.90 22.68
CA ILE K 263 38.65 22.57 22.95
C ILE K 263 38.95 22.42 24.44
N LYS K 264 39.27 23.52 25.12
CA LYS K 264 39.39 23.54 26.58
C LYS K 264 38.10 23.09 27.26
N ARG K 265 36.96 23.50 26.72
CA ARG K 265 35.68 23.15 27.35
C ARG K 265 35.32 21.70 27.11
N ALA K 266 35.69 21.16 25.94
CA ALA K 266 35.44 19.74 25.68
C ALA K 266 36.41 18.86 26.46
N MET K 267 37.57 19.37 26.79
CA MET K 267 38.45 18.54 27.61
C MET K 267 38.17 18.73 29.09
N SER K 268 37.21 19.59 29.43
CA SER K 268 36.85 19.75 30.83
C SER K 268 36.11 18.52 31.35
N PHE K 269 35.33 17.85 30.49
CA PHE K 269 34.59 16.69 30.99
C PHE K 269 35.50 15.48 31.16
N ALA K 270 36.62 15.46 30.45
CA ALA K 270 37.56 14.36 30.58
C ALA K 270 38.43 14.46 31.83
N MET K 271 38.34 15.58 32.55
CA MET K 271 39.09 15.76 33.77
C MET K 271 38.68 14.75 34.82
N PHE K 272 39.68 14.14 35.44
CA PHE K 272 39.55 13.20 36.56
C PHE K 272 38.75 11.96 36.20
N GLU K 273 38.69 11.62 34.93
CA GLU K 273 38.21 10.35 34.42
C GLU K 273 39.35 9.36 34.42
N PRO K 274 39.09 8.05 34.34
CA PRO K 274 40.19 7.08 34.27
C PRO K 274 41.02 7.23 33.01
N ASN K 275 42.33 7.16 33.18
CA ASN K 275 43.28 7.38 32.10
C ASN K 275 43.52 6.05 31.40
N ASN K 276 42.61 5.70 30.49
CA ASN K 276 42.73 4.48 29.69
C ASN K 276 42.27 4.81 28.28
N GLN K 277 42.18 3.78 27.45
CA GLN K 277 41.75 3.98 26.06
C GLN K 277 40.30 4.40 25.86
N PRO K 278 39.28 3.92 26.61
CA PRO K 278 37.93 4.45 26.38
C PRO K 278 37.74 5.92 26.70
N THR K 279 38.63 6.53 27.48
CA THR K 279 38.59 7.97 27.63
C THR K 279 39.18 8.67 26.41
N TRP K 280 40.31 8.16 25.90
CA TRP K 280 41.02 8.81 24.79
C TRP K 280 40.22 8.79 23.50
N GLU K 281 39.40 7.76 23.29
CA GLU K 281 38.56 7.74 22.11
C GLU K 281 37.30 8.55 22.29
N ARG K 282 37.04 9.05 23.49
CA ARG K 282 35.98 10.02 23.72
C ARG K 282 36.52 11.44 23.68
N VAL K 283 37.79 11.63 24.05
CA VAL K 283 38.44 12.92 23.90
C VAL K 283 38.66 13.23 22.42
N ARG K 284 39.08 12.23 21.64
CA ARG K 284 39.31 12.45 20.22
C ARG K 284 38.02 12.67 19.47
N ALA K 285 36.96 11.95 19.85
CA ALA K 285 35.68 12.11 19.18
C ALA K 285 35.05 13.46 19.49
N ALA K 286 35.30 14.01 20.67
CA ALA K 286 34.72 15.31 21.02
C ALA K 286 35.41 16.44 20.27
N ILE K 287 36.72 16.31 20.05
CA ILE K 287 37.43 17.32 19.29
C ILE K 287 37.12 17.20 17.80
N SER K 288 36.99 15.97 17.31
CA SER K 288 36.76 15.76 15.88
C SER K 288 35.39 16.24 15.44
N ASN K 289 34.40 16.23 16.34
CA ASN K 289 33.11 16.82 16.03
C ASN K 289 33.22 18.33 15.91
N TYR K 290 33.99 18.93 16.81
CA TYR K 290 34.06 20.39 16.87
C TYR K 290 34.81 20.96 15.68
N LEU K 291 35.92 20.34 15.29
CA LEU K 291 36.69 20.84 14.17
C LEU K 291 36.02 20.56 12.85
N TYR K 292 35.18 19.53 12.79
CA TYR K 292 34.44 19.27 11.56
C TYR K 292 33.36 20.31 11.33
N SER K 293 32.59 20.63 12.38
CA SER K 293 31.54 21.64 12.24
C SER K 293 32.11 23.04 12.07
N LEU K 294 33.34 23.27 12.52
CA LEU K 294 34.01 24.53 12.25
C LEU K 294 34.49 24.57 10.80
N TRP K 295 34.96 23.43 10.27
CA TRP K 295 35.35 23.36 8.87
C TRP K 295 34.15 23.52 7.94
N GLN K 296 32.98 23.01 8.36
CA GLN K 296 31.77 23.16 7.56
C GLN K 296 31.30 24.60 7.51
N GLN K 297 31.62 25.40 8.52
CA GLN K 297 31.31 26.83 8.49
C GLN K 297 32.25 27.62 7.61
N GLY K 298 33.31 27.00 7.09
CA GLY K 298 34.31 27.71 6.33
C GLY K 298 35.42 28.29 7.15
N GLY K 299 35.54 27.90 8.42
CA GLY K 299 36.56 28.49 9.28
C GLY K 299 37.96 28.02 8.95
N LEU K 300 38.10 26.74 8.61
CA LEU K 300 39.38 26.15 8.27
C LEU K 300 39.45 25.96 6.76
N ALA K 301 40.63 26.21 6.19
CA ALA K 301 40.81 26.21 4.74
C ALA K 301 41.25 24.82 4.28
N GLY K 302 40.39 24.15 3.54
CA GLY K 302 40.72 22.88 2.93
C GLY K 302 39.58 22.38 2.08
N SER K 303 39.88 21.94 0.85
CA SER K 303 38.85 21.39 -0.01
C SER K 303 38.41 20.01 0.50
N LYS K 304 39.36 19.18 0.85
CA LYS K 304 39.10 17.90 1.51
C LYS K 304 39.07 18.12 3.02
N GLU K 305 38.15 17.43 3.69
CA GLU K 305 38.03 17.53 5.14
C GLU K 305 39.25 17.02 5.88
N GLU K 306 39.96 16.04 5.31
CA GLU K 306 41.18 15.52 5.91
C GLU K 306 42.37 16.44 5.70
N ASP K 307 42.23 17.50 4.91
CA ASP K 307 43.29 18.48 4.73
C ASP K 307 43.22 19.63 5.73
N ALA K 308 42.06 19.83 6.36
CA ALA K 308 41.88 21.00 7.22
C ALA K 308 42.39 20.76 8.62
N TYR K 309 42.33 19.53 9.13
CA TYR K 309 42.67 19.28 10.52
C TYR K 309 43.06 17.82 10.70
N PHE K 310 43.71 17.54 11.83
CA PHE K 310 44.02 16.18 12.24
C PHE K 310 44.12 16.16 13.75
N VAL K 311 43.65 15.06 14.35
CA VAL K 311 43.70 14.84 15.80
C VAL K 311 44.37 13.50 16.05
N GLN K 312 45.31 13.45 17.00
CA GLN K 312 46.06 12.23 17.27
C GLN K 312 46.20 12.02 18.78
N ILE K 313 45.56 10.96 19.29
CA ILE K 313 45.77 10.46 20.64
C ILE K 313 46.18 9.00 20.54
N GLY K 314 47.03 8.56 21.47
CA GLY K 314 47.39 7.16 21.51
C GLY K 314 48.49 6.81 22.49
N LYS K 315 48.59 5.54 22.84
CA LYS K 315 49.65 5.07 23.72
C LYS K 315 50.96 4.88 22.97
N GLY K 316 50.89 4.51 21.69
CA GLY K 316 52.10 4.46 20.91
C GLY K 316 52.46 5.80 20.32
N ILE K 317 51.48 6.68 20.14
CA ILE K 317 51.62 7.87 19.32
C ILE K 317 52.11 9.07 20.12
N THR K 318 51.35 9.47 21.13
CA THR K 318 51.59 10.77 21.78
C THR K 318 52.16 10.66 23.19
N MET K 319 51.69 9.72 24.00
CA MET K 319 52.09 9.64 25.40
C MET K 319 52.80 8.34 25.71
N THR K 320 53.82 8.40 26.55
CA THR K 320 54.55 7.23 26.98
C THR K 320 53.74 6.51 28.08
N GLN K 321 54.05 5.22 28.27
CA GLN K 321 53.57 4.49 29.43
C GLN K 321 54.02 5.15 30.73
N GLU K 322 55.20 5.78 30.71
CA GLU K 322 55.67 6.58 31.84
C GLU K 322 54.79 7.79 32.07
N GLN K 323 54.38 8.47 30.99
CA GLN K 323 53.60 9.69 31.14
C GLN K 323 52.16 9.41 31.52
N ILE K 324 51.65 8.22 31.17
CA ILE K 324 50.30 7.83 31.54
C ILE K 324 50.20 7.62 33.05
N ASP K 325 51.23 6.98 33.64
CA ASP K 325 51.26 6.78 35.08
C ASP K 325 51.46 8.07 35.86
N ALA K 326 52.04 9.10 35.23
CA ALA K 326 52.13 10.40 35.87
C ALA K 326 50.79 11.12 35.87
N GLY K 327 49.88 10.73 34.98
CA GLY K 327 48.58 11.33 34.89
C GLY K 327 48.36 12.21 33.68
N GLN K 328 49.32 12.28 32.76
CA GLN K 328 49.21 13.16 31.62
C GLN K 328 48.46 12.51 30.48
N MET K 329 47.83 13.33 29.65
CA MET K 329 47.14 12.89 28.45
C MET K 329 47.44 13.90 27.35
N ILE K 330 48.08 13.43 26.28
CA ILE K 330 48.62 14.32 25.25
C ILE K 330 47.86 14.13 23.96
N VAL K 331 47.34 15.23 23.41
CA VAL K 331 46.63 15.26 22.14
C VAL K 331 47.36 16.21 21.20
N LYS K 332 47.38 15.87 19.92
CA LYS K 332 47.95 16.73 18.89
C LYS K 332 46.87 17.18 17.94
N VAL K 333 46.70 18.49 17.81
CA VAL K 333 45.70 19.09 16.93
C VAL K 333 46.43 19.98 15.93
N GLY K 334 46.05 19.88 14.66
CA GLY K 334 46.53 20.81 13.66
C GLY K 334 45.36 21.45 12.94
N LEU K 335 45.57 22.69 12.51
CA LEU K 335 44.54 23.45 11.82
C LEU K 335 45.13 24.10 10.58
N ALA K 336 44.26 24.50 9.66
CA ALA K 336 44.68 25.21 8.45
C ALA K 336 43.77 26.42 8.28
N ALA K 337 44.22 27.57 8.75
CA ALA K 337 43.41 28.76 8.68
C ALA K 337 43.46 29.38 7.29
N VAL K 338 42.55 30.31 7.03
CA VAL K 338 42.48 31.02 5.76
C VAL K 338 43.19 32.35 5.92
N ARG K 339 43.97 32.71 4.93
CA ARG K 339 44.63 34.00 5.03
C ARG K 339 43.84 35.06 4.24
N PRO K 340 43.84 36.31 4.69
CA PRO K 340 43.10 37.34 3.94
C PRO K 340 43.91 37.90 2.79
N ALA K 341 43.21 38.21 1.71
CA ALA K 341 43.81 38.89 0.57
C ALA K 341 44.06 40.35 0.94
N GLU K 342 45.31 40.76 0.96
CA GLU K 342 45.66 42.08 1.46
C GLU K 342 45.99 43.09 0.38
N PHE K 343 46.62 42.67 -0.71
CA PHE K 343 46.94 43.54 -1.83
C PHE K 343 46.21 43.05 -3.07
N ILE K 344 45.66 43.98 -3.84
CA ILE K 344 45.05 43.67 -5.13
C ILE K 344 45.72 44.53 -6.18
N ILE K 345 46.29 43.89 -7.20
CA ILE K 345 47.07 44.58 -8.22
C ILE K 345 46.28 44.58 -9.52
N LEU K 346 45.92 45.77 -10.00
CA LEU K 346 45.23 45.95 -11.26
C LEU K 346 46.24 46.26 -12.33
N GLN K 347 46.14 45.57 -13.46
CA GLN K 347 46.92 45.92 -14.64
C GLN K 347 45.96 46.39 -15.73
N PHE K 348 46.10 47.64 -16.15
CA PHE K 348 45.25 48.24 -17.15
C PHE K 348 46.01 48.28 -18.47
N THR K 349 45.46 47.63 -19.48
CA THR K 349 46.06 47.55 -20.80
C THR K 349 45.29 48.45 -21.75
N GLN K 350 46.02 49.15 -22.62
CA GLN K 350 45.37 50.13 -23.48
C GLN K 350 44.74 49.47 -24.70
N ASP K 351 45.29 48.36 -25.17
CA ASP K 351 44.70 47.65 -26.30
C ASP K 351 43.95 46.41 -25.82
N VAL K 352 42.75 46.22 -26.36
CA VAL K 352 41.88 45.11 -26.00
C VAL K 352 42.16 43.96 -26.94
N GLU K 353 42.60 42.84 -26.38
CA GLU K 353 42.84 41.64 -27.15
C GLU K 353 42.71 40.39 -26.30
N THR L 2 59.40 43.31 -10.13
CA THR L 2 58.08 43.31 -10.74
C THR L 2 57.17 44.32 -10.05
N THR L 3 56.61 43.93 -8.92
CA THR L 3 55.72 44.78 -8.13
C THR L 3 56.05 44.58 -6.66
N VAL L 4 56.24 45.68 -5.94
CA VAL L 4 56.55 45.64 -4.51
C VAL L 4 55.36 46.23 -3.76
N THR L 5 54.89 45.51 -2.74
CA THR L 5 53.65 45.83 -2.05
C THR L 5 53.98 46.14 -0.59
N SER L 6 53.83 47.39 -0.19
CA SER L 6 54.09 47.80 1.18
C SER L 6 52.80 48.07 1.96
N TYR L 7 51.93 48.94 1.47
CA TYR L 7 50.63 49.14 2.08
C TYR L 7 49.65 48.11 1.55
N PRO L 8 48.53 47.83 2.29
CA PRO L 8 47.54 46.87 1.77
C PRO L 8 46.90 47.27 0.45
N GLY L 9 46.10 48.33 0.46
CA GLY L 9 45.61 49.06 -0.71
C GLY L 9 45.11 48.30 -1.93
N VAL L 10 45.10 48.97 -3.08
CA VAL L 10 45.11 48.32 -4.38
C VAL L 10 46.19 49.01 -5.21
N TYR L 11 46.56 48.37 -6.31
CA TYR L 11 47.67 48.84 -7.14
C TYR L 11 47.21 48.89 -8.59
N ILE L 12 47.40 50.02 -9.24
CA ILE L 12 46.86 50.27 -10.57
C ILE L 12 48.02 50.47 -11.54
N GLU L 13 49.05 49.65 -11.37
CA GLU L 13 50.12 49.45 -12.35
C GLU L 13 49.57 49.28 -13.78
N GLU L 14 50.25 49.90 -14.73
CA GLU L 14 49.88 49.79 -16.15
C GLU L 14 51.01 49.10 -16.89
N LEU L 15 50.77 47.89 -17.38
CA LEU L 15 51.75 47.20 -18.20
C LEU L 15 51.05 46.30 -19.20
N ASN L 16 51.66 46.17 -20.37
CA ASN L 16 51.16 45.29 -21.43
C ASN L 16 51.80 43.93 -21.27
N SER L 17 51.07 42.99 -20.69
CA SER L 17 51.50 41.60 -20.69
C SER L 17 50.32 40.74 -21.11
N LEU L 18 50.60 39.76 -21.95
CA LEU L 18 49.57 38.91 -22.53
C LEU L 18 49.36 37.70 -21.63
N ALA L 19 48.10 37.34 -21.42
CA ALA L 19 47.75 36.20 -20.58
C ALA L 19 46.84 35.27 -21.35
N LEU L 20 47.15 33.98 -21.31
CA LEU L 20 46.40 32.96 -22.00
C LEU L 20 45.74 32.03 -20.99
N SER L 21 44.53 31.59 -21.31
CA SER L 21 43.77 30.74 -20.41
C SER L 21 44.33 29.33 -20.41
N VAL L 22 44.24 28.66 -19.27
CA VAL L 22 44.85 27.34 -19.09
C VAL L 22 43.88 26.26 -19.53
N SER L 23 44.43 25.16 -20.03
CA SER L 23 43.66 23.98 -20.41
C SER L 23 44.36 22.74 -19.88
N ASN L 24 43.56 21.74 -19.53
CA ASN L 24 44.08 20.46 -19.07
C ASN L 24 43.76 19.41 -20.13
N SER L 25 44.80 18.77 -20.66
CA SER L 25 44.67 17.77 -21.70
C SER L 25 45.24 16.46 -21.18
N ALA L 26 44.42 15.42 -21.14
CA ALA L 26 44.88 14.13 -20.64
C ALA L 26 45.64 13.34 -21.69
N THR L 27 45.39 13.60 -22.97
CA THR L 27 45.85 12.72 -24.03
C THR L 27 47.08 13.22 -24.78
N ALA L 28 47.38 14.52 -24.73
CA ALA L 28 48.45 15.10 -25.54
C ALA L 28 49.39 15.91 -24.66
N VAL L 29 50.57 15.36 -24.40
CA VAL L 29 51.61 16.07 -23.65
C VAL L 29 52.83 16.18 -24.56
N PRO L 30 53.04 17.33 -25.22
CA PRO L 30 54.16 17.43 -26.15
C PRO L 30 55.49 17.66 -25.46
N VAL L 31 56.56 17.40 -26.20
CA VAL L 31 57.92 17.72 -25.78
C VAL L 31 58.53 18.58 -26.88
N PHE L 32 58.83 19.82 -26.55
CA PHE L 32 59.35 20.75 -27.54
C PHE L 32 60.86 20.61 -27.61
N ALA L 33 61.36 20.25 -28.78
CA ALA L 33 62.80 20.21 -28.99
C ALA L 33 63.34 21.63 -29.02
N VAL L 34 64.39 21.87 -28.24
CA VAL L 34 64.98 23.19 -28.09
C VAL L 34 66.40 23.14 -28.62
N ASP L 35 66.77 24.13 -29.43
CA ASP L 35 68.10 24.16 -30.00
C ASP L 35 69.14 24.47 -28.93
N GLU L 36 70.37 24.06 -29.20
CA GLU L 36 71.48 24.61 -28.44
C GLU L 36 71.73 26.05 -28.89
N GLN L 37 72.52 26.77 -28.09
CA GLN L 37 72.51 28.24 -27.95
C GLN L 37 71.18 28.76 -27.42
N ASN L 38 70.56 28.02 -26.50
CA ASN L 38 69.43 28.49 -25.71
C ASN L 38 69.89 28.56 -24.27
N GLN L 39 70.00 29.77 -23.74
CA GLN L 39 70.61 29.99 -22.43
C GLN L 39 69.66 29.75 -21.26
N TYR L 40 68.39 29.47 -21.53
CA TYR L 40 67.42 29.42 -20.43
C TYR L 40 67.22 28.02 -19.87
N ILE L 41 67.28 26.99 -20.70
CA ILE L 41 67.12 25.62 -20.22
C ILE L 41 68.47 24.92 -20.28
N SER L 42 68.67 23.98 -19.37
CA SER L 42 69.92 23.23 -19.28
C SER L 42 69.79 21.91 -20.01
N GLU L 43 70.94 21.28 -20.27
CA GLU L 43 70.94 19.94 -20.82
C GLU L 43 70.44 18.94 -19.79
N ASP L 44 69.89 17.83 -20.31
CA ASP L 44 69.64 16.59 -19.58
C ASP L 44 68.64 16.73 -18.44
N ASN L 45 67.73 17.71 -18.51
CA ASN L 45 66.54 17.68 -17.67
C ASN L 45 65.39 18.35 -18.40
N ALA L 46 64.21 17.75 -18.27
CA ALA L 46 62.99 18.31 -18.82
C ALA L 46 62.41 19.32 -17.86
N ILE L 47 61.99 20.46 -18.37
CA ILE L 47 61.39 21.52 -17.57
C ILE L 47 59.90 21.51 -17.89
N ARG L 48 59.09 21.07 -16.93
CA ARG L 48 57.65 21.04 -17.13
C ARG L 48 57.10 22.46 -17.06
N ILE L 49 56.41 22.86 -18.11
CA ILE L 49 55.81 24.19 -18.21
C ILE L 49 54.30 24.00 -18.13
N ASN L 50 53.72 24.38 -16.99
CA ASN L 50 52.30 24.10 -16.76
C ASN L 50 51.40 25.04 -17.53
N SER L 51 51.87 26.25 -17.81
CA SER L 51 51.02 27.28 -18.41
C SER L 51 51.90 28.29 -19.11
N TRP L 52 51.24 29.21 -19.83
CA TRP L 52 51.98 30.28 -20.49
C TRP L 52 52.58 31.24 -19.49
N MET L 53 51.90 31.44 -18.36
CA MET L 53 52.46 32.25 -17.28
C MET L 53 53.67 31.58 -16.65
N ASP L 54 53.64 30.25 -16.56
CA ASP L 54 54.79 29.48 -16.08
C ASP L 54 55.98 29.65 -17.01
N TYR L 55 55.73 29.66 -18.32
CA TYR L 55 56.80 29.89 -19.28
C TYR L 55 57.30 31.32 -19.22
N LEU L 56 56.40 32.27 -18.98
CA LEU L 56 56.75 33.68 -18.94
C LEU L 56 57.45 34.07 -17.64
N ASN L 57 57.55 33.17 -16.67
CA ASN L 57 58.41 33.39 -15.51
C ASN L 57 59.82 32.89 -15.76
N LEU L 58 59.96 31.86 -16.60
CA LEU L 58 61.28 31.29 -16.87
C LEU L 58 62.13 32.23 -17.72
N ILE L 59 61.54 32.81 -18.76
CA ILE L 59 62.19 33.83 -19.56
C ILE L 59 61.63 35.19 -19.13
N GLY L 60 62.48 36.22 -19.19
CA GLY L 60 62.05 37.53 -18.70
C GLY L 60 61.07 38.21 -19.62
N ASN L 61 61.46 38.38 -20.89
CA ASN L 61 60.64 39.04 -21.88
C ASN L 61 60.21 38.06 -22.95
N PHE L 62 59.03 38.30 -23.51
CA PHE L 62 58.68 37.63 -24.76
C PHE L 62 59.55 38.19 -25.89
N ASN L 63 60.21 37.30 -26.62
CA ASN L 63 61.13 37.69 -27.68
C ASN L 63 60.53 37.32 -29.02
N ASN L 64 60.44 38.31 -29.92
CA ASN L 64 59.90 38.05 -31.24
C ASN L 64 60.88 37.25 -32.10
N GLU L 65 62.18 37.35 -31.82
CA GLU L 65 63.19 36.74 -32.68
C GLU L 65 63.40 35.26 -32.36
N ASP L 66 63.03 34.81 -31.17
CA ASP L 66 63.26 33.43 -30.78
C ASP L 66 62.31 32.49 -31.51
N LYS L 67 62.86 31.39 -32.02
CA LYS L 67 62.02 30.34 -32.59
C LYS L 67 61.25 29.60 -31.52
N LEU L 68 61.81 29.49 -30.31
CA LEU L 68 61.13 28.79 -29.24
C LEU L 68 59.99 29.61 -28.66
N ASP L 69 60.18 30.93 -28.55
CA ASP L 69 59.19 31.81 -27.93
C ASP L 69 57.89 31.86 -28.73
N VAL L 70 58.00 32.11 -30.04
CA VAL L 70 56.81 32.24 -30.87
C VAL L 70 56.13 30.90 -31.09
N SER L 71 56.85 29.80 -30.90
CA SER L 71 56.26 28.48 -31.04
C SER L 71 55.50 28.06 -29.79
N VAL L 72 55.95 28.50 -28.62
CA VAL L 72 55.27 28.16 -27.38
C VAL L 72 54.03 29.02 -27.19
N ARG L 73 54.07 30.29 -27.60
CA ARG L 73 52.90 31.15 -27.50
C ARG L 73 51.80 30.72 -28.46
N ALA L 74 52.19 30.27 -29.65
CA ALA L 74 51.20 29.73 -30.58
C ALA L 74 50.64 28.40 -30.10
N TYR L 75 51.40 27.67 -29.28
CA TYR L 75 50.92 26.40 -28.74
C TYR L 75 49.87 26.63 -27.66
N PHE L 76 50.09 27.59 -26.78
CA PHE L 76 49.15 27.85 -25.70
C PHE L 76 47.93 28.65 -26.15
N ALA L 77 48.04 29.40 -27.24
CA ALA L 77 46.88 30.13 -27.74
C ALA L 77 45.88 29.20 -28.40
N ASN L 78 46.33 28.05 -28.92
CA ASN L 78 45.44 27.11 -29.56
C ASN L 78 44.79 26.14 -28.57
N GLY L 79 45.29 26.08 -27.35
CA GLY L 79 44.63 25.28 -26.34
C GLY L 79 45.46 24.13 -25.81
N GLY L 80 46.77 24.29 -25.78
CA GLY L 80 47.63 23.23 -25.30
C GLY L 80 47.73 23.21 -23.79
N GLY L 81 47.91 22.01 -23.25
CA GLY L 81 48.10 21.82 -21.83
C GLY L 81 49.55 21.99 -21.44
N TYR L 82 49.94 21.29 -20.37
CA TYR L 82 51.32 21.38 -19.91
C TYR L 82 52.25 20.60 -20.83
N CYS L 83 53.45 21.12 -21.00
CA CYS L 83 54.43 20.53 -21.91
C CYS L 83 55.79 20.50 -21.25
N TYR L 84 56.72 19.76 -21.85
CA TYR L 84 58.08 19.69 -21.39
C TYR L 84 59.00 20.37 -22.40
N LEU L 85 60.14 20.85 -21.91
CA LEU L 85 61.15 21.51 -22.73
C LEU L 85 62.46 20.77 -22.57
N VAL L 86 62.83 19.96 -23.57
CA VAL L 86 64.04 19.18 -23.55
C VAL L 86 64.95 19.69 -24.66
N LYS L 87 66.23 19.88 -24.35
CA LYS L 87 67.19 20.28 -25.37
C LYS L 87 67.43 19.13 -26.34
N THR L 88 67.78 19.48 -27.58
CA THR L 88 67.70 18.54 -28.68
C THR L 88 68.83 17.53 -28.71
N THR L 89 69.96 17.81 -28.08
CA THR L 89 71.07 16.86 -28.10
C THR L 89 70.99 15.84 -26.99
N SER L 90 70.42 16.22 -25.84
CA SER L 90 70.10 15.29 -24.78
C SER L 90 68.66 14.80 -24.86
N LEU L 91 68.04 14.90 -26.04
CA LEU L 91 66.62 14.60 -26.18
C LEU L 91 66.33 13.12 -26.12
N GLU L 92 67.27 12.29 -26.56
CA GLU L 92 67.06 10.84 -26.59
C GLU L 92 67.21 10.18 -25.23
N LYS L 93 67.60 10.92 -24.20
CA LYS L 93 67.76 10.37 -22.86
C LYS L 93 66.61 10.70 -21.94
N ILE L 94 65.90 11.79 -22.18
CA ILE L 94 64.91 12.28 -21.22
C ILE L 94 63.51 11.79 -21.55
N ILE L 95 63.20 11.67 -22.84
CA ILE L 95 61.88 11.15 -23.25
C ILE L 95 61.61 9.73 -22.77
N PRO L 96 62.57 8.78 -22.72
CA PRO L 96 62.28 7.53 -22.02
C PRO L 96 62.09 7.66 -20.51
N THR L 97 62.64 8.70 -19.87
CA THR L 97 62.41 8.87 -18.43
C THR L 97 60.98 9.31 -18.13
N LEU L 98 60.48 10.28 -18.90
CA LEU L 98 59.16 10.85 -18.66
C LEU L 98 58.10 9.86 -19.12
N ASP L 99 57.17 9.54 -18.22
CA ASP L 99 56.20 8.49 -18.50
C ASP L 99 55.10 8.94 -19.46
N ASP L 100 54.41 10.04 -19.13
CA ASP L 100 53.16 10.35 -19.80
C ASP L 100 53.33 11.19 -21.06
N VAL L 101 54.55 11.28 -21.60
CA VAL L 101 54.77 12.01 -22.84
C VAL L 101 54.20 11.24 -24.02
N THR L 102 53.34 11.90 -24.80
CA THR L 102 52.76 11.30 -25.99
C THR L 102 53.25 11.92 -27.29
N LEU L 103 53.24 13.24 -27.40
CA LEU L 103 53.71 13.91 -28.60
C LEU L 103 55.19 14.23 -28.52
N LEU L 104 55.83 14.30 -29.68
CA LEU L 104 57.20 14.79 -29.81
C LEU L 104 57.19 15.86 -30.90
N VAL L 105 57.44 17.11 -30.51
CA VAL L 105 57.25 18.25 -31.38
C VAL L 105 58.60 18.88 -31.66
N ALA L 106 58.95 18.98 -32.94
CA ALA L 106 60.11 19.75 -33.36
C ALA L 106 59.65 21.18 -33.65
N ALA L 107 60.09 22.13 -32.83
CA ALA L 107 59.81 23.53 -33.07
C ALA L 107 60.94 24.10 -33.92
N GLY L 108 60.94 23.72 -35.19
CA GLY L 108 61.99 24.13 -36.11
C GLY L 108 63.33 23.50 -35.81
N GLU L 109 63.36 22.20 -35.56
CA GLU L 109 64.58 21.50 -35.18
C GLU L 109 64.70 20.22 -35.99
N ASP L 110 65.94 19.76 -36.12
CA ASP L 110 66.23 18.52 -36.83
C ASP L 110 66.17 17.38 -35.82
N ILE L 111 65.01 16.72 -35.73
CA ILE L 111 64.86 15.59 -34.84
C ILE L 111 64.79 14.28 -35.63
N LYS L 112 65.17 14.30 -36.91
CA LYS L 112 65.09 13.11 -37.76
C LYS L 112 66.03 12.01 -37.31
N THR L 113 67.11 12.35 -36.59
CA THR L 113 67.98 11.32 -36.04
C THR L 113 67.33 10.65 -34.83
N THR L 114 66.73 11.44 -33.94
CA THR L 114 66.16 10.89 -32.72
C THR L 114 64.82 10.21 -32.96
N VAL L 115 64.07 10.60 -33.99
CA VAL L 115 62.77 9.97 -34.24
C VAL L 115 62.94 8.54 -34.75
N ASP L 116 64.00 8.26 -35.50
CA ASP L 116 64.23 6.90 -35.96
C ASP L 116 64.59 5.95 -34.83
N VAL L 117 65.24 6.46 -33.78
CA VAL L 117 65.72 5.58 -32.73
C VAL L 117 64.77 5.44 -31.54
N LEU L 118 63.79 6.35 -31.40
CA LEU L 118 62.86 6.21 -30.28
C LEU L 118 61.43 5.93 -30.69
N CYS L 119 61.02 6.21 -31.93
CA CYS L 119 59.67 5.87 -32.36
C CYS L 119 59.67 4.42 -32.83
N GLN L 120 59.17 3.53 -31.98
CA GLN L 120 59.09 2.11 -32.21
C GLN L 120 57.62 1.68 -32.16
N PRO L 121 57.27 0.50 -32.67
CA PRO L 121 55.87 0.04 -32.56
C PRO L 121 55.39 -0.16 -31.13
N GLY L 122 56.29 -0.44 -30.18
CA GLY L 122 55.88 -0.63 -28.81
C GLY L 122 55.63 0.65 -28.05
N LYS L 123 56.51 1.63 -28.23
CA LYS L 123 56.44 2.87 -27.49
C LYS L 123 55.33 3.76 -28.05
N GLY L 124 54.71 4.54 -27.16
CA GLY L 124 53.55 5.31 -27.51
C GLY L 124 53.81 6.70 -28.05
N LEU L 125 54.98 6.96 -28.62
CA LEU L 125 55.35 8.30 -29.05
C LEU L 125 54.89 8.55 -30.48
N PHE L 126 54.15 9.65 -30.66
CA PHE L 126 53.82 10.19 -31.97
C PHE L 126 54.63 11.46 -32.17
N ALA L 127 55.10 11.70 -33.40
CA ALA L 127 56.07 12.76 -33.64
C ALA L 127 55.65 13.64 -34.80
N VAL L 128 55.04 14.78 -34.51
CA VAL L 128 54.67 15.75 -35.52
C VAL L 128 55.84 16.73 -35.69
N PHE L 129 56.31 16.90 -36.93
CA PHE L 129 57.32 17.93 -37.19
C PHE L 129 56.95 18.67 -38.48
N ASP L 130 57.85 19.55 -38.90
CA ASP L 130 57.56 20.61 -39.86
C ASP L 130 57.75 20.13 -41.29
N GLY L 131 57.17 20.90 -42.22
CA GLY L 131 57.52 20.79 -43.61
C GLY L 131 58.73 21.66 -43.89
N PRO L 132 59.21 21.66 -45.12
CA PRO L 132 60.34 22.52 -45.46
C PRO L 132 59.95 23.99 -45.47
N GLU L 133 60.87 24.84 -44.99
CA GLU L 133 60.59 26.25 -44.88
C GLU L 133 60.50 26.94 -46.23
N THR L 134 61.14 26.39 -47.25
CA THR L 134 61.12 27.01 -48.57
C THR L 134 59.78 26.74 -49.25
N GLU L 135 59.39 27.68 -50.11
CA GLU L 135 58.20 27.50 -50.94
C GLU L 135 58.48 26.45 -51.99
N LEU L 136 57.81 25.30 -51.91
CA LEU L 136 58.13 24.18 -52.78
C LEU L 136 57.27 24.22 -54.04
N THR L 137 57.36 23.15 -54.83
CA THR L 137 56.77 23.10 -56.16
C THR L 137 55.92 21.85 -56.30
N ILE L 138 55.03 21.89 -57.30
CA ILE L 138 54.38 20.71 -57.83
C ILE L 138 55.35 19.95 -58.75
N ASN L 139 56.42 20.60 -59.17
CA ASN L 139 57.36 20.11 -60.17
C ASN L 139 58.45 19.23 -59.55
N GLY L 140 59.13 19.74 -58.52
CA GLY L 140 60.14 18.94 -57.83
C GLY L 140 59.58 18.30 -56.57
N ALA L 141 58.36 17.78 -56.68
CA ALA L 141 57.59 17.44 -55.47
C ALA L 141 57.99 16.11 -54.86
N GLU L 142 58.38 15.12 -55.66
CA GLU L 142 58.72 13.82 -55.08
C GLU L 142 60.12 13.80 -54.47
N GLU L 143 60.91 14.86 -54.64
CA GLU L 143 62.18 14.97 -53.94
C GLU L 143 62.01 15.51 -52.53
N ALA L 144 60.97 16.31 -52.29
CA ALA L 144 60.71 16.84 -50.95
C ALA L 144 60.14 15.77 -50.04
N LYS L 145 59.38 14.82 -50.58
CA LYS L 145 58.93 13.69 -49.79
C LYS L 145 60.06 12.71 -49.50
N GLN L 146 61.15 12.77 -50.26
CA GLN L 146 62.29 11.89 -50.04
C GLN L 146 63.07 12.28 -48.79
N ALA L 147 62.96 13.53 -48.35
CA ALA L 147 63.74 13.99 -47.20
C ALA L 147 63.22 13.41 -45.90
N TYR L 148 61.95 13.01 -45.86
CA TYR L 148 61.34 12.53 -44.64
C TYR L 148 61.27 11.00 -44.62
N THR L 149 61.36 10.44 -43.42
CA THR L 149 61.30 9.01 -43.21
C THR L 149 59.87 8.51 -43.43
N ALA L 150 59.74 7.21 -43.68
CA ALA L 150 58.44 6.58 -43.94
C ALA L 150 57.85 5.91 -42.71
N THR L 151 58.04 6.49 -41.53
CA THR L 151 57.52 5.90 -40.31
C THR L 151 56.03 6.24 -40.15
N PRO L 152 55.23 5.32 -39.60
CA PRO L 152 53.80 5.60 -39.43
C PRO L 152 53.48 6.52 -38.27
N PHE L 153 54.44 6.83 -37.42
CA PHE L 153 54.19 7.63 -36.23
C PHE L 153 54.40 9.11 -36.45
N ALA L 154 54.64 9.53 -37.67
CA ALA L 154 54.99 10.91 -37.93
C ALA L 154 54.03 11.54 -38.92
N ALA L 155 53.75 12.82 -38.71
CA ALA L 155 52.95 13.62 -39.61
C ALA L 155 53.71 14.91 -39.90
N VAL L 156 53.62 15.36 -41.14
CA VAL L 156 54.34 16.55 -41.60
C VAL L 156 53.33 17.58 -42.06
N TYR L 157 53.38 18.77 -41.48
CA TYR L 157 52.49 19.86 -41.82
C TYR L 157 53.32 20.93 -42.52
N TYR L 158 52.95 21.28 -43.75
CA TYR L 158 53.91 22.01 -44.59
C TYR L 158 54.11 23.48 -44.21
N PRO L 159 53.14 24.40 -44.33
CA PRO L 159 53.51 25.81 -44.40
C PRO L 159 53.83 26.38 -43.02
N TRP L 160 55.01 26.99 -42.90
CA TRP L 160 55.39 27.67 -41.68
C TRP L 160 54.50 28.88 -41.48
N LEU L 161 53.71 28.88 -40.41
CA LEU L 161 52.73 29.93 -40.20
C LEU L 161 53.40 31.24 -39.80
N LYS L 162 52.72 32.34 -40.09
CA LYS L 162 53.21 33.65 -39.73
C LYS L 162 52.13 34.39 -38.94
N ALA L 163 52.56 35.33 -38.11
CA ALA L 163 51.67 36.07 -37.25
C ALA L 163 52.13 37.51 -37.17
N ASP L 164 51.22 38.39 -36.76
CA ASP L 164 51.56 39.80 -36.65
C ASP L 164 52.40 40.09 -35.42
N TRP L 165 52.24 39.32 -34.35
CA TRP L 165 53.06 39.51 -33.16
C TRP L 165 54.45 38.90 -33.34
N ALA L 166 54.56 37.80 -34.06
CA ALA L 166 55.84 37.15 -34.28
C ALA L 166 56.58 37.82 -35.42
N ASN L 167 57.85 38.11 -35.19
CA ASN L 167 58.68 38.70 -36.24
C ASN L 167 59.06 37.64 -37.28
N ILE L 168 59.55 36.49 -36.81
CA ILE L 168 59.92 35.38 -37.65
C ILE L 168 58.71 34.48 -37.90
N ASP L 169 58.84 33.55 -38.83
CA ASP L 169 57.79 32.60 -39.12
C ASP L 169 57.76 31.48 -38.09
N ILE L 170 56.56 31.06 -37.73
CA ILE L 170 56.33 30.07 -36.68
C ILE L 170 56.39 28.68 -37.30
N PRO L 171 57.09 27.73 -36.69
CA PRO L 171 57.03 26.34 -37.15
C PRO L 171 55.63 25.77 -36.97
N PRO L 172 55.11 25.08 -37.98
CA PRO L 172 53.71 24.66 -37.94
C PRO L 172 53.44 23.48 -37.02
N SER L 173 54.47 22.75 -36.58
CA SER L 173 54.26 21.64 -35.67
C SER L 173 53.91 22.07 -34.27
N ALA L 174 54.32 23.29 -33.87
CA ALA L 174 54.04 23.74 -32.53
C ALA L 174 52.59 24.18 -32.37
N VAL L 175 51.97 24.66 -33.45
CA VAL L 175 50.55 24.96 -33.38
C VAL L 175 49.71 23.70 -33.50
N MET L 176 50.28 22.61 -34.01
CA MET L 176 49.53 21.37 -34.19
C MET L 176 49.56 20.49 -32.96
N ALA L 177 50.50 20.73 -32.03
CA ALA L 177 50.41 20.09 -30.73
C ALA L 177 49.23 20.62 -29.94
N GLY L 178 48.90 21.90 -30.13
CA GLY L 178 47.73 22.47 -29.49
C GLY L 178 46.44 22.11 -30.19
N VAL L 179 46.49 21.93 -31.51
CA VAL L 179 45.30 21.51 -32.25
C VAL L 179 44.97 20.05 -31.92
N TYR L 180 45.99 19.23 -31.71
CA TYR L 180 45.77 17.85 -31.26
C TYR L 180 45.11 17.81 -29.89
N ALA L 181 45.53 18.69 -28.98
CA ALA L 181 44.92 18.73 -27.65
C ALA L 181 43.52 19.33 -27.69
N SER L 182 43.27 20.24 -28.63
CA SER L 182 41.97 20.90 -28.71
C SER L 182 40.93 20.01 -29.36
N VAL L 183 41.36 19.18 -30.33
CA VAL L 183 40.44 18.26 -31.00
C VAL L 183 40.01 17.15 -30.06
N ASP L 184 40.97 16.56 -29.35
CA ASP L 184 40.70 15.40 -28.50
C ASP L 184 39.89 15.77 -27.27
N LEU L 185 39.94 17.01 -26.84
CA LEU L 185 39.12 17.43 -25.70
C LEU L 185 37.69 17.69 -26.12
N SER L 186 37.48 18.28 -27.29
CA SER L 186 36.13 18.64 -27.73
C SER L 186 35.40 17.49 -28.40
N ARG L 187 36.11 16.63 -29.14
CA ARG L 187 35.44 15.58 -29.88
C ARG L 187 36.05 14.19 -29.71
N GLY L 188 37.29 14.07 -29.24
CA GLY L 188 37.87 12.76 -29.02
C GLY L 188 39.12 12.49 -29.84
N VAL L 189 39.91 11.50 -29.40
CA VAL L 189 41.15 11.17 -30.11
C VAL L 189 40.85 10.53 -31.45
N TRP L 190 39.72 9.84 -31.56
CA TRP L 190 39.34 9.15 -32.80
C TRP L 190 38.94 10.12 -33.91
N LYS L 191 38.57 11.35 -33.57
CA LYS L 191 38.31 12.38 -34.58
C LYS L 191 39.62 12.92 -35.12
N ALA L 192 39.69 13.05 -36.45
CA ALA L 192 40.86 13.61 -37.10
C ALA L 192 41.02 15.09 -36.75
N PRO L 193 42.25 15.58 -36.65
CA PRO L 193 42.48 17.00 -36.34
C PRO L 193 42.31 17.94 -37.52
N ALA L 194 41.80 17.50 -38.65
CA ALA L 194 41.68 18.38 -39.79
C ALA L 194 40.36 19.16 -39.72
N ASN L 195 40.22 20.09 -40.67
CA ASN L 195 39.25 21.21 -40.74
C ASN L 195 38.90 21.82 -39.37
N VAL L 196 39.97 22.14 -38.62
CA VAL L 196 39.87 22.88 -37.37
C VAL L 196 40.60 24.19 -37.54
N ALA L 197 39.93 25.29 -37.21
CA ALA L 197 40.52 26.61 -37.34
C ALA L 197 41.53 26.86 -36.22
N LEU L 198 42.53 27.67 -36.54
CA LEU L 198 43.60 27.99 -35.60
C LEU L 198 43.19 29.22 -34.80
N LYS L 199 43.17 29.09 -33.47
CA LYS L 199 42.61 30.14 -32.61
C LYS L 199 43.53 31.35 -32.52
N GLY L 200 44.84 31.14 -32.61
CA GLY L 200 45.75 32.26 -32.59
C GLY L 200 45.70 33.05 -33.88
N GLY L 201 46.34 34.22 -33.87
CA GLY L 201 46.37 35.06 -35.05
C GLY L 201 47.32 34.55 -36.11
N LEU L 202 47.00 33.41 -36.72
CA LEU L 202 47.87 32.72 -37.65
C LEU L 202 47.30 32.78 -39.06
N GLU L 203 48.19 32.69 -40.04
CA GLU L 203 47.83 32.52 -41.44
C GLU L 203 49.06 31.98 -42.16
N PRO L 204 48.89 31.15 -43.19
CA PRO L 204 50.04 30.49 -43.82
C PRO L 204 50.93 31.47 -44.57
N LYS L 205 52.23 31.16 -44.58
CA LYS L 205 53.18 32.00 -45.30
C LYS L 205 53.00 31.87 -46.81
N PHE L 206 52.68 30.67 -47.27
CA PHE L 206 52.51 30.38 -48.70
C PHE L 206 51.12 29.83 -48.93
N LEU L 207 50.35 30.50 -49.79
CA LEU L 207 49.06 29.97 -50.21
C LEU L 207 49.29 28.78 -51.11
N VAL L 208 48.54 27.71 -50.88
CA VAL L 208 48.78 26.42 -51.51
C VAL L 208 47.63 26.10 -52.44
N THR L 209 47.95 25.87 -53.72
CA THR L 209 46.95 25.45 -54.69
C THR L 209 46.49 24.03 -54.41
N ASP L 210 45.29 23.71 -54.89
CA ASP L 210 44.75 22.35 -54.72
C ASP L 210 45.51 21.33 -55.54
N GLU L 211 46.05 21.74 -56.69
CA GLU L 211 46.80 20.81 -57.53
C GLU L 211 48.15 20.46 -56.90
N LEU L 212 48.73 21.37 -56.13
CA LEU L 212 49.98 21.07 -55.44
C LEU L 212 49.76 20.09 -54.29
N GLN L 213 48.65 20.24 -53.56
CA GLN L 213 48.34 19.35 -52.45
C GLN L 213 48.03 17.94 -52.92
N GLY L 214 47.61 17.76 -54.17
CA GLY L 214 47.40 16.42 -54.70
C GLY L 214 48.68 15.66 -54.91
N GLU L 215 49.79 16.36 -55.18
CA GLU L 215 51.09 15.70 -55.31
C GLU L 215 51.55 15.14 -53.98
N TYR L 216 51.47 15.95 -52.93
CA TYR L 216 52.12 15.60 -51.67
C TYR L 216 51.27 14.69 -50.80
N ASN L 217 49.98 14.57 -51.08
CA ASN L 217 49.11 13.78 -50.22
C ASN L 217 49.25 12.28 -50.43
N THR L 218 49.88 11.86 -51.52
CA THR L 218 49.79 10.44 -51.90
C THR L 218 50.80 9.56 -51.18
N GLY L 219 52.09 9.76 -51.43
CA GLY L 219 53.06 8.75 -51.02
C GLY L 219 53.62 8.82 -49.61
N ARG L 220 54.33 9.91 -49.30
CA ARG L 220 54.82 10.17 -47.95
C ARG L 220 54.16 11.48 -47.56
N ALA L 221 52.97 11.37 -47.00
CA ALA L 221 52.00 12.45 -47.08
C ALA L 221 52.37 13.63 -46.20
N ILE L 222 52.31 14.82 -46.79
CA ILE L 222 52.53 16.06 -46.10
C ILE L 222 51.19 16.76 -46.00
N ASN L 223 50.64 16.81 -44.79
CA ASN L 223 49.42 17.54 -44.54
C ASN L 223 49.68 19.03 -44.69
N MET L 224 48.63 19.79 -45.01
CA MET L 224 48.84 21.18 -45.36
C MET L 224 47.82 22.07 -44.67
N ILE L 225 48.27 23.24 -44.26
CA ILE L 225 47.46 24.24 -43.58
C ILE L 225 47.17 25.34 -44.59
N ARG L 226 45.93 25.47 -45.04
CA ARG L 226 45.65 26.45 -46.07
C ARG L 226 44.39 27.23 -45.74
N ASN L 227 44.31 28.43 -46.31
CA ASN L 227 43.30 29.41 -45.93
C ASN L 227 42.04 29.24 -46.76
N PHE L 228 40.90 29.26 -46.08
CA PHE L 228 39.58 29.25 -46.70
C PHE L 228 38.89 30.54 -46.31
N SER L 229 38.11 31.11 -47.24
CA SER L 229 37.57 32.45 -47.01
C SER L 229 36.45 32.44 -45.98
N ASN L 230 35.75 31.31 -45.84
CA ASN L 230 34.69 31.23 -44.82
C ASN L 230 35.20 30.69 -43.50
N THR L 231 36.26 29.88 -43.51
CA THR L 231 36.78 29.25 -42.31
C THR L 231 38.00 29.98 -41.74
N GLY L 232 38.64 30.84 -42.51
CA GLY L 232 39.92 31.38 -42.08
C GLY L 232 41.02 30.39 -42.44
N THR L 233 42.07 30.38 -41.63
CA THR L 233 43.10 29.36 -41.79
C THR L 233 42.66 28.09 -41.07
N THR L 234 43.04 26.95 -41.65
CA THR L 234 42.55 25.67 -41.16
C THR L 234 43.51 24.57 -41.57
N VAL L 235 43.48 23.47 -40.82
CA VAL L 235 44.29 22.30 -41.10
C VAL L 235 43.53 21.43 -42.10
N TRP L 236 44.25 20.85 -43.06
CA TRP L 236 43.59 20.17 -44.16
C TRP L 236 44.21 18.82 -44.46
N GLY L 237 44.65 18.10 -43.44
CA GLY L 237 45.24 16.79 -43.66
C GLY L 237 45.22 15.98 -42.38
N ALA L 238 45.08 14.67 -42.55
CA ALA L 238 45.10 13.75 -41.42
C ALA L 238 46.00 12.56 -41.68
N ARG L 239 46.84 12.59 -42.71
CA ARG L 239 47.59 11.43 -43.14
C ARG L 239 48.98 11.40 -42.49
N THR L 240 49.45 10.20 -42.18
CA THR L 240 50.79 10.00 -41.64
C THR L 240 51.79 9.90 -42.79
N LEU L 241 53.03 9.54 -42.47
CA LEU L 241 54.04 9.32 -43.49
C LEU L 241 54.03 7.90 -44.03
N GLU L 242 53.23 7.01 -43.45
CA GLU L 242 53.08 5.66 -43.98
C GLU L 242 51.96 5.61 -45.01
N ASP L 243 52.25 5.04 -46.17
CA ASP L 243 51.26 4.93 -47.23
C ASP L 243 50.42 3.66 -47.14
N LYS L 244 50.80 2.72 -46.27
CA LYS L 244 50.06 1.47 -46.13
C LYS L 244 48.66 1.73 -45.60
N ASP L 245 47.73 0.86 -45.98
CA ASP L 245 46.32 1.07 -45.68
C ASP L 245 45.98 0.85 -44.21
N ASN L 246 46.91 0.27 -43.44
CA ASN L 246 46.68 0.05 -42.02
C ASN L 246 46.80 1.34 -41.22
N TRP L 247 47.89 2.07 -41.42
CA TRP L 247 48.21 3.24 -40.61
C TRP L 247 48.28 4.50 -41.46
N ARG L 248 47.29 4.70 -42.32
CA ARG L 248 47.33 5.81 -43.25
C ARG L 248 47.01 7.13 -42.56
N TYR L 249 46.11 7.14 -41.59
CA TYR L 249 45.57 8.35 -41.01
C TYR L 249 46.08 8.56 -39.60
N VAL L 250 46.35 9.82 -39.23
CA VAL L 250 46.71 10.15 -37.84
C VAL L 250 45.60 9.95 -36.81
N PRO L 251 44.27 9.95 -37.09
CA PRO L 251 43.35 9.55 -36.01
C PRO L 251 43.41 8.06 -35.69
N VAL L 252 43.77 7.21 -36.64
CA VAL L 252 43.85 5.78 -36.35
C VAL L 252 45.13 5.45 -35.61
N ARG L 253 46.23 6.11 -35.95
CA ARG L 253 47.49 5.86 -35.28
C ARG L 253 47.48 6.43 -33.86
N ARG L 254 46.88 7.61 -33.68
CA ARG L 254 46.81 8.20 -32.34
C ARG L 254 45.76 7.55 -31.47
N LEU L 255 44.76 6.88 -32.04
CA LEU L 255 43.84 6.11 -31.23
C LEU L 255 44.52 4.87 -30.65
N PHE L 256 45.27 4.16 -31.49
CA PHE L 256 45.98 2.97 -31.01
C PHE L 256 47.09 3.31 -30.04
N ASN L 257 47.71 4.49 -30.18
CA ASN L 257 48.68 4.93 -29.18
C ASN L 257 48.00 5.25 -27.86
N SER L 258 46.78 5.78 -27.91
CA SER L 258 46.09 6.18 -26.69
C SER L 258 45.47 4.99 -25.99
N VAL L 259 44.93 4.04 -26.75
CA VAL L 259 44.29 2.86 -26.17
C VAL L 259 45.30 2.00 -25.44
N GLU L 260 46.48 1.81 -26.05
CA GLU L 260 47.46 0.93 -25.46
C GLU L 260 48.15 1.56 -24.26
N ARG L 261 48.11 2.89 -24.17
CA ARG L 261 48.58 3.56 -22.96
C ARG L 261 47.60 3.40 -21.82
N ASP L 262 46.30 3.41 -22.11
CA ASP L 262 45.31 3.20 -21.06
C ASP L 262 45.27 1.75 -20.62
N ILE L 263 45.55 0.82 -21.54
CA ILE L 263 45.63 -0.59 -21.19
C ILE L 263 46.90 -0.87 -20.41
N LYS L 264 47.96 -0.09 -20.66
CA LYS L 264 49.18 -0.13 -19.85
C LYS L 264 48.89 0.14 -18.39
N ARG L 265 48.00 1.08 -18.10
CA ARG L 265 47.72 1.44 -16.72
C ARG L 265 46.87 0.38 -16.03
N ALA L 266 45.97 -0.27 -16.78
CA ALA L 266 45.19 -1.36 -16.19
C ALA L 266 46.04 -2.61 -16.01
N MET L 267 47.08 -2.77 -16.80
CA MET L 267 47.93 -3.93 -16.54
C MET L 267 49.01 -3.63 -15.54
N SER L 268 49.04 -2.39 -15.02
CA SER L 268 50.00 -2.07 -13.98
C SER L 268 49.63 -2.74 -12.66
N PHE L 269 48.33 -2.92 -12.39
CA PHE L 269 47.98 -3.53 -11.11
C PHE L 269 48.22 -5.03 -11.13
N ALA L 270 48.24 -5.63 -12.33
CA ALA L 270 48.48 -7.06 -12.42
C ALA L 270 49.95 -7.42 -12.29
N MET L 271 50.83 -6.41 -12.24
CA MET L 271 52.26 -6.64 -12.07
C MET L 271 52.54 -7.29 -10.73
N PHE L 272 53.37 -8.34 -10.78
CA PHE L 272 53.88 -9.07 -9.64
C PHE L 272 52.79 -9.72 -8.80
N GLU L 273 51.65 -9.98 -9.40
CA GLU L 273 50.60 -10.82 -8.87
C GLU L 273 50.89 -12.27 -9.25
N PRO L 274 50.27 -13.25 -8.59
CA PRO L 274 50.49 -14.65 -8.97
C PRO L 274 49.98 -14.94 -10.38
N ASN L 275 50.79 -15.69 -11.13
CA ASN L 275 50.49 -15.98 -12.53
C ASN L 275 49.65 -17.25 -12.58
N ASN L 276 48.34 -17.09 -12.37
CA ASN L 276 47.40 -18.19 -12.46
C ASN L 276 46.15 -17.68 -13.14
N GLN L 277 45.12 -18.51 -13.17
CA GLN L 277 43.86 -18.13 -13.81
C GLN L 277 43.07 -17.02 -13.12
N PRO L 278 42.98 -16.91 -11.77
CA PRO L 278 42.25 -15.76 -11.22
C PRO L 278 42.85 -14.39 -11.50
N THR L 279 44.13 -14.33 -11.87
CA THR L 279 44.69 -13.06 -12.34
C THR L 279 44.26 -12.77 -13.77
N TRP L 280 44.29 -13.79 -14.64
CA TRP L 280 43.99 -13.61 -16.06
C TRP L 280 42.55 -13.22 -16.30
N GLU L 281 41.63 -13.68 -15.47
CA GLU L 281 40.24 -13.27 -15.61
C GLU L 281 39.97 -11.92 -14.99
N ARG L 282 40.95 -11.36 -14.27
CA ARG L 282 40.87 -9.98 -13.82
C ARG L 282 41.57 -9.04 -14.78
N VAL L 283 42.58 -9.53 -15.49
CA VAL L 283 43.22 -8.76 -16.54
C VAL L 283 42.28 -8.60 -17.73
N ARG L 284 41.56 -9.67 -18.08
CA ARG L 284 40.64 -9.61 -19.20
C ARG L 284 39.42 -8.76 -18.87
N ALA L 285 38.95 -8.83 -17.63
CA ALA L 285 37.79 -8.03 -17.25
C ALA L 285 38.12 -6.56 -17.18
N ALA L 286 39.36 -6.21 -16.84
CA ALA L 286 39.74 -4.80 -16.76
C ALA L 286 39.87 -4.19 -18.15
N ILE L 287 40.34 -4.97 -19.12
CA ILE L 287 40.44 -4.47 -20.49
C ILE L 287 39.07 -4.41 -21.13
N SER L 288 38.21 -5.40 -20.84
CA SER L 288 36.90 -5.46 -21.49
C SER L 288 35.99 -4.35 -21.02
N ASN L 289 36.17 -3.86 -19.80
CA ASN L 289 35.42 -2.69 -19.36
C ASN L 289 35.87 -1.45 -20.11
N TYR L 290 37.17 -1.32 -20.33
CA TYR L 290 37.72 -0.11 -20.93
C TYR L 290 37.34 -0.01 -22.40
N LEU L 291 37.44 -1.12 -23.14
CA LEU L 291 37.12 -1.07 -24.55
C LEU L 291 35.62 -0.98 -24.79
N TYR L 292 34.82 -1.42 -23.84
CA TYR L 292 33.37 -1.27 -24.00
C TYR L 292 32.96 0.17 -23.83
N SER L 293 33.47 0.85 -22.79
CA SER L 293 33.13 2.25 -22.58
C SER L 293 33.74 3.16 -23.64
N LEU L 294 34.82 2.72 -24.27
CA LEU L 294 35.34 3.45 -25.42
C LEU L 294 34.47 3.24 -26.65
N TRP L 295 33.94 2.03 -26.83
CA TRP L 295 33.02 1.77 -27.92
C TRP L 295 31.71 2.52 -27.74
N GLN L 296 31.27 2.68 -26.50
CA GLN L 296 30.04 3.43 -26.22
C GLN L 296 30.20 4.91 -26.52
N GLN L 297 31.42 5.44 -26.45
CA GLN L 297 31.67 6.81 -26.84
C GLN L 297 31.73 7.01 -28.34
N GLY L 298 31.69 5.93 -29.12
CA GLY L 298 31.83 6.03 -30.54
C GLY L 298 33.25 5.95 -31.04
N GLY L 299 34.19 5.55 -30.19
CA GLY L 299 35.59 5.54 -30.58
C GLY L 299 35.92 4.42 -31.54
N LEU L 300 35.33 3.25 -31.32
CA LEU L 300 35.54 2.08 -32.16
C LEU L 300 34.33 1.88 -33.05
N ALA L 301 34.58 1.49 -34.30
CA ALA L 301 33.53 1.39 -35.32
C ALA L 301 32.98 -0.02 -35.33
N GLY L 302 31.72 -0.15 -34.93
CA GLY L 302 31.02 -1.41 -35.02
C GLY L 302 29.58 -1.27 -34.56
N SER L 303 28.65 -1.81 -35.34
CA SER L 303 27.23 -1.75 -34.94
C SER L 303 26.97 -2.69 -33.78
N LYS L 304 27.50 -3.90 -33.86
CA LYS L 304 27.47 -4.86 -32.78
C LYS L 304 28.72 -4.65 -31.92
N GLU L 305 28.55 -4.78 -30.59
CA GLU L 305 29.66 -4.61 -29.66
C GLU L 305 30.73 -5.69 -29.83
N GLU L 306 30.34 -6.89 -30.25
CA GLU L 306 31.30 -7.96 -30.50
C GLU L 306 32.05 -7.79 -31.82
N ASP L 307 31.68 -6.82 -32.63
CA ASP L 307 32.41 -6.51 -33.85
C ASP L 307 33.51 -5.49 -33.65
N ALA L 308 33.46 -4.72 -32.57
CA ALA L 308 34.42 -3.63 -32.40
C ALA L 308 35.73 -4.08 -31.78
N TYR L 309 35.70 -5.11 -30.93
CA TYR L 309 36.90 -5.50 -30.20
C TYR L 309 36.78 -6.95 -29.77
N PHE L 310 37.93 -7.52 -29.40
CA PHE L 310 37.99 -8.85 -28.80
C PHE L 310 39.24 -8.92 -27.94
N VAL L 311 39.11 -9.61 -26.80
CA VAL L 311 40.21 -9.82 -25.86
C VAL L 311 40.33 -11.32 -25.61
N GLN L 312 41.57 -11.84 -25.63
CA GLN L 312 41.79 -13.27 -25.48
C GLN L 312 42.99 -13.54 -24.57
N ILE L 313 42.72 -14.10 -23.39
CA ILE L 313 43.74 -14.63 -22.49
C ILE L 313 43.43 -16.10 -22.25
N GLY L 314 44.47 -16.91 -22.07
CA GLY L 314 44.25 -18.30 -21.72
C GLY L 314 45.49 -19.16 -21.72
N LYS L 315 45.40 -20.31 -21.05
CA LYS L 315 46.53 -21.25 -21.03
C LYS L 315 46.56 -22.09 -22.31
N GLY L 316 45.40 -22.38 -22.89
CA GLY L 316 45.40 -23.04 -24.18
C GLY L 316 45.55 -22.08 -25.33
N ILE L 317 45.18 -20.82 -25.12
CA ILE L 317 44.97 -19.87 -26.22
C ILE L 317 46.24 -19.10 -26.54
N THR L 318 46.76 -18.36 -25.57
CA THR L 318 47.80 -17.37 -25.85
C THR L 318 49.19 -17.75 -25.33
N MET L 319 49.28 -18.32 -24.13
CA MET L 319 50.57 -18.58 -23.52
C MET L 319 50.77 -20.07 -23.28
N THR L 320 52.00 -20.53 -23.47
CA THR L 320 52.36 -21.92 -23.22
C THR L 320 52.57 -22.12 -21.71
N GLN L 321 52.48 -23.38 -21.29
CA GLN L 321 52.92 -23.76 -19.94
C GLN L 321 54.39 -23.42 -19.72
N GLU L 322 55.19 -23.49 -20.78
CA GLU L 322 56.58 -23.05 -20.73
C GLU L 322 56.68 -21.55 -20.49
N GLN L 323 55.83 -20.75 -21.16
CA GLN L 323 55.91 -19.31 -21.03
C GLN L 323 55.36 -18.81 -19.71
N ILE L 324 54.44 -19.57 -19.09
CA ILE L 324 53.91 -19.20 -17.79
C ILE L 324 54.98 -19.34 -16.72
N ASP L 325 55.77 -20.41 -16.79
CA ASP L 325 56.87 -20.60 -15.84
C ASP L 325 57.99 -19.59 -16.03
N ALA L 326 58.13 -19.01 -17.22
CA ALA L 326 59.10 -17.94 -17.42
C ALA L 326 58.62 -16.64 -16.81
N GLY L 327 57.31 -16.50 -16.59
CA GLY L 327 56.74 -15.31 -15.99
C GLY L 327 55.94 -14.45 -16.95
N GLN L 328 55.75 -14.89 -18.18
CA GLN L 328 55.07 -14.07 -19.18
C GLN L 328 53.56 -14.26 -19.10
N MET L 329 52.85 -13.22 -19.52
CA MET L 329 51.39 -13.24 -19.61
C MET L 329 51.00 -12.55 -20.90
N ILE L 330 50.35 -13.27 -21.81
CA ILE L 330 50.10 -12.79 -23.16
C ILE L 330 48.61 -12.56 -23.36
N VAL L 331 48.26 -11.36 -23.80
CA VAL L 331 46.88 -10.96 -24.11
C VAL L 331 46.84 -10.53 -25.56
N LYS L 332 45.73 -10.83 -26.23
CA LYS L 332 45.49 -10.39 -27.60
C LYS L 332 44.30 -9.45 -27.63
N VAL L 333 44.52 -8.23 -28.14
CA VAL L 333 43.49 -7.21 -28.24
C VAL L 333 43.37 -6.82 -29.70
N GLY L 334 42.14 -6.71 -30.18
CA GLY L 334 41.89 -6.18 -31.51
C GLY L 334 40.92 -5.03 -31.41
N LEU L 335 41.06 -4.06 -32.33
CA LEU L 335 40.22 -2.89 -32.36
C LEU L 335 39.77 -2.62 -33.79
N ALA L 336 38.71 -1.84 -33.93
CA ALA L 336 38.19 -1.46 -35.25
C ALA L 336 37.95 0.05 -35.22
N ALA L 337 38.93 0.81 -35.71
CA ALA L 337 38.83 2.26 -35.69
C ALA L 337 37.94 2.75 -36.84
N VAL L 338 37.54 4.02 -36.75
CA VAL L 338 36.74 4.66 -37.77
C VAL L 338 37.66 5.43 -38.70
N ARG L 339 37.40 5.34 -39.98
CA ARG L 339 38.23 6.11 -40.89
C ARG L 339 37.53 7.42 -41.27
N PRO L 340 38.27 8.50 -41.50
CA PRO L 340 37.62 9.76 -41.88
C PRO L 340 37.31 9.82 -43.36
N ALA L 341 36.18 10.44 -43.68
CA ALA L 341 35.83 10.72 -45.07
C ALA L 341 36.70 11.85 -45.59
N GLU L 342 37.51 11.55 -46.60
CA GLU L 342 38.51 12.50 -47.06
C GLU L 342 38.14 13.20 -48.36
N PHE L 343 37.48 12.51 -49.29
CA PHE L 343 37.04 13.09 -50.54
C PHE L 343 35.52 13.06 -50.61
N ILE L 344 34.91 14.13 -51.09
CA ILE L 344 33.48 14.17 -51.35
C ILE L 344 33.28 14.57 -52.80
N ILE L 345 32.58 13.73 -53.55
CA ILE L 345 32.40 13.91 -54.98
C ILE L 345 30.95 14.32 -55.24
N LEU L 346 30.76 15.51 -55.77
CA LEU L 346 29.46 16.02 -56.15
C LEU L 346 29.24 15.76 -57.63
N GLN L 347 28.08 15.23 -57.98
CA GLN L 347 27.67 15.13 -59.37
C GLN L 347 26.46 16.02 -59.56
N PHE L 348 26.59 17.02 -60.44
CA PHE L 348 25.53 17.96 -60.71
C PHE L 348 24.92 17.62 -62.06
N THR L 349 23.62 17.33 -62.05
CA THR L 349 22.87 16.95 -63.23
C THR L 349 22.00 18.12 -63.66
N GLN L 350 21.92 18.35 -64.97
CA GLN L 350 21.20 19.52 -65.46
C GLN L 350 19.70 19.27 -65.51
N ASP L 351 19.27 18.04 -65.72
CA ASP L 351 17.85 17.74 -65.73
C ASP L 351 17.44 17.06 -64.43
N VAL L 352 16.32 17.51 -63.86
CA VAL L 352 15.80 17.00 -62.60
C VAL L 352 14.85 15.87 -62.90
N GLU L 353 15.17 14.69 -62.40
CA GLU L 353 14.29 13.53 -62.56
C GLU L 353 14.51 12.53 -61.42
N SER M 2 -7.83 -53.44 -8.49
CA SER M 2 -7.04 -54.00 -9.56
C SER M 2 -7.03 -53.14 -10.83
N THR M 3 -6.41 -51.96 -10.76
CA THR M 3 -6.32 -51.10 -11.93
C THR M 3 -5.20 -51.57 -12.84
N SER M 4 -5.52 -51.77 -14.11
CA SER M 4 -4.52 -52.10 -15.12
C SER M 4 -3.63 -50.90 -15.41
N THR M 5 -2.44 -51.17 -15.95
CA THR M 5 -1.47 -50.10 -16.16
C THR M 5 -1.81 -49.24 -17.37
N SER M 6 -2.65 -49.72 -18.28
CA SER M 6 -3.13 -48.88 -19.37
C SER M 6 -4.37 -48.09 -19.00
N GLN M 7 -5.03 -48.45 -17.89
CA GLN M 7 -6.13 -47.64 -17.40
C GLN M 7 -5.62 -46.38 -16.71
N ILE M 8 -4.45 -46.48 -16.05
CA ILE M 8 -3.87 -45.32 -15.38
C ILE M 8 -3.42 -44.28 -16.40
N ALA M 9 -3.01 -44.71 -17.59
CA ALA M 9 -2.63 -43.78 -18.64
C ALA M 9 -3.82 -42.98 -19.17
N VAL M 10 -5.04 -43.46 -18.98
CA VAL M 10 -6.22 -42.77 -19.49
C VAL M 10 -6.94 -42.00 -18.39
N GLU M 11 -7.02 -42.56 -17.18
CA GLU M 11 -7.87 -41.98 -16.15
C GLU M 11 -7.14 -41.13 -15.13
N TYR M 12 -5.87 -41.26 -15.00
CA TYR M 12 -5.27 -40.65 -13.82
C TYR M 12 -4.67 -39.29 -14.14
N PRO M 13 -4.61 -38.39 -13.17
CA PRO M 13 -4.00 -37.07 -13.42
C PRO M 13 -2.51 -37.17 -13.66
N ILE M 14 -1.97 -36.11 -14.25
CA ILE M 14 -0.59 -36.08 -14.72
C ILE M 14 0.27 -35.38 -13.67
N PRO M 15 1.37 -35.98 -13.23
CA PRO M 15 2.26 -35.28 -12.28
C PRO M 15 3.11 -34.23 -12.98
N VAL M 16 3.38 -33.14 -12.25
CA VAL M 16 4.02 -31.97 -12.86
C VAL M 16 5.52 -32.12 -13.09
N TYR M 17 6.20 -33.00 -12.37
CA TYR M 17 7.64 -32.88 -12.24
C TYR M 17 8.42 -33.35 -13.45
N ARG M 18 7.79 -34.03 -14.39
CA ARG M 18 8.46 -34.54 -15.58
C ARG M 18 7.99 -33.73 -16.78
N PHE M 19 8.87 -32.87 -17.30
CA PHE M 19 8.49 -31.98 -18.38
C PHE M 19 9.70 -31.66 -19.25
N ILE M 20 9.42 -31.28 -20.50
CA ILE M 20 10.44 -30.90 -21.47
C ILE M 20 10.18 -29.46 -21.90
N VAL M 21 11.19 -28.62 -21.78
CA VAL M 21 11.13 -27.25 -22.25
C VAL M 21 12.02 -27.12 -23.47
N SER M 22 11.52 -26.45 -24.51
CA SER M 22 12.25 -26.33 -25.77
C SER M 22 12.18 -24.89 -26.24
N VAL M 23 13.31 -24.21 -26.22
CA VAL M 23 13.39 -22.78 -26.51
C VAL M 23 13.89 -22.62 -27.94
N GLY M 24 12.98 -22.40 -28.87
CA GLY M 24 13.37 -22.26 -30.27
C GLY M 24 13.74 -23.60 -30.85
N ASP M 25 14.91 -23.67 -31.48
CA ASP M 25 15.41 -24.95 -31.99
C ASP M 25 16.08 -25.76 -30.88
N GLU M 26 16.64 -25.09 -29.89
CA GLU M 26 17.27 -25.79 -28.78
C GLU M 26 16.23 -26.41 -27.86
N LYS M 27 16.62 -27.48 -27.17
CA LYS M 27 15.91 -27.94 -25.99
C LYS M 27 16.88 -27.96 -24.83
N ILE M 28 16.49 -27.34 -23.73
CA ILE M 28 17.39 -27.20 -22.59
C ILE M 28 16.67 -27.61 -21.31
N PRO M 29 17.34 -28.31 -20.39
CA PRO M 29 16.68 -28.77 -19.17
C PRO M 29 16.49 -27.64 -18.17
N PHE M 30 15.26 -27.49 -17.68
CA PHE M 30 14.93 -26.43 -16.75
C PHE M 30 14.49 -27.02 -15.42
N ASN M 31 14.71 -26.26 -14.36
CA ASN M 31 14.34 -26.72 -13.02
C ASN M 31 12.85 -26.49 -12.77
N SER M 32 12.34 -25.33 -13.15
CA SER M 32 10.92 -25.04 -12.96
C SER M 32 10.47 -24.01 -13.97
N VAL M 33 9.18 -24.06 -14.30
CA VAL M 33 8.52 -23.12 -15.20
C VAL M 33 7.32 -22.55 -14.44
N SER M 34 7.15 -21.23 -14.52
CA SER M 34 6.08 -20.56 -13.79
C SER M 34 5.35 -19.57 -14.69
N GLY M 35 4.22 -19.07 -14.18
CA GLY M 35 3.43 -18.12 -14.96
C GLY M 35 2.57 -18.86 -15.97
N LEU M 36 2.62 -18.39 -17.21
CA LEU M 36 2.15 -19.10 -18.40
C LEU M 36 0.63 -19.28 -18.41
N ASP M 37 -0.09 -18.26 -17.95
CA ASP M 37 -1.53 -18.37 -17.85
C ASP M 37 -2.23 -17.34 -18.73
N ILE M 38 -3.42 -17.71 -19.20
CA ILE M 38 -4.30 -16.81 -19.93
C ILE M 38 -4.96 -15.87 -18.94
N SER M 39 -5.38 -14.69 -19.40
CA SER M 39 -6.13 -13.75 -18.58
C SER M 39 -6.89 -12.79 -19.49
N TYR M 40 -7.99 -12.24 -18.97
CA TYR M 40 -8.80 -11.30 -19.73
C TYR M 40 -9.32 -10.21 -18.81
N ASP M 41 -9.26 -8.97 -19.26
CA ASP M 41 -9.99 -7.90 -18.61
C ASP M 41 -11.48 -8.09 -18.88
N THR M 42 -12.31 -7.55 -18.00
CA THR M 42 -13.75 -7.65 -18.14
C THR M 42 -14.33 -6.26 -18.35
N ILE M 43 -15.21 -6.15 -19.33
CA ILE M 43 -15.90 -4.91 -19.64
C ILE M 43 -17.31 -5.01 -19.10
N GLU M 44 -17.74 -3.99 -18.35
CA GLU M 44 -19.05 -4.01 -17.71
C GLU M 44 -19.83 -2.77 -18.12
N TYR M 45 -20.96 -2.98 -18.79
CA TYR M 45 -21.92 -1.93 -19.10
C TYR M 45 -23.11 -2.08 -18.17
N ARG M 46 -23.68 -0.96 -17.76
CA ARG M 46 -24.75 -0.94 -16.80
C ARG M 46 -25.58 0.29 -17.09
N ASP M 47 -26.85 0.10 -17.42
CA ASP M 47 -27.70 1.25 -17.70
C ASP M 47 -28.84 1.34 -16.69
N GLY M 48 -29.71 2.32 -16.89
CA GLY M 48 -30.62 2.73 -15.84
C GLY M 48 -31.80 1.81 -15.63
N VAL M 49 -32.17 1.03 -16.64
CA VAL M 49 -33.34 0.17 -16.48
C VAL M 49 -33.02 -1.09 -15.69
N GLY M 50 -31.75 -1.40 -15.48
CA GLY M 50 -31.39 -2.46 -14.57
C GLY M 50 -30.51 -3.57 -15.11
N ASN M 51 -30.45 -3.72 -16.44
CA ASN M 51 -29.68 -4.80 -17.02
C ASN M 51 -28.19 -4.48 -17.00
N TRP M 52 -27.40 -5.51 -16.74
CA TRP M 52 -25.96 -5.39 -16.48
C TRP M 52 -25.25 -6.35 -17.42
N PHE M 53 -24.49 -5.79 -18.35
CA PHE M 53 -23.76 -6.58 -19.34
C PHE M 53 -22.33 -6.79 -18.88
N LYS M 54 -21.90 -8.04 -18.84
CA LYS M 54 -20.51 -8.39 -18.57
C LYS M 54 -19.94 -9.06 -19.81
N MET M 55 -18.75 -8.63 -20.22
CA MET M 55 -18.12 -9.10 -21.43
C MET M 55 -16.67 -9.45 -21.16
N PRO M 56 -16.12 -10.39 -21.91
CA PRO M 56 -14.66 -10.52 -21.93
C PRO M 56 -14.07 -9.39 -22.72
N GLY M 57 -12.94 -8.88 -22.25
CA GLY M 57 -12.39 -7.73 -22.92
C GLY M 57 -11.02 -7.95 -23.51
N GLN M 58 -10.16 -6.96 -23.30
CA GLN M 58 -8.82 -6.95 -23.85
C GLN M 58 -7.96 -7.99 -23.15
N SER M 59 -7.25 -8.79 -23.95
CA SER M 59 -6.39 -9.82 -23.39
C SER M 59 -5.18 -9.20 -22.71
N GLN M 60 -4.58 -9.96 -21.78
CA GLN M 60 -3.42 -9.49 -21.05
C GLN M 60 -2.16 -10.16 -21.58
N SER M 61 -1.03 -9.49 -21.37
CA SER M 61 0.24 -10.00 -21.87
C SER M 61 0.75 -11.13 -21.00
N THR M 62 1.32 -12.13 -21.64
CA THR M 62 1.76 -13.34 -20.96
C THR M 62 3.19 -13.17 -20.47
N ASN M 63 3.42 -13.45 -19.19
CA ASN M 63 4.73 -13.32 -18.57
C ASN M 63 5.11 -14.65 -17.93
N ILE M 64 6.21 -15.25 -18.40
CA ILE M 64 6.66 -16.58 -18.01
C ILE M 64 7.99 -16.44 -17.28
N THR M 65 8.22 -17.31 -16.29
CA THR M 65 9.48 -17.33 -15.56
C THR M 65 10.05 -18.74 -15.56
N LEU M 66 11.19 -18.92 -16.21
CA LEU M 66 11.87 -20.20 -16.28
C LEU M 66 13.09 -20.17 -15.36
N ARG M 67 13.28 -21.24 -14.59
CA ARG M 67 14.35 -21.32 -13.61
C ARG M 67 15.30 -22.45 -13.95
N LYS M 68 16.60 -22.22 -13.81
CA LYS M 68 17.61 -23.13 -14.31
C LYS M 68 18.90 -22.98 -13.52
N GLY M 69 19.55 -24.09 -13.22
CA GLY M 69 20.82 -24.04 -12.52
C GLY M 69 21.97 -23.67 -13.42
N VAL M 70 23.06 -23.18 -12.80
CA VAL M 70 24.23 -22.72 -13.52
C VAL M 70 25.18 -23.88 -13.75
N PHE M 71 25.51 -24.15 -14.99
CA PHE M 71 26.36 -25.23 -15.44
C PHE M 71 27.67 -24.66 -15.99
N PRO M 72 28.80 -25.38 -15.87
CA PRO M 72 30.10 -24.71 -15.99
C PRO M 72 30.48 -24.27 -17.39
N GLY M 73 30.04 -24.98 -18.42
CA GLY M 73 30.43 -24.55 -19.76
C GLY M 73 29.42 -23.66 -20.45
N LYS M 74 28.18 -23.64 -19.97
CA LYS M 74 27.04 -23.20 -20.76
C LYS M 74 26.43 -21.94 -20.19
N THR M 75 26.39 -20.87 -21.00
CA THR M 75 25.54 -19.69 -20.77
C THR M 75 24.82 -19.40 -22.08
N GLU M 76 23.69 -20.06 -22.33
CA GLU M 76 22.88 -19.66 -23.48
C GLU M 76 21.53 -19.10 -23.08
N LEU M 77 21.24 -18.99 -21.79
CA LEU M 77 20.20 -18.08 -21.34
C LEU M 77 20.71 -16.66 -21.29
N PHE M 78 21.99 -16.48 -20.97
CA PHE M 78 22.56 -15.14 -20.89
C PHE M 78 22.81 -14.54 -22.27
N ASP M 79 23.27 -15.36 -23.22
CA ASP M 79 23.58 -14.86 -24.56
C ASP M 79 22.32 -14.45 -25.30
N TRP M 80 21.18 -15.00 -24.94
CA TRP M 80 19.91 -14.55 -25.51
C TRP M 80 19.55 -13.17 -25.01
N ILE M 81 19.71 -12.91 -23.71
CA ILE M 81 19.35 -11.60 -23.17
C ILE M 81 20.45 -10.58 -23.41
N ASN M 82 21.66 -11.01 -23.70
CA ASN M 82 22.73 -10.06 -24.00
C ASN M 82 22.63 -9.51 -25.41
N SER M 83 21.92 -10.20 -26.31
CA SER M 83 21.82 -9.80 -27.70
C SER M 83 20.80 -8.71 -27.94
N ILE M 84 20.18 -8.16 -26.89
CA ILE M 84 19.21 -7.10 -27.05
C ILE M 84 19.96 -5.82 -27.43
N GLN M 85 19.85 -5.44 -28.70
CA GLN M 85 20.10 -4.08 -29.14
C GLN M 85 18.73 -3.46 -29.30
N LEU M 86 18.69 -2.15 -29.52
CA LEU M 86 17.70 -1.18 -28.99
C LEU M 86 16.31 -1.76 -28.81
N ASN M 87 15.62 -2.18 -29.86
CA ASN M 87 14.37 -2.91 -29.71
C ASN M 87 14.41 -4.24 -30.45
N GLN M 88 15.56 -4.61 -30.98
CA GLN M 88 15.71 -5.78 -31.82
C GLN M 88 16.25 -6.92 -30.99
N VAL M 89 15.46 -7.97 -30.85
CA VAL M 89 15.87 -9.20 -30.19
C VAL M 89 15.29 -10.34 -31.02
N GLU M 90 15.93 -11.49 -30.97
CA GLU M 90 15.37 -12.67 -31.61
C GLU M 90 14.32 -13.28 -30.70
N LYS M 91 13.07 -13.23 -31.12
CA LYS M 91 11.99 -13.90 -30.42
C LYS M 91 11.89 -15.33 -30.91
N LYS M 92 11.57 -16.24 -30.00
CA LYS M 92 11.48 -17.64 -30.36
C LYS M 92 10.39 -18.31 -29.54
N ASP M 93 9.94 -19.45 -30.02
CA ASP M 93 8.80 -20.15 -29.44
C ASP M 93 9.27 -21.13 -28.37
N ILE M 94 8.56 -21.14 -27.24
CA ILE M 94 8.85 -22.00 -26.11
C ILE M 94 7.72 -23.01 -26.02
N THR M 95 8.06 -24.29 -25.87
CA THR M 95 7.06 -25.33 -25.69
C THR M 95 7.36 -26.09 -24.41
N ILE M 96 6.40 -26.14 -23.51
CA ILE M 96 6.48 -27.02 -22.34
C ILE M 96 5.65 -28.26 -22.65
N SER M 97 6.08 -29.41 -22.14
CA SER M 97 5.44 -30.66 -22.49
C SER M 97 5.60 -31.66 -21.35
N LEU M 98 4.50 -32.01 -20.69
CA LEU M 98 4.53 -33.06 -19.68
C LEU M 98 4.75 -34.41 -20.35
N THR M 99 5.72 -35.17 -19.86
CA THR M 99 6.10 -36.44 -20.46
C THR M 99 6.03 -37.56 -19.43
N ASN M 100 6.29 -38.78 -19.91
CA ASN M 100 6.45 -39.94 -19.05
C ASN M 100 7.90 -40.05 -18.61
N ASP M 101 8.21 -41.12 -17.87
CA ASP M 101 9.58 -41.37 -17.46
C ASP M 101 10.42 -41.76 -18.67
N ALA M 102 11.57 -41.09 -18.82
CA ALA M 102 12.45 -41.17 -20.00
C ALA M 102 11.66 -40.87 -21.27
N GLY M 103 11.27 -39.60 -21.37
CA GLY M 103 10.21 -39.14 -22.26
C GLY M 103 10.35 -39.44 -23.73
N THR M 104 9.57 -40.41 -24.18
CA THR M 104 9.38 -40.72 -25.59
C THR M 104 7.94 -40.47 -26.01
N GLU M 105 7.15 -39.86 -25.13
CA GLU M 105 5.70 -39.77 -25.31
C GLU M 105 5.22 -38.57 -24.53
N LEU M 106 4.57 -37.63 -25.21
CA LEU M 106 4.06 -36.44 -24.55
C LEU M 106 2.65 -36.69 -24.07
N LEU M 107 2.30 -36.07 -22.95
CA LEU M 107 0.95 -36.19 -22.40
C LEU M 107 0.14 -34.91 -22.57
N MET M 108 0.77 -33.77 -22.32
CA MET M 108 0.18 -32.46 -22.56
C MET M 108 1.24 -31.57 -23.16
N THR M 109 0.81 -30.48 -23.80
CA THR M 109 1.76 -29.58 -24.44
C THR M 109 1.22 -28.16 -24.37
N TRP M 110 2.04 -27.24 -23.89
CA TRP M 110 1.77 -25.82 -23.95
C TRP M 110 2.70 -25.18 -24.97
N ASN M 111 2.20 -24.17 -25.68
CA ASN M 111 2.97 -23.48 -26.71
C ASN M 111 2.93 -21.99 -26.45
N VAL M 112 4.09 -21.36 -26.47
CA VAL M 112 4.23 -19.92 -26.27
C VAL M 112 4.82 -19.33 -27.54
N SER M 113 4.26 -18.23 -28.00
CA SER M 113 4.70 -17.59 -29.24
C SER M 113 5.41 -16.29 -28.92
N ASN M 114 6.48 -16.02 -29.69
CA ASN M 114 7.18 -14.73 -29.72
C ASN M 114 7.74 -14.33 -28.35
N ALA M 115 8.29 -15.29 -27.63
CA ALA M 115 8.84 -14.99 -26.32
C ALA M 115 10.23 -14.39 -26.45
N PHE M 116 10.49 -13.33 -25.68
CA PHE M 116 11.76 -12.66 -25.66
C PHE M 116 12.13 -12.34 -24.22
N PRO M 117 13.43 -12.29 -23.88
CA PRO M 117 13.79 -12.20 -22.47
C PRO M 117 13.86 -10.80 -21.90
N THR M 118 13.30 -10.66 -20.70
CA THR M 118 13.58 -9.54 -19.81
C THR M 118 14.06 -10.14 -18.49
N SER M 119 14.89 -9.41 -17.78
CA SER M 119 15.19 -9.67 -16.36
C SER M 119 15.79 -11.06 -16.10
N LEU M 120 17.00 -11.28 -16.61
CA LEU M 120 17.77 -12.45 -16.19
C LEU M 120 18.32 -12.21 -14.79
N THR M 121 18.06 -13.16 -13.89
CA THR M 121 18.44 -13.03 -12.48
C THR M 121 19.65 -13.88 -12.19
N SER M 122 20.71 -13.26 -11.70
CA SER M 122 21.96 -13.91 -11.33
C SER M 122 21.79 -14.63 -10.00
N PRO M 123 22.60 -15.67 -9.74
CA PRO M 123 22.52 -16.35 -8.44
C PRO M 123 22.97 -15.47 -7.29
N SER M 124 22.42 -15.78 -6.11
CA SER M 124 22.78 -15.08 -4.89
C SER M 124 23.91 -15.83 -4.24
N PHE M 125 25.13 -15.31 -4.37
CA PHE M 125 26.29 -15.94 -3.78
C PHE M 125 26.24 -15.77 -2.27
N ASP M 126 26.53 -16.85 -1.56
CA ASP M 126 26.17 -16.96 -0.16
C ASP M 126 27.09 -17.99 0.47
N ALA M 127 27.95 -17.56 1.39
CA ALA M 127 28.99 -18.44 1.89
C ALA M 127 28.47 -19.49 2.87
N THR M 128 27.26 -19.31 3.38
CA THR M 128 26.67 -20.23 4.36
C THR M 128 25.42 -20.87 3.79
N SER M 129 25.50 -21.32 2.54
CA SER M 129 24.36 -21.95 1.90
C SER M 129 24.80 -23.20 1.17
N ASN M 130 23.95 -24.22 1.20
CA ASN M 130 24.21 -25.51 0.58
C ASN M 130 23.45 -25.69 -0.72
N ASP M 131 23.35 -24.65 -1.53
CA ASP M 131 22.51 -24.69 -2.71
C ASP M 131 23.32 -24.62 -3.99
N ILE M 132 22.65 -24.94 -5.09
CA ILE M 132 23.20 -24.76 -6.43
C ILE M 132 22.95 -23.33 -6.88
N ALA M 133 23.88 -22.79 -7.67
CA ALA M 133 23.67 -21.53 -8.37
C ALA M 133 22.56 -21.68 -9.39
N VAL M 134 21.44 -20.99 -9.16
CA VAL M 134 20.29 -21.04 -10.05
C VAL M 134 20.09 -19.66 -10.67
N GLN M 135 19.44 -19.64 -11.82
CA GLN M 135 19.10 -18.41 -12.52
C GLN M 135 17.65 -18.46 -12.97
N GLU M 136 16.93 -17.37 -12.78
CA GLU M 136 15.63 -17.19 -13.39
C GLU M 136 15.75 -16.26 -14.58
N ILE M 137 15.17 -16.66 -15.70
CA ILE M 137 14.94 -15.76 -16.81
C ILE M 137 13.44 -15.53 -16.90
N THR M 138 13.06 -14.32 -17.25
CA THR M 138 11.65 -13.94 -17.37
C THR M 138 11.36 -13.68 -18.84
N LEU M 139 10.24 -14.17 -19.33
CA LEU M 139 9.91 -14.00 -20.73
C LEU M 139 8.56 -13.30 -20.84
N MET M 140 8.50 -12.32 -21.73
CA MET M 140 7.23 -11.73 -22.12
C MET M 140 6.84 -12.29 -23.47
N ALA M 141 5.57 -12.67 -23.61
CA ALA M 141 5.14 -13.32 -24.84
C ALA M 141 3.65 -13.10 -25.02
N ASP M 142 3.10 -13.80 -26.01
CA ASP M 142 1.68 -13.79 -26.32
C ASP M 142 1.27 -15.20 -26.71
N ARG M 143 -0.03 -15.48 -26.58
CA ARG M 143 -0.67 -16.70 -27.07
C ARG M 143 -0.06 -17.96 -26.44
N VAL M 144 -0.41 -18.17 -25.18
CA VAL M 144 -0.33 -19.51 -24.62
C VAL M 144 -1.50 -20.32 -25.15
N ILE M 145 -1.22 -21.44 -25.79
CA ILE M 145 -2.24 -22.42 -26.14
C ILE M 145 -1.83 -23.75 -25.55
N MET M 146 -2.83 -24.55 -25.18
CA MET M 146 -2.63 -25.85 -24.57
C MET M 146 -3.12 -26.91 -25.53
N GLN M 147 -2.24 -27.86 -25.86
CA GLN M 147 -2.54 -28.90 -26.83
C GLN M 147 -2.64 -30.25 -26.14
N ALA M 148 -3.64 -31.03 -26.52
CA ALA M 148 -3.77 -32.38 -26.00
C ALA M 148 -2.79 -33.30 -26.72
N VAL M 149 -1.93 -33.95 -25.93
CA VAL M 149 -0.89 -34.89 -26.39
C VAL M 149 0.04 -34.29 -27.42
N SER N 2 -27.65 -41.83 21.81
CA SER N 2 -28.26 -42.73 20.85
C SER N 2 -28.98 -42.00 19.71
N THR N 3 -28.24 -41.30 18.86
CA THR N 3 -28.84 -40.61 17.73
C THR N 3 -29.11 -41.60 16.61
N SER N 4 -30.35 -41.59 16.12
CA SER N 4 -30.71 -42.41 14.96
C SER N 4 -30.09 -41.83 13.69
N THR N 5 -29.98 -42.68 12.67
CA THR N 5 -29.30 -42.25 11.45
C THR N 5 -30.16 -41.35 10.58
N SER N 6 -31.47 -41.33 10.79
CA SER N 6 -32.33 -40.37 10.10
C SER N 6 -32.43 -39.05 10.85
N GLN N 7 -32.02 -39.01 12.12
CA GLN N 7 -31.96 -37.75 12.84
C GLN N 7 -30.75 -36.94 12.40
N ILE N 8 -29.65 -37.61 12.05
CA ILE N 8 -28.44 -36.92 11.60
C ILE N 8 -28.67 -36.26 10.25
N ALA N 9 -29.54 -36.84 9.42
CA ALA N 9 -29.88 -36.24 8.13
C ALA N 9 -30.67 -34.95 8.28
N VAL N 10 -31.31 -34.73 9.43
CA VAL N 10 -32.12 -33.54 9.64
C VAL N 10 -31.39 -32.50 10.48
N GLU N 11 -30.66 -32.94 11.50
CA GLU N 11 -30.11 -32.00 12.48
C GLU N 11 -28.65 -31.65 12.27
N TYR N 12 -27.93 -32.41 11.54
CA TYR N 12 -26.49 -32.20 11.61
C TYR N 12 -26.00 -31.33 10.45
N PRO N 13 -24.91 -30.58 10.64
CA PRO N 13 -24.38 -29.77 9.54
C PRO N 13 -23.81 -30.62 8.42
N ILE N 14 -23.66 -30.00 7.27
CA ILE N 14 -23.29 -30.68 6.04
C ILE N 14 -21.79 -30.52 5.81
N PRO N 15 -21.04 -31.59 5.59
CA PRO N 15 -19.61 -31.45 5.29
C PRO N 15 -19.38 -30.99 3.86
N VAL N 16 -18.33 -30.19 3.67
CA VAL N 16 -18.10 -29.53 2.38
C VAL N 16 -17.53 -30.42 1.29
N TYR N 17 -16.88 -31.53 1.63
CA TYR N 17 -15.97 -32.16 0.69
C TYR N 17 -16.67 -32.97 -0.39
N ARG N 18 -17.97 -33.23 -0.25
CA ARG N 18 -18.70 -34.01 -1.24
C ARG N 18 -19.64 -33.07 -1.99
N PHE N 19 -19.32 -32.79 -3.25
CA PHE N 19 -20.09 -31.84 -4.02
C PHE N 19 -20.04 -32.19 -5.50
N ILE N 20 -21.05 -31.73 -6.23
CA ILE N 20 -21.16 -31.92 -7.67
C ILE N 20 -21.18 -30.56 -8.35
N VAL N 21 -20.30 -30.35 -9.31
CA VAL N 21 -20.26 -29.13 -10.11
C VAL N 21 -20.71 -29.50 -11.52
N SER N 22 -21.59 -28.67 -12.09
CA SER N 22 -22.16 -28.95 -13.40
C SER N 22 -22.12 -27.68 -14.23
N VAL N 23 -21.29 -27.66 -15.26
CA VAL N 23 -21.03 -26.47 -16.07
C VAL N 23 -21.84 -26.61 -17.35
N GLY N 24 -22.98 -25.95 -17.40
CA GLY N 24 -23.83 -26.03 -18.58
C GLY N 24 -24.53 -27.38 -18.64
N ASP N 25 -24.41 -28.04 -19.79
CA ASP N 25 -24.96 -29.39 -19.93
C ASP N 25 -24.00 -30.43 -19.37
N GLU N 26 -22.70 -30.15 -19.40
CA GLU N 26 -21.71 -31.07 -18.86
C GLU N 26 -21.74 -31.06 -17.35
N LYS N 27 -21.31 -32.17 -16.75
CA LYS N 27 -20.92 -32.20 -15.35
C LYS N 27 -19.48 -32.72 -15.29
N ILE N 28 -18.63 -31.99 -14.60
CA ILE N 28 -17.21 -32.32 -14.56
C ILE N 28 -16.71 -32.31 -13.13
N PRO N 29 -15.85 -33.25 -12.74
CA PRO N 29 -15.38 -33.31 -11.35
C PRO N 29 -14.34 -32.23 -11.07
N PHE N 30 -14.56 -31.47 -10.00
CA PHE N 30 -13.67 -30.39 -9.62
C PHE N 30 -13.03 -30.66 -8.27
N ASN N 31 -11.83 -30.12 -8.08
CA ASN N 31 -11.13 -30.32 -6.82
C ASN N 31 -11.63 -29.36 -5.76
N SER N 32 -11.85 -28.10 -6.11
CA SER N 32 -12.35 -27.13 -5.16
C SER N 32 -13.07 -26.02 -5.89
N VAL N 33 -14.03 -25.40 -5.20
CA VAL N 33 -14.77 -24.25 -5.68
C VAL N 33 -14.64 -23.14 -4.65
N SER N 34 -14.39 -21.91 -5.11
CA SER N 34 -14.16 -20.79 -4.21
C SER N 34 -14.94 -19.57 -4.67
N GLY N 35 -14.97 -18.56 -3.81
CA GLY N 35 -15.71 -17.34 -4.14
C GLY N 35 -17.19 -17.54 -3.87
N LEU N 36 -18.00 -17.16 -4.87
CA LEU N 36 -19.41 -17.53 -4.98
C LEU N 36 -20.26 -16.90 -3.88
N ASP N 37 -19.97 -15.65 -3.54
CA ASP N 37 -20.69 -15.02 -2.45
C ASP N 37 -21.43 -13.78 -2.94
N ILE N 38 -22.55 -13.49 -2.27
CA ILE N 38 -23.30 -12.25 -2.50
C ILE N 38 -22.57 -11.11 -1.82
N SER N 39 -22.78 -9.88 -2.30
CA SER N 39 -22.24 -8.68 -1.67
C SER N 39 -23.05 -7.47 -2.12
N TYR N 40 -23.06 -6.44 -1.27
CA TYR N 40 -23.78 -5.22 -1.57
C TYR N 40 -22.99 -4.01 -1.09
N ASP N 41 -22.92 -2.98 -1.92
CA ASP N 41 -22.46 -1.68 -1.45
C ASP N 41 -23.52 -1.08 -0.54
N THR N 42 -23.09 -0.19 0.34
CA THR N 42 -24.00 0.47 1.27
C THR N 42 -24.04 1.96 0.97
N ILE N 43 -25.24 2.50 0.91
CA ILE N 43 -25.45 3.93 0.68
C ILE N 43 -25.81 4.56 2.01
N GLU N 44 -25.12 5.65 2.35
CA GLU N 44 -25.31 6.31 3.64
C GLU N 44 -25.66 7.77 3.41
N TYR N 45 -26.85 8.18 3.84
CA TYR N 45 -27.27 9.57 3.88
C TYR N 45 -27.21 10.05 5.31
N ARG N 46 -26.84 11.31 5.49
CA ARG N 46 -26.64 11.88 6.80
C ARG N 46 -26.92 13.35 6.69
N ASP N 47 -27.91 13.85 7.41
CA ASP N 47 -28.22 15.26 7.34
C ASP N 47 -27.99 15.93 8.70
N GLY N 48 -28.29 17.22 8.77
CA GLY N 48 -27.83 18.04 9.86
C GLY N 48 -28.58 17.86 11.16
N VAL N 49 -29.82 17.38 11.11
CA VAL N 49 -30.58 17.24 12.35
C VAL N 49 -30.18 16.00 13.14
N GLY N 50 -29.44 15.08 12.52
CA GLY N 50 -28.86 13.99 13.28
C GLY N 50 -29.18 12.58 12.79
N ASN N 51 -30.24 12.43 12.00
CA ASN N 51 -30.63 11.09 11.56
C ASN N 51 -29.73 10.61 10.45
N TRP N 52 -29.43 9.31 10.48
CA TRP N 52 -28.43 8.68 9.62
C TRP N 52 -29.09 7.50 8.94
N PHE N 53 -29.25 7.58 7.63
CA PHE N 53 -29.90 6.53 6.87
C PHE N 53 -28.84 5.61 6.26
N LYS N 54 -28.97 4.32 6.52
CA LYS N 54 -28.14 3.30 5.88
C LYS N 54 -29.03 2.43 5.01
N MET N 55 -28.59 2.19 3.78
CA MET N 55 -29.36 1.46 2.79
C MET N 55 -28.49 0.42 2.12
N PRO N 56 -29.09 -0.68 1.66
CA PRO N 56 -28.38 -1.55 0.73
C PRO N 56 -28.33 -0.88 -0.63
N GLY N 57 -27.20 -1.01 -1.30
CA GLY N 57 -27.07 -0.32 -2.55
C GLY N 57 -26.89 -1.22 -3.75
N GLN N 58 -25.97 -0.80 -4.61
CA GLN N 58 -25.68 -1.49 -5.86
C GLN N 58 -25.00 -2.81 -5.59
N SER N 59 -25.51 -3.87 -6.23
CA SER N 59 -24.93 -5.20 -6.06
C SER N 59 -23.55 -5.28 -6.70
N GLN N 60 -22.76 -6.23 -6.24
CA GLN N 60 -21.42 -6.43 -6.75
C GLN N 60 -21.37 -7.66 -7.66
N SER N 61 -20.41 -7.65 -8.57
CA SER N 61 -20.29 -8.74 -9.54
C SER N 61 -19.69 -9.97 -8.87
N THR N 62 -20.22 -11.14 -9.25
CA THR N 62 -19.82 -12.40 -8.64
C THR N 62 -18.63 -12.99 -9.38
N ASN N 63 -17.58 -13.34 -8.63
CA ASN N 63 -16.37 -13.91 -9.19
C ASN N 63 -16.08 -15.24 -8.50
N ILE N 64 -16.05 -16.31 -9.29
CA ILE N 64 -15.92 -17.69 -8.82
C ILE N 64 -14.60 -18.25 -9.32
N THR N 65 -13.97 -19.10 -8.52
CA THR N 65 -12.73 -19.77 -8.91
C THR N 65 -12.89 -21.28 -8.72
N LEU N 66 -12.85 -22.02 -9.83
CA LEU N 66 -12.95 -23.47 -9.81
C LEU N 66 -11.57 -24.06 -10.07
N ARG N 67 -11.19 -25.08 -9.30
CA ARG N 67 -9.87 -25.69 -9.39
C ARG N 67 -10.01 -27.16 -9.78
N LYS N 68 -9.13 -27.62 -10.66
CA LYS N 68 -9.29 -28.93 -11.28
C LYS N 68 -7.93 -29.45 -11.74
N GLY N 69 -7.70 -30.75 -11.53
CA GLY N 69 -6.46 -31.35 -11.98
C GLY N 69 -6.45 -31.63 -13.47
N VAL N 70 -5.24 -31.77 -14.01
CA VAL N 70 -5.04 -31.97 -15.45
C VAL N 70 -5.07 -33.46 -15.75
N PHE N 71 -5.97 -33.85 -16.63
CA PHE N 71 -6.21 -35.23 -17.04
C PHE N 71 -5.78 -35.41 -18.50
N PRO N 72 -5.31 -36.61 -18.89
CA PRO N 72 -4.51 -36.70 -20.11
C PRO N 72 -5.27 -36.52 -21.41
N GLY N 73 -6.54 -36.91 -21.47
CA GLY N 73 -7.26 -36.75 -22.72
C GLY N 73 -8.05 -35.46 -22.83
N LYS N 74 -8.33 -34.81 -21.70
CA LYS N 74 -9.42 -33.84 -21.60
C LYS N 74 -8.89 -32.45 -21.34
N THR N 75 -9.22 -31.52 -22.25
CA THR N 75 -9.11 -30.07 -22.02
C THR N 75 -10.43 -29.45 -22.45
N GLU N 76 -11.43 -29.43 -21.58
CA GLU N 76 -12.64 -28.68 -21.90
C GLU N 76 -12.86 -27.50 -20.97
N LEU N 77 -11.96 -27.26 -20.02
CA LEU N 77 -11.87 -25.95 -19.41
C LEU N 77 -11.12 -24.98 -20.30
N PHE N 78 -10.13 -25.48 -21.05
CA PHE N 78 -9.34 -24.62 -21.93
C PHE N 78 -10.12 -24.24 -23.18
N ASP N 79 -10.88 -25.19 -23.74
CA ASP N 79 -11.61 -24.92 -24.98
C ASP N 79 -12.74 -23.92 -24.76
N TRP N 80 -13.23 -23.81 -23.52
CA TRP N 80 -14.21 -22.78 -23.21
C TRP N 80 -13.57 -21.40 -23.21
N ILE N 81 -12.38 -21.26 -22.63
CA ILE N 81 -11.73 -19.96 -22.59
C ILE N 81 -11.02 -19.63 -23.89
N ASN N 82 -10.74 -20.63 -24.74
CA ASN N 82 -10.11 -20.37 -26.02
C ASN N 82 -11.11 -19.84 -27.04
N SER N 83 -12.41 -20.08 -26.83
CA SER N 83 -13.43 -19.68 -27.78
C SER N 83 -13.82 -18.22 -27.68
N ILE N 84 -13.14 -17.44 -26.84
CA ILE N 84 -13.45 -16.02 -26.73
C ILE N 84 -12.96 -15.31 -27.97
N GLN N 85 -13.89 -14.93 -28.83
CA GLN N 85 -13.68 -13.89 -29.83
C GLN N 85 -14.33 -12.66 -29.25
N LEU N 86 -14.12 -11.51 -29.90
CA LEU N 86 -13.92 -10.18 -29.30
C LEU N 86 -14.69 -9.96 -28.00
N ASN N 87 -16.02 -9.97 -28.01
CA ASN N 87 -16.80 -9.95 -26.78
C ASN N 87 -17.77 -11.11 -26.72
N GLN N 88 -17.69 -12.02 -27.68
CA GLN N 88 -18.65 -13.10 -27.81
C GLN N 88 -18.06 -14.36 -27.20
N VAL N 89 -18.70 -14.86 -26.15
CA VAL N 89 -18.35 -16.12 -25.52
C VAL N 89 -19.66 -16.79 -25.17
N GLU N 90 -19.65 -18.12 -25.12
CA GLU N 90 -20.83 -18.83 -24.66
C GLU N 90 -20.85 -18.83 -23.14
N LYS N 91 -21.84 -18.14 -22.57
CA LYS N 91 -22.06 -18.15 -21.13
C LYS N 91 -22.95 -19.33 -20.78
N LYS N 92 -22.68 -19.95 -19.64
CA LYS N 92 -23.46 -21.10 -19.23
C LYS N 92 -23.59 -21.11 -17.72
N ASP N 93 -24.57 -21.86 -17.24
CA ASP N 93 -24.92 -21.87 -15.84
C ASP N 93 -24.16 -22.96 -15.10
N ILE N 94 -23.64 -22.59 -13.93
CA ILE N 94 -22.86 -23.48 -13.08
C ILE N 94 -23.70 -23.76 -11.85
N THR N 95 -23.82 -25.03 -11.47
CA THR N 95 -24.52 -25.42 -10.26
C THR N 95 -23.58 -26.22 -9.37
N ILE N 96 -23.40 -25.77 -8.13
CA ILE N 96 -22.72 -26.55 -7.11
C ILE N 96 -23.79 -27.20 -6.24
N SER N 97 -23.52 -28.41 -5.75
CA SER N 97 -24.53 -29.15 -5.02
C SER N 97 -23.85 -30.08 -4.03
N LEU N 98 -24.03 -29.81 -2.74
CA LEU N 98 -23.55 -30.73 -1.71
C LEU N 98 -24.38 -32.00 -1.71
N THR N 99 -23.73 -33.15 -1.77
CA THR N 99 -24.39 -34.44 -1.86
C THR N 99 -23.98 -35.36 -0.73
N ASN N 100 -24.60 -36.53 -0.71
CA ASN N 100 -24.20 -37.61 0.18
C ASN N 100 -23.12 -38.46 -0.47
N ASP N 101 -22.72 -39.53 0.19
CA ASP N 101 -21.74 -40.45 -0.37
C ASP N 101 -22.37 -41.21 -1.53
N ALA N 102 -21.68 -41.23 -2.67
CA ALA N 102 -22.17 -41.76 -3.95
C ALA N 102 -23.49 -41.09 -4.33
N GLY N 103 -23.39 -39.81 -4.64
CA GLY N 103 -24.49 -38.88 -4.66
C GLY N 103 -25.68 -39.20 -5.53
N THR N 104 -26.75 -39.64 -4.88
CA THR N 104 -28.06 -39.81 -5.50
C THR N 104 -29.07 -38.86 -4.87
N GLU N 105 -28.61 -37.92 -4.06
CA GLU N 105 -29.49 -37.11 -3.23
C GLU N 105 -28.75 -35.82 -2.92
N LEU N 106 -29.33 -34.68 -3.27
CA LEU N 106 -28.70 -33.40 -3.00
C LEU N 106 -29.15 -32.88 -1.66
N LEU N 107 -28.25 -32.18 -0.98
CA LEU N 107 -28.57 -31.59 0.32
C LEU N 107 -28.72 -30.08 0.24
N MET N 108 -27.84 -29.41 -0.49
CA MET N 108 -27.93 -27.98 -0.77
C MET N 108 -27.57 -27.77 -2.23
N THR N 109 -27.95 -26.62 -2.77
CA THR N 109 -27.68 -26.32 -4.17
C THR N 109 -27.46 -24.83 -4.34
N TRP N 110 -26.36 -24.47 -4.97
CA TRP N 110 -26.09 -23.10 -5.41
C TRP N 110 -26.22 -23.03 -6.92
N ASN N 111 -26.71 -21.91 -7.43
CA ASN N 111 -26.91 -21.73 -8.85
C ASN N 111 -26.26 -20.43 -9.28
N VAL N 112 -25.46 -20.49 -10.34
CA VAL N 112 -24.78 -19.32 -10.89
C VAL N 112 -25.28 -19.13 -12.31
N SER N 113 -25.59 -17.89 -12.66
CA SER N 113 -26.13 -17.56 -13.97
C SER N 113 -25.09 -16.82 -14.80
N ASN N 114 -25.06 -17.14 -16.10
CA ASN N 114 -24.30 -16.40 -17.12
C ASN N 114 -22.81 -16.33 -16.82
N ALA N 115 -22.24 -17.44 -16.36
CA ALA N 115 -20.82 -17.46 -16.04
C ALA N 115 -20.00 -17.65 -17.31
N PHE N 116 -18.93 -16.88 -17.43
CA PHE N 116 -18.03 -16.96 -18.57
C PHE N 116 -16.59 -16.88 -18.05
N PRO N 117 -15.63 -17.49 -18.75
CA PRO N 117 -14.29 -17.61 -18.16
C PRO N 117 -13.38 -16.43 -18.43
N THR N 118 -12.68 -16.04 -17.37
CA THR N 118 -11.48 -15.21 -17.47
C THR N 118 -10.38 -15.96 -16.73
N SER N 119 -9.14 -15.76 -17.16
CA SER N 119 -7.95 -16.14 -16.39
C SER N 119 -7.86 -17.64 -16.07
N LEU N 120 -7.70 -18.46 -17.10
CA LEU N 120 -7.32 -19.85 -16.89
C LEU N 120 -5.86 -19.92 -16.49
N THR N 121 -5.57 -20.60 -15.39
CA THR N 121 -4.23 -20.67 -14.83
C THR N 121 -3.63 -22.04 -15.12
N SER N 122 -2.48 -22.05 -15.78
CA SER N 122 -1.74 -23.25 -16.14
C SER N 122 -1.00 -23.78 -14.92
N PRO N 123 -0.69 -25.08 -14.88
CA PRO N 123 0.06 -25.63 -13.75
C PRO N 123 1.49 -25.09 -13.70
N SER N 124 2.03 -25.07 -12.49
CA SER N 124 3.40 -24.66 -12.27
C SER N 124 4.29 -25.89 -12.33
N PHE N 125 4.99 -26.06 -13.44
CA PHE N 125 5.88 -27.19 -13.61
C PHE N 125 7.08 -27.02 -12.71
N ASP N 126 7.46 -28.10 -12.04
CA ASP N 126 8.35 -28.00 -10.88
C ASP N 126 9.00 -29.35 -10.69
N ALA N 127 10.31 -29.43 -10.89
CA ALA N 127 10.98 -30.72 -10.92
C ALA N 127 11.14 -31.34 -9.55
N THR N 128 10.97 -30.57 -8.48
CA THR N 128 11.14 -31.05 -7.12
C THR N 128 9.84 -30.96 -6.36
N SER N 129 8.74 -31.39 -6.99
CA SER N 129 7.44 -31.35 -6.36
C SER N 129 6.70 -32.65 -6.60
N ASN N 130 5.96 -33.09 -5.59
CA ASN N 130 5.20 -34.33 -5.63
C ASN N 130 3.72 -34.09 -5.84
N ASP N 131 3.36 -33.15 -6.69
CA ASP N 131 1.96 -32.75 -6.82
C ASP N 131 1.41 -33.11 -8.20
N ILE N 132 0.08 -33.05 -8.29
CA ILE N 132 -0.63 -33.18 -9.55
C ILE N 132 -0.67 -31.83 -10.26
N ALA N 133 -0.62 -31.85 -11.58
CA ALA N 133 -0.89 -30.66 -12.38
C ALA N 133 -2.33 -30.21 -12.19
N VAL N 134 -2.53 -29.05 -11.57
CA VAL N 134 -3.85 -28.51 -11.34
C VAL N 134 -4.01 -27.21 -12.12
N GLN N 135 -5.25 -26.87 -12.41
CA GLN N 135 -5.61 -25.64 -13.11
C GLN N 135 -6.74 -24.94 -12.38
N GLU N 136 -6.62 -23.63 -12.22
CA GLU N 136 -7.73 -22.81 -11.79
C GLU N 136 -8.31 -22.08 -12.98
N ILE N 137 -9.63 -22.13 -13.13
CA ILE N 137 -10.35 -21.23 -14.02
C ILE N 137 -11.14 -20.27 -13.15
N THR N 138 -11.24 -19.03 -13.60
CA THR N 138 -11.95 -18.00 -12.87
C THR N 138 -13.19 -17.62 -13.68
N LEU N 139 -14.32 -17.47 -13.03
CA LEU N 139 -15.55 -17.15 -13.74
C LEU N 139 -16.12 -15.86 -13.18
N MET N 140 -16.55 -14.98 -14.08
CA MET N 140 -17.34 -13.82 -13.70
C MET N 140 -18.79 -14.11 -14.04
N ALA N 141 -19.69 -13.79 -13.11
CA ALA N 141 -21.09 -14.13 -13.31
C ALA N 141 -21.96 -13.16 -12.51
N ASP N 142 -23.25 -13.48 -12.47
CA ASP N 142 -24.24 -12.75 -11.69
C ASP N 142 -25.20 -13.76 -11.08
N ARG N 143 -25.87 -13.33 -10.01
CA ARG N 143 -26.98 -14.04 -9.38
C ARG N 143 -26.56 -15.44 -8.89
N VAL N 144 -25.81 -15.44 -7.80
CA VAL N 144 -25.75 -16.63 -6.96
C VAL N 144 -27.05 -16.71 -6.16
N ILE N 145 -27.75 -17.82 -6.29
CA ILE N 145 -28.86 -18.14 -5.42
C ILE N 145 -28.61 -19.49 -4.79
N MET N 146 -29.10 -19.66 -3.57
CA MET N 146 -28.92 -20.88 -2.79
C MET N 146 -30.27 -21.54 -2.63
N GLN N 147 -30.36 -22.80 -3.03
CA GLN N 147 -31.61 -23.54 -3.00
C GLN N 147 -31.54 -24.65 -1.96
N ALA N 148 -32.62 -24.81 -1.21
CA ALA N 148 -32.70 -25.90 -0.26
C ALA N 148 -33.04 -27.19 -0.99
N VAL N 149 -32.17 -28.20 -0.82
CA VAL N 149 -32.29 -29.54 -1.41
C VAL N 149 -32.41 -29.50 -2.94
N SER O 2 -10.54 -21.64 49.11
CA SER O 2 -11.90 -22.10 49.29
C SER O 2 -12.95 -21.10 48.79
N THR O 3 -13.01 -20.89 47.48
CA THR O 3 -14.00 -19.98 46.91
C THR O 3 -15.34 -20.70 46.80
N SER O 4 -16.38 -20.06 47.33
CA SER O 4 -17.74 -20.56 47.21
C SER O 4 -18.24 -20.39 45.78
N THR O 5 -19.25 -21.19 45.41
CA THR O 5 -19.72 -21.17 44.03
C THR O 5 -20.58 -19.95 43.72
N SER O 6 -21.10 -19.26 44.72
CA SER O 6 -21.79 -18.00 44.48
C SER O 6 -20.84 -16.82 44.48
N GLN O 7 -19.61 -17.00 44.97
CA GLN O 7 -18.61 -15.94 44.86
C GLN O 7 -18.06 -15.86 43.44
N ILE O 8 -17.97 -17.00 42.75
CA ILE O 8 -17.47 -17.04 41.38
C ILE O 8 -18.45 -16.35 40.44
N ALA O 9 -19.75 -16.41 40.74
CA ALA O 9 -20.75 -15.72 39.94
C ALA O 9 -20.65 -14.21 40.05
N VAL O 10 -20.02 -13.69 41.09
CA VAL O 10 -19.90 -12.25 41.28
C VAL O 10 -18.52 -11.73 40.89
N GLU O 11 -17.46 -12.48 41.19
CA GLU O 11 -16.11 -11.95 41.04
C GLU O 11 -15.40 -12.41 39.78
N TYR O 12 -15.84 -13.43 39.15
CA TYR O 12 -14.95 -13.99 38.14
C TYR O 12 -15.33 -13.50 36.75
N PRO O 13 -14.38 -13.42 35.81
CA PRO O 13 -14.70 -12.99 34.45
C PRO O 13 -15.56 -14.03 33.73
N ILE O 14 -16.19 -13.57 32.66
CA ILE O 14 -17.18 -14.35 31.94
C ILE O 14 -16.53 -14.98 30.71
N PRO O 15 -16.65 -16.28 30.51
CA PRO O 15 -16.08 -16.90 29.30
C PRO O 15 -16.94 -16.62 28.07
N VAL O 16 -16.28 -16.48 26.92
CA VAL O 16 -16.96 -16.03 25.71
C VAL O 16 -17.81 -17.09 25.01
N TYR O 17 -17.54 -18.38 25.24
CA TYR O 17 -18.01 -19.39 24.31
C TYR O 17 -19.49 -19.72 24.45
N ARG O 18 -20.15 -19.28 25.51
CA ARG O 18 -21.55 -19.58 25.72
C ARG O 18 -22.34 -18.30 25.52
N PHE O 19 -23.09 -18.22 24.40
CA PHE O 19 -23.80 -17.01 24.07
C PHE O 19 -25.06 -17.33 23.27
N ILE O 20 -26.02 -16.42 23.31
CA ILE O 20 -27.28 -16.54 22.58
C ILE O 20 -27.39 -15.35 21.63
N VAL O 21 -27.61 -15.64 20.35
CA VAL O 21 -27.84 -14.62 19.35
C VAL O 21 -29.31 -14.70 18.93
N SER O 22 -29.96 -13.54 18.84
CA SER O 22 -31.39 -13.48 18.53
C SER O 22 -31.62 -12.41 17.48
N VAL O 23 -31.99 -12.83 16.27
CA VAL O 23 -32.12 -11.96 15.12
C VAL O 23 -33.60 -11.65 14.93
N GLY O 24 -34.04 -10.50 15.42
CA GLY O 24 -35.44 -10.14 15.30
C GLY O 24 -36.28 -10.94 16.27
N ASP O 25 -37.34 -11.57 15.76
CA ASP O 25 -38.14 -12.44 16.60
C ASP O 25 -37.53 -13.82 16.72
N GLU O 26 -36.79 -14.25 15.70
CA GLU O 26 -36.13 -15.55 15.74
C GLU O 26 -34.93 -15.53 16.69
N LYS O 27 -34.60 -16.70 17.21
CA LYS O 27 -33.29 -16.92 17.82
C LYS O 27 -32.65 -18.10 17.10
N ILE O 28 -31.42 -17.90 16.64
CA ILE O 28 -30.75 -18.93 15.84
C ILE O 28 -29.35 -19.16 16.38
N PRO O 29 -28.89 -20.42 16.43
CA PRO O 29 -27.56 -20.70 16.98
C PRO O 29 -26.45 -20.32 16.01
N PHE O 30 -25.48 -19.55 16.50
CA PHE O 30 -24.38 -19.08 15.69
C PHE O 30 -23.06 -19.63 16.21
N ASN O 31 -22.11 -19.79 15.30
CA ASN O 31 -20.81 -20.32 15.66
C ASN O 31 -19.93 -19.23 16.27
N SER O 32 -19.93 -18.04 15.68
CA SER O 32 -19.13 -16.95 16.22
C SER O 32 -19.73 -15.63 15.80
N VAL O 33 -19.50 -14.60 16.62
CA VAL O 33 -19.92 -13.23 16.37
C VAL O 33 -18.69 -12.35 16.45
N SER O 34 -18.53 -11.43 15.50
CA SER O 34 -17.35 -10.59 15.44
C SER O 34 -17.74 -9.13 15.20
N GLY O 35 -16.75 -8.25 15.33
CA GLY O 35 -17.03 -6.83 15.14
C GLY O 35 -17.66 -6.23 16.38
N LEU O 36 -18.75 -5.49 16.16
CA LEU O 36 -19.71 -5.09 17.20
C LEU O 36 -19.10 -4.10 18.20
N ASP O 37 -18.27 -3.20 17.70
CA ASP O 37 -17.59 -2.27 18.59
C ASP O 37 -17.98 -0.82 18.28
N ILE O 38 -17.95 0.00 19.33
CA ILE O 38 -18.14 1.45 19.20
C ILE O 38 -16.85 2.06 18.66
N SER O 39 -16.96 3.22 18.00
CA SER O 39 -15.80 3.96 17.54
C SER O 39 -16.20 5.42 17.32
N TYR O 40 -15.21 6.31 17.42
CA TYR O 40 -15.45 7.73 17.23
C TYR O 40 -14.27 8.36 16.51
N ASP O 41 -14.57 9.20 15.53
CA ASP O 41 -13.55 10.08 14.98
C ASP O 41 -13.20 11.15 16.00
N THR O 42 -12.00 11.69 15.90
CA THR O 42 -11.54 12.72 16.81
C THR O 42 -11.33 14.02 16.05
N ILE O 43 -11.83 15.11 16.60
CA ILE O 43 -11.69 16.43 16.02
C ILE O 43 -10.62 17.17 16.82
N GLU O 44 -9.64 17.74 16.12
CA GLU O 44 -8.53 18.42 16.77
C GLU O 44 -8.43 19.85 16.27
N TYR O 45 -8.60 20.81 17.17
CA TYR O 45 -8.34 22.22 16.91
C TYR O 45 -7.03 22.60 17.57
N ARG O 46 -6.30 23.49 16.91
CA ARG O 46 -4.98 23.88 17.35
C ARG O 46 -4.76 25.30 16.86
N ASP O 47 -4.55 26.23 17.78
CA ASP O 47 -4.33 27.61 17.37
C ASP O 47 -2.92 28.05 17.77
N GLY O 48 -2.63 29.32 17.50
CA GLY O 48 -1.25 29.79 17.53
C GLY O 48 -0.68 30.03 18.90
N VAL O 49 -1.53 30.24 19.91
CA VAL O 49 -0.99 30.52 21.23
C VAL O 49 -0.56 29.25 21.95
N GLY O 50 -0.93 28.07 21.45
CA GLY O 50 -0.38 26.85 21.97
C GLY O 50 -1.36 25.82 22.46
N ASN O 51 -2.60 26.21 22.75
CA ASN O 51 -3.57 25.27 23.29
C ASN O 51 -4.14 24.38 22.19
N TRP O 52 -4.35 23.12 22.54
CA TRP O 52 -4.70 22.07 21.60
C TRP O 52 -5.95 21.39 22.10
N PHE O 53 -7.05 21.53 21.38
CA PHE O 53 -8.33 20.97 21.76
C PHE O 53 -8.54 19.64 21.06
N LYS O 54 -8.82 18.59 21.83
CA LYS O 54 -9.20 17.30 21.29
C LYS O 54 -10.63 17.00 21.71
N MET O 55 -11.44 16.57 20.76
CA MET O 55 -12.85 16.34 20.97
C MET O 55 -13.25 14.99 20.39
N PRO O 56 -14.26 14.36 20.96
CA PRO O 56 -14.90 13.24 20.25
C PRO O 56 -15.75 13.79 19.12
N GLY O 57 -15.72 13.09 18.00
CA GLY O 57 -16.42 13.62 16.86
C GLY O 57 -17.55 12.75 16.36
N GLN O 58 -17.61 12.63 15.04
CA GLN O 58 -18.67 11.90 14.37
C GLN O 58 -18.51 10.41 14.62
N SER O 59 -19.61 9.76 14.99
CA SER O 59 -19.59 8.33 15.25
C SER O 59 -19.40 7.54 13.96
N GLN O 60 -18.91 6.33 14.09
CA GLN O 60 -18.68 5.46 12.95
C GLN O 60 -19.75 4.39 12.86
N SER O 61 -19.97 3.89 11.65
CA SER O 61 -21.00 2.89 11.42
C SER O 61 -20.56 1.53 11.92
N THR O 62 -21.49 0.80 12.52
CA THR O 62 -21.20 -0.48 13.13
C THR O 62 -21.33 -1.60 12.12
N ASN O 63 -20.30 -2.44 12.02
CA ASN O 63 -20.29 -3.55 11.08
C ASN O 63 -20.01 -4.84 11.84
N ILE O 64 -20.96 -5.78 11.78
CA ILE O 64 -20.94 -7.03 12.54
C ILE O 64 -20.82 -8.19 11.57
N THR O 65 -20.12 -9.24 11.98
CA THR O 65 -19.99 -10.45 11.17
C THR O 65 -20.39 -11.66 12.01
N LEU O 66 -21.47 -12.32 11.61
CA LEU O 66 -21.97 -13.52 12.27
C LEU O 66 -21.64 -14.73 11.42
N ARG O 67 -21.15 -15.80 12.06
CA ARG O 67 -20.72 -17.00 11.37
C ARG O 67 -21.55 -18.19 11.81
N LYS O 68 -21.93 -19.04 10.87
CA LYS O 68 -22.92 -20.08 11.12
C LYS O 68 -22.72 -21.22 10.14
N GLY O 69 -22.85 -22.46 10.63
CA GLY O 69 -22.74 -23.61 9.77
C GLY O 69 -23.99 -23.86 8.96
N VAL O 70 -23.83 -24.61 7.86
CA VAL O 70 -24.91 -24.89 6.93
C VAL O 70 -25.65 -26.15 7.37
N PHE O 71 -26.93 -26.03 7.61
CA PHE O 71 -27.82 -27.08 8.07
C PHE O 71 -28.79 -27.46 6.95
N PRO O 72 -29.23 -28.73 6.89
CA PRO O 72 -29.81 -29.23 5.62
C PRO O 72 -31.18 -28.68 5.28
N GLY O 73 -32.02 -28.36 6.26
CA GLY O 73 -33.33 -27.85 5.91
C GLY O 73 -33.43 -26.35 5.85
N LYS O 74 -32.48 -25.64 6.47
CA LYS O 74 -32.67 -24.26 6.88
C LYS O 74 -31.75 -23.32 6.11
N THR O 75 -32.34 -22.36 5.39
CA THR O 75 -31.65 -21.17 4.87
C THR O 75 -32.50 -19.97 5.25
N GLU O 76 -32.33 -19.43 6.46
CA GLU O 76 -32.99 -18.17 6.77
C GLU O 76 -32.00 -17.04 7.00
N LEU O 77 -30.70 -17.29 6.89
CA LEU O 77 -29.76 -16.21 6.67
C LEU O 77 -29.76 -15.77 5.21
N PHE O 78 -29.99 -16.71 4.29
CA PHE O 78 -29.99 -16.38 2.87
C PHE O 78 -31.27 -15.66 2.47
N ASP O 79 -32.42 -16.08 3.03
CA ASP O 79 -33.70 -15.48 2.66
C ASP O 79 -33.81 -14.04 3.14
N TRP O 80 -33.05 -13.69 4.18
CA TRP O 80 -32.99 -12.30 4.62
C TRP O 80 -32.23 -11.44 3.63
N ILE O 81 -31.10 -11.94 3.12
CA ILE O 81 -30.31 -11.15 2.18
C ILE O 81 -30.86 -11.24 0.76
N ASN O 82 -31.69 -12.25 0.47
CA ASN O 82 -32.30 -12.34 -0.85
C ASN O 82 -33.46 -11.39 -1.02
N SER O 83 -34.06 -10.92 0.08
CA SER O 83 -35.22 -10.06 0.03
C SER O 83 -34.89 -8.61 -0.25
N ILE O 84 -33.62 -8.28 -0.50
CA ILE O 84 -33.25 -6.91 -0.81
C ILE O 84 -33.75 -6.55 -2.19
N GLN O 85 -34.81 -5.75 -2.24
CA GLN O 85 -35.15 -4.98 -3.42
C GLN O 85 -34.65 -3.57 -3.13
N LEU O 86 -34.68 -2.70 -4.14
CA LEU O 86 -33.68 -1.66 -4.45
C LEU O 86 -33.01 -1.07 -3.21
N ASN O 87 -33.72 -0.40 -2.32
CA ASN O 87 -33.15 0.02 -1.04
C ASN O 87 -33.98 -0.47 0.13
N GLN O 88 -34.98 -1.29 -0.14
CA GLN O 88 -35.94 -1.73 0.87
C GLN O 88 -35.54 -3.12 1.34
N VAL O 89 -35.20 -3.21 2.62
CA VAL O 89 -34.92 -4.47 3.28
C VAL O 89 -35.55 -4.37 4.66
N GLU O 90 -35.91 -5.51 5.24
CA GLU O 90 -36.40 -5.52 6.61
C GLU O 90 -35.21 -5.50 7.55
N LYS O 91 -35.05 -4.40 8.29
CA LYS O 91 -34.04 -4.30 9.32
C LYS O 91 -34.61 -4.85 10.61
N LYS O 92 -33.76 -5.51 11.39
CA LYS O 92 -34.21 -6.10 12.63
C LYS O 92 -33.09 -6.04 13.66
N ASP O 93 -33.47 -6.17 14.92
CA ASP O 93 -32.55 -6.00 16.02
C ASP O 93 -31.90 -7.32 16.40
N ILE O 94 -30.59 -7.27 16.61
CA ILE O 94 -29.79 -8.44 16.98
C ILE O 94 -29.34 -8.25 18.42
N THR O 95 -29.50 -9.27 19.25
CA THR O 95 -29.04 -9.23 20.62
C THR O 95 -28.10 -10.40 20.87
N ILE O 96 -26.89 -10.11 21.32
CA ILE O 96 -25.96 -11.12 21.80
C ILE O 96 -26.04 -11.13 23.31
N SER O 97 -25.89 -12.30 23.92
CA SER O 97 -26.09 -12.42 25.36
C SER O 97 -25.25 -13.56 25.90
N LEU O 98 -24.23 -13.25 26.69
CA LEU O 98 -23.45 -14.27 27.37
C LEU O 98 -24.29 -14.93 28.46
N THR O 99 -24.35 -16.26 28.45
CA THR O 99 -25.19 -17.02 29.36
C THR O 99 -24.35 -18.03 30.14
N ASN O 100 -25.03 -18.71 31.07
CA ASN O 100 -24.47 -19.84 31.79
C ASN O 100 -24.68 -21.12 30.98
N ASP O 101 -24.27 -22.24 31.56
CA ASP O 101 -24.50 -23.54 30.93
C ASP O 101 -25.99 -23.87 30.96
N ALA O 102 -26.53 -24.24 29.79
CA ALA O 102 -27.95 -24.45 29.55
C ALA O 102 -28.74 -23.21 29.95
N GLY O 103 -28.53 -22.15 29.16
CA GLY O 103 -28.83 -20.78 29.52
C GLY O 103 -30.26 -20.45 29.91
N THR O 104 -30.45 -20.27 31.21
CA THR O 104 -31.67 -19.75 31.79
C THR O 104 -31.41 -18.41 32.47
N GLU O 105 -30.24 -17.85 32.28
CA GLU O 105 -29.79 -16.70 33.05
C GLU O 105 -28.74 -15.97 32.22
N LEU O 106 -28.98 -14.69 31.93
CA LEU O 106 -28.03 -13.92 31.15
C LEU O 106 -27.04 -13.23 32.07
N LEU O 107 -25.81 -13.10 31.60
CA LEU O 107 -24.77 -12.42 32.36
C LEU O 107 -24.44 -11.05 31.81
N MET O 108 -24.34 -10.93 30.48
CA MET O 108 -24.16 -9.66 29.79
C MET O 108 -25.05 -9.67 28.56
N THR O 109 -25.32 -8.49 28.03
CA THR O 109 -26.18 -8.38 26.86
C THR O 109 -25.73 -7.20 26.00
N TRP O 110 -25.55 -7.46 24.72
CA TRP O 110 -25.32 -6.43 23.72
C TRP O 110 -26.56 -6.31 22.85
N ASN O 111 -26.86 -5.09 22.41
CA ASN O 111 -28.04 -4.85 21.59
C ASN O 111 -27.62 -4.06 20.36
N VAL O 112 -28.05 -4.52 19.20
CA VAL O 112 -27.77 -3.88 17.93
C VAL O 112 -29.09 -3.46 17.31
N SER O 113 -29.14 -2.24 16.80
CA SER O 113 -30.36 -1.68 16.23
C SER O 113 -30.23 -1.58 14.72
N ASN O 114 -31.33 -1.87 14.03
CA ASN O 114 -31.50 -1.63 12.58
C ASN O 114 -30.46 -2.35 11.74
N ALA O 115 -30.14 -3.58 12.09
CA ALA O 115 -29.16 -4.33 11.33
C ALA O 115 -29.79 -4.93 10.08
N PHE O 116 -29.08 -4.80 8.96
CA PHE O 116 -29.51 -5.34 7.69
C PHE O 116 -28.33 -6.00 7.00
N PRO O 117 -28.56 -7.02 6.17
CA PRO O 117 -27.44 -7.81 5.67
C PRO O 117 -26.78 -7.27 4.41
N THR O 118 -25.46 -7.30 4.42
CA THR O 118 -24.65 -7.20 3.23
C THR O 118 -23.73 -8.41 3.23
N SER O 119 -23.34 -8.89 2.05
CA SER O 119 -22.22 -9.82 1.87
C SER O 119 -22.39 -11.14 2.62
N LEU O 120 -23.37 -11.93 2.20
CA LEU O 120 -23.45 -13.32 2.65
C LEU O 120 -22.40 -14.14 1.93
N THR O 121 -21.58 -14.86 2.70
CA THR O 121 -20.45 -15.60 2.16
C THR O 121 -20.79 -17.09 2.13
N SER O 122 -20.72 -17.69 0.95
CA SER O 122 -20.98 -19.10 0.72
C SER O 122 -19.79 -19.93 1.19
N PRO O 123 -20.02 -21.21 1.53
CA PRO O 123 -18.89 -22.06 1.93
C PRO O 123 -17.93 -22.33 0.79
N SER O 124 -16.69 -22.60 1.15
CA SER O 124 -15.65 -22.95 0.19
C SER O 124 -15.62 -24.46 0.05
N PHE O 125 -16.19 -24.96 -1.02
CA PHE O 125 -16.21 -26.39 -1.26
C PHE O 125 -14.81 -26.87 -1.61
N ASP O 126 -14.41 -27.98 -1.01
CA ASP O 126 -13.00 -28.35 -0.95
C ASP O 126 -12.93 -29.85 -0.71
N ALA O 127 -12.42 -30.58 -1.69
CA ALA O 127 -12.50 -32.03 -1.64
C ALA O 127 -11.53 -32.65 -0.65
N THR O 128 -10.53 -31.90 -0.19
CA THR O 128 -9.52 -32.40 0.72
C THR O 128 -9.59 -31.65 2.04
N SER O 129 -10.79 -31.45 2.56
CA SER O 129 -10.97 -30.75 3.82
C SER O 129 -11.96 -31.49 4.69
N ASN O 130 -11.69 -31.48 6.00
CA ASN O 130 -12.50 -32.15 6.99
C ASN O 130 -13.38 -31.18 7.77
N ASP O 131 -13.94 -30.19 7.11
CA ASP O 131 -14.66 -29.13 7.81
C ASP O 131 -16.15 -29.16 7.48
N ILE O 132 -16.90 -28.43 8.30
CA ILE O 132 -18.32 -28.18 8.06
C ILE O 132 -18.47 -27.00 7.10
N ALA O 133 -19.50 -27.04 6.26
CA ALA O 133 -19.89 -25.88 5.47
C ALA O 133 -20.37 -24.76 6.38
N VAL O 134 -19.61 -23.66 6.42
CA VAL O 134 -19.96 -22.52 7.24
C VAL O 134 -20.26 -21.32 6.33
N GLN O 135 -21.04 -20.38 6.86
CA GLN O 135 -21.39 -19.15 6.17
C GLN O 135 -21.20 -17.98 7.10
N GLU O 136 -20.58 -16.91 6.59
CA GLU O 136 -20.58 -15.63 7.27
C GLU O 136 -21.60 -14.71 6.63
N ILE O 137 -22.41 -14.07 7.45
CA ILE O 137 -23.23 -12.94 7.03
C ILE O 137 -22.64 -11.70 7.70
N THR O 138 -22.66 -10.60 6.98
CA THR O 138 -22.14 -9.34 7.49
C THR O 138 -23.32 -8.38 7.67
N LEU O 139 -23.35 -7.67 8.78
CA LEU O 139 -24.45 -6.76 9.05
C LEU O 139 -23.91 -5.36 9.25
N MET O 140 -24.58 -4.39 8.64
CA MET O 140 -24.33 -2.99 8.93
C MET O 140 -25.46 -2.49 9.82
N ALA O 141 -25.10 -1.75 10.87
CA ALA O 141 -26.10 -1.32 11.83
C ALA O 141 -25.62 -0.05 12.52
N ASP O 142 -26.36 0.34 13.55
CA ASP O 142 -26.05 1.48 14.39
C ASP O 142 -26.39 1.11 15.82
N ARG O 143 -25.76 1.83 16.76
CA ARG O 143 -26.07 1.79 18.19
C ARG O 143 -25.91 0.37 18.78
N VAL O 144 -24.65 -0.01 18.95
CA VAL O 144 -24.33 -1.06 19.90
C VAL O 144 -24.40 -0.46 21.30
N ILE O 145 -25.24 -1.05 22.15
CA ILE O 145 -25.23 -0.74 23.57
C ILE O 145 -25.02 -2.04 24.34
N MET O 146 -24.37 -1.93 25.48
CA MET O 146 -24.04 -3.06 26.33
C MET O 146 -24.84 -2.94 27.62
N GLN O 147 -25.59 -3.97 27.95
CA GLN O 147 -26.47 -3.97 29.11
C GLN O 147 -25.96 -4.95 30.15
N ALA O 148 -25.98 -4.53 31.41
CA ALA O 148 -25.62 -5.42 32.49
C ALA O 148 -26.78 -6.36 32.79
N VAL O 149 -26.50 -7.67 32.72
CA VAL O 149 -27.45 -8.75 32.97
C VAL O 149 -28.70 -8.67 32.12
N SER P 2 26.47 -13.02 46.10
CA SER P 2 25.74 -12.71 47.31
C SER P 2 25.11 -11.32 47.30
N THR P 3 24.10 -11.11 46.44
CA THR P 3 23.41 -9.83 46.40
C THR P 3 22.40 -9.75 47.53
N SER P 4 22.47 -8.66 48.30
CA SER P 4 21.50 -8.40 49.34
C SER P 4 20.16 -8.01 48.74
N THR P 5 19.09 -8.16 49.52
CA THR P 5 17.75 -7.91 48.98
C THR P 5 17.43 -6.43 48.86
N SER P 6 18.17 -5.56 49.55
CA SER P 6 18.01 -4.13 49.36
C SER P 6 18.87 -3.60 48.22
N GLN P 7 19.86 -4.38 47.77
CA GLN P 7 20.62 -4.00 46.59
C GLN P 7 19.82 -4.22 45.32
N ILE P 8 18.97 -5.26 45.30
CA ILE P 8 18.14 -5.55 44.14
C ILE P 8 17.09 -4.46 43.94
N ALA P 9 16.64 -3.84 45.03
CA ALA P 9 15.68 -2.74 44.92
C ALA P 9 16.29 -1.48 44.31
N VAL P 10 17.62 -1.37 44.30
CA VAL P 10 18.27 -0.19 43.76
C VAL P 10 18.85 -0.47 42.37
N GLU P 11 19.41 -1.66 42.15
CA GLU P 11 20.17 -1.91 40.93
C GLU P 11 19.42 -2.66 39.86
N TYR P 12 18.36 -3.32 40.18
CA TYR P 12 17.86 -4.26 39.20
C TYR P 12 16.71 -3.65 38.41
N PRO P 13 16.51 -4.08 37.16
CA PRO P 13 15.39 -3.55 36.37
C PRO P 13 14.04 -4.00 36.93
N ILE P 14 13.00 -3.29 36.51
CA ILE P 14 11.66 -3.45 37.05
C ILE P 14 10.86 -4.33 36.11
N PRO P 15 10.23 -5.40 36.61
CA PRO P 15 9.37 -6.22 35.74
C PRO P 15 8.04 -5.54 35.46
N VAL P 16 7.51 -5.78 34.26
CA VAL P 16 6.34 -5.05 33.78
C VAL P 16 5.02 -5.52 34.36
N TYR P 17 4.93 -6.75 34.85
CA TYR P 17 3.63 -7.38 35.01
C TYR P 17 2.85 -6.90 36.22
N ARG P 18 3.49 -6.18 37.14
CA ARG P 18 2.82 -5.70 38.34
C ARG P 18 2.64 -4.20 38.22
N PHE P 19 1.40 -3.76 38.02
CA PHE P 19 1.13 -2.35 37.78
C PHE P 19 -0.27 -1.99 38.27
N ILE P 20 -0.45 -0.71 38.58
CA ILE P 20 -1.73 -0.16 39.03
C ILE P 20 -2.16 0.91 38.04
N VAL P 21 -3.39 0.77 37.52
CA VAL P 21 -3.99 1.76 36.64
C VAL P 21 -5.10 2.45 37.41
N SER P 22 -5.16 3.78 37.32
CA SER P 22 -6.15 4.55 38.06
C SER P 22 -6.76 5.58 37.13
N VAL P 23 -8.04 5.41 36.83
CA VAL P 23 -8.74 6.22 35.84
C VAL P 23 -9.58 7.25 36.60
N GLY P 24 -9.06 8.46 36.72
CA GLY P 24 -9.79 9.49 37.44
C GLY P 24 -9.70 9.25 38.93
N ASP P 25 -10.87 9.25 39.60
CA ASP P 25 -10.90 8.93 41.01
C ASP P 25 -10.92 7.42 41.23
N GLU P 26 -11.46 6.67 40.29
CA GLU P 26 -11.49 5.22 40.40
C GLU P 26 -10.12 4.63 40.17
N LYS P 27 -9.88 3.46 40.75
CA LYS P 27 -8.79 2.59 40.33
C LYS P 27 -9.38 1.25 39.94
N ILE P 28 -9.04 0.77 38.75
CA ILE P 28 -9.63 -0.46 38.23
C ILE P 28 -8.54 -1.38 37.71
N PRO P 29 -8.65 -2.69 37.94
CA PRO P 29 -7.60 -3.61 37.50
C PRO P 29 -7.66 -3.86 36.00
N PHE P 30 -6.53 -3.71 35.34
CA PHE P 30 -6.44 -3.87 33.89
C PHE P 30 -5.51 -5.03 33.55
N ASN P 31 -5.78 -5.66 32.42
CA ASN P 31 -4.96 -6.78 31.98
C ASN P 31 -3.68 -6.30 31.31
N SER P 32 -3.77 -5.29 30.47
CA SER P 32 -2.59 -4.76 29.80
C SER P 32 -2.83 -3.32 29.41
N VAL P 33 -1.74 -2.55 29.34
CA VAL P 33 -1.73 -1.16 28.90
C VAL P 33 -0.74 -1.04 27.75
N SER P 34 -1.11 -0.35 26.69
CA SER P 34 -0.27 -0.23 25.51
C SER P 34 -0.22 1.21 25.02
N GLY P 35 0.68 1.46 24.08
CA GLY P 35 0.83 2.81 23.55
C GLY P 35 1.66 3.66 24.50
N LEU P 36 1.15 4.86 24.80
CA LEU P 36 1.58 5.70 25.92
C LEU P 36 3.01 6.23 25.71
N ASP P 37 3.34 6.59 24.48
CA ASP P 37 4.68 7.03 24.18
C ASP P 37 4.69 8.47 23.67
N ILE P 38 5.79 9.17 23.95
CA ILE P 38 6.05 10.50 23.40
C ILE P 38 6.48 10.35 21.95
N SER P 39 6.27 11.40 21.15
CA SER P 39 6.75 11.44 19.77
C SER P 39 6.83 12.89 19.31
N TYR P 40 7.70 13.14 18.33
CA TYR P 40 7.87 14.48 17.80
C TYR P 40 8.11 14.41 16.30
N ASP P 41 7.44 15.28 15.55
CA ASP P 41 7.82 15.50 14.17
C ASP P 41 9.15 16.23 14.12
N THR P 42 9.88 16.08 13.02
CA THR P 42 11.16 16.74 12.85
C THR P 42 11.07 17.72 11.70
N ILE P 43 11.58 18.93 11.94
CA ILE P 43 11.62 19.97 10.94
C ILE P 43 13.04 20.06 10.40
N GLU P 44 13.19 20.04 9.08
CA GLU P 44 14.50 20.05 8.44
C GLU P 44 14.60 21.23 7.48
N TYR P 45 15.54 22.14 7.76
CA TYR P 45 15.90 23.22 6.85
C TYR P 45 17.22 22.87 6.21
N ARG P 46 17.37 23.25 4.95
CA ARG P 46 18.54 22.90 4.17
C ARG P 46 18.71 24.00 3.14
N ASP P 47 19.83 24.69 3.17
CA ASP P 47 20.06 25.74 2.20
C ASP P 47 21.27 25.42 1.32
N GLY P 48 21.60 26.34 0.43
CA GLY P 48 22.49 26.03 -0.66
C GLY P 48 23.94 25.94 -0.31
N VAL P 49 24.37 26.57 0.78
CA VAL P 49 25.79 26.54 1.12
C VAL P 49 26.18 25.24 1.79
N GLY P 50 25.23 24.43 2.23
CA GLY P 50 25.54 23.09 2.67
C GLY P 50 25.08 22.72 4.06
N ASN P 51 24.78 23.70 4.91
CA ASN P 51 24.41 23.39 6.28
C ASN P 51 22.96 22.92 6.36
N TRP P 52 22.72 21.96 7.23
CA TRP P 52 21.47 21.23 7.32
C TRP P 52 21.00 21.30 8.77
N PHE P 53 19.89 21.98 9.00
CA PHE P 53 19.34 22.16 10.33
C PHE P 53 18.26 21.12 10.59
N LYS P 54 18.40 20.38 11.67
CA LYS P 54 17.36 19.47 12.12
C LYS P 54 16.85 19.95 13.47
N MET P 55 15.53 19.99 13.61
CA MET P 55 14.88 20.53 14.79
C MET P 55 13.80 19.59 15.27
N PRO P 56 13.51 19.56 16.56
CA PRO P 56 12.27 18.93 17.02
C PRO P 56 11.10 19.83 16.66
N GLY P 57 10.01 19.21 16.24
CA GLY P 57 8.90 20.03 15.81
C GLY P 57 7.64 19.86 16.62
N GLN P 58 6.53 19.79 15.90
CA GLN P 58 5.22 19.69 16.50
C GLN P 58 5.03 18.34 17.16
N SER P 59 4.54 18.35 18.40
CA SER P 59 4.30 17.12 19.13
C SER P 59 3.15 16.34 18.53
N GLN P 60 3.12 15.05 18.78
CA GLN P 60 2.07 14.18 18.28
C GLN P 60 1.10 13.81 19.39
N SER P 61 -0.13 13.49 19.00
CA SER P 61 -1.17 13.17 19.97
C SER P 61 -0.96 11.78 20.54
N THR P 62 -1.21 11.63 21.83
CA THR P 62 -0.96 10.39 22.54
C THR P 62 -2.20 9.50 22.47
N ASN P 63 -1.99 8.25 22.04
CA ASN P 63 -3.07 7.28 21.92
C ASN P 63 -2.72 6.04 22.73
N ILE P 64 -3.57 5.72 23.72
CA ILE P 64 -3.34 4.65 24.69
C ILE P 64 -4.41 3.59 24.49
N THR P 65 -4.05 2.32 24.71
CA THR P 65 -4.99 1.22 24.61
C THR P 65 -4.92 0.39 25.90
N LEU P 66 -6.02 0.40 26.66
CA LEU P 66 -6.13 -0.37 27.88
C LEU P 66 -7.01 -1.59 27.64
N ARG P 67 -6.58 -2.75 28.14
CA ARG P 67 -7.28 -4.01 27.91
C ARG P 67 -7.74 -4.59 29.25
N LYS P 68 -8.95 -5.14 29.27
CA LYS P 68 -9.59 -5.51 30.52
C LYS P 68 -10.62 -6.60 30.26
N GLY P 69 -10.69 -7.59 31.15
CA GLY P 69 -11.68 -8.64 31.02
C GLY P 69 -13.06 -8.21 31.47
N VAL P 70 -14.06 -8.94 30.99
CA VAL P 70 -15.46 -8.62 31.27
C VAL P 70 -15.89 -9.32 32.55
N PHE P 71 -16.35 -8.55 33.52
CA PHE P 71 -16.78 -8.99 34.83
C PHE P 71 -18.30 -8.82 34.96
N PRO P 72 -18.98 -9.68 35.75
CA PRO P 72 -20.43 -9.81 35.56
C PRO P 72 -21.25 -8.64 36.05
N GLY P 73 -20.82 -7.93 37.08
CA GLY P 73 -21.63 -6.82 37.54
C GLY P 73 -21.25 -5.48 36.96
N LYS P 74 -20.06 -5.35 36.41
CA LYS P 74 -19.40 -4.07 36.22
C LYS P 74 -19.23 -3.76 34.74
N THR P 75 -19.80 -2.63 34.30
CA THR P 75 -19.47 -1.97 33.03
C THR P 75 -19.25 -0.50 33.34
N GLU P 76 -18.04 -0.12 33.74
CA GLU P 76 -17.74 1.30 33.86
C GLU P 76 -16.69 1.76 32.88
N LEU P 77 -16.17 0.87 32.04
CA LEU P 77 -15.51 1.31 30.82
C LEU P 77 -16.53 1.68 29.74
N PHE P 78 -17.66 0.98 29.72
CA PHE P 78 -18.68 1.26 28.72
C PHE P 78 -19.45 2.53 29.04
N ASP P 79 -19.75 2.77 30.32
CA ASP P 79 -20.53 3.94 30.71
C ASP P 79 -19.75 5.23 30.49
N TRP P 80 -18.42 5.16 30.48
CA TRP P 80 -17.61 6.31 30.14
C TRP P 80 -17.73 6.65 28.66
N ILE P 81 -17.68 5.64 27.79
CA ILE P 81 -17.77 5.90 26.36
C ILE P 81 -19.21 6.10 25.90
N ASN P 82 -20.19 5.67 26.69
CA ASN P 82 -21.58 5.89 26.33
C ASN P 82 -22.03 7.31 26.62
N SER P 83 -21.33 8.02 27.50
CA SER P 83 -21.72 9.36 27.91
C SER P 83 -21.29 10.43 26.92
N ILE P 84 -20.73 10.06 25.77
CA ILE P 84 -20.34 11.04 24.77
C ILE P 84 -21.59 11.59 24.10
N GLN P 85 -21.94 12.82 24.46
CA GLN P 85 -22.80 13.66 23.65
C GLN P 85 -21.87 14.60 22.92
N LEU P 86 -22.41 15.36 21.97
CA LEU P 86 -21.81 15.73 20.68
C LEU P 86 -20.30 15.90 20.73
N ASN P 87 -19.74 16.84 21.48
CA ASN P 87 -18.32 16.92 21.70
C ASN P 87 -17.98 16.92 23.18
N GLN P 88 -18.97 16.74 24.03
CA GLN P 88 -18.82 16.87 25.48
C GLN P 88 -18.66 15.48 26.07
N VAL P 89 -17.50 15.23 26.66
CA VAL P 89 -17.22 14.01 27.39
C VAL P 89 -16.44 14.43 28.63
N GLU P 90 -16.54 13.64 29.69
CA GLU P 90 -15.71 13.89 30.86
C GLU P 90 -14.32 13.30 30.63
N LYS P 91 -13.33 14.17 30.53
CA LYS P 91 -11.95 13.74 30.43
C LYS P 91 -11.39 13.57 31.84
N LYS P 92 -10.54 12.57 32.02
CA LYS P 92 -9.98 12.29 33.32
C LYS P 92 -8.56 11.78 33.16
N ASP P 93 -7.80 11.86 34.25
CA ASP P 93 -6.39 11.54 34.24
C ASP P 93 -6.16 10.08 34.57
N ILE P 94 -5.29 9.44 33.80
CA ILE P 94 -4.94 8.04 33.95
C ILE P 94 -3.51 7.98 34.47
N THR P 95 -3.27 7.19 35.50
CA THR P 95 -1.92 6.98 36.01
C THR P 95 -1.59 5.50 36.01
N ILE P 96 -0.51 5.13 35.35
CA ILE P 96 0.03 3.79 35.45
C ILE P 96 1.20 3.84 36.43
N SER P 97 1.39 2.76 37.18
CA SER P 97 2.38 2.76 38.24
C SER P 97 2.89 1.35 38.47
N LEU P 98 4.16 1.10 38.14
CA LEU P 98 4.79 -0.18 38.46
C LEU P 98 4.99 -0.30 39.96
N THR P 99 4.53 -1.40 40.53
CA THR P 99 4.58 -1.61 41.98
C THR P 99 5.32 -2.90 42.31
N ASN P 100 5.47 -3.14 43.61
CA ASN P 100 5.99 -4.39 44.13
C ASN P 100 4.84 -5.38 44.31
N ASP P 101 5.17 -6.55 44.86
CA ASP P 101 4.15 -7.54 45.15
C ASP P 101 3.28 -7.06 46.31
N ALA P 102 1.96 -7.10 46.11
CA ALA P 102 0.95 -6.54 47.02
C ALA P 102 1.24 -5.07 47.28
N GLY P 103 1.05 -4.28 46.22
CA GLY P 103 1.61 -2.95 46.07
C GLY P 103 1.27 -1.93 47.14
N THR P 104 2.25 -1.68 47.99
CA THR P 104 2.23 -0.59 48.96
C THR P 104 3.32 0.43 48.66
N GLU P 105 3.96 0.30 47.50
CA GLU P 105 5.17 1.06 47.20
C GLU P 105 5.29 1.13 45.69
N LEU P 106 5.34 2.34 45.15
CA LEU P 106 5.46 2.52 43.72
C LEU P 106 6.92 2.60 43.33
N LEU P 107 7.25 2.08 42.15
CA LEU P 107 8.61 2.12 41.64
C LEU P 107 8.77 3.12 40.51
N MET P 108 7.82 3.16 39.58
CA MET P 108 7.76 4.16 38.53
C MET P 108 6.32 4.60 38.37
N THR P 109 6.12 5.75 37.74
CA THR P 109 4.78 6.29 37.56
C THR P 109 4.71 7.04 36.25
N TRP P 110 3.71 6.72 35.44
CA TRP P 110 3.36 7.48 34.25
C TRP P 110 2.06 8.22 34.51
N ASN P 111 1.94 9.42 33.95
CA ASN P 111 0.75 10.23 34.13
C ASN P 111 0.24 10.68 32.77
N VAL P 112 -1.05 10.50 32.54
CA VAL P 112 -1.70 10.91 31.30
C VAL P 112 -2.75 11.94 31.65
N SER P 113 -2.81 13.01 30.87
CA SER P 113 -3.73 14.11 31.11
C SER P 113 -4.82 14.13 30.06
N ASN P 114 -6.05 14.44 30.50
CA ASN P 114 -7.19 14.74 29.62
C ASN P 114 -7.53 13.58 28.70
N ALA P 115 -7.48 12.36 29.21
CA ALA P 115 -7.79 11.20 28.38
C ALA P 115 -9.30 11.01 28.29
N PHE P 116 -9.77 10.74 27.07
CA PHE P 116 -11.17 10.50 26.81
C PHE P 116 -11.31 9.32 25.86
N PRO P 117 -12.40 8.56 25.93
CA PRO P 117 -12.44 7.30 25.19
C PRO P 117 -12.93 7.41 23.75
N THR P 118 -12.23 6.71 22.87
CA THR P 118 -12.71 6.36 21.56
C THR P 118 -12.60 4.85 21.43
N SER P 119 -13.48 4.25 20.64
CA SER P 119 -13.32 2.87 20.16
C SER P 119 -13.24 1.82 21.28
N LEU P 120 -14.34 1.66 22.02
CA LEU P 120 -14.46 0.51 22.91
C LEU P 120 -14.71 -0.74 22.10
N THR P 121 -13.91 -1.78 22.31
CA THR P 121 -13.97 -3.01 21.53
C THR P 121 -14.64 -4.10 22.35
N SER P 122 -15.72 -4.65 21.82
CA SER P 122 -16.49 -5.73 22.43
C SER P 122 -15.75 -7.06 22.26
N PRO P 123 -15.99 -8.03 23.14
CA PRO P 123 -15.36 -9.34 22.98
C PRO P 123 -15.84 -10.08 21.75
N SER P 124 -14.98 -10.95 21.24
CA SER P 124 -15.30 -11.77 20.09
C SER P 124 -15.86 -13.08 20.62
N PHE P 125 -17.17 -13.24 20.55
CA PHE P 125 -17.82 -14.46 21.00
C PHE P 125 -17.50 -15.59 20.03
N ASP P 126 -17.17 -16.73 20.60
CA ASP P 126 -16.48 -17.78 19.84
C ASP P 126 -16.73 -19.09 20.55
N ALA P 127 -17.47 -20.00 19.91
CA ALA P 127 -17.92 -21.21 20.59
C ALA P 127 -16.82 -22.23 20.79
N THR P 128 -15.70 -22.09 20.09
CA THR P 128 -14.61 -23.04 20.17
C THR P 128 -13.36 -22.36 20.71
N SER P 129 -13.52 -21.57 21.77
CA SER P 129 -12.40 -20.86 22.36
C SER P 129 -12.46 -20.97 23.87
N ASN P 130 -11.29 -21.10 24.48
CA ASN P 130 -11.14 -21.25 25.93
C ASN P 130 -10.69 -19.97 26.59
N ASP P 131 -11.20 -18.83 26.16
CA ASP P 131 -10.70 -17.54 26.64
C ASP P 131 -11.74 -16.80 27.46
N ILE P 132 -11.27 -15.78 28.16
CA ILE P 132 -12.12 -14.84 28.87
C ILE P 132 -12.58 -13.75 27.90
N ALA P 133 -13.81 -13.26 28.10
CA ALA P 133 -14.29 -12.08 27.41
C ALA P 133 -13.46 -10.86 27.82
N VAL P 134 -12.69 -10.31 26.89
CA VAL P 134 -11.86 -9.14 27.15
C VAL P 134 -12.36 -7.98 26.31
N GLN P 135 -12.06 -6.78 26.77
CA GLN P 135 -12.41 -5.54 26.07
C GLN P 135 -11.20 -4.62 26.03
N GLU P 136 -10.96 -4.03 24.86
CA GLU P 136 -10.01 -2.93 24.76
C GLU P 136 -10.77 -1.62 24.67
N ILE P 137 -10.35 -0.65 25.46
CA ILE P 137 -10.76 0.73 25.29
C ILE P 137 -9.54 1.50 24.80
N THR P 138 -9.76 2.46 23.92
CA THR P 138 -8.70 3.27 23.36
C THR P 138 -8.87 4.69 23.87
N LEU P 139 -7.78 5.33 24.27
CA LEU P 139 -7.87 6.68 24.82
C LEU P 139 -6.99 7.60 24.00
N MET P 140 -7.52 8.76 23.67
CA MET P 140 -6.72 9.84 23.11
C MET P 140 -6.45 10.85 24.21
N ALA P 141 -5.21 11.30 24.31
CA ALA P 141 -4.83 12.20 25.39
C ALA P 141 -3.65 13.04 24.96
N ASP P 142 -3.10 13.76 25.94
CA ASP P 142 -1.92 14.58 25.78
C ASP P 142 -1.07 14.45 27.04
N ARG P 143 0.22 14.75 26.88
CA ARG P 143 1.17 14.88 27.99
C ARG P 143 1.28 13.60 28.82
N VAL P 144 1.95 12.62 28.24
CA VAL P 144 2.55 11.56 29.04
C VAL P 144 3.79 12.11 29.69
N ILE P 145 3.85 12.05 31.02
CA ILE P 145 5.08 12.31 31.76
C ILE P 145 5.38 11.10 32.62
N MET P 146 6.66 10.86 32.84
CA MET P 146 7.15 9.73 33.60
C MET P 146 7.79 10.25 34.88
N GLN P 147 7.33 9.76 36.02
CA GLN P 147 7.79 10.22 37.32
C GLN P 147 8.57 9.13 38.01
N ALA P 148 9.68 9.50 38.63
CA ALA P 148 10.45 8.56 39.42
C ALA P 148 9.79 8.36 40.77
N VAL P 149 9.47 7.10 41.08
CA VAL P 149 8.83 6.65 42.32
C VAL P 149 7.51 7.37 42.60
N SER Q 2 46.19 -24.63 15.79
CA SER Q 2 46.87 -23.99 16.90
C SER Q 2 46.96 -22.47 16.76
N THR Q 3 45.83 -21.78 16.83
CA THR Q 3 45.83 -20.32 16.74
C THR Q 3 46.22 -19.72 18.10
N SER Q 4 47.21 -18.84 18.09
CA SER Q 4 47.59 -18.10 19.28
C SER Q 4 46.53 -17.08 19.65
N THR Q 5 46.53 -16.66 20.91
CA THR Q 5 45.48 -15.77 21.38
C THR Q 5 45.69 -14.32 20.92
N SER Q 6 46.90 -13.96 20.50
CA SER Q 6 47.11 -12.66 19.90
C SER Q 6 46.85 -12.64 18.41
N GLN Q 7 46.76 -13.82 17.79
CA GLN Q 7 46.35 -13.89 16.38
C GLN Q 7 44.86 -13.66 16.23
N ILE Q 8 44.07 -14.12 17.22
CA ILE Q 8 42.63 -13.94 17.18
C ILE Q 8 42.25 -12.46 17.32
N ALA Q 9 43.07 -11.69 18.05
CA ALA Q 9 42.84 -10.26 18.18
C ALA Q 9 43.07 -9.50 16.88
N VAL Q 10 43.81 -10.07 15.94
CA VAL Q 10 44.10 -9.41 14.68
C VAL Q 10 43.23 -9.95 13.55
N GLU Q 11 42.97 -11.25 13.51
CA GLU Q 11 42.34 -11.86 12.34
C GLU Q 11 40.85 -12.11 12.50
N TYR Q 12 40.35 -12.14 13.68
CA TYR Q 12 39.00 -12.68 13.79
C TYR Q 12 37.96 -11.57 13.82
N PRO Q 13 36.73 -11.84 13.37
CA PRO Q 13 35.69 -10.81 13.42
C PRO Q 13 35.27 -10.50 14.86
N ILE Q 14 34.62 -9.35 15.00
CA ILE Q 14 34.29 -8.80 16.31
C ILE Q 14 32.84 -9.15 16.64
N PRO Q 15 32.56 -9.73 17.80
CA PRO Q 15 31.17 -9.99 18.18
C PRO Q 15 30.45 -8.73 18.63
N VAL Q 16 29.15 -8.66 18.32
CA VAL Q 16 28.39 -7.42 18.53
C VAL Q 16 28.00 -7.15 19.97
N TYR Q 17 27.94 -8.16 20.83
CA TYR Q 17 27.17 -8.03 22.06
C TYR Q 17 27.87 -7.23 23.14
N ARG Q 18 29.16 -6.93 22.99
CA ARG Q 18 29.90 -6.18 23.99
C ARG Q 18 30.20 -4.79 23.43
N PHE Q 19 29.52 -3.78 23.95
CA PHE Q 19 29.64 -2.43 23.42
C PHE Q 19 29.40 -1.41 24.52
N ILE Q 20 29.95 -0.21 24.32
CA ILE Q 20 29.80 0.92 25.24
C ILE Q 20 29.12 2.04 24.49
N VAL Q 21 28.03 2.56 25.04
CA VAL Q 21 27.34 3.72 24.51
C VAL Q 21 27.57 4.88 25.45
N SER Q 22 27.88 6.05 24.90
CA SER Q 22 28.21 7.22 25.70
C SER Q 22 27.47 8.43 25.14
N VAL Q 23 26.50 8.93 25.88
CA VAL Q 23 25.61 9.99 25.42
C VAL Q 23 26.09 11.30 26.03
N GLY Q 24 26.85 12.08 25.27
CA GLY Q 24 27.36 13.34 25.79
C GLY Q 24 28.49 13.09 26.75
N ASP Q 25 28.41 13.69 27.94
CA ASP Q 25 29.40 13.42 28.97
C ASP Q 25 29.08 12.15 29.73
N GLU Q 26 27.81 11.78 29.81
CA GLU Q 26 27.42 10.55 30.49
C GLU Q 26 27.78 9.33 29.66
N LYS Q 27 27.99 8.21 30.33
CA LYS Q 27 27.96 6.90 29.69
C LYS Q 27 26.91 6.06 30.39
N ILE Q 28 26.01 5.48 29.61
CA ILE Q 28 24.89 4.73 30.19
C ILE Q 28 24.76 3.38 29.51
N PRO Q 29 24.48 2.31 30.25
CA PRO Q 29 24.39 0.98 29.65
C PRO Q 29 23.10 0.80 28.86
N PHE Q 30 23.22 0.34 27.62
CA PHE Q 30 22.09 0.15 26.74
C PHE Q 30 21.94 -1.31 26.38
N ASN Q 31 20.71 -1.71 26.11
CA ASN Q 31 20.44 -3.09 25.74
C ASN Q 31 20.74 -3.34 24.27
N SER Q 32 20.35 -2.43 23.40
CA SER Q 32 20.62 -2.58 21.98
C SER Q 32 20.65 -1.22 21.31
N VAL Q 33 21.41 -1.13 20.22
CA VAL Q 33 21.52 0.06 19.38
C VAL Q 33 21.18 -0.36 17.96
N SER Q 34 20.36 0.44 17.28
CA SER Q 34 19.91 0.10 15.93
C SER Q 34 20.02 1.32 15.01
N GLY Q 35 19.83 1.07 13.72
CA GLY Q 35 19.93 2.15 12.75
C GLY Q 35 21.38 2.45 12.43
N LEU Q 36 21.72 3.73 12.48
CA LEU Q 36 23.10 4.24 12.52
C LEU Q 36 23.87 3.96 11.22
N ASP Q 37 23.19 4.10 10.10
CA ASP Q 37 23.81 3.79 8.83
C ASP Q 37 23.86 5.00 7.92
N ILE Q 38 24.88 5.04 7.07
CA ILE Q 38 25.02 6.05 6.03
C ILE Q 38 24.06 5.71 4.89
N SER Q 39 23.65 6.71 4.11
CA SER Q 39 22.84 6.50 2.92
C SER Q 39 22.97 7.70 2.01
N TYR Q 40 22.75 7.48 0.72
CA TYR Q 40 22.85 8.54 -0.28
C TYR Q 40 21.77 8.35 -1.33
N ASP Q 41 21.11 9.43 -1.70
CA ASP Q 41 20.29 9.43 -2.90
C ASP Q 41 21.19 9.38 -4.12
N THR Q 42 20.65 8.87 -5.22
CA THR Q 42 21.40 8.77 -6.46
C THR Q 42 20.78 9.67 -7.51
N ILE Q 43 21.61 10.43 -8.19
CA ILE Q 43 21.18 11.31 -9.27
C ILE Q 43 21.55 10.66 -10.59
N GLU Q 44 20.58 10.57 -11.49
CA GLU Q 44 20.77 9.90 -12.77
C GLU Q 44 20.44 10.86 -13.91
N TYR Q 45 21.45 11.15 -14.74
CA TYR Q 45 21.27 11.89 -15.98
C TYR Q 45 21.35 10.92 -17.14
N ARG Q 46 20.55 11.17 -18.16
CA ARG Q 46 20.45 10.26 -19.29
C ARG Q 46 20.08 11.11 -20.49
N ASP Q 47 20.93 11.13 -21.51
CA ASP Q 47 20.62 11.93 -22.69
C ASP Q 47 20.45 11.01 -23.91
N GLY Q 48 20.23 11.64 -25.06
CA GLY Q 48 19.74 10.92 -26.21
C GLY Q 48 20.77 10.09 -26.94
N VAL Q 49 22.05 10.41 -26.80
CA VAL Q 49 23.06 9.66 -27.54
C VAL Q 49 23.37 8.33 -26.87
N GLY Q 50 22.95 8.14 -25.62
CA GLY Q 50 23.04 6.83 -25.02
C GLY Q 50 23.77 6.74 -23.69
N ASN Q 51 24.60 7.73 -23.37
CA ASN Q 51 25.38 7.66 -22.15
C ASN Q 51 24.52 8.01 -20.94
N TRP Q 52 24.78 7.30 -19.85
CA TRP Q 52 23.95 7.33 -18.65
C TRP Q 52 24.86 7.62 -17.47
N PHE Q 53 24.67 8.79 -16.86
CA PHE Q 53 25.49 9.21 -15.73
C PHE Q 53 24.78 8.88 -14.43
N LYS Q 54 25.48 8.17 -13.55
CA LYS Q 54 25.00 7.92 -12.19
C LYS Q 54 25.94 8.60 -11.22
N MET Q 55 25.36 9.32 -10.26
CA MET Q 55 26.12 10.11 -9.31
C MET Q 55 25.61 9.86 -7.90
N PRO Q 56 26.48 9.98 -6.90
CA PRO Q 56 25.98 10.08 -5.53
C PRO Q 56 25.36 11.45 -5.33
N GLY Q 57 24.26 11.49 -4.60
CA GLY Q 57 23.58 12.76 -4.45
C GLY Q 57 23.51 13.27 -3.03
N GLN Q 58 22.33 13.77 -2.69
CA GLN Q 58 22.08 14.37 -1.40
C GLN Q 58 22.06 13.30 -0.31
N SER Q 59 22.78 13.56 0.76
CA SER Q 59 22.85 12.63 1.88
C SER Q 59 21.51 12.56 2.61
N GLN Q 60 21.28 11.45 3.31
CA GLN Q 60 20.05 11.26 4.05
C GLN Q 60 20.30 11.44 5.54
N SER Q 61 19.24 11.79 6.26
CA SER Q 61 19.35 12.05 7.69
C SER Q 61 19.46 10.76 8.46
N THR Q 62 20.31 10.77 9.48
CA THR Q 62 20.59 9.58 10.27
C THR Q 62 19.60 9.44 11.41
N ASN Q 63 18.98 8.26 11.52
CA ASN Q 63 18.00 7.99 12.56
C ASN Q 63 18.43 6.75 13.34
N ILE Q 64 18.66 6.91 14.64
CA ILE Q 64 19.20 5.88 15.52
C ILE Q 64 18.15 5.52 16.55
N THR Q 65 18.10 4.24 16.95
CA THR Q 65 17.18 3.78 17.99
C THR Q 65 17.96 3.04 19.06
N LEU Q 66 17.98 3.60 20.26
CA LEU Q 66 18.64 3.00 21.41
C LEU Q 66 17.60 2.41 22.35
N ARG Q 67 17.85 1.19 22.82
CA ARG Q 67 16.91 0.47 23.67
C ARG Q 67 17.52 0.21 25.04
N LYS Q 68 16.71 0.37 26.09
CA LYS Q 68 17.24 0.37 27.45
C LYS Q 68 16.15 -0.02 28.42
N GLY Q 69 16.50 -0.83 29.42
CA GLY Q 69 15.54 -1.23 30.42
C GLY Q 69 15.30 -0.15 31.47
N VAL Q 70 14.16 -0.26 32.15
CA VAL Q 70 13.75 0.73 33.13
C VAL Q 70 14.30 0.35 34.49
N PHE Q 71 15.05 1.25 35.09
CA PHE Q 71 15.72 1.09 36.37
C PHE Q 71 15.08 2.02 37.40
N PRO Q 72 15.06 1.63 38.69
CA PRO Q 72 14.10 2.26 39.61
C PRO Q 72 14.42 3.70 40.00
N GLY Q 73 15.69 4.08 40.06
CA GLY Q 73 15.98 5.45 40.44
C GLY Q 73 16.14 6.40 39.28
N LYS Q 74 16.38 5.89 38.07
CA LYS Q 74 17.00 6.65 37.00
C LYS Q 74 16.02 6.84 35.85
N THR Q 75 15.73 8.10 35.51
CA THR Q 75 15.11 8.50 34.23
C THR Q 75 15.95 9.64 33.67
N GLU Q 76 17.02 9.35 32.95
CA GLU Q 76 17.72 10.41 32.26
C GLU Q 76 17.66 10.26 30.74
N LEU Q 77 16.99 9.23 30.24
CA LEU Q 77 16.52 9.27 28.86
C LEU Q 77 15.25 10.11 28.73
N PHE Q 78 14.41 10.10 29.77
CA PHE Q 78 13.17 10.87 29.73
C PHE Q 78 13.42 12.35 29.93
N ASP Q 79 14.35 12.71 30.82
CA ASP Q 79 14.62 14.11 31.11
C ASP Q 79 15.26 14.82 29.94
N TRP Q 80 15.93 14.06 29.06
CA TRP Q 80 16.46 14.64 27.83
C TRP Q 80 15.34 14.99 26.87
N ILE Q 81 14.36 14.10 26.70
CA ILE Q 81 13.27 14.37 25.77
C ILE Q 81 12.22 15.28 26.39
N ASN Q 82 12.18 15.42 27.70
CA ASN Q 82 11.23 16.33 28.33
C ASN Q 82 11.67 17.76 28.24
N SER Q 83 12.96 18.02 28.02
CA SER Q 83 13.50 19.37 27.99
C SER Q 83 13.28 20.07 26.66
N ILE Q 84 12.57 19.45 25.72
CA ILE Q 84 12.29 20.10 24.44
C ILE Q 84 11.29 21.22 24.66
N GLN Q 85 11.78 22.45 24.61
CA GLN Q 85 10.95 23.61 24.36
C GLN Q 85 11.16 23.95 22.90
N LEU Q 86 10.36 24.87 22.37
CA LEU Q 86 9.79 24.88 21.01
C LEU Q 86 10.68 24.24 19.95
N ASN Q 87 11.87 24.77 19.67
CA ASN Q 87 12.83 24.10 18.81
C ASN Q 87 14.17 23.94 19.50
N GLN Q 88 14.25 24.29 20.76
CA GLN Q 88 15.51 24.31 21.51
C GLN Q 88 15.62 23.05 22.33
N VAL Q 89 16.62 22.23 22.01
CA VAL Q 89 16.96 21.04 22.77
C VAL Q 89 18.48 21.00 22.83
N GLU Q 90 19.01 20.37 23.87
CA GLU Q 90 20.44 20.16 23.93
C GLU Q 90 20.81 18.94 23.09
N LYS Q 91 21.53 19.17 22.01
CA LYS Q 91 22.06 18.09 21.19
C LYS Q 91 23.40 17.66 21.76
N LYS Q 92 23.66 16.36 21.69
CA LYS Q 92 24.91 15.84 22.23
C LYS Q 92 25.38 14.67 21.39
N ASP Q 93 26.66 14.36 21.51
CA ASP Q 93 27.29 13.35 20.68
C ASP Q 93 27.21 11.98 21.33
N ILE Q 94 26.86 10.98 20.52
CA ILE Q 94 26.71 9.60 20.96
C ILE Q 94 27.85 8.81 20.32
N THR Q 95 28.55 8.00 21.12
CA THR Q 95 29.60 7.14 20.60
C THR Q 95 29.30 5.70 20.99
N ILE Q 96 29.23 4.83 20.00
CA ILE Q 96 29.18 3.39 20.24
C ILE Q 96 30.57 2.84 20.04
N SER Q 97 30.92 1.81 20.81
CA SER Q 97 32.29 1.31 20.79
C SER Q 97 32.29 -0.17 21.16
N LEU Q 98 32.62 -1.03 20.21
CA LEU Q 98 32.80 -2.45 20.50
C LEU Q 98 34.04 -2.66 21.34
N THR Q 99 33.90 -3.38 22.45
CA THR Q 99 34.99 -3.58 23.39
C THR Q 99 35.24 -5.07 23.61
N ASN Q 100 36.27 -5.35 24.41
CA ASN Q 100 36.55 -6.69 24.89
C ASN Q 100 35.77 -6.95 26.17
N ASP Q 101 36.00 -8.12 26.77
CA ASP Q 101 35.38 -8.44 28.04
C ASP Q 101 35.98 -7.58 29.15
N ALA Q 102 35.11 -6.94 29.93
CA ALA Q 102 35.47 -5.94 30.94
C ALA Q 102 36.30 -4.82 30.32
N GLY Q 103 35.61 -4.05 29.47
CA GLY Q 103 36.22 -3.20 28.47
C GLY Q 103 37.21 -2.15 28.95
N THR Q 104 38.48 -2.45 28.70
CA THR Q 104 39.57 -1.50 28.88
C THR Q 104 40.23 -1.18 27.54
N GLU Q 105 39.63 -1.63 26.44
CA GLU Q 105 40.27 -1.60 25.14
C GLU Q 105 39.17 -1.59 24.09
N LEU Q 106 39.16 -0.58 23.24
CA LEU Q 106 38.15 -0.49 22.20
C LEU Q 106 38.64 -1.18 20.94
N LEU Q 107 37.72 -1.79 20.20
CA LEU Q 107 38.05 -2.45 18.95
C LEU Q 107 37.57 -1.68 17.74
N MET Q 108 36.35 -1.15 17.79
CA MET Q 108 35.80 -0.27 16.78
C MET Q 108 35.06 0.85 17.47
N THR Q 109 34.83 1.94 16.75
CA THR Q 109 34.15 3.09 17.34
C THR Q 109 33.32 3.78 16.26
N TRP Q 110 32.05 4.02 16.56
CA TRP Q 110 31.17 4.85 15.76
C TRP Q 110 30.92 6.15 16.50
N ASN Q 111 30.79 7.24 15.75
CA ASN Q 111 30.57 8.56 16.33
C ASN Q 111 29.38 9.20 15.66
N VAL Q 112 28.44 9.71 16.46
CA VAL Q 112 27.26 10.39 15.96
C VAL Q 112 27.30 11.82 16.47
N SER Q 113 27.00 12.77 15.59
CA SER Q 113 27.06 14.19 15.92
C SER Q 113 25.66 14.76 15.99
N ASN Q 114 25.45 15.66 16.97
CA ASN Q 114 24.25 16.50 17.09
C ASN Q 114 22.97 15.68 17.21
N ALA Q 115 23.01 14.61 17.99
CA ALA Q 115 21.83 13.78 18.15
C ALA Q 115 20.90 14.39 19.19
N PHE Q 116 19.61 14.40 18.86
CA PHE Q 116 18.58 14.92 19.75
C PHE Q 116 17.39 13.97 19.72
N PRO Q 117 16.62 13.88 20.81
CA PRO Q 117 15.62 12.83 20.89
C PRO Q 117 14.27 13.18 20.29
N THR Q 118 13.73 12.21 19.55
CA THR Q 118 12.32 12.17 19.21
C THR Q 118 11.80 10.81 19.68
N SER Q 119 10.52 10.74 20.02
CA SER Q 119 9.79 9.48 20.18
C SER Q 119 10.38 8.54 21.24
N LEU Q 120 10.32 8.96 22.49
CA LEU Q 120 10.60 8.04 23.58
C LEU Q 120 9.42 7.11 23.77
N THR Q 121 9.69 5.80 23.77
CA THR Q 121 8.65 4.78 23.83
C THR Q 121 8.59 4.19 25.23
N SER Q 122 7.43 4.27 25.86
CA SER Q 122 7.16 3.74 27.19
C SER Q 122 7.00 2.22 27.12
N PRO Q 123 7.26 1.52 28.23
CA PRO Q 123 7.05 0.06 28.23
C PRO Q 123 5.59 -0.32 28.09
N SER Q 124 5.37 -1.50 27.55
CA SER Q 124 4.03 -2.06 27.39
C SER Q 124 3.73 -2.89 28.62
N PHE Q 125 2.93 -2.34 29.52
CA PHE Q 125 2.55 -3.05 30.73
C PHE Q 125 1.61 -4.19 30.38
N ASP Q 126 1.87 -5.34 30.97
CA ASP Q 126 1.28 -6.59 30.46
C ASP Q 126 1.29 -7.59 31.60
N ALA Q 127 0.11 -7.98 32.07
CA ALA Q 127 0.03 -8.79 33.28
C ALA Q 127 0.44 -10.23 33.07
N THR Q 128 0.53 -10.69 31.83
CA THR Q 128 0.88 -12.07 31.53
C THR Q 128 2.18 -12.12 30.74
N SER Q 129 3.17 -11.36 31.19
CA SER Q 129 4.46 -11.33 30.51
C SER Q 129 5.58 -11.40 31.54
N ASN Q 130 6.64 -12.11 31.18
CA ASN Q 130 7.80 -12.31 32.02
C ASN Q 130 8.98 -11.45 31.62
N ASP Q 131 8.73 -10.21 31.23
CA ASP Q 131 9.78 -9.37 30.66
C ASP Q 131 10.10 -8.20 31.58
N ILE Q 132 11.24 -7.57 31.28
CA ILE Q 132 11.64 -6.32 31.91
C ILE Q 132 10.98 -5.15 31.18
N ALA Q 133 10.64 -4.10 31.93
CA ALA Q 133 10.22 -2.83 31.35
C ALA Q 133 11.37 -2.22 30.56
N VAL Q 134 11.22 -2.14 29.23
CA VAL Q 134 12.23 -1.57 28.37
C VAL Q 134 11.67 -0.31 27.71
N GLN Q 135 12.58 0.56 27.30
CA GLN Q 135 12.25 1.81 26.61
C GLN Q 135 13.14 1.97 25.40
N GLU Q 136 12.54 2.35 24.28
CA GLU Q 136 13.30 2.80 23.13
C GLU Q 136 13.25 4.32 23.05
N ILE Q 137 14.41 4.94 22.86
CA ILE Q 137 14.50 6.34 22.47
C ILE Q 137 15.01 6.36 21.04
N THR Q 138 14.50 7.29 20.25
CA THR Q 138 14.89 7.44 18.86
C THR Q 138 15.64 8.75 18.72
N LEU Q 139 16.74 8.74 17.99
CA LEU Q 139 17.55 9.93 17.83
C LEU Q 139 17.66 10.28 16.37
N MET Q 140 17.49 11.55 16.04
CA MET Q 140 17.82 12.06 14.73
C MET Q 140 19.15 12.79 14.81
N ALA Q 141 20.03 12.54 13.85
CA ALA Q 141 21.36 13.11 13.90
C ALA Q 141 21.93 13.22 12.50
N ASP Q 142 23.21 13.56 12.44
CA ASP Q 142 23.97 13.66 11.21
C ASP Q 142 25.36 13.11 11.47
N ARG Q 143 26.03 12.70 10.39
CA ARG Q 143 27.44 12.32 10.38
C ARG Q 143 27.74 11.16 11.34
N VAL Q 144 27.33 9.98 10.91
CA VAL Q 144 27.94 8.76 11.43
C VAL Q 144 29.29 8.59 10.78
N ILE Q 145 30.34 8.51 11.59
CA ILE Q 145 31.66 8.11 11.11
C ILE Q 145 32.10 6.91 11.93
N MET Q 146 32.88 6.04 11.29
CA MET Q 146 33.38 4.82 11.90
C MET Q 146 34.89 4.94 12.04
N GLN Q 147 35.38 4.76 13.26
CA GLN Q 147 36.80 4.91 13.57
C GLN Q 147 37.40 3.57 13.91
N ALA Q 148 38.60 3.32 13.38
CA ALA Q 148 39.33 2.11 13.73
C ALA Q 148 39.98 2.28 15.10
N VAL Q 149 39.65 1.37 16.01
CA VAL Q 149 40.14 1.32 17.39
C VAL Q 149 39.90 2.61 18.16
N SER R 2 29.09 -44.98 -11.65
CA SER R 2 30.52 -44.78 -11.69
C SER R 2 30.94 -43.52 -12.45
N THR R 3 30.61 -42.34 -11.92
CA THR R 3 31.00 -41.09 -12.57
C THR R 3 32.46 -40.77 -12.24
N SER R 4 33.25 -40.53 -13.28
CA SER R 4 34.63 -40.09 -13.11
C SER R 4 34.68 -38.67 -12.58
N THR R 5 35.81 -38.31 -11.98
CA THR R 5 35.91 -37.00 -11.34
C THR R 5 36.11 -35.87 -12.35
N SER R 6 36.53 -36.17 -13.57
CA SER R 6 36.58 -35.16 -14.61
C SER R 6 35.26 -35.02 -15.35
N GLN R 7 34.35 -35.99 -15.20
CA GLN R 7 33.02 -35.85 -15.76
C GLN R 7 32.18 -34.88 -14.93
N ILE R 8 32.40 -34.86 -13.61
CA ILE R 8 31.66 -33.97 -12.73
C ILE R 8 32.04 -32.52 -12.98
N ALA R 9 33.28 -32.27 -13.41
CA ALA R 9 33.72 -30.92 -13.75
C ALA R 9 33.05 -30.39 -15.01
N VAL R 10 32.51 -31.27 -15.86
CA VAL R 10 31.88 -30.85 -17.10
C VAL R 10 30.35 -30.85 -16.98
N GLU R 11 29.78 -31.85 -16.31
CA GLU R 11 28.34 -32.05 -16.35
C GLU R 11 27.59 -31.51 -15.13
N TYR R 12 28.26 -31.26 -14.06
CA TYR R 12 27.47 -31.04 -12.86
C TYR R 12 27.29 -29.55 -12.58
N PRO R 13 26.20 -29.15 -11.93
CA PRO R 13 26.02 -27.73 -11.60
C PRO R 13 27.02 -27.25 -10.57
N ILE R 14 27.15 -25.94 -10.50
CA ILE R 14 28.19 -25.29 -9.69
C ILE R 14 27.57 -24.84 -8.38
N PRO R 15 28.16 -25.19 -7.23
CA PRO R 15 27.64 -24.70 -5.95
C PRO R 15 28.02 -23.25 -5.71
N VAL R 16 27.12 -22.52 -5.04
CA VAL R 16 27.27 -21.07 -4.90
C VAL R 16 28.28 -20.63 -3.87
N TYR R 17 28.60 -21.48 -2.89
CA TYR R 17 29.22 -20.97 -1.66
C TYR R 17 30.70 -20.63 -1.81
N ARG R 18 31.34 -21.04 -2.89
CA ARG R 18 32.76 -20.78 -3.09
C ARG R 18 32.91 -19.74 -4.19
N PHE R 19 33.28 -18.51 -3.82
CA PHE R 19 33.35 -17.43 -4.78
C PHE R 19 34.41 -16.42 -4.36
N ILE R 20 34.91 -15.68 -5.34
CA ILE R 20 35.92 -14.63 -5.13
C ILE R 20 35.33 -13.31 -5.60
N VAL R 21 35.35 -12.31 -4.72
CA VAL R 21 34.92 -10.96 -5.05
C VAL R 21 36.16 -10.08 -5.10
N SER R 22 36.25 -9.23 -6.13
CA SER R 22 37.42 -8.39 -6.33
C SER R 22 36.96 -6.99 -6.66
N VAL R 23 37.20 -6.04 -5.76
CA VAL R 23 36.70 -4.68 -5.87
C VAL R 23 37.85 -3.81 -6.35
N GLY R 24 37.88 -3.52 -7.64
CA GLY R 24 38.96 -2.70 -8.19
C GLY R 24 40.24 -3.51 -8.27
N ASP R 25 41.31 -2.94 -7.73
CA ASP R 25 42.58 -3.67 -7.65
C ASP R 25 42.61 -4.61 -6.46
N GLU R 26 41.88 -4.28 -5.39
CA GLU R 26 41.83 -5.13 -4.22
C GLU R 26 40.98 -6.36 -4.48
N LYS R 27 41.27 -7.42 -3.75
CA LYS R 27 40.33 -8.53 -3.59
C LYS R 27 40.08 -8.71 -2.10
N ILE R 28 38.80 -8.76 -1.74
CA ILE R 28 38.43 -8.82 -0.33
C ILE R 28 37.41 -9.92 -0.11
N PRO R 29 37.51 -10.68 0.99
CA PRO R 29 36.57 -11.78 1.22
C PRO R 29 35.21 -11.28 1.68
N PHE R 30 34.15 -11.74 1.02
CA PHE R 30 32.80 -11.32 1.32
C PHE R 30 31.97 -12.50 1.79
N ASN R 31 30.99 -12.21 2.63
CA ASN R 31 30.12 -13.27 3.15
C ASN R 31 29.05 -13.64 2.14
N SER R 32 28.43 -12.65 1.50
CA SER R 32 27.41 -12.93 0.51
C SER R 32 27.32 -11.77 -0.48
N VAL R 33 26.90 -12.09 -1.69
CA VAL R 33 26.66 -11.12 -2.76
C VAL R 33 25.22 -11.31 -3.24
N SER R 34 24.50 -10.21 -3.43
CA SER R 34 23.11 -10.27 -3.81
C SER R 34 22.81 -9.29 -4.93
N GLY R 35 21.61 -9.40 -5.51
CA GLY R 35 21.24 -8.53 -6.61
C GLY R 35 21.84 -9.02 -7.91
N LEU R 36 22.47 -8.09 -8.63
CA LEU R 36 23.39 -8.37 -9.74
C LEU R 36 22.68 -8.99 -10.94
N ASP R 37 21.47 -8.53 -11.22
CA ASP R 37 20.70 -9.12 -12.30
C ASP R 37 20.39 -8.10 -13.38
N ILE R 38 20.27 -8.59 -14.62
CA ILE R 38 19.83 -7.80 -15.76
C ILE R 38 18.32 -7.61 -15.67
N SER R 39 17.80 -6.54 -16.27
CA SER R 39 16.37 -6.30 -16.36
C SER R 39 16.09 -5.34 -17.51
N TYR R 40 14.89 -5.43 -18.06
CA TYR R 40 14.48 -4.57 -19.16
C TYR R 40 13.03 -4.18 -19.00
N ASP R 41 12.73 -2.91 -19.22
CA ASP R 41 11.35 -2.49 -19.40
C ASP R 41 10.84 -3.00 -20.74
N THR R 42 9.52 -3.16 -20.85
CA THR R 42 8.92 -3.64 -22.08
C THR R 42 8.03 -2.55 -22.66
N ILE R 43 8.17 -2.32 -23.96
CA ILE R 43 7.37 -1.34 -24.68
C ILE R 43 6.32 -2.09 -25.46
N GLU R 44 5.06 -1.67 -25.34
CA GLU R 44 3.94 -2.36 -25.97
C GLU R 44 3.17 -1.37 -26.83
N TYR R 45 3.13 -1.62 -28.14
CA TYR R 45 2.29 -0.90 -29.08
C TYR R 45 1.12 -1.79 -29.45
N ARG R 46 -0.03 -1.17 -29.65
CA ARG R 46 -1.25 -1.89 -29.90
C ARG R 46 -2.14 -0.98 -30.73
N ASP R 47 -2.49 -1.40 -31.94
CA ASP R 47 -3.34 -0.56 -32.78
C ASP R 47 -4.67 -1.26 -33.03
N GLY R 48 -5.50 -0.61 -33.85
CA GLY R 48 -6.90 -0.98 -33.92
C GLY R 48 -7.19 -2.22 -34.74
N VAL R 49 -6.30 -2.59 -35.66
CA VAL R 49 -6.59 -3.77 -36.48
C VAL R 49 -6.30 -5.06 -35.74
N GLY R 50 -5.60 -5.01 -34.61
CA GLY R 50 -5.49 -6.18 -33.77
C GLY R 50 -4.09 -6.63 -33.42
N ASN R 51 -3.10 -6.20 -34.18
CA ASN R 51 -1.74 -6.66 -33.93
C ASN R 51 -1.13 -5.92 -32.75
N TRP R 52 -0.34 -6.66 -31.97
CA TRP R 52 0.17 -6.21 -30.68
C TRP R 52 1.68 -6.41 -30.69
N PHE R 53 2.43 -5.32 -30.66
CA PHE R 53 3.87 -5.37 -30.70
C PHE R 53 4.43 -5.29 -29.29
N LYS R 54 5.27 -6.26 -28.93
CA LYS R 54 6.01 -6.22 -27.68
C LYS R 54 7.49 -6.11 -27.99
N MET R 55 8.18 -5.21 -27.30
CA MET R 55 9.57 -4.91 -27.55
C MET R 55 10.33 -4.87 -26.25
N PRO R 56 11.63 -5.20 -26.27
CA PRO R 56 12.47 -4.86 -25.13
C PRO R 56 12.74 -3.36 -25.15
N GLY R 57 12.74 -2.76 -23.97
CA GLY R 57 12.90 -1.34 -23.93
C GLY R 57 14.14 -0.86 -23.22
N GLN R 58 13.94 0.18 -22.41
CA GLN R 58 15.01 0.83 -21.70
C GLN R 58 15.53 -0.07 -20.59
N SER R 59 16.85 -0.22 -20.52
CA SER R 59 17.47 -1.05 -19.50
C SER R 59 17.32 -0.42 -18.13
N GLN R 60 17.40 -1.25 -17.10
CA GLN R 60 17.28 -0.79 -15.73
C GLN R 60 18.65 -0.75 -15.05
N SER R 61 18.77 0.10 -14.03
CA SER R 61 20.03 0.27 -13.34
C SER R 61 20.30 -0.91 -12.42
N THR R 62 21.55 -1.33 -12.37
CA THR R 62 21.95 -2.50 -11.59
C THR R 62 22.29 -2.10 -10.16
N ASN R 63 21.68 -2.79 -9.20
CA ASN R 63 21.90 -2.52 -7.79
C ASN R 63 22.35 -3.81 -7.10
N ILE R 64 23.55 -3.78 -6.51
CA ILE R 64 24.21 -4.94 -5.93
C ILE R 64 24.35 -4.71 -4.43
N THR R 65 24.24 -5.78 -3.64
CA THR R 65 24.43 -5.70 -2.20
C THR R 65 25.46 -6.74 -1.76
N LEU R 66 26.59 -6.26 -1.27
CA LEU R 66 27.67 -7.11 -0.77
C LEU R 66 27.67 -7.09 0.76
N ARG R 67 27.80 -8.26 1.38
CA ARG R 67 27.74 -8.39 2.83
C ARG R 67 29.07 -8.93 3.36
N LYS R 68 29.52 -8.38 4.48
CA LYS R 68 30.88 -8.64 4.95
C LYS R 68 30.94 -8.43 6.45
N GLY R 69 31.65 -9.30 7.16
CA GLY R 69 31.83 -9.14 8.58
C GLY R 69 32.86 -8.09 8.94
N VAL R 70 32.76 -7.59 10.17
CA VAL R 70 33.63 -6.53 10.66
C VAL R 70 34.88 -7.14 11.28
N PHE R 71 36.03 -6.76 10.76
CA PHE R 71 37.35 -7.23 11.16
C PHE R 71 38.11 -6.10 11.85
N PRO R 72 39.00 -6.42 12.82
CA PRO R 72 39.42 -5.38 13.77
C PRO R 72 40.34 -4.31 13.21
N GLY R 73 41.18 -4.64 12.22
CA GLY R 73 42.05 -3.62 11.71
C GLY R 73 41.53 -2.88 10.49
N LYS R 74 40.54 -3.45 9.81
CA LYS R 74 40.25 -3.10 8.43
C LYS R 74 38.89 -2.46 8.30
N THR R 75 38.86 -1.21 7.77
CA THR R 75 37.66 -0.57 7.25
C THR R 75 38.01 0.00 5.88
N GLU R 76 37.92 -0.82 4.84
CA GLU R 76 38.07 -0.26 3.49
C GLU R 76 36.80 -0.37 2.67
N LEU R 77 35.72 -0.90 3.23
CA LEU R 77 34.40 -0.63 2.69
C LEU R 77 33.90 0.73 3.13
N PHE R 78 34.26 1.16 4.34
CA PHE R 78 33.81 2.46 4.84
C PHE R 78 34.57 3.60 4.19
N ASP R 79 35.88 3.43 3.97
CA ASP R 79 36.69 4.50 3.40
C ASP R 79 36.32 4.77 1.95
N TRP R 80 35.75 3.79 1.26
CA TRP R 80 35.23 4.01 -0.08
C TRP R 80 33.99 4.88 -0.06
N ILE R 81 33.07 4.61 0.87
CA ILE R 81 31.85 5.40 0.92
C ILE R 81 32.05 6.73 1.65
N ASN R 82 33.12 6.87 2.43
CA ASN R 82 33.40 8.13 3.08
C ASN R 82 34.01 9.15 2.13
N SER R 83 34.60 8.70 1.04
CA SER R 83 35.28 9.58 0.09
C SER R 83 34.33 10.29 -0.85
N ILE R 84 33.02 10.13 -0.69
CA ILE R 84 32.07 10.82 -1.55
C ILE R 84 32.06 12.30 -1.20
N GLN R 85 32.66 13.11 -2.06
CA GLN R 85 32.39 14.53 -2.12
C GLN R 85 31.46 14.69 -3.30
N LEU R 86 30.91 15.91 -3.46
CA LEU R 86 29.54 16.20 -3.90
C LEU R 86 28.97 15.19 -4.90
N ASN R 87 29.53 15.04 -6.09
CA ASN R 87 29.16 13.97 -7.00
C ASN R 87 30.35 13.14 -7.42
N GLN R 88 31.51 13.40 -6.84
CA GLN R 88 32.76 12.78 -7.25
C GLN R 88 33.07 11.64 -6.30
N VAL R 89 33.10 10.43 -6.84
CA VAL R 89 33.50 9.23 -6.12
C VAL R 89 34.34 8.41 -7.09
N GLU R 90 35.24 7.60 -6.56
CA GLU R 90 35.98 6.69 -7.41
C GLU R 90 35.13 5.47 -7.68
N LYS R 91 34.72 5.28 -8.93
CA LYS R 91 34.02 4.08 -9.34
C LYS R 91 35.03 3.02 -9.73
N LYS R 92 34.73 1.77 -9.43
CA LYS R 92 35.64 0.69 -9.73
C LYS R 92 34.85 -0.56 -10.08
N ASP R 93 35.53 -1.49 -10.74
CA ASP R 93 34.89 -2.68 -11.28
C ASP R 93 34.93 -3.81 -10.26
N ILE R 94 33.79 -4.48 -10.12
CA ILE R 94 33.63 -5.60 -9.20
C ILE R 94 33.48 -6.85 -10.04
N THR R 95 34.22 -7.90 -9.69
CA THR R 95 34.11 -9.19 -10.36
C THR R 95 33.80 -10.27 -9.34
N ILE R 96 32.71 -10.99 -9.55
CA ILE R 96 32.41 -12.19 -8.79
C ILE R 96 32.81 -13.39 -9.62
N SER R 97 33.29 -14.45 -8.97
CA SER R 97 33.83 -15.58 -9.70
C SER R 97 33.67 -16.84 -8.87
N LEU R 98 32.82 -17.75 -9.34
CA LEU R 98 32.69 -19.06 -8.70
C LEU R 98 33.95 -19.88 -8.95
N THR R 99 34.53 -20.42 -7.88
CA THR R 99 35.78 -21.16 -7.95
C THR R 99 35.63 -22.56 -7.38
N ASN R 100 36.71 -23.32 -7.48
CA ASN R 100 36.82 -24.62 -6.83
C ASN R 100 37.34 -24.44 -5.41
N ASP R 101 37.57 -25.56 -4.72
CA ASP R 101 38.15 -25.52 -3.39
C ASP R 101 39.60 -25.08 -3.47
N ALA R 102 39.96 -24.09 -2.65
CA ALA R 102 41.26 -23.41 -2.68
C ALA R 102 41.56 -22.88 -4.08
N GLY R 103 40.76 -21.86 -4.45
CA GLY R 103 40.56 -21.44 -5.83
C GLY R 103 41.78 -21.05 -6.63
N THR R 104 42.18 -21.95 -7.52
CA THR R 104 43.18 -21.70 -8.53
C THR R 104 42.57 -21.77 -9.93
N GLU R 105 41.25 -21.85 -10.01
CA GLU R 105 40.57 -22.15 -11.26
C GLU R 105 39.17 -21.59 -11.17
N LEU R 106 38.80 -20.71 -12.08
CA LEU R 106 37.47 -20.12 -12.08
C LEU R 106 36.53 -20.97 -12.90
N LEU R 107 35.27 -21.02 -12.48
CA LEU R 107 34.25 -21.77 -13.21
C LEU R 107 33.27 -20.85 -13.94
N MET R 108 32.84 -19.77 -13.30
CA MET R 108 32.03 -18.75 -13.90
C MET R 108 32.53 -17.39 -13.43
N THR R 109 32.19 -16.34 -14.16
CA THR R 109 32.64 -15.01 -13.81
C THR R 109 31.58 -13.99 -14.18
N TRP R 110 31.22 -13.13 -13.23
CA TRP R 110 30.38 -11.97 -13.47
C TRP R 110 31.24 -10.72 -13.37
N ASN R 111 30.92 -9.73 -14.19
CA ASN R 111 31.68 -8.49 -14.21
C ASN R 111 30.72 -7.32 -14.08
N VAL R 112 31.02 -6.40 -13.17
CA VAL R 112 30.22 -5.21 -12.95
C VAL R 112 31.09 -4.00 -13.24
N SER R 113 30.53 -3.04 -13.96
CA SER R 113 31.26 -1.85 -14.38
C SER R 113 30.76 -0.64 -13.61
N ASN R 114 31.71 0.24 -13.25
CA ASN R 114 31.43 1.58 -12.70
C ASN R 114 30.61 1.54 -11.43
N ALA R 115 30.90 0.59 -10.55
CA ALA R 115 30.15 0.48 -9.30
C ALA R 115 30.66 1.50 -8.29
N PHE R 116 29.73 2.16 -7.61
CA PHE R 116 30.05 3.14 -6.59
C PHE R 116 29.11 2.94 -5.41
N PRO R 117 29.54 3.25 -4.19
CA PRO R 117 28.74 2.86 -3.02
C PRO R 117 27.66 3.86 -2.63
N THR R 118 26.50 3.31 -2.32
CA THR R 118 25.46 3.99 -1.56
C THR R 118 25.13 3.09 -0.37
N SER R 119 24.71 3.70 0.74
CA SER R 119 24.05 2.99 1.84
C SER R 119 24.91 1.88 2.47
N LEU R 120 26.00 2.28 3.11
CA LEU R 120 26.73 1.34 3.97
C LEU R 120 25.95 1.14 5.27
N THR R 121 25.69 -0.12 5.61
CA THR R 121 24.87 -0.46 6.76
C THR R 121 25.76 -0.93 7.90
N SER R 122 25.67 -0.27 9.04
CA SER R 122 26.41 -0.58 10.25
C SER R 122 25.80 -1.80 10.93
N PRO R 123 26.58 -2.53 11.73
CA PRO R 123 26.02 -3.68 12.45
C PRO R 123 25.03 -3.26 13.52
N SER R 124 24.10 -4.17 13.81
CA SER R 124 23.10 -3.95 14.85
C SER R 124 23.65 -4.51 16.15
N PHE R 125 24.12 -3.62 17.02
CA PHE R 125 24.65 -4.04 18.31
C PHE R 125 23.52 -4.53 19.19
N ASP R 126 23.76 -5.66 19.86
CA ASP R 126 22.66 -6.43 20.43
C ASP R 126 23.25 -7.28 21.54
N ALA R 127 22.87 -7.02 22.78
CA ALA R 127 23.54 -7.66 23.91
C ALA R 127 23.14 -9.11 24.09
N THR R 128 22.06 -9.56 23.45
CA THR R 128 21.57 -10.92 23.60
C THR R 128 21.63 -11.64 22.25
N SER R 129 22.74 -11.49 21.55
CA SER R 129 22.88 -12.12 20.25
C SER R 129 24.27 -12.75 20.15
N ASN R 130 24.31 -13.91 19.49
CA ASN R 130 25.53 -14.68 19.31
C ASN R 130 26.10 -14.55 17.91
N ASP R 131 26.05 -13.35 17.33
CA ASP R 131 26.42 -13.18 15.94
C ASP R 131 27.68 -12.33 15.80
N ILE R 132 28.24 -12.37 14.59
CA ILE R 132 29.34 -11.50 14.21
C ILE R 132 28.78 -10.16 13.73
N ALA R 133 29.53 -9.09 13.99
CA ALA R 133 29.24 -7.79 13.39
C ALA R 133 29.42 -7.85 11.89
N VAL R 134 28.32 -7.71 11.15
CA VAL R 134 28.34 -7.73 9.70
C VAL R 134 27.93 -6.38 9.16
N GLN R 135 28.36 -6.08 7.94
CA GLN R 135 28.02 -4.86 7.24
C GLN R 135 27.59 -5.17 5.83
N GLU R 136 26.51 -4.53 5.39
CA GLU R 136 26.15 -4.55 3.98
C GLU R 136 26.53 -3.22 3.35
N ILE R 137 27.19 -3.28 2.20
CA ILE R 137 27.36 -2.13 1.34
C ILE R 137 26.50 -2.36 0.11
N THR R 138 25.92 -1.30 -0.42
CA THR R 138 25.07 -1.39 -1.59
C THR R 138 25.77 -0.65 -2.72
N LEU R 139 25.76 -1.22 -3.91
CA LEU R 139 26.43 -0.61 -5.03
C LEU R 139 25.44 -0.38 -6.16
N MET R 140 25.50 0.80 -6.75
CA MET R 140 24.79 1.07 -7.99
C MET R 140 25.79 1.02 -9.13
N ALA R 141 25.41 0.34 -10.22
CA ALA R 141 26.34 0.15 -11.32
C ALA R 141 25.56 -0.04 -12.61
N ASP R 142 26.30 -0.41 -13.65
CA ASP R 142 25.75 -0.73 -14.96
C ASP R 142 26.53 -1.91 -15.52
N ARG R 143 25.90 -2.61 -16.47
CA ARG R 143 26.51 -3.66 -17.28
C ARG R 143 27.06 -4.80 -16.42
N VAL R 144 26.14 -5.61 -15.92
CA VAL R 144 26.49 -6.96 -15.52
C VAL R 144 26.63 -7.80 -16.78
N ILE R 145 27.79 -8.41 -16.95
CA ILE R 145 27.99 -9.43 -17.97
C ILE R 145 28.49 -10.69 -17.29
N MET R 146 28.13 -11.83 -17.86
CA MET R 146 28.49 -13.13 -17.32
C MET R 146 29.43 -13.82 -18.31
N GLN R 147 30.60 -14.22 -17.82
CA GLN R 147 31.63 -14.81 -18.65
C GLN R 147 31.81 -16.28 -18.31
N ALA R 148 31.94 -17.09 -19.34
CA ALA R 148 32.22 -18.51 -19.12
C ALA R 148 33.70 -18.69 -18.80
N VAL R 149 33.96 -19.30 -17.64
CA VAL R 149 35.30 -19.60 -17.12
C VAL R 149 36.18 -18.37 -17.00
N SER S 2 -27.25 -18.32 -19.11
CA SER S 2 -26.90 -19.08 -20.30
C SER S 2 -27.14 -18.30 -21.60
N THR S 3 -26.37 -17.25 -21.83
CA THR S 3 -26.50 -16.48 -23.06
C THR S 3 -25.77 -17.19 -24.20
N SER S 4 -26.48 -17.40 -25.31
CA SER S 4 -25.89 -17.96 -26.50
C SER S 4 -24.95 -16.95 -27.15
N THR S 5 -24.03 -17.46 -27.98
CA THR S 5 -23.02 -16.59 -28.57
C THR S 5 -23.56 -15.75 -29.72
N SER S 6 -24.70 -16.13 -30.29
CA SER S 6 -25.35 -15.29 -31.28
C SER S 6 -26.28 -14.26 -30.66
N GLN S 7 -26.64 -14.44 -29.38
CA GLN S 7 -27.41 -13.43 -28.69
C GLN S 7 -26.53 -12.24 -28.31
N ILE S 8 -25.25 -12.50 -28.00
CA ILE S 8 -24.32 -11.43 -27.65
C ILE S 8 -24.04 -10.53 -28.84
N ALA S 9 -24.07 -11.10 -30.06
CA ALA S 9 -23.88 -10.31 -31.27
C ALA S 9 -25.04 -9.35 -31.53
N VAL S 10 -26.21 -9.59 -30.95
CA VAL S 10 -27.37 -8.74 -31.17
C VAL S 10 -27.60 -7.80 -30.00
N GLU S 11 -27.41 -8.26 -28.77
CA GLU S 11 -27.82 -7.49 -27.60
C GLU S 11 -26.70 -6.72 -26.92
N TYR S 12 -25.49 -7.06 -27.15
CA TYR S 12 -24.48 -6.50 -26.25
C TYR S 12 -23.81 -5.28 -26.87
N PRO S 13 -23.32 -4.35 -26.06
CA PRO S 13 -22.63 -3.18 -26.60
C PRO S 13 -21.30 -3.55 -27.24
N ILE S 14 -20.80 -2.64 -28.07
CA ILE S 14 -19.63 -2.88 -28.91
C ILE S 14 -18.42 -2.29 -28.23
N PRO S 15 -17.34 -3.04 -28.05
CA PRO S 15 -16.12 -2.46 -27.47
C PRO S 15 -15.36 -1.61 -28.49
N VAL S 16 -14.72 -0.55 -27.99
CA VAL S 16 -14.11 0.45 -28.86
C VAL S 16 -12.80 0.04 -29.49
N TYR S 17 -12.07 -0.91 -28.90
CA TYR S 17 -10.65 -1.03 -29.20
C TYR S 17 -10.35 -1.70 -30.53
N ARG S 18 -11.34 -2.31 -31.17
CA ARG S 18 -11.12 -3.00 -32.44
C ARG S 18 -11.79 -2.18 -33.54
N PHE S 19 -10.99 -1.52 -34.37
CA PHE S 19 -11.54 -0.64 -35.39
C PHE S 19 -10.61 -0.59 -36.59
N ILE S 20 -11.17 -0.24 -37.74
CA ILE S 20 -10.44 -0.09 -38.99
C ILE S 20 -10.60 1.33 -39.48
N VAL S 21 -9.48 1.99 -39.75
CA VAL S 21 -9.47 3.33 -40.32
C VAL S 21 -8.97 3.23 -41.75
N SER S 22 -9.64 3.91 -42.67
CA SER S 22 -9.32 3.83 -44.09
C SER S 22 -9.30 5.23 -44.68
N VAL S 23 -8.12 5.71 -45.04
CA VAL S 23 -7.92 7.08 -45.49
C VAL S 23 -7.85 7.07 -47.01
N GLY S 24 -8.95 7.39 -47.67
CA GLY S 24 -8.97 7.39 -49.12
C GLY S 24 -8.99 5.97 -49.65
N ASP S 25 -8.08 5.66 -50.57
CA ASP S 25 -7.96 4.29 -51.05
C ASP S 25 -7.13 3.44 -50.10
N GLU S 26 -6.20 4.04 -49.38
CA GLU S 26 -5.39 3.32 -48.43
C GLU S 26 -6.20 2.94 -47.19
N LYS S 27 -5.78 1.86 -46.54
CA LYS S 27 -6.18 1.60 -45.16
C LYS S 27 -4.91 1.48 -44.32
N ILE S 28 -4.86 2.21 -43.23
CA ILE S 28 -3.66 2.26 -42.41
C ILE S 28 -4.03 2.05 -40.95
N PRO S 29 -3.22 1.30 -40.19
CA PRO S 29 -3.56 1.02 -38.79
C PRO S 29 -3.27 2.23 -37.90
N PHE S 30 -4.26 2.61 -37.10
CA PHE S 30 -4.14 3.76 -36.23
C PHE S 30 -4.25 3.34 -34.77
N ASN S 31 -3.61 4.11 -33.90
CA ASN S 31 -3.64 3.80 -32.48
C ASN S 31 -4.92 4.30 -31.84
N SER S 32 -5.36 5.51 -32.18
CA SER S 32 -6.58 6.05 -31.62
C SER S 32 -7.16 7.09 -32.58
N VAL S 33 -8.48 7.24 -32.52
CA VAL S 33 -9.23 8.24 -33.29
C VAL S 33 -10.05 9.06 -32.29
N SER S 34 -10.05 10.37 -32.46
CA SER S 34 -10.73 11.26 -31.53
C SER S 34 -11.54 12.31 -32.28
N GLY S 35 -12.37 13.03 -31.53
CA GLY S 35 -13.21 14.06 -32.15
C GLY S 35 -14.43 13.42 -32.80
N LEU S 36 -14.68 13.81 -34.05
CA LEU S 36 -15.58 13.12 -34.97
C LEU S 36 -17.04 13.21 -34.52
N ASP S 37 -17.43 14.36 -34.00
CA ASP S 37 -18.78 14.51 -33.49
C ASP S 37 -19.54 15.59 -34.24
N ILE S 38 -20.86 15.42 -34.31
CA ILE S 38 -21.76 16.42 -34.86
C ILE S 38 -21.95 17.52 -33.82
N SER S 39 -22.31 18.72 -34.27
CA SER S 39 -22.64 19.83 -33.37
C SER S 39 -23.47 20.85 -34.12
N TYR S 40 -24.27 21.61 -33.38
CA TYR S 40 -25.12 22.63 -33.98
C TYR S 40 -25.18 23.84 -33.05
N ASP S 41 -25.06 25.03 -33.64
CA ASP S 41 -25.40 26.23 -32.93
C ASP S 41 -26.91 26.31 -32.74
N THR S 42 -27.35 27.03 -31.73
CA THR S 42 -28.77 27.18 -31.45
C THR S 42 -29.17 28.62 -31.63
N ILE S 43 -30.27 28.84 -32.33
CA ILE S 43 -30.82 30.17 -32.55
C ILE S 43 -32.01 30.34 -31.64
N GLU S 44 -32.04 31.45 -30.90
CA GLU S 44 -33.08 31.71 -29.92
C GLU S 44 -33.77 33.04 -30.22
N TYR S 45 -35.05 32.99 -30.53
CA TYR S 45 -35.89 34.18 -30.65
C TYR S 45 -36.76 34.29 -29.43
N ARG S 46 -37.01 35.51 -29.00
CA ARG S 46 -37.75 35.76 -27.77
C ARG S 46 -38.42 37.11 -27.94
N ASP S 47 -39.75 37.13 -27.88
CA ASP S 47 -40.46 38.39 -28.03
C ASP S 47 -41.21 38.74 -26.76
N GLY S 48 -41.95 39.84 -26.80
CA GLY S 48 -42.44 40.46 -25.59
C GLY S 48 -43.64 39.77 -24.96
N VAL S 49 -44.40 39.01 -25.74
CA VAL S 49 -45.58 38.39 -25.16
C VAL S 49 -45.23 37.13 -24.37
N GLY S 50 -44.01 36.62 -24.50
CA GLY S 50 -43.57 35.56 -23.61
C GLY S 50 -43.07 34.29 -24.27
N ASN S 51 -43.43 34.06 -25.52
CA ASN S 51 -43.03 32.82 -26.18
C ASN S 51 -41.58 32.88 -26.62
N TRP S 52 -40.91 31.74 -26.50
CA TRP S 52 -39.47 31.63 -26.67
C TRP S 52 -39.20 30.52 -27.65
N PHE S 53 -38.67 30.87 -28.83
CA PHE S 53 -38.41 29.92 -29.88
C PHE S 53 -36.95 29.48 -29.82
N LYS S 54 -36.73 28.18 -29.77
CA LYS S 54 -35.39 27.61 -29.87
C LYS S 54 -35.32 26.78 -31.15
N MET S 55 -34.25 26.97 -31.91
CA MET S 55 -34.08 26.34 -33.20
C MET S 55 -32.69 25.75 -33.32
N PRO S 56 -32.53 24.67 -34.09
CA PRO S 56 -31.19 24.28 -34.50
C PRO S 56 -30.68 25.26 -35.55
N GLY S 57 -29.41 25.60 -35.46
CA GLY S 57 -28.90 26.59 -36.37
C GLY S 57 -27.82 26.10 -37.30
N GLN S 58 -26.81 26.94 -37.45
CA GLN S 58 -25.71 26.68 -38.35
C GLN S 58 -24.84 25.54 -37.82
N SER S 59 -24.53 24.59 -38.69
CA SER S 59 -23.70 23.45 -38.31
C SER S 59 -22.26 23.89 -38.05
N GLN S 60 -21.54 23.10 -37.26
CA GLN S 60 -20.16 23.39 -36.93
C GLN S 60 -19.22 22.49 -37.72
N SER S 61 -17.99 22.96 -37.92
CA SER S 61 -17.02 22.21 -38.70
C SER S 61 -16.46 21.06 -37.89
N THR S 62 -16.26 19.93 -38.56
CA THR S 62 -15.83 18.71 -37.91
C THR S 62 -14.30 18.65 -37.87
N ASN S 63 -13.76 18.42 -36.67
CA ASN S 63 -12.32 18.34 -36.48
C ASN S 63 -11.97 17.01 -35.83
N ILE S 64 -11.17 16.20 -36.52
CA ILE S 64 -10.83 14.84 -36.13
C ILE S 64 -9.33 14.78 -35.83
N THR S 65 -8.95 13.94 -34.85
CA THR S 65 -7.54 13.74 -34.51
C THR S 65 -7.23 12.26 -34.53
N LEU S 66 -6.38 11.84 -35.45
CA LEU S 66 -5.94 10.46 -35.58
C LEU S 66 -4.52 10.32 -35.04
N ARG S 67 -4.27 9.29 -34.25
CA ARG S 67 -2.99 9.08 -33.60
C ARG S 67 -2.36 7.78 -34.08
N LYS S 68 -1.06 7.79 -34.33
CA LYS S 68 -0.40 6.68 -35.01
C LYS S 68 1.08 6.66 -34.63
N GLY S 69 1.62 5.47 -34.41
CA GLY S 69 3.02 5.33 -34.10
C GLY S 69 3.91 5.44 -35.33
N VAL S 70 5.17 5.76 -35.09
CA VAL S 70 6.15 5.97 -36.17
C VAL S 70 6.81 4.66 -36.52
N PHE S 71 6.70 4.26 -37.77
CA PHE S 71 7.22 3.03 -38.32
C PHE S 71 8.38 3.33 -39.27
N PRO S 72 9.36 2.43 -39.40
CA PRO S 72 10.66 2.86 -39.95
C PRO S 72 10.67 3.14 -41.44
N GLY S 73 9.85 2.46 -42.24
CA GLY S 73 9.87 2.74 -43.66
C GLY S 73 8.87 3.76 -44.13
N LYS S 74 7.83 4.02 -43.33
CA LYS S 74 6.59 4.60 -43.81
C LYS S 74 6.37 5.98 -43.22
N THR S 75 6.26 7.00 -44.09
CA THR S 75 5.70 8.32 -43.76
C THR S 75 4.68 8.65 -44.84
N GLU S 76 3.44 8.19 -44.68
CA GLU S 76 2.40 8.66 -45.60
C GLU S 76 1.33 9.47 -44.90
N LEU S 77 1.45 9.69 -43.60
CA LEU S 77 0.74 10.80 -42.97
C LEU S 77 1.45 12.11 -43.21
N PHE S 78 2.79 12.09 -43.28
CA PHE S 78 3.54 13.31 -43.51
C PHE S 78 3.46 13.77 -44.96
N ASP S 79 3.49 12.83 -45.91
CA ASP S 79 3.46 13.20 -47.32
C ASP S 79 2.12 13.78 -47.73
N TRP S 80 1.06 13.46 -46.99
CA TRP S 80 -0.23 14.09 -47.23
C TRP S 80 -0.22 15.54 -46.79
N ILE S 81 0.35 15.84 -45.63
CA ILE S 81 0.37 17.22 -45.15
C ILE S 81 1.50 18.02 -45.79
N ASN S 82 2.49 17.36 -46.37
CA ASN S 82 3.55 18.09 -47.06
C ASN S 82 3.12 18.57 -48.43
N SER S 83 2.10 17.96 -49.01
CA SER S 83 1.65 18.30 -50.36
C SER S 83 0.77 19.54 -50.41
N ILE S 84 0.58 20.24 -49.29
CA ILE S 84 -0.22 21.45 -49.29
C ILE S 84 0.56 22.56 -49.99
N GLN S 85 0.15 22.87 -51.22
CA GLN S 85 0.46 24.14 -51.84
C GLN S 85 -0.79 24.99 -51.68
N LEU S 86 -0.69 26.27 -52.02
CA LEU S 86 -1.31 27.42 -51.33
C LEU S 86 -2.67 27.10 -50.71
N ASN S 87 -3.70 26.75 -51.46
CA ASN S 87 -4.95 26.26 -50.90
C ASN S 87 -5.33 24.91 -51.48
N GLN S 88 -4.45 24.31 -52.26
CA GLN S 88 -4.73 23.09 -52.99
C GLN S 88 -4.14 21.91 -52.22
N VAL S 89 -5.02 21.03 -51.76
CA VAL S 89 -4.61 19.79 -51.11
C VAL S 89 -5.58 18.73 -51.62
N GLU S 90 -5.14 17.48 -51.64
CA GLU S 90 -6.03 16.39 -51.97
C GLU S 90 -6.84 16.02 -50.74
N LYS S 91 -8.14 16.27 -50.79
CA LYS S 91 -9.05 15.84 -49.75
C LYS S 91 -9.52 14.42 -50.04
N LYS S 92 -9.69 13.63 -48.99
CA LYS S 92 -10.08 12.25 -49.15
C LYS S 92 -10.97 11.84 -47.99
N ASP S 93 -11.71 10.76 -48.21
CA ASP S 93 -12.72 10.31 -47.26
C ASP S 93 -12.12 9.32 -46.27
N ILE S 94 -12.44 9.50 -45.00
CA ILE S 94 -11.96 8.67 -43.91
C ILE S 94 -13.15 7.88 -43.39
N THR S 95 -12.99 6.57 -43.23
CA THR S 95 -14.03 5.74 -42.66
C THR S 95 -13.48 5.00 -41.44
N ILE S 96 -14.14 5.16 -40.30
CA ILE S 96 -13.86 4.36 -39.12
C ILE S 96 -14.91 3.27 -39.05
N SER S 97 -14.52 2.10 -38.57
CA SER S 97 -15.43 0.95 -38.59
C SER S 97 -15.08 0.01 -37.44
N LEU S 98 -15.98 -0.10 -36.47
CA LEU S 98 -15.82 -1.09 -35.40
C LEU S 98 -16.01 -2.49 -35.96
N THR S 99 -15.06 -3.38 -35.69
CA THR S 99 -15.08 -4.73 -36.23
C THR S 99 -15.01 -5.76 -35.11
N ASN S 100 -15.09 -7.02 -35.51
CA ASN S 100 -14.86 -8.15 -34.62
C ASN S 100 -13.38 -8.49 -34.59
N ASP S 101 -13.03 -9.55 -33.86
CA ASP S 101 -11.65 -10.02 -33.84
C ASP S 101 -11.28 -10.61 -35.18
N ALA S 102 -10.14 -10.16 -35.73
CA ALA S 102 -9.67 -10.46 -37.08
C ALA S 102 -10.74 -10.10 -38.11
N GLY S 103 -10.95 -8.79 -38.23
CA GLY S 103 -12.13 -8.21 -38.82
C GLY S 103 -12.49 -8.60 -40.23
N THR S 104 -13.50 -9.45 -40.34
CA THR S 104 -14.14 -9.80 -41.60
C THR S 104 -15.59 -9.33 -41.61
N GLU S 105 -15.98 -8.53 -40.63
CA GLU S 105 -17.38 -8.21 -40.40
C GLU S 105 -17.43 -6.89 -39.65
N LEU S 106 -18.10 -5.90 -40.21
CA LEU S 106 -18.20 -4.60 -39.56
C LEU S 106 -19.44 -4.57 -38.68
N LEU S 107 -19.35 -3.84 -37.57
CA LEU S 107 -20.47 -3.70 -36.65
C LEU S 107 -21.09 -2.30 -36.73
N MET S 108 -20.26 -1.27 -36.78
CA MET S 108 -20.68 0.10 -36.99
C MET S 108 -19.72 0.76 -37.95
N THR S 109 -20.16 1.87 -38.55
CA THR S 109 -19.32 2.56 -39.52
C THR S 109 -19.59 4.05 -39.45
N TRP S 110 -18.54 4.83 -39.33
CA TRP S 110 -18.58 6.28 -39.45
C TRP S 110 -17.92 6.68 -40.76
N ASN S 111 -18.45 7.73 -41.38
CA ASN S 111 -17.92 8.20 -42.67
C ASN S 111 -17.65 9.70 -42.56
N VAL S 112 -16.46 10.10 -42.97
CA VAL S 112 -16.07 11.51 -42.98
C VAL S 112 -15.79 11.91 -44.42
N SER S 113 -16.28 13.07 -44.82
CA SER S 113 -16.14 13.56 -46.18
C SER S 113 -15.17 14.73 -46.23
N ASN S 114 -14.36 14.76 -47.28
CA ASN S 114 -13.51 15.90 -47.65
C ASN S 114 -12.52 16.27 -46.54
N ALA S 115 -11.93 15.28 -45.89
CA ALA S 115 -10.97 15.55 -44.84
C ALA S 115 -9.61 15.89 -45.41
N PHE S 116 -8.99 16.93 -44.86
CA PHE S 116 -7.67 17.37 -45.28
C PHE S 116 -6.85 17.70 -44.04
N PRO S 117 -5.53 17.54 -44.09
CA PRO S 117 -4.74 17.64 -42.85
C PRO S 117 -4.31 19.04 -42.48
N THR S 118 -4.46 19.33 -41.19
CA THR S 118 -3.77 20.43 -40.54
C THR S 118 -3.01 19.84 -39.35
N SER S 119 -1.90 20.46 -38.98
CA SER S 119 -1.24 20.23 -37.69
C SER S 119 -0.81 18.77 -37.46
N LEU S 120 0.14 18.31 -38.26
CA LEU S 120 0.81 17.05 -37.96
C LEU S 120 1.79 17.27 -36.80
N THR S 121 1.66 16.43 -35.78
CA THR S 121 2.45 16.58 -34.55
C THR S 121 3.56 15.53 -34.52
N SER S 122 4.79 16.00 -34.41
CA SER S 122 5.98 15.16 -34.35
C SER S 122 6.11 14.56 -32.95
N PRO S 123 6.80 13.41 -32.83
CA PRO S 123 7.00 12.82 -31.50
C PRO S 123 7.89 13.66 -30.62
N SER S 124 7.68 13.53 -29.31
CA SER S 124 8.49 14.23 -28.32
C SER S 124 9.63 13.33 -27.93
N PHE S 125 10.82 13.62 -28.46
CA PHE S 125 12.00 12.83 -28.16
C PHE S 125 12.42 13.09 -26.73
N ASP S 126 12.74 12.02 -26.01
CA ASP S 126 12.80 12.05 -24.56
C ASP S 126 13.68 10.91 -24.10
N ALA S 127 14.83 11.23 -23.52
CA ALA S 127 15.83 10.22 -23.24
C ALA S 127 15.47 9.33 -22.06
N THR S 128 14.51 9.75 -21.24
CA THR S 128 14.11 9.00 -20.06
C THR S 128 12.66 8.56 -20.18
N SER S 129 12.30 8.03 -21.33
CA SER S 129 10.93 7.57 -21.56
C SER S 129 10.95 6.23 -22.26
N ASN S 130 10.01 5.37 -21.88
CA ASN S 130 9.87 4.03 -22.41
C ASN S 130 8.74 3.92 -23.42
N ASP S 131 8.57 4.91 -24.27
CA ASP S 131 7.41 4.95 -25.15
C ASP S 131 7.82 4.81 -26.61
N ILE S 132 6.82 4.55 -27.44
CA ILE S 132 6.96 4.55 -28.89
C ILE S 132 6.81 5.97 -29.41
N ALA S 133 7.54 6.30 -30.47
CA ALA S 133 7.32 7.53 -31.21
C ALA S 133 5.94 7.53 -31.85
N VAL S 134 5.06 8.41 -31.39
CA VAL S 134 3.72 8.51 -31.92
C VAL S 134 3.54 9.87 -32.58
N GLN S 135 2.60 9.94 -33.51
CA GLN S 135 2.25 11.16 -34.21
C GLN S 135 0.74 11.34 -34.23
N GLU S 136 0.30 12.56 -33.95
CA GLU S 136 -1.10 12.92 -34.18
C GLU S 136 -1.18 13.75 -35.45
N ILE S 137 -2.12 13.40 -36.32
CA ILE S 137 -2.53 14.25 -37.42
C ILE S 137 -3.94 14.74 -37.09
N THR S 138 -4.23 15.98 -37.45
CA THR S 138 -5.52 16.58 -37.21
C THR S 138 -6.19 16.82 -38.56
N LEU S 139 -7.47 16.50 -38.66
CA LEU S 139 -8.18 16.64 -39.91
C LEU S 139 -9.37 17.57 -39.72
N MET S 140 -9.55 18.49 -40.65
CA MET S 140 -10.77 19.27 -40.72
C MET S 140 -11.62 18.71 -41.85
N ALA S 141 -12.91 18.54 -41.58
CA ALA S 141 -13.78 17.92 -42.56
C ALA S 141 -15.22 18.39 -42.34
N ASP S 142 -16.13 17.74 -43.05
CA ASP S 142 -17.56 17.98 -42.95
C ASP S 142 -18.27 16.63 -43.06
N ARG S 143 -19.49 16.60 -42.53
CA ARG S 143 -20.43 15.49 -42.70
C ARG S 143 -19.87 14.17 -42.14
N VAL S 144 -19.86 14.10 -40.82
CA VAL S 144 -19.82 12.80 -40.16
C VAL S 144 -21.20 12.19 -40.25
N ILE S 145 -21.29 11.00 -40.83
CA ILE S 145 -22.50 10.20 -40.76
C ILE S 145 -22.15 8.84 -40.18
N MET S 146 -23.10 8.26 -39.47
CA MET S 146 -22.92 6.99 -38.80
C MET S 146 -23.83 5.96 -39.47
N GLN S 147 -23.25 4.86 -39.93
CA GLN S 147 -23.97 3.84 -40.66
C GLN S 147 -24.06 2.57 -39.83
N ALA S 148 -25.24 1.96 -39.84
CA ALA S 148 -25.41 0.67 -39.16
C ALA S 148 -24.83 -0.44 -40.03
N VAL S 149 -23.90 -1.19 -39.45
CA VAL S 149 -23.20 -2.32 -40.08
C VAL S 149 -22.52 -1.95 -41.39
N SER T 2 -35.26 -1.75 14.16
CA SER T 2 -36.25 -2.57 13.51
C SER T 2 -37.16 -1.80 12.55
N THR T 3 -36.59 -1.28 11.46
CA THR T 3 -37.40 -0.56 10.48
C THR T 3 -38.13 -1.55 9.58
N SER T 4 -39.45 -1.36 9.45
CA SER T 4 -40.26 -2.16 8.55
C SER T 4 -39.96 -1.77 7.10
N THR T 5 -40.28 -2.69 6.18
CA THR T 5 -39.94 -2.45 4.78
C THR T 5 -40.87 -1.46 4.10
N SER T 6 -42.05 -1.20 4.67
CA SER T 6 -42.91 -0.14 4.15
C SER T 6 -42.58 1.21 4.75
N GLN T 7 -41.82 1.25 5.85
CA GLN T 7 -41.36 2.52 6.38
C GLN T 7 -40.22 3.08 5.54
N ILE T 8 -39.39 2.21 4.97
CA ILE T 8 -38.27 2.65 4.12
C ILE T 8 -38.79 3.27 2.84
N ALA T 9 -39.94 2.80 2.35
CA ALA T 9 -40.55 3.38 1.15
C ALA T 9 -41.06 4.79 1.39
N VAL T 10 -41.30 5.18 2.64
CA VAL T 10 -41.81 6.51 2.94
C VAL T 10 -40.72 7.45 3.43
N GLU T 11 -39.79 6.95 4.24
CA GLU T 11 -38.85 7.83 4.92
C GLU T 11 -37.48 7.91 4.27
N TYR T 12 -37.13 6.99 3.44
CA TYR T 12 -35.72 6.95 3.09
C TYR T 12 -35.47 7.65 1.76
N PRO T 13 -34.27 8.21 1.55
CA PRO T 13 -33.97 8.86 0.27
C PRO T 13 -33.89 7.86 -0.87
N ILE T 14 -33.99 8.38 -2.08
CA ILE T 14 -34.10 7.57 -3.29
C ILE T 14 -32.74 7.46 -3.94
N PRO T 15 -32.26 6.25 -4.25
CA PRO T 15 -30.98 6.12 -4.95
C PRO T 15 -31.12 6.46 -6.43
N VAL T 16 -30.06 7.05 -7.00
CA VAL T 16 -30.12 7.59 -8.35
C VAL T 16 -30.04 6.55 -9.47
N TYR T 17 -29.49 5.37 -9.20
CA TYR T 17 -29.01 4.53 -10.29
C TYR T 17 -30.12 3.80 -11.04
N ARG T 18 -31.34 3.78 -10.52
CA ARG T 18 -32.44 3.08 -11.16
C ARG T 18 -33.40 4.12 -11.71
N PHE T 19 -33.43 4.27 -13.04
CA PHE T 19 -34.24 5.31 -13.66
C PHE T 19 -34.68 4.87 -15.05
N ILE T 20 -35.78 5.46 -15.51
CA ILE T 20 -36.34 5.20 -16.84
C ILE T 20 -36.35 6.51 -17.61
N VAL T 21 -35.76 6.50 -18.80
CA VAL T 21 -35.79 7.65 -19.71
C VAL T 21 -36.68 7.29 -20.88
N SER T 22 -37.55 8.23 -21.26
CA SER T 22 -38.52 7.98 -22.32
C SER T 22 -38.54 9.17 -23.26
N VAL T 23 -38.06 8.99 -24.48
CA VAL T 23 -37.87 10.06 -25.45
C VAL T 23 -39.03 10.00 -26.43
N GLY T 24 -40.03 10.85 -26.21
CA GLY T 24 -41.19 10.84 -27.10
C GLY T 24 -42.06 9.64 -26.83
N ASP T 25 -42.41 8.91 -27.88
CA ASP T 25 -43.15 7.67 -27.72
C ASP T 25 -42.24 6.51 -27.34
N GLU T 26 -40.98 6.56 -27.77
CA GLU T 26 -40.03 5.51 -27.44
C GLU T 26 -39.61 5.61 -25.99
N LYS T 27 -39.20 4.47 -25.42
CA LYS T 27 -38.42 4.46 -24.20
C LYS T 27 -37.13 3.70 -24.49
N ILE T 28 -36.00 4.31 -24.14
CA ILE T 28 -34.71 3.73 -24.48
C ILE T 28 -33.81 3.74 -23.25
N PRO T 29 -33.02 2.69 -23.01
CA PRO T 29 -32.18 2.63 -21.81
C PRO T 29 -30.95 3.51 -21.96
N PHE T 30 -30.72 4.36 -20.96
CA PHE T 30 -29.61 5.29 -20.96
C PHE T 30 -28.66 4.98 -19.83
N ASN T 31 -27.39 5.31 -20.04
CA ASN T 31 -26.38 5.08 -19.01
C ASN T 31 -26.40 6.17 -17.95
N SER T 32 -26.51 7.43 -18.37
CA SER T 32 -26.56 8.52 -17.41
C SER T 32 -27.29 9.69 -18.03
N VAL T 33 -27.89 10.51 -17.16
CA VAL T 33 -28.57 11.74 -17.54
C VAL T 33 -27.97 12.87 -16.70
N SER T 34 -27.67 13.99 -17.34
CA SER T 34 -27.03 15.11 -16.66
C SER T 34 -27.72 16.43 -17.01
N GLY T 35 -27.34 17.47 -16.29
CA GLY T 35 -27.94 18.78 -16.52
C GLY T 35 -29.29 18.86 -15.84
N LEU T 36 -30.29 19.32 -16.59
CA LEU T 36 -31.72 19.19 -16.26
C LEU T 36 -32.11 20.03 -15.04
N ASP T 37 -31.53 21.21 -14.93
CA ASP T 37 -31.80 22.04 -13.75
C ASP T 37 -32.45 23.36 -14.14
N ILE T 38 -33.27 23.87 -13.23
CA ILE T 38 -33.86 25.21 -13.36
C ILE T 38 -32.79 26.24 -13.03
N SER T 39 -32.95 27.46 -13.56
CA SER T 39 -32.07 28.58 -13.23
C SER T 39 -32.78 29.89 -13.56
N TYR T 40 -32.39 30.95 -12.86
CA TYR T 40 -32.98 32.26 -13.08
C TYR T 40 -31.90 33.33 -12.97
N ASP T 41 -31.93 34.28 -13.88
CA ASP T 41 -31.17 35.51 -13.70
C ASP T 41 -31.80 36.33 -12.60
N THR T 42 -31.00 37.19 -11.96
CA THR T 42 -31.49 38.04 -10.90
C THR T 42 -31.39 39.49 -11.33
N ILE T 43 -32.45 40.24 -11.11
CA ILE T 43 -32.51 41.66 -11.41
C ILE T 43 -32.35 42.43 -10.11
N GLU T 44 -31.44 43.39 -10.10
CA GLU T 44 -31.14 44.15 -8.88
C GLU T 44 -31.31 45.64 -9.15
N TYR T 45 -32.25 46.27 -8.45
CA TYR T 45 -32.42 47.71 -8.44
C TYR T 45 -31.88 48.25 -7.15
N ARG T 46 -31.28 49.43 -7.21
CA ARG T 46 -30.62 50.03 -6.07
C ARG T 46 -30.69 51.53 -6.26
N ASP T 47 -31.34 52.23 -5.34
CA ASP T 47 -31.43 53.67 -5.46
C ASP T 47 -30.72 54.36 -4.31
N GLY T 48 -30.79 55.69 -4.29
CA GLY T 48 -29.91 56.47 -3.46
C GLY T 48 -30.25 56.50 -1.99
N VAL T 49 -31.51 56.24 -1.64
CA VAL T 49 -31.88 56.31 -0.22
C VAL T 49 -31.46 55.06 0.53
N GLY T 50 -31.09 53.99 -0.16
CA GLY T 50 -30.49 52.86 0.51
C GLY T 50 -31.13 51.52 0.28
N ASN T 51 -32.39 51.49 -0.15
CA ASN T 51 -33.09 50.23 -0.32
C ASN T 51 -32.64 49.53 -1.60
N TRP T 52 -32.55 48.21 -1.51
CA TRP T 52 -31.96 47.37 -2.54
C TRP T 52 -32.96 46.27 -2.87
N PHE T 53 -33.49 46.30 -4.10
CA PHE T 53 -34.48 45.34 -4.54
C PHE T 53 -33.80 44.22 -5.31
N LYS T 54 -34.04 42.99 -4.90
CA LYS T 54 -33.60 41.81 -5.63
C LYS T 54 -34.83 41.06 -6.13
N MET T 55 -34.81 40.68 -7.39
CA MET T 55 -35.94 40.05 -8.04
C MET T 55 -35.48 38.83 -8.81
N PRO T 56 -36.34 37.83 -8.97
CA PRO T 56 -36.07 36.80 -9.97
C PRO T 56 -36.32 37.37 -11.35
N GLY T 57 -35.48 37.00 -12.29
CA GLY T 57 -35.63 37.59 -13.59
C GLY T 57 -35.94 36.61 -14.70
N GLN T 58 -35.26 36.81 -15.82
CA GLN T 58 -35.47 36.01 -17.01
C GLN T 58 -34.95 34.61 -16.81
N SER T 59 -35.77 33.62 -17.16
CA SER T 59 -35.39 32.22 -17.02
C SER T 59 -34.28 31.87 -18.01
N GLN T 60 -33.54 30.82 -17.70
CA GLN T 60 -32.45 30.36 -18.55
C GLN T 60 -32.87 29.10 -19.30
N SER T 61 -32.23 28.87 -20.44
CA SER T 61 -32.57 27.73 -21.29
C SER T 61 -31.99 26.45 -20.69
N THR T 62 -32.78 25.38 -20.78
CA THR T 62 -32.41 24.11 -20.18
C THR T 62 -31.59 23.28 -21.15
N ASN T 63 -30.44 22.79 -20.70
CA ASN T 63 -29.54 21.99 -21.52
C ASN T 63 -29.27 20.67 -20.81
N ILE T 64 -29.64 19.56 -21.46
CA ILE T 64 -29.58 18.22 -20.89
C ILE T 64 -28.57 17.40 -21.68
N THR T 65 -27.87 16.50 -21.01
CA THR T 65 -26.91 15.60 -21.66
C THR T 65 -27.24 14.16 -21.28
N LEU T 66 -27.64 13.36 -22.26
CA LEU T 66 -27.94 11.96 -22.07
C LEU T 66 -26.82 11.11 -22.65
N ARG T 67 -26.38 10.10 -21.90
CA ARG T 67 -25.26 9.26 -22.29
C ARG T 67 -25.73 7.81 -22.48
N LYS T 68 -25.21 7.16 -23.52
CA LYS T 68 -25.75 5.86 -23.93
C LYS T 68 -24.69 5.09 -24.69
N GLY T 69 -24.61 3.79 -24.43
CA GLY T 69 -23.66 2.95 -25.14
C GLY T 69 -24.12 2.59 -26.53
N VAL T 70 -23.16 2.21 -27.38
CA VAL T 70 -23.43 1.89 -28.78
C VAL T 70 -23.78 0.42 -28.91
N PHE T 71 -24.95 0.14 -29.45
CA PHE T 71 -25.50 -1.19 -29.63
C PHE T 71 -25.54 -1.53 -31.12
N PRO T 72 -25.39 -2.81 -31.50
CA PRO T 72 -25.02 -3.11 -32.89
C PRO T 72 -26.10 -2.88 -33.93
N GLY T 73 -27.37 -3.04 -33.58
CA GLY T 73 -28.40 -2.82 -34.59
C GLY T 73 -28.98 -1.43 -34.60
N LYS T 74 -28.82 -0.67 -33.53
CA LYS T 74 -29.66 0.48 -33.22
C LYS T 74 -28.87 1.77 -33.27
N THR T 75 -29.31 2.70 -34.13
CA THR T 75 -28.92 4.12 -34.09
C THR T 75 -30.21 4.93 -34.20
N GLU T 76 -30.89 5.17 -33.09
CA GLU T 76 -32.01 6.10 -33.14
C GLU T 76 -31.77 7.35 -32.32
N LEU T 77 -30.60 7.48 -31.69
CA LEU T 77 -30.14 8.80 -31.26
C LEU T 77 -29.54 9.56 -32.43
N PHE T 78 -28.91 8.86 -33.37
CA PHE T 78 -28.30 9.51 -34.51
C PHE T 78 -29.34 9.95 -35.53
N ASP T 79 -30.37 9.12 -35.76
CA ASP T 79 -31.38 9.44 -36.76
C ASP T 79 -32.23 10.63 -36.34
N TRP T 80 -32.31 10.90 -35.03
CA TRP T 80 -32.98 12.10 -34.56
C TRP T 80 -32.18 13.35 -34.89
N ILE T 81 -30.86 13.31 -34.69
CA ILE T 81 -30.05 14.48 -34.97
C ILE T 81 -29.70 14.60 -36.45
N ASN T 82 -29.83 13.52 -37.22
CA ASN T 82 -29.60 13.60 -38.65
C ASN T 82 -30.75 14.24 -39.40
N SER T 83 -31.94 14.24 -38.81
CA SER T 83 -33.13 14.74 -39.48
C SER T 83 -33.24 16.26 -39.42
N ILE T 84 -32.25 16.96 -38.88
CA ILE T 84 -32.28 18.42 -38.84
C ILE T 84 -32.08 18.96 -40.24
N GLN T 85 -33.16 19.44 -40.84
CA GLN T 85 -33.09 20.36 -41.96
C GLN T 85 -33.36 21.73 -41.36
N LEU T 86 -33.16 22.78 -42.16
CA LEU T 86 -32.60 24.09 -41.78
C LEU T 86 -32.92 24.52 -40.35
N ASN T 87 -34.17 24.74 -39.98
CA ASN T 87 -34.54 24.96 -38.59
C ASN T 87 -35.62 24.00 -38.13
N GLN T 88 -35.97 23.03 -38.97
CA GLN T 88 -37.08 22.12 -38.72
C GLN T 88 -36.52 20.82 -38.18
N VAL T 89 -36.88 20.51 -36.94
CA VAL T 89 -36.56 19.24 -36.31
C VAL T 89 -37.80 18.83 -35.53
N GLU T 90 -37.98 17.52 -35.35
CA GLU T 90 -39.07 17.05 -34.49
C GLU T 90 -38.64 17.16 -33.03
N LYS T 91 -39.29 18.04 -32.29
CA LYS T 91 -39.08 18.14 -30.86
C LYS T 91 -39.99 17.15 -30.16
N LYS T 92 -39.50 16.57 -29.07
CA LYS T 92 -40.28 15.59 -28.35
C LYS T 92 -39.96 15.69 -26.87
N ASP T 93 -40.87 15.15 -26.05
CA ASP T 93 -40.79 15.28 -24.61
C ASP T 93 -40.00 14.12 -24.01
N ILE T 94 -39.12 14.46 -23.08
CA ILE T 94 -38.26 13.49 -22.39
C ILE T 94 -38.73 13.43 -20.94
N THR T 95 -38.92 12.23 -20.43
CA THR T 95 -39.28 12.04 -19.03
C THR T 95 -38.27 11.14 -18.35
N ILE T 96 -37.66 11.62 -17.28
CA ILE T 96 -36.84 10.79 -16.42
C ILE T 96 -37.68 10.39 -15.22
N SER T 97 -37.46 9.18 -14.70
CA SER T 97 -38.32 8.67 -13.64
C SER T 97 -37.53 7.69 -12.79
N LEU T 98 -37.26 8.06 -11.54
CA LEU T 98 -36.66 7.13 -10.59
C LEU T 98 -37.63 6.03 -10.23
N THR T 99 -37.20 4.77 -10.34
CA THR T 99 -38.06 3.62 -10.11
C THR T 99 -37.46 2.72 -9.06
N ASN T 100 -38.22 1.67 -8.74
CA ASN T 100 -37.75 0.59 -7.89
C ASN T 100 -37.05 -0.47 -8.73
N ASP T 101 -36.64 -1.56 -8.09
CA ASP T 101 -36.02 -2.67 -8.81
C ASP T 101 -37.07 -3.38 -9.65
N ALA T 102 -36.76 -3.57 -10.94
CA ALA T 102 -37.67 -4.08 -11.96
C ALA T 102 -38.94 -3.22 -12.02
N GLY T 103 -38.73 -1.99 -12.49
CA GLY T 103 -39.64 -0.88 -12.29
C GLY T 103 -41.07 -1.03 -12.76
N THR T 104 -41.95 -1.24 -11.79
CA THR T 104 -43.39 -1.21 -11.99
C THR T 104 -44.02 -0.07 -11.21
N GLU T 105 -43.20 0.82 -10.67
CA GLU T 105 -43.66 1.81 -9.71
C GLU T 105 -42.68 2.97 -9.74
N LEU T 106 -43.16 4.17 -10.05
CA LEU T 106 -42.30 5.34 -10.11
C LEU T 106 -42.25 6.00 -8.75
N LEU T 107 -41.09 6.57 -8.42
CA LEU T 107 -40.92 7.28 -7.16
C LEU T 107 -40.86 8.79 -7.35
N MET T 108 -40.13 9.25 -8.37
CA MET T 108 -40.10 10.65 -8.76
C MET T 108 -40.15 10.71 -10.27
N THR T 109 -40.50 11.88 -10.80
CA THR T 109 -40.61 12.05 -12.25
C THR T 109 -40.22 13.47 -12.62
N TRP T 110 -39.32 13.59 -13.57
CA TRP T 110 -38.99 14.86 -14.21
C TRP T 110 -39.55 14.87 -15.62
N ASN T 111 -40.00 16.03 -16.08
CA ASN T 111 -40.57 16.16 -17.41
C ASN T 111 -39.88 17.30 -18.14
N VAL T 112 -39.45 17.05 -19.36
CA VAL T 112 -38.80 18.04 -20.20
C VAL T 112 -39.66 18.24 -21.44
N SER T 113 -39.87 19.49 -21.82
CA SER T 113 -40.72 19.83 -22.95
C SER T 113 -39.88 20.33 -24.11
N ASN T 114 -40.26 19.94 -25.33
CA ASN T 114 -39.74 20.49 -26.58
C ASN T 114 -38.23 20.29 -26.73
N ALA T 115 -37.73 19.14 -26.33
CA ALA T 115 -36.30 18.89 -26.42
C ALA T 115 -35.93 18.47 -27.84
N PHE T 116 -34.85 19.05 -28.34
CA PHE T 116 -34.33 18.75 -29.67
C PHE T 116 -32.82 18.61 -29.59
N PRO T 117 -32.21 17.80 -30.47
CA PRO T 117 -30.80 17.49 -30.26
C PRO T 117 -29.83 18.47 -30.90
N THR T 118 -28.79 18.79 -30.13
CA THR T 118 -27.57 19.39 -30.64
C THR T 118 -26.43 18.50 -30.18
N SER T 119 -25.35 18.45 -30.96
CA SER T 119 -24.06 17.91 -30.52
C SER T 119 -24.10 16.44 -30.08
N LEU T 120 -24.38 15.55 -31.03
CA LEU T 120 -24.18 14.13 -30.79
C LEU T 120 -22.69 13.82 -30.82
N THR T 121 -22.20 13.17 -29.76
CA THR T 121 -20.78 12.90 -29.60
C THR T 121 -20.51 11.43 -29.91
N SER T 122 -19.62 11.19 -30.86
CA SER T 122 -19.21 9.86 -31.28
C SER T 122 -18.22 9.28 -30.27
N PRO T 123 -18.13 7.94 -30.19
CA PRO T 123 -17.16 7.34 -29.27
C PRO T 123 -15.72 7.62 -29.68
N SER T 124 -14.85 7.60 -28.67
CA SER T 124 -13.41 7.79 -28.89
C SER T 124 -12.79 6.42 -29.07
N PHE T 125 -12.49 6.06 -30.31
CA PHE T 125 -11.87 4.78 -30.61
C PHE T 125 -10.44 4.79 -30.10
N ASP T 126 -10.05 3.71 -29.45
CA ASP T 126 -8.85 3.71 -28.61
C ASP T 126 -8.39 2.28 -28.47
N ALA T 127 -7.21 1.97 -29.02
CA ALA T 127 -6.79 0.58 -29.11
C ALA T 127 -6.33 0.01 -27.77
N THR T 128 -6.06 0.86 -26.80
CA THR T 128 -5.57 0.43 -25.50
C THR T 128 -6.57 0.80 -24.40
N SER T 129 -7.85 0.52 -24.66
CA SER T 129 -8.88 0.84 -23.69
C SER T 129 -9.85 -0.33 -23.59
N ASN T 130 -10.31 -0.57 -22.37
CA ASN T 130 -11.22 -1.66 -22.06
C ASN T 130 -12.66 -1.18 -21.86
N ASP T 131 -13.11 -0.24 -22.67
CA ASP T 131 -14.40 0.39 -22.45
C ASP T 131 -15.38 0.05 -23.56
N ILE T 132 -16.65 0.34 -23.28
CA ILE T 132 -17.71 0.27 -24.27
C ILE T 132 -17.75 1.56 -25.07
N ALA T 133 -18.10 1.46 -26.36
CA ALA T 133 -18.41 2.63 -27.16
C ALA T 133 -19.65 3.34 -26.63
N VAL T 134 -19.48 4.55 -26.10
CA VAL T 134 -20.57 5.33 -25.56
C VAL T 134 -20.76 6.58 -26.40
N GLN T 135 -21.97 7.12 -26.35
CA GLN T 135 -22.32 8.35 -27.06
C GLN T 135 -23.07 9.28 -26.11
N GLU T 136 -22.71 10.55 -26.13
CA GLU T 136 -23.51 11.58 -25.49
C GLU T 136 -24.30 12.33 -26.55
N ILE T 137 -25.59 12.51 -26.30
CA ILE T 137 -26.40 13.46 -27.05
C ILE T 137 -26.74 14.60 -26.10
N THR T 138 -26.78 15.80 -26.63
CA THR T 138 -27.09 16.99 -25.84
C THR T 138 -28.43 17.53 -26.31
N LEU T 139 -29.28 17.92 -25.38
CA LEU T 139 -30.60 18.41 -25.74
C LEU T 139 -30.78 19.80 -25.19
N MET T 140 -31.32 20.69 -26.01
CA MET T 140 -31.78 21.99 -25.56
C MET T 140 -33.30 21.94 -25.44
N ALA T 141 -33.81 22.46 -24.34
CA ALA T 141 -35.24 22.37 -24.09
C ALA T 141 -35.68 23.51 -23.18
N ASP T 142 -36.93 23.43 -22.75
CA ASP T 142 -37.53 24.35 -21.81
C ASP T 142 -38.41 23.58 -20.84
N ARG T 143 -38.66 24.18 -19.69
CA ARG T 143 -39.63 23.70 -18.69
C ARG T 143 -39.31 22.28 -18.20
N VAL T 144 -38.28 22.22 -17.36
CA VAL T 144 -38.15 21.09 -16.46
C VAL T 144 -39.14 21.27 -15.32
N ILE T 145 -40.02 20.30 -15.13
CA ILE T 145 -40.86 20.23 -13.95
C ILE T 145 -40.64 18.89 -13.28
N MET T 146 -40.76 18.87 -11.97
CA MET T 146 -40.55 17.69 -11.15
C MET T 146 -41.87 17.28 -10.53
N GLN T 147 -42.26 16.04 -10.77
CA GLN T 147 -43.55 15.53 -10.31
C GLN T 147 -43.35 14.49 -9.23
N ALA T 148 -44.16 14.57 -8.18
CA ALA T 148 -44.13 13.56 -7.14
C ALA T 148 -44.85 12.31 -7.61
N VAL T 149 -44.14 11.18 -7.58
CA VAL T 149 -44.63 9.85 -7.98
C VAL T 149 -45.18 9.82 -9.40
N SER U 2 -8.00 16.66 33.26
CA SER U 2 -9.31 16.45 33.86
C SER U 2 -10.29 17.58 33.57
N THR U 3 -10.70 17.73 32.32
CA THR U 3 -11.67 18.76 31.96
C THR U 3 -13.07 18.29 32.31
N SER U 4 -13.80 19.13 33.05
CA SER U 4 -15.20 18.86 33.36
C SER U 4 -16.06 19.04 32.11
N THR U 5 -17.24 18.42 32.15
CA THR U 5 -18.09 18.43 30.95
C THR U 5 -18.81 19.76 30.76
N SER U 6 -18.90 20.60 31.80
CA SER U 6 -19.43 21.94 31.63
C SER U 6 -18.36 22.93 31.24
N GLN U 7 -17.08 22.57 31.38
CA GLN U 7 -16.02 23.42 30.88
C GLN U 7 -15.90 23.33 29.36
N ILE U 8 -16.19 22.15 28.80
CA ILE U 8 -16.13 21.95 27.35
C ILE U 8 -17.23 22.74 26.66
N ALA U 9 -18.37 22.93 27.33
CA ALA U 9 -19.45 23.73 26.76
C ALA U 9 -19.10 25.21 26.68
N VAL U 10 -18.11 25.67 27.45
CA VAL U 10 -17.73 27.08 27.45
C VAL U 10 -16.47 27.32 26.63
N GLU U 11 -15.49 26.42 26.70
CA GLU U 11 -14.19 26.69 26.12
C GLU U 11 -13.95 26.05 24.76
N TYR U 12 -14.69 25.09 24.39
CA TYR U 12 -14.24 24.32 23.23
C TYR U 12 -14.94 24.79 21.97
N PRO U 13 -14.31 24.65 20.80
CA PRO U 13 -14.96 25.05 19.55
C PRO U 13 -16.13 24.14 19.20
N ILE U 14 -16.97 24.65 18.31
CA ILE U 14 -18.24 24.01 17.99
C ILE U 14 -18.07 23.21 16.70
N PRO U 15 -18.44 21.93 16.68
CA PRO U 15 -18.36 21.16 15.43
C PRO U 15 -19.50 21.51 14.48
N VAL U 16 -19.20 21.47 13.17
CA VAL U 16 -20.13 21.97 12.16
C VAL U 16 -21.29 21.03 11.85
N TYR U 17 -21.17 19.74 12.12
CA TYR U 17 -22.04 18.77 11.47
C TYR U 17 -23.44 18.71 12.05
N ARG U 18 -23.67 19.32 13.21
CA ARG U 18 -24.99 19.29 13.84
C ARG U 18 -25.61 20.67 13.73
N PHE U 19 -26.62 20.82 12.88
CA PHE U 19 -27.20 22.12 12.62
C PHE U 19 -28.67 21.97 12.24
N ILE U 20 -29.43 23.04 12.46
CA ILE U 20 -30.86 23.10 12.13
C ILE U 20 -31.06 24.23 11.14
N VAL U 21 -31.69 23.92 10.02
CA VAL U 21 -32.06 24.90 9.01
C VAL U 21 -33.57 25.06 9.03
N SER U 22 -34.04 26.31 9.00
CA SER U 22 -35.47 26.59 9.11
C SER U 22 -35.83 27.63 8.06
N VAL U 23 -36.60 27.21 7.06
CA VAL U 23 -36.93 28.03 5.90
C VAL U 23 -38.34 28.58 6.11
N GLY U 24 -38.44 29.82 6.58
CA GLY U 24 -39.74 30.41 6.82
C GLY U 24 -40.36 29.83 8.07
N ASP U 25 -41.61 29.36 7.94
CA ASP U 25 -42.26 28.69 9.06
C ASP U 25 -41.85 27.23 9.14
N GLU U 26 -41.51 26.63 8.01
CA GLU U 26 -41.07 25.24 7.99
C GLU U 26 -39.67 25.11 8.56
N LYS U 27 -39.37 23.93 9.09
CA LYS U 27 -38.00 23.50 9.33
C LYS U 27 -37.78 22.20 8.58
N ILE U 28 -36.73 22.14 7.78
CA ILE U 28 -36.48 20.98 6.93
C ILE U 28 -35.04 20.53 7.08
N PRO U 29 -34.77 19.22 7.12
CA PRO U 29 -33.40 18.74 7.31
C PRO U 29 -32.58 18.87 6.03
N PHE U 30 -31.41 19.48 6.15
CA PHE U 30 -30.54 19.71 5.01
C PHE U 30 -29.23 18.96 5.20
N ASN U 31 -28.62 18.59 4.07
CA ASN U 31 -27.36 17.87 4.12
C ASN U 31 -26.19 18.81 4.33
N SER U 32 -26.18 19.95 3.64
CA SER U 32 -25.11 20.91 3.81
C SER U 32 -25.61 22.30 3.45
N VAL U 33 -24.99 23.31 4.06
CA VAL U 33 -25.25 24.71 3.79
C VAL U 33 -23.93 25.37 3.43
N SER U 34 -23.92 26.20 2.39
CA SER U 34 -22.69 26.81 1.91
C SER U 34 -22.92 28.29 1.62
N GLY U 35 -21.82 28.99 1.39
CA GLY U 35 -21.91 30.43 1.13
C GLY U 35 -22.06 31.20 2.42
N LEU U 36 -23.04 32.11 2.45
CA LEU U 36 -23.58 32.73 3.67
C LEU U 36 -22.55 33.64 4.34
N ASP U 37 -21.78 34.36 3.54
CA ASP U 37 -20.74 35.21 4.11
C ASP U 37 -20.97 36.68 3.77
N ILE U 38 -20.52 37.54 4.68
CA ILE U 38 -20.51 38.99 4.45
C ILE U 38 -19.37 39.33 3.51
N SER U 39 -19.49 40.46 2.80
CA SER U 39 -18.42 40.96 1.95
C SER U 39 -18.64 42.45 1.70
N TYR U 40 -17.55 43.15 1.42
CA TYR U 40 -17.61 44.58 1.16
C TYR U 40 -16.62 44.95 0.07
N ASP U 41 -17.06 45.78 -0.87
CA ASP U 41 -16.13 46.44 -1.77
C ASP U 41 -15.34 47.48 -1.00
N THR U 42 -14.15 47.80 -1.50
CA THR U 42 -13.29 48.78 -0.86
C THR U 42 -13.12 49.98 -1.78
N ILE U 43 -13.27 51.17 -1.23
CA ILE U 43 -13.10 52.41 -1.97
C ILE U 43 -11.75 52.99 -1.59
N GLU U 44 -10.95 53.35 -2.58
CA GLU U 44 -9.60 53.85 -2.36
C GLU U 44 -9.44 55.22 -3.01
N TYR U 45 -9.18 56.24 -2.20
CA TYR U 45 -8.81 57.57 -2.66
C TYR U 45 -7.33 57.74 -2.45
N ARG U 46 -6.69 58.46 -3.37
CA ARG U 46 -5.26 58.63 -3.36
C ARG U 46 -4.97 59.96 -4.04
N ASP U 47 -4.37 60.89 -3.32
CA ASP U 47 -4.07 62.18 -3.93
C ASP U 47 -2.55 62.40 -3.98
N GLY U 48 -2.17 63.58 -4.46
CA GLY U 48 -0.80 63.79 -4.87
C GLY U 48 0.19 64.01 -3.75
N VAL U 49 -0.28 64.42 -2.57
CA VAL U 49 0.66 64.68 -1.49
C VAL U 49 1.09 63.40 -0.79
N GLY U 50 0.40 62.28 -1.03
CA GLY U 50 0.89 61.01 -0.57
C GLY U 50 -0.05 60.19 0.28
N ASN U 51 -1.07 60.81 0.87
CA ASN U 51 -1.96 60.09 1.76
C ASN U 51 -2.95 59.25 0.96
N TRP U 52 -3.25 58.07 1.48
CA TRP U 52 -4.02 57.04 0.79
C TRP U 52 -5.15 56.62 1.71
N PHE U 53 -6.38 56.92 1.30
CA PHE U 53 -7.55 56.61 2.09
C PHE U 53 -8.16 55.29 1.61
N LYS U 54 -8.35 54.36 2.54
CA LYS U 54 -9.07 53.13 2.26
C LYS U 54 -10.34 53.10 3.10
N MET U 55 -11.45 52.76 2.46
CA MET U 55 -12.76 52.80 3.09
C MET U 55 -13.51 51.51 2.80
N PRO U 56 -14.39 51.10 3.69
CA PRO U 56 -15.37 50.08 3.32
C PRO U 56 -16.41 50.70 2.41
N GLY U 57 -16.83 49.94 1.40
CA GLY U 57 -17.75 50.52 0.46
C GLY U 57 -19.09 49.84 0.40
N GLN U 58 -19.55 49.65 -0.83
CA GLN U 58 -20.86 49.09 -1.11
C GLN U 58 -20.87 47.61 -0.75
N SER U 59 -21.88 47.18 -0.01
CA SER U 59 -22.02 45.78 0.38
C SER U 59 -22.33 44.91 -0.83
N GLN U 60 -22.02 43.63 -0.72
CA GLN U 60 -22.26 42.67 -1.78
C GLN U 60 -23.47 41.80 -1.46
N SER U 61 -24.10 41.27 -2.49
CA SER U 61 -25.30 40.47 -2.31
C SER U 61 -24.93 39.08 -1.82
N THR U 62 -25.74 38.57 -0.91
CA THR U 62 -25.48 37.29 -0.27
C THR U 62 -26.08 36.15 -1.08
N ASN U 63 -25.26 35.14 -1.39
CA ASN U 63 -25.69 33.99 -2.17
C ASN U 63 -25.40 32.72 -1.38
N ILE U 64 -26.45 31.96 -1.08
CA ILE U 64 -26.40 30.78 -0.22
C ILE U 64 -26.75 29.56 -1.06
N THR U 65 -26.14 28.42 -0.76
CA THR U 65 -26.43 27.16 -1.43
C THR U 65 -26.74 26.09 -0.40
N LEU U 66 -27.98 25.61 -0.40
CA LEU U 66 -28.44 24.56 0.49
C LEU U 66 -28.57 23.26 -0.28
N ARG U 67 -28.07 22.17 0.30
CA ARG U 67 -28.04 20.86 -0.37
C ARG U 67 -28.88 19.87 0.42
N LYS U 68 -29.65 19.04 -0.28
CA LYS U 68 -30.66 18.21 0.35
C LYS U 68 -30.94 16.99 -0.52
N GLY U 69 -31.10 15.84 0.11
CA GLY U 69 -31.42 14.63 -0.63
C GLY U 69 -32.88 14.56 -1.02
N VAL U 70 -33.17 13.74 -2.03
CA VAL U 70 -34.51 13.60 -2.58
C VAL U 70 -35.25 12.52 -1.83
N PHE U 71 -36.39 12.87 -1.25
CA PHE U 71 -37.25 12.01 -0.45
C PHE U 71 -38.55 11.74 -1.20
N PRO U 72 -39.17 10.58 -1.00
CA PRO U 72 -40.16 10.12 -2.00
C PRO U 72 -41.48 10.87 -2.00
N GLY U 73 -41.93 11.39 -0.86
CA GLY U 73 -43.19 12.10 -0.88
C GLY U 73 -43.08 13.59 -1.06
N LYS U 74 -41.90 14.16 -0.81
CA LYS U 74 -41.75 15.57 -0.51
C LYS U 74 -40.96 16.29 -1.61
N THR U 75 -41.59 17.30 -2.23
CA THR U 75 -40.91 18.31 -3.04
C THR U 75 -41.42 19.67 -2.56
N GLU U 76 -40.81 20.23 -1.52
CA GLU U 76 -41.16 21.61 -1.17
C GLU U 76 -39.98 22.56 -1.33
N LEU U 77 -38.83 22.07 -1.79
CA LEU U 77 -37.84 22.96 -2.38
C LEU U 77 -38.21 23.31 -3.81
N PHE U 78 -38.84 22.37 -4.53
CA PHE U 78 -39.21 22.62 -5.92
C PHE U 78 -40.43 23.53 -6.02
N ASP U 79 -41.41 23.35 -5.12
CA ASP U 79 -42.63 24.15 -5.17
C ASP U 79 -42.37 25.60 -4.84
N TRP U 80 -41.31 25.87 -4.09
CA TRP U 80 -40.91 27.25 -3.83
C TRP U 80 -40.35 27.90 -5.09
N ILE U 81 -39.51 27.20 -5.84
CA ILE U 81 -38.93 27.78 -7.03
C ILE U 81 -39.88 27.70 -8.22
N ASN U 82 -40.90 26.84 -8.16
CA ASN U 82 -41.87 26.78 -9.24
C ASN U 82 -42.87 27.92 -9.17
N SER U 83 -43.05 28.54 -8.01
CA SER U 83 -44.03 29.59 -7.82
C SER U 83 -43.57 30.94 -8.33
N ILE U 84 -42.40 31.03 -8.96
CA ILE U 84 -41.93 32.30 -9.50
C ILE U 84 -42.76 32.65 -10.72
N GLN U 85 -43.66 33.62 -10.55
CA GLN U 85 -44.20 34.38 -11.66
C GLN U 85 -43.45 35.69 -11.66
N LEU U 86 -43.63 36.49 -12.71
CA LEU U 86 -42.64 37.32 -13.40
C LEU U 86 -41.53 37.85 -12.48
N ASN U 87 -41.84 38.69 -11.49
CA ASN U 87 -40.87 39.07 -10.49
C ASN U 87 -41.37 38.80 -9.08
N GLN U 88 -42.52 38.16 -8.97
CA GLN U 88 -43.20 37.94 -7.69
C GLN U 88 -42.88 36.54 -7.20
N VAL U 89 -42.20 36.47 -6.06
CA VAL U 89 -41.93 35.22 -5.38
C VAL U 89 -42.11 35.50 -3.90
N GLU U 90 -42.46 34.47 -3.14
CA GLU U 90 -42.51 34.63 -1.69
C GLU U 90 -41.10 34.50 -1.13
N LYS U 91 -40.58 35.59 -0.59
CA LYS U 91 -39.31 35.57 0.11
C LYS U 91 -39.53 35.20 1.56
N LYS U 92 -38.61 34.45 2.14
CA LYS U 92 -38.75 34.01 3.51
C LYS U 92 -37.39 33.94 4.16
N ASP U 93 -37.40 33.94 5.49
CA ASP U 93 -36.17 34.01 6.27
C ASP U 93 -35.65 32.62 6.58
N ILE U 94 -34.34 32.44 6.42
CA ILE U 94 -33.65 31.19 6.65
C ILE U 94 -32.78 31.38 7.88
N THR U 95 -32.85 30.45 8.81
CA THR U 95 -31.99 30.48 9.99
C THR U 95 -31.20 29.18 10.09
N ILE U 96 -29.88 29.28 10.14
CA ILE U 96 -29.04 28.14 10.46
C ILE U 96 -28.66 28.24 11.92
N SER U 97 -28.51 27.09 12.58
CA SER U 97 -28.29 27.10 14.02
C SER U 97 -27.51 25.85 14.42
N LEU U 98 -26.26 26.03 14.85
CA LEU U 98 -25.48 24.93 15.39
C LEU U 98 -26.06 24.49 16.73
N THR U 99 -26.32 23.18 16.87
CA THR U 99 -26.95 22.64 18.07
C THR U 99 -26.09 21.55 18.68
N ASN U 100 -26.56 21.05 19.83
CA ASN U 100 -25.98 19.88 20.46
C ASN U 100 -26.61 18.61 19.89
N ASP U 101 -26.23 17.47 20.44
CA ASP U 101 -26.83 16.21 20.05
C ASP U 101 -28.27 16.14 20.53
N ALA U 102 -29.18 15.81 19.61
CA ALA U 102 -30.63 15.84 19.81
C ALA U 102 -31.07 17.22 20.28
N GLY U 103 -30.94 18.17 19.35
CA GLY U 103 -30.92 19.59 19.63
C GLY U 103 -32.09 20.19 20.37
N THR U 104 -31.86 20.46 21.66
CA THR U 104 -32.77 21.23 22.49
C THR U 104 -32.13 22.54 22.93
N GLU U 105 -30.98 22.87 22.35
CA GLU U 105 -30.16 23.97 22.84
C GLU U 105 -29.31 24.46 21.69
N LEU U 106 -29.43 25.74 21.34
CA LEU U 106 -28.64 26.29 20.24
C LEU U 106 -27.34 26.84 20.77
N LEU U 107 -26.29 26.73 19.96
CA LEU U 107 -24.98 27.26 20.32
C LEU U 107 -24.62 28.52 19.56
N MET U 108 -24.90 28.55 18.26
CA MET U 108 -24.74 29.72 17.42
C MET U 108 -25.95 29.80 16.49
N THR U 109 -26.18 30.98 15.94
CA THR U 109 -27.33 31.17 15.06
C THR U 109 -26.98 32.19 14.00
N TRP U 110 -27.22 31.84 12.73
CA TRP U 110 -27.15 32.75 11.61
C TRP U 110 -28.56 33.04 11.11
N ASN U 111 -28.78 34.26 10.66
CA ASN U 111 -30.09 34.67 10.18
C ASN U 111 -29.95 35.30 8.81
N VAL U 112 -30.76 34.85 7.87
CA VAL U 112 -30.77 35.38 6.51
C VAL U 112 -32.14 35.98 6.25
N SER U 113 -32.16 37.16 5.65
CA SER U 113 -33.40 37.88 5.39
C SER U 113 -33.71 37.88 3.90
N ASN U 114 -35.00 37.74 3.58
CA ASN U 114 -35.54 37.94 2.23
C ASN U 114 -34.91 37.00 1.20
N ALA U 115 -34.70 35.75 1.58
CA ALA U 115 -34.11 34.80 0.66
C ALA U 115 -35.15 34.25 -0.30
N PHE U 116 -34.80 34.18 -1.58
CA PHE U 116 -35.67 33.66 -2.61
C PHE U 116 -34.86 32.76 -3.53
N PRO U 117 -35.47 31.76 -4.16
CA PRO U 117 -34.68 30.75 -4.86
C PRO U 117 -34.35 31.09 -6.30
N THR U 118 -33.10 30.85 -6.66
CA THR U 118 -32.67 30.73 -8.04
C THR U 118 -31.99 29.38 -8.18
N SER U 119 -32.05 28.78 -9.36
CA SER U 119 -31.18 27.65 -9.74
C SER U 119 -31.32 26.42 -8.84
N LEU U 120 -32.50 25.80 -8.88
CA LEU U 120 -32.64 24.48 -8.29
C LEU U 120 -31.98 23.44 -9.19
N THR U 121 -31.10 22.63 -8.61
CA THR U 121 -30.30 21.67 -9.35
C THR U 121 -30.86 20.27 -9.14
N SER U 122 -31.23 19.60 -10.22
CA SER U 122 -31.75 18.25 -10.22
C SER U 122 -30.62 17.25 -10.02
N PRO U 123 -30.92 16.05 -9.50
CA PRO U 123 -29.87 15.04 -9.35
C PRO U 123 -29.35 14.54 -10.67
N SER U 124 -28.11 14.08 -10.66
CA SER U 124 -27.47 13.51 -11.82
C SER U 124 -27.70 12.01 -11.80
N PHE U 125 -28.64 11.55 -12.62
CA PHE U 125 -28.94 10.13 -12.70
C PHE U 125 -27.79 9.40 -13.37
N ASP U 126 -27.41 8.28 -12.78
CA ASP U 126 -26.12 7.67 -13.08
C ASP U 126 -26.21 6.19 -12.73
N ALA U 127 -26.13 5.32 -13.72
CA ALA U 127 -26.40 3.92 -13.50
C ALA U 127 -25.28 3.20 -12.77
N THR U 128 -24.10 3.79 -12.69
CA THR U 128 -22.95 3.17 -12.05
C THR U 128 -22.51 3.99 -10.86
N SER U 129 -23.47 4.42 -10.04
CA SER U 129 -23.15 5.22 -8.87
C SER U 129 -23.94 4.72 -7.68
N ASN U 130 -23.30 4.75 -6.51
CA ASN U 130 -23.88 4.29 -5.26
C ASN U 130 -24.33 5.44 -4.37
N ASP U 131 -24.91 6.48 -4.95
CA ASP U 131 -25.22 7.68 -4.20
C ASP U 131 -26.72 7.89 -4.08
N ILE U 132 -27.09 8.80 -3.17
CA ILE U 132 -28.45 9.27 -3.02
C ILE U 132 -28.69 10.41 -4.01
N ALA U 133 -29.92 10.50 -4.52
CA ALA U 133 -30.35 11.66 -5.28
C ALA U 133 -30.37 12.90 -4.40
N VAL U 134 -29.48 13.84 -4.69
CA VAL U 134 -29.38 15.08 -3.94
C VAL U 134 -29.75 16.25 -4.84
N GLN U 135 -30.18 17.33 -4.21
CA GLN U 135 -30.54 18.57 -4.91
C GLN U 135 -29.90 19.75 -4.20
N GLU U 136 -29.32 20.66 -4.97
CA GLU U 136 -28.91 21.95 -4.45
C GLU U 136 -29.93 23.00 -4.87
N ILE U 137 -30.36 23.82 -3.92
CA ILE U 137 -31.08 25.05 -4.22
C ILE U 137 -30.15 26.20 -3.87
N THR U 138 -30.21 27.26 -4.65
CA THR U 138 -29.38 28.43 -4.45
C THR U 138 -30.28 29.59 -4.06
N LEU U 139 -29.88 30.36 -3.06
CA LEU U 139 -30.71 31.45 -2.58
C LEU U 139 -29.93 32.75 -2.69
N MET U 140 -30.59 33.78 -3.20
CA MET U 140 -30.06 35.14 -3.13
C MET U 140 -30.78 35.87 -2.01
N ALA U 141 -30.02 36.59 -1.20
CA ALA U 141 -30.61 37.25 -0.04
C ALA U 141 -29.77 38.45 0.34
N ASP U 142 -30.10 39.02 1.49
CA ASP U 142 -29.39 40.13 2.09
C ASP U 142 -29.34 39.92 3.59
N ARG U 143 -28.37 40.57 4.24
CA ARG U 143 -28.25 40.65 5.69
C ARG U 143 -28.13 39.27 6.35
N VAL U 144 -26.95 38.68 6.19
CA VAL U 144 -26.52 37.65 7.12
C VAL U 144 -26.10 38.33 8.42
N ILE U 145 -26.71 37.94 9.52
CA ILE U 145 -26.24 38.32 10.84
C ILE U 145 -26.02 37.06 11.65
N MET U 146 -25.05 37.11 12.55
CA MET U 146 -24.67 35.99 13.38
C MET U 146 -25.01 36.32 14.82
N GLN U 147 -25.79 35.45 15.46
CA GLN U 147 -26.27 35.69 16.82
C GLN U 147 -25.63 34.69 17.76
N ALA U 148 -25.21 35.17 18.92
CA ALA U 148 -24.69 34.30 19.96
C ALA U 148 -25.83 33.60 20.66
N VAL U 149 -25.79 32.26 20.66
CA VAL U 149 -26.77 31.37 21.28
C VAL U 149 -28.20 31.62 20.81
N SER V 2 27.22 18.49 19.09
CA SER V 2 26.94 18.98 20.42
C SER V 2 26.55 20.46 20.45
N THR V 3 25.40 20.79 19.89
CA THR V 3 24.92 22.18 19.91
C THR V 3 24.30 22.50 21.27
N SER V 4 24.77 23.59 21.88
CA SER V 4 24.19 24.08 23.12
C SER V 4 22.82 24.67 22.87
N THR V 5 22.01 24.74 23.93
CA THR V 5 20.63 25.19 23.77
C THR V 5 20.52 26.70 23.60
N SER V 6 21.55 27.46 23.96
CA SER V 6 21.56 28.88 23.67
C SER V 6 22.13 29.19 22.29
N GLN V 7 22.80 28.22 21.66
CA GLN V 7 23.24 28.41 20.29
C GLN V 7 22.07 28.26 19.32
N ILE V 8 21.11 27.39 19.65
CA ILE V 8 19.94 27.19 18.81
C ILE V 8 19.06 28.44 18.79
N ALA V 9 19.03 29.19 19.90
CA ALA V 9 18.28 30.43 19.96
C ALA V 9 18.86 31.52 19.06
N VAL V 10 20.14 31.41 18.68
CA VAL V 10 20.78 32.42 17.85
C VAL V 10 20.87 31.98 16.40
N GLU V 11 21.16 30.70 16.15
CA GLU V 11 21.48 30.25 14.79
C GLU V 11 20.33 29.58 14.06
N TYR V 12 19.34 29.13 14.74
CA TYR V 12 18.43 28.26 14.03
C TYR V 12 17.20 29.01 13.53
N PRO V 13 16.58 28.55 12.44
CA PRO V 13 15.38 29.23 11.95
C PRO V 13 14.20 29.06 12.90
N ILE V 14 13.20 29.92 12.71
CA ILE V 14 12.08 30.03 13.63
C ILE V 14 10.90 29.25 13.05
N PRO V 15 10.29 28.34 13.81
CA PRO V 15 9.10 27.64 13.30
C PRO V 15 7.86 28.52 13.34
N VAL V 16 6.98 28.33 12.36
CA VAL V 16 5.84 29.23 12.16
C VAL V 16 4.70 29.03 13.13
N TYR V 17 4.57 27.85 13.73
CA TYR V 17 3.29 27.47 14.32
C TYR V 17 2.99 28.13 15.65
N ARG V 18 3.96 28.78 16.27
CA ARG V 18 3.75 29.43 17.56
C ARG V 18 3.78 30.94 17.35
N PHE V 19 2.62 31.58 17.45
CA PHE V 19 2.52 33.00 17.16
C PHE V 19 1.40 33.62 17.99
N ILE V 20 1.50 34.93 18.20
CA ILE V 20 0.51 35.71 18.92
C ILE V 20 -0.02 36.79 17.99
N VAL V 21 -1.34 36.84 17.86
CA VAL V 21 -2.02 37.88 17.08
C VAL V 21 -2.74 38.79 18.07
N SER V 22 -2.63 40.10 17.85
CA SER V 22 -3.21 41.08 18.77
C SER V 22 -3.91 42.15 17.95
N VAL V 23 -5.23 42.18 18.03
CA VAL V 23 -6.06 43.06 17.20
C VAL V 23 -6.47 44.25 18.06
N GLY V 24 -5.76 45.36 17.91
CA GLY V 24 -6.08 46.54 18.70
C GLY V 24 -5.60 46.36 20.12
N ASP V 25 -6.49 46.62 21.07
CA ASP V 25 -6.17 46.37 22.48
C ASP V 25 -6.35 44.90 22.84
N GLU V 26 -7.25 44.21 22.17
CA GLU V 26 -7.47 42.79 22.43
C GLU V 26 -6.33 41.96 21.87
N LYS V 27 -6.12 40.79 22.49
CA LYS V 27 -5.35 39.73 21.87
C LYS V 27 -6.23 38.50 21.80
N ILE V 28 -6.32 37.90 20.61
CA ILE V 28 -7.22 36.78 20.40
C ILE V 28 -6.49 35.65 19.70
N PRO V 29 -6.72 34.39 20.08
CA PRO V 29 -6.01 33.28 19.46
C PRO V 29 -6.55 32.97 18.06
N PHE V 30 -5.64 32.88 17.10
CA PHE V 30 -6.00 32.63 15.72
C PHE V 30 -5.41 31.31 15.25
N ASN V 31 -6.08 30.68 14.31
CA ASN V 31 -5.61 29.41 13.77
C ASN V 31 -4.53 29.62 12.73
N SER V 32 -4.70 30.59 11.84
CA SER V 32 -3.70 30.87 10.82
C SER V 32 -3.82 32.30 10.37
N VAL V 33 -2.69 32.86 9.92
CA VAL V 33 -2.60 34.20 9.36
C VAL V 33 -1.98 34.08 7.98
N SER V 34 -2.55 34.78 6.99
CA SER V 34 -2.07 34.68 5.62
C SER V 34 -1.95 36.07 5.00
N GLY V 35 -1.34 36.10 3.82
CA GLY V 35 -1.14 37.38 3.14
C GLY V 35 0.05 38.12 3.73
N LEU V 36 -0.17 39.40 4.03
CA LEU V 36 0.71 40.21 4.89
C LEU V 36 2.07 40.47 4.25
N ASP V 37 2.07 40.69 2.94
CA ASP V 37 3.33 40.88 2.24
C ASP V 37 3.40 42.27 1.59
N ILE V 38 4.63 42.78 1.49
CA ILE V 38 4.92 44.02 0.76
C ILE V 38 4.88 43.72 -0.73
N SER V 39 4.61 44.74 -1.55
CA SER V 39 4.67 44.62 -3.00
C SER V 39 4.82 46.01 -3.60
N TYR V 40 5.40 46.05 -4.80
CA TYR V 40 5.61 47.31 -5.50
C TYR V 40 5.38 47.12 -6.99
N ASP V 41 4.68 48.05 -7.61
CA ASP V 41 4.66 48.13 -9.06
C ASP V 41 6.02 48.62 -9.55
N THR V 42 6.35 48.28 -10.79
CA THR V 42 7.62 48.69 -11.38
C THR V 42 7.35 49.62 -12.55
N ILE V 43 8.08 50.72 -12.59
CA ILE V 43 7.99 51.69 -13.65
C ILE V 43 9.19 51.50 -14.57
N GLU V 44 8.93 51.39 -15.88
CA GLU V 44 9.98 51.13 -16.84
C GLU V 44 9.98 52.22 -17.91
N TYR V 45 11.08 52.96 -18.00
CA TYR V 45 11.33 53.91 -19.08
C TYR V 45 12.33 53.31 -20.03
N ARG V 46 12.16 53.59 -21.31
CA ARG V 46 12.98 52.99 -22.34
C ARG V 46 13.02 53.99 -23.49
N ASP V 47 14.19 54.48 -23.84
CA ASP V 47 14.28 55.42 -24.95
C ASP V 47 15.11 54.83 -26.08
N GLY V 48 15.30 55.65 -27.12
CA GLY V 48 15.78 55.13 -28.38
C GLY V 48 17.24 54.80 -28.45
N VAL V 49 18.06 55.40 -27.58
CA VAL V 49 19.49 55.15 -27.65
C VAL V 49 19.86 53.83 -26.99
N GLY V 50 18.96 53.23 -26.22
CA GLY V 50 19.18 51.88 -25.75
C GLY V 50 19.10 51.66 -24.26
N ASN V 51 19.22 52.72 -23.46
CA ASN V 51 19.22 52.56 -22.02
C ASN V 51 17.80 52.36 -21.51
N TRP V 52 17.69 51.50 -20.50
CA TRP V 52 16.42 51.01 -19.99
C TRP V 52 16.40 51.23 -18.48
N PHE V 53 15.52 52.11 -18.03
CA PHE V 53 15.43 52.45 -16.61
C PHE V 53 14.33 51.63 -15.97
N LYS V 54 14.66 50.94 -14.89
CA LYS V 54 13.68 50.24 -14.07
C LYS V 54 13.65 50.88 -12.69
N MET V 55 12.47 51.16 -12.20
CA MET V 55 12.28 51.87 -10.94
C MET V 55 11.25 51.15 -10.09
N PRO V 56 11.35 51.24 -8.77
CA PRO V 56 10.21 50.88 -7.93
C PRO V 56 9.15 51.94 -8.04
N GLY V 57 7.89 51.50 -8.06
CA GLY V 57 6.85 52.48 -8.25
C GLY V 57 5.87 52.58 -7.11
N GLN V 58 4.61 52.66 -7.48
CA GLN V 58 3.52 52.83 -6.53
C GLN V 58 3.33 51.57 -5.71
N SER V 59 3.24 51.73 -4.40
CA SER V 59 3.04 50.60 -3.50
C SER V 59 1.65 50.01 -3.67
N GLN V 60 1.51 48.75 -3.29
CA GLN V 60 0.24 48.06 -3.39
C GLN V 60 -0.41 47.93 -2.02
N SER V 61 -1.74 47.81 -2.02
CA SER V 61 -2.48 47.73 -0.78
C SER V 61 -2.34 46.34 -0.16
N THR V 62 -2.21 46.32 1.17
CA THR V 62 -1.97 45.09 1.91
C THR V 62 -3.28 44.43 2.27
N ASN V 63 -3.41 43.14 1.94
CA ASN V 63 -4.62 42.37 2.22
C ASN V 63 -4.24 41.13 3.03
N ILE V 64 -4.80 41.02 4.24
CA ILE V 64 -4.47 39.99 5.21
C ILE V 64 -5.69 39.11 5.42
N THR V 65 -5.49 37.82 5.65
CA THR V 65 -6.57 36.90 5.95
C THR V 65 -6.25 36.14 7.23
N LEU V 66 -7.07 36.36 8.26
CA LEU V 66 -6.93 35.70 9.55
C LEU V 66 -8.02 34.64 9.68
N ARG V 67 -7.65 33.45 10.15
CA ARG V 67 -8.56 32.33 10.26
C ARG V 67 -8.70 31.91 11.72
N LYS V 68 -9.92 31.59 12.14
CA LYS V 68 -10.22 31.39 13.55
C LYS V 68 -11.43 30.50 13.69
N GLY V 69 -11.39 29.58 14.66
CA GLY V 69 -12.51 28.71 14.92
C GLY V 69 -13.62 29.40 15.70
N VAL V 70 -14.82 28.84 15.60
CA VAL V 70 -16.01 29.42 16.22
C VAL V 70 -16.15 28.86 17.63
N PHE V 71 -16.18 29.76 18.61
CA PHE V 71 -16.27 29.47 20.03
C PHE V 71 -17.64 29.90 20.56
N PRO V 72 -18.18 29.22 21.57
CA PRO V 72 -19.63 29.34 21.82
C PRO V 72 -20.09 30.66 22.40
N GLY V 73 -19.26 31.34 23.19
CA GLY V 73 -19.72 32.59 23.75
C GLY V 73 -19.34 33.82 22.95
N LYS V 74 -18.35 33.69 22.07
CA LYS V 74 -17.58 34.83 21.58
C LYS V 74 -17.80 35.03 20.10
N THR V 75 -18.31 36.23 19.72
CA THR V 75 -18.27 36.74 18.35
C THR V 75 -17.74 38.18 18.43
N GLU V 76 -16.42 38.35 18.44
CA GLU V 76 -15.89 39.70 18.33
C GLU V 76 -15.10 39.91 17.04
N LEU V 77 -15.01 38.90 16.19
CA LEU V 77 -14.67 39.16 14.79
C LEU V 77 -15.88 39.64 14.01
N PHE V 78 -17.07 39.16 14.38
CA PHE V 78 -18.28 39.56 13.68
C PHE V 78 -18.72 40.96 14.08
N ASP V 79 -18.59 41.31 15.37
CA ASP V 79 -19.03 42.62 15.83
C ASP V 79 -18.17 43.74 15.28
N TRP V 80 -16.93 43.44 14.90
CA TRP V 80 -16.08 44.41 14.23
C TRP V 80 -16.58 44.69 12.81
N ILE V 81 -16.94 43.63 12.07
CA ILE V 81 -17.40 43.84 10.70
C ILE V 81 -18.86 44.25 10.64
N ASN V 82 -19.62 44.05 11.72
CA ASN V 82 -21.01 44.49 11.75
C ASN V 82 -21.13 45.98 12.00
N SER V 83 -20.10 46.60 12.58
CA SER V 83 -20.14 48.01 12.94
C SER V 83 -19.87 48.93 11.76
N ILE V 84 -19.73 48.40 10.55
CA ILE V 84 -19.50 49.25 9.38
C ILE V 84 -20.79 49.98 9.04
N GLN V 85 -20.83 51.28 9.36
CA GLN V 85 -21.76 52.20 8.74
C GLN V 85 -20.95 52.93 7.69
N LEU V 86 -21.62 53.72 6.86
CA LEU V 86 -21.37 53.91 5.42
C LEU V 86 -19.90 53.80 5.02
N ASN V 87 -19.02 54.68 5.50
CA ASN V 87 -17.58 54.51 5.30
C ASN V 87 -16.84 54.54 6.62
N GLN V 88 -17.56 54.58 7.73
CA GLN V 88 -16.97 54.75 9.05
C GLN V 88 -16.86 53.39 9.72
N VAL V 89 -15.63 52.97 9.98
CA VAL V 89 -15.34 51.76 10.73
C VAL V 89 -14.18 52.10 11.64
N GLU V 90 -14.08 51.40 12.76
CA GLU V 90 -12.91 51.56 13.62
C GLU V 90 -11.77 50.73 13.07
N LYS V 91 -10.72 51.40 12.61
CA LYS V 91 -9.51 50.74 12.18
C LYS V 91 -8.60 50.53 13.38
N LYS V 92 -7.90 49.41 13.42
CA LYS V 92 -7.03 49.12 14.53
C LYS V 92 -5.81 48.35 14.04
N ASP V 93 -4.77 48.36 14.86
CA ASP V 93 -3.49 47.79 14.48
C ASP V 93 -3.40 46.33 14.88
N ILE V 94 -2.91 45.51 13.97
CA ILE V 94 -2.74 44.07 14.15
C ILE V 94 -1.25 43.80 14.25
N THR V 95 -0.84 43.03 15.25
CA THR V 95 0.55 42.62 15.38
C THR V 95 0.62 41.10 15.44
N ILE V 96 1.40 40.52 14.54
CA ILE V 96 1.74 39.10 14.62
C ILE V 96 3.13 39.00 15.22
N SER V 97 3.37 37.94 15.99
CA SER V 97 4.62 37.83 16.73
C SER V 97 4.94 36.36 16.95
N LEU V 98 6.00 35.87 16.31
CA LEU V 98 6.50 34.53 16.56
C LEU V 98 7.11 34.45 17.95
N THR V 99 6.68 33.47 18.74
CA THR V 99 7.12 33.33 20.12
C THR V 99 7.71 31.95 20.37
N ASN V 100 8.20 31.77 21.59
CA ASN V 100 8.65 30.47 22.07
C ASN V 100 7.47 29.71 22.66
N ASP V 101 7.75 28.53 23.20
CA ASP V 101 6.72 27.75 23.88
C ASP V 101 6.32 28.43 25.18
N ALA V 102 5.00 28.62 25.36
CA ALA V 102 4.41 29.39 26.45
C ALA V 102 4.98 30.81 26.48
N GLY V 103 4.61 31.55 25.43
CA GLY V 103 5.29 32.76 25.01
C GLY V 103 5.44 33.87 26.01
N THR V 104 6.66 34.00 26.53
CA THR V 104 7.09 35.12 27.36
C THR V 104 8.18 35.91 26.65
N GLU V 105 8.44 35.61 25.39
CA GLU V 105 9.60 36.13 24.68
C GLU V 105 9.30 36.10 23.20
N LEU V 106 9.36 37.25 22.54
CA LEU V 106 9.08 37.33 21.13
C LEU V 106 10.36 37.13 20.34
N LEU V 107 10.25 36.50 19.17
CA LEU V 107 11.39 36.28 18.30
C LEU V 107 11.36 37.18 17.08
N MET V 108 10.20 37.33 16.46
CA MET V 108 10.00 38.26 15.36
C MET V 108 8.65 38.95 15.57
N THR V 109 8.46 40.08 14.91
CA THR V 109 7.22 40.83 15.06
C THR V 109 6.88 41.52 13.76
N TRP V 110 5.66 41.34 13.29
CA TRP V 110 5.10 42.08 12.17
C TRP V 110 4.05 43.05 12.70
N ASN V 111 3.96 44.22 12.09
CA ASN V 111 3.02 45.25 12.51
C ASN V 111 2.21 45.71 11.32
N VAL V 112 0.89 45.74 11.47
CA VAL V 112 -0.02 46.19 10.43
C VAL V 112 -0.76 47.41 10.95
N SER V 113 -0.87 48.43 10.11
CA SER V 113 -1.50 49.69 10.49
C SER V 113 -2.83 49.84 9.78
N ASN V 114 -3.82 50.38 10.52
CA ASN V 114 -5.10 50.83 9.98
C ASN V 114 -5.88 49.70 9.30
N ALA V 115 -5.87 48.52 9.90
CA ALA V 115 -6.58 47.39 9.31
C ALA V 115 -8.06 47.47 9.66
N PHE V 116 -8.89 47.22 8.67
CA PHE V 116 -10.34 47.22 8.82
C PHE V 116 -10.92 46.03 8.08
N PRO V 117 -12.05 45.48 8.52
CA PRO V 117 -12.50 44.20 7.96
C PRO V 117 -13.36 44.33 6.71
N THR V 118 -13.06 43.47 5.75
CA THR V 118 -13.97 43.15 4.66
C THR V 118 -14.13 41.64 4.66
N SER V 119 -15.29 41.15 4.21
CA SER V 119 -15.49 39.75 3.86
C SER V 119 -15.24 38.76 5.00
N LEU V 120 -16.09 38.83 6.02
CA LEU V 120 -16.11 37.78 7.03
C LEU V 120 -16.79 36.54 6.45
N THR V 121 -16.12 35.40 6.53
CA THR V 121 -16.60 34.16 5.94
C THR V 121 -17.15 33.24 7.01
N SER V 122 -18.42 32.86 6.86
CA SER V 122 -19.12 31.97 7.77
C SER V 122 -18.68 30.53 7.54
N PRO V 123 -18.80 29.66 8.54
CA PRO V 123 -18.45 28.26 8.35
C PRO V 123 -19.37 27.54 7.38
N SER V 124 -18.84 26.52 6.74
CA SER V 124 -19.61 25.70 5.82
C SER V 124 -20.18 24.53 6.60
N PHE V 125 -21.47 24.61 6.91
CA PHE V 125 -22.14 23.55 7.65
C PHE V 125 -22.29 22.34 6.77
N ASP V 126 -21.99 21.17 7.32
CA ASP V 126 -21.73 19.99 6.51
C ASP V 126 -21.96 18.78 7.39
N ALA V 127 -22.98 17.98 7.07
CA ALA V 127 -23.39 16.91 7.97
C ALA V 127 -22.44 15.73 7.96
N THR V 128 -21.57 15.62 6.97
CA THR V 128 -20.65 14.50 6.83
C THR V 128 -19.22 14.99 6.93
N SER V 129 -18.95 15.85 7.91
CA SER V 129 -17.60 16.37 8.09
C SER V 129 -17.24 16.36 9.56
N ASN V 130 -15.98 16.06 9.83
CA ASN V 130 -15.44 15.96 11.18
C ASN V 130 -14.62 17.17 11.56
N ASP V 131 -15.04 18.37 11.17
CA ASP V 131 -14.24 19.55 11.36
C ASP V 131 -14.88 20.51 12.36
N ILE V 132 -14.06 21.47 12.79
CA ILE V 132 -14.52 22.58 13.62
C ILE V 132 -15.07 23.68 12.70
N ALA V 133 -16.09 24.38 13.19
CA ALA V 133 -16.56 25.60 12.54
C ALA V 133 -15.48 26.67 12.59
N VAL V 134 -14.94 27.03 11.42
CA VAL V 134 -13.90 28.05 11.31
C VAL V 134 -14.45 29.23 10.54
N GLN V 135 -13.84 30.39 10.77
CA GLN V 135 -14.18 31.63 10.09
C GLN V 135 -12.91 32.31 9.61
N GLU V 136 -12.93 32.80 8.38
CA GLU V 136 -11.91 33.70 7.89
C GLU V 136 -12.44 35.13 7.89
N ILE V 137 -11.66 36.04 8.43
CA ILE V 137 -11.89 37.47 8.24
C ILE V 137 -10.77 37.98 7.35
N THR V 138 -11.09 38.91 6.48
CA THR V 138 -10.10 39.49 5.57
C THR V 138 -9.92 40.96 5.95
N LEU V 139 -8.67 41.40 5.98
CA LEU V 139 -8.39 42.77 6.39
C LEU V 139 -7.66 43.48 5.27
N MET V 140 -8.08 44.70 4.98
CA MET V 140 -7.32 45.59 4.12
C MET V 140 -6.59 46.60 4.99
N ALA V 141 -5.32 46.83 4.68
CA ALA V 141 -4.51 47.70 5.53
C ALA V 141 -3.38 48.30 4.71
N ASP V 142 -2.48 48.96 5.41
CA ASP V 142 -1.28 49.55 4.85
C ASP V 142 -0.14 49.34 5.82
N ARG V 143 1.09 49.39 5.28
CA ARG V 143 2.34 49.42 6.07
C ARG V 143 2.48 48.17 6.95
N VAL V 144 2.79 47.07 6.31
CA VAL V 144 3.42 45.96 7.01
C VAL V 144 4.89 46.32 7.23
N ILE V 145 5.31 46.31 8.49
CA ILE V 145 6.72 46.40 8.83
C ILE V 145 7.07 45.20 9.69
N MET V 146 8.31 44.75 9.56
CA MET V 146 8.83 43.59 10.27
C MET V 146 9.88 44.05 11.26
N GLN V 147 9.70 43.72 12.53
CA GLN V 147 10.58 44.16 13.59
C GLN V 147 11.36 42.98 14.15
N ALA V 148 12.65 43.19 14.38
CA ALA V 148 13.46 42.17 15.01
C ALA V 148 13.20 42.15 16.52
N VAL V 149 12.80 40.99 17.02
CA VAL V 149 12.49 40.73 18.43
C VAL V 149 11.44 41.68 19.00
N SER W 2 35.23 1.91 -14.18
CA SER W 2 36.29 2.48 -13.38
C SER W 2 36.57 3.95 -13.70
N THR W 3 35.62 4.83 -13.39
CA THR W 3 35.83 6.26 -13.62
C THR W 3 36.67 6.86 -12.50
N SER W 4 37.74 7.55 -12.89
CA SER W 4 38.57 8.27 -11.94
C SER W 4 37.82 9.48 -11.40
N THR W 5 38.27 9.97 -10.23
CA THR W 5 37.55 11.06 -9.58
C THR W 5 37.82 12.41 -10.22
N SER W 6 38.90 12.53 -11.01
CA SER W 6 39.12 13.75 -11.77
C SER W 6 38.43 13.71 -13.12
N GLN W 7 37.98 12.54 -13.57
CA GLN W 7 37.19 12.47 -14.79
C GLN W 7 35.76 12.95 -14.53
N ILE W 8 35.24 12.69 -13.33
CA ILE W 8 33.89 13.12 -12.98
C ILE W 8 33.81 14.65 -12.89
N ALA W 9 34.90 15.30 -12.51
CA ALA W 9 34.94 16.75 -12.46
C ALA W 9 34.89 17.38 -13.85
N VAL W 10 35.22 16.63 -14.90
CA VAL W 10 35.22 17.17 -16.25
C VAL W 10 33.99 16.73 -17.03
N GLU W 11 33.54 15.49 -16.86
CA GLU W 11 32.51 14.94 -17.72
C GLU W 11 31.12 14.96 -17.13
N TYR W 12 30.98 15.09 -15.86
CA TYR W 12 29.66 14.80 -15.32
C TYR W 12 28.86 16.07 -15.10
N PRO W 13 27.53 16.00 -15.17
CA PRO W 13 26.72 17.19 -14.94
C PRO W 13 26.79 17.65 -13.49
N ILE W 14 26.39 18.90 -13.28
CA ILE W 14 26.55 19.58 -11.99
C ILE W 14 25.22 19.51 -11.24
N PRO W 15 25.21 19.05 -9.99
CA PRO W 15 23.97 19.06 -9.22
C PRO W 15 23.62 20.45 -8.71
N VAL W 16 22.32 20.73 -8.64
CA VAL W 16 21.85 22.09 -8.35
C VAL W 16 21.94 22.51 -6.90
N TYR W 17 21.99 21.57 -5.96
CA TYR W 17 21.65 21.90 -4.59
C TYR W 17 22.75 22.63 -3.84
N ARG W 18 23.96 22.69 -4.38
CA ARG W 18 25.07 23.35 -3.71
C ARG W 18 25.39 24.63 -4.47
N PHE W 19 25.05 25.78 -3.88
CA PHE W 19 25.22 27.05 -4.57
C PHE W 19 25.48 28.16 -3.56
N ILE W 20 26.11 29.23 -4.03
CA ILE W 20 26.41 30.42 -3.23
C ILE W 20 25.73 31.61 -3.88
N VAL W 21 24.95 32.33 -3.09
CA VAL W 21 24.30 33.56 -3.53
C VAL W 21 24.98 34.72 -2.81
N SER W 22 25.28 35.77 -3.55
CA SER W 22 26.00 36.93 -3.00
C SER W 22 25.33 38.20 -3.46
N VAL W 23 24.69 38.92 -2.53
CA VAL W 23 23.89 40.09 -2.83
C VAL W 23 24.72 41.32 -2.52
N GLY W 24 25.32 41.91 -3.55
CA GLY W 24 26.15 43.09 -3.32
C GLY W 24 27.47 42.69 -2.70
N ASP W 25 27.82 43.36 -1.61
CA ASP W 25 29.03 42.99 -0.87
C ASP W 25 28.77 41.84 0.08
N GLU W 26 27.52 41.70 0.55
CA GLU W 26 27.17 40.60 1.44
C GLU W 26 27.09 39.29 0.67
N LYS W 27 27.31 38.18 1.36
CA LYS W 27 26.89 36.87 0.90
C LYS W 27 25.98 36.27 1.96
N ILE W 28 24.81 35.81 1.53
CA ILE W 28 23.82 35.31 2.47
C ILE W 28 23.30 33.96 2.00
N PRO W 29 23.07 33.00 2.90
CA PRO W 29 22.62 31.67 2.49
C PRO W 29 21.15 31.68 2.13
N PHE W 30 20.83 31.13 0.95
CA PHE W 30 19.47 31.10 0.45
C PHE W 30 19.00 29.67 0.29
N ASN W 31 17.70 29.48 0.43
CA ASN W 31 17.12 28.13 0.30
C ASN W 31 16.94 27.76 -1.16
N SER W 32 16.45 28.68 -1.99
CA SER W 32 16.26 28.40 -3.39
C SER W 32 16.30 29.70 -4.18
N VAL W 33 16.71 29.58 -5.44
CA VAL W 33 16.74 30.69 -6.40
C VAL W 33 15.94 30.26 -7.61
N SER W 34 15.09 31.15 -8.12
CA SER W 34 14.22 30.83 -9.25
C SER W 34 14.23 31.95 -10.27
N GLY W 35 13.64 31.66 -11.43
CA GLY W 35 13.60 32.65 -12.50
C GLY W 35 14.92 32.68 -13.24
N LEU W 36 15.46 33.88 -13.43
CA LEU W 36 16.84 34.14 -13.82
C LEU W 36 17.15 33.66 -15.24
N ASP W 37 16.18 33.85 -16.14
CA ASP W 37 16.35 33.36 -17.50
C ASP W 37 16.33 34.50 -18.50
N ILE W 38 17.04 34.31 -19.61
CA ILE W 38 17.01 35.22 -20.75
C ILE W 38 15.72 34.99 -21.52
N SER W 39 15.25 36.00 -22.26
CA SER W 39 14.10 35.87 -23.14
C SER W 39 14.14 36.97 -24.18
N TYR W 40 13.52 36.71 -25.33
CA TYR W 40 13.47 37.69 -26.41
C TYR W 40 12.11 37.62 -27.09
N ASP W 41 11.55 38.79 -27.37
CA ASP W 41 10.42 38.86 -28.28
C ASP W 41 10.91 38.59 -29.70
N THR W 42 10.00 38.12 -30.55
CA THR W 42 10.33 37.83 -31.93
C THR W 42 9.56 38.75 -32.85
N ILE W 43 10.26 39.32 -33.81
CA ILE W 43 9.67 40.20 -34.81
C ILE W 43 9.52 39.42 -36.10
N GLU W 44 8.33 39.45 -36.68
CA GLU W 44 8.03 38.69 -37.89
C GLU W 44 7.53 39.62 -38.98
N TYR W 45 8.27 39.69 -40.08
CA TYR W 45 7.85 40.37 -41.30
C TYR W 45 7.44 39.34 -42.32
N ARG W 46 6.43 39.66 -43.09
CA ARG W 46 5.87 38.74 -44.05
C ARG W 46 5.29 39.56 -45.19
N ASP W 47 5.79 39.37 -46.40
CA ASP W 47 5.27 40.15 -47.51
C ASP W 47 4.62 39.21 -48.54
N GLY W 48 4.17 39.81 -49.64
CA GLY W 48 3.25 39.11 -50.52
C GLY W 48 3.87 38.08 -51.42
N VAL W 49 5.17 38.18 -51.68
CA VAL W 49 5.79 37.22 -52.59
C VAL W 49 6.09 35.90 -51.90
N GLY W 50 6.03 35.85 -50.57
CA GLY W 50 6.09 34.58 -49.89
C GLY W 50 7.16 34.44 -48.82
N ASN W 51 8.19 35.29 -48.85
CA ASN W 51 9.28 35.15 -47.89
C ASN W 51 8.88 35.71 -46.54
N TRP W 52 9.34 35.04 -45.49
CA TRP W 52 8.91 35.27 -44.12
C TRP W 52 10.16 35.47 -43.28
N PHE W 53 10.33 36.68 -42.76
CA PHE W 53 11.50 37.02 -41.97
C PHE W 53 11.17 36.89 -40.49
N LYS W 54 11.97 36.12 -39.77
CA LYS W 54 11.90 36.04 -38.32
C LYS W 54 13.17 36.60 -37.72
N MET W 55 13.03 37.45 -36.71
CA MET W 55 14.13 38.16 -36.11
C MET W 55 14.03 38.07 -34.60
N PRO W 56 15.16 38.10 -33.90
CA PRO W 56 15.11 38.36 -32.46
C PRO W 56 14.79 39.83 -32.24
N GLY W 57 13.98 40.10 -31.24
CA GLY W 57 13.58 41.46 -31.03
C GLY W 57 14.00 42.06 -29.72
N GLN W 58 13.06 42.78 -29.12
CA GLN W 58 13.29 43.49 -27.87
C GLN W 58 13.44 42.50 -26.72
N SER W 59 14.49 42.70 -25.92
CA SER W 59 14.74 41.83 -24.78
C SER W 59 13.68 42.04 -23.70
N GLN W 60 13.50 41.03 -22.86
CA GLN W 60 12.53 41.09 -21.77
C GLN W 60 13.23 41.32 -20.45
N SER W 61 12.49 41.89 -19.50
CA SER W 61 13.06 42.21 -18.19
C SER W 61 13.19 40.95 -17.36
N THR W 62 14.30 40.87 -16.62
CA THR W 62 14.61 39.70 -15.83
C THR W 62 14.00 39.80 -14.45
N ASN W 63 13.27 38.76 -14.04
CA ASN W 63 12.61 38.72 -12.74
C ASN W 63 13.06 37.47 -12.00
N ILE W 64 13.68 37.66 -10.83
CA ILE W 64 14.30 36.60 -10.04
C ILE W 64 13.55 36.49 -8.73
N THR W 65 13.43 35.27 -8.19
CA THR W 65 12.80 35.03 -6.90
C THR W 65 13.74 34.23 -6.01
N LEU W 66 14.20 34.84 -4.93
CA LEU W 66 15.08 34.21 -3.96
C LEU W 66 14.27 33.86 -2.71
N ARG W 67 14.47 32.64 -2.20
CA ARG W 67 13.71 32.15 -1.05
C ARG W 67 14.66 31.86 0.11
N LYS W 68 14.24 32.22 1.32
CA LYS W 68 15.14 32.21 2.47
C LYS W 68 14.34 32.06 3.75
N GLY W 69 14.84 31.26 4.68
CA GLY W 69 14.17 31.10 5.96
C GLY W 69 14.41 32.25 6.90
N VAL W 70 13.52 32.39 7.88
CA VAL W 70 13.57 33.49 8.83
C VAL W 70 14.44 33.10 10.02
N PHE W 71 15.46 33.88 10.28
CA PHE W 71 16.44 33.68 11.33
C PHE W 71 16.28 34.76 12.40
N PRO W 72 16.58 34.45 13.67
CA PRO W 72 16.05 35.30 14.76
C PRO W 72 16.68 36.67 14.89
N GLY W 73 17.95 36.83 14.54
CA GLY W 73 18.55 38.15 14.68
C GLY W 73 18.51 38.99 13.43
N LYS W 74 18.30 38.38 12.28
CA LYS W 74 18.67 38.96 10.99
C LYS W 74 17.44 39.24 10.14
N THR W 75 17.26 40.52 9.77
CA THR W 75 16.35 40.94 8.68
C THR W 75 17.15 41.89 7.80
N GLU W 76 17.91 41.37 6.84
CA GLU W 76 18.53 42.26 5.86
C GLU W 76 18.00 42.03 4.46
N LEU W 77 17.05 41.11 4.27
CA LEU W 77 16.21 41.16 3.09
C LEU W 77 15.11 42.20 3.23
N PHE W 78 14.62 42.39 4.45
CA PHE W 78 13.55 43.36 4.69
C PHE W 78 14.07 44.79 4.65
N ASP W 79 15.26 45.02 5.21
CA ASP W 79 15.82 46.38 5.26
C ASP W 79 16.19 46.89 3.88
N TRP W 80 16.44 45.99 2.94
CA TRP W 80 16.67 46.39 1.56
C TRP W 80 15.38 46.87 0.92
N ILE W 81 14.27 46.16 1.13
CA ILE W 81 13.01 46.57 0.52
C ILE W 81 12.33 47.67 1.30
N ASN W 82 12.71 47.89 2.56
CA ASN W 82 12.13 48.98 3.33
C ASN W 82 12.74 50.32 2.97
N SER W 83 13.93 50.33 2.37
CA SER W 83 14.64 51.56 2.05
C SER W 83 14.15 52.21 0.77
N ILE W 84 13.09 51.68 0.14
CA ILE W 84 12.56 52.29 -1.08
C ILE W 84 11.85 53.57 -0.71
N GLN W 85 12.48 54.70 -1.01
CA GLN W 85 11.80 55.97 -1.14
C GLN W 85 11.63 56.18 -2.63
N LEU W 86 10.85 57.20 -3.00
CA LEU W 86 9.92 57.24 -4.14
C LEU W 86 10.35 56.39 -5.34
N ASN W 87 11.46 56.69 -6.00
CA ASN W 87 12.01 55.81 -7.02
C ASN W 87 13.45 55.46 -6.73
N GLN W 88 13.96 55.85 -5.57
CA GLN W 88 15.36 55.71 -5.21
C GLN W 88 15.52 54.48 -4.33
N VAL W 89 16.24 53.50 -4.84
CA VAL W 89 16.60 52.31 -4.08
C VAL W 89 18.05 52.00 -4.45
N GLU W 90 18.77 51.35 -3.54
CA GLU W 90 20.11 50.90 -3.85
C GLU W 90 20.02 49.60 -4.63
N LYS W 91 20.41 49.63 -5.90
CA LYS W 91 20.51 48.42 -6.71
C LYS W 91 21.87 47.80 -6.51
N LYS W 92 21.92 46.48 -6.50
CA LYS W 92 23.17 45.77 -6.28
C LYS W 92 23.18 44.50 -7.10
N ASP W 93 24.38 43.97 -7.30
CA ASP W 93 24.58 42.82 -8.18
C ASP W 93 24.48 41.53 -7.39
N ILE W 94 23.77 40.56 -7.95
CA ILE W 94 23.55 39.25 -7.36
C ILE W 94 24.33 38.24 -8.20
N THR W 95 25.09 37.37 -7.55
CA THR W 95 25.80 36.31 -8.25
C THR W 95 25.41 34.97 -7.64
N ILE W 96 24.93 34.07 -8.48
CA ILE W 96 24.73 32.67 -8.09
C ILE W 96 25.90 31.88 -8.62
N SER W 97 26.30 30.85 -7.87
CA SER W 97 27.51 30.12 -8.22
C SER W 97 27.40 28.68 -7.71
N LEU W 98 27.29 27.72 -8.63
CA LEU W 98 27.33 26.31 -8.25
C LEU W 98 28.73 25.94 -7.78
N THR W 99 28.81 25.32 -6.60
CA THR W 99 30.09 24.98 -5.99
C THR W 99 30.16 23.49 -5.69
N ASN W 100 31.33 23.08 -5.19
CA ASN W 100 31.54 21.74 -4.67
C ASN W 100 31.14 21.69 -3.20
N ASP W 101 31.35 20.54 -2.57
CA ASP W 101 31.09 20.40 -1.15
C ASP W 101 32.12 21.20 -0.36
N ALA W 102 31.62 22.02 0.57
CA ALA W 102 32.41 23.00 1.33
C ALA W 102 33.18 23.92 0.38
N GLY W 103 32.39 24.75 -0.32
CA GLY W 103 32.81 25.43 -1.52
C GLY W 103 34.02 26.31 -1.46
N THR W 104 35.11 25.79 -2.02
CA THR W 104 36.34 26.54 -2.26
C THR W 104 36.61 26.66 -3.75
N GLU W 105 35.66 26.27 -4.58
CA GLU W 105 35.89 26.10 -6.01
C GLU W 105 34.54 26.24 -6.71
N LEU W 106 34.42 27.20 -7.62
CA LEU W 106 33.18 27.40 -8.34
C LEU W 106 33.17 26.56 -9.60
N LEU W 107 32.00 26.09 -9.98
CA LEU W 107 31.83 25.30 -11.20
C LEU W 107 31.14 26.09 -12.30
N MET W 108 30.09 26.81 -11.96
CA MET W 108 29.40 27.72 -12.87
C MET W 108 29.08 28.99 -12.11
N THR W 109 28.80 30.07 -12.86
CA THR W 109 28.51 31.35 -12.23
C THR W 109 27.52 32.11 -13.08
N TRP W 110 26.45 32.59 -12.46
CA TRP W 110 25.50 33.50 -13.07
C TRP W 110 25.67 34.87 -12.43
N ASN W 111 25.50 35.92 -13.23
CA ASN W 111 25.67 37.29 -12.74
C ASN W 111 24.44 38.10 -13.12
N VAL W 112 23.88 38.80 -12.15
CA VAL W 112 22.71 39.66 -12.35
C VAL W 112 23.12 41.08 -12.04
N SER W 113 22.72 42.02 -12.89
CA SER W 113 23.08 43.41 -12.75
C SER W 113 21.86 44.23 -12.33
N ASN W 114 22.09 45.20 -11.44
CA ASN W 114 21.13 46.25 -11.08
C ASN W 114 19.84 45.68 -10.51
N ALA W 115 19.94 44.65 -9.67
CA ALA W 115 18.75 44.06 -9.09
C ALA W 115 18.26 44.87 -7.91
N PHE W 116 16.95 45.10 -7.85
CA PHE W 116 16.32 45.83 -6.78
C PHE W 116 15.06 45.11 -6.37
N PRO W 117 14.64 45.21 -5.10
CA PRO W 117 13.55 44.36 -4.63
C PRO W 117 12.15 44.90 -4.86
N THR W 118 11.28 44.01 -5.31
CA THR W 118 9.84 44.20 -5.24
C THR W 118 9.28 42.99 -4.51
N SER W 119 8.17 43.16 -3.81
CA SER W 119 7.34 42.05 -3.32
C SER W 119 8.06 41.08 -2.38
N LEU W 120 8.45 41.58 -1.21
CA LEU W 120 8.89 40.69 -0.15
C LEU W 120 7.69 39.99 0.46
N THR W 121 7.75 38.65 0.52
CA THR W 121 6.63 37.84 0.98
C THR W 121 6.90 37.35 2.39
N SER W 122 5.99 37.66 3.31
CA SER W 122 6.06 37.26 4.71
C SER W 122 5.66 35.80 4.85
N PRO W 123 6.11 35.12 5.90
CA PRO W 123 5.70 33.73 6.11
C PRO W 123 4.23 33.60 6.43
N SER W 124 3.68 32.44 6.10
CA SER W 124 2.29 32.12 6.39
C SER W 124 2.24 31.43 7.73
N PHE W 125 1.83 32.16 8.76
CA PHE W 125 1.73 31.59 10.09
C PHE W 125 0.56 30.62 10.15
N ASP W 126 0.80 29.47 10.76
CA ASP W 126 -0.08 28.33 10.57
C ASP W 126 0.11 27.40 11.76
N ALA W 127 -0.92 27.25 12.57
CA ALA W 127 -0.77 26.54 13.84
C ALA W 127 -0.65 25.04 13.68
N THR W 128 -1.00 24.50 12.51
CA THR W 128 -0.98 23.07 12.27
C THR W 128 0.01 22.74 11.16
N SER W 129 1.19 23.34 11.22
CA SER W 129 2.21 23.11 10.22
C SER W 129 3.56 22.90 10.88
N ASN W 130 4.35 22.00 10.32
CA ASN W 130 5.66 21.64 10.82
C ASN W 130 6.78 22.27 10.01
N ASP W 131 6.62 23.51 9.58
CA ASP W 131 7.57 24.11 8.66
C ASP W 131 8.32 25.26 9.32
N ILE W 132 9.40 25.67 8.64
CA ILE W 132 10.15 26.86 9.00
C ILE W 132 9.49 28.08 8.37
N ALA W 133 9.56 29.22 9.07
CA ALA W 133 9.18 30.50 8.50
C ALA W 133 10.12 30.86 7.35
N VAL W 134 9.60 30.89 6.13
CA VAL W 134 10.39 31.22 4.95
C VAL W 134 9.85 32.52 4.36
N GLN W 135 10.72 33.20 3.63
CA GLN W 135 10.39 34.44 2.93
C GLN W 135 10.89 34.38 1.50
N GLU W 136 10.07 34.79 0.55
CA GLU W 136 10.52 35.04 -0.80
C GLU W 136 10.67 36.53 -1.01
N ILE W 137 11.80 36.93 -1.59
CA ILE W 137 11.98 38.26 -2.13
C ILE W 137 12.04 38.12 -3.64
N THR W 138 11.47 39.09 -4.34
CA THR W 138 11.45 39.08 -5.80
C THR W 138 12.32 40.23 -6.29
N LEU W 139 13.13 39.98 -7.29
CA LEU W 139 14.03 41.01 -7.78
C LEU W 139 13.76 41.24 -9.27
N MET W 140 13.70 42.50 -9.66
CA MET W 140 13.69 42.87 -11.05
C MET W 140 15.08 43.37 -11.42
N ALA W 141 15.59 42.92 -12.56
CA ALA W 141 16.95 43.25 -12.94
C ALA W 141 17.08 43.17 -14.46
N ASP W 142 18.33 43.28 -14.91
CA ASP W 142 18.70 43.17 -16.31
C ASP W 142 20.02 42.40 -16.39
N ARG W 143 20.26 41.82 -17.56
CA ARG W 143 21.53 41.20 -17.94
C ARG W 143 21.92 40.07 -16.99
N VAL W 144 21.22 38.95 -17.15
CA VAL W 144 21.77 37.68 -16.70
C VAL W 144 22.83 37.24 -17.68
N ILE W 145 24.04 37.02 -17.20
CA ILE W 145 25.07 36.37 -17.98
C ILE W 145 25.57 35.16 -17.20
N MET W 146 25.98 34.14 -17.94
CA MET W 146 26.44 32.88 -17.37
C MET W 146 27.93 32.74 -17.68
N GLN W 147 28.72 32.54 -16.64
CA GLN W 147 30.17 32.47 -16.77
C GLN W 147 30.65 31.06 -16.46
N ALA W 148 31.58 30.57 -17.28
CA ALA W 148 32.19 29.28 -17.01
C ALA W 148 33.23 29.41 -15.91
N VAL W 149 33.05 28.62 -14.86
CA VAL W 149 33.92 28.55 -13.67
C VAL W 149 34.11 29.91 -13.01
N SER X 2 8.03 -16.63 -33.49
CA SER X 2 9.40 -16.68 -33.95
C SER X 2 9.76 -15.56 -34.93
N THR X 3 9.77 -14.32 -34.45
CA THR X 3 10.15 -13.20 -35.31
C THR X 3 11.66 -13.11 -35.43
N SER X 4 12.15 -13.05 -36.67
CA SER X 4 13.57 -12.87 -36.94
C SER X 4 13.98 -11.45 -36.59
N THR X 5 15.27 -11.25 -36.37
CA THR X 5 15.75 -9.95 -35.93
C THR X 5 15.81 -8.92 -37.05
N SER X 6 15.80 -9.37 -38.31
CA SER X 6 15.70 -8.44 -39.43
C SER X 6 14.26 -8.12 -39.78
N GLN X 7 13.30 -8.90 -39.28
CA GLN X 7 11.89 -8.55 -39.46
C GLN X 7 11.49 -7.41 -38.52
N ILE X 8 12.09 -7.37 -37.33
CA ILE X 8 11.79 -6.30 -36.37
C ILE X 8 12.29 -4.96 -36.88
N ALA X 9 13.38 -4.96 -37.65
CA ALA X 9 13.89 -3.72 -38.23
C ALA X 9 12.97 -3.16 -39.31
N VAL X 10 12.09 -3.97 -39.88
CA VAL X 10 11.18 -3.52 -40.93
C VAL X 10 9.78 -3.25 -40.39
N GLU X 11 9.28 -4.09 -39.48
CA GLU X 11 7.88 -4.04 -39.10
C GLU X 11 7.62 -3.32 -37.79
N TYR X 12 8.59 -3.14 -36.97
CA TYR X 12 8.23 -2.71 -35.62
C TYR X 12 8.37 -1.21 -35.47
N PRO X 13 7.59 -0.58 -34.58
CA PRO X 13 7.73 0.86 -34.36
C PRO X 13 9.05 1.22 -33.71
N ILE X 14 9.39 2.50 -33.81
CA ILE X 14 10.70 3.00 -33.41
C ILE X 14 10.57 3.62 -32.02
N PRO X 15 11.41 3.23 -31.06
CA PRO X 15 11.36 3.88 -29.74
C PRO X 15 12.01 5.25 -29.76
N VAL X 16 11.46 6.16 -28.94
CA VAL X 16 11.86 7.57 -29.00
C VAL X 16 13.20 7.89 -28.34
N TYR X 17 13.66 7.05 -27.41
CA TYR X 17 14.67 7.51 -26.47
C TYR X 17 16.07 7.57 -27.05
N ARG X 18 16.31 7.00 -28.22
CA ARG X 18 17.63 7.01 -28.83
C ARG X 18 17.60 7.94 -30.04
N PHE X 19 18.25 9.10 -29.90
CA PHE X 19 18.19 10.11 -30.95
C PHE X 19 19.47 10.93 -30.95
N ILE X 20 19.77 11.53 -32.10
CA ILE X 20 20.93 12.39 -32.29
C ILE X 20 20.44 13.76 -32.71
N VAL X 21 20.87 14.80 -31.99
CA VAL X 21 20.56 16.18 -32.32
C VAL X 21 21.86 16.83 -32.80
N SER X 22 21.77 17.58 -33.89
CA SER X 22 22.94 18.20 -34.51
C SER X 22 22.61 19.64 -34.84
N VAL X 23 23.24 20.57 -34.13
CA VAL X 23 22.94 22.00 -34.24
C VAL X 23 24.03 22.63 -35.11
N GLY X 24 23.71 22.83 -36.38
CA GLY X 24 24.69 23.42 -37.28
C GLY X 24 25.77 22.41 -37.64
N ASP X 25 27.03 22.80 -37.48
CA ASP X 25 28.13 21.88 -37.69
C ASP X 25 28.36 21.01 -36.46
N GLU X 26 28.04 21.52 -35.27
CA GLU X 26 28.21 20.76 -34.05
C GLU X 26 27.14 19.68 -33.93
N LYS X 27 27.47 18.63 -33.20
CA LYS X 27 26.47 17.71 -32.68
C LYS X 27 26.63 17.65 -31.17
N ILE X 28 25.53 17.85 -30.46
CA ILE X 28 25.59 17.93 -29.00
C ILE X 28 24.52 17.03 -28.40
N PRO X 29 24.81 16.34 -27.30
CA PRO X 29 23.82 15.42 -26.72
C PRO X 29 22.76 16.18 -25.94
N PHE X 30 21.50 15.88 -26.23
CA PHE X 30 20.38 16.54 -25.59
C PHE X 30 19.55 15.54 -24.80
N ASN X 31 18.91 16.05 -23.75
CA ASN X 31 18.09 15.19 -22.91
C ASN X 31 16.72 14.95 -23.54
N SER X 32 16.10 16.00 -24.08
CA SER X 32 14.80 15.85 -24.71
C SER X 32 14.61 16.95 -25.75
N VAL X 33 13.79 16.63 -26.75
CA VAL X 33 13.40 17.57 -27.81
C VAL X 33 11.89 17.61 -27.85
N SER X 34 11.32 18.81 -27.94
CA SER X 34 9.87 18.98 -27.91
C SER X 34 9.41 19.93 -29.00
N GLY X 35 8.10 19.99 -29.20
CA GLY X 35 7.55 20.85 -30.24
C GLY X 35 7.68 20.19 -31.59
N LEU X 36 8.19 20.96 -32.56
CA LEU X 36 8.69 20.47 -33.84
C LEU X 36 7.57 19.89 -34.73
N ASP X 37 6.42 20.55 -34.71
CA ASP X 37 5.29 20.05 -35.46
C ASP X 37 4.83 21.05 -36.52
N ILE X 38 4.28 20.51 -37.61
CA ILE X 38 3.66 21.31 -38.66
C ILE X 38 2.29 21.76 -38.16
N SER X 39 1.78 22.87 -38.71
CA SER X 39 0.44 23.35 -38.41
C SER X 39 -0.01 24.28 -39.54
N TYR X 40 -1.34 24.37 -39.71
CA TYR X 40 -1.90 25.22 -40.74
C TYR X 40 -3.18 25.87 -40.22
N ASP X 41 -3.33 27.16 -40.48
CA ASP X 41 -4.63 27.79 -40.30
C ASP X 41 -5.57 27.30 -41.39
N THR X 42 -6.87 27.37 -41.11
CA THR X 42 -7.88 26.94 -42.07
C THR X 42 -8.72 28.14 -42.49
N ILE X 43 -8.92 28.26 -43.79
CA ILE X 43 -9.75 29.32 -44.36
C ILE X 43 -11.09 28.72 -44.73
N GLU X 44 -12.17 29.36 -44.30
CA GLU X 44 -13.52 28.85 -44.53
C GLU X 44 -14.35 29.91 -45.24
N TYR X 45 -14.80 29.59 -46.45
CA TYR X 45 -15.77 30.39 -47.19
C TYR X 45 -17.11 29.70 -47.13
N ARG X 46 -18.17 30.50 -47.05
CA ARG X 46 -19.51 29.99 -46.88
C ARG X 46 -20.44 31.00 -47.52
N ASP X 47 -21.19 30.58 -48.53
CA ASP X 47 -22.11 31.50 -49.17
C ASP X 47 -23.55 31.03 -48.99
N GLY X 48 -24.47 31.78 -49.60
CA GLY X 48 -25.88 31.64 -49.24
C GLY X 48 -26.57 30.43 -49.80
N VAL X 49 -26.06 29.86 -50.89
CA VAL X 49 -26.75 28.71 -51.47
C VAL X 49 -26.46 27.42 -50.71
N GLY X 50 -25.46 27.42 -49.84
CA GLY X 50 -25.29 26.29 -48.95
C GLY X 50 -23.92 25.63 -48.96
N ASN X 51 -23.14 25.84 -50.01
CA ASN X 51 -21.85 25.16 -50.11
C ASN X 51 -20.81 25.85 -49.22
N TRP X 52 -19.96 25.03 -48.62
CA TRP X 52 -19.03 25.45 -47.58
C TRP X 52 -17.65 24.99 -47.99
N PHE X 53 -16.76 25.94 -48.28
CA PHE X 53 -15.42 25.63 -48.72
C PHE X 53 -14.47 25.70 -47.54
N LYS X 54 -13.71 24.62 -47.33
CA LYS X 54 -12.64 24.59 -46.34
C LYS X 54 -11.32 24.42 -47.06
N MET X 55 -10.34 25.24 -46.68
CA MET X 55 -9.05 25.27 -47.35
C MET X 55 -7.93 25.25 -46.32
N PRO X 56 -6.77 24.71 -46.66
CA PRO X 56 -5.59 24.97 -45.85
C PRO X 56 -5.12 26.38 -46.09
N GLY X 57 -4.68 27.03 -45.03
CA GLY X 57 -4.31 28.42 -45.19
C GLY X 57 -2.86 28.71 -44.90
N GLN X 58 -2.66 29.80 -44.18
CA GLN X 58 -1.33 30.30 -43.87
C GLN X 58 -0.66 29.38 -42.86
N SER X 59 0.59 29.01 -43.15
CA SER X 59 1.35 28.14 -42.26
C SER X 59 1.71 28.87 -40.97
N GLN X 60 1.95 28.09 -39.92
CA GLN X 60 2.32 28.64 -38.62
C GLN X 60 3.80 28.48 -38.37
N SER X 61 4.34 29.36 -37.51
CA SER X 61 5.77 29.34 -37.23
C SER X 61 6.10 28.18 -36.30
N THR X 62 7.25 27.55 -36.56
CA THR X 62 7.67 26.38 -35.81
C THR X 62 8.47 26.79 -34.59
N ASN X 63 8.08 26.27 -33.42
CA ASN X 63 8.73 26.57 -32.17
C ASN X 63 9.17 25.27 -31.50
N ILE X 64 10.47 25.12 -31.28
CA ILE X 64 11.10 23.90 -30.78
C ILE X 64 11.70 24.18 -29.41
N THR X 65 11.67 23.20 -28.52
CA THR X 65 12.28 23.31 -27.20
C THR X 65 13.22 22.14 -26.97
N LEU X 66 14.51 22.44 -26.86
CA LEU X 66 15.54 21.45 -26.59
C LEU X 66 15.99 21.56 -25.14
N ARG X 67 16.13 20.42 -24.47
CA ARG X 67 16.47 20.38 -23.05
C ARG X 67 17.79 19.65 -22.87
N LYS X 68 18.64 20.17 -21.98
CA LYS X 68 20.02 19.70 -21.88
C LYS X 68 20.55 19.99 -20.49
N GLY X 69 21.30 19.05 -19.92
CA GLY X 69 21.90 19.25 -18.62
C GLY X 69 23.14 20.12 -18.67
N VAL X 70 23.48 20.70 -17.52
CA VAL X 70 24.60 21.62 -17.42
C VAL X 70 25.87 20.84 -17.11
N PHE X 71 26.87 20.99 -17.96
CA PHE X 71 28.14 20.32 -17.90
C PHE X 71 29.24 21.33 -17.57
N PRO X 72 30.31 20.91 -16.87
CA PRO X 72 31.15 21.92 -16.18
C PRO X 72 32.01 22.77 -17.08
N GLY X 73 32.47 22.26 -18.22
CA GLY X 73 33.31 23.09 -19.06
C GLY X 73 32.56 23.84 -20.15
N LYS X 74 31.34 23.41 -20.47
CA LYS X 74 30.72 23.72 -21.75
C LYS X 74 29.49 24.59 -21.55
N THR X 75 29.50 25.78 -22.18
CA THR X 75 28.30 26.60 -22.40
C THR X 75 28.32 27.01 -23.87
N GLU X 76 27.81 26.17 -24.76
CA GLU X 76 27.64 26.62 -26.13
C GLU X 76 26.18 26.69 -26.56
N LEU X 77 25.24 26.39 -25.66
CA LEU X 77 23.88 26.85 -25.84
C LEU X 77 23.75 28.30 -25.41
N PHE X 78 24.50 28.73 -24.41
CA PHE X 78 24.42 30.11 -23.94
C PHE X 78 25.13 31.07 -24.89
N ASP X 79 26.27 30.66 -25.44
CA ASP X 79 27.02 31.54 -26.33
C ASP X 79 26.29 31.78 -27.65
N TRP X 80 25.40 30.88 -28.03
CA TRP X 80 24.56 31.11 -29.19
C TRP X 80 23.52 32.18 -28.92
N ILE X 81 22.88 32.14 -27.74
CA ILE X 81 21.85 33.13 -27.44
C ILE X 81 22.46 34.44 -26.94
N ASN X 82 23.73 34.43 -26.51
CA ASN X 82 24.37 35.67 -26.08
C ASN X 82 24.82 36.50 -27.27
N SER X 83 24.99 35.89 -28.44
CA SER X 83 25.49 36.60 -29.61
C SER X 83 24.42 37.41 -30.33
N ILE X 84 23.21 37.48 -29.79
CA ILE X 84 22.16 38.28 -30.41
C ILE X 84 22.48 39.75 -30.23
N GLN X 85 22.92 40.40 -31.30
CA GLN X 85 22.86 41.84 -31.44
C GLN X 85 21.66 42.10 -32.31
N LEU X 86 21.27 43.37 -32.44
CA LEU X 86 19.90 43.88 -32.51
C LEU X 86 18.92 42.92 -33.20
N ASN X 87 19.07 42.62 -34.48
CA ASN X 87 18.29 41.58 -35.12
C ASN X 87 19.18 40.53 -35.78
N GLN X 88 20.48 40.62 -35.57
CA GLN X 88 21.45 39.78 -36.25
C GLN X 88 21.85 38.65 -35.31
N VAL X 89 21.52 37.43 -35.72
CA VAL X 89 21.94 36.22 -35.02
C VAL X 89 22.32 35.21 -36.10
N GLU X 90 23.21 34.29 -35.76
CA GLU X 90 23.53 33.22 -36.68
C GLU X 90 22.46 32.15 -36.57
N LYS X 91 21.68 31.97 -37.63
CA LYS X 91 20.72 30.89 -37.71
C LYS X 91 21.41 29.65 -38.26
N LYS X 92 21.01 28.49 -37.75
CA LYS X 92 21.62 27.24 -38.18
C LYS X 92 20.59 26.14 -38.17
N ASP X 93 20.90 25.08 -38.89
CA ASP X 93 19.96 23.99 -39.11
C ASP X 93 20.12 22.92 -38.03
N ILE X 94 18.99 22.45 -37.51
CA ILE X 94 18.93 21.44 -36.46
C ILE X 94 18.36 20.18 -37.10
N THR X 95 19.00 19.05 -36.87
CA THR X 95 18.51 17.76 -37.35
C THR X 95 18.35 16.81 -36.17
N ILE X 96 17.15 16.28 -35.99
CA ILE X 96 16.92 15.19 -35.05
C ILE X 96 16.87 13.90 -35.85
N SER X 97 17.35 12.82 -35.24
CA SER X 97 17.49 11.56 -35.98
C SER X 97 17.38 10.40 -35.02
N LEU X 98 16.30 9.62 -35.12
CA LEU X 98 16.18 8.40 -34.35
C LEU X 98 17.18 7.35 -34.85
N THR X 99 17.95 6.78 -33.94
CA THR X 99 19.00 5.84 -34.28
C THR X 99 18.81 4.52 -33.55
N ASN X 100 19.69 3.57 -33.86
CA ASN X 100 19.79 2.32 -33.15
C ASN X 100 20.72 2.48 -31.95
N ASP X 101 20.97 1.38 -31.24
CA ASP X 101 21.91 1.40 -30.13
C ASP X 101 23.33 1.56 -30.67
N ALA X 102 24.06 2.53 -30.09
CA ALA X 102 25.38 2.97 -30.55
C ALA X 102 25.33 3.36 -32.02
N GLY X 103 24.62 4.48 -32.26
CA GLY X 103 24.10 4.85 -33.55
C GLY X 103 25.07 4.98 -34.71
N THR X 104 25.05 3.97 -35.58
CA THR X 104 25.74 3.99 -36.85
C THR X 104 24.74 3.95 -38.00
N GLU X 105 23.46 4.10 -37.71
CA GLU X 105 22.41 3.84 -38.68
C GLU X 105 21.20 4.65 -38.25
N LEU X 106 20.71 5.52 -39.12
CA LEU X 106 19.54 6.34 -38.80
C LEU X 106 18.28 5.62 -39.23
N LEU X 107 17.21 5.81 -38.48
CA LEU X 107 15.92 5.21 -38.81
C LEU X 107 14.92 6.24 -39.33
N MET X 108 14.87 7.41 -38.70
CA MET X 108 14.08 8.54 -39.16
C MET X 108 14.90 9.80 -38.99
N THR X 109 14.51 10.85 -39.69
CA THR X 109 15.25 12.10 -39.63
C THR X 109 14.29 13.27 -39.79
N TRP X 110 14.35 14.23 -38.87
CA TRP X 110 13.67 15.50 -38.99
C TRP X 110 14.69 16.59 -39.26
N ASN X 111 14.30 17.57 -40.06
CA ASN X 111 15.20 18.67 -40.41
C ASN X 111 14.50 19.98 -40.14
N VAL X 112 15.19 20.89 -39.45
CA VAL X 112 14.68 22.21 -39.13
C VAL X 112 15.59 23.23 -39.79
N SER X 113 15.01 24.24 -40.42
CA SER X 113 15.75 25.25 -41.14
C SER X 113 15.68 26.58 -40.40
N ASN X 114 16.81 27.30 -40.39
CA ASN X 114 16.92 28.68 -39.94
C ASN X 114 16.50 28.86 -38.48
N ALA X 115 16.89 27.93 -37.63
CA ALA X 115 16.54 28.03 -36.23
C ALA X 115 17.46 28.98 -35.50
N PHE X 116 16.88 29.84 -34.66
CA PHE X 116 17.62 30.80 -33.88
C PHE X 116 17.06 30.83 -32.47
N PRO X 117 17.87 31.13 -31.45
CA PRO X 117 17.40 30.95 -30.08
C PRO X 117 16.64 32.13 -29.50
N THR X 118 15.54 31.82 -28.82
CA THR X 118 14.90 32.70 -27.88
C THR X 118 14.79 31.95 -26.56
N SER X 119 14.81 32.67 -25.45
CA SER X 119 14.40 32.15 -24.13
C SER X 119 15.23 30.95 -23.65
N LEU X 120 16.51 31.18 -23.40
CA LEU X 120 17.31 30.19 -22.68
C LEU X 120 16.92 30.20 -21.21
N THR X 121 16.59 29.02 -20.68
CA THR X 121 16.10 28.89 -19.31
C THR X 121 17.21 28.33 -18.42
N SER X 122 17.55 29.07 -17.37
CA SER X 122 18.55 28.70 -16.40
C SER X 122 18.00 27.64 -15.45
N PRO X 123 18.86 26.83 -14.84
CA PRO X 123 18.37 25.84 -13.86
C PRO X 123 17.80 26.48 -12.61
N SER X 124 16.88 25.77 -11.98
CA SER X 124 16.27 26.22 -10.73
C SER X 124 17.09 25.64 -9.59
N PHE X 125 17.91 26.47 -8.98
CA PHE X 125 18.73 26.05 -7.86
C PHE X 125 17.84 25.81 -6.65
N ASP X 126 18.10 24.70 -5.96
CA ASP X 126 17.12 24.16 -5.03
C ASP X 126 17.87 23.26 -4.05
N ALA X 127 17.91 23.68 -2.78
CA ALA X 127 18.76 22.99 -1.83
C ALA X 127 18.23 21.64 -1.40
N THR X 128 16.96 21.35 -1.66
CA THR X 128 16.33 20.11 -1.25
C THR X 128 15.88 19.32 -2.47
N SER X 129 16.75 19.23 -3.46
CA SER X 129 16.42 18.51 -4.68
C SER X 129 17.60 17.64 -5.10
N ASN X 130 17.28 16.46 -5.63
CA ASN X 130 18.27 15.48 -6.06
C ASN X 130 18.41 15.45 -7.57
N ASP X 131 18.37 16.59 -8.22
CA ASP X 131 18.35 16.63 -9.68
C ASP X 131 19.62 17.24 -10.25
N ILE X 132 19.79 17.03 -11.55
CA ILE X 132 20.84 17.67 -12.32
C ILE X 132 20.38 19.06 -12.75
N ALA X 133 21.33 20.00 -12.83
CA ALA X 133 21.07 21.30 -13.45
C ALA X 133 20.79 21.12 -14.93
N VAL X 134 19.55 21.41 -15.34
CA VAL X 134 19.15 21.30 -16.73
C VAL X 134 18.81 22.68 -17.27
N GLN X 135 18.90 22.82 -18.58
CA GLN X 135 18.56 24.05 -19.28
C GLN X 135 17.69 23.74 -20.48
N GLU X 136 16.64 24.52 -20.67
CA GLU X 136 15.88 24.50 -21.90
C GLU X 136 16.26 25.70 -22.75
N ILE X 137 16.53 25.46 -24.02
CA ILE X 137 16.62 26.52 -25.01
C ILE X 137 15.41 26.36 -25.93
N THR X 138 14.86 27.48 -26.37
CA THR X 138 13.70 27.49 -27.24
C THR X 138 14.14 28.03 -28.60
N LEU X 139 13.70 27.40 -29.67
CA LEU X 139 14.11 27.82 -31.00
C LEU X 139 12.87 28.16 -31.82
N MET X 140 12.93 29.28 -32.52
CA MET X 140 11.94 29.59 -33.53
C MET X 140 12.54 29.31 -34.89
N ALA X 141 11.76 28.65 -35.75
CA ALA X 141 12.29 28.25 -37.05
C ALA X 141 11.15 28.11 -38.04
N ASP X 142 11.49 27.57 -39.20
CA ASP X 142 10.55 27.27 -40.27
C ASP X 142 10.94 25.95 -40.90
N ARG X 143 9.95 25.33 -41.55
CA ARG X 143 10.14 24.14 -42.40
C ARG X 143 10.74 22.96 -41.61
N VAL X 144 9.89 22.36 -40.79
CA VAL X 144 10.14 20.99 -40.37
C VAL X 144 9.78 20.07 -41.53
N ILE X 145 10.75 19.26 -41.95
CA ILE X 145 10.47 18.17 -42.87
C ILE X 145 10.96 16.88 -42.23
N MET X 146 10.28 15.79 -42.55
CA MET X 146 10.58 14.47 -42.02
C MET X 146 11.08 13.59 -43.15
N GLN X 147 12.26 13.02 -42.97
CA GLN X 147 12.91 12.22 -44.00
C GLN X 147 12.95 10.76 -43.57
N ALA X 148 12.66 9.86 -44.50
CA ALA X 148 12.77 8.45 -44.22
C ALA X 148 14.23 8.03 -44.30
N VAL X 149 14.73 7.44 -43.22
CA VAL X 149 16.10 6.94 -43.04
C VAL X 149 17.16 8.02 -43.32
#